data_8HDS
#
_entry.id   8HDS
#
_cell.length_a   1.00
_cell.length_b   1.00
_cell.length_c   1.00
_cell.angle_alpha   90.00
_cell.angle_beta   90.00
_cell.angle_gamma   90.00
#
_symmetry.space_group_name_H-M   'P 1'
#
loop_
_entity.id
_entity.type
_entity.pdbx_description
1 polymer 'Pam3 portal protein'
2 polymer 'Pam3 adaptor protein'
#
loop_
_entity_poly.entity_id
_entity_poly.type
_entity_poly.pdbx_seq_one_letter_code
_entity_poly.pdbx_strand_id
1 'polypeptide(L)'
;MSDKLPTADSLRSMISGLGDPLRDKNASTFHWDRQLDDRQLLYAYRNSWVARKAVTIPALDAVRKWRDWQADQKDISRIE
ATEKRLGLQQKLLQCKTLARLWGGAAIVIGVKDQDMATPFEPETVNKDDLVYLTVMSRRELSPEELEQDPLDEFYARPKR
YQVSNGRNLSFVHPSRIVHQVGETHPDPMLATGVNVGWGDSTLQALYDAMMNSDNTQANIASLVFEANVDVIGLPDFMEN
MSSEVYRQKLLDRFTLAAAGKGINKTLMLDAEEVFTAHSRSFANLDKIMEQFILFVAGAADIPLTRFLGQSPAGMSSTGQ
HDMKNYHDRIQSIQTLDLQPSMYRLDEAIIRSSLGARPEELFYIWSPLEQMSEKERAEIGKLHAETVNVIAGTGLFMQEE
LREVFGNQLVETGLYPGLGDLLAQNGNELPEWDLEQRSAEASTKTAEAAALAAETASRQPARAVTDATPRPLYMRRDVVN
GDEILRHYREQGVEGLYAAEELHVTIAYSKKPLDWMKLGEPWSAKLEVAPGGPRVHELFGDDSSVLVLCFAASELNWRAQ
QVIDAGGSSDHGEYQSHISLSLQGRPEQIETLRPYQGRIVLGPELFEQIEEGDWREKVKTD
;
A,B,C,D,E,F,G,H,I,J,K,L
2 'polypeptide(L)'
;MNPIPAASDLKTRYPEFTGVSDAVVNAIIAEVNGMVDDGWEVSDQKPAVLALAAHMLSREGYPGRATNPNSFDPTNRPIL
SRKVGDVSTTFGRTDGGAAEGGANSYNYSSTVYGQTFLRLLRLNAPAVGLV
;
a,b,c,d,e,f,g,h,i,j,k,l
#
# COMPACT_ATOMS: atom_id res chain seq x y z
N SER A 10 2.16 -38.77 16.17
CA SER A 10 2.25 -38.54 14.75
C SER A 10 0.94 -38.88 14.07
N LEU A 11 0.68 -38.25 12.94
CA LEU A 11 -0.52 -38.52 12.16
C LEU A 11 -0.22 -39.55 11.09
N ARG A 12 -1.25 -40.27 10.68
CA ARG A 12 -1.16 -41.21 9.57
C ARG A 12 -2.58 -41.49 9.07
N SER A 13 -2.82 -41.23 7.81
CA SER A 13 -4.14 -41.46 7.21
C SER A 13 -4.09 -42.69 6.32
N MET A 14 -5.20 -43.42 6.27
CA MET A 14 -5.22 -44.64 5.48
C MET A 14 -5.33 -44.37 3.99
N ILE A 15 -6.09 -43.36 3.59
CA ILE A 15 -6.04 -42.85 2.23
C ILE A 15 -5.14 -41.62 2.24
N SER A 16 -4.64 -41.26 1.07
CA SER A 16 -3.82 -40.07 0.78
C SER A 16 -2.44 -40.06 1.44
N GLY A 17 -2.08 -41.10 2.20
CA GLY A 17 -0.75 -41.34 2.71
C GLY A 17 -0.08 -40.23 3.49
N LEU A 18 -0.73 -39.71 4.52
CA LEU A 18 -0.27 -38.47 5.14
C LEU A 18 0.90 -38.71 6.08
N GLY A 19 1.08 -39.92 6.57
CA GLY A 19 2.18 -40.15 7.48
C GLY A 19 2.99 -41.38 7.14
N ASP A 20 2.91 -41.81 5.89
CA ASP A 20 3.55 -43.04 5.46
C ASP A 20 5.03 -42.81 5.24
N PRO A 21 5.94 -43.52 5.93
CA PRO A 21 7.37 -43.29 5.73
C PRO A 21 7.93 -43.85 4.44
N LEU A 22 7.10 -44.37 3.54
CA LEU A 22 7.54 -44.75 2.21
C LEU A 22 7.08 -43.78 1.13
N ARG A 23 5.86 -43.27 1.24
CA ARG A 23 5.33 -42.39 0.22
C ARG A 23 5.53 -40.92 0.55
N ASP A 24 5.02 -40.48 1.70
CA ASP A 24 5.21 -39.10 2.14
C ASP A 24 6.60 -38.95 2.71
N LYS A 25 7.21 -37.79 2.45
CA LYS A 25 8.54 -37.51 2.96
C LYS A 25 8.59 -36.23 3.79
N ASN A 26 7.46 -35.82 4.37
CA ASN A 26 7.38 -34.57 5.13
C ASN A 26 8.27 -34.60 6.35
N ALA A 27 7.93 -35.44 7.30
CA ALA A 27 8.78 -35.70 8.44
C ALA A 27 8.81 -37.19 8.69
N SER A 28 8.06 -37.96 7.91
CA SER A 28 7.99 -39.40 8.04
C SER A 28 9.26 -40.10 7.63
N THR A 29 10.13 -39.45 6.86
CA THR A 29 11.34 -40.10 6.42
C THR A 29 12.57 -39.42 6.98
N PHE A 30 12.58 -39.04 8.25
CA PHE A 30 13.68 -38.27 8.76
C PHE A 30 14.20 -38.77 10.09
N HIS A 31 15.50 -38.56 10.26
CA HIS A 31 16.23 -38.97 11.44
C HIS A 31 17.41 -38.02 11.59
N TRP A 32 18.35 -38.38 12.47
CA TRP A 32 19.54 -37.60 12.69
C TRP A 32 20.72 -38.55 12.75
N ASP A 33 21.80 -38.18 12.10
CA ASP A 33 23.06 -38.87 12.28
C ASP A 33 24.01 -37.94 13.01
N ARG A 34 24.86 -38.51 13.86
CA ARG A 34 25.83 -37.74 14.63
C ARG A 34 26.86 -37.14 13.68
N GLN A 35 27.47 -36.04 14.09
CA GLN A 35 28.47 -35.43 13.23
C GLN A 35 29.69 -35.05 14.07
N LEU A 36 30.86 -35.17 13.45
CA LEU A 36 32.11 -35.01 14.16
C LEU A 36 33.06 -34.14 13.35
N ASP A 37 33.98 -33.47 14.05
CA ASP A 37 34.85 -32.47 13.47
C ASP A 37 35.99 -32.18 14.42
N ASP A 38 37.23 -32.23 13.90
CA ASP A 38 38.40 -32.04 14.74
C ASP A 38 39.35 -30.98 14.19
N ARG A 39 39.47 -30.90 12.86
CA ARG A 39 40.36 -29.95 12.20
C ARG A 39 39.64 -28.72 11.70
N GLN A 40 38.46 -28.88 11.12
CA GLN A 40 37.71 -27.76 10.58
C GLN A 40 37.12 -26.85 11.65
N LEU A 41 37.23 -27.22 12.93
CA LEU A 41 36.97 -26.25 13.99
C LEU A 41 37.97 -25.11 13.92
N LEU A 42 39.21 -25.40 13.54
CA LEU A 42 40.19 -24.34 13.37
C LEU A 42 39.92 -23.54 12.11
N TYR A 43 39.50 -24.20 11.02
CA TYR A 43 39.27 -23.51 9.76
C TYR A 43 38.05 -22.61 9.84
N ALA A 44 37.01 -23.04 10.56
CA ALA A 44 35.77 -22.27 10.61
C ALA A 44 35.90 -21.08 11.54
N TYR A 45 36.63 -21.26 12.65
CA TYR A 45 36.82 -20.16 13.60
C TYR A 45 37.68 -19.07 13.00
N ARG A 46 38.65 -19.44 12.18
CA ARG A 46 39.62 -18.49 11.67
C ARG A 46 39.15 -17.79 10.41
N ASN A 47 38.28 -18.42 9.60
CA ASN A 47 37.95 -17.92 8.29
C ASN A 47 36.48 -17.57 8.12
N SER A 48 35.70 -17.50 9.19
CA SER A 48 34.29 -17.18 9.08
C SER A 48 33.91 -16.27 10.24
N TRP A 49 33.32 -15.12 9.93
CA TRP A 49 32.93 -14.19 10.99
C TRP A 49 31.72 -14.69 11.74
N VAL A 50 30.94 -15.59 11.14
CA VAL A 50 29.78 -16.15 11.82
C VAL A 50 30.22 -17.05 12.96
N ALA A 51 31.25 -17.87 12.71
CA ALA A 51 31.67 -18.84 13.70
C ALA A 51 32.51 -18.20 14.79
N ARG A 52 33.28 -17.17 14.45
CA ARG A 52 34.12 -16.53 15.45
C ARG A 52 33.29 -15.67 16.40
N LYS A 53 32.19 -15.11 15.91
CA LYS A 53 31.36 -14.25 16.75
C LYS A 53 30.55 -15.08 17.75
N ALA A 54 30.15 -16.29 17.35
CA ALA A 54 29.38 -17.14 18.25
C ALA A 54 30.23 -17.74 19.35
N VAL A 55 31.55 -17.72 19.20
CA VAL A 55 32.44 -18.26 20.22
C VAL A 55 32.85 -17.16 21.21
N THR A 56 33.30 -16.03 20.69
CA THR A 56 33.97 -15.03 21.52
C THR A 56 32.99 -14.18 22.32
N ILE A 57 31.95 -13.65 21.67
CA ILE A 57 31.16 -12.56 22.27
C ILE A 57 30.30 -12.99 23.46
N PRO A 58 29.58 -14.11 23.46
CA PRO A 58 28.90 -14.51 24.70
C PRO A 58 29.82 -14.94 25.83
N ALA A 59 31.11 -15.12 25.57
CA ALA A 59 32.09 -15.33 26.63
C ALA A 59 32.89 -14.08 26.95
N LEU A 60 32.82 -13.07 26.10
CA LEU A 60 33.58 -11.84 26.33
C LEU A 60 32.78 -10.86 27.17
N ASP A 61 31.46 -10.92 27.09
CA ASP A 61 30.61 -10.01 27.84
C ASP A 61 30.35 -10.47 29.26
N ALA A 62 30.95 -11.59 29.67
CA ALA A 62 30.79 -12.07 31.04
C ALA A 62 31.90 -11.62 31.96
N VAL A 63 32.98 -11.05 31.43
CA VAL A 63 34.08 -10.60 32.25
C VAL A 63 34.45 -9.16 31.91
N ARG A 64 33.48 -8.40 31.36
CA ARG A 64 33.74 -7.00 31.08
C ARG A 64 33.80 -6.19 32.38
N LYS A 65 32.74 -6.27 33.18
CA LYS A 65 32.70 -5.67 34.50
C LYS A 65 32.37 -6.77 35.50
N TRP A 66 33.02 -6.76 36.66
CA TRP A 66 33.11 -7.98 37.44
C TRP A 66 33.63 -7.68 38.85
N ARG A 67 32.97 -8.30 39.83
CA ARG A 67 33.52 -8.61 41.16
C ARG A 67 33.98 -7.36 41.91
N ASP A 68 33.00 -6.59 42.37
CA ASP A 68 33.25 -5.59 43.41
C ASP A 68 33.12 -6.25 44.78
N TRP A 69 34.19 -6.20 45.58
CA TRP A 69 34.20 -6.86 46.88
C TRP A 69 33.42 -6.04 47.90
N GLN A 70 33.43 -6.51 49.14
CA GLN A 70 32.55 -5.96 50.16
C GLN A 70 33.27 -5.27 51.31
N ALA A 71 34.16 -5.96 52.02
CA ALA A 71 34.72 -5.37 53.22
C ALA A 71 35.82 -4.38 52.87
N ASP A 72 35.87 -3.27 53.60
CA ASP A 72 36.97 -2.32 53.46
C ASP A 72 37.58 -2.08 54.83
N GLN A 73 38.73 -2.70 55.08
CA GLN A 73 39.65 -2.38 56.16
C GLN A 73 41.02 -2.12 55.53
N LYS A 74 40.99 -1.26 54.52
CA LYS A 74 42.08 -0.96 53.56
C LYS A 74 42.46 -2.22 52.78
N ASP A 75 41.57 -3.20 52.71
CA ASP A 75 41.88 -4.53 52.20
C ASP A 75 41.24 -4.83 50.86
N ILE A 76 40.30 -4.02 50.42
CA ILE A 76 39.77 -4.14 49.07
C ILE A 76 40.78 -3.65 48.04
N SER A 77 41.81 -2.93 48.48
CA SER A 77 42.84 -2.43 47.58
C SER A 77 43.91 -3.48 47.28
N ARG A 78 44.37 -4.23 48.27
CA ARG A 78 45.38 -5.24 48.00
C ARG A 78 44.80 -6.61 47.76
N ILE A 79 43.48 -6.77 47.83
CA ILE A 79 42.87 -8.00 47.35
C ILE A 79 42.65 -7.91 45.84
N GLU A 80 42.74 -6.70 45.29
CA GLU A 80 42.72 -6.53 43.85
C GLU A 80 44.13 -6.46 43.28
N ALA A 81 45.12 -6.14 44.11
CA ALA A 81 46.49 -6.06 43.64
C ALA A 81 47.04 -7.45 43.32
N THR A 82 46.53 -8.48 43.99
CA THR A 82 46.93 -9.84 43.65
C THR A 82 46.23 -10.31 42.39
N GLU A 83 45.06 -9.75 42.09
CA GLU A 83 44.39 -10.09 40.84
C GLU A 83 45.05 -9.41 39.66
N LYS A 84 45.40 -8.13 39.81
CA LYS A 84 46.01 -7.39 38.72
C LYS A 84 47.43 -7.84 38.43
N ARG A 85 48.12 -8.39 39.44
CA ARG A 85 49.46 -8.91 39.23
C ARG A 85 49.43 -10.19 38.41
N LEU A 86 48.55 -11.12 38.78
CA LEU A 86 48.46 -12.40 38.09
C LEU A 86 47.76 -12.31 36.74
N GLY A 87 46.99 -11.25 36.50
CA GLY A 87 46.22 -11.16 35.28
C GLY A 87 45.04 -12.11 35.25
N LEU A 88 44.27 -12.14 36.33
CA LEU A 88 43.18 -13.10 36.44
C LEU A 88 41.97 -12.69 35.61
N GLN A 89 41.87 -11.41 35.24
CA GLN A 89 40.78 -10.98 34.38
C GLN A 89 40.94 -11.51 32.96
N GLN A 90 42.13 -11.34 32.38
CA GLN A 90 42.38 -11.80 31.02
C GLN A 90 42.45 -13.32 30.93
N LYS A 91 43.06 -13.97 31.92
CA LYS A 91 43.23 -15.42 31.86
C LYS A 91 41.96 -16.19 32.13
N LEU A 92 40.90 -15.53 32.60
CA LEU A 92 39.61 -16.20 32.68
C LEU A 92 38.85 -16.02 31.37
N LEU A 93 39.12 -14.93 30.65
CA LEU A 93 38.56 -14.72 29.33
C LEU A 93 39.21 -15.66 28.31
N GLN A 94 40.52 -15.83 28.40
CA GLN A 94 41.22 -16.65 27.43
C GLN A 94 40.97 -18.13 27.70
N CYS A 95 40.56 -18.47 28.92
CA CYS A 95 40.22 -19.85 29.24
C CYS A 95 38.81 -20.20 28.76
N LYS A 96 37.87 -19.28 28.91
CA LYS A 96 36.48 -19.58 28.59
C LYS A 96 36.26 -19.67 27.08
N THR A 97 37.06 -18.92 26.31
CA THR A 97 36.94 -18.98 24.85
C THR A 97 37.46 -20.31 24.31
N LEU A 98 38.56 -20.81 24.87
CA LEU A 98 39.08 -22.10 24.42
C LEU A 98 38.16 -23.23 24.83
N ALA A 99 37.50 -23.08 25.98
CA ALA A 99 36.46 -24.04 26.35
C ALA A 99 35.24 -23.89 25.45
N ARG A 100 35.04 -22.69 24.90
CA ARG A 100 33.91 -22.47 24.02
C ARG A 100 34.17 -23.04 22.63
N LEU A 101 35.40 -22.89 22.13
CA LEU A 101 35.75 -23.38 20.80
C LEU A 101 35.94 -24.89 20.83
N TRP A 102 36.93 -25.35 21.61
CA TRP A 102 37.20 -26.77 21.72
C TRP A 102 36.24 -27.39 22.73
N GLY A 103 36.51 -28.65 23.09
CA GLY A 103 35.63 -29.33 24.03
C GLY A 103 35.71 -28.78 25.44
N GLY A 104 36.84 -28.19 25.80
CA GLY A 104 37.01 -27.65 27.14
C GLY A 104 38.42 -27.15 27.31
N ALA A 105 38.64 -26.45 28.41
CA ALA A 105 39.95 -25.91 28.72
C ALA A 105 40.08 -25.84 30.24
N ALA A 106 41.27 -25.48 30.71
CA ALA A 106 41.55 -25.52 32.13
C ALA A 106 42.73 -24.63 32.47
N ILE A 107 42.60 -23.90 33.56
CA ILE A 107 43.70 -23.12 34.13
C ILE A 107 44.11 -23.79 35.44
N VAL A 108 45.41 -23.85 35.70
CA VAL A 108 45.96 -24.61 36.83
C VAL A 108 46.65 -23.64 37.79
N ILE A 109 46.38 -23.80 39.08
CA ILE A 109 46.85 -22.89 40.12
C ILE A 109 48.24 -23.34 40.58
N GLY A 110 49.12 -22.38 40.86
CA GLY A 110 50.37 -22.73 41.48
C GLY A 110 50.66 -21.98 42.76
N VAL A 111 50.60 -22.67 43.87
CA VAL A 111 51.00 -22.11 45.15
C VAL A 111 52.45 -22.51 45.38
N LYS A 112 53.23 -21.61 45.97
CA LYS A 112 54.65 -21.89 46.19
C LYS A 112 54.85 -23.03 47.17
N ASP A 113 55.79 -23.91 46.82
CA ASP A 113 56.19 -25.08 47.60
C ASP A 113 55.01 -26.05 47.79
N GLN A 114 54.47 -26.50 46.66
CA GLN A 114 53.44 -27.51 46.61
C GLN A 114 53.88 -28.61 45.65
N ASP A 115 53.75 -29.85 46.09
CA ASP A 115 54.55 -30.94 45.51
C ASP A 115 53.96 -31.53 44.23
N MET A 116 52.79 -32.15 44.30
CA MET A 116 52.38 -33.11 43.28
C MET A 116 50.86 -33.21 43.34
N ALA A 117 50.30 -34.19 42.62
CA ALA A 117 48.87 -34.47 42.68
C ALA A 117 48.50 -35.15 43.99
N THR A 118 48.59 -34.42 45.09
CA THR A 118 48.13 -34.89 46.39
C THR A 118 46.62 -34.73 46.46
N PRO A 119 45.97 -35.19 47.53
CA PRO A 119 44.65 -34.62 47.82
C PRO A 119 44.90 -33.18 48.24
N PHE A 120 44.66 -32.30 47.29
CA PHE A 120 45.39 -31.03 47.19
C PHE A 120 44.44 -29.89 47.48
N GLU A 121 44.44 -29.41 48.70
CA GLU A 121 43.72 -28.19 49.02
C GLU A 121 44.70 -27.04 49.13
N PRO A 122 44.64 -26.08 48.22
CA PRO A 122 45.34 -24.80 48.46
C PRO A 122 44.50 -23.84 49.28
N GLU A 123 43.90 -24.31 50.37
CA GLU A 123 43.07 -23.49 51.25
C GLU A 123 43.69 -23.31 52.62
N THR A 124 44.52 -24.25 53.07
CA THR A 124 45.10 -24.18 54.40
C THR A 124 46.34 -23.33 54.46
N VAL A 125 47.01 -23.12 53.32
CA VAL A 125 48.27 -22.38 53.30
C VAL A 125 48.00 -20.90 53.56
N ASN A 126 48.53 -20.39 54.67
CA ASN A 126 48.27 -19.03 55.12
C ASN A 126 49.57 -18.22 54.98
N LYS A 127 49.82 -17.74 53.76
CA LYS A 127 51.03 -17.00 53.43
C LYS A 127 50.67 -16.00 52.35
N ASP A 128 51.69 -15.48 51.67
CA ASP A 128 51.48 -14.61 50.52
C ASP A 128 52.13 -15.19 49.28
N ASP A 129 51.87 -16.48 49.04
CA ASP A 129 52.61 -17.27 48.07
C ASP A 129 51.69 -17.73 46.94
N LEU A 130 51.74 -17.02 45.82
CA LEU A 130 50.94 -17.43 44.66
C LEU A 130 51.61 -16.87 43.42
N VAL A 131 52.04 -17.75 42.52
CA VAL A 131 52.82 -17.31 41.37
C VAL A 131 52.25 -17.77 40.03
N TYR A 132 51.81 -19.02 39.93
CA TYR A 132 51.50 -19.61 38.63
C TYR A 132 50.02 -19.45 38.32
N LEU A 133 49.72 -18.94 37.12
CA LEU A 133 48.42 -19.14 36.46
C LEU A 133 48.70 -19.38 34.97
N THR A 134 48.82 -20.65 34.59
CA THR A 134 48.95 -21.03 33.19
C THR A 134 47.67 -21.71 32.76
N VAL A 135 47.23 -21.38 31.55
CA VAL A 135 45.94 -21.78 31.02
C VAL A 135 46.15 -22.60 29.76
N MET A 136 45.58 -23.80 29.73
CA MET A 136 45.78 -24.73 28.62
C MET A 136 44.45 -25.32 28.21
N SER A 137 44.34 -25.63 26.93
CA SER A 137 43.12 -26.23 26.40
C SER A 137 43.11 -27.72 26.66
N ARG A 138 42.12 -28.40 26.07
CA ARG A 138 42.08 -29.85 26.15
C ARG A 138 43.11 -30.49 25.22
N ARG A 139 43.74 -29.70 24.36
CA ARG A 139 44.84 -30.20 23.55
C ARG A 139 46.03 -30.59 24.41
N GLU A 140 46.25 -29.88 25.51
CA GLU A 140 47.47 -30.01 26.30
C GLU A 140 47.21 -30.60 27.68
N LEU A 141 46.08 -31.25 27.88
CA LEU A 141 45.77 -31.98 29.11
C LEU A 141 45.47 -33.43 28.75
N SER A 142 45.14 -34.23 29.76
CA SER A 142 44.80 -35.63 29.53
C SER A 142 43.88 -36.16 30.62
N PRO A 143 42.65 -36.52 30.29
CA PRO A 143 41.66 -36.93 31.28
C PRO A 143 41.65 -38.43 31.56
N GLU A 144 42.80 -38.99 31.92
CA GLU A 144 43.02 -40.42 31.71
C GLU A 144 42.63 -41.29 32.91
N GLU A 145 41.44 -41.03 33.46
CA GLU A 145 40.66 -41.91 34.34
C GLU A 145 39.23 -41.40 34.31
N LEU A 146 38.33 -42.15 34.93
CA LEU A 146 37.01 -41.61 35.25
C LEU A 146 36.61 -41.76 36.71
N GLU A 147 36.87 -42.93 37.30
CA GLU A 147 36.61 -43.23 38.72
C GLU A 147 35.14 -43.04 39.09
N GLN A 148 34.36 -44.01 38.62
CA GLN A 148 32.90 -44.06 38.67
C GLN A 148 32.34 -44.35 40.06
N ASP A 149 33.14 -44.24 41.12
CA ASP A 149 32.68 -44.50 42.49
C ASP A 149 31.67 -43.43 42.92
N PRO A 150 30.42 -43.79 43.22
CA PRO A 150 29.39 -42.77 43.47
C PRO A 150 29.43 -42.17 44.86
N LEU A 151 30.62 -41.85 45.36
CA LEU A 151 30.78 -41.22 46.65
C LEU A 151 31.85 -40.15 46.67
N ASP A 152 32.67 -40.05 45.64
CA ASP A 152 33.82 -39.17 45.65
C ASP A 152 33.44 -37.78 45.20
N GLU A 153 34.14 -36.79 45.75
CA GLU A 153 34.19 -35.47 45.15
C GLU A 153 34.76 -35.57 43.74
N PHE A 154 34.30 -34.66 42.87
CA PHE A 154 34.45 -34.72 41.42
C PHE A 154 34.22 -36.13 40.87
N TYR A 155 33.00 -36.61 41.12
CA TYR A 155 32.49 -37.83 40.50
C TYR A 155 32.38 -37.67 38.99
N ALA A 156 32.69 -38.77 38.28
CA ALA A 156 32.75 -38.84 36.82
C ALA A 156 33.69 -37.79 36.23
N ARG A 157 34.77 -37.47 36.94
CA ARG A 157 35.73 -36.45 36.58
C ARG A 157 37.13 -37.03 36.79
N PRO A 158 38.11 -36.64 35.96
CA PRO A 158 39.19 -37.57 35.61
C PRO A 158 40.22 -37.93 36.67
N LYS A 159 40.30 -37.23 37.80
CA LYS A 159 41.14 -37.53 38.97
C LYS A 159 42.65 -37.33 38.73
N ARG A 160 43.09 -37.20 37.48
CA ARG A 160 44.52 -37.13 37.21
C ARG A 160 44.75 -36.57 35.82
N TYR A 161 45.68 -35.65 35.68
CA TYR A 161 45.93 -34.96 34.43
C TYR A 161 47.40 -35.06 34.05
N GLN A 162 47.68 -35.85 33.02
CA GLN A 162 49.00 -35.92 32.41
C GLN A 162 49.23 -34.62 31.65
N VAL A 163 49.98 -33.70 32.25
CA VAL A 163 50.22 -32.41 31.61
C VAL A 163 51.63 -31.91 31.89
N SER A 164 52.41 -31.77 30.82
CA SER A 164 53.74 -31.15 30.75
C SER A 164 54.16 -31.16 29.29
N ASN A 165 55.23 -30.44 28.99
CA ASN A 165 55.86 -30.50 27.68
C ASN A 165 57.37 -30.57 27.87
N GLY A 166 57.98 -31.61 27.32
CA GLY A 166 59.42 -31.74 27.39
C GLY A 166 59.92 -32.58 28.55
N ARG A 167 60.24 -31.90 29.65
CA ARG A 167 61.02 -32.44 30.75
C ARG A 167 60.38 -33.62 31.48
N ASN A 168 59.23 -33.41 32.11
CA ASN A 168 58.69 -34.43 33.02
C ASN A 168 57.25 -34.82 32.68
N LEU A 169 56.61 -35.57 33.58
CA LEU A 169 55.27 -36.12 33.36
C LEU A 169 54.19 -35.33 34.09
N SER A 170 54.38 -35.07 35.39
CA SER A 170 53.60 -34.12 36.19
C SER A 170 52.12 -34.49 36.25
N PHE A 171 51.84 -35.57 36.98
CA PHE A 171 50.46 -35.83 37.41
C PHE A 171 49.94 -34.66 38.23
N VAL A 172 48.76 -34.15 37.85
CA VAL A 172 48.15 -33.00 38.49
C VAL A 172 46.75 -33.39 38.95
N HIS A 173 46.40 -33.01 40.19
CA HIS A 173 45.13 -33.31 40.83
C HIS A 173 44.08 -32.28 40.43
N PRO A 174 42.81 -32.68 40.29
CA PRO A 174 41.79 -31.73 39.78
C PRO A 174 41.49 -30.55 40.69
N SER A 175 41.79 -30.66 41.99
CA SER A 175 41.56 -29.53 42.87
C SER A 175 42.62 -28.45 42.72
N ARG A 176 43.65 -28.69 41.91
CA ARG A 176 44.61 -27.69 41.46
C ARG A 176 44.13 -27.04 40.15
N ILE A 177 42.99 -27.45 39.63
CA ILE A 177 42.57 -27.08 38.28
C ILE A 177 41.14 -26.54 38.29
N VAL A 178 40.95 -25.40 37.62
CA VAL A 178 39.64 -24.90 37.27
C VAL A 178 39.18 -25.60 36.01
N HIS A 179 37.99 -26.20 36.05
CA HIS A 179 37.50 -27.07 34.99
C HIS A 179 36.40 -26.35 34.22
N GLN A 180 36.67 -26.04 32.96
CA GLN A 180 35.74 -25.29 32.12
C GLN A 180 35.35 -26.11 30.90
N VAL A 181 34.05 -26.17 30.61
CA VAL A 181 33.54 -26.88 29.45
C VAL A 181 32.68 -25.92 28.62
N GLY A 182 32.49 -26.28 27.36
CA GLY A 182 31.60 -25.52 26.49
C GLY A 182 30.15 -25.80 26.75
N GLU A 183 29.72 -27.02 26.45
CA GLU A 183 28.35 -27.47 26.73
C GLU A 183 28.43 -28.80 27.46
N THR A 184 27.67 -28.92 28.53
CA THR A 184 27.70 -30.14 29.33
C THR A 184 27.02 -31.28 28.57
N HIS A 185 27.76 -32.37 28.40
CA HIS A 185 27.24 -33.56 27.75
C HIS A 185 26.20 -34.20 28.66
N PRO A 186 25.13 -34.77 28.09
CA PRO A 186 24.07 -35.30 28.96
C PRO A 186 24.42 -36.62 29.62
N ASP A 187 25.10 -37.52 28.92
CA ASP A 187 25.49 -38.81 29.48
C ASP A 187 27.01 -38.88 29.44
N PRO A 188 27.69 -38.41 30.50
CA PRO A 188 29.15 -38.26 30.43
C PRO A 188 29.91 -39.57 30.48
N MET A 189 29.30 -40.66 30.93
CA MET A 189 30.01 -41.93 31.00
C MET A 189 30.00 -42.63 29.64
N LEU A 190 28.95 -42.43 28.86
CA LEU A 190 28.82 -43.03 27.55
C LEU A 190 29.48 -42.19 26.46
N ALA A 191 30.05 -41.03 26.82
CA ALA A 191 30.63 -40.11 25.87
C ALA A 191 31.90 -40.67 25.25
N THR A 192 32.19 -40.22 24.04
CA THR A 192 33.28 -40.74 23.24
C THR A 192 34.00 -39.57 22.57
N GLY A 193 34.86 -39.88 21.61
CA GLY A 193 35.60 -38.85 20.91
C GLY A 193 36.82 -38.43 21.70
N VAL A 194 37.37 -37.28 21.30
CA VAL A 194 38.55 -36.76 21.98
C VAL A 194 38.21 -36.23 23.35
N ASN A 195 37.16 -35.43 23.44
CA ASN A 195 36.67 -34.91 24.72
C ASN A 195 35.97 -36.02 25.48
N VAL A 196 36.69 -36.64 26.41
CA VAL A 196 36.14 -37.74 27.20
C VAL A 196 35.68 -37.20 28.53
N GLY A 197 36.61 -36.62 29.29
CA GLY A 197 36.26 -35.98 30.53
C GLY A 197 35.91 -34.53 30.41
N TRP A 198 35.78 -34.03 29.20
CA TRP A 198 35.49 -32.63 28.93
C TRP A 198 34.06 -32.50 28.42
N GLY A 199 33.70 -31.27 28.03
CA GLY A 199 32.39 -30.99 27.48
C GLY A 199 32.42 -31.05 25.96
N ASP A 200 31.34 -30.54 25.36
CA ASP A 200 31.19 -30.55 23.93
C ASP A 200 31.26 -29.12 23.39
N SER A 201 31.70 -29.00 22.14
CA SER A 201 31.89 -27.69 21.55
C SER A 201 30.56 -27.06 21.17
N THR A 202 30.59 -25.73 20.99
CA THR A 202 29.37 -25.03 20.63
C THR A 202 29.27 -24.73 19.15
N LEU A 203 30.21 -25.20 18.34
CA LEU A 203 29.96 -25.29 16.91
C LEU A 203 29.29 -26.61 16.54
N GLN A 204 28.98 -27.44 17.54
CA GLN A 204 28.28 -28.69 17.29
C GLN A 204 26.84 -28.45 16.91
N ALA A 205 26.12 -27.69 17.74
CA ALA A 205 24.68 -27.55 17.56
C ALA A 205 24.34 -26.58 16.44
N LEU A 206 25.10 -25.49 16.31
CA LEU A 206 24.81 -24.47 15.31
C LEU A 206 25.60 -24.67 14.03
N TYR A 207 26.00 -25.90 13.74
CA TYR A 207 26.72 -26.14 12.49
C TYR A 207 25.79 -26.11 11.30
N ASP A 208 24.59 -26.67 11.44
CA ASP A 208 23.64 -26.68 10.33
C ASP A 208 23.06 -25.30 10.07
N ALA A 209 22.82 -24.53 11.14
CA ALA A 209 22.29 -23.19 10.97
C ALA A 209 23.32 -22.25 10.36
N MET A 210 24.60 -22.49 10.62
CA MET A 210 25.65 -21.66 10.05
C MET A 210 25.83 -21.92 8.56
N MET A 211 25.81 -23.19 8.15
CA MET A 211 26.14 -23.49 6.77
C MET A 211 24.97 -23.21 5.84
N ASN A 212 23.75 -23.09 6.37
CA ASN A 212 22.65 -22.64 5.54
C ASN A 212 22.82 -21.17 5.15
N SER A 213 23.27 -20.35 6.09
CA SER A 213 23.39 -18.93 5.82
C SER A 213 24.59 -18.62 4.94
N ASP A 214 25.71 -19.31 5.16
CA ASP A 214 26.92 -18.98 4.40
C ASP A 214 26.87 -19.52 2.97
N ASN A 215 26.04 -20.52 2.71
CA ASN A 215 25.90 -20.99 1.33
C ASN A 215 25.06 -20.02 0.51
N THR A 216 23.96 -19.52 1.09
CA THR A 216 23.10 -18.62 0.37
C THR A 216 23.68 -17.23 0.21
N GLN A 217 24.72 -16.89 0.97
CA GLN A 217 25.42 -15.65 0.69
C GLN A 217 26.28 -15.77 -0.55
N ALA A 218 26.89 -16.94 -0.75
CA ALA A 218 27.81 -17.10 -1.88
C ALA A 218 27.06 -17.45 -3.15
N ASN A 219 25.78 -17.80 -3.04
CA ASN A 219 25.00 -18.10 -4.24
C ASN A 219 24.36 -16.83 -4.79
N ILE A 220 23.79 -16.00 -3.92
CA ILE A 220 23.09 -14.80 -4.36
C ILE A 220 24.07 -13.75 -4.85
N ALA A 221 25.28 -13.77 -4.30
CA ALA A 221 26.32 -12.88 -4.81
C ALA A 221 26.96 -13.44 -6.08
N SER A 222 26.62 -14.67 -6.47
CA SER A 222 27.09 -15.18 -7.76
C SER A 222 26.14 -14.80 -8.89
N LEU A 223 24.86 -14.61 -8.57
CA LEU A 223 23.89 -14.24 -9.60
C LEU A 223 24.06 -12.82 -10.07
N VAL A 224 24.77 -11.98 -9.32
CA VAL A 224 24.86 -10.58 -9.71
C VAL A 224 25.81 -10.42 -10.89
N PHE A 225 26.76 -11.34 -11.04
CA PHE A 225 27.60 -11.36 -12.23
C PHE A 225 26.79 -11.74 -13.46
N GLU A 226 25.92 -12.73 -13.34
CA GLU A 226 24.99 -13.07 -14.39
C GLU A 226 23.68 -12.32 -14.22
N ALA A 227 23.74 -11.00 -14.11
CA ALA A 227 22.51 -10.25 -13.92
C ALA A 227 21.72 -10.19 -15.22
N ASN A 228 22.40 -10.06 -16.35
CA ASN A 228 21.76 -10.20 -17.65
C ASN A 228 22.81 -10.63 -18.65
N VAL A 229 22.74 -11.88 -19.09
CA VAL A 229 23.59 -12.41 -20.14
C VAL A 229 22.81 -12.37 -21.44
N ASP A 230 23.50 -12.09 -22.54
CA ASP A 230 22.88 -12.02 -23.85
C ASP A 230 23.65 -12.86 -24.87
N VAL A 231 22.91 -13.40 -25.82
CA VAL A 231 23.47 -14.28 -26.83
C VAL A 231 23.28 -13.63 -28.19
N ILE A 232 24.06 -14.08 -29.16
CA ILE A 232 24.01 -13.61 -30.54
C ILE A 232 24.11 -14.84 -31.43
N GLY A 233 23.07 -15.10 -32.21
CA GLY A 233 23.07 -16.28 -33.05
C GLY A 233 23.39 -16.02 -34.49
N LEU A 234 24.59 -16.42 -34.94
CA LEU A 234 24.94 -16.31 -36.35
C LEU A 234 24.39 -17.51 -37.12
N PRO A 235 23.99 -17.33 -38.39
CA PRO A 235 23.38 -18.44 -39.15
C PRO A 235 24.29 -19.63 -39.42
N ASP A 236 25.46 -19.42 -40.03
CA ASP A 236 26.43 -20.49 -40.22
C ASP A 236 27.65 -20.16 -39.39
N PHE A 237 27.59 -20.54 -38.12
CA PHE A 237 28.64 -20.33 -37.16
C PHE A 237 29.50 -21.57 -36.99
N MET A 238 29.04 -22.70 -37.53
CA MET A 238 29.79 -23.94 -37.48
C MET A 238 31.03 -23.87 -38.35
N GLU A 239 31.04 -22.99 -39.34
CA GLU A 239 32.05 -22.99 -40.40
C GLU A 239 33.05 -21.86 -40.27
N ASN A 240 32.67 -20.74 -39.67
CA ASN A 240 33.64 -19.69 -39.35
C ASN A 240 34.61 -20.17 -38.27
N MET A 241 34.12 -20.94 -37.32
CA MET A 241 34.93 -21.43 -36.20
C MET A 241 35.58 -22.77 -36.54
N SER A 242 36.20 -22.88 -37.71
CA SER A 242 36.74 -24.14 -38.16
C SER A 242 38.25 -24.09 -38.39
N SER A 243 38.86 -22.93 -38.26
CA SER A 243 40.30 -22.80 -38.32
C SER A 243 40.71 -21.70 -37.35
N GLU A 244 42.01 -21.41 -37.30
CA GLU A 244 42.52 -20.37 -36.43
C GLU A 244 42.52 -18.99 -37.08
N VAL A 245 42.83 -18.89 -38.36
CA VAL A 245 42.94 -17.60 -39.03
C VAL A 245 41.56 -17.03 -39.32
N TYR A 246 40.60 -17.90 -39.59
CA TYR A 246 39.23 -17.45 -39.85
C TYR A 246 38.55 -16.97 -38.58
N ARG A 247 38.75 -17.65 -37.45
CA ARG A 247 37.95 -17.34 -36.27
C ARG A 247 38.51 -16.11 -35.56
N GLN A 248 39.77 -15.78 -35.78
CA GLN A 248 40.29 -14.56 -35.17
C GLN A 248 39.90 -13.35 -36.01
N LYS A 249 39.55 -13.56 -37.27
CA LYS A 249 38.97 -12.49 -38.07
C LYS A 249 37.59 -12.12 -37.55
N LEU A 250 36.89 -13.08 -36.97
CA LEU A 250 35.54 -12.88 -36.44
C LEU A 250 35.58 -12.29 -35.03
N LEU A 251 36.39 -12.89 -34.15
CA LEU A 251 36.33 -12.55 -32.73
C LEU A 251 37.09 -11.26 -32.44
N ASP A 252 37.98 -10.82 -33.34
CA ASP A 252 38.60 -9.53 -33.13
C ASP A 252 37.64 -8.41 -33.48
N ARG A 253 36.71 -8.66 -34.40
CA ARG A 253 35.78 -7.60 -34.77
C ARG A 253 34.62 -7.53 -33.80
N PHE A 254 34.18 -8.68 -33.27
CA PHE A 254 33.14 -8.66 -32.25
C PHE A 254 33.62 -8.12 -30.92
N THR A 255 34.93 -8.09 -30.67
CA THR A 255 35.42 -7.42 -29.47
C THR A 255 35.18 -5.94 -29.58
N LEU A 256 35.59 -5.34 -30.70
CA LEU A 256 35.46 -3.90 -30.86
C LEU A 256 34.04 -3.48 -31.15
N ALA A 257 33.17 -4.43 -31.45
CA ALA A 257 31.77 -4.11 -31.71
C ALA A 257 30.86 -4.39 -30.52
N ALA A 258 31.28 -5.21 -29.56
CA ALA A 258 30.47 -5.47 -28.37
C ALA A 258 31.13 -4.90 -27.13
N ALA A 259 32.18 -4.10 -27.28
CA ALA A 259 32.75 -3.43 -26.14
C ALA A 259 31.95 -2.20 -25.75
N GLY A 260 31.58 -1.38 -26.71
CA GLY A 260 30.99 -0.09 -26.45
C GLY A 260 29.50 0.01 -26.65
N LYS A 261 28.76 -1.10 -26.70
CA LYS A 261 27.32 -1.03 -26.86
C LYS A 261 26.68 -0.51 -25.58
N GLY A 262 25.53 0.12 -25.71
CA GLY A 262 24.93 0.75 -24.57
C GLY A 262 24.10 1.95 -25.00
N ILE A 263 24.15 3.00 -24.19
CA ILE A 263 23.26 4.14 -24.39
C ILE A 263 23.72 4.98 -25.58
N ASN A 264 25.02 5.17 -25.72
CA ASN A 264 25.55 6.11 -26.70
C ASN A 264 26.07 5.45 -27.96
N LYS A 265 25.97 4.14 -28.09
CA LYS A 265 26.30 3.45 -29.33
C LYS A 265 25.22 2.43 -29.64
N THR A 266 24.94 2.23 -30.92
CA THR A 266 23.93 1.29 -31.37
C THR A 266 24.59 0.18 -32.19
N LEU A 267 24.22 -1.06 -31.90
CA LEU A 267 24.74 -2.19 -32.66
C LEU A 267 24.19 -2.18 -34.08
N MET A 268 25.00 -2.65 -35.01
CA MET A 268 24.54 -2.95 -36.36
C MET A 268 24.69 -4.44 -36.60
N LEU A 269 23.59 -5.10 -36.92
CA LEU A 269 23.62 -6.52 -37.19
C LEU A 269 22.96 -6.78 -38.54
N ASP A 270 23.19 -7.98 -39.06
CA ASP A 270 22.45 -8.45 -40.22
C ASP A 270 21.01 -8.77 -39.80
N ALA A 271 20.12 -8.87 -40.78
CA ALA A 271 18.73 -9.16 -40.47
C ALA A 271 18.50 -10.61 -40.06
N GLU A 272 19.47 -11.49 -40.22
CA GLU A 272 19.39 -12.88 -39.80
C GLU A 272 19.83 -13.05 -38.34
N GLU A 273 20.78 -12.23 -37.91
CA GLU A 273 21.38 -12.37 -36.58
C GLU A 273 20.39 -11.90 -35.52
N VAL A 274 20.39 -12.60 -34.38
CA VAL A 274 19.20 -12.60 -33.52
C VAL A 274 19.28 -11.60 -32.37
N PHE A 275 20.24 -11.79 -31.46
CA PHE A 275 20.48 -10.94 -30.29
C PHE A 275 19.26 -10.86 -29.37
N THR A 276 19.03 -11.97 -28.67
CA THR A 276 18.13 -11.95 -27.53
C THR A 276 18.90 -11.69 -26.23
N ALA A 277 18.16 -11.36 -25.18
CA ALA A 277 18.76 -10.96 -23.91
C ALA A 277 17.98 -11.60 -22.76
N HIS A 278 18.69 -12.32 -21.89
CA HIS A 278 18.07 -13.12 -20.84
C HIS A 278 18.32 -12.52 -19.48
N SER A 279 17.28 -11.95 -18.88
CA SER A 279 17.42 -11.24 -17.61
C SER A 279 16.95 -12.14 -16.48
N ARG A 280 17.79 -12.32 -15.47
CA ARG A 280 17.42 -13.19 -14.35
C ARG A 280 16.53 -12.43 -13.38
N SER A 281 16.04 -13.12 -12.36
CA SER A 281 15.06 -12.57 -11.45
C SER A 281 15.61 -12.53 -10.04
N PHE A 282 15.50 -11.38 -9.39
CA PHE A 282 15.94 -11.18 -8.02
C PHE A 282 14.76 -10.84 -7.10
N ALA A 283 13.62 -11.48 -7.33
CA ALA A 283 12.44 -11.24 -6.53
C ALA A 283 12.53 -12.04 -5.23
N ASN A 284 12.25 -11.35 -4.11
CA ASN A 284 12.18 -11.90 -2.76
C ASN A 284 13.47 -12.54 -2.25
N LEU A 285 14.59 -12.36 -2.95
CA LEU A 285 15.87 -12.89 -2.50
C LEU A 285 16.55 -12.05 -1.49
N ASP A 286 15.86 -11.11 -0.85
CA ASP A 286 16.42 -10.31 0.22
C ASP A 286 15.70 -10.48 1.53
N LYS A 287 14.47 -10.97 1.49
CA LYS A 287 13.84 -11.45 2.70
C LYS A 287 14.27 -12.87 3.03
N ILE A 288 14.83 -13.59 2.06
CA ILE A 288 15.41 -14.89 2.35
C ILE A 288 16.74 -14.73 3.08
N MET A 289 17.54 -13.74 2.67
CA MET A 289 18.86 -13.53 3.27
C MET A 289 18.76 -13.10 4.73
N GLU A 290 17.65 -12.49 5.12
CA GLU A 290 17.53 -12.01 6.49
C GLU A 290 16.83 -13.03 7.39
N GLN A 291 16.11 -13.99 6.81
CA GLN A 291 15.53 -15.03 7.64
C GLN A 291 16.52 -16.11 8.01
N PHE A 292 17.67 -16.19 7.34
CA PHE A 292 18.68 -17.15 7.75
C PHE A 292 19.62 -16.62 8.82
N ILE A 293 19.82 -15.32 8.92
CA ILE A 293 20.63 -14.81 10.02
C ILE A 293 19.82 -14.68 11.30
N LEU A 294 18.49 -14.73 11.22
CA LEU A 294 17.68 -14.96 12.41
C LEU A 294 18.01 -16.28 13.05
N PHE A 295 18.09 -17.33 12.24
CA PHE A 295 18.23 -18.67 12.76
C PHE A 295 19.64 -18.95 13.22
N VAL A 296 20.62 -18.15 12.77
CA VAL A 296 21.96 -18.23 13.34
C VAL A 296 21.99 -17.50 14.68
N ALA A 297 21.39 -16.31 14.73
CA ALA A 297 21.38 -15.53 15.96
C ALA A 297 20.54 -16.20 17.04
N GLY A 298 19.49 -16.92 16.64
CA GLY A 298 18.75 -17.71 17.60
C GLY A 298 19.53 -18.91 18.07
N ALA A 299 20.35 -19.50 17.20
CA ALA A 299 21.16 -20.65 17.58
C ALA A 299 22.28 -20.24 18.52
N ALA A 300 22.88 -19.08 18.30
CA ALA A 300 23.90 -18.56 19.20
C ALA A 300 23.30 -17.96 20.47
N ASP A 301 21.97 -17.81 20.52
CA ASP A 301 21.23 -17.17 21.60
C ASP A 301 21.75 -15.75 21.85
N ILE A 302 21.93 -15.00 20.76
CA ILE A 302 22.26 -13.58 20.82
C ILE A 302 21.21 -12.84 19.98
N PRO A 303 20.61 -11.78 20.49
CA PRO A 303 19.67 -11.02 19.66
C PRO A 303 20.38 -10.26 18.57
N LEU A 304 19.64 -9.88 17.52
CA LEU A 304 20.26 -9.15 16.42
C LEU A 304 20.56 -7.70 16.72
N THR A 305 20.35 -7.22 17.94
CA THR A 305 20.85 -5.92 18.31
C THR A 305 22.26 -5.99 18.88
N ARG A 306 22.80 -7.19 19.09
CA ARG A 306 24.19 -7.39 19.45
C ARG A 306 24.93 -8.19 18.40
N PHE A 307 24.40 -9.35 18.01
CA PHE A 307 24.81 -10.01 16.77
C PHE A 307 24.44 -9.11 15.60
N LEU A 308 25.32 -9.06 14.59
CA LEU A 308 25.14 -8.22 13.40
C LEU A 308 25.04 -6.73 13.76
N GLY A 309 25.66 -6.34 14.87
CA GLY A 309 25.64 -4.98 15.39
C GLY A 309 24.23 -4.51 15.72
N GLN A 310 24.02 -3.21 15.62
CA GLN A 310 22.67 -2.65 15.63
C GLN A 310 22.14 -2.71 14.21
N SER A 311 21.39 -3.74 13.91
CA SER A 311 20.89 -3.96 12.56
C SER A 311 19.60 -3.19 12.36
N PRO A 312 19.39 -2.57 11.19
CA PRO A 312 18.11 -1.89 10.94
C PRO A 312 16.91 -2.83 10.85
N ALA A 313 17.15 -4.12 10.61
CA ALA A 313 16.06 -5.10 10.60
C ALA A 313 15.83 -5.70 11.99
N GLY A 314 15.70 -4.82 12.99
CA GLY A 314 15.22 -5.20 14.29
C GLY A 314 14.01 -4.37 14.65
N MET A 315 12.83 -4.99 14.72
CA MET A 315 11.58 -4.26 14.97
C MET A 315 10.84 -4.90 16.15
N SER A 316 11.58 -5.34 17.17
CA SER A 316 10.97 -5.66 18.45
C SER A 316 11.83 -5.22 19.62
N SER A 317 12.72 -4.25 19.39
CA SER A 317 13.52 -3.65 20.45
C SER A 317 12.79 -2.40 20.94
N THR A 318 11.75 -2.62 21.74
CA THR A 318 11.04 -1.50 22.35
C THR A 318 11.90 -0.86 23.43
N GLY A 319 11.77 0.46 23.56
CA GLY A 319 12.75 1.29 24.23
C GLY A 319 12.96 1.16 25.73
N GLN A 320 12.45 0.10 26.34
CA GLN A 320 12.68 -0.18 27.76
C GLN A 320 13.23 -1.58 27.99
N HIS A 321 12.94 -2.52 27.08
CA HIS A 321 13.28 -3.93 27.23
C HIS A 321 14.06 -4.41 26.03
N ASP A 322 15.09 -3.64 25.64
CA ASP A 322 15.88 -3.95 24.45
C ASP A 322 16.64 -5.26 24.59
N MET A 323 17.57 -5.32 25.55
CA MET A 323 18.47 -6.46 25.69
C MET A 323 18.43 -7.00 27.11
N LYS A 324 17.26 -6.97 27.73
CA LYS A 324 17.16 -7.49 29.09
C LYS A 324 17.17 -9.01 29.12
N ASN A 325 16.94 -9.67 27.99
CA ASN A 325 17.09 -11.11 27.95
C ASN A 325 18.54 -11.52 27.79
N TYR A 326 19.35 -10.65 27.17
CA TYR A 326 20.74 -10.99 26.92
C TYR A 326 21.58 -10.85 28.18
N HIS A 327 21.17 -9.94 29.08
CA HIS A 327 21.88 -9.84 30.35
C HIS A 327 21.35 -10.86 31.35
N ASP A 328 20.21 -11.48 31.07
CA ASP A 328 19.75 -12.59 31.90
C ASP A 328 20.47 -13.88 31.54
N ARG A 329 21.07 -13.93 30.35
CA ARG A 329 21.82 -15.11 29.94
C ARG A 329 23.25 -15.04 30.46
N ILE A 330 23.82 -13.84 30.56
CA ILE A 330 25.19 -13.69 31.03
C ILE A 330 25.27 -13.89 32.54
N GLN A 331 24.26 -13.43 33.27
CA GLN A 331 24.23 -13.70 34.71
C GLN A 331 23.96 -15.15 35.04
N SER A 332 23.53 -15.95 34.06
CA SER A 332 23.46 -17.39 34.22
C SER A 332 24.76 -18.09 33.84
N ILE A 333 25.76 -17.35 33.36
CA ILE A 333 27.10 -17.89 33.23
C ILE A 333 27.95 -17.49 34.44
N GLN A 334 27.77 -16.26 34.90
CA GLN A 334 28.53 -15.75 36.03
C GLN A 334 28.19 -16.46 37.34
N THR A 335 27.03 -17.08 37.44
CA THR A 335 26.64 -17.76 38.67
C THR A 335 26.44 -19.25 38.49
N LEU A 336 26.72 -19.80 37.31
CA LEU A 336 26.57 -21.24 37.12
C LEU A 336 27.74 -21.90 36.41
N ASP A 337 28.64 -21.15 35.78
CA ASP A 337 29.83 -21.71 35.15
C ASP A 337 31.13 -21.11 35.66
N LEU A 338 31.11 -19.89 36.16
CA LEU A 338 32.30 -19.25 36.68
C LEU A 338 32.31 -19.16 38.19
N GLN A 339 31.14 -19.19 38.81
CA GLN A 339 31.07 -19.15 40.27
C GLN A 339 31.41 -20.49 40.92
N PRO A 340 30.89 -21.67 40.49
CA PRO A 340 31.29 -22.89 41.21
C PRO A 340 32.71 -23.35 40.93
N SER A 341 33.18 -23.22 39.68
CA SER A 341 34.48 -23.80 39.33
C SER A 341 35.64 -23.02 39.93
N MET A 342 35.40 -21.80 40.41
CA MET A 342 36.41 -21.01 41.10
C MET A 342 36.27 -21.12 42.61
N TYR A 343 35.97 -22.32 43.12
CA TYR A 343 35.83 -22.52 44.55
C TYR A 343 37.15 -22.84 45.23
N ARG A 344 38.14 -23.38 44.51
CA ARG A 344 39.46 -23.54 45.10
C ARG A 344 40.28 -22.28 44.92
N LEU A 345 39.98 -21.49 43.90
CA LEU A 345 40.26 -20.07 43.94
C LEU A 345 39.22 -19.37 44.80
N ASP A 346 39.39 -18.06 44.97
CA ASP A 346 38.42 -17.13 45.56
C ASP A 346 38.18 -17.36 47.07
N GLU A 347 38.71 -18.44 47.60
CA GLU A 347 38.97 -18.63 49.01
C GLU A 347 40.46 -18.78 49.28
N ALA A 348 41.25 -19.03 48.24
CA ALA A 348 42.70 -19.01 48.32
C ALA A 348 43.27 -17.62 48.08
N ILE A 349 42.60 -16.78 47.30
CA ILE A 349 43.10 -15.44 47.02
C ILE A 349 42.69 -14.46 48.10
N ILE A 350 41.59 -14.74 48.81
CA ILE A 350 41.27 -13.96 50.00
C ILE A 350 42.05 -14.51 51.18
N ARG A 351 42.59 -15.71 51.04
CA ARG A 351 43.55 -16.23 51.99
C ARG A 351 44.91 -15.54 51.85
N SER A 352 45.24 -15.04 50.67
CA SER A 352 46.50 -14.38 50.42
C SER A 352 46.49 -12.90 50.81
N SER A 353 45.58 -12.48 51.70
CA SER A 353 45.66 -11.19 52.35
C SER A 353 46.42 -11.33 53.67
N LEU A 354 47.72 -11.64 53.52
CA LEU A 354 48.66 -11.89 54.61
C LEU A 354 48.20 -13.02 55.52
N GLY A 355 47.66 -14.08 54.92
CA GLY A 355 47.31 -15.28 55.64
C GLY A 355 45.96 -15.29 56.32
N ALA A 356 45.38 -14.13 56.59
CA ALA A 356 44.17 -14.03 57.39
C ALA A 356 42.96 -13.99 56.47
N ARG A 357 41.96 -14.81 56.77
CA ARG A 357 40.75 -14.87 55.98
C ARG A 357 39.52 -14.66 56.87
N PRO A 358 38.74 -13.61 56.62
CA PRO A 358 37.49 -13.43 57.38
C PRO A 358 36.41 -14.42 56.95
N GLU A 359 35.26 -14.36 57.60
CA GLU A 359 34.12 -15.18 57.20
C GLU A 359 33.06 -14.39 56.44
N GLU A 360 32.72 -13.19 56.89
CA GLU A 360 31.72 -12.37 56.22
C GLU A 360 32.34 -11.48 55.15
N LEU A 361 33.14 -12.10 54.27
CA LEU A 361 33.77 -11.45 53.14
C LEU A 361 33.30 -12.16 51.89
N PHE A 362 32.69 -11.42 50.97
CA PHE A 362 32.13 -12.00 49.77
C PHE A 362 32.16 -10.95 48.66
N TYR A 363 31.52 -11.25 47.55
CA TYR A 363 31.43 -10.31 46.44
C TYR A 363 30.13 -10.54 45.71
N ILE A 364 29.77 -9.55 44.89
CA ILE A 364 28.71 -9.67 43.90
C ILE A 364 29.32 -9.36 42.55
N TRP A 365 28.59 -9.71 41.51
CA TRP A 365 29.01 -9.42 40.15
C TRP A 365 28.51 -8.04 39.76
N SER A 366 29.32 -7.34 38.98
CA SER A 366 29.01 -5.97 38.59
C SER A 366 27.81 -5.95 37.64
N PRO A 367 27.01 -4.88 37.67
CA PRO A 367 25.91 -4.77 36.72
C PRO A 367 26.41 -4.57 35.30
N LEU A 368 25.62 -5.04 34.34
CA LEU A 368 26.05 -5.17 32.96
C LEU A 368 25.58 -4.03 32.06
N GLU A 369 24.48 -3.36 32.40
CA GLU A 369 23.97 -2.29 31.56
C GLU A 369 24.86 -1.07 31.69
N GLN A 370 25.37 -0.59 30.56
CA GLN A 370 26.04 0.70 30.53
C GLN A 370 25.02 1.80 30.79
N MET A 371 25.39 2.77 31.62
CA MET A 371 24.52 3.88 31.92
C MET A 371 25.10 5.15 31.33
N SER A 372 24.22 6.08 30.95
CA SER A 372 24.65 7.33 30.38
C SER A 372 25.27 8.23 31.46
N GLU A 373 25.93 9.29 31.01
CA GLU A 373 26.57 10.19 31.98
C GLU A 373 25.55 11.05 32.69
N LYS A 374 24.46 11.43 32.02
CA LYS A 374 23.40 12.16 32.69
C LYS A 374 22.58 11.24 33.59
N GLU A 375 22.49 9.96 33.23
CA GLU A 375 21.76 9.03 34.07
C GLU A 375 22.55 8.69 35.34
N ARG A 376 23.88 8.73 35.28
CA ARG A 376 24.65 8.47 36.48
C ARG A 376 24.63 9.67 37.41
N ALA A 377 24.34 10.86 36.89
CA ALA A 377 24.11 12.00 37.76
C ALA A 377 22.75 11.90 38.43
N GLU A 378 21.77 11.35 37.74
CA GLU A 378 20.43 11.25 38.30
C GLU A 378 20.31 10.08 39.26
N ILE A 379 21.17 9.08 39.12
CA ILE A 379 21.22 7.99 40.08
C ILE A 379 21.85 8.47 41.38
N GLY A 380 22.92 9.24 41.28
CA GLY A 380 23.60 9.72 42.48
C GLY A 380 22.81 10.77 43.23
N LYS A 381 21.88 11.43 42.55
CA LYS A 381 21.02 12.40 43.23
C LYS A 381 19.96 11.69 44.06
N LEU A 382 19.63 10.45 43.71
CA LEU A 382 18.62 9.72 44.47
C LEU A 382 19.24 8.98 45.65
N HIS A 383 20.49 8.53 45.53
CA HIS A 383 21.12 7.81 46.64
C HIS A 383 21.41 8.75 47.80
N ALA A 384 21.67 10.02 47.51
CA ALA A 384 21.80 11.00 48.58
C ALA A 384 20.46 11.29 49.26
N GLU A 385 19.34 10.99 48.59
CA GLU A 385 18.03 11.32 49.15
C GLU A 385 17.36 10.15 49.83
N THR A 386 17.84 8.91 49.65
CA THR A 386 17.39 7.83 50.52
C THR A 386 18.04 7.95 51.88
N VAL A 387 19.27 8.46 51.92
CA VAL A 387 19.99 8.63 53.18
C VAL A 387 19.34 9.71 54.02
N ASN A 388 18.89 10.78 53.37
CA ASN A 388 18.25 11.90 54.08
C ASN A 388 16.94 11.48 54.73
N VAL A 389 16.28 10.46 54.17
CA VAL A 389 15.05 10.00 54.77
C VAL A 389 15.32 8.92 55.83
N ILE A 390 16.33 8.09 55.61
CA ILE A 390 16.68 7.06 56.58
C ILE A 390 17.34 7.68 57.81
N ALA A 391 18.24 8.65 57.62
CA ALA A 391 18.88 9.27 58.76
C ALA A 391 17.95 10.21 59.50
N GLY A 392 16.87 10.65 58.85
CA GLY A 392 15.94 11.54 59.52
C GLY A 392 15.09 10.83 60.56
N THR A 393 14.84 9.54 60.34
CA THR A 393 14.16 8.72 61.34
C THR A 393 15.21 8.03 62.19
N GLY A 394 14.95 7.90 63.47
CA GLY A 394 15.95 7.26 64.30
C GLY A 394 15.82 5.77 64.25
N LEU A 395 16.59 5.13 63.38
CA LEU A 395 16.64 3.66 63.34
C LEU A 395 18.04 3.12 63.17
N PHE A 396 19.03 3.94 62.80
CA PHE A 396 20.39 3.49 62.65
C PHE A 396 21.33 4.51 63.28
N MET A 397 22.51 4.05 63.66
CA MET A 397 23.53 4.95 64.18
C MET A 397 24.02 5.86 63.06
N GLN A 398 24.30 7.11 63.40
CA GLN A 398 24.95 7.99 62.43
C GLN A 398 26.43 7.70 62.35
N GLU A 399 27.00 7.03 63.35
CA GLU A 399 28.31 6.40 63.20
C GLU A 399 28.26 5.28 62.17
N GLU A 400 27.11 4.63 62.04
CA GLU A 400 27.01 3.46 61.19
C GLU A 400 26.84 3.84 59.72
N LEU A 401 26.06 4.89 59.45
CA LEU A 401 25.72 5.23 58.07
C LEU A 401 26.92 5.81 57.32
N ARG A 402 27.96 6.20 58.04
CA ARG A 402 29.16 6.68 57.38
C ARG A 402 29.88 5.56 56.66
N GLU A 403 29.81 4.33 57.18
CA GLU A 403 30.39 3.18 56.52
C GLU A 403 29.58 2.69 55.34
N VAL A 404 28.27 2.53 55.51
CA VAL A 404 27.42 1.90 54.49
C VAL A 404 27.23 2.83 53.30
N PHE A 405 26.86 4.09 53.55
CA PHE A 405 26.72 5.02 52.43
C PHE A 405 28.08 5.44 51.90
N GLY A 406 29.12 5.34 52.73
CA GLY A 406 30.46 5.56 52.22
C GLY A 406 30.93 4.45 51.30
N ASN A 407 30.40 3.23 51.48
CA ASN A 407 30.86 2.10 50.70
C ASN A 407 30.08 1.98 49.39
N GLN A 408 28.79 2.31 49.43
CA GLN A 408 27.93 2.23 48.26
C GLN A 408 28.24 3.35 47.27
N LEU A 409 28.80 4.45 47.73
CA LEU A 409 29.07 5.61 46.91
C LEU A 409 30.47 5.58 46.28
N VAL A 410 31.29 4.60 46.61
CA VAL A 410 32.56 4.40 45.95
C VAL A 410 32.45 3.43 44.78
N GLU A 411 31.70 2.32 44.96
CA GLU A 411 31.54 1.37 43.88
C GLU A 411 30.59 1.86 42.79
N THR A 412 29.81 2.91 43.06
CA THR A 412 29.07 3.58 42.02
C THR A 412 30.00 4.34 41.07
N GLY A 413 31.15 4.78 41.55
CA GLY A 413 32.06 5.54 40.73
C GLY A 413 31.75 7.01 40.68
N LEU A 414 30.88 7.49 41.55
CA LEU A 414 30.53 8.91 41.56
C LEU A 414 31.63 9.74 42.19
N TYR A 415 32.06 9.37 43.39
CA TYR A 415 33.13 10.04 44.12
C TYR A 415 34.26 9.03 44.34
N PRO A 416 35.08 8.77 43.32
CA PRO A 416 36.01 7.63 43.41
C PRO A 416 37.20 7.87 44.32
N GLY A 417 37.70 9.11 44.38
CA GLY A 417 38.80 9.41 45.27
C GLY A 417 38.32 9.66 46.68
N LEU A 418 37.78 8.63 47.34
CA LEU A 418 37.23 8.75 48.68
C LEU A 418 38.00 7.80 49.58
N GLY A 419 39.15 8.27 50.07
CA GLY A 419 39.90 7.56 51.08
C GLY A 419 39.59 8.11 52.45
N ASP A 420 38.67 7.47 53.16
CA ASP A 420 38.26 7.91 54.48
C ASP A 420 38.77 7.03 55.60
N LEU A 421 39.12 5.79 55.30
CA LEU A 421 39.60 4.88 56.31
C LEU A 421 41.08 5.11 56.55
N LEU A 422 41.44 5.34 57.82
CA LEU A 422 42.78 5.49 58.40
C LEU A 422 43.43 6.83 58.02
N ALA A 423 42.82 7.59 57.12
CA ALA A 423 43.31 8.91 56.77
C ALA A 423 42.45 10.01 57.35
N GLN A 424 41.13 9.87 57.22
CA GLN A 424 40.19 10.88 57.68
C GLN A 424 39.63 10.50 59.05
N ASN A 425 40.58 10.28 59.97
CA ASN A 425 40.34 9.73 61.31
C ASN A 425 39.61 8.39 61.27
N GLY A 426 39.80 7.64 60.18
CA GLY A 426 39.12 6.37 59.99
C GLY A 426 37.63 6.57 59.89
N ASN A 427 36.90 5.88 60.76
CA ASN A 427 35.48 6.13 60.99
C ASN A 427 35.34 6.66 62.41
N GLU A 428 35.57 7.96 62.56
CA GLU A 428 35.25 8.72 63.77
C GLU A 428 35.38 10.20 63.46
N LEU A 429 34.38 10.97 63.86
CA LEU A 429 34.42 12.42 63.87
C LEU A 429 34.32 12.89 65.31
N PRO A 430 34.74 14.12 65.62
CA PRO A 430 34.52 14.62 66.98
C PRO A 430 33.05 14.87 67.30
N GLU A 431 32.22 15.01 66.28
CA GLU A 431 30.86 15.50 66.48
C GLU A 431 29.81 14.40 66.59
N TRP A 432 30.19 13.14 66.74
CA TRP A 432 29.13 12.13 66.85
C TRP A 432 28.55 12.11 68.26
N ASP A 433 29.37 11.70 69.23
CA ASP A 433 28.92 11.46 70.59
C ASP A 433 29.25 12.61 71.52
N LEU A 434 30.31 13.36 71.22
CA LEU A 434 30.73 14.48 72.04
C LEU A 434 30.13 15.80 71.57
N GLU A 435 29.07 15.72 70.77
CA GLU A 435 28.32 16.89 70.34
C GLU A 435 26.83 16.70 70.54
N GLN A 436 26.37 15.46 70.75
CA GLN A 436 24.99 15.16 71.05
C GLN A 436 24.66 15.29 72.54
N ARG A 437 25.45 16.10 73.27
CA ARG A 437 25.12 16.41 74.66
C ARG A 437 23.80 17.17 74.77
N SER A 438 23.48 17.97 73.75
CA SER A 438 22.28 18.80 73.79
C SER A 438 21.00 17.97 73.74
N ALA A 439 21.07 16.78 73.15
CA ALA A 439 19.96 15.84 73.28
C ALA A 439 19.98 15.13 74.62
N GLU A 440 21.17 14.93 75.19
CA GLU A 440 21.31 14.34 76.52
C GLU A 440 21.15 15.36 77.63
N ALA A 441 21.16 16.65 77.30
CA ALA A 441 20.95 17.71 78.29
C ALA A 441 19.49 17.96 78.60
N SER A 442 18.64 18.04 77.57
CA SER A 442 17.25 18.38 77.78
C SER A 442 16.44 17.23 78.33
N THR A 443 16.91 15.99 78.15
CA THR A 443 16.30 14.87 78.86
C THR A 443 16.67 14.86 80.34
N LYS A 444 17.79 15.47 80.70
CA LYS A 444 18.11 15.66 82.12
C LYS A 444 17.29 16.80 82.70
N THR A 445 16.75 17.67 81.85
CA THR A 445 15.89 18.77 82.26
C THR A 445 14.43 18.44 81.97
N ALA A 446 14.14 17.19 81.57
CA ALA A 446 12.81 16.85 81.07
C ALA A 446 11.81 16.74 82.21
N GLU A 447 12.03 15.81 83.14
CA GLU A 447 11.14 15.67 84.28
C GLU A 447 11.72 16.24 85.57
N ALA A 448 13.01 16.58 85.59
CA ALA A 448 13.60 17.16 86.78
C ALA A 448 13.10 18.57 87.00
N ALA A 449 13.02 19.36 85.94
CA ALA A 449 12.58 20.75 86.02
C ALA A 449 11.13 20.92 85.58
N ALA A 450 10.34 19.85 85.59
CA ALA A 450 8.94 19.91 85.24
C ALA A 450 8.02 19.75 86.45
N LEU A 451 8.44 19.03 87.47
CA LEU A 451 7.66 18.93 88.70
C LEU A 451 8.54 19.35 89.87
N SER B 10 22.70 -33.37 11.87
CA SER B 10 22.34 -33.15 10.48
C SER B 10 21.19 -34.05 10.09
N LEU B 11 20.41 -33.63 9.11
CA LEU B 11 19.31 -34.41 8.60
C LEU B 11 19.75 -35.24 7.41
N ARG B 12 19.07 -36.36 7.19
CA ARG B 12 19.29 -37.18 6.01
C ARG B 12 18.06 -38.06 5.83
N SER B 13 17.43 -37.98 4.67
CA SER B 13 16.24 -38.78 4.39
C SER B 13 16.60 -39.87 3.40
N MET B 14 15.95 -41.04 3.54
CA MET B 14 16.27 -42.16 2.67
C MET B 14 15.70 -42.00 1.27
N ILE B 15 14.51 -41.45 1.14
CA ILE B 15 13.99 -40.99 -0.14
C ILE B 15 14.25 -39.49 -0.22
N SER B 16 14.24 -38.97 -1.45
CA SER B 16 14.36 -37.56 -1.81
C SER B 16 15.70 -36.93 -1.48
N GLY B 17 16.65 -37.68 -0.92
CA GLY B 17 18.04 -37.29 -0.75
C GLY B 17 18.32 -35.97 -0.05
N LEU B 18 17.78 -35.78 1.14
CA LEU B 18 17.79 -34.45 1.75
C LEU B 18 19.14 -34.11 2.37
N GLY B 19 19.95 -35.10 2.70
CA GLY B 19 21.22 -34.80 3.31
C GLY B 19 22.37 -35.55 2.70
N ASP B 20 22.18 -36.01 1.47
CA ASP B 20 23.18 -36.84 0.80
C ASP B 20 24.30 -35.96 0.26
N PRO B 21 25.56 -36.19 0.66
CA PRO B 21 26.66 -35.35 0.15
C PRO B 21 27.07 -35.64 -1.27
N LEU B 22 26.37 -36.49 -2.00
CA LEU B 22 26.59 -36.68 -3.43
C LEU B 22 25.51 -36.04 -4.28
N ARG B 23 24.25 -36.12 -3.86
CA ARG B 23 23.15 -35.58 -4.64
C ARG B 23 22.78 -34.18 -4.23
N ASP B 24 22.42 -33.97 -2.96
CA ASP B 24 22.08 -32.65 -2.47
C ASP B 24 23.36 -31.87 -2.22
N LYS B 25 23.31 -30.57 -2.50
CA LYS B 25 24.48 -29.71 -2.29
C LYS B 25 24.17 -28.53 -1.39
N ASN B 26 23.15 -28.65 -0.53
CA ASN B 26 22.72 -27.55 0.32
C ASN B 26 23.80 -27.15 1.31
N ALA B 27 24.10 -28.02 2.24
CA ALA B 27 25.23 -27.87 3.12
C ALA B 27 25.98 -29.18 3.23
N SER B 28 25.47 -30.22 2.59
CA SER B 28 26.05 -31.53 2.60
C SER B 28 27.37 -31.61 1.85
N THR B 29 27.64 -30.67 0.96
CA THR B 29 28.87 -30.71 0.20
C THR B 29 29.78 -29.54 0.52
N PHE B 30 29.92 -29.17 1.78
CA PHE B 30 30.68 -27.98 2.10
C PHE B 30 31.67 -28.16 3.23
N HIS B 31 32.75 -27.39 3.12
CA HIS B 31 33.83 -27.41 4.06
C HIS B 31 34.49 -26.03 4.01
N TRP B 32 35.66 -25.92 4.61
CA TRP B 32 36.41 -24.68 4.63
C TRP B 32 37.86 -25.01 4.35
N ASP B 33 38.48 -24.21 3.49
CA ASP B 33 39.92 -24.26 3.32
C ASP B 33 40.51 -22.99 3.89
N ARG B 34 41.70 -23.10 4.47
CA ARG B 34 42.39 -21.97 5.06
C ARG B 34 42.79 -21.00 3.97
N GLN B 35 42.94 -19.73 4.32
CA GLN B 35 43.34 -18.76 3.31
C GLN B 35 44.43 -17.87 3.87
N LEU B 36 45.34 -17.46 2.99
CA LEU B 36 46.53 -16.75 3.41
C LEU B 36 46.78 -15.56 2.49
N ASP B 37 47.45 -14.55 3.02
CA ASP B 37 47.63 -13.27 2.34
C ASP B 37 48.73 -12.47 3.03
N ASP B 38 49.69 -11.98 2.24
CA ASP B 38 50.84 -11.28 2.80
C ASP B 38 51.06 -9.93 2.14
N ARG B 39 50.81 -9.83 0.84
CA ARG B 39 51.00 -8.59 0.08
C ARG B 39 49.72 -7.82 -0.15
N GLN B 40 48.62 -8.52 -0.45
CA GLN B 40 47.36 -7.85 -0.70
C GLN B 40 46.71 -7.28 0.55
N LEU B 41 47.26 -7.52 1.73
CA LEU B 41 46.88 -6.75 2.90
C LEU B 41 47.23 -5.28 2.71
N LEU B 42 48.33 -5.00 2.02
CA LEU B 42 48.69 -3.62 1.72
C LEU B 42 47.79 -3.05 0.63
N TYR B 43 47.47 -3.86 -0.38
CA TYR B 43 46.65 -3.37 -1.49
C TYR B 43 45.22 -3.10 -1.05
N ALA B 44 44.68 -3.94 -0.16
CA ALA B 44 43.29 -3.80 0.23
C ALA B 44 43.11 -2.65 1.22
N TYR B 45 44.08 -2.46 2.11
CA TYR B 45 44.00 -1.37 3.08
C TYR B 45 44.13 -0.02 2.40
N ARG B 46 44.93 0.05 1.35
CA ARG B 46 45.22 1.32 0.72
C ARG B 46 44.21 1.71 -0.34
N ASN B 47 43.55 0.74 -0.97
CA ASN B 47 42.71 1.01 -2.13
C ASN B 47 41.24 0.66 -1.93
N SER B 48 40.81 0.42 -0.70
CA SER B 48 39.41 0.07 -0.45
C SER B 48 38.97 0.75 0.83
N TRP B 49 37.87 1.51 0.76
CA TRP B 49 37.40 2.19 1.95
C TRP B 49 36.74 1.22 2.93
N VAL B 50 36.32 0.06 2.43
CA VAL B 50 35.72 -0.95 3.31
C VAL B 50 36.78 -1.53 4.23
N ALA B 51 37.96 -1.80 3.69
CA ALA B 51 38.99 -2.47 4.48
C ALA B 51 39.71 -1.49 5.39
N ARG B 52 39.83 -0.24 4.98
CA ARG B 52 40.52 0.73 5.82
C ARG B 52 39.66 1.16 6.99
N LYS B 53 38.35 1.15 6.81
CA LYS B 53 37.45 1.57 7.89
C LYS B 53 37.35 0.50 8.97
N ALA B 54 37.44 -0.77 8.57
CA ALA B 54 37.36 -1.85 9.55
C ALA B 54 38.64 -1.99 10.38
N VAL B 55 39.73 -1.39 9.93
CA VAL B 55 40.98 -1.44 10.67
C VAL B 55 41.09 -0.26 11.62
N THR B 56 40.87 0.95 11.12
CA THR B 56 41.21 2.15 11.86
C THR B 56 40.19 2.50 12.93
N ILE B 57 38.89 2.50 12.57
CA ILE B 57 37.89 3.14 13.44
C ILE B 57 37.62 2.40 14.75
N PRO B 58 37.49 1.08 14.82
CA PRO B 58 37.35 0.45 16.14
C PRO B 58 38.62 0.50 16.99
N ALA B 59 39.76 0.91 16.43
CA ALA B 59 40.95 1.18 17.21
C ALA B 59 41.18 2.66 17.45
N LEU B 60 40.47 3.52 16.72
CA LEU B 60 40.65 4.95 16.89
C LEU B 60 39.74 5.50 17.98
N ASP B 61 38.60 4.85 18.19
CA ASP B 61 37.65 5.31 19.18
C ASP B 61 37.97 4.82 20.58
N ALA B 62 39.08 4.10 20.76
CA ALA B 62 39.47 3.63 22.07
C ALA B 62 40.47 4.55 22.75
N VAL B 63 41.02 5.52 22.03
CA VAL B 63 41.98 6.45 22.62
C VAL B 63 41.58 7.88 22.33
N ARG B 64 40.29 8.12 22.08
CA ARG B 64 39.83 9.49 21.88
C ARG B 64 39.84 10.26 23.19
N LYS B 65 39.16 9.74 24.20
CA LYS B 65 39.18 10.29 25.55
C LYS B 65 39.61 9.19 26.50
N TRP B 66 40.45 9.52 27.48
CA TRP B 66 41.26 8.49 28.11
C TRP B 66 41.92 9.01 29.37
N ARG B 67 41.85 8.19 30.43
CA ARG B 67 42.78 8.18 31.56
C ARG B 67 42.82 9.53 32.31
N ASP B 68 41.75 9.79 33.03
CA ASP B 68 41.78 10.82 34.07
C ASP B 68 42.29 10.20 35.37
N TRP B 69 43.38 10.75 35.90
CA TRP B 69 44.00 10.20 37.10
C TRP B 69 43.22 10.60 38.35
N GLN B 70 43.74 10.22 39.52
CA GLN B 70 42.97 10.35 40.75
C GLN B 70 43.57 11.32 41.76
N ALA B 71 44.81 11.11 42.18
CA ALA B 71 45.34 11.92 43.27
C ALA B 71 45.77 13.29 42.76
N ASP B 72 45.51 14.32 43.55
CA ASP B 72 46.02 15.65 43.25
C ASP B 72 46.77 16.18 44.47
N GLN B 73 48.10 16.13 44.39
CA GLN B 73 49.02 16.85 45.25
C GLN B 73 49.94 17.67 44.36
N LYS B 74 49.30 18.42 43.46
CA LYS B 74 49.87 19.14 42.32
C LYS B 74 50.57 18.17 41.34
N ASP B 75 50.20 16.89 41.41
CA ASP B 75 50.93 15.83 40.73
C ASP B 75 50.19 15.24 39.54
N ILE B 76 48.90 15.53 39.39
CA ILE B 76 48.18 15.15 38.19
C ILE B 76 48.58 16.02 37.01
N SER B 77 49.27 17.13 37.26
CA SER B 77 49.73 18.01 36.20
C SER B 77 51.03 17.55 35.57
N ARG B 78 52.00 17.10 36.37
CA ARG B 78 53.25 16.64 35.79
C ARG B 78 53.30 15.14 35.56
N ILE B 79 52.24 14.42 35.92
CA ILE B 79 52.13 13.03 35.49
C ILE B 79 51.53 12.99 34.09
N GLU B 80 50.95 14.09 33.64
CA GLU B 80 50.51 14.20 32.26
C GLU B 80 51.56 14.87 31.39
N ALA B 81 52.48 15.62 31.99
CA ALA B 81 53.53 16.29 31.23
C ALA B 81 54.52 15.28 30.68
N THR B 82 54.69 14.15 31.35
CA THR B 82 55.55 13.09 30.82
C THR B 82 54.84 12.33 29.71
N GLU B 83 53.51 12.31 29.74
CA GLU B 83 52.77 11.67 28.65
C GLU B 83 52.77 12.56 27.41
N LYS B 84 52.55 13.86 27.59
CA LYS B 84 52.48 14.77 26.45
C LYS B 84 53.85 14.99 25.81
N ARG B 85 54.93 14.82 26.59
CA ARG B 85 56.27 14.94 26.03
C ARG B 85 56.60 13.77 25.14
N LEU B 86 56.33 12.55 25.61
CA LEU B 86 56.65 11.35 24.85
C LEU B 86 55.67 11.09 23.72
N GLY B 87 54.48 11.69 23.75
CA GLY B 87 53.49 11.40 22.74
C GLY B 87 52.86 10.02 22.90
N LEU B 88 52.46 9.68 24.13
CA LEU B 88 51.98 8.34 24.40
C LEU B 88 50.55 8.15 23.90
N GLN B 89 49.81 9.23 23.68
CA GLN B 89 48.46 9.12 23.13
C GLN B 89 48.49 8.70 21.67
N GLN B 90 49.31 9.36 20.85
CA GLN B 90 49.40 9.02 19.44
C GLN B 90 50.10 7.69 19.20
N LYS B 91 51.15 7.39 19.97
CA LYS B 91 51.92 6.17 19.75
C LYS B 91 51.22 4.92 20.23
N LEU B 92 50.13 5.05 20.98
CA LEU B 92 49.32 3.88 21.29
C LEU B 92 48.26 3.68 20.21
N LEU B 93 47.85 4.77 19.56
CA LEU B 93 46.95 4.66 18.42
C LEU B 93 47.67 4.08 17.21
N GLN B 94 48.91 4.52 16.97
CA GLN B 94 49.64 4.07 15.80
C GLN B 94 50.13 2.64 15.99
N CYS B 95 50.23 2.18 17.24
CA CYS B 95 50.60 0.80 17.50
C CYS B 95 49.43 -0.15 17.32
N LYS B 96 48.24 0.26 17.78
CA LYS B 96 47.08 -0.63 17.75
C LYS B 96 46.58 -0.85 16.33
N THR B 97 46.76 0.16 15.46
CA THR B 97 46.32 0.02 14.08
C THR B 97 47.21 -0.95 13.31
N LEU B 98 48.53 -0.90 13.56
CA LEU B 98 49.43 -1.84 12.90
C LEU B 98 49.22 -3.25 13.41
N ALA B 99 48.86 -3.39 14.69
CA ALA B 99 48.47 -4.69 15.19
C ALA B 99 47.13 -5.12 14.62
N ARG B 100 46.31 -4.16 14.23
CA ARG B 100 45.01 -4.47 13.65
C ARG B 100 45.15 -4.90 12.19
N LEU B 101 46.03 -4.23 11.44
CA LEU B 101 46.22 -4.55 10.03
C LEU B 101 47.06 -5.82 9.90
N TRP B 102 48.29 -5.77 10.37
CA TRP B 102 49.18 -6.92 10.30
C TRP B 102 48.86 -7.87 11.45
N GLY B 103 49.72 -8.87 11.63
CA GLY B 103 49.50 -9.85 12.67
C GLY B 103 49.68 -9.30 14.07
N GLY B 104 50.48 -8.25 14.21
CA GLY B 104 50.71 -7.66 15.52
C GLY B 104 51.77 -6.59 15.41
N ALA B 105 51.91 -5.84 16.49
CA ALA B 105 52.89 -4.76 16.55
C ALA B 105 53.33 -4.60 17.99
N ALA B 106 54.33 -3.75 18.20
CA ALA B 106 54.94 -3.62 19.51
C ALA B 106 55.65 -2.29 19.65
N ILE B 107 55.49 -1.66 20.80
CA ILE B 107 56.24 -0.47 21.17
C ILE B 107 57.19 -0.84 22.30
N VAL B 108 58.42 -0.32 22.24
CA VAL B 108 59.50 -0.72 23.14
C VAL B 108 59.90 0.47 24.01
N ILE B 109 60.06 0.24 25.30
CA ILE B 109 60.32 1.29 26.28
C ILE B 109 61.82 1.51 26.37
N GLY B 110 62.23 2.77 26.52
CA GLY B 110 63.63 3.03 26.81
C GLY B 110 63.86 3.86 28.05
N VAL B 111 64.38 3.25 29.08
CA VAL B 111 64.78 3.96 30.29
C VAL B 111 66.27 4.25 30.14
N LYS B 112 66.71 5.41 30.62
CA LYS B 112 68.10 5.80 30.48
C LYS B 112 69.01 4.88 31.29
N ASP B 113 70.14 4.51 30.66
CA ASP B 113 71.18 3.65 31.23
C ASP B 113 70.62 2.27 31.59
N GLN B 114 70.08 1.60 30.58
CA GLN B 114 69.60 0.23 30.67
C GLN B 114 70.24 -0.58 29.55
N ASP B 115 70.78 -1.74 29.90
CA ASP B 115 71.80 -2.37 29.06
C ASP B 115 71.24 -3.20 27.89
N MET B 116 70.51 -4.26 28.18
CA MET B 116 70.34 -5.34 27.20
C MET B 116 69.07 -6.10 27.60
N ALA B 117 68.83 -7.24 26.95
CA ALA B 117 67.74 -8.13 27.31
C ALA B 117 68.03 -8.87 28.60
N THR B 118 68.05 -8.14 29.71
CA THR B 118 68.18 -8.73 31.03
C THR B 118 66.82 -9.27 31.46
N PRO B 119 66.71 -9.95 32.61
CA PRO B 119 65.39 -10.01 33.24
C PRO B 119 65.08 -8.60 33.71
N PHE B 120 64.25 -7.93 32.93
CA PHE B 120 64.31 -6.49 32.77
C PHE B 120 63.05 -5.87 33.36
N GLU B 121 63.16 -5.42 34.59
CA GLU B 121 62.07 -4.64 35.17
C GLU B 121 62.45 -3.16 35.15
N PRO B 122 61.76 -2.34 34.36
CA PRO B 122 61.86 -0.90 34.55
C PRO B 122 60.91 -0.38 35.62
N GLU B 123 60.86 -1.05 36.77
CA GLU B 123 60.01 -0.65 37.88
C GLU B 123 60.79 -0.18 39.09
N THR B 124 62.02 -0.65 39.26
CA THR B 124 62.82 -0.30 40.42
C THR B 124 63.55 1.03 40.26
N VAL B 125 63.75 1.48 39.03
CA VAL B 125 64.53 2.70 38.78
C VAL B 125 63.71 3.92 39.22
N ASN B 126 64.21 4.63 40.23
CA ASN B 126 63.50 5.75 40.83
C ASN B 126 64.23 7.05 40.48
N LYS B 127 63.95 7.55 39.28
CA LYS B 127 64.60 8.74 38.75
C LYS B 127 63.59 9.46 37.87
N ASP B 128 64.08 10.35 37.02
CA ASP B 128 63.24 11.02 36.03
C ASP B 128 63.76 10.75 34.63
N ASP B 129 64.04 9.48 34.34
CA ASP B 129 64.78 9.08 33.16
C ASP B 129 63.92 8.22 32.24
N LEU B 130 63.37 8.85 31.20
CA LEU B 130 62.58 8.10 30.23
C LEU B 130 62.60 8.87 28.92
N VAL B 131 63.15 8.26 27.88
CA VAL B 131 63.37 8.97 26.62
C VAL B 131 62.73 8.27 25.41
N TYR B 132 62.89 6.95 25.30
CA TYR B 132 62.56 6.26 24.06
C TYR B 132 61.12 5.73 24.11
N LEU B 133 60.36 6.02 23.06
CA LEU B 133 59.16 5.26 22.70
C LEU B 133 59.14 5.12 21.17
N THR B 134 59.71 4.04 20.66
CA THR B 134 59.65 3.72 19.25
C THR B 134 58.73 2.53 19.06
N VAL B 135 57.92 2.60 18.02
CA VAL B 135 56.84 1.65 17.77
C VAL B 135 57.06 0.98 16.42
N MET B 136 57.10 -0.34 16.42
CA MET B 136 57.41 -1.11 15.23
C MET B 136 56.41 -2.25 15.07
N SER B 137 56.14 -2.60 13.82
CA SER B 137 55.22 -3.69 13.54
C SER B 137 55.92 -5.03 13.67
N ARG B 138 55.22 -6.08 13.27
CA ARG B 138 55.83 -7.40 13.22
C ARG B 138 56.78 -7.55 12.03
N ARG B 139 56.76 -6.58 11.12
CA ARG B 139 57.74 -6.56 10.04
C ARG B 139 59.15 -6.37 10.56
N GLU B 140 59.31 -5.60 11.65
CA GLU B 140 60.60 -5.16 12.12
C GLU B 140 60.97 -5.75 13.47
N LEU B 141 60.33 -6.84 13.87
CA LEU B 141 60.67 -7.60 15.07
C LEU B 141 60.95 -9.04 14.66
N SER B 142 61.27 -9.88 15.64
CA SER B 142 61.53 -11.29 15.38
C SER B 142 61.23 -12.15 16.60
N PRO B 143 60.24 -13.02 16.53
CA PRO B 143 59.80 -13.81 17.68
C PRO B 143 60.51 -15.15 17.83
N GLU B 144 61.84 -15.13 17.86
CA GLU B 144 62.61 -16.33 17.49
C GLU B 144 62.94 -17.24 18.66
N GLU B 145 61.93 -17.52 19.48
CA GLU B 145 61.85 -18.64 20.44
C GLU B 145 60.37 -18.82 20.78
N LEU B 146 60.07 -19.87 21.53
CA LEU B 146 58.77 -19.96 22.18
C LEU B 146 58.84 -20.25 23.68
N GLU B 147 59.72 -21.16 24.10
CA GLU B 147 59.97 -21.51 25.50
C GLU B 147 58.71 -21.99 26.22
N GLN B 148 58.33 -23.22 25.84
CA GLN B 148 57.11 -23.90 26.22
C GLN B 148 57.08 -24.38 27.68
N ASP B 149 57.99 -23.89 28.53
CA ASP B 149 58.03 -24.30 29.94
C ASP B 149 56.81 -23.77 30.69
N PRO B 150 55.94 -24.65 31.22
CA PRO B 150 54.67 -24.19 31.79
C PRO B 150 54.78 -23.60 33.19
N LEU B 151 55.79 -22.77 33.43
CA LEU B 151 55.96 -22.10 34.70
C LEU B 151 56.43 -20.67 34.56
N ASP B 152 56.85 -20.25 33.38
CA ASP B 152 57.47 -18.94 33.20
C ASP B 152 56.42 -17.87 32.98
N GLU B 153 56.74 -16.67 33.43
CA GLU B 153 56.05 -15.47 32.96
C GLU B 153 56.24 -15.35 31.45
N PHE B 154 55.24 -14.76 30.80
CA PHE B 154 55.04 -14.78 29.34
C PHE B 154 55.32 -16.16 28.73
N TYR B 155 54.55 -17.13 29.22
CA TYR B 155 54.48 -18.45 28.64
C TYR B 155 53.96 -18.40 27.20
N ALA B 156 54.53 -19.26 26.36
CA ALA B 156 54.26 -19.33 24.91
C ALA B 156 54.48 -17.99 24.21
N ARG B 157 55.43 -17.21 24.69
CA ARG B 157 55.74 -15.88 24.22
C ARG B 157 57.25 -15.77 24.05
N PRO B 158 57.72 -15.01 23.06
CA PRO B 158 58.98 -15.38 22.38
C PRO B 158 60.29 -15.21 23.14
N LYS B 159 60.34 -14.52 24.28
CA LYS B 159 61.48 -14.39 25.20
C LYS B 159 62.63 -13.55 24.65
N ARG B 160 62.66 -13.26 23.34
CA ARG B 160 63.80 -12.57 22.76
C ARG B 160 63.41 -12.00 21.40
N TYR B 161 63.79 -10.76 21.14
CA TYR B 161 63.39 -10.07 19.93
C TYR B 161 64.62 -9.52 19.22
N GLN B 162 64.96 -10.12 18.09
CA GLN B 162 65.99 -9.62 17.19
C GLN B 162 65.44 -8.37 16.51
N VAL B 163 65.84 -7.19 17.00
CA VAL B 163 65.32 -5.96 16.44
C VAL B 163 66.40 -4.88 16.43
N SER B 164 66.76 -4.41 15.23
CA SER B 164 67.61 -3.27 14.91
C SER B 164 67.63 -3.14 13.39
N ASN B 165 68.17 -2.02 12.92
CA ASN B 165 68.42 -1.83 11.51
C ASN B 165 69.81 -1.23 11.34
N GLY B 166 70.66 -1.90 10.57
CA GLY B 166 71.98 -1.37 10.30
C GLY B 166 73.06 -1.87 11.25
N ARG B 167 73.31 -1.09 12.30
CA ARG B 167 74.49 -1.20 13.15
C ARG B 167 74.62 -2.53 13.88
N ASN B 168 73.69 -2.83 14.79
CA ASN B 168 73.88 -3.96 15.70
C ASN B 168 72.72 -4.96 15.67
N LEU B 169 72.72 -5.89 16.62
CA LEU B 169 71.75 -6.98 16.67
C LEU B 169 70.64 -6.74 17.68
N SER B 170 71.01 -6.39 18.93
CA SER B 170 70.10 -5.87 19.96
C SER B 170 69.00 -6.86 20.33
N PHE B 171 69.41 -7.93 21.01
CA PHE B 171 68.43 -8.76 21.71
C PHE B 171 67.66 -7.93 22.73
N VAL B 172 66.34 -8.00 22.67
CA VAL B 172 65.46 -7.22 23.53
C VAL B 172 64.52 -8.18 24.26
N HIS B 173 64.35 -7.97 25.58
CA HIS B 173 63.54 -8.79 26.47
C HIS B 173 62.09 -8.33 26.41
N PRO B 174 61.12 -9.27 26.52
CA PRO B 174 59.70 -8.88 26.35
C PRO B 174 59.15 -7.94 27.39
N SER B 175 59.76 -7.87 28.58
CA SER B 175 59.29 -6.94 29.57
C SER B 175 59.71 -5.51 29.28
N ARG B 176 60.51 -5.29 28.25
CA ARG B 176 60.79 -3.99 27.68
C ARG B 176 59.78 -3.62 26.58
N ILE B 177 58.83 -4.52 26.29
CA ILE B 177 57.99 -4.41 25.10
C ILE B 177 56.52 -4.56 25.49
N VAL B 178 55.70 -3.64 24.99
CA VAL B 178 54.24 -3.79 24.99
C VAL B 178 53.85 -4.65 23.81
N HIS B 179 53.10 -5.71 24.06
CA HIS B 179 52.79 -6.74 23.08
C HIS B 179 51.34 -6.60 22.64
N GLN B 180 51.12 -6.22 21.39
CA GLN B 180 49.80 -5.99 20.85
C GLN B 180 49.51 -6.93 19.68
N VAL B 181 48.35 -7.56 19.70
CA VAL B 181 47.93 -8.46 18.63
C VAL B 181 46.57 -8.00 18.10
N GLY B 182 46.25 -8.43 16.88
CA GLY B 182 44.95 -8.17 16.31
C GLY B 182 43.86 -9.06 16.87
N GLU B 183 43.95 -10.35 16.57
CA GLU B 183 43.04 -11.36 17.11
C GLU B 183 43.86 -12.49 17.68
N THR B 184 43.51 -12.91 18.90
CA THR B 184 44.26 -13.97 19.55
C THR B 184 43.99 -15.31 18.87
N HIS B 185 45.06 -15.96 18.44
CA HIS B 185 44.98 -17.27 17.84
C HIS B 185 44.58 -18.30 18.90
N PRO B 186 43.75 -19.28 18.54
CA PRO B 186 43.28 -20.22 19.58
C PRO B 186 44.32 -21.22 20.02
N ASP B 187 45.13 -21.75 19.11
CA ASP B 187 46.17 -22.72 19.45
C ASP B 187 47.51 -22.10 19.07
N PRO B 188 48.14 -21.36 19.98
CA PRO B 188 49.32 -20.57 19.59
C PRO B 188 50.57 -21.41 19.36
N MET B 189 50.63 -22.65 19.83
CA MET B 189 51.81 -23.46 19.62
C MET B 189 51.78 -24.13 18.25
N LEU B 190 50.59 -24.44 17.75
CA LEU B 190 50.43 -25.07 16.45
C LEU B 190 50.37 -24.05 15.32
N ALA B 191 50.44 -22.76 15.65
CA ALA B 191 50.31 -21.69 14.67
C ALA B 191 51.51 -21.65 13.73
N THR B 192 51.26 -21.13 12.53
CA THR B 192 52.25 -21.13 11.46
C THR B 192 52.20 -19.78 10.75
N GLY B 193 52.84 -19.71 9.59
CA GLY B 193 52.87 -18.47 8.84
C GLY B 193 53.93 -17.53 9.36
N VAL B 194 53.81 -16.27 8.95
CA VAL B 194 54.78 -15.26 9.37
C VAL B 194 54.58 -14.91 10.83
N ASN B 195 53.33 -14.65 11.24
CA ASN B 195 53.00 -14.38 12.63
C ASN B 195 53.07 -15.67 13.43
N VAL B 196 54.19 -15.88 14.11
CA VAL B 196 54.37 -17.08 14.91
C VAL B 196 54.07 -16.77 16.36
N GLY B 197 54.80 -15.82 16.93
CA GLY B 197 54.52 -15.37 18.26
C GLY B 197 53.55 -14.23 18.36
N TRP B 198 52.93 -13.87 17.25
CA TRP B 198 52.00 -12.76 17.18
C TRP B 198 50.58 -13.28 17.03
N GLY B 199 49.64 -12.36 16.83
CA GLY B 199 48.26 -12.70 16.61
C GLY B 199 47.93 -12.77 15.14
N ASP B 200 46.63 -12.80 14.85
CA ASP B 200 46.16 -12.91 13.48
C ASP B 200 45.46 -11.63 13.08
N SER B 201 45.48 -11.35 11.78
CA SER B 201 44.94 -10.10 11.26
C SER B 201 43.43 -10.13 11.26
N THR B 202 42.82 -8.95 11.19
CA THR B 202 41.37 -8.86 11.18
C THR B 202 40.80 -8.67 9.78
N LEU B 203 41.62 -8.70 8.75
CA LEU B 203 41.10 -8.93 7.41
C LEU B 203 41.00 -10.42 7.10
N GLN B 204 41.34 -11.27 8.06
CA GLN B 204 41.22 -12.71 7.87
C GLN B 204 39.77 -13.14 7.86
N ALA B 205 39.02 -12.76 8.89
CA ALA B 205 37.66 -13.28 9.05
C ALA B 205 36.68 -12.58 8.13
N LEU B 206 36.82 -11.28 7.93
CA LEU B 206 35.89 -10.52 7.12
C LEU B 206 36.34 -10.37 5.67
N TYR B 207 37.16 -11.31 5.18
CA TYR B 207 37.59 -11.24 3.79
C TYR B 207 36.47 -11.65 2.84
N ASP B 208 35.71 -12.68 3.22
CA ASP B 208 34.63 -13.14 2.35
C ASP B 208 33.46 -12.16 2.35
N ALA B 209 33.17 -11.56 3.51
CA ALA B 209 32.09 -10.59 3.59
C ALA B 209 32.43 -9.31 2.84
N MET B 210 33.71 -8.96 2.77
CA MET B 210 34.12 -7.76 2.06
C MET B 210 34.02 -7.93 0.55
N MET B 211 34.47 -9.09 0.05
CA MET B 211 34.54 -9.26 -1.39
C MET B 211 33.18 -9.55 -2.01
N ASN B 212 32.20 -9.96 -1.20
CA ASN B 212 30.84 -10.08 -1.72
C ASN B 212 30.26 -8.69 -2.00
N SER B 213 30.53 -7.74 -1.12
CA SER B 213 29.94 -6.41 -1.29
C SER B 213 30.63 -5.62 -2.39
N ASP B 214 31.96 -5.74 -2.51
CA ASP B 214 32.67 -4.93 -3.48
C ASP B 214 32.52 -5.47 -4.89
N ASN B 215 32.18 -6.74 -5.05
CA ASN B 215 31.93 -7.26 -6.39
C ASN B 215 30.58 -6.79 -6.91
N THR B 216 29.55 -6.80 -6.06
CA THR B 216 28.22 -6.40 -6.49
C THR B 216 28.09 -4.90 -6.67
N GLN B 217 29.02 -4.11 -6.12
CA GLN B 217 29.03 -2.70 -6.45
C GLN B 217 29.53 -2.46 -7.87
N ALA B 218 30.51 -3.24 -8.30
CA ALA B 218 31.11 -3.01 -9.61
C ALA B 218 30.31 -3.69 -10.71
N ASN B 219 29.38 -4.56 -10.34
CA ASN B 219 28.53 -5.20 -11.34
C ASN B 219 27.30 -4.37 -11.63
N ILE B 220 26.65 -3.86 -10.59
CA ILE B 220 25.41 -3.11 -10.75
C ILE B 220 25.69 -1.74 -11.34
N ALA B 221 26.87 -1.20 -11.09
CA ALA B 221 27.26 0.04 -11.76
C ALA B 221 27.75 -0.20 -13.17
N SER B 222 27.90 -1.47 -13.59
CA SER B 222 28.21 -1.75 -14.98
C SER B 222 26.96 -1.85 -15.82
N LEU B 223 25.84 -2.24 -15.22
CA LEU B 223 24.59 -2.38 -15.95
C LEU B 223 24.00 -1.03 -16.34
N VAL B 224 24.44 0.06 -15.70
CA VAL B 224 23.80 1.34 -15.96
C VAL B 224 24.27 1.87 -17.32
N PHE B 225 25.47 1.47 -17.75
CA PHE B 225 25.91 1.79 -19.11
C PHE B 225 25.08 1.07 -20.15
N GLU B 226 24.79 -0.21 -19.92
CA GLU B 226 23.87 -0.95 -20.76
C GLU B 226 22.45 -0.86 -20.22
N ALA B 227 21.96 0.35 -20.01
CA ALA B 227 20.60 0.48 -19.49
C ALA B 227 19.58 0.16 -20.56
N ASN B 228 19.83 0.55 -21.80
CA ASN B 228 19.03 0.10 -22.94
C ASN B 228 19.89 0.16 -24.18
N VAL B 229 20.26 -1.00 -24.69
CA VAL B 229 20.97 -1.12 -25.95
C VAL B 229 19.97 -1.46 -27.03
N ASP B 230 20.18 -0.93 -28.24
CA ASP B 230 19.29 -1.17 -29.36
C ASP B 230 20.07 -1.61 -30.58
N VAL B 231 19.44 -2.46 -31.39
CA VAL B 231 20.06 -3.02 -32.58
C VAL B 231 19.28 -2.55 -33.80
N ILE B 232 19.93 -2.63 -34.96
CA ILE B 232 19.35 -2.26 -36.24
C ILE B 232 19.74 -3.34 -37.23
N GLY B 233 18.77 -4.05 -37.78
CA GLY B 233 19.08 -5.13 -38.69
C GLY B 233 18.90 -4.79 -40.15
N LEU B 234 19.99 -4.63 -40.89
CA LEU B 234 19.93 -4.41 -42.32
C LEU B 234 19.78 -5.75 -43.04
N PRO B 235 19.04 -5.79 -44.18
CA PRO B 235 18.81 -7.07 -44.87
C PRO B 235 20.05 -7.75 -45.44
N ASP B 236 20.83 -7.06 -46.28
CA ASP B 236 22.09 -7.59 -46.77
C ASP B 236 23.21 -6.72 -46.21
N PHE B 237 23.63 -7.08 -45.01
CA PHE B 237 24.68 -6.39 -44.29
C PHE B 237 26.01 -7.11 -44.43
N MET B 238 25.97 -8.34 -44.94
CA MET B 238 27.17 -9.12 -45.18
C MET B 238 28.01 -8.52 -46.30
N GLU B 239 27.39 -7.76 -47.19
CA GLU B 239 28.01 -7.34 -48.45
C GLU B 239 28.41 -5.88 -48.45
N ASN B 240 27.73 -5.03 -47.69
CA ASN B 240 28.20 -3.66 -47.50
C ASN B 240 29.51 -3.63 -46.72
N MET B 241 29.65 -4.51 -45.74
CA MET B 241 30.84 -4.56 -44.90
C MET B 241 31.90 -5.48 -45.49
N SER B 242 32.21 -5.33 -46.78
CA SER B 242 33.12 -6.23 -47.45
C SER B 242 34.35 -5.52 -48.00
N SER B 243 34.40 -4.20 -47.92
CA SER B 243 35.59 -3.46 -48.30
C SER B 243 35.69 -2.26 -47.35
N GLU B 244 36.69 -1.42 -47.56
CA GLU B 244 36.89 -0.24 -46.76
C GLU B 244 36.14 0.98 -47.26
N VAL B 245 36.06 1.17 -48.57
CA VAL B 245 35.42 2.35 -49.12
C VAL B 245 33.91 2.25 -49.05
N TYR B 246 33.39 1.03 -49.17
CA TYR B 246 31.95 0.83 -49.07
C TYR B 246 31.45 0.99 -47.64
N ARG B 247 32.20 0.48 -46.65
CA ARG B 247 31.66 0.45 -45.30
C ARG B 247 31.78 1.80 -44.62
N GLN B 248 32.67 2.66 -45.10
CA GLN B 248 32.73 4.00 -44.52
C GLN B 248 31.67 4.90 -45.13
N LYS B 249 31.15 4.52 -46.30
CA LYS B 249 29.99 5.19 -46.85
C LYS B 249 28.75 4.93 -46.00
N LEU B 250 28.72 3.76 -45.36
CA LEU B 250 27.59 3.37 -44.53
C LEU B 250 27.71 3.95 -43.12
N LEU B 251 28.87 3.78 -42.50
CA LEU B 251 29.03 4.11 -41.08
C LEU B 251 29.19 5.60 -40.85
N ASP B 252 29.56 6.36 -41.88
CA ASP B 252 29.58 7.81 -41.72
C ASP B 252 28.17 8.38 -41.75
N ARG B 253 27.25 7.72 -42.45
CA ARG B 253 25.90 8.24 -42.51
C ARG B 253 25.08 7.81 -41.29
N PHE B 254 25.34 6.60 -40.78
CA PHE B 254 24.67 6.18 -39.55
C PHE B 254 25.19 6.91 -38.32
N THR B 255 26.36 7.52 -38.38
CA THR B 255 26.79 8.37 -37.27
C THR B 255 25.90 9.60 -37.18
N LEU B 256 25.72 10.27 -38.32
CA LEU B 256 24.96 11.52 -38.32
C LEU B 256 23.47 11.25 -38.24
N ALA B 257 23.04 10.00 -38.41
CA ALA B 257 21.64 9.65 -38.32
C ALA B 257 21.25 9.04 -36.99
N ALA B 258 22.21 8.51 -36.23
CA ALA B 258 21.92 7.95 -34.91
C ALA B 258 22.53 8.78 -33.80
N ALA B 259 23.07 9.96 -34.12
CA ALA B 259 23.55 10.85 -33.07
C ALA B 259 22.41 11.60 -32.42
N GLY B 260 21.50 12.15 -33.20
CA GLY B 260 20.49 13.04 -32.70
C GLY B 260 19.10 12.47 -32.54
N LYS B 261 18.94 11.14 -32.52
CA LYS B 261 17.62 10.57 -32.33
C LYS B 261 17.16 10.78 -30.90
N GLY B 262 15.84 10.82 -30.72
CA GLY B 262 15.32 11.15 -29.42
C GLY B 262 13.97 11.84 -29.54
N ILE B 263 13.77 12.83 -28.67
CA ILE B 263 12.45 13.46 -28.57
C ILE B 263 12.19 14.37 -29.76
N ASN B 264 13.20 15.13 -30.18
CA ASN B 264 13.01 16.18 -31.16
C ASN B 264 13.44 15.79 -32.57
N LYS B 265 13.89 14.55 -32.78
CA LYS B 265 14.18 14.06 -34.12
C LYS B 265 13.60 12.67 -34.25
N THR B 266 13.15 12.33 -35.46
CA THR B 266 12.57 11.02 -35.74
C THR B 266 13.42 10.31 -36.77
N LEU B 267 13.72 9.04 -36.52
CA LEU B 267 14.47 8.24 -37.47
C LEU B 267 13.65 7.96 -38.73
N MET B 268 14.34 7.87 -39.85
CA MET B 268 13.75 7.37 -41.08
C MET B 268 14.46 6.10 -41.48
N LEU B 269 13.72 5.01 -41.60
CA LEU B 269 14.29 3.75 -42.00
C LEU B 269 13.51 3.19 -43.17
N ASP B 270 14.10 2.20 -43.83
CA ASP B 270 13.38 1.43 -44.82
C ASP B 270 12.38 0.51 -44.12
N ALA B 271 11.42 0.00 -44.87
CA ALA B 271 10.42 -0.87 -44.28
C ALA B 271 10.95 -2.25 -43.95
N GLU B 272 12.14 -2.61 -44.42
CA GLU B 272 12.77 -3.89 -44.09
C GLU B 272 13.58 -3.81 -42.81
N GLU B 273 14.16 -2.64 -42.53
CA GLU B 273 15.05 -2.47 -41.40
C GLU B 273 14.25 -2.46 -40.10
N VAL B 274 14.83 -3.06 -39.05
CA VAL B 274 14.02 -3.56 -37.95
C VAL B 274 13.92 -2.61 -36.76
N PHE B 275 15.05 -2.33 -36.12
CA PHE B 275 15.18 -1.42 -34.96
C PHE B 275 14.31 -1.88 -33.78
N THR B 276 14.76 -2.95 -33.15
CA THR B 276 14.25 -3.32 -31.83
C THR B 276 15.12 -2.71 -30.74
N ALA B 277 14.60 -2.72 -29.52
CA ALA B 277 15.25 -2.07 -28.37
C ALA B 277 15.12 -2.95 -27.15
N HIS B 278 16.25 -3.26 -26.53
CA HIS B 278 16.32 -4.23 -25.44
C HIS B 278 16.62 -3.54 -24.12
N SER B 279 15.62 -3.49 -23.25
CA SER B 279 15.73 -2.76 -22.00
C SER B 279 15.99 -3.75 -20.87
N ARG B 280 17.04 -3.51 -20.09
CA ARG B 280 17.38 -4.41 -19.00
C ARG B 280 16.51 -4.10 -17.79
N SER B 281 16.63 -4.92 -16.76
CA SER B 281 15.76 -4.84 -15.59
C SER B 281 16.57 -4.53 -14.35
N PHE B 282 16.11 -3.53 -13.59
CA PHE B 282 16.75 -3.12 -12.35
C PHE B 282 15.80 -3.32 -11.17
N ALA B 283 15.04 -4.40 -11.19
CA ALA B 283 14.10 -4.69 -10.10
C ALA B 283 14.83 -5.33 -8.94
N ASN B 284 14.57 -4.81 -7.73
CA ASN B 284 15.08 -5.30 -6.45
C ASN B 284 16.60 -5.29 -6.30
N LEU B 285 17.32 -4.65 -7.22
CA LEU B 285 18.78 -4.55 -7.14
C LEU B 285 19.24 -3.47 -6.23
N ASP B 286 18.39 -2.92 -5.37
CA ASP B 286 18.78 -1.92 -4.39
C ASP B 286 18.54 -2.37 -2.98
N LYS B 287 17.70 -3.35 -2.77
CA LYS B 287 17.64 -4.03 -1.50
C LYS B 287 18.71 -5.11 -1.40
N ILE B 288 19.28 -5.52 -2.53
CA ILE B 288 20.42 -6.43 -2.50
C ILE B 288 21.68 -5.68 -2.08
N MET B 289 21.85 -4.44 -2.56
CA MET B 289 23.04 -3.65 -2.26
C MET B 289 23.12 -3.28 -0.80
N GLU B 290 21.98 -3.21 -0.10
CA GLU B 290 22.01 -2.80 1.29
C GLU B 290 22.07 -4.00 2.23
N GLN B 291 21.72 -5.20 1.76
CA GLN B 291 21.87 -6.37 2.60
C GLN B 291 23.30 -6.89 2.64
N PHE B 292 24.16 -6.47 1.73
CA PHE B 292 25.56 -6.86 1.80
C PHE B 292 26.39 -5.95 2.68
N ILE B 293 26.02 -4.69 2.84
CA ILE B 293 26.76 -3.84 3.77
C ILE B 293 26.32 -4.06 5.21
N LEU B 294 25.17 -4.70 5.42
CA LEU B 294 24.85 -5.23 6.74
C LEU B 294 25.88 -6.26 7.17
N PHE B 295 26.20 -7.17 6.28
CA PHE B 295 27.04 -8.31 6.64
C PHE B 295 28.50 -7.91 6.74
N VAL B 296 28.89 -6.78 6.14
CA VAL B 296 30.22 -6.24 6.38
C VAL B 296 30.25 -5.55 7.74
N ALA B 297 29.23 -4.74 8.02
CA ALA B 297 29.18 -4.02 9.29
C ALA B 297 29.00 -4.96 10.47
N GLY B 298 28.31 -6.08 10.25
CA GLY B 298 28.24 -7.09 11.29
C GLY B 298 29.56 -7.82 11.47
N ALA B 299 30.31 -7.99 10.38
CA ALA B 299 31.61 -8.65 10.47
C ALA B 299 32.63 -7.77 11.16
N ALA B 300 32.59 -6.47 10.91
CA ALA B 300 33.46 -5.55 11.60
C ALA B 300 33.00 -5.24 13.01
N ASP B 301 31.79 -5.69 13.37
CA ASP B 301 31.12 -5.41 14.65
C ASP B 301 31.02 -3.90 14.89
N ILE B 302 30.57 -3.19 13.87
CA ILE B 302 30.27 -1.77 13.96
C ILE B 302 28.84 -1.59 13.46
N PRO B 303 27.97 -0.89 14.18
CA PRO B 303 26.62 -0.65 13.67
C PRO B 303 26.65 0.33 12.50
N LEU B 304 25.59 0.31 11.70
CA LEU B 304 25.54 1.21 10.54
C LEU B 304 25.23 2.65 10.90
N THR B 305 25.13 3.01 12.17
CA THR B 305 25.09 4.41 12.53
C THR B 305 26.48 4.99 12.75
N ARG B 306 27.52 4.16 12.72
CA ARG B 306 28.91 4.62 12.74
C ARG B 306 29.64 4.19 11.47
N PHE B 307 29.59 2.91 11.12
CA PHE B 307 29.94 2.47 9.78
C PHE B 307 28.94 3.08 8.80
N LEU B 308 29.43 3.50 7.63
CA LEU B 308 28.63 4.14 6.58
C LEU B 308 27.97 5.44 7.08
N GLY B 309 28.61 6.10 8.05
CA GLY B 309 28.13 7.31 8.69
C GLY B 309 26.78 7.11 9.36
N GLN B 310 26.00 8.18 9.42
CA GLN B 310 24.60 8.08 9.80
C GLN B 310 23.82 7.76 8.54
N SER B 311 23.54 6.50 8.32
CA SER B 311 22.87 6.04 7.10
C SER B 311 21.38 6.16 7.27
N PRO B 312 20.63 6.59 6.24
CA PRO B 312 19.18 6.62 6.34
C PRO B 312 18.53 5.25 6.46
N ALA B 313 19.24 4.20 6.06
CA ALA B 313 18.73 2.83 6.21
C ALA B 313 19.12 2.23 7.56
N GLY B 314 18.86 2.98 8.62
CA GLY B 314 18.93 2.47 9.97
C GLY B 314 17.59 2.67 10.66
N MET B 315 16.87 1.60 10.95
CA MET B 315 15.54 1.70 11.54
C MET B 315 15.45 0.83 12.79
N SER B 316 16.53 0.79 13.58
CA SER B 316 16.45 0.26 14.94
C SER B 316 17.29 1.07 15.91
N SER B 317 17.58 2.33 15.57
CA SER B 317 18.27 3.24 16.46
C SER B 317 17.21 4.05 17.21
N THR B 318 16.61 3.42 18.21
CA THR B 318 15.64 4.12 19.05
C THR B 318 16.37 5.10 19.97
N GLY B 319 15.71 6.22 20.24
CA GLY B 319 16.36 7.43 20.73
C GLY B 319 16.97 7.43 22.12
N GLN B 320 17.14 6.27 22.75
CA GLN B 320 17.81 6.17 24.03
C GLN B 320 18.94 5.15 24.02
N HIS B 321 18.88 4.16 23.13
CA HIS B 321 19.83 3.05 23.08
C HIS B 321 20.43 2.95 21.68
N ASP B 322 20.89 4.08 21.15
CA ASP B 322 21.41 4.12 19.78
C ASP B 322 22.68 3.29 19.64
N MET B 323 23.74 3.67 20.34
CA MET B 323 25.05 3.07 20.18
C MET B 323 25.60 2.59 21.51
N LYS B 324 24.72 2.11 22.38
CA LYS B 324 25.19 1.64 23.68
C LYS B 324 25.88 0.28 23.58
N ASN B 325 25.68 -0.44 22.47
CA ASN B 325 26.43 -1.68 22.27
C ASN B 325 27.83 -1.39 21.75
N TYR B 326 28.01 -0.28 21.05
CA TYR B 326 29.30 0.03 20.45
C TYR B 326 30.26 0.56 21.51
N HIS B 327 29.74 1.22 22.55
CA HIS B 327 30.62 1.65 23.62
C HIS B 327 30.85 0.53 24.63
N ASP B 328 30.06 -0.54 24.57
CA ASP B 328 30.35 -1.72 25.38
C ASP B 328 31.44 -2.56 24.74
N ARG B 329 31.69 -2.36 23.46
CA ARG B 329 32.76 -3.09 22.79
C ARG B 329 34.11 -2.39 22.98
N ILE B 330 34.09 -1.07 23.04
CA ILE B 330 35.33 -0.31 23.20
C ILE B 330 35.85 -0.42 24.62
N GLN B 331 34.96 -0.43 25.61
CA GLN B 331 35.39 -0.65 26.98
C GLN B 331 35.87 -2.07 27.24
N SER B 332 35.62 -3.00 26.33
CA SER B 332 36.22 -4.31 26.37
C SER B 332 37.55 -4.37 25.63
N ILE B 333 37.98 -3.29 25.01
CA ILE B 333 39.36 -3.16 24.54
C ILE B 333 40.20 -2.40 25.54
N GLN B 334 39.62 -1.37 26.14
CA GLN B 334 40.34 -0.54 27.11
C GLN B 334 40.66 -1.30 28.39
N THR B 335 39.95 -2.38 28.71
CA THR B 335 40.21 -3.12 29.93
C THR B 335 40.64 -4.56 29.67
N LEU B 336 40.84 -4.96 28.41
CA LEU B 336 41.28 -6.31 28.13
C LEU B 336 42.43 -6.40 27.12
N ASP B 337 42.73 -5.34 26.37
CA ASP B 337 43.85 -5.34 25.45
C ASP B 337 44.83 -4.21 25.69
N LEU B 338 44.40 -3.11 26.30
CA LEU B 338 45.29 -1.99 26.57
C LEU B 338 45.62 -1.88 28.04
N GLN B 339 44.76 -2.39 28.91
CA GLN B 339 45.05 -2.37 30.35
C GLN B 339 46.08 -3.40 30.79
N PRO B 340 46.05 -4.69 30.38
CA PRO B 340 47.09 -5.59 30.89
C PRO B 340 48.44 -5.39 30.25
N SER B 341 48.51 -5.09 28.95
CA SER B 341 49.80 -5.03 28.26
C SER B 341 50.61 -3.81 28.64
N MET B 342 49.98 -2.81 29.27
CA MET B 342 50.68 -1.63 29.77
C MET B 342 50.98 -1.76 31.26
N TYR B 343 51.37 -2.96 31.71
CA TYR B 343 51.68 -3.16 33.13
C TYR B 343 53.13 -2.84 33.45
N ARG B 344 54.04 -2.92 32.48
CA ARG B 344 55.40 -2.45 32.74
C ARG B 344 55.52 -0.95 32.50
N LEU B 345 54.66 -0.42 31.64
CA LEU B 345 54.30 0.99 31.73
C LEU B 345 53.30 1.17 32.87
N ASP B 346 52.91 2.43 33.10
CA ASP B 346 51.81 2.84 33.98
C ASP B 346 52.08 2.56 35.47
N GLU B 347 53.14 1.83 35.78
CA GLU B 347 53.79 1.82 37.07
C GLU B 347 55.21 2.35 36.98
N ALA B 348 55.74 2.47 35.77
CA ALA B 348 57.01 3.12 35.52
C ALA B 348 56.85 4.62 35.27
N ILE B 349 55.70 5.04 34.74
CA ILE B 349 55.49 6.45 34.47
C ILE B 349 54.96 7.18 35.70
N ILE B 350 54.31 6.46 36.62
CA ILE B 350 53.98 7.06 37.90
C ILE B 350 55.17 6.94 38.82
N ARG B 351 56.14 6.10 38.47
CA ARG B 351 57.43 6.08 39.12
C ARG B 351 58.27 7.29 38.75
N SER B 352 58.05 7.86 37.56
CA SER B 352 58.79 9.02 37.08
C SER B 352 58.24 10.34 37.60
N SER B 353 57.48 10.33 38.70
CA SER B 353 57.14 11.54 39.43
C SER B 353 58.18 11.79 40.52
N LEU B 354 59.40 12.08 40.05
CA LEU B 354 60.60 12.30 40.87
C LEU B 354 60.92 11.10 41.76
N GLY B 355 60.75 9.90 41.21
CA GLY B 355 61.16 8.68 41.89
C GLY B 355 60.16 8.09 42.85
N ALA B 356 59.22 8.89 43.36
CA ALA B 356 58.32 8.46 44.41
C ALA B 356 57.03 7.93 43.80
N ARG B 357 56.59 6.76 44.25
CA ARG B 357 55.37 6.15 43.75
C ARG B 357 54.43 5.82 44.90
N PRO B 358 53.24 6.41 44.94
CA PRO B 358 52.27 6.03 45.97
C PRO B 358 51.66 4.66 45.72
N GLU B 359 50.79 4.21 46.61
CA GLU B 359 50.06 2.96 46.42
C GLU B 359 48.61 3.17 45.99
N GLU B 360 47.91 4.12 46.60
CA GLU B 360 46.52 4.38 46.25
C GLU B 360 46.41 5.43 45.15
N LEU B 361 47.16 5.21 44.07
CA LEU B 361 47.15 6.05 42.88
C LEU B 361 46.75 5.16 41.71
N PHE B 362 45.67 5.54 41.04
CA PHE B 362 45.15 4.74 39.93
C PHE B 362 44.46 5.67 38.95
N TYR B 363 43.75 5.09 37.98
CA TYR B 363 43.00 5.87 37.01
C TYR B 363 41.79 5.07 36.58
N ILE B 364 40.85 5.77 35.95
CA ILE B 364 39.75 5.18 35.23
C ILE B 364 39.80 5.68 33.80
N TRP B 365 39.07 5.01 32.93
CA TRP B 365 38.99 5.43 31.54
C TRP B 365 37.87 6.44 31.40
N SER B 366 38.06 7.41 30.51
CA SER B 366 37.10 8.49 30.34
C SER B 366 35.82 7.96 29.69
N PRO B 367 34.67 8.55 30.00
CA PRO B 367 33.43 8.14 29.32
C PRO B 367 33.45 8.50 27.85
N LEU B 368 32.73 7.71 27.06
CA LEU B 368 32.82 7.76 25.61
C LEU B 368 31.71 8.54 24.95
N GLU B 369 30.53 8.66 25.58
CA GLU B 369 29.43 9.37 24.96
C GLU B 369 29.69 10.87 25.00
N GLN B 370 29.67 11.50 23.83
CA GLN B 370 29.67 12.95 23.77
C GLN B 370 28.37 13.48 24.35
N MET B 371 28.47 14.54 25.15
CA MET B 371 27.30 15.16 25.74
C MET B 371 27.10 16.54 25.14
N SER B 372 25.84 16.96 25.06
CA SER B 372 25.54 18.28 24.51
C SER B 372 25.93 19.37 25.48
N GLU B 373 25.94 20.61 25.00
CA GLU B 373 26.33 21.72 25.86
C GLU B 373 25.25 22.05 26.87
N LYS B 374 23.98 21.89 26.49
CA LYS B 374 22.91 22.09 27.45
C LYS B 374 22.82 20.93 28.43
N GLU B 375 23.21 19.73 27.99
CA GLU B 375 23.19 18.59 28.90
C GLU B 375 24.32 18.66 29.91
N ARG B 376 25.45 19.29 29.55
CA ARG B 376 26.52 19.43 30.53
C ARG B 376 26.20 20.52 31.54
N ALA B 377 25.31 21.44 31.19
CA ALA B 377 24.82 22.38 32.19
C ALA B 377 23.86 21.71 33.15
N GLU B 378 23.07 20.76 32.64
CA GLU B 378 22.09 20.09 33.49
C GLU B 378 22.73 19.02 34.35
N ILE B 379 23.88 18.50 33.92
CA ILE B 379 24.63 17.57 34.75
C ILE B 379 25.27 18.30 35.91
N GLY B 380 25.85 19.48 35.64
CA GLY B 380 26.52 20.23 36.70
C GLY B 380 25.56 20.84 37.70
N LYS B 381 24.29 20.99 37.30
CA LYS B 381 23.29 21.50 38.23
C LYS B 381 22.88 20.42 39.21
N LEU B 382 23.05 19.16 38.85
CA LEU B 382 22.69 18.08 39.76
C LEU B 382 23.83 17.71 40.69
N HIS B 383 25.08 17.86 40.25
CA HIS B 383 26.21 17.53 41.12
C HIS B 383 26.32 18.51 42.27
N ALA B 384 25.93 19.76 42.04
CA ALA B 384 25.87 20.73 43.13
C ALA B 384 24.76 20.41 44.10
N GLU B 385 23.76 19.64 43.70
CA GLU B 385 22.62 19.36 44.55
C GLU B 385 22.70 18.02 45.27
N THR B 386 23.62 17.13 44.89
CA THR B 386 23.90 15.98 45.74
C THR B 386 24.75 16.41 46.92
N VAL B 387 25.60 17.41 46.73
CA VAL B 387 26.45 17.91 47.79
C VAL B 387 25.63 18.61 48.85
N ASN B 388 24.61 19.36 48.42
CA ASN B 388 23.75 20.09 49.34
C ASN B 388 22.95 19.15 50.23
N VAL B 389 22.69 17.93 49.76
CA VAL B 389 21.96 16.98 50.58
C VAL B 389 22.92 16.18 51.46
N ILE B 390 24.11 15.87 50.94
CA ILE B 390 25.10 15.13 51.72
C ILE B 390 25.70 16.00 52.81
N ALA B 391 26.01 17.26 52.49
CA ALA B 391 26.58 18.14 53.51
C ALA B 391 25.53 18.58 54.52
N GLY B 392 24.24 18.48 54.18
CA GLY B 392 23.20 18.88 55.12
C GLY B 392 23.04 17.89 56.26
N THR B 393 23.33 16.62 56.00
CA THR B 393 23.35 15.61 57.05
C THR B 393 24.76 15.48 57.56
N GLY B 394 24.91 15.28 58.86
CA GLY B 394 26.25 15.17 59.38
C GLY B 394 26.77 13.77 59.24
N LEU B 395 27.52 13.51 58.16
CA LEU B 395 28.18 12.23 57.97
C LEU B 395 29.59 12.35 57.45
N PHE B 396 30.00 13.51 56.94
CA PHE B 396 31.35 13.72 56.43
C PHE B 396 31.87 15.06 56.92
N MET B 397 33.19 15.19 57.00
CA MET B 397 33.79 16.46 57.34
C MET B 397 33.55 17.46 56.22
N GLN B 398 33.33 18.73 56.60
CA GLN B 398 33.27 19.77 55.59
C GLN B 398 34.67 20.16 55.13
N GLU B 399 35.69 19.84 55.93
CA GLU B 399 37.06 19.86 55.43
C GLU B 399 37.26 18.82 54.34
N GLU B 400 36.53 17.71 54.42
CA GLU B 400 36.74 16.60 53.52
C GLU B 400 36.06 16.82 52.17
N LEU B 401 34.86 17.41 52.17
CA LEU B 401 34.09 17.54 50.94
C LEU B 401 34.69 18.57 49.98
N ARG B 402 35.60 19.40 50.49
CA ARG B 402 36.28 20.35 49.62
C ARG B 402 37.21 19.64 48.65
N GLU B 403 37.81 18.53 49.07
CA GLU B 403 38.66 17.74 48.18
C GLU B 403 37.88 16.90 47.19
N VAL B 404 36.86 16.18 47.64
CA VAL B 404 36.15 15.23 46.80
C VAL B 404 35.29 15.93 45.76
N PHE B 405 34.48 16.90 46.19
CA PHE B 405 33.68 17.65 45.22
C PHE B 405 34.55 18.61 44.44
N GLY B 406 35.69 19.01 45.00
CA GLY B 406 36.64 19.79 44.21
C GLY B 406 37.30 18.98 43.12
N ASN B 407 37.41 17.67 43.31
CA ASN B 407 38.13 16.83 42.35
C ASN B 407 37.18 16.34 41.25
N GLN B 408 35.93 16.07 41.61
CA GLN B 408 34.93 15.59 40.65
C GLN B 408 34.47 16.70 39.72
N LEU B 409 34.59 17.95 40.15
CA LEU B 409 34.13 19.10 39.39
C LEU B 409 35.19 19.67 38.45
N VAL B 410 36.41 19.16 38.50
CA VAL B 410 37.45 19.53 37.54
C VAL B 410 37.48 18.57 36.36
N GLU B 411 37.36 17.27 36.61
CA GLU B 411 37.37 16.31 35.51
C GLU B 411 36.08 16.30 34.72
N THR B 412 35.01 16.91 35.25
CA THR B 412 33.82 17.16 34.47
C THR B 412 34.07 18.22 33.39
N GLY B 413 34.99 19.14 33.65
CA GLY B 413 35.25 20.20 32.70
C GLY B 413 34.33 21.39 32.84
N LEU B 414 33.57 21.45 33.94
CA LEU B 414 32.65 22.56 34.14
C LEU B 414 33.40 23.81 34.58
N TYR B 415 34.22 23.70 35.62
CA TYR B 415 35.04 24.79 36.13
C TYR B 415 36.51 24.40 36.01
N PRO B 416 37.09 24.50 34.80
CA PRO B 416 38.41 23.89 34.58
C PRO B 416 39.54 24.67 35.22
N GLY B 417 39.47 25.99 35.26
CA GLY B 417 40.50 26.77 35.90
C GLY B 417 40.32 26.82 37.40
N LEU B 418 40.46 25.67 38.07
CA LEU B 418 40.25 25.57 39.52
C LEU B 418 41.55 25.08 40.13
N GLY B 419 42.46 26.02 40.38
CA GLY B 419 43.67 25.74 41.13
C GLY B 419 43.50 26.14 42.58
N ASP B 420 43.15 25.17 43.42
CA ASP B 420 42.91 25.41 44.83
C ASP B 420 44.01 24.88 45.72
N LEU B 421 44.78 23.92 45.25
CA LEU B 421 45.85 23.34 46.04
C LEU B 421 47.09 24.21 45.95
N LEU B 422 47.61 24.60 47.13
CA LEU B 422 48.83 25.35 47.39
C LEU B 422 48.73 26.83 47.00
N ALA B 423 47.65 27.21 46.33
CA ALA B 423 47.42 28.60 45.99
C ALA B 423 46.32 29.23 46.83
N GLN B 424 45.22 28.51 47.01
CA GLN B 424 44.07 29.01 47.75
C GLN B 424 44.09 28.45 49.17
N ASN B 425 45.23 28.69 49.83
CA ASN B 425 45.59 28.13 51.14
C ASN B 425 45.52 26.61 51.15
N GLY B 426 45.76 26.00 49.99
CA GLY B 426 45.66 24.56 49.84
C GLY B 426 44.26 24.06 50.10
N ASN B 427 44.14 23.14 51.06
CA ASN B 427 42.87 22.74 51.62
C ASN B 427 42.86 23.19 53.07
N GLU B 428 42.52 24.47 53.29
CA GLU B 428 42.21 25.04 54.59
C GLU B 428 41.60 26.41 54.39
N LEU B 429 40.50 26.67 55.08
CA LEU B 429 39.89 27.98 55.20
C LEU B 429 39.96 28.39 56.67
N PRO B 430 39.87 29.68 56.97
CA PRO B 430 39.77 30.07 58.39
C PRO B 430 38.48 29.65 59.04
N GLU B 431 37.44 29.38 58.26
CA GLU B 431 36.12 29.22 58.80
C GLU B 431 35.71 27.78 59.06
N TRP B 432 36.62 26.80 59.01
CA TRP B 432 36.17 25.45 59.28
C TRP B 432 36.01 25.19 60.77
N ASP B 433 37.14 25.21 61.49
CA ASP B 433 37.20 24.84 62.88
C ASP B 433 37.20 26.04 63.81
N LEU B 434 37.71 27.17 63.34
CA LEU B 434 37.79 28.38 64.14
C LEU B 434 36.57 29.29 63.94
N GLU B 435 35.49 28.73 63.40
CA GLU B 435 34.23 29.43 63.25
C GLU B 435 33.07 28.60 63.78
N GLN B 436 33.27 27.30 63.96
CA GLN B 436 32.27 26.42 64.56
C GLN B 436 32.29 26.43 66.08
N ARG B 437 32.79 27.52 66.68
CA ARG B 437 32.72 27.69 68.13
C ARG B 437 31.28 27.79 68.60
N SER B 438 30.39 28.33 67.76
CA SER B 438 28.99 28.55 68.15
C SER B 438 28.25 27.24 68.31
N ALA B 439 28.68 26.17 67.62
CA ALA B 439 28.17 24.85 67.91
C ALA B 439 28.82 24.27 69.16
N GLU B 440 30.07 24.62 69.42
CA GLU B 440 30.77 24.19 70.61
C GLU B 440 30.46 25.06 71.83
N ALA B 441 29.83 26.21 71.62
CA ALA B 441 29.41 27.09 72.71
C ALA B 441 28.12 26.67 73.36
N SER B 442 27.11 26.34 72.57
CA SER B 442 25.79 26.04 73.11
C SER B 442 25.73 24.65 73.73
N THR B 443 26.64 23.75 73.36
CA THR B 443 26.76 22.50 74.08
C THR B 443 27.44 22.68 75.42
N LYS B 444 28.25 23.74 75.58
CA LYS B 444 28.77 24.08 76.90
C LYS B 444 27.71 24.75 77.75
N THR B 445 26.66 25.27 77.12
CA THR B 445 25.53 25.89 77.80
C THR B 445 24.34 24.94 77.84
N ALA B 446 24.54 23.69 77.40
CA ALA B 446 23.42 22.78 77.19
C ALA B 446 22.87 22.26 78.52
N GLU B 447 23.68 21.55 79.28
CA GLU B 447 23.26 21.05 80.59
C GLU B 447 23.82 21.86 81.75
N ALA B 448 24.80 22.73 81.50
CA ALA B 448 25.35 23.54 82.58
C ALA B 448 24.35 24.59 83.03
N ALA B 449 23.67 25.24 82.08
CA ALA B 449 22.72 26.28 82.37
C ALA B 449 21.27 25.78 82.31
N ALA B 450 21.06 24.47 82.39
CA ALA B 450 19.73 23.90 82.38
C ALA B 450 19.30 23.38 83.75
N LEU B 451 20.23 22.94 84.59
CA LEU B 451 19.89 22.53 85.94
C LEU B 451 20.76 23.33 86.92
N SER C 10 37.10 -19.51 3.44
CA SER C 10 36.35 -19.52 2.19
C SER C 10 35.65 -20.85 2.00
N LEU C 11 34.56 -20.84 1.26
CA LEU C 11 33.83 -22.05 0.95
C LEU C 11 34.28 -22.62 -0.38
N ARG C 12 34.13 -23.93 -0.53
CA ARG C 12 34.39 -24.60 -1.80
C ARG C 12 33.67 -25.93 -1.77
N SER C 13 32.80 -26.17 -2.74
CA SER C 13 32.05 -27.42 -2.82
C SER C 13 32.60 -28.27 -3.95
N MET C 14 32.58 -29.58 -3.77
CA MET C 14 33.13 -30.47 -4.78
C MET C 14 32.23 -30.62 -5.99
N ILE C 15 30.92 -30.65 -5.80
CA ILE C 15 29.98 -30.51 -6.89
C ILE C 15 29.52 -29.06 -6.90
N SER C 16 28.98 -28.63 -8.04
CA SER C 16 28.39 -27.32 -8.29
C SER C 16 29.35 -26.13 -8.23
N GLY C 17 30.64 -26.38 -7.96
CA GLY C 17 31.72 -25.40 -8.08
C GLY C 17 31.55 -24.09 -7.35
N LEU C 18 31.29 -24.12 -6.05
CA LEU C 18 30.86 -22.92 -5.35
C LEU C 18 32.03 -22.00 -5.03
N GLY C 19 33.24 -22.52 -4.98
CA GLY C 19 34.36 -21.67 -4.64
C GLY C 19 35.54 -21.85 -5.57
N ASP C 20 35.29 -22.36 -6.77
CA ASP C 20 36.34 -22.68 -7.70
C ASP C 20 36.81 -21.42 -8.41
N PRO C 21 38.09 -21.06 -8.32
CA PRO C 21 38.56 -19.82 -8.99
C PRO C 21 38.70 -19.93 -10.50
N LEU C 22 38.28 -21.03 -11.12
CA LEU C 22 38.21 -21.12 -12.56
C LEU C 22 36.79 -21.06 -13.09
N ARG C 23 35.83 -21.67 -12.40
CA ARG C 23 34.46 -21.71 -12.87
C ARG C 23 33.62 -20.61 -12.27
N ASP C 24 33.52 -20.55 -10.94
CA ASP C 24 32.78 -19.50 -10.26
C ASP C 24 33.60 -18.23 -10.25
N LYS C 25 32.93 -17.09 -10.40
CA LYS C 25 33.61 -15.80 -10.39
C LYS C 25 33.05 -14.86 -9.34
N ASN C 26 32.42 -15.40 -8.28
CA ASN C 26 31.78 -14.58 -7.25
C ASN C 26 32.78 -13.71 -6.52
N ALA C 27 33.64 -14.35 -5.76
CA ALA C 27 34.77 -13.68 -5.14
C ALA C 27 36.01 -14.53 -5.32
N SER C 28 35.87 -15.70 -5.92
CA SER C 28 36.96 -16.62 -6.16
C SER C 28 37.95 -16.11 -7.19
N THR C 29 37.56 -15.17 -8.03
CA THR C 29 38.46 -14.69 -9.06
C THR C 29 38.81 -13.23 -8.85
N PHE C 30 39.09 -12.80 -7.62
CA PHE C 30 39.29 -11.39 -7.38
C PHE C 30 40.50 -11.08 -6.54
N HIS C 31 41.07 -9.93 -6.82
CA HIS C 31 42.26 -9.43 -6.16
C HIS C 31 42.21 -7.91 -6.23
N TRP C 32 43.32 -7.27 -5.90
CA TRP C 32 43.42 -5.82 -5.95
C TRP C 32 44.76 -5.48 -6.58
N ASP C 33 44.74 -4.51 -7.48
CA ASP C 33 45.97 -3.92 -7.99
C ASP C 33 46.07 -2.51 -7.45
N ARG C 34 47.29 -2.07 -7.17
CA ARG C 34 47.53 -0.73 -6.66
C ARG C 34 47.19 0.29 -7.73
N GLN C 35 46.86 1.50 -7.31
CA GLN C 35 46.53 2.51 -8.29
C GLN C 35 47.22 3.82 -7.91
N LEU C 36 47.63 4.57 -8.94
CA LEU C 36 48.44 5.74 -8.74
C LEU C 36 47.91 6.89 -9.59
N ASP C 37 48.19 8.12 -9.14
CA ASP C 37 47.61 9.32 -9.73
C ASP C 37 48.39 10.54 -9.26
N ASP C 38 48.82 11.39 -10.19
CA ASP C 38 49.64 12.54 -9.84
C ASP C 38 49.08 13.84 -10.42
N ARG C 39 48.51 13.78 -11.62
CA ARG C 39 47.95 14.95 -12.29
C ARG C 39 46.45 15.07 -12.15
N GLN C 40 45.72 13.95 -12.25
CA GLN C 40 44.28 13.98 -12.15
C GLN C 40 43.76 14.23 -10.74
N LEU C 41 44.65 14.29 -9.74
CA LEU C 41 44.26 14.84 -8.46
C LEU C 41 43.87 16.31 -8.60
N LEU C 42 44.54 17.03 -9.49
CA LEU C 42 44.17 18.42 -9.73
C LEU C 42 42.89 18.50 -10.55
N TYR C 43 42.71 17.60 -11.52
CA TYR C 43 41.52 17.66 -12.37
C TYR C 43 40.27 17.28 -11.60
N ALA C 44 40.38 16.31 -10.68
CA ALA C 44 39.21 15.83 -9.98
C ALA C 44 38.80 16.80 -8.88
N TYR C 45 39.77 17.43 -8.21
CA TYR C 45 39.45 18.39 -7.17
C TYR C 45 38.81 19.63 -7.74
N ARG C 46 39.22 20.03 -8.93
CA ARG C 46 38.77 21.28 -9.49
C ARG C 46 37.46 21.15 -10.26
N ASN C 47 37.16 19.98 -10.81
CA ASN C 47 36.04 19.82 -11.72
C ASN C 47 34.97 18.86 -11.23
N SER C 48 34.99 18.46 -9.95
CA SER C 48 33.99 17.55 -9.42
C SER C 48 33.63 17.99 -8.02
N TRP C 49 32.33 18.19 -7.77
CA TRP C 49 31.90 18.61 -6.45
C TRP C 49 32.00 17.47 -5.44
N VAL C 50 32.02 16.24 -5.92
CA VAL C 50 32.15 15.09 -5.03
C VAL C 50 33.54 15.05 -4.42
N ALA C 51 34.56 15.33 -5.24
CA ALA C 51 35.93 15.21 -4.77
C ALA C 51 36.35 16.42 -3.96
N ARG C 52 35.82 17.59 -4.27
CA ARG C 52 36.19 18.79 -3.54
C ARG C 52 35.54 18.81 -2.17
N LYS C 53 34.36 18.23 -2.03
CA LYS C 53 33.66 18.23 -0.76
C LYS C 53 34.30 17.25 0.22
N ALA C 54 34.84 16.14 -0.28
CA ALA C 54 35.48 15.16 0.58
C ALA C 54 36.84 15.63 1.08
N VAL C 55 37.42 16.63 0.44
CA VAL C 55 38.71 17.16 0.88
C VAL C 55 38.52 18.29 1.88
N THR C 56 37.68 19.27 1.54
CA THR C 56 37.62 20.51 2.29
C THR C 56 36.84 20.39 3.59
N ILE C 57 35.64 19.81 3.54
CA ILE C 57 34.71 19.96 4.66
C ILE C 57 35.11 19.22 5.94
N PRO C 58 35.58 17.97 5.91
CA PRO C 58 36.07 17.38 7.18
C PRO C 58 37.35 18.01 7.71
N ALA C 59 38.02 18.86 6.96
CA ALA C 59 39.13 19.65 7.47
C ALA C 59 38.73 21.09 7.77
N LEU C 60 37.57 21.53 7.30
CA LEU C 60 37.14 22.90 7.54
C LEU C 60 36.37 23.01 8.84
N ASP C 61 35.72 21.92 9.25
CA ASP C 61 34.93 21.93 10.48
C ASP C 61 35.76 21.67 11.71
N ALA C 62 37.08 21.52 11.58
CA ALA C 62 37.94 21.31 12.72
C ALA C 62 38.57 22.59 13.23
N VAL C 63 38.45 23.69 12.50
CA VAL C 63 39.03 24.97 12.93
C VAL C 63 37.98 26.07 12.87
N ARG C 64 36.70 25.69 12.93
CA ARG C 64 35.65 26.71 12.96
C ARG C 64 35.64 27.44 14.30
N LYS C 65 35.52 26.69 15.39
CA LYS C 65 35.63 27.23 16.74
C LYS C 65 36.72 26.46 17.46
N TRP C 66 37.54 27.16 18.25
CA TRP C 66 38.84 26.60 18.59
C TRP C 66 39.49 27.40 19.71
N ARG C 67 40.04 26.65 20.68
CA ARG C 67 41.12 27.10 21.56
C ARG C 67 40.75 28.33 22.39
N ASP C 68 39.88 28.11 23.37
CA ASP C 68 39.71 29.07 24.45
C ASP C 68 40.73 28.78 25.55
N TRP C 69 41.58 29.76 25.86
CA TRP C 69 42.64 29.57 26.83
C TRP C 69 42.09 29.62 28.25
N GLN C 70 42.99 29.54 29.23
CA GLN C 70 42.56 29.34 30.62
C GLN C 70 42.91 30.50 31.54
N ALA C 71 44.18 30.88 31.66
CA ALA C 71 44.54 31.86 32.66
C ALA C 71 44.20 33.26 32.19
N ASP C 72 43.72 34.09 33.11
CA ASP C 72 43.49 35.50 32.81
C ASP C 72 44.22 36.34 33.86
N GLN C 73 45.36 36.88 33.48
CA GLN C 73 46.06 37.96 34.17
C GLN C 73 46.28 39.08 33.17
N LYS C 74 45.17 39.44 32.50
CA LYS C 74 45.09 40.32 31.32
C LYS C 74 45.88 39.73 30.15
N ASP C 75 46.14 38.42 30.17
CA ASP C 75 47.07 37.78 29.26
C ASP C 75 46.39 36.89 28.24
N ILE C 76 45.11 36.58 28.41
CA ILE C 76 44.36 35.89 27.38
C ILE C 76 44.04 36.82 26.21
N SER C 77 44.22 38.13 26.40
CA SER C 77 43.97 39.10 25.34
C SER C 77 45.15 39.24 24.38
N ARG C 78 46.38 39.28 24.90
CA ARG C 78 47.53 39.43 24.02
C ARG C 78 48.17 38.09 23.65
N ILE C 79 47.65 36.99 24.19
CA ILE C 79 48.06 35.69 23.67
C ILE C 79 47.22 35.34 22.44
N GLU C 80 46.12 36.07 22.23
CA GLU C 80 45.36 35.94 21.00
C GLU C 80 45.77 36.98 19.98
N ALA C 81 46.38 38.08 20.42
CA ALA C 81 46.82 39.11 19.50
C ALA C 81 47.99 38.64 18.65
N THR C 82 48.79 37.71 19.18
CA THR C 82 49.86 37.15 18.37
C THR C 82 49.32 36.12 17.39
N GLU C 83 48.17 35.51 17.71
CA GLU C 83 47.55 34.59 16.78
C GLU C 83 46.86 35.34 15.65
N LYS C 84 46.15 36.42 15.97
CA LYS C 84 45.42 37.18 14.97
C LYS C 84 46.35 37.96 14.06
N ARG C 85 47.54 38.30 14.55
CA ARG C 85 48.51 39.00 13.72
C ARG C 85 49.10 38.08 12.68
N LEU C 86 49.52 36.88 13.08
CA LEU C 86 50.13 35.93 12.18
C LEU C 86 49.12 35.23 11.28
N GLY C 87 47.84 35.24 11.62
CA GLY C 87 46.85 34.51 10.85
C GLY C 87 46.96 33.01 11.04
N LEU C 88 47.07 32.55 12.28
CA LEU C 88 47.29 31.14 12.55
C LEU C 88 46.02 30.32 12.37
N GLN C 89 44.84 30.96 12.40
CA GLN C 89 43.60 30.25 12.18
C GLN C 89 43.46 29.84 10.72
N GLN C 90 43.67 30.77 9.79
CA GLN C 90 43.56 30.47 8.38
C GLN C 90 44.69 29.59 7.86
N LYS C 91 45.91 29.82 8.34
CA LYS C 91 47.06 29.07 7.85
C LYS C 91 47.11 27.64 8.37
N LEU C 92 46.30 27.30 9.36
CA LEU C 92 46.18 25.89 9.74
C LEU C 92 45.10 25.22 8.92
N LEU C 93 44.10 25.98 8.47
CA LEU C 93 43.09 25.47 7.56
C LEU C 93 43.68 25.24 6.17
N GLN C 94 44.50 26.17 5.71
CA GLN C 94 45.05 26.07 4.36
C GLN C 94 46.14 25.01 4.30
N CYS C 95 46.73 24.68 5.46
CA CYS C 95 47.72 23.62 5.51
C CYS C 95 47.07 22.24 5.53
N LYS C 96 45.98 22.09 6.26
CA LYS C 96 45.35 20.78 6.43
C LYS C 96 44.67 20.33 5.15
N THR C 97 44.17 21.27 4.35
CA THR C 97 43.52 20.92 3.09
C THR C 97 44.54 20.44 2.06
N LEU C 98 45.72 21.07 2.01
CA LEU C 98 46.75 20.62 1.09
C LEU C 98 47.29 19.27 1.51
N ALA C 99 47.35 19.02 2.82
CA ALA C 99 47.71 17.69 3.28
C ALA C 99 46.60 16.70 2.98
N ARG C 100 45.36 17.19 2.89
CA ARG C 100 44.24 16.31 2.59
C ARG C 100 44.21 15.95 1.11
N LEU C 101 44.48 16.93 0.24
CA LEU C 101 44.45 16.69 -1.20
C LEU C 101 45.70 15.92 -1.64
N TRP C 102 46.87 16.53 -1.44
CA TRP C 102 48.12 15.90 -1.82
C TRP C 102 48.53 14.92 -0.71
N GLY C 103 49.76 14.41 -0.82
CA GLY C 103 50.24 13.46 0.16
C GLY C 103 50.49 14.07 1.52
N GLY C 104 50.76 15.37 1.57
CA GLY C 104 51.04 16.03 2.83
C GLY C 104 51.45 17.47 2.57
N ALA C 105 51.51 18.23 3.66
CA ALA C 105 51.90 19.62 3.59
C ALA C 105 52.56 20.00 4.90
N ALA C 106 53.11 21.22 4.95
CA ALA C 106 53.89 21.63 6.10
C ALA C 106 53.96 23.14 6.18
N ILE C 107 53.83 23.66 7.40
CA ILE C 107 54.05 25.07 7.68
C ILE C 107 55.32 25.18 8.53
N VAL C 108 56.14 26.20 8.23
CA VAL C 108 57.46 26.35 8.83
C VAL C 108 57.49 27.61 9.68
N ILE C 109 58.06 27.50 10.88
CA ILE C 109 58.05 28.59 11.86
C ILE C 109 59.28 29.45 11.63
N GLY C 110 59.12 30.76 11.79
CA GLY C 110 60.29 31.62 11.77
C GLY C 110 60.43 32.50 12.99
N VAL C 111 61.39 32.21 13.82
CA VAL C 111 61.72 33.05 14.96
C VAL C 111 62.86 33.96 14.50
N LYS C 112 62.84 35.21 14.96
CA LYS C 112 63.85 36.18 14.55
C LYS C 112 65.23 35.78 15.05
N ASP C 113 66.21 35.92 14.15
CA ASP C 113 67.63 35.64 14.39
C ASP C 113 67.84 34.17 14.76
N GLN C 114 67.42 33.31 13.84
CA GLN C 114 67.63 31.87 13.91
C GLN C 114 68.26 31.40 12.62
N ASP C 115 69.32 30.61 12.72
CA ASP C 115 70.27 30.47 11.63
C ASP C 115 69.87 29.46 10.55
N MET C 116 69.77 28.19 10.91
CA MET C 116 69.84 27.12 9.91
C MET C 116 69.18 25.89 10.50
N ALA C 117 69.32 24.74 9.83
CA ALA C 117 68.84 23.47 10.36
C ALA C 117 69.73 22.97 11.48
N THR C 118 69.70 23.65 12.61
CA THR C 118 70.39 23.22 13.82
C THR C 118 69.54 22.15 14.49
N PRO C 119 70.03 21.52 15.57
CA PRO C 119 69.07 20.89 16.48
C PRO C 119 68.30 22.02 17.12
N PHE C 120 67.09 22.24 16.62
CA PHE C 120 66.47 23.54 16.57
C PHE C 120 65.26 23.56 17.48
N GLU C 121 65.44 24.04 18.70
CA GLU C 121 64.31 24.27 19.57
C GLU C 121 63.98 25.76 19.60
N PRO C 122 62.85 26.16 19.06
CA PRO C 122 62.35 27.51 19.34
C PRO C 122 61.56 27.58 20.64
N GLU C 123 62.08 26.99 21.70
CA GLU C 123 61.44 26.98 23.01
C GLU C 123 62.21 27.78 24.05
N THR C 124 63.51 27.92 23.89
CA THR C 124 64.33 28.62 24.88
C THR C 124 64.35 30.11 24.67
N VAL C 125 64.03 30.59 23.47
CA VAL C 125 64.11 32.01 23.16
C VAL C 125 62.97 32.76 23.86
N ASN C 126 63.34 33.64 24.79
CA ASN C 126 62.38 34.35 25.64
C ASN C 126 62.37 35.82 25.25
N LYS C 127 61.62 36.13 24.19
CA LYS C 127 61.53 37.46 23.62
C LYS C 127 60.12 37.63 23.06
N ASP C 128 59.96 38.63 22.20
CA ASP C 128 58.70 38.83 21.49
C ASP C 128 58.92 38.78 19.99
N ASP C 129 59.64 37.76 19.54
CA ASP C 129 60.18 37.71 18.19
C ASP C 129 59.59 36.54 17.42
N LEU C 130 58.58 36.83 16.59
CA LEU C 130 57.99 35.78 15.76
C LEU C 130 57.37 36.45 14.55
N VAL C 131 57.85 36.12 13.36
CA VAL C 131 57.42 36.82 12.16
C VAL C 131 56.88 35.88 11.07
N TYR C 132 57.57 34.77 10.81
CA TYR C 132 57.28 33.96 9.63
C TYR C 132 56.27 32.87 9.95
N LEU C 133 55.23 32.76 9.13
CA LEU C 133 54.44 31.53 8.99
C LEU C 133 54.11 31.36 7.50
N THR C 134 54.96 30.63 6.79
CA THR C 134 54.71 30.28 5.40
C THR C 134 54.38 28.81 5.33
N VAL C 135 53.40 28.48 4.50
CA VAL C 135 52.82 27.15 4.43
C VAL C 135 52.98 26.62 3.01
N MET C 136 53.59 25.45 2.88
CA MET C 136 53.90 24.87 1.59
C MET C 136 53.49 23.41 1.56
N SER C 137 53.12 22.93 0.39
CA SER C 137 52.72 21.54 0.24
C SER C 137 53.94 20.66 0.08
N ARG C 138 53.70 19.39 -0.25
CA ARG C 138 54.80 18.48 -0.54
C ARG C 138 55.38 18.75 -1.92
N ARG C 139 54.73 19.58 -2.72
CA ARG C 139 55.31 20.01 -3.99
C ARG C 139 56.58 20.83 -3.78
N GLU C 140 56.64 21.60 -2.69
CA GLU C 140 57.69 22.59 -2.50
C GLU C 140 58.59 22.25 -1.32
N LEU C 141 58.61 21.00 -0.89
CA LEU C 141 59.52 20.51 0.13
C LEU C 141 60.30 19.33 -0.45
N SER C 142 61.18 18.74 0.36
CA SER C 142 61.96 17.58 -0.08
C SER C 142 62.36 16.72 1.10
N PRO C 143 61.86 15.49 1.18
CA PRO C 143 62.12 14.63 2.33
C PRO C 143 63.35 13.74 2.20
N GLU C 144 64.51 14.35 1.93
CA GLU C 144 65.59 13.62 1.29
C GLU C 144 66.57 12.96 2.27
N GLU C 145 66.01 12.28 3.28
CA GLU C 145 66.66 11.28 4.13
C GLU C 145 65.54 10.46 4.78
N LEU C 146 65.93 9.40 5.48
CA LEU C 146 64.99 8.76 6.40
C LEU C 146 65.54 8.57 7.80
N GLU C 147 66.81 8.15 7.94
CA GLU C 147 67.52 7.99 9.21
C GLU C 147 66.80 7.01 10.15
N GLN C 148 66.93 5.74 9.76
CA GLN C 148 66.25 4.60 10.36
C GLN C 148 66.79 4.19 11.73
N ASP C 149 67.57 5.05 12.39
CA ASP C 149 68.12 4.75 13.72
C ASP C 149 67.02 4.68 14.76
N PRO C 150 66.78 3.53 15.41
CA PRO C 150 65.61 3.39 16.29
C PRO C 150 65.78 4.00 17.67
N LEU C 151 66.36 5.19 17.74
CA LEU C 151 66.52 5.90 18.99
C LEU C 151 66.27 7.39 18.88
N ASP C 152 66.16 7.94 17.67
CA ASP C 152 66.09 9.36 17.47
C ASP C 152 64.66 9.85 17.59
N GLU C 153 64.52 11.08 18.05
CA GLU C 153 63.29 11.83 17.86
C GLU C 153 63.04 12.00 16.37
N PHE C 154 61.76 12.07 16.01
CA PHE C 154 61.24 11.93 14.64
C PHE C 154 61.93 10.79 13.87
N TYR C 155 61.80 9.59 14.43
CA TYR C 155 62.18 8.36 13.76
C TYR C 155 61.36 8.15 12.50
N ALA C 156 62.02 7.61 11.47
CA ALA C 156 61.47 7.39 10.13
C ALA C 156 60.90 8.67 9.52
N ARG C 157 61.50 9.80 9.83
CA ARG C 157 61.08 11.12 9.41
C ARG C 157 62.30 11.89 8.92
N PRO C 158 62.13 12.75 7.91
CA PRO C 158 63.22 12.97 6.94
C PRO C 158 64.47 13.72 7.39
N LYS C 159 64.49 14.38 8.55
CA LYS C 159 65.64 15.02 9.19
C LYS C 159 66.13 16.28 8.46
N ARG C 160 65.72 16.52 7.22
CA ARG C 160 66.26 17.63 6.45
C ARG C 160 65.36 17.93 5.28
N TYR C 161 65.07 19.21 5.04
CA TYR C 161 64.14 19.62 4.01
C TYR C 161 64.79 20.64 3.09
N GLN C 162 65.07 20.22 1.87
CA GLN C 162 65.53 21.12 0.81
C GLN C 162 64.34 21.98 0.39
N VAL C 163 64.29 23.21 0.87
CA VAL C 163 63.16 24.08 0.56
C VAL C 163 63.62 25.53 0.38
N SER C 164 63.44 26.07 -0.81
CA SER C 164 63.62 27.46 -1.23
C SER C 164 63.20 27.55 -2.69
N ASN C 165 63.07 28.78 -3.17
CA ASN C 165 62.87 29.03 -4.59
C ASN C 165 63.76 30.19 -5.01
N GLY C 166 64.61 29.94 -6.00
CA GLY C 166 65.45 30.99 -6.51
C GLY C 166 66.83 31.04 -5.90
N ARG C 167 66.96 31.88 -4.87
CA ARG C 167 68.24 32.32 -4.32
C ARG C 167 69.11 31.22 -3.74
N ASN C 168 68.66 30.56 -2.68
CA ASN C 168 69.53 29.65 -1.95
C ASN C 168 68.96 28.24 -1.80
N LEU C 169 69.60 27.43 -0.95
CA LEU C 169 69.24 26.03 -0.78
C LEU C 169 68.41 25.77 0.48
N SER C 170 68.89 26.28 1.62
CA SER C 170 68.13 26.37 2.89
C SER C 170 67.69 24.99 3.40
N PHE C 171 68.68 24.23 3.89
CA PHE C 171 68.36 23.08 4.72
C PHE C 171 67.58 23.51 5.95
N VAL C 172 66.45 22.85 6.19
CA VAL C 172 65.56 23.17 7.30
C VAL C 172 65.34 21.92 8.13
N HIS C 173 65.42 22.07 9.45
CA HIS C 173 65.29 20.99 10.44
C HIS C 173 63.81 20.75 10.75
N PRO C 174 63.41 19.49 10.99
CA PRO C 174 61.98 19.20 11.18
C PRO C 174 61.34 19.83 12.40
N SER C 175 62.13 20.18 13.42
CA SER C 175 61.55 20.84 14.58
C SER C 175 61.21 22.30 14.32
N ARG C 176 61.56 22.83 13.16
CA ARG C 176 61.10 24.11 12.66
C ARG C 176 59.80 23.94 11.85
N ILE C 177 59.30 22.72 11.71
CA ILE C 177 58.24 22.41 10.75
C ILE C 177 57.12 21.64 11.45
N VAL C 178 55.88 22.08 11.23
CA VAL C 178 54.69 21.31 11.55
C VAL C 178 54.44 20.33 10.42
N HIS C 179 54.31 19.05 10.75
CA HIS C 179 54.26 17.97 9.77
C HIS C 179 52.84 17.44 9.69
N GLN C 180 52.18 17.65 8.54
CA GLN C 180 50.79 17.26 8.35
C GLN C 180 50.69 16.26 7.20
N VAL C 181 49.95 15.17 7.43
CA VAL C 181 49.71 14.16 6.41
C VAL C 181 48.21 13.96 6.24
N GLY C 182 47.83 13.39 5.10
CA GLY C 182 46.45 13.04 4.87
C GLY C 182 46.03 11.77 5.58
N GLU C 183 46.60 10.65 5.16
CA GLU C 183 46.38 9.36 5.81
C GLU C 183 47.72 8.72 6.07
N THR C 184 47.90 8.21 7.29
CA THR C 184 49.17 7.62 7.66
C THR C 184 49.36 6.28 6.96
N HIS C 185 50.47 6.17 6.23
CA HIS C 185 50.81 4.93 5.56
C HIS C 185 51.18 3.87 6.58
N PRO C 186 50.80 2.60 6.35
CA PRO C 186 51.05 1.59 7.38
C PRO C 186 52.50 1.16 7.48
N ASP C 187 53.21 1.04 6.36
CA ASP C 187 54.61 0.63 6.37
C ASP C 187 55.42 1.76 5.76
N PRO C 188 55.86 2.74 6.56
CA PRO C 188 56.45 3.96 5.98
C PRO C 188 57.83 3.76 5.39
N MET C 189 58.53 2.69 5.75
CA MET C 189 59.88 2.47 5.19
C MET C 189 59.81 1.83 3.81
N LEU C 190 58.79 1.02 3.58
CA LEU C 190 58.60 0.34 2.29
C LEU C 190 57.84 1.21 1.30
N ALA C 191 57.41 2.40 1.71
CA ALA C 191 56.60 3.28 0.89
C ALA C 191 57.39 3.82 -0.30
N THR C 192 56.66 4.15 -1.36
CA THR C 192 57.26 4.55 -2.62
C THR C 192 56.46 5.72 -3.18
N GLY C 193 56.69 6.05 -4.45
CA GLY C 193 56.00 7.15 -5.08
C GLY C 193 56.64 8.48 -4.73
N VAL C 194 55.88 9.54 -4.99
CA VAL C 194 56.38 10.88 -4.71
C VAL C 194 56.41 11.15 -3.22
N ASN C 195 55.32 10.85 -2.53
CA ASN C 195 55.25 10.97 -1.08
C ASN C 195 56.06 9.85 -0.42
N VAL C 196 57.29 10.19 -0.03
CA VAL C 196 58.16 9.21 0.59
C VAL C 196 58.12 9.39 2.10
N GLY C 197 58.48 10.58 2.56
CA GLY C 197 58.36 10.89 3.96
C GLY C 197 57.04 11.48 4.37
N TRP C 198 56.07 11.50 3.47
CA TRP C 198 54.77 12.08 3.71
C TRP C 198 53.74 10.98 3.83
N GLY C 199 52.47 11.39 3.94
CA GLY C 199 51.37 10.46 4.01
C GLY C 199 50.75 10.21 2.64
N ASP C 200 49.57 9.60 2.65
CA ASP C 200 48.89 9.26 1.43
C ASP C 200 47.62 10.09 1.31
N SER C 201 47.20 10.32 0.07
CA SER C 201 46.07 11.18 -0.20
C SER C 201 44.76 10.48 0.15
N THR C 202 43.70 11.27 0.32
CA THR C 202 42.41 10.70 0.63
C THR C 202 41.49 10.59 -0.56
N LEU C 203 41.97 10.91 -1.76
CA LEU C 203 41.29 10.43 -2.96
C LEU C 203 41.78 9.05 -3.37
N GLN C 204 42.67 8.45 -2.58
CA GLN C 204 43.15 7.11 -2.86
C GLN C 204 42.08 6.08 -2.59
N ALA C 205 41.51 6.11 -1.38
CA ALA C 205 40.61 5.05 -0.96
C ALA C 205 39.23 5.21 -1.57
N LEU C 206 38.74 6.44 -1.68
CA LEU C 206 37.40 6.69 -2.20
C LEU C 206 37.39 6.98 -3.69
N TYR C 207 38.37 6.50 -4.44
CA TYR C 207 38.38 6.71 -5.87
C TYR C 207 37.37 5.83 -6.57
N ASP C 208 37.25 4.57 -6.12
CA ASP C 208 36.30 3.66 -6.75
C ASP C 208 34.86 4.02 -6.41
N ALA C 209 34.63 4.46 -5.17
CA ALA C 209 33.29 4.85 -4.77
C ALA C 209 32.84 6.12 -5.46
N MET C 210 33.78 7.01 -5.77
CA MET C 210 33.43 8.26 -6.46
C MET C 210 33.07 8.01 -7.91
N MET C 211 33.83 7.16 -8.60
CA MET C 211 33.62 7.00 -10.04
C MET C 211 32.42 6.13 -10.35
N ASN C 212 31.95 5.34 -9.37
CA ASN C 212 30.69 4.62 -9.58
C ASN C 212 29.52 5.60 -9.60
N SER C 213 29.55 6.60 -8.73
CA SER C 213 28.42 7.51 -8.64
C SER C 213 28.40 8.50 -9.80
N ASP C 214 29.58 8.98 -10.22
CA ASP C 214 29.61 10.00 -11.27
C ASP C 214 29.36 9.42 -12.64
N ASN C 215 29.59 8.12 -12.83
CA ASN C 215 29.27 7.52 -14.12
C ASN C 215 27.77 7.33 -14.27
N THR C 216 27.10 6.87 -13.21
CA THR C 216 25.67 6.63 -13.30
C THR C 216 24.86 7.92 -13.30
N GLN C 217 25.45 9.05 -12.93
CA GLN C 217 24.76 10.31 -13.12
C GLN C 217 24.74 10.71 -14.58
N ALA C 218 25.84 10.44 -15.30
CA ALA C 218 25.93 10.88 -16.68
C ALA C 218 25.26 9.89 -17.62
N ASN C 219 24.93 8.70 -17.14
CA ASN C 219 24.23 7.73 -17.96
C ASN C 219 22.73 7.92 -17.89
N ILE C 220 22.20 8.12 -16.69
CA ILE C 220 20.76 8.23 -16.50
C ILE C 220 20.26 9.57 -17.03
N ALA C 221 21.11 10.59 -17.00
CA ALA C 221 20.75 11.85 -17.62
C ALA C 221 20.93 11.81 -19.14
N SER C 222 21.52 10.74 -19.67
CA SER C 222 21.57 10.59 -21.12
C SER C 222 20.32 9.91 -21.67
N LEU C 223 19.67 9.08 -20.85
CA LEU C 223 18.47 8.39 -21.31
C LEU C 223 17.28 9.32 -21.41
N VAL C 224 17.33 10.51 -20.80
CA VAL C 224 16.17 11.37 -20.81
C VAL C 224 16.01 12.02 -22.18
N PHE C 225 17.11 12.18 -22.91
CA PHE C 225 17.03 12.64 -24.30
C PHE C 225 16.37 11.59 -25.18
N GLU C 226 16.74 10.33 -25.00
CA GLU C 226 16.06 9.23 -25.67
C GLU C 226 14.92 8.71 -24.82
N ALA C 227 14.02 9.57 -24.40
CA ALA C 227 12.91 9.10 -23.58
C ALA C 227 11.91 8.32 -24.40
N ASN C 228 11.66 8.75 -25.64
CA ASN C 228 10.89 7.96 -26.58
C ASN C 228 11.29 8.38 -27.98
N VAL C 229 12.01 7.50 -28.67
CA VAL C 229 12.37 7.67 -30.07
C VAL C 229 11.38 6.88 -30.91
N ASP C 230 11.04 7.42 -32.08
CA ASP C 230 10.11 6.79 -32.99
C ASP C 230 10.68 6.71 -34.40
N VAL C 231 10.30 5.67 -35.11
CA VAL C 231 10.80 5.41 -36.45
C VAL C 231 9.62 5.45 -37.41
N ILE C 232 9.95 5.64 -38.69
CA ILE C 232 8.96 5.67 -39.77
C ILE C 232 9.54 4.85 -40.91
N GLY C 233 8.88 3.78 -41.29
CA GLY C 233 9.40 2.92 -42.33
C GLY C 233 8.74 3.11 -43.68
N LEU C 234 9.44 3.73 -44.63
CA LEU C 234 8.93 3.85 -45.99
C LEU C 234 9.22 2.57 -46.77
N PRO C 235 8.33 2.19 -47.70
CA PRO C 235 8.51 0.91 -48.44
C PRO C 235 9.74 0.86 -49.33
N ASP C 236 9.91 1.79 -50.26
CA ASP C 236 11.13 1.86 -51.08
C ASP C 236 11.85 3.15 -50.71
N PHE C 237 12.66 3.04 -49.66
CA PHE C 237 13.44 4.15 -49.16
C PHE C 237 14.88 4.08 -49.66
N MET C 238 15.25 2.95 -50.25
CA MET C 238 16.58 2.80 -50.82
C MET C 238 16.77 3.67 -52.04
N GLU C 239 15.69 4.06 -52.70
CA GLU C 239 15.74 4.67 -54.02
C GLU C 239 15.45 6.17 -53.99
N ASN C 240 14.68 6.65 -53.02
CA ASN C 240 14.53 8.08 -52.84
C ASN C 240 15.83 8.71 -52.37
N MET C 241 16.58 8.01 -51.53
CA MET C 241 17.84 8.52 -50.98
C MET C 241 19.01 8.14 -51.88
N SER C 242 18.90 8.38 -53.18
CA SER C 242 19.92 7.96 -54.13
C SER C 242 20.54 9.13 -54.88
N SER C 243 20.03 10.34 -54.69
CA SER C 243 20.64 11.52 -55.26
C SER C 243 20.44 12.67 -54.27
N GLU C 244 20.89 13.85 -54.64
CA GLU C 244 20.74 15.03 -53.79
C GLU C 244 19.44 15.76 -54.00
N VAL C 245 18.96 15.87 -55.24
CA VAL C 245 17.77 16.64 -55.53
C VAL C 245 16.52 15.88 -55.12
N TYR C 246 16.57 14.55 -55.22
CA TYR C 246 15.44 13.73 -54.81
C TYR C 246 15.28 13.68 -53.30
N ARG C 247 16.38 13.59 -52.56
CA ARG C 247 16.26 13.35 -51.12
C ARG C 247 15.94 14.64 -50.38
N GLN C 248 16.23 15.79 -50.97
CA GLN C 248 15.83 17.03 -50.31
C GLN C 248 14.38 17.35 -50.59
N LYS C 249 13.81 16.74 -51.64
CA LYS C 249 12.36 16.83 -51.85
C LYS C 249 11.62 16.06 -50.76
N LEU C 250 12.25 15.00 -50.23
CA LEU C 250 11.64 14.18 -49.20
C LEU C 250 11.84 14.78 -47.81
N LEU C 251 13.07 15.17 -47.49
CA LEU C 251 13.40 15.56 -46.12
C LEU C 251 12.95 16.98 -45.81
N ASP C 252 12.68 17.79 -46.82
CA ASP C 252 12.11 19.11 -46.54
C ASP C 252 10.64 18.98 -46.20
N ARG C 253 9.96 17.97 -46.73
CA ARG C 253 8.54 17.84 -46.43
C ARG C 253 8.32 17.12 -45.10
N PHE C 254 9.19 16.16 -44.77
CA PHE C 254 9.10 15.52 -43.46
C PHE C 254 9.53 16.43 -42.32
N THR C 255 10.26 17.51 -42.60
CA THR C 255 10.53 18.48 -41.55
C THR C 255 9.25 19.19 -41.16
N LEU C 256 8.51 19.69 -42.15
CA LEU C 256 7.32 20.46 -41.87
C LEU C 256 6.15 19.55 -41.49
N ALA C 257 6.30 18.24 -41.66
CA ALA C 257 5.25 17.32 -41.28
C ALA C 257 5.50 16.62 -39.96
N ALA C 258 6.75 16.59 -39.48
CA ALA C 258 7.06 15.99 -38.19
C ALA C 258 7.50 17.04 -37.18
N ALA C 259 7.37 18.32 -37.51
CA ALA C 259 7.65 19.36 -36.53
C ALA C 259 6.50 19.54 -35.56
N GLY C 260 5.28 19.61 -36.07
CA GLY C 260 4.13 19.97 -35.28
C GLY C 260 3.22 18.84 -34.85
N LYS C 261 3.66 17.59 -34.92
CA LYS C 261 2.81 16.49 -34.48
C LYS C 261 2.66 16.51 -32.97
N GLY C 262 1.56 15.97 -32.50
CA GLY C 262 1.28 16.06 -31.08
C GLY C 262 -0.22 16.07 -30.83
N ILE C 263 -0.63 16.89 -29.87
CA ILE C 263 -2.02 16.86 -29.41
C ILE C 263 -2.93 17.55 -30.42
N ASN C 264 -2.49 18.67 -30.99
CA ASN C 264 -3.35 19.50 -31.81
C ASN C 264 -3.14 19.30 -33.30
N LYS C 265 -2.26 18.40 -33.72
CA LYS C 265 -2.12 18.05 -35.13
C LYS C 265 -2.05 16.54 -35.25
N THR C 266 -2.59 16.00 -36.34
CA THR C 266 -2.59 14.58 -36.60
C THR C 266 -1.79 14.28 -37.86
N LEU C 267 -0.91 13.29 -37.79
CA LEU C 267 -0.14 12.88 -38.96
C LEU C 267 -1.03 12.24 -40.01
N MET C 268 -0.67 12.44 -41.26
CA MET C 268 -1.27 11.69 -42.36
C MET C 268 -0.19 10.86 -43.02
N LEU C 269 -0.38 9.55 -43.06
CA LEU C 269 0.57 8.67 -43.69
C LEU C 269 -0.15 7.80 -44.69
N ASP C 270 0.64 7.16 -45.56
CA ASP C 270 0.11 6.13 -46.42
C ASP C 270 -0.18 4.87 -45.59
N ALA C 271 -0.98 3.97 -46.15
CA ALA C 271 -1.32 2.76 -45.42
C ALA C 271 -0.19 1.76 -45.34
N GLU C 272 0.89 1.95 -46.10
CA GLU C 272 2.08 1.11 -46.04
C GLU C 272 3.05 1.57 -44.97
N GLU C 273 3.12 2.87 -44.72
CA GLU C 273 4.09 3.46 -43.81
C GLU C 273 3.71 3.14 -42.38
N VAL C 274 4.72 2.88 -41.54
CA VAL C 274 4.50 2.10 -40.33
C VAL C 274 4.29 2.94 -39.08
N PHE C 275 5.31 3.71 -38.68
CA PHE C 275 5.30 4.60 -37.51
C PHE C 275 5.03 3.84 -36.21
N THR C 276 6.04 3.09 -35.79
CA THR C 276 6.07 2.58 -34.43
C THR C 276 6.82 3.53 -33.51
N ALA C 277 6.67 3.33 -32.20
CA ALA C 277 7.23 4.22 -31.20
C ALA C 277 7.81 3.40 -30.06
N HIS C 278 9.07 3.64 -29.74
CA HIS C 278 9.82 2.83 -28.78
C HIS C 278 10.10 3.61 -27.51
N SER C 279 9.41 3.23 -26.43
CA SER C 279 9.50 3.97 -25.17
C SER C 279 10.43 3.23 -24.23
N ARG C 280 11.43 3.93 -23.69
CA ARG C 280 12.37 3.29 -22.80
C ARG C 280 11.77 3.21 -21.39
N SER C 281 12.49 2.57 -20.49
CA SER C 281 11.98 2.27 -19.16
C SER C 281 12.85 2.95 -18.10
N PHE C 282 12.20 3.66 -17.19
CA PHE C 282 12.87 4.33 -16.08
C PHE C 282 12.43 3.77 -14.74
N ALA C 283 12.23 2.46 -14.67
CA ALA C 283 11.80 1.80 -13.44
C ALA C 283 13.01 1.59 -12.54
N ASN C 284 12.84 1.96 -11.26
CA ASN C 284 13.81 1.77 -10.17
C ASN C 284 15.15 2.47 -10.38
N LEU C 285 15.27 3.34 -11.38
CA LEU C 285 16.52 4.08 -11.61
C LEU C 285 16.66 5.27 -10.74
N ASP C 286 15.89 5.41 -9.67
CA ASP C 286 16.04 6.50 -8.73
C ASP C 286 16.37 6.03 -7.34
N LYS C 287 16.11 4.77 -7.03
CA LYS C 287 16.67 4.18 -5.83
C LYS C 287 18.09 3.69 -6.08
N ILE C 288 18.49 3.55 -7.34
CA ILE C 288 19.88 3.25 -7.65
C ILE C 288 20.74 4.48 -7.46
N MET C 289 20.23 5.66 -7.87
CA MET C 289 20.99 6.90 -7.79
C MET C 289 21.26 7.30 -6.34
N GLU C 290 20.41 6.88 -5.41
CA GLU C 290 20.59 7.29 -4.02
C GLU C 290 21.39 6.26 -3.24
N GLN C 291 21.50 5.02 -3.71
CA GLN C 291 22.34 4.06 -3.02
C GLN C 291 23.81 4.23 -3.36
N PHE C 292 24.16 4.97 -4.41
CA PHE C 292 25.57 5.23 -4.68
C PHE C 292 26.10 6.44 -3.95
N ILE C 293 25.27 7.42 -3.59
CA ILE C 293 25.77 8.52 -2.80
C ILE C 293 25.83 8.17 -1.32
N LEU C 294 25.15 7.09 -0.90
CA LEU C 294 25.43 6.51 0.41
C LEU C 294 26.87 6.06 0.51
N PHE C 295 27.34 5.35 -0.52
CA PHE C 295 28.65 4.72 -0.45
C PHE C 295 29.77 5.72 -0.65
N VAL C 296 29.46 6.89 -1.22
CA VAL C 296 30.44 7.97 -1.24
C VAL C 296 30.50 8.66 0.11
N ALA C 297 29.33 8.92 0.70
CA ALA C 297 29.27 9.58 2.00
C ALA C 297 29.80 8.68 3.10
N GLY C 298 29.66 7.36 2.95
CA GLY C 298 30.29 6.45 3.89
C GLY C 298 31.79 6.39 3.71
N ALA C 299 32.26 6.55 2.46
CA ALA C 299 33.69 6.53 2.19
C ALA C 299 34.36 7.79 2.71
N ALA C 300 33.68 8.94 2.59
CA ALA C 300 34.21 10.18 3.14
C ALA C 300 34.01 10.28 4.63
N ASP C 301 33.25 9.35 5.22
CA ASP C 301 32.86 9.33 6.64
C ASP C 301 32.17 10.64 7.02
N ILE C 302 31.22 11.06 6.19
CA ILE C 302 30.36 12.20 6.48
C ILE C 302 28.93 11.70 6.33
N PRO C 303 28.04 11.96 7.29
CA PRO C 303 26.64 11.56 7.11
C PRO C 303 25.96 12.42 6.07
N LEU C 304 24.85 11.92 5.53
CA LEU C 304 24.13 12.67 4.49
C LEU C 304 23.33 13.84 5.03
N THR C 305 23.39 14.15 6.32
CA THR C 305 22.83 15.39 6.79
C THR C 305 23.84 16.53 6.75
N ARG C 306 25.10 16.25 6.41
CA ARG C 306 26.10 17.28 6.16
C ARG C 306 26.62 17.19 4.72
N PHE C 307 27.04 16.01 4.28
CA PHE C 307 27.21 15.74 2.87
C PHE C 307 25.85 15.81 2.20
N LEU C 308 25.81 16.38 0.99
CA LEU C 308 24.58 16.57 0.20
C LEU C 308 23.56 17.46 0.95
N GLY C 309 24.06 18.35 1.80
CA GLY C 309 23.27 19.25 2.64
C GLY C 309 22.35 18.48 3.57
N GLN C 310 21.22 19.10 3.91
CA GLN C 310 20.14 18.39 4.59
C GLN C 310 19.30 17.72 3.50
N SER C 311 19.57 16.46 3.25
CA SER C 311 18.89 15.74 2.18
C SER C 311 17.57 15.18 2.70
N PRO C 312 16.50 15.20 1.90
CA PRO C 312 15.25 14.58 2.34
C PRO C 312 15.31 13.08 2.47
N ALA C 313 16.29 12.43 1.85
CA ALA C 313 16.48 10.99 1.98
C ALA C 313 17.41 10.67 3.14
N GLY C 314 17.11 11.24 4.31
CA GLY C 314 17.73 10.84 5.56
C GLY C 314 16.65 10.46 6.55
N MET C 315 16.56 9.18 6.90
CA MET C 315 15.50 8.69 7.77
C MET C 315 16.11 7.90 8.94
N SER C 316 17.25 8.37 9.46
CA SER C 316 17.74 7.89 10.74
C SER C 316 18.35 9.02 11.56
N SER C 317 17.97 10.26 11.27
CA SER C 317 18.39 11.41 12.07
C SER C 317 17.30 11.68 13.11
N THR C 318 17.29 10.87 14.15
CA THR C 318 16.36 11.09 15.25
C THR C 318 16.78 12.32 16.05
N GLY C 319 15.78 13.04 16.57
CA GLY C 319 15.94 14.41 17.00
C GLY C 319 16.80 14.72 18.22
N GLN C 320 17.60 13.77 18.68
CA GLN C 320 18.54 14.01 19.77
C GLN C 320 19.96 13.60 19.41
N HIS C 321 20.13 12.67 18.48
CA HIS C 321 21.42 12.09 18.10
C HIS C 321 21.65 12.23 16.61
N ASP C 322 21.42 13.43 16.08
CA ASP C 322 21.52 13.68 14.65
C ASP C 322 22.96 13.49 14.14
N MET C 323 23.88 14.32 14.62
CA MET C 323 25.25 14.35 14.11
C MET C 323 26.24 14.20 15.24
N LYS C 324 25.90 13.40 16.25
CA LYS C 324 26.83 13.21 17.35
C LYS C 324 28.00 12.31 16.99
N ASN C 325 27.88 11.54 15.90
CA ASN C 325 29.02 10.78 15.42
C ASN C 325 29.98 11.64 14.62
N TYR C 326 29.47 12.69 13.99
CA TYR C 326 30.32 13.53 13.15
C TYR C 326 31.18 14.46 14.01
N HIS C 327 30.68 14.84 15.18
CA HIS C 327 31.51 15.64 16.07
C HIS C 327 32.44 14.77 16.89
N ASP C 328 32.21 13.46 16.92
CA ASP C 328 33.17 12.55 17.54
C ASP C 328 34.34 12.26 16.60
N ARG C 329 34.16 12.52 15.32
CA ARG C 329 35.24 12.33 14.36
C ARG C 329 36.15 13.55 14.29
N ILE C 330 35.57 14.74 14.48
CA ILE C 330 36.35 15.97 14.41
C ILE C 330 37.20 16.13 15.66
N GLN C 331 36.67 15.76 16.82
CA GLN C 331 37.46 15.79 18.04
C GLN C 331 38.57 14.74 18.06
N SER C 332 38.53 13.77 17.15
CA SER C 332 39.64 12.86 16.94
C SER C 332 40.64 13.38 15.92
N ILE C 333 40.38 14.53 15.31
CA ILE C 333 41.40 15.23 14.55
C ILE C 333 42.05 16.32 15.39
N GLN C 334 41.24 17.00 16.20
CA GLN C 334 41.74 18.07 17.05
C GLN C 334 42.66 17.59 18.15
N THR C 335 42.60 16.31 18.52
CA THR C 335 43.44 15.78 19.59
C THR C 335 44.38 14.69 19.12
N LEU C 336 44.42 14.39 17.82
CA LEU C 336 45.33 13.37 17.32
C LEU C 336 46.11 13.77 16.08
N ASP C 337 45.72 14.83 15.38
CA ASP C 337 46.47 15.31 14.22
C ASP C 337 46.89 16.76 14.33
N LEU C 338 46.18 17.57 15.11
CA LEU C 338 46.53 18.97 15.28
C LEU C 338 47.13 19.27 16.64
N GLN C 339 46.83 18.43 17.63
CA GLN C 339 47.40 18.62 18.96
C GLN C 339 48.85 18.17 19.07
N PRO C 340 49.29 16.99 18.56
CA PRO C 340 50.71 16.65 18.74
C PRO C 340 51.64 17.43 17.83
N SER C 341 51.25 17.69 16.59
CA SER C 341 52.17 18.30 15.63
C SER C 341 52.43 19.76 15.92
N MET C 342 51.62 20.39 16.75
CA MET C 342 51.82 21.76 17.19
C MET C 342 52.50 21.82 18.55
N TYR C 343 53.46 20.94 18.80
CA TYR C 343 54.16 20.92 20.08
C TYR C 343 55.36 21.87 20.10
N ARG C 344 55.94 22.17 18.94
CA ARG C 344 56.99 23.20 18.92
C ARG C 344 56.38 24.59 18.79
N LEU C 345 55.19 24.67 18.19
CA LEU C 345 54.29 25.77 18.49
C LEU C 345 53.62 25.52 19.84
N ASP C 346 52.79 26.48 20.26
CA ASP C 346 51.87 26.38 21.40
C ASP C 346 52.57 26.28 22.76
N GLU C 347 53.89 26.11 22.75
CA GLU C 347 54.77 26.42 23.85
C GLU C 347 55.74 27.52 23.49
N ALA C 348 55.87 27.83 22.21
CA ALA C 348 56.62 28.98 21.73
C ALA C 348 55.77 30.24 21.65
N ILE C 349 54.46 30.10 21.44
CA ILE C 349 53.59 31.26 21.35
C ILE C 349 53.12 31.71 22.72
N ILE C 350 53.08 30.80 23.70
CA ILE C 350 52.86 31.21 25.08
C ILE C 350 54.17 31.66 25.69
N ARG C 351 55.28 31.33 25.04
CA ARG C 351 56.57 31.90 25.39
C ARG C 351 56.67 33.35 24.94
N SER C 352 55.94 33.73 23.89
CA SER C 352 55.98 35.09 23.36
C SER C 352 55.04 36.03 24.10
N SER C 353 54.66 35.71 25.33
CA SER C 353 54.00 36.67 26.22
C SER C 353 55.06 37.37 27.07
N LEU C 354 55.88 38.17 26.36
CA LEU C 354 57.02 38.92 26.90
C LEU C 354 58.03 38.02 27.58
N GLY C 355 58.28 36.85 26.99
CA GLY C 355 59.33 35.96 27.44
C GLY C 355 58.95 35.01 28.56
N ALA C 356 57.92 35.32 29.33
CA ALA C 356 57.58 34.55 30.52
C ALA C 356 56.54 33.49 30.17
N ARG C 357 56.78 32.26 30.61
CA ARG C 357 55.87 31.17 30.35
C ARG C 357 55.48 30.48 31.65
N PRO C 358 54.20 30.48 32.01
CA PRO C 358 53.77 29.73 33.19
C PRO C 358 53.78 28.23 32.97
N GLU C 359 53.43 27.46 34.00
CA GLU C 359 53.31 26.02 33.87
C GLU C 359 51.86 25.55 33.80
N GLU C 360 50.99 26.10 34.64
CA GLU C 360 49.58 25.71 34.64
C GLU C 360 48.76 26.58 33.68
N LEU C 361 49.24 26.67 32.44
CA LEU C 361 48.58 27.39 31.37
C LEU C 361 48.34 26.40 30.25
N PHE C 362 47.07 26.23 29.87
CA PHE C 362 46.70 25.26 28.85
C PHE C 362 45.46 25.77 28.13
N TYR C 363 44.87 24.91 27.31
CA TYR C 363 43.65 25.25 26.60
C TYR C 363 42.83 23.98 26.38
N ILE C 364 41.57 24.19 26.06
CA ILE C 364 40.69 23.14 25.55
C ILE C 364 40.18 23.59 24.19
N TRP C 365 39.62 22.65 23.46
CA TRP C 365 39.03 22.94 22.17
C TRP C 365 37.58 23.34 22.37
N SER C 366 37.12 24.28 21.55
CA SER C 366 35.77 24.81 21.69
C SER C 366 34.74 23.75 21.31
N PRO C 367 33.56 23.78 21.92
CA PRO C 367 32.50 22.85 21.51
C PRO C 367 31.99 23.14 20.11
N LEU C 368 31.53 22.09 19.44
CA LEU C 368 31.24 22.14 18.02
C LEU C 368 29.77 22.33 17.70
N GLU C 369 28.86 21.93 18.59
CA GLU C 369 27.44 22.06 18.31
C GLU C 369 27.02 23.52 18.41
N GLN C 370 26.44 24.04 17.33
CA GLN C 370 25.80 25.34 17.40
C GLN C 370 24.58 25.26 18.30
N MET C 371 24.39 26.27 19.14
CA MET C 371 23.25 26.31 20.03
C MET C 371 22.33 27.45 19.62
N SER C 372 21.04 27.26 19.87
CA SER C 372 20.07 28.29 19.51
C SER C 372 20.17 29.47 20.47
N GLU C 373 19.51 30.57 20.10
CA GLU C 373 19.58 31.77 20.95
C GLU C 373 18.74 31.60 22.20
N LYS C 374 17.62 30.88 22.10
CA LYS C 374 16.84 30.62 23.30
C LYS C 374 17.50 29.55 24.16
N GLU C 375 18.25 28.65 23.55
CA GLU C 375 18.96 27.64 24.33
C GLU C 375 20.15 28.24 25.07
N ARG C 376 20.77 29.29 24.52
CA ARG C 376 21.88 29.91 25.23
C ARG C 376 21.37 30.77 26.38
N ALA C 377 20.10 31.19 26.33
CA ALA C 377 19.51 31.85 27.49
C ALA C 377 19.20 30.84 28.57
N GLU C 378 18.81 29.63 28.19
CA GLU C 378 18.46 28.61 29.17
C GLU C 378 19.69 27.95 29.76
N ILE C 379 20.81 27.99 29.05
CA ILE C 379 22.07 27.51 29.60
C ILE C 379 22.59 28.48 30.65
N GLY C 380 22.51 29.79 30.35
CA GLY C 380 23.01 30.78 31.29
C GLY C 380 22.16 30.92 32.52
N LYS C 381 20.89 30.50 32.44
CA LYS C 381 20.04 30.53 33.62
C LYS C 381 20.38 29.39 34.57
N LEU C 382 21.01 28.33 34.07
CA LEU C 382 21.38 27.23 34.93
C LEU C 382 22.76 27.42 35.56
N HIS C 383 23.67 28.10 34.85
CA HIS C 383 25.00 28.33 35.42
C HIS C 383 24.94 29.29 36.59
N ALA C 384 24.00 30.23 36.56
CA ALA C 384 23.79 31.09 37.71
C ALA C 384 23.20 30.34 38.89
N GLU C 385 22.58 29.19 38.65
CA GLU C 385 21.92 28.46 39.73
C GLU C 385 22.75 27.32 40.29
N THR C 386 23.83 26.92 39.62
CA THR C 386 24.79 26.03 40.28
C THR C 386 25.63 26.82 41.28
N VAL C 387 25.88 28.09 40.98
CA VAL C 387 26.66 28.94 41.86
C VAL C 387 25.89 29.23 43.13
N ASN C 388 24.58 29.44 43.01
CA ASN C 388 23.74 29.74 44.17
C ASN C 388 23.66 28.56 45.13
N VAL C 389 23.87 27.35 44.63
CA VAL C 389 23.85 26.18 45.52
C VAL C 389 25.24 25.91 46.06
N ILE C 390 26.29 26.15 45.27
CA ILE C 390 27.65 25.95 45.74
C ILE C 390 28.05 27.02 46.74
N ALA C 391 27.70 28.28 46.46
CA ALA C 391 28.05 29.35 47.40
C ALA C 391 27.19 29.29 48.66
N GLY C 392 26.04 28.63 48.61
CA GLY C 392 25.20 28.54 49.78
C GLY C 392 25.76 27.61 50.84
N THR C 393 26.50 26.60 50.42
CA THR C 393 27.21 25.73 51.35
C THR C 393 28.61 26.25 51.51
N GLY C 394 29.15 26.16 52.73
CA GLY C 394 30.48 26.68 52.91
C GLY C 394 31.52 25.65 52.53
N LEU C 395 32.00 25.73 51.29
CA LEU C 395 33.09 24.87 50.86
C LEU C 395 34.14 25.60 50.03
N PHE C 396 33.86 26.81 49.54
CA PHE C 396 34.82 27.57 48.77
C PHE C 396 34.80 29.03 49.24
N MET C 397 35.91 29.72 49.02
CA MET C 397 35.95 31.14 49.33
C MET C 397 35.04 31.90 48.38
N GLN C 398 34.40 32.93 48.90
CA GLN C 398 33.64 33.83 48.03
C GLN C 398 34.57 34.79 47.32
N GLU C 399 35.79 34.98 47.82
CA GLU C 399 36.85 35.59 47.03
C GLU C 399 37.22 34.71 45.83
N GLU C 400 37.07 33.41 45.98
CA GLU C 400 37.53 32.48 44.96
C GLU C 400 36.52 32.35 43.83
N LEU C 401 35.23 32.35 44.15
CA LEU C 401 34.20 32.09 43.14
C LEU C 401 34.04 33.25 42.18
N ARG C 402 34.59 34.41 42.52
CA ARG C 402 34.55 35.53 41.61
C ARG C 402 35.43 35.29 40.39
N GLU C 403 36.54 34.57 40.57
CA GLU C 403 37.41 34.22 39.45
C GLU C 403 36.85 33.10 38.59
N VAL C 404 36.39 32.01 39.20
CA VAL C 404 35.99 30.82 38.46
C VAL C 404 34.68 31.05 37.71
N PHE C 405 33.67 31.57 38.39
CA PHE C 405 32.41 31.85 37.70
C PHE C 405 32.56 33.09 36.83
N GLY C 406 33.50 33.97 37.15
CA GLY C 406 33.79 35.07 36.23
C GLY C 406 34.46 34.60 34.96
N ASN C 407 35.18 33.49 35.00
CA ASN C 407 35.92 33.03 33.83
C ASN C 407 35.06 32.15 32.94
N GLN C 408 34.18 31.35 33.55
CA GLN C 408 33.29 30.46 32.81
C GLN C 408 32.18 31.24 32.10
N LEU C 409 31.84 32.41 32.60
CA LEU C 409 30.76 33.21 32.07
C LEU C 409 31.20 34.17 30.97
N VAL C 410 32.50 34.26 30.69
CA VAL C 410 32.99 35.03 29.56
C VAL C 410 33.16 34.16 28.32
N GLU C 411 33.68 32.94 28.48
CA GLU C 411 33.85 32.07 27.32
C GLU C 411 32.53 31.46 26.85
N THR C 412 31.48 31.54 27.67
CA THR C 412 30.14 31.22 27.20
C THR C 412 29.64 32.25 26.20
N GLY C 413 30.10 33.49 26.29
CA GLY C 413 29.62 34.53 25.42
C GLY C 413 28.35 35.19 25.87
N LEU C 414 27.93 34.94 27.12
CA LEU C 414 26.70 35.53 27.61
C LEU C 414 26.90 37.00 27.98
N TYR C 415 27.92 37.28 28.79
CA TYR C 415 28.27 38.64 29.19
C TYR C 415 29.69 38.93 28.71
N PRO C 416 29.85 39.26 27.41
CA PRO C 416 31.20 39.29 26.84
C PRO C 416 32.01 40.51 27.27
N GLY C 417 31.37 41.66 27.44
CA GLY C 417 32.08 42.83 27.90
C GLY C 417 32.26 42.83 29.40
N LEU C 418 33.05 41.89 29.92
CA LEU C 418 33.26 41.73 31.36
C LEU C 418 34.75 41.89 31.63
N GLY C 419 35.20 43.14 31.73
CA GLY C 419 36.54 43.44 32.17
C GLY C 419 36.57 43.76 33.64
N ASP C 420 36.90 42.76 34.45
CA ASP C 420 36.93 42.90 35.89
C ASP C 420 38.33 42.94 36.47
N LEU C 421 39.31 42.41 35.74
CA LEU C 421 40.67 42.38 36.23
C LEU C 421 41.34 43.71 35.94
N LEU C 422 41.90 44.32 36.99
CA LEU C 422 42.71 45.55 37.02
C LEU C 422 41.88 46.81 36.80
N ALA C 423 40.61 46.66 36.42
CA ALA C 423 39.72 47.79 36.27
C ALA C 423 38.70 47.88 37.39
N GLN C 424 38.10 46.76 37.75
CA GLN C 424 37.06 46.71 38.78
C GLN C 424 37.67 46.25 40.11
N ASN C 425 38.71 47.00 40.51
CA ASN C 425 39.58 46.68 41.64
C ASN C 425 40.20 45.28 41.54
N GLY C 426 40.38 44.82 40.31
CA GLY C 426 40.90 43.48 40.05
C GLY C 426 39.96 42.42 40.58
N ASN C 427 40.49 41.56 41.46
CA ASN C 427 39.69 40.65 42.27
C ASN C 427 39.85 41.10 43.71
N GLU C 428 39.04 42.09 44.11
CA GLU C 428 38.85 42.50 45.49
C GLU C 428 37.66 43.45 45.55
N LEU C 429 36.77 43.20 46.49
CA LEU C 429 35.70 44.12 46.86
C LEU C 429 35.93 44.55 48.31
N PRO C 430 35.36 45.67 48.74
CA PRO C 430 35.46 46.01 50.16
C PRO C 430 34.68 45.08 51.05
N GLU C 431 33.70 44.35 50.51
CA GLU C 431 32.75 43.63 51.32
C GLU C 431 33.09 42.16 51.54
N TRP C 432 34.30 41.70 51.20
CA TRP C 432 34.57 40.29 51.45
C TRP C 432 34.91 40.03 52.90
N ASP C 433 36.04 40.57 53.35
CA ASP C 433 36.59 40.29 54.65
C ASP C 433 36.29 41.39 55.66
N LEU C 434 36.13 42.62 55.18
CA LEU C 434 35.86 43.75 56.05
C LEU C 434 34.37 44.02 56.20
N GLU C 435 33.54 43.03 55.88
CA GLU C 435 32.11 43.10 56.08
C GLU C 435 31.59 41.85 56.79
N GLN C 436 32.39 40.77 56.81
CA GLN C 436 32.04 39.55 57.54
C GLN C 436 32.43 39.62 59.01
N ARG C 437 32.53 40.83 59.57
CA ARG C 437 32.74 40.98 61.01
C ARG C 437 31.56 40.44 61.80
N SER C 438 30.35 40.52 61.23
CA SER C 438 29.15 40.09 61.94
C SER C 438 29.10 38.58 62.16
N ALA C 439 29.78 37.83 61.30
CA ALA C 439 29.98 36.41 61.59
C ALA C 439 31.09 36.20 62.60
N GLU C 440 32.10 37.09 62.60
CA GLU C 440 33.18 37.03 63.56
C GLU C 440 32.83 37.72 64.88
N ALA C 441 31.72 38.46 64.93
CA ALA C 441 31.25 39.09 66.14
C ALA C 441 30.46 38.15 67.04
N SER C 442 29.53 37.39 66.48
CA SER C 442 28.66 36.54 67.28
C SER C 442 29.37 35.29 67.77
N THR C 443 30.45 34.88 67.12
CA THR C 443 31.29 33.83 67.69
C THR C 443 32.12 34.33 68.85
N LYS C 444 32.39 35.64 68.92
CA LYS C 444 33.01 36.22 70.10
C LYS C 444 32.01 36.36 71.23
N THR C 445 30.72 36.34 70.90
CA THR C 445 29.64 36.40 71.87
C THR C 445 29.03 35.03 72.08
N ALA C 446 29.64 33.99 71.51
CA ALA C 446 29.02 32.67 71.49
C ALA C 446 29.09 31.99 72.85
N GLU C 447 30.30 31.74 73.35
CA GLU C 447 30.45 31.14 74.67
C GLU C 447 30.87 32.14 75.73
N ALA C 448 31.29 33.35 75.34
CA ALA C 448 31.66 34.35 76.34
C ALA C 448 30.45 34.85 77.10
N ALA C 449 29.35 35.10 76.38
CA ALA C 449 28.13 35.62 76.98
C ALA C 449 27.08 34.54 77.20
N ALA C 450 27.49 33.27 77.21
CA ALA C 450 26.59 32.17 77.46
C ALA C 450 26.77 31.54 78.84
N LEU C 451 27.97 31.58 79.40
CA LEU C 451 28.18 31.10 80.76
C LEU C 451 28.82 32.22 81.58
N SER D 10 41.50 -0.90 -6.79
CA SER D 10 40.56 -1.28 -7.83
C SER D 10 40.49 -2.77 -7.97
N LEU D 11 39.35 -3.28 -8.44
CA LEU D 11 39.17 -4.69 -8.68
C LEU D 11 39.49 -5.03 -10.13
N ARG D 12 39.89 -6.27 -10.34
CA ARG D 12 40.11 -6.79 -11.69
C ARG D 12 40.07 -8.30 -11.63
N SER D 13 39.19 -8.93 -12.39
CA SER D 13 39.05 -10.38 -12.40
C SER D 13 39.64 -10.92 -13.69
N MET D 14 40.24 -12.11 -13.62
CA MET D 14 40.86 -12.68 -14.81
C MET D 14 39.84 -13.25 -15.79
N ILE D 15 38.77 -13.85 -15.31
CA ILE D 15 37.62 -14.16 -16.14
C ILE D 15 36.59 -13.07 -15.92
N SER D 16 35.67 -12.96 -16.87
CA SER D 16 34.51 -12.05 -16.85
C SER D 16 34.86 -10.56 -16.91
N GLY D 17 36.14 -10.20 -16.98
CA GLY D 17 36.62 -8.86 -17.24
C GLY D 17 36.08 -7.72 -16.40
N LEU D 18 36.18 -7.85 -15.07
CA LEU D 18 35.44 -6.94 -14.19
C LEU D 18 36.14 -5.59 -14.05
N GLY D 19 37.43 -5.52 -14.34
CA GLY D 19 38.11 -4.25 -14.20
C GLY D 19 38.99 -3.91 -15.38
N ASP D 20 38.70 -4.52 -16.52
CA ASP D 20 39.53 -4.35 -17.70
C ASP D 20 39.21 -3.03 -18.39
N PRO D 21 40.19 -2.13 -18.56
CA PRO D 21 39.90 -0.84 -19.21
C PRO D 21 39.70 -0.91 -20.71
N LEU D 22 39.66 -2.10 -21.31
CA LEU D 22 39.29 -2.25 -22.71
C LEU D 22 37.90 -2.83 -22.89
N ARG D 23 37.51 -3.79 -22.05
CA ARG D 23 36.23 -4.44 -22.20
C ARG D 23 35.16 -3.81 -21.32
N ASP D 24 35.38 -3.78 -20.01
CA ASP D 24 34.43 -3.15 -19.10
C ASP D 24 34.60 -1.64 -19.17
N LYS D 25 33.49 -0.93 -19.06
CA LYS D 25 33.51 0.53 -19.09
C LYS D 25 32.86 1.16 -17.86
N ASN D 26 32.82 0.41 -16.74
CA ASN D 26 32.15 0.89 -15.53
C ASN D 26 32.82 2.12 -14.96
N ALA D 27 34.04 1.96 -14.48
CA ALA D 27 34.86 3.07 -14.08
C ALA D 27 36.26 2.87 -14.61
N SER D 28 36.50 1.74 -15.27
CA SER D 28 37.80 1.39 -15.81
C SER D 28 38.18 2.25 -17.00
N THR D 29 37.22 2.91 -17.65
CA THR D 29 37.56 3.72 -18.81
C THR D 29 37.27 5.18 -18.56
N PHE D 30 37.62 5.72 -17.39
CA PHE D 30 37.23 7.08 -17.09
C PHE D 30 38.36 7.91 -16.51
N HIS D 31 38.28 9.19 -16.82
CA HIS D 31 39.25 10.18 -16.40
C HIS D 31 38.52 11.52 -16.33
N TRP D 32 39.30 12.60 -16.21
CA TRP D 32 38.74 13.94 -16.16
C TRP D 32 39.59 14.81 -17.05
N ASP D 33 38.93 15.66 -17.83
CA ASP D 33 39.63 16.72 -18.55
C ASP D 33 39.22 18.04 -17.94
N ARG D 34 40.15 18.99 -17.90
CA ARG D 34 39.91 20.31 -17.34
C ARG D 34 38.90 21.04 -18.21
N GLN D 35 38.19 21.99 -17.63
CA GLN D 35 37.22 22.74 -18.42
C GLN D 35 37.34 24.21 -18.10
N LEU D 36 37.12 25.03 -19.13
CA LEU D 36 37.37 26.46 -19.01
C LEU D 36 36.20 27.23 -19.62
N ASP D 37 36.00 28.45 -19.14
CA ASP D 37 34.85 29.27 -19.48
C ASP D 37 35.11 30.72 -19.08
N ASP D 38 34.88 31.64 -20.02
CA ASP D 38 35.17 33.05 -19.77
C ASP D 38 33.98 33.95 -20.09
N ARG D 39 33.21 33.62 -21.13
CA ARG D 39 32.06 34.40 -21.55
C ARG D 39 30.74 33.83 -21.06
N GLN D 40 30.57 32.52 -21.08
CA GLN D 40 29.33 31.89 -20.66
C GLN D 40 29.13 31.93 -19.16
N LEU D 41 30.11 32.40 -18.38
CA LEU D 41 29.84 32.76 -16.99
C LEU D 41 28.83 33.90 -16.92
N LEU D 42 28.88 34.82 -17.87
CA LEU D 42 27.89 35.89 -17.91
C LEU D 42 26.55 35.38 -18.39
N TYR D 43 26.55 34.47 -19.38
CA TYR D 43 25.29 33.97 -19.93
C TYR D 43 24.56 33.08 -18.93
N ALA D 44 25.30 32.29 -18.15
CA ALA D 44 24.67 31.36 -17.23
C ALA D 44 24.15 32.07 -15.99
N TYR D 45 24.88 33.08 -15.52
CA TYR D 45 24.44 33.83 -14.34
C TYR D 45 23.21 34.65 -14.65
N ARG D 46 23.10 35.15 -15.86
CA ARG D 46 22.03 36.06 -16.20
C ARG D 46 20.76 35.34 -16.65
N ASN D 47 20.88 34.14 -17.21
CA ASN D 47 19.75 33.48 -17.86
C ASN D 47 19.37 32.16 -17.21
N SER D 48 19.86 31.85 -16.03
CA SER D 48 19.54 30.60 -15.36
C SER D 48 19.36 30.87 -13.88
N TRP D 49 18.21 30.47 -13.32
CA TRP D 49 17.98 30.70 -11.91
C TRP D 49 18.79 29.75 -11.05
N VAL D 50 19.24 28.63 -11.62
CA VAL D 50 20.07 27.69 -10.89
C VAL D 50 21.44 28.29 -10.62
N ALA D 51 22.01 28.96 -11.61
CA ALA D 51 23.36 29.48 -11.49
C ALA D 51 23.40 30.76 -10.69
N ARG D 52 22.33 31.57 -10.78
CA ARG D 52 22.32 32.83 -10.05
C ARG D 52 22.08 32.60 -8.57
N LYS D 53 21.34 31.55 -8.21
CA LYS D 53 21.05 31.27 -6.82
C LYS D 53 22.26 30.71 -6.10
N ALA D 54 23.09 29.94 -6.81
CA ALA D 54 24.28 29.36 -6.20
C ALA D 54 25.38 30.40 -5.99
N VAL D 55 25.28 31.54 -6.65
CA VAL D 55 26.28 32.60 -6.48
C VAL D 55 25.87 33.55 -5.37
N THR D 56 24.63 34.03 -5.41
CA THR D 56 24.22 35.16 -4.57
C THR D 56 23.92 34.73 -3.14
N ILE D 57 23.11 33.68 -2.97
CA ILE D 57 22.51 33.42 -1.65
C ILE D 57 23.49 32.97 -0.57
N PRO D 58 24.45 32.05 -0.81
CA PRO D 58 25.43 31.77 0.25
C PRO D 58 26.40 32.92 0.53
N ALA D 59 26.41 33.97 -0.29
CA ALA D 59 27.16 35.18 0.02
C ALA D 59 26.26 36.29 0.55
N LEU D 60 24.95 36.16 0.39
CA LEU D 60 24.04 37.20 0.83
C LEU D 60 23.64 36.99 2.28
N ASP D 61 23.64 35.74 2.74
CA ASP D 61 23.25 35.43 4.11
C ASP D 61 24.39 35.60 5.09
N ALA D 62 25.56 36.05 4.64
CA ALA D 62 26.68 36.27 5.54
C ALA D 62 26.79 37.70 6.01
N VAL D 63 26.03 38.61 5.41
CA VAL D 63 26.08 40.02 5.80
C VAL D 63 24.68 40.54 6.08
N ARG D 64 23.75 39.65 6.41
CA ARG D 64 22.40 40.10 6.76
C ARG D 64 22.40 40.77 8.13
N LYS D 65 22.88 40.08 9.14
CA LYS D 65 23.07 40.64 10.48
C LYS D 65 24.53 40.45 10.86
N TRP D 66 25.12 41.46 11.50
CA TRP D 66 26.57 41.55 11.48
C TRP D 66 27.06 42.58 12.49
N ARG D 67 28.10 42.18 13.24
CA ARG D 67 29.06 43.07 13.89
C ARG D 67 28.39 44.05 14.88
N ASP D 68 27.98 43.48 16.01
CA ASP D 68 27.68 44.29 17.19
C ASP D 68 28.96 44.51 17.98
N TRP D 69 29.32 45.77 18.19
CA TRP D 69 30.58 46.10 18.87
C TRP D 69 30.42 45.93 20.38
N GLN D 70 31.47 46.28 21.12
CA GLN D 70 31.52 45.95 22.54
C GLN D 70 31.54 47.16 23.46
N ALA D 71 32.50 48.06 23.31
CA ALA D 71 32.64 49.13 24.28
C ALA D 71 31.62 50.23 24.02
N ASP D 72 31.06 50.78 25.10
CA ASP D 72 30.18 51.93 24.98
C ASP D 72 30.70 53.03 25.92
N GLN D 73 31.36 54.02 25.33
CA GLN D 73 31.65 55.31 25.94
C GLN D 73 31.12 56.39 25.00
N LYS D 74 29.84 56.20 24.65
CA LYS D 74 29.10 56.92 23.59
C LYS D 74 29.75 56.72 22.22
N ASP D 75 30.55 55.66 22.08
CA ASP D 75 31.42 55.48 20.92
C ASP D 75 30.97 54.36 20.00
N ILE D 76 30.04 53.50 20.44
CA ILE D 76 29.44 52.53 19.55
C ILE D 76 28.47 53.20 18.58
N SER D 77 28.10 54.45 18.82
CA SER D 77 27.22 55.18 17.94
C SER D 77 27.94 55.82 16.76
N ARG D 78 29.11 56.42 16.98
CA ARG D 78 29.83 57.03 15.87
C ARG D 78 30.87 56.10 15.27
N ILE D 79 31.04 54.90 15.80
CA ILE D 79 31.83 53.90 15.09
C ILE D 79 30.96 53.20 14.07
N GLU D 80 29.64 53.34 14.17
CA GLU D 80 28.74 52.86 13.14
C GLU D 80 28.39 53.95 12.15
N ALA D 81 28.55 55.22 12.54
CA ALA D 81 28.25 56.32 11.63
C ALA D 81 29.26 56.40 10.50
N THR D 82 30.50 55.93 10.74
CA THR D 82 31.47 55.89 9.66
C THR D 82 31.21 54.70 8.75
N GLU D 83 30.57 53.65 9.28
CA GLU D 83 30.21 52.52 8.43
C GLU D 83 29.00 52.87 7.55
N LYS D 84 28.00 53.52 8.14
CA LYS D 84 26.78 53.85 7.39
C LYS D 84 27.03 54.95 6.37
N ARG D 85 28.03 55.79 6.60
CA ARG D 85 28.38 56.83 5.63
C ARG D 85 29.04 56.24 4.40
N LEU D 86 30.01 55.36 4.60
CA LEU D 86 30.73 54.75 3.50
C LEU D 86 29.95 53.66 2.79
N GLY D 87 28.92 53.12 3.43
CA GLY D 87 28.19 52.00 2.84
C GLY D 87 28.99 50.71 2.86
N LEU D 88 29.58 50.37 4.01
CA LEU D 88 30.45 49.21 4.09
C LEU D 88 29.66 47.92 4.14
N GLN D 89 28.38 47.97 4.50
CA GLN D 89 27.56 46.77 4.49
C GLN D 89 27.25 46.31 3.08
N GLN D 90 26.82 47.22 2.22
CA GLN D 90 26.50 46.86 0.84
C GLN D 90 27.75 46.56 0.01
N LYS D 91 28.82 47.33 0.21
CA LYS D 91 30.02 47.14 -0.59
C LYS D 91 30.82 45.90 -0.22
N LEU D 92 30.50 45.25 0.89
CA LEU D 92 31.10 43.96 1.17
C LEU D 92 30.25 42.85 0.56
N LEU D 93 28.96 43.08 0.42
CA LEU D 93 28.08 42.15 -0.28
C LEU D 93 28.34 42.17 -1.77
N GLN D 94 28.54 43.36 -2.33
CA GLN D 94 28.74 43.48 -3.78
C GLN D 94 30.13 43.02 -4.17
N CYS D 95 31.07 43.00 -3.21
CA CYS D 95 32.41 42.49 -3.48
C CYS D 95 32.44 40.97 -3.44
N LYS D 96 31.74 40.37 -2.48
CA LYS D 96 31.81 38.92 -2.29
C LYS D 96 31.10 38.18 -3.43
N THR D 97 30.07 38.79 -4.00
CA THR D 97 29.35 38.16 -5.10
C THR D 97 30.20 38.15 -6.37
N LEU D 98 30.92 39.23 -6.63
CA LEU D 98 31.79 39.27 -7.81
C LEU D 98 32.95 38.32 -7.64
N ALA D 99 33.44 38.15 -6.42
CA ALA D 99 34.43 37.13 -6.15
C ALA D 99 33.84 35.75 -6.27
N ARG D 100 32.53 35.63 -6.05
CA ARG D 100 31.87 34.34 -6.15
C ARG D 100 31.63 33.96 -7.61
N LEU D 101 31.23 34.93 -8.44
CA LEU D 101 30.97 34.66 -9.84
C LEU D 101 32.27 34.53 -10.61
N TRP D 102 33.06 35.60 -10.65
CA TRP D 102 34.33 35.57 -11.34
C TRP D 102 35.39 34.92 -10.46
N GLY D 103 36.65 35.01 -10.88
CA GLY D 103 37.71 34.38 -10.12
C GLY D 103 38.00 35.08 -8.81
N GLY D 104 37.68 36.36 -8.71
CA GLY D 104 37.93 37.10 -7.49
C GLY D 104 37.60 38.56 -7.71
N ALA D 105 37.58 39.31 -6.61
CA ALA D 105 37.29 40.73 -6.65
C ALA D 105 38.02 41.39 -5.49
N ALA D 106 37.98 42.72 -5.46
CA ALA D 106 38.76 43.47 -4.49
C ALA D 106 38.17 44.86 -4.30
N ILE D 107 38.14 45.29 -3.04
CA ILE D 107 37.77 46.66 -2.69
C ILE D 107 39.03 47.35 -2.16
N VAL D 108 39.23 48.61 -2.54
CA VAL D 108 40.46 49.34 -2.24
C VAL D 108 40.13 50.51 -1.32
N ILE D 109 40.96 50.70 -0.30
CA ILE D 109 40.72 51.69 0.74
C ILE D 109 41.35 53.00 0.32
N GLY D 110 40.68 54.11 0.62
CA GLY D 110 41.32 55.40 0.41
C GLY D 110 41.35 56.28 1.64
N VAL D 111 42.51 56.46 2.20
CA VAL D 111 42.71 57.40 3.30
C VAL D 111 43.18 58.70 2.69
N LYS D 112 42.73 59.83 3.24
CA LYS D 112 43.08 61.14 2.69
C LYS D 112 44.58 61.40 2.83
N ASP D 113 45.15 61.94 1.75
CA ASP D 113 46.56 62.32 1.63
C ASP D 113 47.48 61.10 1.81
N GLN D 114 47.26 60.11 0.94
CA GLN D 114 48.09 58.93 0.84
C GLN D 114 48.53 58.76 -0.61
N ASP D 115 49.82 58.52 -0.81
CA ASP D 115 50.44 58.80 -2.10
C ASP D 115 50.26 57.69 -3.13
N MET D 116 50.83 56.51 -2.88
CA MET D 116 51.11 55.56 -3.96
C MET D 116 51.22 54.18 -3.34
N ALA D 117 51.67 53.20 -4.12
CA ALA D 117 51.93 51.85 -3.61
C ALA D 117 53.21 51.83 -2.77
N THR D 118 53.15 52.46 -1.60
CA THR D 118 54.22 52.40 -0.64
C THR D 118 54.13 51.09 0.12
N PRO D 119 55.09 50.77 1.00
CA PRO D 119 54.75 49.80 2.05
C PRO D 119 53.75 50.49 2.95
N PHE D 120 52.48 50.13 2.75
CA PHE D 120 51.37 51.04 2.96
C PHE D 120 50.52 50.53 4.12
N GLU D 121 50.78 51.06 5.31
CA GLU D 121 49.90 50.79 6.42
C GLU D 121 48.98 51.98 6.65
N PRO D 122 47.68 51.83 6.43
CA PRO D 122 46.73 52.82 6.93
C PRO D 122 46.33 52.56 8.38
N GLU D 123 47.30 52.28 9.24
CA GLU D 123 47.06 52.03 10.65
C GLU D 123 47.63 53.11 11.56
N THR D 124 48.67 53.81 11.11
CA THR D 124 49.32 54.82 11.94
C THR D 124 48.62 56.17 11.86
N VAL D 125 47.85 56.42 10.81
CA VAL D 125 47.22 57.72 10.61
C VAL D 125 46.09 57.90 11.63
N ASN D 126 46.24 58.88 12.52
CA ASN D 126 45.31 59.11 13.62
C ASN D 126 44.56 60.42 13.37
N LYS D 127 43.51 60.33 12.55
CA LYS D 127 42.72 61.47 12.13
C LYS D 127 41.30 60.99 11.92
N ASP D 128 40.51 61.78 11.22
CA ASP D 128 39.16 61.38 10.83
C ASP D 128 39.01 61.40 9.32
N ASP D 129 39.97 60.81 8.63
CA ASP D 129 40.13 60.96 7.19
C ASP D 129 39.93 59.63 6.47
N LEU D 130 38.74 59.42 5.93
CA LEU D 130 38.48 58.20 5.17
C LEU D 130 37.36 58.50 4.20
N VAL D 131 37.64 58.38 2.90
CA VAL D 131 36.65 58.79 1.89
C VAL D 131 36.34 57.69 0.88
N TYR D 132 37.35 56.99 0.38
CA TYR D 132 37.17 56.11 -0.78
C TYR D 132 36.86 54.69 -0.32
N LEU D 133 35.80 54.12 -0.90
CA LEU D 133 35.62 52.65 -0.95
C LEU D 133 35.04 52.32 -2.34
N THR D 134 35.93 52.02 -3.29
CA THR D 134 35.52 51.57 -4.61
C THR D 134 35.87 50.10 -4.73
N VAL D 135 34.95 49.35 -5.33
CA VAL D 135 35.01 47.90 -5.39
C VAL D 135 35.04 47.46 -6.85
N MET D 136 36.05 46.67 -7.21
CA MET D 136 36.26 46.26 -8.58
C MET D 136 36.54 44.77 -8.65
N SER D 137 36.13 44.15 -9.74
CA SER D 137 36.36 42.73 -9.92
C SER D 137 37.77 42.48 -10.43
N ARG D 138 38.03 41.23 -10.79
CA ARG D 138 39.31 40.89 -11.40
C ARG D 138 39.36 41.35 -12.86
N ARG D 139 38.24 41.79 -13.41
CA ARG D 139 38.24 42.41 -14.74
C ARG D 139 39.04 43.71 -14.75
N GLU D 140 39.01 44.44 -13.64
CA GLU D 140 39.55 45.80 -13.61
C GLU D 140 40.76 45.93 -12.70
N LEU D 141 41.42 44.83 -12.39
CA LEU D 141 42.68 44.82 -11.66
C LEU D 141 43.72 44.09 -12.51
N SER D 142 44.94 43.96 -11.97
CA SER D 142 46.01 43.27 -12.67
C SER D 142 47.03 42.70 -11.69
N PRO D 143 47.15 41.38 -11.61
CA PRO D 143 48.03 40.76 -10.62
C PRO D 143 49.45 40.50 -11.11
N GLU D 144 50.11 41.56 -11.58
CA GLU D 144 51.22 41.37 -12.52
C GLU D 144 52.60 41.24 -11.84
N GLU D 145 52.65 40.41 -10.80
CA GLU D 145 53.86 39.82 -10.21
C GLU D 145 53.40 38.61 -9.40
N LEU D 146 54.37 37.85 -8.89
CA LEU D 146 54.06 36.88 -7.84
C LEU D 146 54.96 36.99 -6.62
N GLU D 147 56.27 37.18 -6.82
CA GLU D 147 57.27 37.39 -5.76
C GLU D 147 57.30 36.21 -4.77
N GLN D 148 57.87 35.12 -5.28
CA GLN D 148 57.93 33.81 -4.64
C GLN D 148 58.91 33.72 -3.48
N ASP D 149 59.37 34.84 -2.94
CA ASP D 149 60.30 34.85 -1.80
C ASP D 149 59.63 34.33 -0.54
N PRO D 150 60.08 33.21 0.02
CA PRO D 150 59.34 32.59 1.14
C PRO D 150 59.56 33.24 2.49
N LEU D 151 59.55 34.56 2.54
CA LEU D 151 59.69 35.31 3.78
C LEU D 151 58.79 36.52 3.85
N ASP D 152 58.17 36.92 2.75
CA ASP D 152 57.45 38.18 2.70
C ASP D 152 56.01 37.98 3.18
N GLU D 153 55.46 39.04 3.77
CA GLU D 153 54.03 39.16 3.93
C GLU D 153 53.37 39.16 2.55
N PHE D 154 52.15 38.64 2.50
CA PHE D 154 51.43 38.25 1.28
C PHE D 154 52.33 37.52 0.28
N TYR D 155 52.88 36.40 0.74
CA TYR D 155 53.59 35.45 -0.09
C TYR D 155 52.67 34.86 -1.15
N ALA D 156 53.23 34.65 -2.34
CA ALA D 156 52.52 34.18 -3.54
C ALA D 156 51.32 35.06 -3.89
N ARG D 157 51.42 36.34 -3.63
CA ARG D 157 50.38 37.33 -3.82
C ARG D 157 50.98 38.55 -4.51
N PRO D 158 50.20 39.23 -5.38
CA PRO D 158 50.82 39.87 -6.55
C PRO D 158 51.69 41.11 -6.33
N LYS D 159 51.69 41.74 -5.16
CA LYS D 159 52.57 42.84 -4.74
C LYS D 159 52.27 44.17 -5.45
N ARG D 160 51.50 44.17 -6.53
CA ARG D 160 51.31 45.39 -7.31
C ARG D 160 50.11 45.23 -8.22
N TYR D 161 49.25 46.24 -8.27
CA TYR D 161 48.01 46.16 -9.02
C TYR D 161 47.89 47.35 -9.97
N GLN D 162 48.03 47.07 -11.26
CA GLN D 162 47.78 48.05 -12.33
C GLN D 162 46.28 48.28 -12.39
N VAL D 163 45.81 49.38 -11.79
CA VAL D 163 44.37 49.65 -11.77
C VAL D 163 44.11 51.14 -11.91
N SER D 164 43.43 51.51 -12.99
CA SER D 164 42.86 52.83 -13.30
C SER D 164 42.11 52.69 -14.62
N ASN D 165 41.35 53.72 -14.96
CA ASN D 165 40.71 53.82 -16.26
C ASN D 165 40.88 55.24 -16.78
N GLY D 166 41.48 55.37 -17.96
CA GLY D 166 41.63 56.68 -18.56
C GLY D 166 42.95 57.35 -18.26
N ARG D 167 42.95 58.19 -17.22
CA ARG D 167 44.00 59.17 -16.94
C ARG D 167 45.38 58.57 -16.68
N ASN D 168 45.53 57.79 -15.60
CA ASN D 168 46.87 57.40 -15.17
C ASN D 168 47.01 55.89 -15.01
N LEU D 169 48.12 55.46 -14.41
CA LEU D 169 48.48 54.04 -14.28
C LEU D 169 48.18 53.49 -12.89
N SER D 170 48.64 54.18 -11.84
CA SER D 170 48.25 53.95 -10.45
C SER D 170 48.59 52.54 -9.96
N PHE D 171 49.89 52.31 -9.79
CA PHE D 171 50.33 51.15 -9.01
C PHE D 171 49.76 51.22 -7.60
N VAL D 172 49.13 50.14 -7.16
CA VAL D 172 48.48 50.07 -5.85
C VAL D 172 49.03 48.86 -5.11
N HIS D 173 49.37 49.06 -3.82
CA HIS D 173 49.97 48.07 -2.94
C HIS D 173 48.87 47.20 -2.32
N PRO D 174 49.13 45.90 -2.10
CA PRO D 174 48.06 45.01 -1.61
C PRO D 174 47.53 45.32 -0.23
N SER D 175 48.30 46.01 0.60
CA SER D 175 47.80 46.37 1.92
C SER D 175 46.80 47.52 1.87
N ARG D 176 46.60 48.12 0.71
CA ARG D 176 45.51 49.05 0.44
C ARG D 176 44.26 48.31 -0.07
N ILE D 177 44.33 46.98 -0.19
CA ILE D 177 43.31 46.21 -0.90
C ILE D 177 42.85 45.04 -0.04
N VAL D 178 41.54 44.88 0.07
CA VAL D 178 40.92 43.68 0.59
C VAL D 178 40.85 42.66 -0.54
N HIS D 179 41.38 41.46 -0.30
CA HIS D 179 41.57 40.45 -1.33
C HIS D 179 40.54 39.33 -1.13
N GLN D 180 39.61 39.20 -2.06
CA GLN D 180 38.53 38.23 -1.98
C GLN D 180 38.58 37.26 -3.15
N VAL D 181 38.48 35.97 -2.86
CA VAL D 181 38.47 34.93 -3.88
C VAL D 181 37.22 34.08 -3.71
N GLY D 182 36.85 33.38 -4.79
CA GLY D 182 35.76 32.43 -4.73
C GLY D 182 36.12 31.14 -4.05
N GLU D 183 37.00 30.37 -4.68
CA GLU D 183 37.52 29.13 -4.12
C GLU D 183 39.04 29.17 -4.22
N THR D 184 39.71 28.82 -3.13
CA THR D 184 41.15 28.86 -3.10
C THR D 184 41.73 27.73 -3.95
N HIS D 185 42.56 28.10 -4.91
CA HIS D 185 43.24 27.14 -5.76
C HIS D 185 44.27 26.36 -4.93
N PRO D 186 44.44 25.07 -5.19
CA PRO D 186 45.35 24.29 -4.33
C PRO D 186 46.82 24.55 -4.60
N ASP D 187 47.22 24.73 -5.86
CA ASP D 187 48.61 24.98 -6.20
C ASP D 187 48.66 26.35 -6.89
N PRO D 188 48.82 27.43 -6.13
CA PRO D 188 48.65 28.77 -6.72
C PRO D 188 49.80 29.20 -7.62
N MET D 189 50.96 28.55 -7.53
CA MET D 189 52.08 28.94 -8.39
C MET D 189 51.96 28.30 -9.76
N LEU D 190 51.38 27.12 -9.83
CA LEU D 190 51.20 26.40 -11.09
C LEU D 190 49.93 26.81 -11.80
N ALA D 191 49.14 27.71 -11.20
CA ALA D 191 47.84 28.10 -11.74
C ALA D 191 48.00 28.91 -13.03
N THR D 192 46.98 28.85 -13.87
CA THR D 192 47.01 29.46 -15.19
C THR D 192 45.67 30.13 -15.45
N GLY D 193 45.42 30.50 -16.70
CA GLY D 193 44.19 31.16 -17.06
C GLY D 193 44.24 32.64 -16.75
N VAL D 194 43.07 33.26 -16.74
CA VAL D 194 42.98 34.69 -16.47
C VAL D 194 43.25 34.96 -15.00
N ASN D 195 42.60 34.23 -14.11
CA ASN D 195 42.84 34.35 -12.68
C ASN D 195 44.19 33.73 -12.33
N VAL D 196 45.20 34.57 -12.20
CA VAL D 196 46.54 34.11 -11.88
C VAL D 196 46.79 34.29 -10.40
N GLY D 197 46.69 35.52 -9.92
CA GLY D 197 46.81 35.78 -8.50
C GLY D 197 45.49 35.74 -7.76
N TRP D 198 44.43 35.30 -8.42
CA TRP D 198 43.10 35.25 -7.83
C TRP D 198 42.71 33.80 -7.57
N GLY D 199 41.47 33.62 -7.14
CA GLY D 199 40.94 32.29 -6.90
C GLY D 199 40.18 31.77 -8.11
N ASP D 200 39.43 30.69 -7.88
CA ASP D 200 38.68 30.05 -8.94
C ASP D 200 37.19 30.24 -8.70
N SER D 201 36.43 30.23 -9.79
CA SER D 201 35.01 30.48 -9.71
C SER D 201 34.26 29.28 -9.14
N THR D 202 33.04 29.53 -8.68
CA THR D 202 32.25 28.45 -8.11
C THR D 202 31.21 27.90 -9.08
N LEU D 203 31.20 28.38 -10.32
CA LEU D 203 30.53 27.62 -11.36
C LEU D 203 31.45 26.59 -12.00
N GLN D 204 32.68 26.47 -11.48
CA GLN D 204 33.61 25.48 -12.00
C GLN D 204 33.20 24.08 -11.56
N ALA D 205 32.99 23.89 -10.26
CA ALA D 205 32.77 22.55 -9.75
C ALA D 205 31.35 22.06 -10.00
N LEU D 206 30.36 22.94 -9.89
CA LEU D 206 28.97 22.55 -10.06
C LEU D 206 28.46 22.78 -11.49
N TYR D 207 29.36 22.77 -12.47
CA TYR D 207 28.92 22.94 -13.85
C TYR D 207 28.26 21.66 -14.37
N ASP D 208 28.81 20.51 -14.02
CA ASP D 208 28.23 19.24 -14.50
C ASP D 208 26.92 18.94 -13.80
N ALA D 209 26.82 19.25 -12.51
CA ALA D 209 25.58 19.02 -11.78
C ALA D 209 24.47 19.95 -12.24
N MET D 210 24.82 21.16 -12.69
CA MET D 210 23.81 22.09 -13.15
C MET D 210 23.25 21.68 -14.51
N MET D 211 24.12 21.24 -15.42
CA MET D 211 23.66 20.97 -16.78
C MET D 211 22.92 19.65 -16.88
N ASN D 212 23.09 18.76 -15.90
CA ASN D 212 22.26 17.56 -15.88
C ASN D 212 20.83 17.90 -15.54
N SER D 213 20.62 18.83 -14.62
CA SER D 213 19.26 19.16 -14.19
C SER D 213 18.55 20.01 -15.23
N ASP D 214 19.24 20.94 -15.86
CA ASP D 214 18.57 21.84 -16.79
C ASP D 214 18.28 21.19 -18.13
N ASN D 215 19.00 20.11 -18.47
CA ASN D 215 18.67 19.40 -19.70
C ASN D 215 17.42 18.56 -19.53
N THR D 216 17.29 17.88 -18.38
CA THR D 216 16.14 17.03 -18.15
C THR D 216 14.87 17.82 -17.87
N GLN D 217 14.98 19.10 -17.53
CA GLN D 217 13.78 19.92 -17.46
C GLN D 217 13.25 20.24 -18.85
N ALA D 218 14.14 20.47 -19.80
CA ALA D 218 13.69 20.86 -21.13
C ALA D 218 13.32 19.66 -21.99
N ASN D 219 13.66 18.46 -21.54
CA ASN D 219 13.28 17.26 -22.27
C ASN D 219 11.91 16.75 -21.83
N ILE D 220 11.66 16.73 -20.53
CA ILE D 220 10.41 16.19 -20.01
C ILE D 220 9.27 17.17 -20.29
N ALA D 221 9.57 18.45 -20.37
CA ALA D 221 8.55 19.41 -20.78
C ALA D 221 8.35 19.42 -22.30
N SER D 222 9.19 18.70 -23.04
CA SER D 222 8.96 18.57 -24.48
C SER D 222 8.05 17.39 -24.77
N LEU D 223 8.04 16.38 -23.91
CA LEU D 223 7.19 15.21 -24.13
C LEU D 223 5.72 15.52 -23.89
N VAL D 224 5.41 16.62 -23.21
CA VAL D 224 4.01 16.88 -22.87
C VAL D 224 3.26 17.35 -24.10
N PHE D 225 3.97 17.97 -25.05
CA PHE D 225 3.36 18.30 -26.34
C PHE D 225 3.03 17.05 -27.13
N GLU D 226 3.95 16.09 -27.16
CA GLU D 226 3.67 14.79 -27.75
C GLU D 226 3.13 13.83 -26.71
N ALA D 227 2.07 14.21 -26.01
CA ALA D 227 1.51 13.32 -25.01
C ALA D 227 0.78 12.16 -25.64
N ASN D 228 0.08 12.41 -26.75
CA ASN D 228 -0.48 11.33 -27.57
C ASN D 228 -0.64 11.84 -28.98
N VAL D 229 0.19 11.36 -29.88
CA VAL D 229 0.09 11.64 -31.30
C VAL D 229 -0.62 10.48 -31.96
N ASP D 230 -1.44 10.78 -32.97
CA ASP D 230 -2.19 9.78 -33.70
C ASP D 230 -2.01 9.93 -35.20
N VAL D 231 -2.04 8.80 -35.89
CA VAL D 231 -1.83 8.76 -37.33
C VAL D 231 -3.10 8.26 -38.00
N ILE D 232 -3.22 8.52 -39.29
CA ILE D 232 -4.34 8.10 -40.11
C ILE D 232 -3.76 7.60 -41.43
N GLY D 233 -3.96 6.32 -41.73
CA GLY D 233 -3.39 5.77 -42.93
C GLY D 233 -4.38 5.61 -44.07
N LEU D 234 -4.26 6.45 -45.11
CA LEU D 234 -5.09 6.30 -46.29
C LEU D 234 -4.47 5.26 -47.22
N PRO D 235 -5.30 4.50 -47.96
CA PRO D 235 -4.76 3.42 -48.83
C PRO D 235 -3.88 3.89 -49.98
N ASP D 236 -4.37 4.79 -50.83
CA ASP D 236 -3.56 5.37 -51.89
C ASP D 236 -3.39 6.85 -51.59
N PHE D 237 -2.40 7.14 -50.77
CA PHE D 237 -2.08 8.50 -50.36
C PHE D 237 -0.92 9.06 -51.18
N MET D 238 -0.25 8.21 -51.94
CA MET D 238 0.83 8.63 -52.81
C MET D 238 0.33 9.47 -53.96
N GLU D 239 -0.95 9.32 -54.32
CA GLU D 239 -1.50 9.85 -55.56
C GLU D 239 -2.38 11.08 -55.34
N ASN D 240 -3.04 11.18 -54.18
CA ASN D 240 -3.75 12.41 -53.83
C ASN D 240 -2.78 13.56 -53.63
N MET D 241 -1.62 13.29 -53.05
CA MET D 241 -0.62 14.31 -52.76
C MET D 241 0.35 14.47 -53.93
N SER D 242 -0.17 14.61 -55.15
CA SER D 242 0.68 14.67 -56.33
C SER D 242 0.51 15.97 -57.10
N SER D 243 -0.41 16.83 -56.70
CA SER D 243 -0.53 18.14 -57.29
C SER D 243 -0.97 19.10 -56.18
N GLU D 244 -1.19 20.36 -56.54
CA GLU D 244 -1.61 21.36 -55.58
C GLU D 244 -3.12 21.44 -55.42
N VAL D 245 -3.88 21.29 -56.51
CA VAL D 245 -5.32 21.44 -56.45
C VAL D 245 -5.97 20.21 -55.83
N TYR D 246 -5.37 19.04 -56.05
CA TYR D 246 -5.90 17.82 -55.48
C TYR D 246 -5.65 17.75 -53.98
N ARG D 247 -4.47 18.17 -53.52
CA ARG D 247 -4.12 17.93 -52.12
C ARG D 247 -4.79 18.95 -51.21
N GLN D 248 -5.18 20.10 -51.75
CA GLN D 248 -5.90 21.06 -50.91
C GLN D 248 -7.38 20.68 -50.83
N LYS D 249 -7.86 19.88 -51.76
CA LYS D 249 -9.19 19.30 -51.63
C LYS D 249 -9.23 18.31 -50.47
N LEU D 250 -8.10 17.66 -50.20
CA LEU D 250 -8.02 16.67 -49.13
C LEU D 250 -7.77 17.33 -47.78
N LEU D 251 -6.80 18.24 -47.71
CA LEU D 251 -6.36 18.77 -46.43
C LEU D 251 -7.29 19.84 -45.90
N ASP D 252 -8.12 20.44 -46.76
CA ASP D 252 -9.12 21.36 -46.24
C ASP D 252 -10.25 20.61 -45.57
N ARG D 253 -10.53 19.39 -46.03
CA ARG D 253 -11.63 18.64 -45.42
C ARG D 253 -11.19 17.94 -44.15
N PHE D 254 -9.94 17.47 -44.10
CA PHE D 254 -9.42 16.89 -42.87
C PHE D 254 -9.17 17.92 -41.79
N THR D 255 -9.06 19.20 -42.12
CA THR D 255 -9.00 20.22 -41.08
C THR D 255 -10.33 20.29 -40.36
N LEU D 256 -11.42 20.40 -41.11
CA LEU D 256 -12.73 20.56 -40.50
C LEU D 256 -13.25 19.24 -39.93
N ALA D 257 -12.60 18.13 -40.25
CA ALA D 257 -13.01 16.84 -39.72
C ALA D 257 -12.16 16.37 -38.55
N ALA D 258 -10.95 16.90 -38.38
CA ALA D 258 -10.11 16.54 -37.25
C ALA D 258 -9.94 17.70 -36.27
N ALA D 259 -10.69 18.77 -36.45
CA ALA D 259 -10.67 19.84 -35.48
C ALA D 259 -11.51 19.52 -34.26
N GLY D 260 -12.72 19.04 -34.47
CA GLY D 260 -13.67 18.88 -33.41
C GLY D 260 -13.87 17.47 -32.89
N LYS D 261 -12.96 16.54 -33.16
CA LYS D 261 -13.11 15.19 -32.64
C LYS D 261 -12.88 15.18 -31.14
N GLY D 262 -13.49 14.22 -30.47
CA GLY D 262 -13.43 14.21 -29.03
C GLY D 262 -14.67 13.56 -28.45
N ILE D 263 -15.14 14.13 -27.34
CA ILE D 263 -16.23 13.51 -26.59
C ILE D 263 -17.55 13.68 -27.30
N ASN D 264 -17.80 14.87 -27.86
CA ASN D 264 -19.11 15.21 -28.39
C ASN D 264 -19.21 15.10 -29.90
N LYS D 265 -18.15 14.66 -30.58
CA LYS D 265 -18.22 14.37 -32.01
C LYS D 265 -17.52 13.05 -32.28
N THR D 266 -18.02 12.31 -33.26
CA THR D 266 -17.46 11.02 -33.63
C THR D 266 -16.95 11.08 -35.06
N LEU D 267 -15.74 10.59 -35.28
CA LEU D 267 -15.18 10.53 -36.62
C LEU D 267 -15.92 9.54 -37.49
N MET D 268 -16.01 9.85 -38.77
CA MET D 268 -16.47 8.89 -39.76
C MET D 268 -15.32 8.61 -40.73
N LEU D 269 -14.93 7.35 -40.83
CA LEU D 269 -13.88 6.97 -41.74
C LEU D 269 -14.36 5.83 -42.63
N ASP D 270 -13.61 5.59 -43.69
CA ASP D 270 -13.82 4.41 -44.50
C ASP D 270 -13.34 3.18 -43.74
N ALA D 271 -13.77 2.00 -44.18
CA ALA D 271 -13.36 0.78 -43.50
C ALA D 271 -11.91 0.40 -43.76
N GLU D 272 -11.25 1.03 -44.73
CA GLU D 272 -9.84 0.80 -45.01
C GLU D 272 -8.93 1.67 -44.16
N GLU D 273 -9.39 2.87 -43.82
CA GLU D 273 -8.58 3.85 -43.11
C GLU D 273 -8.43 3.43 -41.65
N VAL D 274 -7.24 3.67 -41.10
CA VAL D 274 -6.79 2.90 -39.94
C VAL D 274 -7.03 3.60 -38.60
N PHE D 275 -6.39 4.75 -38.39
CA PHE D 275 -6.50 5.57 -37.18
C PHE D 275 -6.08 4.80 -35.92
N THR D 276 -4.78 4.59 -35.81
CA THR D 276 -4.20 4.17 -34.54
C THR D 276 -3.75 5.39 -33.74
N ALA D 277 -3.47 5.16 -32.46
CA ALA D 277 -3.13 6.24 -31.53
C ALA D 277 -2.00 5.79 -30.63
N HIS D 278 -0.92 6.58 -30.58
CA HIS D 278 0.31 6.20 -29.89
C HIS D 278 0.51 7.06 -28.65
N SER D 279 0.34 6.45 -27.48
CA SER D 279 0.40 7.17 -26.23
C SER D 279 1.77 6.94 -25.59
N ARG D 280 2.46 8.03 -25.23
CA ARG D 280 3.76 7.90 -24.63
C ARG D 280 3.63 7.60 -23.14
N SER D 281 4.75 7.36 -22.49
CA SER D 281 4.75 6.90 -21.10
C SER D 281 5.47 7.91 -20.21
N PHE D 282 4.82 8.29 -19.12
CA PHE D 282 5.38 9.22 -18.14
C PHE D 282 5.56 8.54 -16.79
N ALA D 283 5.98 7.28 -16.80
CA ALA D 283 6.20 6.54 -15.55
C ALA D 283 7.55 6.90 -14.97
N ASN D 284 7.55 7.20 -13.66
CA ASN D 284 8.74 7.49 -12.85
C ASN D 284 9.55 8.70 -13.29
N LEU D 285 9.03 9.52 -14.21
CA LEU D 285 9.73 10.72 -14.66
C LEU D 285 9.54 11.88 -13.74
N ASP D 286 9.08 11.68 -12.52
CA ASP D 286 8.96 12.75 -11.55
C ASP D 286 9.78 12.51 -10.32
N LYS D 287 10.18 11.28 -10.06
CA LYS D 287 11.22 11.02 -9.09
C LYS D 287 12.60 11.21 -9.69
N ILE D 288 12.70 11.22 -11.02
CA ILE D 288 13.97 11.57 -11.66
C ILE D 288 14.22 13.07 -11.56
N MET D 289 13.18 13.88 -11.74
CA MET D 289 13.31 15.32 -11.72
C MET D 289 13.72 15.84 -10.35
N GLU D 290 13.39 15.11 -9.29
CA GLU D 290 13.71 15.59 -7.96
C GLU D 290 15.04 15.04 -7.45
N GLN D 291 15.55 13.97 -8.05
CA GLN D 291 16.87 13.50 -7.67
C GLN D 291 17.99 14.30 -8.31
N PHE D 292 17.71 15.09 -9.34
CA PHE D 292 18.74 15.94 -9.91
C PHE D 292 18.87 17.29 -9.21
N ILE D 293 17.80 17.79 -8.59
CA ILE D 293 17.94 19.03 -7.83
C ILE D 293 18.50 18.77 -6.45
N LEU D 294 18.50 17.52 -5.97
CA LEU D 294 19.31 17.15 -4.82
C LEU D 294 20.78 17.39 -5.10
N PHE D 295 21.25 16.94 -6.26
CA PHE D 295 22.66 16.95 -6.55
C PHE D 295 23.16 18.35 -6.92
N VAL D 296 22.25 19.24 -7.29
CA VAL D 296 22.61 20.65 -7.44
C VAL D 296 22.69 21.31 -6.08
N ALA D 297 21.71 21.05 -5.22
CA ALA D 297 21.69 21.64 -3.89
C ALA D 297 22.81 21.10 -3.02
N GLY D 298 23.21 19.85 -3.25
CA GLY D 298 24.39 19.35 -2.56
C GLY D 298 25.67 19.96 -3.09
N ALA D 299 25.71 20.27 -4.38
CA ALA D 299 26.89 20.88 -4.98
C ALA D 299 27.04 22.32 -4.52
N ALA D 300 25.93 23.05 -4.39
CA ALA D 300 25.98 24.41 -3.87
C ALA D 300 26.13 24.44 -2.36
N ASP D 301 26.02 23.28 -1.70
CA ASP D 301 26.03 23.13 -0.23
C ASP D 301 24.95 24.00 0.41
N ILE D 302 23.75 23.94 -0.13
CA ILE D 302 22.58 24.58 0.43
C ILE D 302 21.51 23.50 0.58
N PRO D 303 20.87 23.36 1.73
CA PRO D 303 19.78 22.38 1.84
C PRO D 303 18.56 22.82 1.05
N LEU D 304 17.69 21.87 0.73
CA LEU D 304 16.50 22.20 -0.04
C LEU D 304 15.41 22.89 0.78
N THR D 305 15.65 23.23 2.02
CA THR D 305 14.73 24.11 2.73
C THR D 305 15.10 25.58 2.55
N ARG D 306 16.23 25.87 1.92
CA ARG D 306 16.59 27.24 1.52
C ARG D 306 16.72 27.35 0.01
N PHE D 307 17.50 26.47 -0.62
CA PHE D 307 17.42 26.27 -2.05
C PHE D 307 16.05 25.72 -2.39
N LEU D 308 15.47 26.17 -3.50
CA LEU D 308 14.12 25.77 -3.96
C LEU D 308 13.05 26.14 -2.92
N GLY D 309 13.29 27.19 -2.14
CA GLY D 309 12.43 27.65 -1.07
C GLY D 309 12.19 26.59 -0.02
N GLN D 310 11.03 26.64 0.61
CA GLN D 310 10.56 25.55 1.45
C GLN D 310 9.85 24.55 0.55
N SER D 311 10.58 23.53 0.13
CA SER D 311 10.05 22.55 -0.82
C SER D 311 9.27 21.48 -0.07
N PRO D 312 8.15 21.02 -0.59
CA PRO D 312 7.43 19.91 0.06
C PRO D 312 8.18 18.60 0.05
N ALA D 313 9.15 18.43 -0.84
CA ALA D 313 9.98 17.23 -0.87
C ALA D 313 11.20 17.38 0.02
N GLY D 314 10.99 17.79 1.26
CA GLY D 314 11.99 17.74 2.29
C GLY D 314 11.46 16.94 3.48
N MET D 315 12.03 15.76 3.72
CA MET D 315 11.54 14.88 4.77
C MET D 315 12.69 14.47 5.70
N SER D 316 13.60 15.40 5.97
CA SER D 316 14.56 15.23 7.07
C SER D 316 14.79 16.53 7.82
N SER D 317 13.84 17.47 7.74
CA SER D 317 13.90 18.70 8.51
C SER D 317 13.08 18.48 9.78
N THR D 318 13.69 17.78 10.74
CA THR D 318 13.05 17.58 12.04
C THR D 318 13.08 18.89 12.83
N GLY D 319 12.02 19.10 13.62
CA GLY D 319 11.66 20.43 14.12
C GLY D 319 12.56 21.11 15.12
N GLN D 320 13.79 20.62 15.31
CA GLN D 320 14.77 21.28 16.17
C GLN D 320 16.09 21.54 15.46
N HIS D 321 16.40 20.75 14.44
CA HIS D 321 17.68 20.80 13.74
C HIS D 321 17.47 20.99 12.25
N ASP D 322 16.62 21.96 11.89
CA ASP D 322 16.25 22.19 10.49
C ASP D 322 17.45 22.64 9.66
N MET D 323 18.00 23.81 9.98
CA MET D 323 19.05 24.43 9.18
C MET D 323 20.26 24.77 10.04
N LYS D 324 20.55 23.92 11.03
CA LYS D 324 21.71 24.19 11.87
C LYS D 324 23.02 23.89 11.17
N ASN D 325 22.99 23.13 10.08
CA ASN D 325 24.20 22.93 9.28
C ASN D 325 24.46 24.11 8.36
N TYR D 326 23.41 24.82 7.97
CA TYR D 326 23.57 25.92 7.03
C TYR D 326 24.11 27.15 7.74
N HIS D 327 23.81 27.31 9.02
CA HIS D 327 24.39 28.41 9.76
C HIS D 327 25.78 28.07 10.28
N ASP D 328 26.16 26.79 10.24
CA ASP D 328 27.54 26.42 10.54
C ASP D 328 28.45 26.65 9.35
N ARG D 329 27.87 26.78 8.16
CA ARG D 329 28.65 27.06 6.97
C ARG D 329 28.89 28.56 6.81
N ILE D 330 27.92 29.37 7.22
CA ILE D 330 28.04 30.82 7.08
C ILE D 330 29.01 31.37 8.11
N GLN D 331 28.99 30.82 9.33
CA GLN D 331 29.96 31.24 10.33
C GLN D 331 31.38 30.78 10.01
N SER D 332 31.56 29.88 9.05
CA SER D 332 32.86 29.56 8.52
C SER D 332 33.25 30.44 7.34
N ILE D 333 32.38 31.34 6.91
CA ILE D 333 32.78 32.41 6.00
C ILE D 333 33.06 33.68 6.76
N GLN D 334 32.27 33.95 7.80
CA GLN D 334 32.44 35.16 8.60
C GLN D 334 33.71 35.15 9.41
N THR D 335 34.31 33.99 9.68
CA THR D 335 35.52 33.93 10.47
C THR D 335 36.70 33.35 9.71
N LEU D 336 36.55 33.06 8.42
CA LEU D 336 37.66 32.53 7.63
C LEU D 336 37.86 33.21 6.29
N ASP D 337 36.90 33.98 5.79
CA ASP D 337 37.05 34.71 4.54
C ASP D 337 36.81 36.20 4.67
N LEU D 338 36.04 36.63 5.66
CA LEU D 338 35.76 38.05 5.86
C LEU D 338 36.49 38.61 7.07
N GLN D 339 36.83 37.76 8.03
CA GLN D 339 37.57 38.21 9.20
C GLN D 339 39.05 38.45 8.93
N PRO D 340 39.81 37.57 8.25
CA PRO D 340 41.24 37.91 8.07
C PRO D 340 41.49 38.99 7.04
N SER D 341 40.73 39.02 5.94
CA SER D 341 41.04 39.95 4.85
C SER D 341 40.70 41.39 5.20
N MET D 342 39.91 41.61 6.25
CA MET D 342 39.59 42.94 6.74
C MET D 342 40.49 43.33 7.92
N TYR D 343 41.77 42.97 7.86
CA TYR D 343 42.69 43.30 8.95
C TYR D 343 43.32 44.68 8.77
N ARG D 344 43.42 45.19 7.53
CA ARG D 344 43.86 46.57 7.37
C ARG D 344 42.69 47.54 7.50
N LEU D 345 41.49 47.06 7.20
CA LEU D 345 40.30 47.65 7.79
C LEU D 345 40.15 47.17 9.23
N ASP D 346 39.13 47.67 9.92
CA ASP D 346 38.65 47.20 11.22
C ASP D 346 39.63 47.46 12.37
N GLU D 347 40.84 47.89 12.04
CA GLU D 347 41.74 48.58 12.94
C GLU D 347 42.02 49.99 12.46
N ALA D 348 41.68 50.30 11.22
CA ALA D 348 41.70 51.64 10.68
C ALA D 348 40.41 52.40 10.91
N ILE D 349 39.29 51.69 11.00
CA ILE D 349 38.00 52.34 11.20
C ILE D 349 37.72 52.56 12.68
N ILE D 350 38.34 51.75 13.55
CA ILE D 350 38.28 52.06 14.97
C ILE D 350 39.37 53.06 15.30
N ARG D 351 40.33 53.24 14.40
CA ARG D 351 41.28 54.33 14.49
C ARG D 351 40.62 55.67 14.15
N SER D 352 39.57 55.65 13.34
CA SER D 352 38.87 56.87 12.94
C SER D 352 37.83 57.33 13.95
N SER D 353 37.94 56.90 15.21
CA SER D 353 37.18 57.48 16.30
C SER D 353 37.99 58.61 16.94
N LEU D 354 38.19 59.66 16.13
CA LEU D 354 38.97 60.86 16.46
C LEU D 354 40.41 60.51 16.82
N GLY D 355 41.00 59.57 16.08
CA GLY D 355 42.40 59.24 16.21
C GLY D 355 42.75 58.26 17.29
N ALA D 356 41.91 58.08 18.30
CA ALA D 356 42.24 57.28 19.47
C ALA D 356 41.72 55.87 19.27
N ARG D 357 42.57 54.88 19.54
CA ARG D 357 42.20 53.49 19.41
C ARG D 357 42.48 52.72 20.69
N PRO D 358 41.46 52.17 21.33
CA PRO D 358 41.70 51.33 22.51
C PRO D 358 42.31 49.99 22.17
N GLU D 359 42.59 49.17 23.17
CA GLU D 359 43.07 47.82 22.95
C GLU D 359 42.01 46.76 23.18
N GLU D 360 41.21 46.88 24.24
CA GLU D 360 40.15 45.91 24.52
C GLU D 360 38.85 46.30 23.86
N LEU D 361 38.91 46.57 22.56
CA LEU D 361 37.77 46.89 21.72
C LEU D 361 37.72 45.87 20.60
N PHE D 362 36.61 45.15 20.52
CA PHE D 362 36.46 44.09 19.53
C PHE D 362 34.99 43.97 19.16
N TYR D 363 34.65 42.92 18.42
CA TYR D 363 33.28 42.67 18.05
C TYR D 363 33.07 41.17 17.91
N ILE D 364 31.80 40.77 17.89
CA ILE D 364 31.39 39.44 17.52
C ILE D 364 30.41 39.57 16.36
N TRP D 365 30.16 38.46 15.69
CA TRP D 365 29.20 38.44 14.60
C TRP D 365 27.82 38.16 15.16
N SER D 366 26.81 38.77 14.55
CA SER D 366 25.45 38.66 15.04
C SER D 366 24.92 37.24 14.81
N PRO D 367 24.04 36.76 15.68
CA PRO D 367 23.43 35.44 15.43
C PRO D 367 22.52 35.44 14.23
N LEU D 368 22.42 34.29 13.59
CA LEU D 368 21.79 34.16 12.28
C LEU D 368 20.36 33.67 12.32
N GLU D 369 19.96 32.94 13.36
CA GLU D 369 18.61 32.41 13.42
C GLU D 369 17.63 33.53 13.74
N GLN D 370 16.65 33.72 12.88
CA GLN D 370 15.53 34.60 13.19
C GLN D 370 14.73 34.00 14.34
N MET D 371 14.34 34.85 15.29
CA MET D 371 13.55 34.41 16.42
C MET D 371 12.16 35.01 16.33
N SER D 372 11.17 34.27 16.84
CA SER D 372 9.80 34.75 16.81
C SER D 372 9.60 35.88 17.81
N GLU D 373 8.47 36.57 17.71
CA GLU D 373 8.21 37.68 18.61
C GLU D 373 7.85 37.20 20.00
N LYS D 374 7.18 36.05 20.10
CA LYS D 374 6.90 35.49 21.41
C LYS D 374 8.15 34.86 22.01
N GLU D 375 9.06 34.36 21.17
CA GLU D 375 10.29 33.80 21.68
C GLU D 375 11.24 34.87 22.16
N ARG D 376 11.19 36.07 21.59
CA ARG D 376 12.04 37.14 22.08
C ARG D 376 11.51 37.72 23.38
N ALA D 377 10.22 37.53 23.66
CA ALA D 377 9.70 37.88 24.97
C ALA D 377 10.14 36.87 26.02
N GLU D 378 10.24 35.60 25.62
CA GLU D 378 10.60 34.55 26.57
C GLU D 378 12.11 34.53 26.81
N ILE D 379 12.89 35.04 25.85
CA ILE D 379 14.33 35.18 26.06
C ILE D 379 14.60 36.32 27.05
N GLY D 380 13.89 37.44 26.89
CA GLY D 380 14.12 38.58 27.76
C GLY D 380 13.62 38.35 29.17
N LYS D 381 12.69 37.41 29.35
CA LYS D 381 12.22 37.08 30.69
C LYS D 381 13.25 36.25 31.43
N LEU D 382 14.12 35.56 30.71
CA LEU D 382 15.14 34.75 31.38
C LEU D 382 16.39 35.56 31.68
N HIS D 383 16.72 36.56 30.85
CA HIS D 383 17.91 37.36 31.11
C HIS D 383 17.72 38.23 32.34
N ALA D 384 16.49 38.65 32.61
CA ALA D 384 16.22 39.36 33.85
C ALA D 384 16.32 38.46 35.05
N GLU D 385 16.23 37.14 34.88
CA GLU D 385 16.23 36.22 36.00
C GLU D 385 17.58 35.57 36.26
N THR D 386 18.53 35.69 35.33
CA THR D 386 19.91 35.33 35.67
C THR D 386 20.53 36.44 36.52
N VAL D 387 20.12 37.68 36.28
CA VAL D 387 20.65 38.81 37.04
C VAL D 387 20.16 38.76 38.47
N ASN D 388 18.91 38.36 38.67
CA ASN D 388 18.33 38.28 40.01
C ASN D 388 19.02 37.21 40.85
N VAL D 389 19.60 36.20 40.22
CA VAL D 389 20.30 35.18 40.98
C VAL D 389 21.76 35.57 41.18
N ILE D 390 22.36 36.23 40.18
CA ILE D 390 23.75 36.66 40.31
C ILE D 390 23.87 37.83 41.27
N ALA D 391 22.95 38.79 41.21
CA ALA D 391 23.02 39.92 42.13
C ALA D 391 22.61 39.53 43.54
N GLY D 392 21.88 38.42 43.69
CA GLY D 392 21.47 37.99 45.02
C GLY D 392 22.62 37.44 45.84
N THR D 393 23.60 36.84 45.17
CA THR D 393 24.83 36.41 45.83
C THR D 393 25.86 37.51 45.72
N GLY D 394 26.65 37.69 46.76
CA GLY D 394 27.62 38.76 46.68
C GLY D 394 28.88 38.28 45.99
N LEU D 395 28.97 38.54 44.69
CA LEU D 395 30.18 38.24 43.94
C LEU D 395 30.56 39.34 42.96
N PHE D 396 29.68 40.28 42.66
CA PHE D 396 29.99 41.38 41.76
C PHE D 396 29.46 42.67 42.35
N MET D 397 30.06 43.79 41.94
CA MET D 397 29.55 45.10 42.34
C MET D 397 28.21 45.34 41.70
N GLN D 398 27.31 45.99 42.45
CA GLN D 398 26.07 46.44 41.85
C GLN D 398 26.27 47.69 41.03
N GLU D 399 27.38 48.41 41.25
CA GLU D 399 27.83 49.41 40.30
C GLU D 399 28.24 48.76 38.98
N GLU D 400 28.73 47.53 39.05
CA GLU D 400 29.28 46.88 37.87
C GLU D 400 28.18 46.29 36.98
N LEU D 401 27.15 45.71 37.59
CA LEU D 401 26.12 45.01 36.83
C LEU D 401 25.25 45.95 36.03
N ARG D 402 25.29 47.24 36.34
CA ARG D 402 24.55 48.21 35.56
C ARG D 402 25.13 48.35 34.16
N GLU D 403 26.44 48.21 34.01
CA GLU D 403 27.07 48.24 32.70
C GLU D 403 26.87 46.98 31.89
N VAL D 404 27.10 45.81 32.50
CA VAL D 404 27.09 44.55 31.77
C VAL D 404 25.68 44.16 31.36
N PHE D 405 24.73 44.18 32.30
CA PHE D 405 23.35 43.88 31.95
C PHE D 405 22.72 45.02 31.17
N GLY D 406 23.24 46.23 31.33
CA GLY D 406 22.80 47.32 30.48
C GLY D 406 23.26 47.18 29.04
N ASN D 407 24.38 46.49 28.83
CA ASN D 407 24.94 46.39 27.48
C ASN D 407 24.36 45.19 26.75
N GLN D 408 24.09 44.11 27.47
CA GLN D 408 23.54 42.89 26.87
C GLN D 408 22.07 43.07 26.50
N LEU D 409 21.38 43.99 27.16
CA LEU D 409 19.96 44.20 26.97
C LEU D 409 19.65 45.24 25.88
N VAL D 410 20.68 45.89 25.33
CA VAL D 410 20.50 46.77 24.19
C VAL D 410 20.71 46.04 22.87
N GLU D 411 21.74 45.19 22.80
CA GLU D 411 21.99 44.45 21.56
C GLU D 411 20.99 43.31 21.36
N THR D 412 20.24 42.93 22.40
CA THR D 412 19.11 42.03 22.22
C THR D 412 17.98 42.71 21.45
N GLY D 413 17.86 44.02 21.55
CA GLY D 413 16.78 44.73 20.89
C GLY D 413 15.51 44.76 21.68
N LEU D 414 15.55 44.38 22.96
CA LEU D 414 14.35 44.37 23.78
C LEU D 414 13.98 45.79 24.21
N TYR D 415 14.93 46.52 24.78
CA TYR D 415 14.74 47.89 25.22
C TYR D 415 15.72 48.78 24.45
N PRO D 416 15.41 49.10 23.19
CA PRO D 416 16.44 49.72 22.33
C PRO D 416 16.71 51.19 22.66
N GLY D 417 15.68 51.94 23.07
CA GLY D 417 15.91 53.31 23.46
C GLY D 417 16.43 53.43 24.87
N LEU D 418 17.64 52.95 25.11
CA LEU D 418 18.25 52.94 26.45
C LEU D 418 19.53 53.74 26.37
N GLY D 419 19.40 55.06 26.49
CA GLY D 419 20.53 55.94 26.62
C GLY D 419 20.78 56.27 28.08
N ASP D 420 21.69 55.55 28.71
CA ASP D 420 22.01 55.73 30.11
C ASP D 420 23.35 56.39 30.34
N LEU D 421 24.25 56.33 29.38
CA LEU D 421 25.56 56.92 29.53
C LEU D 421 25.49 58.41 29.21
N LEU D 422 25.97 59.23 30.15
CA LEU D 422 26.14 60.69 30.11
C LEU D 422 24.81 61.44 30.20
N ALA D 423 23.69 60.73 30.11
CA ALA D 423 22.38 61.35 30.26
C ALA D 423 21.74 61.01 31.59
N GLN D 424 21.79 59.75 31.98
CA GLN D 424 21.17 59.26 33.20
C GLN D 424 22.21 59.16 34.31
N ASN D 425 22.89 60.29 34.53
CA ASN D 425 24.05 60.43 35.40
C ASN D 425 25.17 59.45 35.04
N GLY D 426 25.23 59.09 33.76
CA GLY D 426 26.21 58.11 33.29
C GLY D 426 25.98 56.75 33.93
N ASN D 427 27.03 56.25 34.58
CA ASN D 427 26.93 55.09 35.46
C ASN D 427 27.22 55.60 36.88
N GLU D 428 26.19 56.14 37.52
CA GLU D 428 26.17 56.45 38.94
C GLU D 428 24.75 56.78 39.35
N LEU D 429 24.31 56.18 40.45
CA LEU D 429 23.08 56.53 41.13
C LEU D 429 23.44 57.06 42.52
N PRO D 430 22.55 57.82 43.16
CA PRO D 430 22.84 58.21 44.55
C PRO D 430 22.79 57.05 45.51
N GLU D 431 22.14 55.95 45.14
CA GLU D 431 21.81 54.90 46.09
C GLU D 431 22.81 53.75 46.09
N TRP D 432 23.97 53.85 45.46
CA TRP D 432 24.87 52.72 45.51
C TRP D 432 25.64 52.67 46.82
N ASP D 433 26.48 53.67 47.04
CA ASP D 433 27.41 53.69 48.16
C ASP D 433 26.92 54.57 49.29
N LEU D 434 26.12 55.59 48.97
CA LEU D 434 25.60 56.51 49.97
C LEU D 434 24.23 56.09 50.49
N GLU D 435 23.87 54.83 50.28
CA GLU D 435 22.65 54.26 50.81
C GLU D 435 22.92 52.92 51.50
N GLN D 436 24.07 52.31 51.25
CA GLN D 436 24.48 51.08 51.93
C GLN D 436 25.15 51.35 53.27
N ARG D 437 24.85 52.49 53.90
CA ARG D 437 25.31 52.76 55.26
C ARG D 437 24.72 51.77 56.25
N SER D 438 23.50 51.29 55.98
CA SER D 438 22.81 50.41 56.91
C SER D 438 23.48 49.04 57.00
N ALA D 439 24.19 48.62 55.94
CA ALA D 439 25.06 47.46 56.05
C ALA D 439 26.36 47.80 56.75
N GLU D 440 26.84 49.03 56.61
CA GLU D 440 28.03 49.50 57.29
C GLU D 440 27.75 49.97 58.71
N ALA D 441 26.48 50.15 59.07
CA ALA D 441 26.09 50.54 60.42
C ALA D 441 26.04 49.37 61.38
N SER D 442 25.43 48.25 60.98
CA SER D 442 25.23 47.13 61.88
C SER D 442 26.51 46.34 62.10
N THR D 443 27.47 46.43 61.17
CA THR D 443 28.79 45.87 61.45
C THR D 443 29.57 46.73 62.44
N LYS D 444 29.25 48.01 62.54
CA LYS D 444 29.83 48.85 63.59
C LYS D 444 29.17 48.55 64.93
N THR D 445 27.98 47.95 64.91
CA THR D 445 27.25 47.56 66.10
C THR D 445 27.38 46.06 66.33
N ALA D 446 28.22 45.38 65.55
CA ALA D 446 28.26 43.92 65.55
C ALA D 446 28.94 43.38 66.80
N GLU D 447 30.22 43.70 66.98
CA GLU D 447 30.94 43.27 68.18
C GLU D 447 31.12 44.38 69.20
N ALA D 448 30.86 45.63 68.84
CA ALA D 448 30.99 46.72 69.79
C ALA D 448 29.90 46.65 70.85
N ALA D 449 28.67 46.38 70.43
CA ALA D 449 27.53 46.31 71.33
C ALA D 449 27.15 44.87 71.69
N ALA D 450 28.06 43.93 71.50
CA ALA D 450 27.82 42.54 71.86
C ALA D 450 28.59 42.09 73.09
N LEU D 451 29.74 42.68 73.37
CA LEU D 451 30.46 42.38 74.60
C LEU D 451 30.73 43.68 75.34
N SER E 10 34.71 17.44 -16.13
CA SER E 10 33.79 16.66 -16.94
C SER E 10 34.36 15.28 -17.20
N LEU E 11 33.48 14.33 -17.44
CA LEU E 11 33.88 12.96 -17.76
C LEU E 11 33.95 12.77 -19.26
N ARG E 12 34.78 11.82 -19.67
CA ARG E 12 34.88 11.42 -21.07
C ARG E 12 35.52 10.05 -21.13
N SER E 13 34.84 9.08 -21.72
CA SER E 13 35.36 7.73 -21.83
C SER E 13 35.79 7.47 -23.26
N MET E 14 36.84 6.67 -23.44
CA MET E 14 37.34 6.41 -24.77
C MET E 14 36.47 5.43 -25.54
N ILE E 15 35.93 4.43 -24.89
CA ILE E 15 34.86 3.61 -25.45
C ILE E 15 33.55 4.13 -24.91
N SER E 16 32.46 3.80 -25.61
CA SER E 16 31.07 4.11 -25.26
C SER E 16 30.71 5.59 -25.26
N GLY E 17 31.65 6.48 -25.58
CA GLY E 17 31.41 7.90 -25.84
C GLY E 17 30.65 8.69 -24.79
N LEU E 18 31.11 8.65 -23.54
CA LEU E 18 30.29 9.16 -22.45
C LEU E 18 30.35 10.69 -22.36
N GLY E 19 31.37 11.32 -22.91
CA GLY E 19 31.43 12.76 -22.83
C GLY E 19 31.75 13.43 -24.14
N ASP E 20 31.50 12.72 -25.23
CA ASP E 20 31.86 13.21 -26.56
C ASP E 20 30.84 14.24 -27.03
N PRO E 21 31.24 15.47 -27.34
CA PRO E 21 30.28 16.48 -27.79
C PRO E 21 29.77 16.29 -29.21
N LEU E 22 30.11 15.20 -29.89
CA LEU E 22 29.52 14.87 -31.17
C LEU E 22 28.53 13.73 -31.08
N ARG E 23 28.81 12.72 -30.27
CA ARG E 23 27.94 11.55 -30.18
C ARG E 23 26.95 11.67 -29.03
N ASP E 24 27.44 11.82 -27.80
CA ASP E 24 26.57 11.99 -26.64
C ASP E 24 26.04 13.41 -26.62
N LYS E 25 24.79 13.56 -26.19
CA LYS E 25 24.18 14.88 -26.10
C LYS E 25 23.64 15.18 -24.72
N ASN E 26 24.19 14.53 -23.68
CA ASN E 26 23.71 14.67 -22.31
C ASN E 26 23.89 16.09 -21.80
N ALA E 27 25.11 16.50 -21.63
CA ALA E 27 25.45 17.88 -21.34
C ALA E 27 26.62 18.29 -22.18
N SER E 28 27.17 17.38 -22.97
CA SER E 28 28.30 17.63 -23.83
C SER E 28 27.97 18.55 -24.99
N THR E 29 26.70 18.69 -25.35
CA THR E 29 26.35 19.53 -26.47
C THR E 29 25.53 20.73 -26.04
N PHE E 30 25.88 21.39 -24.94
CA PHE E 30 25.02 22.44 -24.44
C PHE E 30 25.78 23.71 -24.07
N HIS E 31 25.08 24.81 -24.24
CA HIS E 31 25.58 26.13 -23.97
C HIS E 31 24.39 27.01 -23.61
N TRP E 32 24.61 28.32 -23.58
CA TRP E 32 23.58 29.28 -23.29
C TRP E 32 23.71 30.43 -24.28
N ASP E 33 22.58 30.86 -24.80
CA ASP E 33 22.55 32.10 -25.56
C ASP E 33 21.76 33.12 -24.76
N ARG E 34 22.17 34.38 -24.86
CA ARG E 34 21.51 35.48 -24.15
C ARG E 34 20.12 35.66 -24.70
N GLN E 35 19.22 36.21 -23.89
CA GLN E 35 17.87 36.42 -24.37
C GLN E 35 17.41 37.82 -23.97
N LEU E 36 16.60 38.43 -24.83
CA LEU E 36 16.22 39.82 -24.66
C LEU E 36 14.73 39.97 -24.91
N ASP E 37 14.14 40.99 -24.30
CA ASP E 37 12.70 41.20 -24.30
C ASP E 37 12.39 42.62 -23.84
N ASP E 38 11.57 43.33 -24.61
CA ASP E 38 11.26 44.72 -24.31
C ASP E 38 9.75 45.00 -24.28
N ARG E 39 8.99 44.32 -25.13
CA ARG E 39 7.55 44.51 -25.22
C ARG E 39 6.77 43.43 -24.50
N GLN E 40 7.20 42.17 -24.60
CA GLN E 40 6.49 41.08 -23.95
C GLN E 40 6.66 41.05 -22.45
N LEU E 41 7.49 41.93 -21.88
CA LEU E 41 7.44 42.16 -20.44
C LEU E 41 6.10 42.73 -20.04
N LEU E 42 5.50 43.55 -20.90
CA LEU E 42 4.17 44.08 -20.61
C LEU E 42 3.11 43.00 -20.82
N TYR E 43 3.26 42.17 -21.85
CA TYR E 43 2.26 41.15 -22.14
C TYR E 43 2.26 40.06 -21.08
N ALA E 44 3.43 39.70 -20.57
CA ALA E 44 3.51 38.60 -19.61
C ALA E 44 3.06 39.04 -18.23
N TYR E 45 3.36 40.29 -17.84
CA TYR E 45 2.94 40.78 -16.55
C TYR E 45 1.44 40.96 -16.49
N ARG E 46 0.83 41.34 -17.60
CA ARG E 46 -0.58 41.67 -17.60
C ARG E 46 -1.46 40.45 -17.82
N ASN E 47 -0.98 39.42 -18.49
CA ASN E 47 -1.83 38.31 -18.92
C ASN E 47 -1.43 36.97 -18.33
N SER E 48 -0.57 36.95 -17.31
CA SER E 48 -0.15 35.69 -16.70
C SER E 48 -0.06 35.89 -15.20
N TRP E 49 -0.75 35.03 -14.43
CA TRP E 49 -0.71 35.17 -12.98
C TRP E 49 0.62 34.70 -12.42
N VAL E 50 1.37 33.89 -13.18
CA VAL E 50 2.67 33.43 -12.74
C VAL E 50 3.66 34.58 -12.73
N ALA E 51 3.62 35.41 -13.77
CA ALA E 51 4.59 36.48 -13.91
C ALA E 51 4.24 37.66 -13.03
N ARG E 52 2.96 37.91 -12.81
CA ARG E 52 2.58 39.06 -11.99
C ARG E 52 2.83 38.77 -10.51
N LYS E 53 2.73 37.51 -10.10
CA LYS E 53 2.94 37.16 -8.70
C LYS E 53 4.42 37.22 -8.33
N ALA E 54 5.30 36.89 -9.27
CA ALA E 54 6.72 36.91 -9.00
C ALA E 54 7.27 38.33 -8.96
N VAL E 55 6.53 39.30 -9.48
CA VAL E 55 6.98 40.69 -9.45
C VAL E 55 6.48 41.39 -8.19
N THR E 56 5.18 41.27 -7.91
CA THR E 56 4.54 42.11 -6.91
C THR E 56 4.81 41.63 -5.49
N ILE E 57 4.61 40.33 -5.22
CA ILE E 57 4.52 39.86 -3.83
C ILE E 57 5.83 39.92 -3.05
N PRO E 58 7.00 39.52 -3.57
CA PRO E 58 8.23 39.74 -2.79
C PRO E 58 8.63 41.19 -2.64
N ALA E 59 8.00 42.13 -3.34
CA ALA E 59 8.18 43.54 -3.11
C ALA E 59 7.05 44.16 -2.31
N LEU E 60 5.93 43.45 -2.17
CA LEU E 60 4.80 44.00 -1.44
C LEU E 60 4.89 43.66 0.04
N ASP E 61 5.55 42.55 0.37
CA ASP E 61 5.68 42.14 1.75
C ASP E 61 6.84 42.81 2.47
N ALA E 62 7.55 43.72 1.81
CA ALA E 62 8.64 44.44 2.44
C ALA E 62 8.22 45.79 2.99
N VAL E 63 7.01 46.25 2.67
CA VAL E 63 6.54 47.54 3.16
C VAL E 63 5.16 47.40 3.80
N ARG E 64 4.83 46.19 4.24
CA ARG E 64 3.55 46.00 4.93
C ARG E 64 3.58 46.64 6.31
N LYS E 65 4.56 46.26 7.13
CA LYS E 65 4.79 46.88 8.43
C LYS E 65 6.23 47.36 8.46
N TRP E 66 6.46 48.54 9.02
CA TRP E 66 7.68 49.26 8.69
C TRP E 66 7.90 50.43 9.64
N ARG E 67 9.15 50.56 10.10
CA ARG E 67 9.74 51.80 10.59
C ARG E 67 8.99 52.39 11.79
N ASP E 68 9.15 51.73 12.93
CA ASP E 68 8.82 52.34 14.21
C ASP E 68 10.02 53.14 14.71
N TRP E 69 9.84 54.43 14.93
CA TRP E 69 10.95 55.30 15.33
C TRP E 69 11.26 55.10 16.82
N GLN E 70 12.20 55.90 17.33
CA GLN E 70 12.73 55.67 18.67
C GLN E 70 12.43 56.79 19.66
N ALA E 71 12.84 58.02 19.37
CA ALA E 71 12.73 59.07 20.38
C ALA E 71 11.30 59.58 20.46
N ASP E 72 10.83 59.85 21.68
CA ASP E 72 9.55 60.50 21.87
C ASP E 72 9.74 61.72 22.75
N GLN E 73 9.75 62.89 22.11
CA GLN E 73 9.58 64.19 22.74
C GLN E 73 8.42 64.90 22.06
N LYS E 74 7.30 64.16 21.98
CA LYS E 74 6.10 64.44 21.20
C LYS E 74 6.42 64.52 19.70
N ASP E 75 7.54 63.93 19.28
CA ASP E 75 8.09 64.11 17.95
C ASP E 75 7.97 62.89 17.07
N ILE E 76 7.63 61.73 17.63
CA ILE E 76 7.33 60.58 16.82
C ILE E 76 5.96 60.71 16.15
N SER E 77 5.15 61.68 16.58
CA SER E 77 3.85 61.93 15.99
C SER E 77 3.92 62.79 14.73
N ARG E 78 4.72 63.84 14.73
CA ARG E 78 4.81 64.68 13.54
C ARG E 78 5.97 64.30 12.64
N ILE E 79 6.77 63.31 13.02
CA ILE E 79 7.72 62.74 12.06
C ILE E 79 7.02 61.71 11.20
N GLU E 80 5.85 61.26 11.63
CA GLU E 80 5.03 60.41 10.79
C GLU E 80 4.01 61.19 10.00
N ALA E 81 3.68 62.41 10.45
CA ALA E 81 2.73 63.24 9.73
C ALA E 81 3.29 63.73 8.41
N THR E 82 4.62 63.87 8.33
CA THR E 82 5.23 64.24 7.06
C THR E 82 5.30 63.04 6.12
N GLU E 83 5.32 61.82 6.68
CA GLU E 83 5.29 60.64 5.85
C GLU E 83 3.89 60.38 5.30
N LYS E 84 2.88 60.55 6.15
CA LYS E 84 1.51 60.28 5.73
C LYS E 84 0.99 61.34 4.78
N ARG E 85 1.54 62.55 4.86
CA ARG E 85 1.15 63.62 3.93
C ARG E 85 1.69 63.34 2.54
N LEU E 86 2.96 63.00 2.43
CA LEU E 86 3.59 62.74 1.15
C LEU E 86 3.22 61.40 0.55
N GLY E 87 2.71 60.47 1.34
CA GLY E 87 2.43 59.14 0.84
C GLY E 87 3.68 58.34 0.57
N LEU E 88 4.62 58.33 1.52
CA LEU E 88 5.91 57.68 1.30
C LEU E 88 5.80 56.16 1.41
N GLN E 89 4.75 55.65 2.06
CA GLN E 89 4.55 54.21 2.13
C GLN E 89 4.16 53.62 0.80
N GLN E 90 3.17 54.23 0.13
CA GLN E 90 2.72 53.73 -1.16
C GLN E 90 3.72 54.01 -2.27
N LYS E 91 4.37 55.16 -2.26
CA LYS E 91 5.30 55.52 -3.32
C LYS E 91 6.62 54.77 -3.25
N LEU E 92 6.89 54.07 -2.15
CA LEU E 92 8.05 53.19 -2.14
C LEU E 92 7.66 51.80 -2.63
N LEU E 93 6.38 51.44 -2.45
CA LEU E 93 5.87 50.19 -3.01
C LEU E 93 5.73 50.29 -4.52
N GLN E 94 5.25 51.43 -5.01
CA GLN E 94 5.01 51.59 -6.43
C GLN E 94 6.33 51.78 -7.18
N CYS E 95 7.38 52.21 -6.46
CA CYS E 95 8.69 52.34 -7.07
C CYS E 95 9.40 51.00 -7.17
N LYS E 96 9.29 50.16 -6.14
CA LYS E 96 10.02 48.91 -6.10
C LYS E 96 9.46 47.91 -7.09
N THR E 97 8.16 47.97 -7.36
CA THR E 97 7.54 47.07 -8.33
C THR E 97 7.97 47.40 -9.75
N LEU E 98 8.06 48.69 -10.08
CA LEU E 98 8.52 49.07 -11.41
C LEU E 98 9.99 48.75 -11.60
N ALA E 99 10.77 48.84 -10.52
CA ALA E 99 12.14 48.38 -10.59
C ALA E 99 12.20 46.86 -10.69
N ARG E 100 11.18 46.19 -10.18
CA ARG E 100 11.14 44.73 -10.25
C ARG E 100 10.74 44.26 -11.64
N LEU E 101 9.77 44.93 -12.27
CA LEU E 101 9.32 44.54 -13.60
C LEU E 101 10.32 44.98 -14.65
N TRP E 102 10.54 46.29 -14.76
CA TRP E 102 11.48 46.81 -15.73
C TRP E 102 12.89 46.72 -15.17
N GLY E 103 13.84 47.35 -15.87
CA GLY E 103 15.22 47.28 -15.42
C GLY E 103 15.48 48.06 -14.15
N GLY E 104 14.67 49.07 -13.87
CA GLY E 104 14.86 49.88 -12.68
C GLY E 104 13.89 51.03 -12.69
N ALA E 105 13.81 51.71 -11.55
CA ALA E 105 12.93 52.86 -11.41
C ALA E 105 13.56 53.81 -10.40
N ALA E 106 12.94 54.98 -10.24
CA ALA E 106 13.53 56.01 -9.41
C ALA E 106 12.46 57.01 -8.97
N ILE E 107 12.54 57.41 -7.71
CA ILE E 107 11.72 58.48 -7.17
C ILE E 107 12.63 59.66 -6.88
N VAL E 108 12.17 60.87 -7.17
CA VAL E 108 12.99 62.07 -7.11
C VAL E 108 12.41 63.01 -6.04
N ILE E 109 13.30 63.56 -5.21
CA ILE E 109 12.91 64.37 -4.06
C ILE E 109 12.78 65.83 -4.51
N GLY E 110 11.79 66.53 -3.97
CA GLY E 110 11.74 67.95 -4.20
C GLY E 110 11.68 68.78 -2.94
N VAL E 111 12.74 69.48 -2.65
CA VAL E 111 12.77 70.43 -1.54
C VAL E 111 12.46 71.79 -2.13
N LYS E 112 11.71 72.62 -1.40
CA LYS E 112 11.31 73.93 -1.90
C LYS E 112 12.52 74.84 -2.08
N ASP E 113 12.52 75.55 -3.21
CA ASP E 113 13.55 76.51 -3.62
C ASP E 113 14.91 75.84 -3.76
N GLN E 114 14.95 74.83 -4.63
CA GLN E 114 16.16 74.13 -5.02
C GLN E 114 16.26 74.14 -6.54
N ASP E 115 17.44 74.49 -7.05
CA ASP E 115 17.54 74.98 -8.42
C ASP E 115 17.63 73.89 -9.48
N MET E 116 18.69 73.08 -9.46
CA MET E 116 19.09 72.35 -10.65
C MET E 116 19.93 71.16 -10.20
N ALA E 117 20.57 70.47 -11.14
CA ALA E 117 21.50 69.40 -10.83
C ALA E 117 22.81 69.96 -10.30
N THR E 118 22.78 70.53 -9.10
CA THR E 118 23.98 70.98 -8.41
C THR E 118 24.65 69.78 -7.77
N PRO E 119 25.83 69.93 -7.16
CA PRO E 119 26.20 68.94 -6.15
C PRO E 119 25.26 69.14 -4.99
N PHE E 120 24.27 68.26 -4.93
CA PHE E 120 22.96 68.57 -4.39
C PHE E 120 22.74 67.77 -3.12
N GLU E 121 23.01 68.40 -1.98
CA GLU E 121 22.64 67.79 -0.72
C GLU E 121 21.37 68.44 -0.19
N PRO E 122 20.27 67.72 -0.13
CA PRO E 122 19.13 68.20 0.66
C PRO E 122 19.25 67.82 2.14
N GLU E 123 20.41 68.04 2.73
CA GLU E 123 20.66 67.74 4.13
C GLU E 123 20.90 68.98 4.97
N THR E 124 21.38 70.06 4.37
CA THR E 124 21.70 71.26 5.11
C THR E 124 20.50 72.17 5.31
N VAL E 125 19.46 72.02 4.49
CA VAL E 125 18.30 72.91 4.56
C VAL E 125 17.49 72.58 5.81
N ASN E 126 17.41 73.54 6.73
CA ASN E 126 16.77 73.37 8.02
C ASN E 126 15.49 74.20 8.07
N LYS E 127 14.43 73.63 7.49
CA LYS E 127 13.14 74.29 7.38
C LYS E 127 12.06 73.22 7.46
N ASP E 128 10.86 73.57 7.02
CA ASP E 128 9.77 72.60 6.92
C ASP E 128 9.26 72.52 5.49
N ASP E 129 10.19 72.40 4.54
CA ASP E 129 9.92 72.58 3.13
C ASP E 129 10.16 71.28 2.36
N LEU E 130 9.08 70.55 2.09
CA LEU E 130 9.20 69.31 1.31
C LEU E 130 7.86 69.06 0.64
N VAL E 131 7.84 69.05 -0.69
CA VAL E 131 6.57 68.96 -1.41
C VAL E 131 6.54 67.80 -2.41
N TYR E 132 7.59 67.62 -3.19
CA TYR E 132 7.54 66.72 -4.35
C TYR E 132 8.00 65.33 -3.96
N LEU E 133 7.20 64.32 -4.33
CA LEU E 133 7.66 62.92 -4.47
C LEU E 133 6.98 62.34 -5.71
N THR E 134 7.63 62.44 -6.85
CA THR E 134 7.16 61.83 -8.08
C THR E 134 8.07 60.67 -8.41
N VAL E 135 7.46 59.57 -8.85
CA VAL E 135 8.13 58.29 -9.06
C VAL E 135 8.00 57.88 -10.50
N MET E 136 9.12 57.61 -11.15
CA MET E 136 9.15 57.30 -12.57
C MET E 136 10.03 56.09 -12.82
N SER E 137 9.69 55.34 -13.85
CA SER E 137 10.45 54.16 -14.20
C SER E 137 11.67 54.55 -15.03
N ARG E 138 12.35 53.53 -15.56
CA ARG E 138 13.45 53.79 -16.47
C ARG E 138 12.95 54.19 -17.85
N ARG E 139 11.64 54.07 -18.09
CA ARG E 139 11.06 54.58 -19.32
C ARG E 139 11.18 56.10 -19.40
N GLU E 140 11.10 56.79 -18.26
CA GLU E 140 10.98 58.24 -18.23
C GLU E 140 12.20 58.91 -17.62
N LEU E 141 13.33 58.22 -17.56
CA LEU E 141 14.60 58.79 -17.14
C LEU E 141 15.62 58.59 -18.26
N SER E 142 16.85 59.03 -18.02
CA SER E 142 17.91 58.86 -19.01
C SER E 142 19.29 58.83 -18.34
N PRO E 143 19.98 57.71 -18.41
CA PRO E 143 21.26 57.55 -17.70
C PRO E 143 22.48 57.95 -18.52
N GLU E 144 22.49 59.17 -19.04
CA GLU E 144 23.31 59.47 -20.22
C GLU E 144 24.71 59.99 -19.88
N GLU E 145 25.38 59.30 -18.95
CA GLU E 145 26.82 59.31 -18.71
C GLU E 145 27.16 58.05 -17.92
N LEU E 146 28.45 57.81 -17.72
CA LEU E 146 28.85 56.83 -16.71
C LEU E 146 29.88 57.35 -15.72
N GLU E 147 30.88 58.11 -16.20
CA GLU E 147 31.92 58.76 -15.38
C GLU E 147 32.70 57.74 -14.53
N GLN E 148 33.54 57.00 -15.25
CA GLN E 148 34.32 55.87 -14.77
C GLN E 148 35.50 56.26 -13.86
N ASP E 149 35.53 57.48 -13.34
CA ASP E 149 36.61 57.93 -12.46
C ASP E 149 36.56 57.19 -11.12
N PRO E 150 37.58 56.40 -10.77
CA PRO E 150 37.48 55.55 -9.57
C PRO E 150 37.71 56.26 -8.26
N LEU E 151 37.14 57.45 -8.10
CA LEU E 151 37.23 58.20 -6.86
C LEU E 151 35.94 58.90 -6.48
N ASP E 152 34.95 58.95 -7.37
CA ASP E 152 33.77 59.74 -7.14
C ASP E 152 32.73 58.95 -6.37
N GLU E 153 31.95 59.66 -5.58
CA GLU E 153 30.68 59.14 -5.09
C GLU E 153 29.78 58.81 -6.28
N PHE E 154 28.94 57.81 -6.10
CA PHE E 154 28.18 57.10 -7.15
C PHE E 154 29.04 56.83 -8.39
N TYR E 155 30.12 56.08 -8.16
CA TYR E 155 30.95 55.53 -9.21
C TYR E 155 30.15 54.56 -10.08
N ALA E 156 30.43 54.59 -11.39
CA ALA E 156 29.73 53.83 -12.43
C ALA E 156 28.23 54.07 -12.42
N ARG E 157 27.83 55.28 -12.07
CA ARG E 157 26.43 55.69 -11.93
C ARG E 157 26.26 57.03 -12.64
N PRO E 158 25.09 57.28 -13.24
CA PRO E 158 25.05 58.11 -14.47
C PRO E 158 25.32 59.60 -14.34
N LYS E 159 25.33 60.19 -13.15
CA LYS E 159 25.71 61.58 -12.84
C LYS E 159 24.70 62.63 -13.36
N ARG E 160 23.78 62.25 -14.23
CA ARG E 160 22.88 63.23 -14.84
C ARG E 160 21.69 62.54 -15.46
N TYR E 161 20.49 63.07 -15.22
CA TYR E 161 19.27 62.43 -15.68
C TYR E 161 18.43 63.42 -16.47
N GLN E 162 18.36 63.20 -17.78
CA GLN E 162 17.45 63.93 -18.66
C GLN E 162 16.04 63.48 -18.35
N VAL E 163 15.29 64.26 -17.59
CA VAL E 163 13.94 63.87 -17.21
C VAL E 163 13.02 65.08 -17.16
N SER E 164 12.00 65.09 -18.02
CA SER E 164 10.87 66.01 -18.08
C SER E 164 9.96 65.52 -19.20
N ASN E 165 8.77 66.10 -19.25
CA ASN E 165 7.86 65.86 -20.37
C ASN E 165 7.26 67.20 -20.78
N GLY E 166 7.43 67.56 -22.05
CA GLY E 166 6.85 68.79 -22.55
C GLY E 166 7.78 69.98 -22.52
N ARG E 167 7.65 70.76 -21.43
CA ARG E 167 8.21 72.10 -21.32
C ARG E 167 9.73 72.19 -21.43
N ASN E 168 10.45 71.59 -20.49
CA ASN E 168 11.90 71.83 -20.40
C ASN E 168 12.72 70.55 -20.42
N LEU E 169 14.01 70.68 -20.11
CA LEU E 169 14.96 69.57 -20.19
C LEU E 169 15.28 68.97 -18.83
N SER E 170 15.64 69.82 -17.86
CA SER E 170 15.74 69.48 -16.44
C SER E 170 16.77 68.38 -16.16
N PHE E 171 18.04 68.75 -16.30
CA PHE E 171 19.11 67.93 -15.76
C PHE E 171 18.94 67.78 -14.25
N VAL E 172 18.96 66.53 -13.78
CA VAL E 172 18.74 66.20 -12.37
C VAL E 172 19.94 65.40 -11.89
N HIS E 173 20.45 65.75 -10.69
CA HIS E 173 21.61 65.14 -10.05
C HIS E 173 21.19 63.90 -9.28
N PRO E 174 22.04 62.86 -9.24
CA PRO E 174 21.61 61.59 -8.60
C PRO E 174 21.36 61.67 -7.11
N SER E 175 21.92 62.65 -6.42
CA SER E 175 21.65 62.79 -5.00
C SER E 175 20.28 63.37 -4.72
N ARG E 176 19.55 63.79 -5.74
CA ARG E 176 18.14 64.13 -5.68
C ARG E 176 17.26 62.90 -5.96
N ILE E 177 17.87 61.74 -6.20
CA ILE E 177 17.15 60.58 -6.72
C ILE E 177 17.47 59.35 -5.88
N VAL E 178 16.42 58.62 -5.50
CA VAL E 178 16.54 57.28 -4.96
C VAL E 178 16.65 56.31 -6.12
N HIS E 179 17.69 55.48 -6.12
CA HIS E 179 18.04 54.63 -7.24
C HIS E 179 17.69 53.18 -6.91
N GLN E 180 16.72 52.63 -7.63
CA GLN E 180 16.23 51.27 -7.38
C GLN E 180 16.41 50.41 -8.61
N VAL E 181 16.95 49.21 -8.42
CA VAL E 181 17.15 48.25 -9.50
C VAL E 181 16.48 46.94 -9.12
N GLY E 182 16.21 46.13 -10.14
CA GLY E 182 15.68 44.80 -9.92
C GLY E 182 16.72 43.80 -9.46
N GLU E 183 17.67 43.50 -10.34
CA GLU E 183 18.80 42.64 -10.02
C GLU E 183 20.08 43.33 -10.45
N THR E 184 21.07 43.35 -9.58
CA THR E 184 22.31 44.03 -9.88
C THR E 184 23.10 43.25 -10.93
N HIS E 185 23.43 43.93 -12.02
CA HIS E 185 24.23 43.35 -13.08
C HIS E 185 25.66 43.13 -12.58
N PRO E 186 26.31 42.04 -12.98
CA PRO E 186 27.65 41.77 -12.42
C PRO E 186 28.74 42.65 -12.99
N ASP E 187 28.70 42.95 -14.29
CA ASP E 187 29.72 43.79 -14.91
C ASP E 187 29.00 45.02 -15.47
N PRO E 188 28.84 46.08 -14.67
CA PRO E 188 27.98 47.20 -15.10
C PRO E 188 28.57 48.06 -16.19
N MET E 189 29.87 48.01 -16.43
CA MET E 189 30.46 48.82 -17.48
C MET E 189 30.32 48.17 -18.85
N LEU E 190 30.31 46.84 -18.88
CA LEU E 190 30.16 46.10 -20.13
C LEU E 190 28.69 45.87 -20.49
N ALA E 191 27.77 46.34 -19.66
CA ALA E 191 26.35 46.11 -19.85
C ALA E 191 25.82 46.88 -21.06
N THR E 192 24.76 46.35 -21.64
CA THR E 192 24.20 46.87 -22.88
C THR E 192 22.68 46.88 -22.76
N GLY E 193 22.00 47.06 -23.89
CA GLY E 193 20.55 47.10 -23.90
C GLY E 193 20.04 48.46 -23.49
N VAL E 194 18.75 48.49 -23.16
CA VAL E 194 18.12 49.74 -22.75
C VAL E 194 18.59 50.15 -21.37
N ASN E 195 18.56 49.22 -20.42
CA ASN E 195 19.06 49.47 -19.07
C ASN E 195 20.58 49.51 -19.09
N VAL E 196 21.12 50.72 -19.13
CA VAL E 196 22.56 50.91 -19.16
C VAL E 196 23.06 51.21 -17.75
N GLY E 197 22.56 52.29 -17.17
CA GLY E 197 22.88 52.61 -15.81
C GLY E 197 21.95 52.01 -14.78
N TRP E 198 21.05 51.13 -15.22
CA TRP E 198 20.07 50.51 -14.35
C TRP E 198 20.42 49.04 -14.14
N GLY E 199 19.53 48.32 -13.45
CA GLY E 199 19.70 46.91 -13.21
C GLY E 199 18.99 46.08 -14.26
N ASP E 200 18.86 44.80 -13.97
CA ASP E 200 18.24 43.86 -14.88
C ASP E 200 16.92 43.36 -14.29
N SER E 201 16.01 43.00 -15.18
CA SER E 201 14.68 42.59 -14.75
C SER E 201 14.69 41.20 -14.14
N THR E 202 13.65 40.89 -13.37
CA THR E 202 13.56 39.58 -12.75
C THR E 202 12.66 38.61 -13.50
N LEU E 203 12.14 39.00 -14.66
CA LEU E 203 11.64 38.00 -15.59
C LEU E 203 12.74 37.47 -16.49
N GLN E 204 13.97 37.92 -16.29
CA GLN E 204 15.10 37.44 -17.07
C GLN E 204 15.45 36.01 -16.69
N ALA E 205 15.67 35.77 -15.40
CA ALA E 205 16.19 34.49 -14.96
C ALA E 205 15.11 33.42 -14.93
N LEU E 206 13.89 33.78 -14.52
CA LEU E 206 12.81 32.81 -14.40
C LEU E 206 11.94 32.74 -15.65
N TYR E 207 12.48 33.10 -16.81
CA TYR E 207 11.70 33.03 -18.03
C TYR E 207 11.55 31.58 -18.50
N ASP E 208 12.62 30.80 -18.39
CA ASP E 208 12.55 29.40 -18.83
C ASP E 208 11.71 28.56 -17.88
N ALA E 209 11.80 28.84 -16.58
CA ALA E 209 11.02 28.09 -15.60
C ALA E 209 9.53 28.42 -15.72
N MET E 210 9.20 29.64 -16.13
CA MET E 210 7.80 30.02 -16.28
C MET E 210 7.17 29.37 -17.50
N MET E 211 7.89 29.34 -18.61
CA MET E 211 7.28 28.87 -19.85
C MET E 211 7.20 27.35 -19.90
N ASN E 212 7.97 26.65 -19.06
CA ASN E 212 7.78 25.21 -18.95
C ASN E 212 6.46 24.89 -18.27
N SER E 213 6.10 25.65 -17.24
CA SER E 213 4.89 25.35 -16.50
C SER E 213 3.64 25.76 -17.27
N ASP E 214 3.69 26.90 -17.96
CA ASP E 214 2.48 27.39 -18.63
C ASP E 214 2.20 26.64 -19.92
N ASN E 215 3.20 25.98 -20.50
CA ASN E 215 2.93 25.17 -21.68
C ASN E 215 2.26 23.87 -21.30
N THR E 216 2.72 23.23 -20.22
CA THR E 216 2.15 21.96 -19.82
C THR E 216 0.78 22.11 -19.18
N GLN E 217 0.40 23.32 -18.77
CA GLN E 217 -0.98 23.53 -18.36
C GLN E 217 -1.92 23.53 -19.54
N ALA E 218 -1.49 24.11 -20.67
CA ALA E 218 -2.37 24.24 -21.81
C ALA E 218 -2.37 22.98 -22.66
N ASN E 219 -1.44 22.06 -22.40
CA ASN E 219 -1.42 20.80 -23.13
C ASN E 219 -2.28 19.75 -22.44
N ILE E 220 -2.18 19.66 -21.13
CA ILE E 220 -2.90 18.63 -20.38
C ILE E 220 -4.38 18.98 -20.31
N ALA E 221 -4.71 20.27 -20.34
CA ALA E 221 -6.10 20.66 -20.43
C ALA E 221 -6.64 20.54 -21.85
N SER E 222 -5.78 20.27 -22.83
CA SER E 222 -6.27 20.00 -24.18
C SER E 222 -6.63 18.53 -24.37
N LEU E 223 -5.98 17.64 -23.61
CA LEU E 223 -6.27 16.21 -23.73
C LEU E 223 -7.60 15.84 -23.13
N VAL E 224 -8.19 16.70 -22.30
CA VAL E 224 -9.44 16.32 -21.65
C VAL E 224 -10.59 16.38 -22.63
N PHE E 225 -10.47 17.22 -23.66
CA PHE E 225 -11.46 17.23 -24.74
C PHE E 225 -11.40 15.94 -25.55
N GLU E 226 -10.19 15.49 -25.85
CA GLU E 226 -10.00 14.19 -26.48
C GLU E 226 -9.80 13.11 -25.43
N ALA E 227 -10.73 13.00 -24.48
CA ALA E 227 -10.57 11.98 -23.45
C ALA E 227 -10.86 10.60 -24.01
N ASN E 228 -11.83 10.48 -24.90
CA ASN E 228 -12.04 9.25 -25.65
C ASN E 228 -12.76 9.61 -26.94
N VAL E 229 -12.04 9.51 -28.05
CA VAL E 229 -12.59 9.70 -29.38
C VAL E 229 -12.87 8.32 -29.97
N ASP E 230 -13.95 8.21 -30.73
CA ASP E 230 -14.34 6.95 -31.35
C ASP E 230 -14.61 7.13 -32.83
N VAL E 231 -14.32 6.09 -33.59
CA VAL E 231 -14.46 6.11 -35.04
C VAL E 231 -15.51 5.08 -35.44
N ILE E 232 -16.03 5.25 -36.65
CA ILE E 232 -17.02 4.34 -37.23
C ILE E 232 -16.62 4.12 -38.67
N GLY E 233 -16.31 2.88 -39.03
CA GLY E 233 -15.87 2.61 -40.38
C GLY E 233 -16.92 2.00 -41.28
N LEU E 234 -17.45 2.78 -42.23
CA LEU E 234 -18.38 2.26 -43.21
C LEU E 234 -17.62 1.58 -44.34
N PRO E 235 -18.18 0.50 -44.93
CA PRO E 235 -17.46 -0.24 -45.98
C PRO E 235 -17.18 0.54 -47.26
N ASP E 236 -18.20 1.10 -47.91
CA ASP E 236 -18.01 1.96 -49.07
C ASP E 236 -18.44 3.36 -48.69
N PHE E 237 -17.51 4.09 -48.09
CA PHE E 237 -17.72 5.46 -47.66
C PHE E 237 -17.16 6.45 -48.66
N MET E 238 -16.39 5.96 -49.62
CA MET E 238 -15.85 6.81 -50.67
C MET E 238 -16.94 7.30 -51.61
N GLU E 239 -18.06 6.60 -51.67
CA GLU E 239 -19.07 6.81 -52.70
C GLU E 239 -20.32 7.51 -52.18
N ASN E 240 -20.65 7.34 -50.90
CA ASN E 240 -21.71 8.14 -50.30
C ASN E 240 -21.32 9.61 -50.22
N MET E 241 -20.07 9.88 -49.94
CA MET E 241 -19.57 11.26 -49.80
C MET E 241 -19.09 11.80 -51.14
N SER E 242 -19.89 11.66 -52.19
CA SER E 242 -19.47 12.06 -53.52
C SER E 242 -20.36 13.13 -54.12
N SER E 243 -21.44 13.50 -53.45
CA SER E 243 -22.27 14.61 -53.88
C SER E 243 -22.79 15.31 -52.63
N GLU E 244 -23.62 16.33 -52.82
CA GLU E 244 -24.20 17.06 -51.70
C GLU E 244 -25.50 16.46 -51.20
N VAL E 245 -26.35 15.97 -52.09
CA VAL E 245 -27.65 15.46 -51.69
C VAL E 245 -27.54 14.09 -51.05
N TYR E 246 -26.55 13.30 -51.50
CA TYR E 246 -26.33 11.98 -50.93
C TYR E 246 -25.73 12.06 -49.54
N ARG E 247 -24.77 12.99 -49.33
CA ARG E 247 -24.04 12.96 -48.07
C ARG E 247 -24.83 13.60 -46.95
N GLN E 248 -25.81 14.44 -47.28
CA GLN E 248 -26.65 15.00 -46.22
C GLN E 248 -27.74 14.02 -45.84
N LYS E 249 -28.03 13.04 -46.70
CA LYS E 249 -28.90 11.95 -46.32
C LYS E 249 -28.23 11.06 -45.28
N LEU E 250 -26.91 10.98 -45.32
CA LEU E 250 -26.14 10.17 -44.39
C LEU E 250 -25.89 10.90 -43.08
N LEU E 251 -25.41 12.15 -43.15
CA LEU E 251 -24.95 12.86 -41.96
C LEU E 251 -26.11 13.41 -41.14
N ASP E 252 -27.28 13.55 -41.74
CA ASP E 252 -28.44 13.95 -40.93
C ASP E 252 -28.93 12.78 -40.10
N ARG E 253 -28.75 11.56 -40.57
CA ARG E 253 -29.23 10.42 -39.80
C ARG E 253 -28.23 10.02 -38.73
N PHE E 254 -26.94 10.16 -39.01
CA PHE E 254 -25.93 9.90 -37.99
C PHE E 254 -25.90 10.95 -36.89
N THR E 255 -26.44 12.14 -37.14
CA THR E 255 -26.59 13.10 -36.05
C THR E 255 -27.59 12.60 -35.04
N LEU E 256 -28.77 12.19 -35.51
CA LEU E 256 -29.82 11.76 -34.61
C LEU E 256 -29.56 10.36 -34.06
N ALA E 257 -28.59 9.66 -34.62
CA ALA E 257 -28.25 8.33 -34.11
C ALA E 257 -27.02 8.31 -33.22
N ALA E 258 -26.17 9.33 -33.28
CA ALA E 258 -25.01 9.40 -32.40
C ALA E 258 -25.13 10.54 -31.40
N ALA E 259 -26.30 11.17 -31.31
CA ALA E 259 -26.51 12.17 -30.28
C ALA E 259 -26.81 11.54 -28.93
N GLY E 260 -27.69 10.55 -28.91
CA GLY E 260 -28.19 10.00 -27.67
C GLY E 260 -27.62 8.68 -27.24
N LYS E 261 -26.49 8.24 -27.79
CA LYS E 261 -25.91 6.97 -27.37
C LYS E 261 -25.33 7.10 -25.97
N GLY E 262 -25.28 5.99 -25.27
CA GLY E 262 -24.88 6.04 -23.88
C GLY E 262 -25.54 4.92 -23.09
N ILE E 263 -25.92 5.25 -21.85
CA ILE E 263 -26.41 4.23 -20.93
C ILE E 263 -27.81 3.78 -21.31
N ASN E 264 -28.67 4.71 -21.69
CA ASN E 264 -30.08 4.43 -21.88
C ASN E 264 -30.49 4.25 -23.34
N LYS E 265 -29.54 4.31 -24.27
CA LYS E 265 -29.82 3.99 -25.67
C LYS E 265 -28.70 3.11 -26.19
N THR E 266 -29.05 2.20 -27.10
CA THR E 266 -28.10 1.28 -27.70
C THR E 266 -28.02 1.54 -29.19
N LEU E 267 -26.81 1.62 -29.73
CA LEU E 267 -26.64 1.80 -31.16
C LEU E 267 -27.06 0.55 -31.93
N MET E 268 -27.56 0.75 -33.13
CA MET E 268 -27.79 -0.33 -34.06
C MET E 268 -26.92 -0.10 -35.28
N LEU E 269 -26.06 -1.06 -35.58
CA LEU E 269 -25.18 -0.95 -36.73
C LEU E 269 -25.32 -2.20 -37.58
N ASP E 270 -24.83 -2.11 -38.81
CA ASP E 270 -24.70 -3.28 -39.65
C ASP E 270 -23.55 -4.15 -39.13
N ALA E 271 -23.52 -5.41 -39.55
CA ALA E 271 -22.46 -6.31 -39.09
C ALA E 271 -21.11 -6.01 -39.72
N GLU E 272 -21.05 -5.17 -40.75
CA GLU E 272 -19.79 -4.75 -41.37
C GLU E 272 -19.18 -3.56 -40.66
N GLU E 273 -20.02 -2.67 -40.13
CA GLU E 273 -19.57 -1.42 -39.54
C GLU E 273 -18.90 -1.69 -38.20
N VAL E 274 -17.84 -0.94 -37.91
CA VAL E 274 -16.84 -1.40 -36.96
C VAL E 274 -17.03 -0.86 -35.54
N PHE E 275 -16.92 0.47 -35.39
CA PHE E 275 -17.08 1.19 -34.11
C PHE E 275 -16.07 0.71 -33.05
N THR E 276 -14.83 1.10 -33.26
CA THR E 276 -13.84 1.02 -32.19
C THR E 276 -13.78 2.33 -31.41
N ALA E 277 -13.13 2.28 -30.25
CA ALA E 277 -13.08 3.42 -29.34
C ALA E 277 -11.68 3.54 -28.76
N HIS E 278 -11.09 4.72 -28.89
CA HIS E 278 -9.69 4.95 -28.53
C HIS E 278 -9.58 5.84 -27.31
N SER E 279 -9.18 5.25 -26.19
CA SER E 279 -9.14 5.95 -24.91
C SER E 279 -7.71 6.36 -24.62
N ARG E 280 -7.49 7.65 -24.35
CA ARG E 280 -6.15 8.13 -24.07
C ARG E 280 -5.79 7.83 -22.62
N SER E 281 -4.55 8.13 -22.25
CA SER E 281 -4.01 7.76 -20.96
C SER E 281 -3.62 9.01 -20.18
N PHE E 282 -4.08 9.08 -18.93
CA PHE E 282 -3.77 10.19 -18.03
C PHE E 282 -2.99 9.70 -16.82
N ALA E 283 -2.07 8.76 -17.03
CA ALA E 283 -1.26 8.22 -15.94
C ALA E 283 -0.11 9.15 -15.65
N ASN E 284 0.09 9.45 -14.36
CA ASN E 284 1.18 10.26 -13.81
C ASN E 284 1.25 11.69 -14.32
N LEU E 285 0.23 12.16 -15.02
CA LEU E 285 0.20 13.55 -15.51
C LEU E 285 -0.24 14.52 -14.49
N ASP E 286 -0.27 14.17 -13.21
CA ASP E 286 -0.60 15.10 -12.15
C ASP E 286 0.51 15.28 -11.15
N LYS E 287 1.46 14.35 -11.11
CA LYS E 287 2.71 14.62 -10.42
C LYS E 287 3.67 15.38 -11.30
N ILE E 288 3.43 15.41 -12.61
CA ILE E 288 4.23 16.26 -13.49
C ILE E 288 3.81 17.71 -13.33
N MET E 289 2.51 17.97 -13.20
CA MET E 289 1.99 19.32 -13.08
C MET E 289 2.46 20.01 -11.79
N GLU E 290 2.76 19.23 -10.76
CA GLU E 290 3.14 19.84 -9.49
C GLU E 290 4.66 19.95 -9.36
N GLN E 291 5.41 19.21 -10.14
CA GLN E 291 6.87 19.37 -10.11
C GLN E 291 7.33 20.57 -10.93
N PHE E 292 6.49 21.13 -11.79
CA PHE E 292 6.88 22.34 -12.50
C PHE E 292 6.57 23.62 -11.74
N ILE E 293 5.57 23.62 -10.85
CA ILE E 293 5.34 24.80 -10.05
C ILE E 293 6.28 24.85 -8.84
N LEU E 294 6.93 23.74 -8.50
CA LEU E 294 8.08 23.80 -7.59
C LEU E 294 9.19 24.65 -8.18
N PHE E 295 9.49 24.44 -9.45
CA PHE E 295 10.65 25.07 -10.05
C PHE E 295 10.38 26.53 -10.39
N VAL E 296 9.11 26.92 -10.48
CA VAL E 296 8.78 28.33 -10.59
C VAL E 296 8.89 28.99 -9.22
N ALA E 297 8.35 28.34 -8.18
CA ALA E 297 8.40 28.90 -6.84
C ALA E 297 9.82 28.94 -6.30
N GLY E 298 10.66 27.99 -6.72
CA GLY E 298 12.06 28.07 -6.36
C GLY E 298 12.78 29.17 -7.11
N ALA E 299 12.36 29.44 -8.35
CA ALA E 299 12.98 30.50 -9.14
C ALA E 299 12.59 31.87 -8.61
N ALA E 300 11.35 32.03 -8.16
CA ALA E 300 10.92 33.28 -7.55
C ALA E 300 11.41 33.41 -6.12
N ASP E 301 11.97 32.34 -5.56
CA ASP E 301 12.41 32.25 -4.15
C ASP E 301 11.25 32.57 -3.21
N ILE E 302 10.09 31.97 -3.47
CA ILE E 302 8.94 32.03 -2.60
C ILE E 302 8.52 30.59 -2.31
N PRO E 303 8.31 30.20 -1.06
CA PRO E 303 7.81 28.85 -0.79
C PRO E 303 6.38 28.69 -1.23
N LEU E 304 5.96 27.43 -1.42
CA LEU E 304 4.59 27.18 -1.87
C LEU E 304 3.55 27.34 -0.78
N THR E 305 3.91 27.78 0.41
CA THR E 305 2.90 28.18 1.37
C THR E 305 2.54 29.65 1.25
N ARG E 306 3.24 30.40 0.40
CA ARG E 306 2.86 31.77 0.05
C ARG E 306 2.56 31.90 -1.43
N PHE E 307 3.46 31.44 -2.30
CA PHE E 307 3.14 31.19 -3.69
C PHE E 307 2.11 30.08 -3.74
N LEU E 308 1.13 30.20 -4.65
CA LEU E 308 0.03 29.24 -4.83
C LEU E 308 -0.82 29.11 -3.55
N GLY E 309 -0.86 30.18 -2.76
CA GLY E 309 -1.56 30.23 -1.48
C GLY E 309 -1.04 29.20 -0.50
N GLN E 310 -1.93 28.75 0.39
CA GLN E 310 -1.65 27.58 1.22
C GLN E 310 -2.04 26.35 0.40
N SER E 311 -1.08 25.75 -0.25
CA SER E 311 -1.33 24.62 -1.13
C SER E 311 -1.35 23.34 -0.32
N PRO E 312 -2.26 22.40 -0.62
CA PRO E 312 -2.24 21.11 0.09
C PRO E 312 -1.02 20.27 -0.21
N ALA E 313 -0.33 20.53 -1.31
CA ALA E 313 0.92 19.82 -1.63
C ALA E 313 2.13 20.52 -1.03
N GLY E 314 2.05 20.82 0.26
CA GLY E 314 3.21 21.25 1.03
C GLY E 314 3.38 20.32 2.22
N MET E 315 4.45 19.53 2.23
CA MET E 315 4.65 18.54 3.28
C MET E 315 6.06 18.71 3.88
N SER E 316 6.51 19.96 4.03
CA SER E 316 7.67 20.25 4.85
C SER E 316 7.49 21.53 5.64
N SER E 317 6.24 21.95 5.86
CA SER E 317 5.94 23.10 6.71
C SER E 317 5.64 22.58 8.11
N THR E 318 6.70 22.24 8.83
CA THR E 318 6.55 21.81 10.21
C THR E 318 6.19 23.01 11.09
N GLY E 319 5.38 22.75 12.11
CA GLY E 319 4.61 23.79 12.80
C GLY E 319 5.33 24.83 13.63
N GLN E 320 6.66 24.95 13.49
CA GLN E 320 7.42 25.99 14.16
C GLN E 320 8.28 26.79 13.20
N HIS E 321 8.65 26.20 12.07
CA HIS E 321 9.57 26.79 11.09
C HIS E 321 8.94 26.83 9.71
N ASP E 322 7.70 27.30 9.65
CA ASP E 322 6.94 27.31 8.40
C ASP E 322 7.58 28.23 7.35
N MET E 323 7.63 29.54 7.64
CA MET E 323 8.07 30.54 6.69
C MET E 323 9.17 31.40 7.26
N LYS E 324 10.04 30.80 8.08
CA LYS E 324 11.12 31.57 8.66
C LYS E 324 12.22 31.86 7.65
N ASN E 325 12.26 31.14 6.53
CA ASN E 325 13.21 31.48 5.48
C ASN E 325 12.69 32.63 4.63
N TYR E 326 11.38 32.79 4.54
CA TYR E 326 10.82 33.82 3.69
C TYR E 326 10.92 35.19 4.37
N HIS E 327 10.90 35.23 5.69
CA HIS E 327 11.11 36.49 6.37
C HIS E 327 12.58 36.81 6.53
N ASP E 328 13.46 35.84 6.29
CA ASP E 328 14.89 36.13 6.24
C ASP E 328 15.29 36.70 4.90
N ARG E 329 14.44 36.53 3.89
CA ARG E 329 14.71 37.11 2.58
C ARG E 329 14.22 38.55 2.50
N ILE E 330 13.12 38.85 3.19
CA ILE E 330 12.57 40.20 3.15
C ILE E 330 13.41 41.15 3.99
N GLN E 331 13.93 40.68 5.12
CA GLN E 331 14.84 41.51 5.91
C GLN E 331 16.19 41.73 5.23
N SER E 332 16.49 40.97 4.18
CA SER E 332 17.64 41.25 3.34
C SER E 332 17.31 42.18 2.18
N ILE E 333 16.05 42.59 2.05
CA ILE E 333 15.72 43.70 1.16
C ILE E 333 15.59 44.99 1.95
N GLN E 334 15.03 44.91 3.16
CA GLN E 334 14.85 46.07 4.00
C GLN E 334 16.15 46.66 4.50
N THR E 335 17.24 45.89 4.52
CA THR E 335 18.51 46.39 5.01
C THR E 335 19.60 46.38 3.95
N LEU E 336 19.27 46.02 2.71
CA LEU E 336 20.29 46.03 1.65
C LEU E 336 19.84 46.69 0.35
N ASP E 337 18.55 46.94 0.16
CA ASP E 337 18.05 47.62 -1.03
C ASP E 337 17.23 48.86 -0.71
N LEU E 338 16.61 48.93 0.46
CA LEU E 338 15.81 50.08 0.84
C LEU E 338 16.48 50.93 1.90
N GLN E 339 17.38 50.33 2.67
CA GLN E 339 18.11 51.09 3.68
C GLN E 339 19.22 51.97 3.10
N PRO E 340 20.10 51.51 2.19
CA PRO E 340 21.15 52.44 1.73
C PRO E 340 20.64 53.50 0.77
N SER E 341 19.70 53.16 -0.13
CA SER E 341 19.30 54.10 -1.16
C SER E 341 18.46 55.25 -0.63
N MET E 342 17.94 55.12 0.59
CA MET E 342 17.21 56.19 1.25
C MET E 342 18.10 56.95 2.23
N TYR E 343 19.35 57.20 1.84
CA TYR E 343 20.27 57.93 2.72
C TYR E 343 20.17 59.45 2.52
N ARG E 344 19.73 59.91 1.35
CA ARG E 344 19.48 61.34 1.20
C ARG E 344 18.08 61.69 1.67
N LEU E 345 17.16 60.73 1.63
CA LEU E 345 16.02 60.74 2.52
C LEU E 345 16.45 60.28 3.89
N ASP E 346 15.50 60.29 4.84
CA ASP E 346 15.61 59.68 6.18
C ASP E 346 16.63 60.38 7.10
N GLU E 347 17.41 61.30 6.54
CA GLU E 347 18.10 62.34 7.26
C GLU E 347 17.61 63.71 6.86
N ALA E 348 16.88 63.80 5.75
CA ALA E 348 16.19 65.01 5.35
C ALA E 348 14.80 65.11 5.93
N ILE E 349 14.15 63.98 6.20
CA ILE E 349 12.81 64.00 6.75
C ILE E 349 12.82 64.11 8.27
N ILE E 350 13.91 63.68 8.91
CA ILE E 350 14.09 63.97 10.32
C ILE E 350 14.68 65.35 10.49
N ARG E 351 15.21 65.92 9.40
CA ARG E 351 15.57 67.32 9.37
C ARG E 351 14.34 68.21 9.30
N SER E 352 13.24 67.72 8.76
CA SER E 352 12.01 68.49 8.63
C SER E 352 11.15 68.45 9.89
N SER E 353 11.74 68.15 11.04
CA SER E 353 11.08 68.37 12.33
C SER E 353 11.45 69.75 12.86
N LEU E 354 10.96 70.76 12.13
CA LEU E 354 11.20 72.18 12.38
C LEU E 354 12.69 72.52 12.36
N GLY E 355 13.43 71.92 11.43
CA GLY E 355 14.81 72.26 11.21
C GLY E 355 15.82 71.55 12.09
N ALA E 356 15.41 71.05 13.24
CA ALA E 356 16.32 70.50 14.24
C ALA E 356 16.44 69.00 14.05
N ARG E 357 17.67 68.50 14.02
CA ARG E 357 17.93 67.08 13.85
C ARG E 357 18.82 66.56 14.98
N PRO E 358 18.33 65.62 15.77
CA PRO E 358 19.19 65.01 16.80
C PRO E 358 20.22 64.07 16.20
N GLU E 359 21.06 63.49 17.05
CA GLU E 359 22.02 62.48 16.60
C GLU E 359 21.61 61.06 16.98
N GLU E 360 21.13 60.85 18.19
CA GLU E 360 20.71 59.52 18.63
C GLU E 360 19.23 59.27 18.31
N LEU E 361 18.86 59.51 17.06
CA LEU E 361 17.53 59.28 16.54
C LEU E 361 17.66 58.31 15.38
N PHE E 362 16.99 57.16 15.48
CA PHE E 362 17.09 56.13 14.46
C PHE E 362 15.77 55.36 14.43
N TYR E 363 15.76 54.25 13.70
CA TYR E 363 14.59 53.40 13.62
C TYR E 363 15.03 51.97 13.40
N ILE E 364 14.10 51.05 13.64
CA ILE E 364 14.23 49.66 13.26
C ILE E 364 13.05 49.32 12.37
N TRP E 365 13.15 48.21 11.68
CA TRP E 365 12.07 47.72 10.85
C TRP E 365 11.13 46.87 11.68
N SER E 366 9.85 46.96 11.37
CA SER E 366 8.83 46.27 12.14
C SER E 366 8.93 44.76 11.92
N PRO E 367 8.58 43.95 12.92
CA PRO E 367 8.58 42.50 12.70
C PRO E 367 7.49 42.07 11.74
N LEU E 368 7.76 40.97 11.05
CA LEU E 368 6.95 40.55 9.90
C LEU E 368 5.93 39.48 10.23
N GLU E 369 6.16 38.66 11.26
CA GLU E 369 5.23 37.59 11.59
C GLU E 369 3.98 38.17 12.21
N GLN E 370 2.83 37.87 11.62
CA GLN E 370 1.55 38.18 12.26
C GLN E 370 1.40 37.32 13.50
N MET E 371 0.92 37.92 14.58
CA MET E 371 0.70 37.21 15.81
C MET E 371 -0.79 37.12 16.09
N SER E 372 -1.20 36.03 16.75
CA SER E 372 -2.60 35.85 17.08
C SER E 372 -3.02 36.80 18.20
N GLU E 373 -4.33 36.91 18.40
CA GLU E 373 -4.82 37.82 19.44
C GLU E 373 -4.58 37.26 20.83
N LYS E 374 -4.64 35.94 20.98
CA LYS E 374 -4.32 35.33 22.28
C LYS E 374 -2.81 35.34 22.51
N GLU E 375 -2.02 35.28 21.44
CA GLU E 375 -0.58 35.33 21.61
C GLU E 375 -0.10 36.73 21.96
N ARG E 376 -0.81 37.77 21.51
CA ARG E 376 -0.42 39.12 21.89
C ARG E 376 -0.83 39.43 23.32
N ALA E 377 -1.80 38.70 23.87
CA ALA E 377 -2.08 38.81 25.29
C ALA E 377 -1.01 38.11 26.11
N GLU E 378 -0.46 37.02 25.60
CA GLU E 378 0.55 36.27 26.34
C GLU E 378 1.91 36.92 26.23
N ILE E 379 2.13 37.71 25.18
CA ILE E 379 3.37 38.48 25.06
C ILE E 379 3.35 39.63 26.05
N GLY E 380 2.22 40.32 26.16
CA GLY E 380 2.13 41.46 27.06
C GLY E 380 2.13 41.08 28.51
N LYS E 381 1.78 39.82 28.81
CA LYS E 381 1.85 39.35 30.19
C LYS E 381 3.28 39.08 30.61
N LEU E 382 4.16 38.83 29.65
CA LEU E 382 5.56 38.58 29.99
C LEU E 382 6.36 39.86 30.08
N HIS E 383 6.02 40.88 29.28
CA HIS E 383 6.75 42.14 29.33
C HIS E 383 6.51 42.87 30.64
N ALA E 384 5.33 42.70 31.22
CA ALA E 384 5.08 43.24 32.54
C ALA E 384 5.86 42.51 33.62
N GLU E 385 6.30 41.28 33.35
CA GLU E 385 6.99 40.49 34.36
C GLU E 385 8.50 40.52 34.24
N THR E 386 9.05 41.01 33.13
CA THR E 386 10.47 41.33 33.13
C THR E 386 10.74 42.60 33.90
N VAL E 387 9.78 43.54 33.87
CA VAL E 387 9.92 44.80 34.57
C VAL E 387 9.89 44.56 36.08
N ASN E 388 9.01 43.65 36.52
CA ASN E 388 8.87 43.36 37.95
C ASN E 388 10.14 42.74 38.52
N VAL E 389 10.93 42.07 37.69
CA VAL E 389 12.16 41.47 38.17
C VAL E 389 13.31 42.48 38.06
N ILE E 390 13.31 43.32 37.02
CA ILE E 390 14.35 44.32 36.87
C ILE E 390 14.18 45.45 37.88
N ALA E 391 12.94 45.90 38.10
CA ALA E 391 12.74 46.97 39.08
C ALA E 391 12.89 46.46 40.51
N GLY E 392 12.78 45.16 40.72
CA GLY E 392 12.94 44.62 42.07
C GLY E 392 14.37 44.66 42.55
N THR E 393 15.32 44.55 41.63
CA THR E 393 16.73 44.71 41.95
C THR E 393 17.12 46.15 41.70
N GLY E 394 17.97 46.69 42.54
CA GLY E 394 18.34 48.08 42.35
C GLY E 394 19.46 48.19 41.35
N LEU E 395 19.11 48.43 40.08
CA LEU E 395 20.11 48.68 39.06
C LEU E 395 19.73 49.81 38.12
N PHE E 396 18.48 50.26 38.11
CA PHE E 396 18.05 51.36 37.26
C PHE E 396 17.16 52.29 38.06
N MET E 397 17.09 53.55 37.63
CA MET E 397 16.19 54.50 38.25
C MET E 397 14.76 54.11 37.96
N GLN E 398 13.88 54.32 38.93
CA GLN E 398 12.47 54.15 38.68
C GLN E 398 11.89 55.34 37.94
N GLU E 399 12.59 56.48 37.97
CA GLU E 399 12.32 57.56 37.03
C GLU E 399 12.63 57.13 35.60
N GLU E 400 13.62 56.25 35.45
CA GLU E 400 14.09 55.88 34.12
C GLU E 400 13.19 54.83 33.47
N LEU E 401 12.68 53.87 34.25
CA LEU E 401 11.92 52.76 33.68
C LEU E 401 10.55 53.20 33.18
N ARG E 402 10.11 54.40 33.58
CA ARG E 402 8.85 54.91 33.08
C ARG E 402 8.95 55.26 31.60
N GLU E 403 10.12 55.71 31.15
CA GLU E 403 10.33 55.99 29.74
C GLU E 403 10.51 54.75 28.89
N VAL E 404 11.36 53.82 29.32
CA VAL E 404 11.74 52.67 28.50
C VAL E 404 10.58 51.68 28.40
N PHE E 405 9.98 51.30 29.53
CA PHE E 405 8.83 50.41 29.46
C PHE E 405 7.59 51.14 28.96
N GLY E 406 7.56 52.46 29.11
CA GLY E 406 6.49 53.21 28.47
C GLY E 406 6.60 53.26 26.96
N ASN E 407 7.83 53.13 26.44
CA ASN E 407 8.03 53.26 25.00
C ASN E 407 7.87 51.91 24.31
N GLN E 408 8.28 50.84 24.98
CA GLN E 408 8.19 49.49 24.42
C GLN E 408 6.75 48.99 24.41
N LEU E 409 5.91 49.53 25.29
CA LEU E 409 4.54 49.08 25.44
C LEU E 409 3.56 49.84 24.55
N VAL E 410 4.02 50.86 23.83
CA VAL E 410 3.21 51.55 22.85
C VAL E 410 3.40 50.96 21.45
N GLU E 411 4.65 50.65 21.08
CA GLU E 411 4.88 50.06 19.76
C GLU E 411 4.47 48.60 19.69
N THR E 412 4.23 47.96 20.83
CA THR E 412 3.60 46.64 20.84
C THR E 412 2.14 46.73 20.41
N GLY E 413 1.48 47.86 20.65
CA GLY E 413 0.09 47.99 20.32
C GLY E 413 -0.84 47.47 21.38
N LEU E 414 -0.33 47.19 22.57
CA LEU E 414 -1.17 46.67 23.64
C LEU E 414 -2.01 47.77 24.27
N TYR E 415 -1.36 48.86 24.67
CA TYR E 415 -2.01 50.02 25.26
C TYR E 415 -1.74 51.23 24.36
N PRO E 416 -2.46 51.35 23.24
CA PRO E 416 -2.05 52.34 22.23
C PRO E 416 -2.38 53.78 22.62
N GLY E 417 -3.47 54.01 23.31
CA GLY E 417 -3.80 55.35 23.76
C GLY E 417 -3.05 55.72 25.01
N LEU E 418 -1.73 55.83 24.93
CA LEU E 418 -0.88 56.12 26.09
C LEU E 418 -0.14 57.42 25.80
N GLY E 419 -0.80 58.54 26.05
CA GLY E 419 -0.17 59.84 26.00
C GLY E 419 0.25 60.28 27.38
N ASP E 420 1.52 60.05 27.72
CA ASP E 420 2.05 60.38 29.03
C ASP E 420 2.98 61.58 29.01
N LEU E 421 3.54 61.90 27.86
CA LEU E 421 4.46 63.02 27.75
C LEU E 421 3.68 64.31 27.59
N LEU E 422 3.97 65.28 28.48
CA LEU E 422 3.46 66.66 28.52
C LEU E 422 2.01 66.75 28.97
N ALA E 423 1.33 65.61 29.08
CA ALA E 423 -0.05 65.59 29.57
C ALA E 423 -0.13 65.04 30.98
N GLN E 424 0.56 63.93 31.23
CA GLN E 424 0.53 63.25 32.53
C GLN E 424 1.75 63.65 33.35
N ASN E 425 1.89 64.96 33.51
CA ASN E 425 3.05 65.63 34.10
C ASN E 425 4.36 65.24 33.41
N GLY E 426 4.27 64.91 32.12
CA GLY E 426 5.42 64.45 31.36
C GLY E 426 5.97 63.16 31.91
N ASN E 427 7.26 63.19 32.26
CA ASN E 427 7.89 62.13 33.04
C ASN E 427 8.27 62.74 34.39
N GLU E 428 7.28 62.79 35.30
CA GLU E 428 7.49 63.09 36.71
C GLU E 428 6.20 62.76 37.46
N LEU E 429 6.35 62.06 38.57
CA LEU E 429 5.30 61.85 39.54
C LEU E 429 5.71 62.51 40.85
N PRO E 430 4.77 62.81 41.74
CA PRO E 430 5.19 63.32 43.06
C PRO E 430 5.88 62.28 43.90
N GLU E 431 5.70 61.00 43.60
CA GLU E 431 6.12 59.94 44.50
C GLU E 431 7.47 59.35 44.17
N TRP E 432 8.28 59.95 43.30
CA TRP E 432 9.58 59.33 43.05
C TRP E 432 10.58 59.66 44.14
N ASP E 433 10.93 60.93 44.24
CA ASP E 433 12.00 61.39 45.12
C ASP E 433 11.45 61.99 46.41
N LEU E 434 10.24 62.54 46.37
CA LEU E 434 9.64 63.15 47.54
C LEU E 434 8.76 62.19 48.31
N GLU E 435 8.93 60.89 48.09
CA GLU E 435 8.26 59.85 48.83
C GLU E 435 9.24 58.79 49.32
N GLN E 436 10.45 58.75 48.76
CA GLN E 436 11.50 57.84 49.22
C GLN E 436 12.29 58.41 50.40
N ARG E 437 11.69 59.32 51.17
CA ARG E 437 12.30 59.80 52.41
C ARG E 437 12.45 58.67 53.42
N SER E 438 11.54 57.69 53.39
CA SER E 438 11.56 56.61 54.37
C SER E 438 12.76 55.69 54.18
N ALA E 439 13.30 55.61 52.97
CA ALA E 439 14.58 54.95 52.78
C ALA E 439 15.73 55.85 53.19
N GLU E 440 15.58 57.17 53.05
CA GLU E 440 16.58 58.13 53.47
C GLU E 440 16.47 58.47 54.96
N ALA E 441 15.38 58.07 55.61
CA ALA E 441 15.20 58.27 57.04
C ALA E 441 15.89 57.23 57.89
N SER E 442 15.75 55.95 57.54
CA SER E 442 16.29 54.88 58.36
C SER E 442 17.80 54.74 58.21
N THR E 443 18.37 55.23 57.11
CA THR E 443 19.82 55.33 57.02
C THR E 443 20.37 56.45 57.87
N LYS E 444 19.55 57.47 58.16
CA LYS E 444 19.95 58.49 59.12
C LYS E 444 19.83 57.98 60.55
N THR E 445 19.05 56.91 60.74
CA THR E 445 18.88 56.26 62.03
C THR E 445 19.70 54.97 62.09
N ALA E 446 20.54 54.73 61.08
CA ALA E 446 21.19 53.44 60.95
C ALA E 446 22.33 53.29 61.96
N GLU E 447 23.35 54.15 61.88
CA GLU E 447 24.45 54.11 62.83
C GLU E 447 24.38 55.20 63.88
N ALA E 448 23.50 56.20 63.69
CA ALA E 448 23.38 57.26 64.69
C ALA E 448 22.72 56.74 65.96
N ALA E 449 21.67 55.93 65.80
CA ALA E 449 20.93 55.39 66.93
C ALA E 449 21.32 53.95 67.24
N ALA E 450 22.48 53.50 66.76
CA ALA E 450 22.95 52.15 67.05
C ALA E 450 24.11 52.12 68.04
N LEU E 451 24.93 53.17 68.08
CA LEU E 451 25.98 53.25 69.09
C LEU E 451 25.82 54.55 69.86
N SER F 10 18.56 30.67 -22.03
CA SER F 10 17.91 29.55 -22.69
C SER F 10 18.93 28.55 -23.19
N LEU F 11 18.53 27.30 -23.30
CA LEU F 11 19.40 26.25 -23.81
C LEU F 11 19.18 26.08 -25.30
N ARG F 12 20.22 25.59 -25.98
CA ARG F 12 20.13 25.24 -27.39
C ARG F 12 21.27 24.30 -27.70
N SER F 13 20.96 23.12 -28.21
CA SER F 13 21.97 22.13 -28.55
C SER F 13 22.11 22.05 -30.06
N MET F 14 23.33 21.80 -30.53
CA MET F 14 23.55 21.75 -31.98
C MET F 14 23.04 20.47 -32.61
N ILE F 15 23.16 19.34 -31.93
CA ILE F 15 22.47 18.13 -32.32
C ILE F 15 21.23 18.03 -31.44
N SER F 16 20.25 17.24 -31.90
CA SER F 16 19.01 16.90 -31.22
C SER F 16 18.04 18.05 -31.01
N GLY F 17 18.40 19.26 -31.46
CA GLY F 17 17.51 20.41 -31.53
C GLY F 17 16.76 20.82 -30.27
N LEU F 18 17.48 21.03 -29.16
CA LEU F 18 16.81 21.15 -27.87
C LEU F 18 16.21 22.53 -27.67
N GLY F 19 16.68 23.53 -28.39
CA GLY F 19 16.14 24.86 -28.19
C GLY F 19 15.81 25.57 -29.48
N ASP F 20 15.63 24.79 -30.54
CA ASP F 20 15.40 25.35 -31.87
C ASP F 20 13.95 25.82 -32.01
N PRO F 21 13.69 27.09 -32.29
CA PRO F 21 12.30 27.56 -32.42
C PRO F 21 11.61 27.13 -33.70
N LEU F 22 12.21 26.29 -34.53
CA LEU F 22 11.53 25.70 -35.67
C LEU F 22 11.19 24.23 -35.45
N ARG F 23 12.08 23.47 -34.81
CA ARG F 23 11.86 22.05 -34.63
C ARG F 23 11.22 21.74 -33.27
N ASP F 24 11.88 22.13 -32.19
CA ASP F 24 11.34 21.92 -30.85
C ASP F 24 10.27 22.96 -30.58
N LYS F 25 9.21 22.55 -29.88
CA LYS F 25 8.13 23.45 -29.54
C LYS F 25 7.87 23.51 -28.04
N ASN F 26 8.88 23.20 -27.22
CA ASN F 26 8.72 23.15 -25.77
C ASN F 26 8.38 24.52 -25.19
N ALA F 27 9.32 25.43 -25.27
CA ALA F 27 9.08 26.82 -24.94
C ALA F 27 9.70 27.70 -26.00
N SER F 28 10.40 27.10 -26.96
CA SER F 28 11.05 27.81 -28.04
C SER F 28 10.09 28.45 -29.01
N THR F 29 8.84 28.01 -29.04
CA THR F 29 7.89 28.58 -29.99
C THR F 29 6.77 29.30 -29.27
N PHE F 30 7.05 30.07 -28.24
CA PHE F 30 5.97 30.65 -27.47
C PHE F 30 6.16 32.12 -27.16
N HIS F 31 5.03 32.79 -27.07
CA HIS F 31 4.96 34.21 -26.81
C HIS F 31 3.63 34.48 -26.12
N TRP F 32 3.25 35.75 -26.02
CA TRP F 32 2.00 36.15 -25.42
C TRP F 32 1.38 37.22 -26.30
N ASP F 33 0.08 37.09 -26.53
CA ASP F 33 -0.68 38.18 -27.14
C ASP F 33 -1.60 38.76 -26.10
N ARG F 34 -1.83 40.06 -26.18
CA ARG F 34 -2.69 40.76 -25.25
C ARG F 34 -4.12 40.29 -25.45
N GLN F 35 -4.94 40.41 -24.41
CA GLN F 35 -6.31 39.99 -24.56
C GLN F 35 -7.23 41.04 -23.94
N LEU F 36 -8.40 41.21 -24.54
CA LEU F 36 -9.30 42.28 -24.16
C LEU F 36 -10.72 41.76 -24.05
N ASP F 37 -11.53 42.43 -23.24
CA ASP F 37 -12.86 41.97 -22.88
C ASP F 37 -13.64 43.11 -22.25
N ASP F 38 -14.86 43.36 -22.76
CA ASP F 38 -15.66 44.48 -22.27
C ASP F 38 -17.06 44.06 -21.87
N ARG F 39 -17.65 43.11 -22.59
CA ARG F 39 -18.99 42.62 -22.33
C ARG F 39 -19.03 41.33 -21.54
N GLN F 40 -18.13 40.39 -21.85
CA GLN F 40 -18.11 39.12 -21.16
C GLN F 40 -17.59 39.20 -19.74
N LEU F 41 -17.11 40.36 -19.29
CA LEU F 41 -16.90 40.59 -17.87
C LEU F 41 -18.22 40.52 -17.12
N LEU F 42 -19.31 40.97 -17.76
CA LEU F 42 -20.62 40.85 -17.12
C LEU F 42 -21.12 39.42 -17.19
N TYR F 43 -20.87 38.71 -18.29
CA TYR F 43 -21.36 37.34 -18.42
C TYR F 43 -20.64 36.40 -17.49
N ALA F 44 -19.33 36.61 -17.29
CA ALA F 44 -18.56 35.68 -16.49
C ALA F 44 -18.80 35.90 -15.00
N TYR F 45 -18.99 37.17 -14.59
CA TYR F 45 -19.26 37.45 -13.19
C TYR F 45 -20.63 36.95 -12.78
N ARG F 46 -21.59 36.99 -13.68
CA ARG F 46 -22.95 36.66 -13.34
C ARG F 46 -23.25 35.17 -13.45
N ASN F 47 -22.53 34.44 -14.30
CA ASN F 47 -22.88 33.06 -14.62
C ASN F 47 -21.81 32.05 -14.25
N SER F 48 -20.81 32.43 -13.45
CA SER F 48 -19.75 31.51 -13.07
C SER F 48 -19.39 31.77 -11.62
N TRP F 49 -19.44 30.72 -10.80
CA TRP F 49 -19.10 30.89 -9.39
C TRP F 49 -17.61 31.08 -9.19
N VAL F 50 -16.81 30.66 -10.16
CA VAL F 50 -15.36 30.84 -10.07
C VAL F 50 -15.00 32.31 -10.19
N ALA F 51 -15.66 33.01 -11.12
CA ALA F 51 -15.31 34.39 -11.38
C ALA F 51 -15.91 35.33 -10.35
N ARG F 52 -17.08 34.99 -9.82
CA ARG F 52 -17.72 35.85 -8.83
C ARG F 52 -17.02 35.75 -7.49
N LYS F 53 -16.45 34.59 -7.17
CA LYS F 53 -15.79 34.41 -5.89
C LYS F 53 -14.44 35.12 -5.87
N ALA F 54 -13.76 35.19 -7.01
CA ALA F 54 -12.46 35.85 -7.07
C ALA F 54 -12.59 37.36 -7.02
N VAL F 55 -13.78 37.89 -7.28
CA VAL F 55 -14.00 39.33 -7.23
C VAL F 55 -14.43 39.77 -5.84
N THR F 56 -15.45 39.10 -5.28
CA THR F 56 -16.12 39.59 -4.09
C THR F 56 -15.33 39.31 -2.82
N ILE F 57 -14.87 38.07 -2.63
CA ILE F 57 -14.40 37.64 -1.30
C ILE F 57 -13.11 38.30 -0.83
N PRO F 58 -12.05 38.44 -1.64
CA PRO F 58 -10.89 39.20 -1.14
C PRO F 58 -11.14 40.69 -0.96
N ALA F 59 -12.26 41.22 -1.42
CA ALA F 59 -12.67 42.58 -1.11
C ALA F 59 -13.72 42.65 -0.02
N LEU F 60 -14.35 41.53 0.30
CA LEU F 60 -15.39 41.52 1.32
C LEU F 60 -14.80 41.30 2.71
N ASP F 61 -13.67 40.62 2.77
CA ASP F 61 -13.04 40.33 4.05
C ASP F 61 -12.16 41.46 4.54
N ALA F 62 -12.10 42.58 3.82
CA ALA F 62 -11.32 43.72 4.24
C ALA F 62 -12.14 44.76 4.99
N VAL F 63 -13.47 44.63 5.00
CA VAL F 63 -14.32 45.59 5.69
C VAL F 63 -15.29 44.86 6.61
N ARG F 64 -14.95 43.63 7.01
CA ARG F 64 -15.80 42.92 7.96
C ARG F 64 -15.72 43.53 9.35
N LYS F 65 -14.51 43.65 9.88
CA LYS F 65 -14.26 44.34 11.14
C LYS F 65 -13.21 45.41 10.88
N TRP F 66 -13.40 46.59 11.48
CA TRP F 66 -12.74 47.78 10.94
C TRP F 66 -12.83 48.93 11.92
N ARG F 67 -11.69 49.61 12.09
CA ARG F 67 -11.59 51.00 12.53
C ARG F 67 -12.22 51.22 13.92
N ASP F 68 -11.52 50.73 14.93
CA ASP F 68 -11.76 51.17 16.30
C ASP F 68 -10.93 52.42 16.59
N TRP F 69 -11.61 53.51 16.95
CA TRP F 69 -10.93 54.78 17.17
C TRP F 69 -10.22 54.79 18.52
N GLN F 70 -9.64 55.94 18.87
CA GLN F 70 -8.74 55.99 20.02
C GLN F 70 -9.25 56.89 21.15
N ALA F 71 -9.50 58.17 20.89
CA ALA F 71 -9.81 59.07 21.99
C ALA F 71 -11.25 58.90 22.43
N ASP F 72 -11.48 58.97 23.74
CA ASP F 72 -12.83 58.98 24.27
C ASP F 72 -13.00 60.19 25.18
N GLN F 73 -13.64 61.21 24.67
CA GLN F 73 -14.20 62.33 25.43
C GLN F 73 -15.68 62.43 25.10
N LYS F 74 -16.35 61.26 25.21
CA LYS F 74 -17.70 60.97 24.75
C LYS F 74 -17.82 61.14 23.23
N ASP F 75 -16.69 61.10 22.51
CA ASP F 75 -16.62 61.48 21.11
C ASP F 75 -16.40 60.31 20.18
N ILE F 76 -16.05 59.14 20.70
CA ILE F 76 -16.01 57.94 19.88
C ILE F 76 -17.41 57.44 19.56
N SER F 77 -18.44 57.96 20.25
CA SER F 77 -19.81 57.57 19.98
C SER F 77 -20.43 58.35 18.83
N ARG F 78 -20.19 59.66 18.74
CA ARG F 78 -20.78 60.41 17.64
C ARG F 78 -19.82 60.57 16.46
N ILE F 79 -18.61 60.05 16.57
CA ILE F 79 -17.77 59.95 15.37
C ILE F 79 -18.13 58.68 14.60
N GLU F 80 -18.86 57.77 15.24
CA GLU F 80 -19.39 56.62 14.55
C GLU F 80 -20.81 56.86 14.07
N ALA F 81 -21.52 57.81 14.70
CA ALA F 81 -22.88 58.11 14.29
C ALA F 81 -22.92 58.77 12.92
N THR F 82 -21.85 59.48 12.55
CA THR F 82 -21.80 60.05 11.22
C THR F 82 -21.44 58.98 10.19
N GLU F 83 -20.75 57.92 10.63
CA GLU F 83 -20.45 56.82 9.72
C GLU F 83 -21.69 55.96 9.48
N LYS F 84 -22.44 55.67 10.55
CA LYS F 84 -23.62 54.82 10.43
C LYS F 84 -24.75 55.52 9.72
N ARG F 85 -24.79 56.85 9.77
CA ARG F 85 -25.81 57.60 9.06
C ARG F 85 -25.57 57.56 7.55
N LEU F 86 -24.33 57.82 7.13
CA LEU F 86 -24.00 57.85 5.72
C LEU F 86 -23.88 56.46 5.11
N GLY F 87 -23.72 55.42 5.92
CA GLY F 87 -23.50 54.09 5.38
C GLY F 87 -22.13 53.92 4.76
N LEU F 88 -21.09 54.35 5.47
CA LEU F 88 -19.75 54.33 4.91
C LEU F 88 -19.14 52.93 4.91
N GLN F 89 -19.67 52.02 5.73
CA GLN F 89 -19.20 50.66 5.73
C GLN F 89 -19.61 49.92 4.46
N GLN F 90 -20.89 50.00 4.10
CA GLN F 90 -21.38 49.32 2.91
C GLN F 90 -20.89 49.98 1.62
N LYS F 91 -20.83 51.32 1.59
CA LYS F 91 -20.45 52.02 0.38
C LYS F 91 -18.96 51.94 0.08
N LEU F 92 -18.14 51.46 1.03
CA LEU F 92 -16.76 51.18 0.69
C LEU F 92 -16.61 49.75 0.18
N LEU F 93 -17.50 48.87 0.62
CA LEU F 93 -17.55 47.51 0.08
C LEU F 93 -18.09 47.50 -1.34
N GLN F 94 -19.12 48.30 -1.60
CA GLN F 94 -19.73 48.30 -2.92
C GLN F 94 -18.86 49.04 -3.92
N CYS F 95 -17.96 49.91 -3.43
CA CYS F 95 -17.02 50.58 -4.31
C CYS F 95 -15.85 49.70 -4.68
N LYS F 96 -15.33 48.92 -3.72
CA LYS F 96 -14.14 48.13 -3.96
C LYS F 96 -14.43 46.96 -4.89
N THR F 97 -15.65 46.44 -4.85
CA THR F 97 -16.02 45.32 -5.72
C THR F 97 -16.15 45.78 -7.17
N LEU F 98 -16.70 46.97 -7.40
CA LEU F 98 -16.79 47.48 -8.76
C LEU F 98 -15.43 47.83 -9.30
N ALA F 99 -14.53 48.29 -8.43
CA ALA F 99 -13.15 48.49 -8.85
C ALA F 99 -12.47 47.15 -9.09
N ARG F 100 -12.94 46.10 -8.42
CA ARG F 100 -12.36 44.78 -8.61
C ARG F 100 -12.83 44.15 -9.90
N LEU F 101 -14.11 44.31 -10.24
CA LEU F 101 -14.66 43.73 -11.45
C LEU F 101 -14.24 44.54 -12.67
N TRP F 102 -14.65 45.80 -12.71
CA TRP F 102 -14.29 46.66 -13.82
C TRP F 102 -12.89 47.22 -13.61
N GLY F 103 -12.52 48.18 -14.44
CA GLY F 103 -11.19 48.76 -14.33
C GLY F 103 -10.99 49.60 -13.09
N GLY F 104 -12.07 50.15 -12.55
CA GLY F 104 -11.97 50.98 -11.37
C GLY F 104 -13.32 51.59 -11.06
N ALA F 105 -13.41 52.19 -9.88
CA ALA F 105 -14.62 52.83 -9.44
C ALA F 105 -14.26 53.98 -8.51
N ALA F 106 -15.26 54.77 -8.12
CA ALA F 106 -15.00 55.97 -7.36
C ALA F 106 -16.26 56.39 -6.60
N ILE F 107 -16.06 56.82 -5.36
CA ILE F 107 -17.11 57.43 -4.56
C ILE F 107 -16.76 58.90 -4.38
N VAL F 108 -17.76 59.76 -4.46
CA VAL F 108 -17.56 61.21 -4.48
C VAL F 108 -18.21 61.83 -3.23
N ILE F 109 -17.48 62.73 -2.59
CA ILE F 109 -17.88 63.31 -1.31
C ILE F 109 -18.74 64.54 -1.59
N GLY F 110 -19.77 64.75 -0.78
CA GLY F 110 -20.50 65.99 -0.87
C GLY F 110 -20.62 66.75 0.45
N VAL F 111 -19.93 67.85 0.55
CA VAL F 111 -20.05 68.74 1.69
C VAL F 111 -21.06 69.81 1.31
N LYS F 112 -21.88 70.23 2.26
CA LYS F 112 -22.92 71.21 1.98
C LYS F 112 -22.31 72.56 1.61
N ASP F 113 -22.90 73.17 0.58
CA ASP F 113 -22.52 74.48 0.03
C ASP F 113 -21.08 74.48 -0.48
N GLN F 114 -20.83 73.57 -1.43
CA GLN F 114 -19.56 73.48 -2.14
C GLN F 114 -19.85 73.48 -3.63
N ASP F 115 -19.11 74.32 -4.36
CA ASP F 115 -19.57 74.76 -5.67
C ASP F 115 -19.27 73.80 -6.81
N MET F 116 -18.00 73.55 -7.11
CA MET F 116 -17.62 73.03 -8.42
C MET F 116 -16.26 72.37 -8.27
N ALA F 117 -15.64 72.00 -9.39
CA ALA F 117 -14.28 71.47 -9.38
C ALA F 117 -13.26 72.57 -9.13
N THR F 118 -13.25 73.09 -7.92
CA THR F 118 -12.24 74.04 -7.47
C THR F 118 -10.98 73.27 -7.11
N PRO F 119 -9.88 73.96 -6.78
CA PRO F 119 -8.87 73.27 -5.97
C PRO F 119 -9.50 73.04 -4.61
N PHE F 120 -9.95 71.81 -4.40
CA PHE F 120 -11.10 71.53 -3.55
C PHE F 120 -10.63 70.74 -2.34
N GLU F 121 -10.39 71.45 -1.24
CA GLU F 121 -10.14 70.77 0.01
C GLU F 121 -11.40 70.82 0.88
N PRO F 122 -12.03 69.67 1.13
CA PRO F 122 -13.03 69.61 2.19
C PRO F 122 -12.41 69.37 3.56
N GLU F 123 -11.34 70.09 3.89
CA GLU F 123 -10.65 69.97 5.16
C GLU F 123 -10.79 71.21 6.03
N THR F 124 -10.98 72.37 5.43
CA THR F 124 -11.06 73.62 6.18
C THR F 124 -12.45 73.89 6.73
N VAL F 125 -13.48 73.28 6.16
CA VAL F 125 -14.85 73.55 6.56
C VAL F 125 -15.12 72.94 7.94
N ASN F 126 -15.38 73.80 8.92
CA ASN F 126 -15.54 73.38 10.31
C ASN F 126 -17.00 73.55 10.72
N LYS F 127 -17.82 72.56 10.35
CA LYS F 127 -19.25 72.58 10.59
C LYS F 127 -19.70 71.14 10.82
N ASP F 128 -21.00 70.91 10.70
CA ASP F 128 -21.54 69.55 10.77
C ASP F 128 -22.29 69.22 9.49
N ASP F 129 -21.66 69.50 8.35
CA ASP F 129 -22.32 69.50 7.06
C ASP F 129 -21.73 68.43 6.15
N LEU F 130 -22.41 67.29 6.06
CA LEU F 130 -21.96 66.22 5.17
C LEU F 130 -23.18 65.38 4.81
N VAL F 131 -23.51 65.33 3.53
CA VAL F 131 -24.74 64.67 3.11
C VAL F 131 -24.51 63.59 2.04
N TYR F 132 -23.70 63.88 1.02
CA TYR F 132 -23.64 63.02 -0.16
C TYR F 132 -22.54 61.98 -0.01
N LEU F 133 -22.88 60.72 -0.27
CA LEU F 133 -21.92 59.68 -0.63
C LEU F 133 -22.55 58.82 -1.73
N THR F 134 -22.30 59.18 -2.98
CA THR F 134 -22.74 58.38 -4.11
C THR F 134 -21.52 57.73 -4.75
N VAL F 135 -21.68 56.48 -5.13
CA VAL F 135 -20.58 55.62 -5.59
C VAL F 135 -20.87 55.15 -7.00
N MET F 136 -19.94 55.41 -7.92
CA MET F 136 -20.12 55.10 -9.32
C MET F 136 -18.90 54.41 -9.86
N SER F 137 -19.11 53.55 -10.85
CA SER F 137 -18.01 52.83 -11.47
C SER F 137 -17.34 53.69 -12.51
N ARG F 138 -16.43 53.07 -13.27
CA ARG F 138 -15.81 53.77 -14.39
C ARG F 138 -16.76 53.87 -15.57
N ARG F 139 -17.89 53.18 -15.52
CA ARG F 139 -18.92 53.36 -16.54
C ARG F 139 -19.50 54.76 -16.52
N GLU F 140 -19.59 55.37 -15.32
CA GLU F 140 -20.32 56.62 -15.15
C GLU F 140 -19.41 57.77 -14.77
N LEU F 141 -18.12 57.67 -15.03
CA LEU F 141 -17.16 58.75 -14.86
C LEU F 141 -16.46 58.99 -16.20
N SER F 142 -15.53 59.94 -16.21
CA SER F 142 -14.77 60.24 -17.43
C SER F 142 -13.41 60.83 -17.09
N PRO F 143 -12.33 60.13 -17.41
CA PRO F 143 -10.99 60.58 -17.03
C PRO F 143 -10.30 61.46 -18.07
N GLU F 144 -10.96 62.55 -18.46
CA GLU F 144 -10.66 63.15 -19.76
C GLU F 144 -9.59 64.24 -19.71
N GLU F 145 -8.48 63.94 -19.03
CA GLU F 145 -7.17 64.60 -19.12
C GLU F 145 -6.15 63.63 -18.54
N LEU F 146 -4.87 64.00 -18.66
CA LEU F 146 -3.85 63.33 -17.86
C LEU F 146 -2.95 64.29 -17.09
N GLU F 147 -2.53 65.38 -17.71
CA GLU F 147 -1.71 66.45 -17.10
C GLU F 147 -0.39 65.91 -16.54
N GLN F 148 0.49 65.61 -17.50
CA GLN F 148 1.78 64.95 -17.30
C GLN F 148 2.85 65.84 -16.65
N ASP F 149 2.46 66.96 -16.05
CA ASP F 149 3.42 67.86 -15.41
C ASP F 149 4.03 67.21 -14.16
N PRO F 150 5.34 66.97 -14.12
CA PRO F 150 5.91 66.19 -13.01
C PRO F 150 6.12 66.96 -11.72
N LEU F 151 5.15 67.78 -11.34
CA LEU F 151 5.20 68.52 -10.10
C LEU F 151 3.88 68.58 -9.37
N ASP F 152 2.77 68.18 -10.00
CA ASP F 152 1.45 68.36 -9.45
C ASP F 152 1.09 67.21 -8.53
N GLU F 153 0.28 67.51 -7.52
CA GLU F 153 -0.45 66.49 -6.81
C GLU F 153 -1.39 65.78 -7.78
N PHE F 154 -1.64 64.50 -7.50
CA PHE F 154 -2.23 63.51 -8.42
C PHE F 154 -1.67 63.62 -9.83
N TYR F 155 -0.35 63.43 -9.92
CA TYR F 155 0.35 63.28 -11.18
C TYR F 155 -0.14 62.04 -11.91
N ALA F 156 -0.22 62.16 -13.25
CA ALA F 156 -0.74 61.13 -14.16
C ALA F 156 -2.15 60.68 -13.79
N ARG F 157 -2.95 61.60 -13.26
CA ARG F 157 -4.29 61.35 -12.78
C ARG F 157 -5.20 62.46 -13.30
N PRO F 158 -6.47 62.14 -13.60
CA PRO F 158 -7.15 62.84 -14.71
C PRO F 158 -7.55 64.30 -14.52
N LYS F 159 -7.51 64.87 -13.31
CA LYS F 159 -7.70 66.28 -12.99
C LYS F 159 -9.17 66.76 -13.16
N ARG F 160 -10.02 65.99 -13.83
CA ARG F 160 -11.37 66.47 -14.13
C ARG F 160 -12.25 65.29 -14.52
N TYR F 161 -13.45 65.24 -13.98
CA TYR F 161 -14.35 64.12 -14.19
C TYR F 161 -15.70 64.60 -14.68
N GLN F 162 -15.98 64.34 -15.95
CA GLN F 162 -17.30 64.58 -16.54
C GLN F 162 -18.25 63.54 -15.97
N VAL F 163 -19.06 63.94 -14.98
CA VAL F 163 -19.97 62.99 -14.34
C VAL F 163 -21.28 63.68 -13.98
N SER F 164 -22.37 63.20 -14.58
CA SER F 164 -23.77 63.52 -14.30
C SER F 164 -24.62 62.65 -15.22
N ASN F 165 -25.92 62.64 -14.95
CA ASN F 165 -26.87 62.01 -15.85
C ASN F 165 -28.08 62.93 -15.99
N GLY F 166 -28.38 63.30 -17.24
CA GLY F 166 -29.55 64.12 -17.48
C GLY F 166 -29.27 65.60 -17.55
N ARG F 167 -29.44 66.27 -16.41
CA ARG F 167 -29.53 67.72 -16.30
C ARG F 167 -28.27 68.48 -16.75
N ASN F 168 -27.15 68.28 -16.05
CA ASN F 168 -25.99 69.14 -16.28
C ASN F 168 -24.72 68.36 -16.59
N LEU F 169 -23.59 69.05 -16.59
CA LEU F 169 -22.30 68.49 -16.97
C LEU F 169 -21.42 68.12 -15.78
N SER F 170 -21.25 69.07 -14.84
CA SER F 170 -20.67 68.84 -13.51
C SER F 170 -19.23 68.32 -13.58
N PHE F 171 -18.32 69.21 -13.98
CA PHE F 171 -16.90 68.97 -13.75
C PHE F 171 -16.63 68.79 -12.26
N VAL F 172 -15.95 67.69 -11.93
CA VAL F 172 -15.65 67.34 -10.54
C VAL F 172 -14.14 67.16 -10.40
N HIS F 173 -13.57 67.74 -9.34
CA HIS F 173 -12.15 67.72 -9.03
C HIS F 173 -11.77 66.44 -8.30
N PRO F 174 -10.58 65.88 -8.54
CA PRO F 174 -10.24 64.58 -7.93
C PRO F 174 -10.13 64.57 -6.43
N SER F 175 -9.91 65.72 -5.79
CA SER F 175 -9.85 65.75 -4.35
C SER F 175 -11.23 65.67 -3.71
N ARG F 176 -12.29 65.70 -4.50
CA ARG F 176 -13.64 65.38 -4.09
C ARG F 176 -13.94 63.88 -4.26
N ILE F 177 -12.96 63.11 -4.74
CA ILE F 177 -13.21 61.74 -5.18
C ILE F 177 -12.19 60.79 -4.55
N VAL F 178 -12.69 59.69 -4.00
CA VAL F 178 -11.86 58.55 -3.62
C VAL F 178 -11.63 57.71 -4.86
N HIS F 179 -10.37 57.42 -5.16
CA HIS F 179 -9.96 56.79 -6.41
C HIS F 179 -9.56 55.35 -6.13
N GLN F 180 -10.34 54.40 -6.65
CA GLN F 180 -10.11 52.98 -6.41
C GLN F 180 -9.86 52.25 -7.73
N VAL F 181 -8.83 51.42 -7.77
CA VAL F 181 -8.50 50.63 -8.94
C VAL F 181 -8.42 49.16 -8.54
N GLY F 182 -8.54 48.29 -9.53
CA GLY F 182 -8.36 46.87 -9.31
C GLY F 182 -6.92 46.46 -9.19
N GLU F 183 -6.17 46.58 -10.29
CA GLU F 183 -4.75 46.32 -10.31
C GLU F 183 -4.05 47.50 -10.96
N THR F 184 -2.99 47.97 -10.34
CA THR F 184 -2.27 49.12 -10.85
C THR F 184 -1.51 48.76 -12.12
N HIS F 185 -1.78 49.49 -13.19
CA HIS F 185 -1.09 49.29 -14.45
C HIS F 185 0.36 49.74 -14.30
N PRO F 186 1.31 49.05 -14.94
CA PRO F 186 2.71 49.41 -14.73
C PRO F 186 3.14 50.67 -15.46
N ASP F 187 2.66 50.89 -16.68
CA ASP F 187 3.02 52.09 -17.44
C ASP F 187 1.73 52.85 -17.71
N PRO F 188 1.32 53.75 -16.82
CA PRO F 188 -0.02 54.36 -16.93
C PRO F 188 -0.15 55.36 -18.05
N MET F 189 0.95 55.89 -18.58
CA MET F 189 0.86 56.86 -19.67
C MET F 189 0.68 56.18 -21.02
N LEU F 190 1.24 54.98 -21.16
CA LEU F 190 1.14 54.22 -22.40
C LEU F 190 -0.13 53.36 -22.44
N ALA F 191 -0.92 53.38 -21.38
CA ALA F 191 -2.11 52.54 -21.27
C ALA F 191 -3.19 52.97 -22.25
N THR F 192 -4.03 52.01 -22.62
CA THR F 192 -5.04 52.20 -23.64
C THR F 192 -6.33 51.53 -23.19
N GLY F 193 -7.27 51.37 -24.11
CA GLY F 193 -8.54 50.76 -23.79
C GLY F 193 -9.48 51.76 -23.15
N VAL F 194 -10.53 51.21 -22.54
CA VAL F 194 -11.52 52.06 -21.89
C VAL F 194 -10.96 52.67 -20.62
N ASN F 195 -10.35 51.85 -19.77
CA ASN F 195 -9.69 52.33 -18.56
C ASN F 195 -8.40 53.04 -18.92
N VAL F 196 -8.47 54.37 -18.97
CA VAL F 196 -7.31 55.17 -19.31
C VAL F 196 -6.67 55.71 -18.04
N GLY F 197 -7.44 56.46 -17.27
CA GLY F 197 -6.97 56.91 -15.99
C GLY F 197 -7.26 55.99 -14.84
N TRP F 198 -7.75 54.79 -15.13
CA TRP F 198 -8.13 53.82 -14.12
C TRP F 198 -7.12 52.67 -14.12
N GLY F 199 -7.43 51.66 -13.32
CA GLY F 199 -6.60 50.47 -13.24
C GLY F 199 -7.11 49.38 -14.17
N ASP F 200 -6.59 48.18 -13.96
CA ASP F 200 -6.94 47.05 -14.79
C ASP F 200 -7.72 46.03 -13.96
N SER F 201 -8.57 45.27 -14.64
CA SER F 201 -9.45 44.33 -13.96
C SER F 201 -8.67 43.11 -13.49
N THR F 202 -9.26 42.38 -12.54
CA THR F 202 -8.62 41.18 -12.03
C THR F 202 -9.15 39.91 -12.64
N LEU F 203 -10.05 39.99 -13.61
CA LEU F 203 -10.27 38.85 -14.48
C LEU F 203 -9.31 38.85 -15.66
N GLN F 204 -8.39 39.80 -15.70
CA GLN F 204 -7.39 39.84 -16.76
C GLN F 204 -6.37 38.73 -16.59
N ALA F 205 -5.77 38.65 -15.41
CA ALA F 205 -4.65 37.74 -15.21
C ALA F 205 -5.12 36.31 -15.03
N LEU F 206 -6.22 36.09 -14.32
CA LEU F 206 -6.71 34.75 -14.05
C LEU F 206 -7.73 34.27 -15.06
N TYR F 207 -7.71 34.81 -16.28
CA TYR F 207 -8.65 34.36 -17.30
C TYR F 207 -8.27 32.99 -17.84
N ASP F 208 -6.97 32.76 -18.04
CA ASP F 208 -6.53 31.48 -18.58
C ASP F 208 -6.65 30.37 -17.53
N ALA F 209 -6.38 30.69 -16.27
CA ALA F 209 -6.50 29.69 -15.21
C ALA F 209 -7.95 29.33 -14.96
N MET F 210 -8.87 30.27 -15.17
CA MET F 210 -10.29 29.99 -14.96
C MET F 210 -10.85 29.09 -16.05
N MET F 211 -10.48 29.35 -17.31
CA MET F 211 -11.10 28.63 -18.41
C MET F 211 -10.53 27.23 -18.57
N ASN F 212 -9.35 26.97 -17.99
CA ASN F 212 -8.85 25.60 -17.98
C ASN F 212 -9.69 24.74 -17.04
N SER F 213 -10.09 25.29 -15.90
CA SER F 213 -10.82 24.50 -14.92
C SER F 213 -12.27 24.30 -15.35
N ASP F 214 -12.90 25.32 -15.93
CA ASP F 214 -14.31 25.21 -16.26
C ASP F 214 -14.55 24.37 -17.51
N ASN F 215 -13.54 24.22 -18.36
CA ASN F 215 -13.70 23.35 -19.52
C ASN F 215 -13.62 21.89 -19.11
N THR F 216 -12.68 21.55 -18.22
CA THR F 216 -12.52 20.16 -17.81
C THR F 216 -13.63 19.71 -16.87
N GLN F 217 -14.39 20.63 -16.28
CA GLN F 217 -15.57 20.21 -15.55
C GLN F 217 -16.67 19.77 -16.48
N ALA F 218 -16.82 20.45 -17.62
CA ALA F 218 -17.91 20.15 -18.52
C ALA F 218 -17.57 18.99 -19.45
N ASN F 219 -16.31 18.60 -19.49
CA ASN F 219 -15.91 17.46 -20.31
C ASN F 219 -16.04 16.15 -19.54
N ILE F 220 -15.58 16.14 -18.29
CA ILE F 220 -15.58 14.93 -17.49
C ILE F 220 -17.00 14.58 -17.05
N ALA F 221 -17.85 15.59 -16.90
CA ALA F 221 -19.25 15.32 -16.64
C ALA F 221 -20.02 14.94 -17.91
N SER F 222 -19.39 15.04 -19.07
CA SER F 222 -20.02 14.56 -20.29
C SER F 222 -19.73 13.08 -20.52
N LEU F 223 -18.60 12.60 -20.01
CA LEU F 223 -18.26 11.19 -20.19
C LEU F 223 -19.11 10.27 -19.34
N VAL F 224 -19.80 10.80 -18.32
CA VAL F 224 -20.54 9.92 -17.44
C VAL F 224 -21.81 9.44 -18.12
N PHE F 225 -22.33 10.22 -19.07
CA PHE F 225 -23.45 9.76 -19.89
C PHE F 225 -23.02 8.62 -20.80
N GLU F 226 -21.85 8.74 -21.41
CA GLU F 226 -21.27 7.64 -22.18
C GLU F 226 -20.38 6.79 -21.30
N ALA F 227 -20.90 6.30 -20.18
CA ALA F 227 -20.07 5.48 -19.30
C ALA F 227 -19.85 4.11 -19.90
N ASN F 228 -20.86 3.54 -20.55
CA ASN F 228 -20.69 2.34 -21.34
C ASN F 228 -21.78 2.30 -22.39
N VAL F 229 -21.38 2.51 -23.64
CA VAL F 229 -22.27 2.40 -24.79
C VAL F 229 -22.04 1.03 -25.42
N ASP F 230 -23.11 0.43 -25.92
CA ASP F 230 -23.06 -0.88 -26.54
C ASP F 230 -23.73 -0.88 -27.90
N VAL F 231 -23.21 -1.70 -28.79
CA VAL F 231 -23.69 -1.78 -30.16
C VAL F 231 -24.24 -3.17 -30.40
N ILE F 232 -25.06 -3.29 -31.44
CA ILE F 232 -25.66 -4.56 -31.85
C ILE F 232 -25.57 -4.61 -33.37
N GLY F 233 -24.85 -5.59 -33.89
CA GLY F 233 -24.68 -5.67 -35.33
C GLY F 233 -25.54 -6.71 -36.01
N LEU F 234 -26.56 -6.26 -36.74
CA LEU F 234 -27.39 -7.17 -37.51
C LEU F 234 -26.70 -7.47 -38.86
N PRO F 235 -26.86 -8.70 -39.40
CA PRO F 235 -26.17 -9.06 -40.65
C PRO F 235 -26.57 -8.27 -41.88
N ASP F 236 -27.86 -8.24 -42.23
CA ASP F 236 -28.35 -7.41 -43.33
C ASP F 236 -29.25 -6.34 -42.74
N PHE F 237 -28.62 -5.26 -42.30
CA PHE F 237 -29.29 -4.12 -41.71
C PHE F 237 -29.47 -3.01 -42.72
N MET F 238 -28.83 -3.12 -43.88
CA MET F 238 -28.99 -2.15 -44.95
C MET F 238 -30.37 -2.21 -45.57
N GLU F 239 -31.05 -3.35 -45.43
CA GLU F 239 -32.27 -3.63 -46.18
C GLU F 239 -33.53 -3.54 -45.33
N ASN F 240 -33.43 -3.81 -44.03
CA ASN F 240 -34.55 -3.56 -43.14
C ASN F 240 -34.84 -2.08 -43.02
N MET F 241 -33.80 -1.25 -43.02
CA MET F 241 -33.94 0.20 -42.88
C MET F 241 -34.08 0.88 -44.24
N SER F 242 -34.98 0.36 -45.08
CA SER F 242 -35.10 0.87 -46.43
C SER F 242 -36.50 1.43 -46.72
N SER F 243 -37.42 1.29 -45.79
CA SER F 243 -38.73 1.91 -45.93
C SER F 243 -39.19 2.33 -44.53
N GLU F 244 -40.40 2.87 -44.44
CA GLU F 244 -40.94 3.30 -43.16
C GLU F 244 -41.69 2.20 -42.43
N VAL F 245 -42.43 1.35 -43.14
CA VAL F 245 -43.24 0.33 -42.50
C VAL F 245 -42.37 -0.83 -42.02
N TYR F 246 -41.30 -1.11 -42.76
CA TYR F 246 -40.39 -2.18 -42.36
C TYR F 246 -39.56 -1.80 -41.15
N ARG F 247 -39.09 -0.55 -41.08
CA ARG F 247 -38.13 -0.21 -40.03
C ARG F 247 -38.83 0.03 -38.70
N GLN F 248 -40.13 0.34 -38.73
CA GLN F 248 -40.83 0.49 -37.46
C GLN F 248 -41.26 -0.86 -36.93
N LYS F 249 -41.30 -1.88 -37.79
CA LYS F 249 -41.48 -3.25 -37.32
C LYS F 249 -40.26 -3.71 -36.53
N LEU F 250 -39.09 -3.19 -36.89
CA LEU F 250 -37.84 -3.56 -36.22
C LEU F 250 -37.62 -2.76 -34.94
N LEU F 251 -37.78 -1.44 -35.02
CA LEU F 251 -37.40 -0.57 -33.90
C LEU F 251 -38.44 -0.56 -32.80
N ASP F 252 -39.67 -0.98 -33.10
CA ASP F 252 -40.64 -1.11 -32.01
C ASP F 252 -40.37 -2.36 -31.19
N ARG F 253 -39.78 -3.38 -31.80
CA ARG F 253 -39.52 -4.60 -31.06
C ARG F 253 -38.22 -4.48 -30.27
N PHE F 254 -37.23 -3.79 -30.82
CA PHE F 254 -35.99 -3.56 -30.08
C PHE F 254 -36.16 -2.57 -28.94
N THR F 255 -37.21 -1.76 -28.95
CA THR F 255 -37.49 -0.94 -27.79
C THR F 255 -37.90 -1.81 -26.61
N LEU F 256 -38.85 -2.71 -26.85
CA LEU F 256 -39.36 -3.54 -25.76
C LEU F 256 -38.39 -4.66 -25.41
N ALA F 257 -37.37 -4.88 -26.22
CA ALA F 257 -36.38 -5.90 -25.93
C ALA F 257 -35.10 -5.35 -25.35
N ALA F 258 -34.81 -4.05 -25.52
CA ALA F 258 -33.63 -3.45 -24.92
C ALA F 258 -33.99 -2.46 -23.82
N ALA F 259 -35.25 -2.42 -23.42
CA ALA F 259 -35.61 -1.59 -22.28
C ALA F 259 -35.27 -2.25 -20.96
N GLY F 260 -35.60 -3.53 -20.82
CA GLY F 260 -35.50 -4.22 -19.55
C GLY F 260 -34.32 -5.14 -19.38
N LYS F 261 -33.29 -5.04 -20.21
CA LYS F 261 -32.12 -5.90 -20.05
C LYS F 261 -31.34 -5.51 -18.80
N GLY F 262 -30.64 -6.46 -18.23
CA GLY F 262 -29.98 -6.20 -16.97
C GLY F 262 -29.87 -7.47 -16.15
N ILE F 263 -30.05 -7.33 -14.85
CA ILE F 263 -29.79 -8.42 -13.93
C ILE F 263 -30.91 -9.47 -14.01
N ASN F 264 -32.16 -9.02 -14.10
CA ASN F 264 -33.30 -9.91 -13.99
C ASN F 264 -33.92 -10.28 -15.33
N LYS F 265 -33.36 -9.83 -16.44
CA LYS F 265 -33.81 -10.27 -17.76
C LYS F 265 -32.59 -10.58 -18.60
N THR F 266 -32.71 -11.57 -19.48
CA THR F 266 -31.62 -11.99 -20.36
C THR F 266 -32.03 -11.76 -21.80
N LEU F 267 -31.14 -11.16 -22.59
CA LEU F 267 -31.42 -10.96 -24.00
C LEU F 267 -31.42 -12.28 -24.76
N MET F 268 -32.25 -12.36 -25.78
CA MET F 268 -32.19 -13.44 -26.74
C MET F 268 -31.83 -12.88 -28.10
N LEU F 269 -30.73 -13.36 -28.67
CA LEU F 269 -30.31 -12.90 -29.98
C LEU F 269 -30.10 -14.11 -30.87
N ASP F 270 -30.00 -13.84 -32.17
CA ASP F 270 -29.58 -14.85 -33.11
C ASP F 270 -28.08 -15.10 -32.95
N ALA F 271 -27.61 -16.23 -33.47
CA ALA F 271 -26.18 -16.55 -33.34
C ALA F 271 -25.29 -15.70 -34.23
N GLU F 272 -25.86 -14.94 -35.18
CA GLU F 272 -25.10 -14.03 -36.03
C GLU F 272 -24.92 -12.67 -35.38
N GLU F 273 -25.91 -12.24 -34.60
CA GLU F 273 -25.92 -10.91 -34.01
C GLU F 273 -24.90 -10.82 -32.89
N VAL F 274 -24.24 -9.66 -32.79
CA VAL F 274 -22.94 -9.61 -32.13
C VAL F 274 -23.00 -9.16 -30.67
N PHE F 275 -23.44 -7.94 -30.42
CA PHE F 275 -23.58 -7.33 -29.09
C PHE F 275 -22.25 -7.28 -28.34
N THR F 276 -21.39 -6.38 -28.79
CA THR F 276 -20.24 -6.00 -27.98
C THR F 276 -20.57 -4.77 -27.13
N ALA F 277 -19.71 -4.50 -26.15
CA ALA F 277 -19.94 -3.44 -25.18
C ALA F 277 -18.65 -2.69 -24.93
N HIS F 278 -18.67 -1.37 -25.09
CA HIS F 278 -17.48 -0.54 -25.04
C HIS F 278 -17.47 0.33 -23.80
N SER F 279 -16.59 0.01 -22.86
CA SER F 279 -16.56 0.69 -21.57
C SER F 279 -15.42 1.70 -21.58
N ARG F 280 -15.74 2.95 -21.24
CA ARG F 280 -14.72 3.99 -21.24
C ARG F 280 -13.92 3.92 -19.94
N SER F 281 -12.88 4.75 -19.85
CA SER F 281 -11.94 4.68 -18.74
C SER F 281 -11.96 5.99 -17.96
N PHE F 282 -12.09 5.89 -16.65
CA PHE F 282 -12.08 7.04 -15.75
C PHE F 282 -10.89 6.97 -14.79
N ALA F 283 -9.75 6.53 -15.29
CA ALA F 283 -8.54 6.43 -14.47
C ALA F 283 -7.89 7.80 -14.37
N ASN F 284 -7.53 8.18 -13.13
CA ASN F 284 -6.81 9.40 -12.77
C ASN F 284 -7.49 10.70 -13.15
N LEU F 285 -8.76 10.65 -13.57
CA LEU F 285 -9.50 11.87 -13.92
C LEU F 285 -10.06 12.57 -12.74
N ASP F 286 -9.62 12.27 -11.52
CA ASP F 286 -10.06 12.98 -10.34
C ASP F 286 -8.93 13.67 -9.61
N LYS F 287 -7.69 13.26 -9.87
CA LYS F 287 -6.56 14.06 -9.46
C LYS F 287 -6.27 15.15 -10.47
N ILE F 288 -6.81 15.04 -11.68
CA ILE F 288 -6.70 16.14 -12.64
C ILE F 288 -7.65 17.26 -12.27
N MET F 289 -8.86 16.91 -11.81
CA MET F 289 -9.88 17.90 -11.47
C MET F 289 -9.46 18.75 -10.27
N GLU F 290 -8.61 18.20 -9.40
CA GLU F 290 -8.24 18.96 -8.20
C GLU F 290 -6.95 19.73 -8.41
N GLN F 291 -6.14 19.39 -9.41
CA GLN F 291 -4.96 20.18 -9.69
C GLN F 291 -5.27 21.44 -10.49
N PHE F 292 -6.46 21.55 -11.09
CA PHE F 292 -6.82 22.79 -11.76
C PHE F 292 -7.46 23.80 -10.84
N ILE F 293 -8.11 23.39 -9.75
CA ILE F 293 -8.63 24.37 -8.82
C ILE F 293 -7.55 24.85 -7.86
N LEU F 294 -6.42 24.15 -7.77
CA LEU F 294 -5.23 24.74 -7.15
C LEU F 294 -4.79 25.98 -7.88
N PHE F 295 -4.72 25.90 -9.22
CA PHE F 295 -4.14 26.97 -10.00
C PHE F 295 -5.10 28.13 -10.15
N VAL F 296 -6.40 27.92 -9.91
CA VAL F 296 -7.32 29.04 -9.81
C VAL F 296 -7.19 29.72 -8.46
N ALA F 297 -7.11 28.92 -7.39
CA ALA F 297 -6.99 29.48 -6.05
C ALA F 297 -5.65 30.15 -5.84
N GLY F 298 -4.61 29.66 -6.52
CA GLY F 298 -3.34 30.37 -6.49
C GLY F 298 -3.39 31.66 -7.29
N ALA F 299 -4.16 31.68 -8.37
CA ALA F 299 -4.29 32.88 -9.18
C ALA F 299 -5.08 33.96 -8.46
N ALA F 300 -6.12 33.55 -7.73
CA ALA F 300 -6.88 34.49 -6.93
C ALA F 300 -6.19 34.86 -5.64
N ASP F 301 -5.09 34.18 -5.32
CA ASP F 301 -4.34 34.32 -4.06
C ASP F 301 -5.24 34.11 -2.85
N ILE F 302 -6.05 33.05 -2.90
CA ILE F 302 -6.87 32.61 -1.78
C ILE F 302 -6.53 31.15 -1.54
N PRO F 303 -6.25 30.74 -0.30
CA PRO F 303 -6.01 29.32 -0.05
C PRO F 303 -7.29 28.52 -0.17
N LEU F 304 -7.15 27.21 -0.36
CA LEU F 304 -8.34 26.36 -0.51
C LEU F 304 -9.05 26.07 0.80
N THR F 305 -8.64 26.65 1.91
CA THR F 305 -9.45 26.59 3.11
C THR F 305 -10.44 27.74 3.20
N ARG F 306 -10.37 28.70 2.28
CA ARG F 306 -11.38 29.75 2.16
C ARG F 306 -12.06 29.70 0.79
N PHE F 307 -11.28 29.67 -0.29
CA PHE F 307 -11.79 29.27 -1.59
C PHE F 307 -12.21 27.81 -1.51
N LEU F 308 -13.33 27.46 -2.16
CA LEU F 308 -13.90 26.11 -2.16
C LEU F 308 -14.28 25.65 -0.74
N GLY F 309 -14.59 26.60 0.14
CA GLY F 309 -14.91 26.37 1.54
C GLY F 309 -13.77 25.70 2.28
N GLN F 310 -14.12 24.92 3.30
CA GLN F 310 -13.17 24.03 3.94
C GLN F 310 -13.18 22.73 3.13
N SER F 311 -12.23 22.61 2.22
CA SER F 311 -12.18 21.45 1.34
C SER F 311 -11.44 20.31 2.02
N PRO F 312 -11.88 19.06 1.86
CA PRO F 312 -11.13 17.94 2.42
C PRO F 312 -9.78 17.71 1.78
N ALA F 313 -9.55 18.23 0.58
CA ALA F 313 -8.25 18.14 -0.08
C ALA F 313 -7.36 19.32 0.29
N GLY F 314 -7.24 19.59 1.59
CA GLY F 314 -6.25 20.50 2.11
C GLY F 314 -5.41 19.78 3.14
N MET F 315 -4.13 19.54 2.84
CA MET F 315 -3.26 18.78 3.73
C MET F 315 -1.98 19.56 4.00
N SER F 316 -2.10 20.89 4.15
CA SER F 316 -1.01 21.68 4.71
C SER F 316 -1.54 22.77 5.63
N SER F 317 -2.76 22.60 6.16
CA SER F 317 -3.31 23.52 7.15
C SER F 317 -3.00 22.94 8.54
N THR F 318 -1.75 23.14 8.97
CA THR F 318 -1.37 22.72 10.30
C THR F 318 -1.99 23.65 11.34
N GLY F 319 -2.34 23.08 12.49
CA GLY F 319 -3.28 23.69 13.42
C GLY F 319 -2.91 24.97 14.15
N GLN F 320 -1.85 25.65 13.72
CA GLN F 320 -1.47 26.93 14.30
C GLN F 320 -1.32 28.01 13.23
N HIS F 321 -1.01 27.63 12.00
CA HIS F 321 -0.71 28.55 10.90
C HIS F 321 -1.61 28.26 9.70
N ASP F 322 -2.92 28.13 9.96
CA ASP F 322 -3.87 27.78 8.92
C ASP F 322 -3.98 28.86 7.85
N MET F 323 -4.43 30.05 8.23
CA MET F 323 -4.72 31.13 7.29
C MET F 323 -3.99 32.39 7.67
N LYS F 324 -2.78 32.26 8.21
CA LYS F 324 -2.04 33.46 8.60
C LYS F 324 -1.46 34.19 7.40
N ASN F 325 -1.38 33.52 6.24
CA ASN F 325 -0.97 34.23 5.03
C ASN F 325 -2.12 35.01 4.42
N TYR F 326 -3.35 34.55 4.65
CA TYR F 326 -4.50 35.22 4.04
C TYR F 326 -4.84 36.50 4.79
N HIS F 327 -4.55 36.55 6.10
CA HIS F 327 -4.76 37.79 6.81
C HIS F 327 -3.58 38.74 6.65
N ASP F 328 -2.45 38.25 6.14
CA ASP F 328 -1.36 39.14 5.79
C ASP F 328 -1.59 39.81 4.44
N ARG F 329 -2.49 39.26 3.64
CA ARG F 329 -2.82 39.86 2.36
C ARG F 329 -3.89 40.92 2.52
N ILE F 330 -4.82 40.73 3.47
CA ILE F 330 -5.89 41.69 3.68
C ILE F 330 -5.37 42.94 4.37
N GLN F 331 -4.44 42.77 5.31
CA GLN F 331 -3.83 43.94 5.94
C GLN F 331 -2.93 44.71 5.00
N SER F 332 -2.58 44.15 3.84
CA SER F 332 -1.90 44.88 2.79
C SER F 332 -2.88 45.55 1.83
N ILE F 333 -4.18 45.36 2.02
CA ILE F 333 -5.17 46.17 1.33
C ILE F 333 -5.66 47.30 2.24
N GLN F 334 -5.81 47.00 3.52
CA GLN F 334 -6.28 47.98 4.49
C GLN F 334 -5.28 49.10 4.73
N THR F 335 -4.00 48.89 4.43
CA THR F 335 -2.99 49.92 4.65
C THR F 335 -2.30 50.36 3.38
N LEU F 336 -2.73 49.88 2.21
CA LEU F 336 -2.11 50.30 0.97
C LEU F 336 -3.10 50.66 -0.13
N ASP F 337 -4.38 50.31 -0.01
CA ASP F 337 -5.39 50.68 -0.99
C ASP F 337 -6.57 51.42 -0.39
N LEU F 338 -6.85 51.23 0.90
CA LEU F 338 -7.95 51.92 1.55
C LEU F 338 -7.48 53.00 2.50
N GLN F 339 -6.27 52.89 2.99
CA GLN F 339 -5.72 53.92 3.87
C GLN F 339 -5.27 55.18 3.13
N PRO F 340 -4.53 55.14 2.01
CA PRO F 340 -4.15 56.43 1.39
C PRO F 340 -5.28 57.12 0.67
N SER F 341 -6.16 56.39 -0.01
CA SER F 341 -7.17 57.02 -0.84
C SER F 341 -8.27 57.69 -0.03
N MET F 342 -8.37 57.38 1.25
CA MET F 342 -9.31 58.02 2.16
C MET F 342 -8.63 59.12 2.97
N TYR F 343 -7.75 59.89 2.33
CA TYR F 343 -7.06 60.98 3.03
C TYR F 343 -7.85 62.28 2.99
N ARG F 344 -8.72 62.47 2.00
CA ARG F 344 -9.61 63.64 2.04
C ARG F 344 -10.85 63.35 2.85
N LEU F 345 -11.24 62.08 2.92
CA LEU F 345 -12.02 61.60 4.05
C LEU F 345 -11.11 61.41 5.25
N ASP F 346 -11.70 61.02 6.38
CA ASP F 346 -11.03 60.56 7.60
C ASP F 346 -10.23 61.66 8.32
N GLU F 347 -10.08 62.81 7.68
CA GLU F 347 -9.76 64.07 8.32
C GLU F 347 -10.88 65.08 8.16
N ALA F 348 -11.82 64.80 7.26
CA ALA F 348 -13.05 65.57 7.13
C ALA F 348 -14.16 65.05 8.02
N ILE F 349 -14.16 63.76 8.33
CA ILE F 349 -15.20 63.19 9.17
C ILE F 349 -14.86 63.34 10.65
N ILE F 350 -13.58 63.45 10.99
CA ILE F 350 -13.21 63.82 12.34
C ILE F 350 -13.26 65.33 12.48
N ARG F 351 -13.32 66.04 11.37
CA ARG F 351 -13.62 67.46 11.37
C ARG F 351 -15.08 67.71 11.66
N SER F 352 -15.96 66.76 11.33
CA SER F 352 -17.39 66.91 11.56
C SER F 352 -17.82 66.52 12.97
N SER F 353 -16.90 66.54 13.93
CA SER F 353 -17.25 66.48 15.35
C SER F 353 -17.40 67.89 15.91
N LEU F 354 -18.44 68.56 15.39
CA LEU F 354 -18.80 69.95 15.70
C LEU F 354 -17.66 70.92 15.38
N GLY F 355 -16.98 70.68 14.25
CA GLY F 355 -15.98 71.59 13.75
C GLY F 355 -14.59 71.43 14.32
N ALA F 356 -14.45 70.82 15.48
CA ALA F 356 -13.18 70.77 16.20
C ALA F 356 -12.46 69.47 15.85
N ARG F 357 -11.18 69.57 15.50
CA ARG F 357 -10.39 68.41 15.16
C ARG F 357 -9.12 68.36 16.00
N PRO F 358 -8.93 67.32 16.80
CA PRO F 358 -7.68 67.18 17.55
C PRO F 358 -6.52 66.78 16.65
N GLU F 359 -5.32 66.66 17.23
CA GLU F 359 -4.17 66.17 16.49
C GLU F 359 -3.81 64.74 16.82
N GLU F 360 -3.84 64.35 18.10
CA GLU F 360 -3.51 62.99 18.50
C GLU F 360 -4.76 62.10 18.50
N LEU F 361 -5.49 62.13 17.39
CA LEU F 361 -6.67 61.30 17.18
C LEU F 361 -6.41 60.46 15.94
N PHE F 362 -6.48 59.15 16.09
CA PHE F 362 -6.18 58.24 14.99
C PHE F 362 -7.00 56.96 15.19
N TYR F 363 -6.70 55.95 14.39
CA TYR F 363 -7.36 54.67 14.51
C TYR F 363 -6.40 53.56 14.08
N ILE F 364 -6.75 52.34 14.44
CA ILE F 364 -6.13 51.14 13.92
C ILE F 364 -7.23 50.29 13.29
N TRP F 365 -6.81 49.32 12.51
CA TRP F 365 -7.74 48.40 11.90
C TRP F 365 -7.98 47.24 12.84
N SER F 366 -9.21 46.73 12.85
CA SER F 366 -9.60 45.68 13.77
C SER F 366 -8.91 44.37 13.40
N PRO F 367 -8.61 43.51 14.37
CA PRO F 367 -8.04 42.20 14.05
C PRO F 367 -9.02 41.31 13.32
N LEU F 368 -8.48 40.43 12.49
CA LEU F 368 -9.27 39.67 11.53
C LEU F 368 -9.61 38.26 11.99
N GLU F 369 -8.80 37.66 12.87
CA GLU F 369 -9.07 36.30 13.30
C GLU F 369 -10.25 36.27 14.25
N GLN F 370 -11.26 35.49 13.90
CA GLN F 370 -12.34 35.21 14.84
C GLN F 370 -11.81 34.40 16.00
N MET F 371 -12.22 34.75 17.21
CA MET F 371 -11.80 34.04 18.41
C MET F 371 -12.98 33.31 19.00
N SER F 372 -12.71 32.17 19.64
CA SER F 372 -13.77 31.39 20.26
C SER F 372 -14.27 32.09 21.52
N GLU F 373 -15.41 31.61 22.03
CA GLU F 373 -15.97 32.23 23.23
C GLU F 373 -15.18 31.86 24.47
N LYS F 374 -14.62 30.65 24.52
CA LYS F 374 -13.77 30.29 25.65
C LYS F 374 -12.41 30.97 25.53
N GLU F 375 -11.96 31.24 24.31
CA GLU F 375 -10.69 31.93 24.15
C GLU F 375 -10.80 33.41 24.50
N ARG F 376 -11.98 34.01 24.32
CA ARG F 376 -12.14 35.41 24.71
C ARG F 376 -12.27 35.54 26.22
N ALA F 377 -12.66 34.47 26.91
CA ALA F 377 -12.61 34.48 28.36
C ALA F 377 -11.18 34.36 28.86
N GLU F 378 -10.35 33.60 28.14
CA GLU F 378 -8.97 33.40 28.57
C GLU F 378 -8.09 34.58 28.19
N ILE F 379 -8.50 35.36 27.20
CA ILE F 379 -7.79 36.59 26.87
C ILE F 379 -8.08 37.65 27.93
N GLY F 380 -9.34 37.76 28.36
CA GLY F 380 -9.69 38.76 29.34
C GLY F 380 -9.17 38.45 30.72
N LYS F 381 -8.85 37.18 30.98
CA LYS F 381 -8.26 36.82 32.27
C LYS F 381 -6.80 37.22 32.33
N LEU F 382 -6.15 37.37 31.17
CA LEU F 382 -4.76 37.77 31.16
C LEU F 382 -4.59 39.29 31.17
N HIS F 383 -5.54 40.02 30.56
CA HIS F 383 -5.43 41.48 30.56
C HIS F 383 -5.64 42.05 31.95
N ALA F 384 -6.45 41.40 32.77
CA ALA F 384 -6.59 41.81 34.15
C ALA F 384 -5.32 41.51 34.95
N GLU F 385 -4.48 40.61 34.49
CA GLU F 385 -3.30 40.22 35.24
C GLU F 385 -2.02 40.92 34.78
N THR F 386 -2.03 41.58 33.62
CA THR F 386 -0.93 42.50 33.32
C THR F 386 -1.07 43.78 34.12
N VAL F 387 -2.31 44.18 34.39
CA VAL F 387 -2.57 45.40 35.16
C VAL F 387 -2.14 45.20 36.59
N ASN F 388 -2.39 44.02 37.14
CA ASN F 388 -2.04 43.72 38.54
C ASN F 388 -0.53 43.74 38.75
N VAL F 389 0.24 43.48 37.70
CA VAL F 389 1.69 43.51 37.84
C VAL F 389 2.22 44.91 37.56
N ILE F 390 1.59 45.63 36.63
CA ILE F 390 2.02 46.99 36.32
C ILE F 390 1.63 47.95 37.44
N ALA F 391 0.42 47.81 37.98
CA ALA F 391 0.01 48.69 39.07
C ALA F 391 0.71 48.35 40.37
N GLY F 392 1.24 47.13 40.49
CA GLY F 392 1.93 46.76 41.71
C GLY F 392 3.27 47.43 41.86
N THR F 393 3.92 47.74 40.74
CA THR F 393 5.15 48.52 40.75
C THR F 393 4.79 49.98 40.54
N GLY F 394 5.51 50.86 41.22
CA GLY F 394 5.16 52.26 41.06
C GLY F 394 5.85 52.83 39.84
N LEU F 395 5.14 52.86 38.72
CA LEU F 395 5.65 53.51 37.52
C LEU F 395 4.60 54.33 36.79
N PHE F 396 3.31 54.17 37.10
CA PHE F 396 2.26 54.94 36.47
C PHE F 396 1.27 55.41 37.54
N MET F 397 0.56 56.50 37.23
CA MET F 397 -0.49 56.96 38.13
C MET F 397 -1.64 55.97 38.14
N GLN F 398 -2.24 55.79 39.31
CA GLN F 398 -3.46 54.99 39.37
C GLN F 398 -4.65 55.80 38.88
N GLU F 399 -4.54 57.12 38.85
CA GLU F 399 -5.47 57.95 38.09
C GLU F 399 -5.35 57.67 36.59
N GLU F 400 -4.16 57.30 36.15
CA GLU F 400 -3.91 57.16 34.72
C GLU F 400 -4.40 55.81 34.20
N LEU F 401 -4.23 54.74 34.99
CA LEU F 401 -4.54 53.40 34.51
C LEU F 401 -6.04 53.18 34.39
N ARG F 402 -6.84 54.05 34.97
CA ARG F 402 -8.28 53.94 34.82
C ARG F 402 -8.71 54.27 33.39
N GLU F 403 -8.00 55.18 32.73
CA GLU F 403 -8.28 55.49 31.33
C GLU F 403 -7.78 54.43 30.36
N VAL F 404 -6.53 53.99 30.51
CA VAL F 404 -5.92 53.10 29.53
C VAL F 404 -6.51 51.70 29.61
N PHE F 405 -6.59 51.13 30.80
CA PHE F 405 -7.20 49.81 30.93
C PHE F 405 -8.71 49.90 30.78
N GLY F 406 -9.29 51.07 31.05
CA GLY F 406 -10.70 51.26 30.74
C GLY F 406 -10.98 51.32 29.25
N ASN F 407 -10.00 51.73 28.46
CA ASN F 407 -10.22 51.90 27.03
C ASN F 407 -9.94 50.60 26.28
N GLN F 408 -8.95 49.84 26.74
CA GLN F 408 -8.59 48.57 26.11
C GLN F 408 -9.62 47.49 26.38
N LEU F 409 -10.36 47.62 27.47
CA LEU F 409 -11.33 46.61 27.89
C LEU F 409 -12.71 46.84 27.31
N VAL F 410 -12.94 47.95 26.60
CA VAL F 410 -14.18 48.18 25.89
C VAL F 410 -14.09 47.70 24.44
N GLU F 411 -12.97 47.96 23.77
CA GLU F 411 -12.83 47.51 22.39
C GLU F 411 -12.57 46.01 22.28
N THR F 412 -12.21 45.36 23.39
CA THR F 412 -12.19 43.91 23.42
C THR F 412 -13.60 43.32 23.35
N GLY F 413 -14.59 44.05 23.82
CA GLY F 413 -15.94 43.54 23.84
C GLY F 413 -16.27 42.69 25.04
N LEU F 414 -15.40 42.69 26.05
CA LEU F 414 -15.65 41.87 27.23
C LEU F 414 -16.71 42.51 28.12
N TYR F 415 -16.52 43.79 28.46
CA TYR F 415 -17.46 44.55 29.28
C TYR F 415 -17.97 45.73 28.46
N PRO F 416 -18.91 45.49 27.54
CA PRO F 416 -19.24 46.53 26.55
C PRO F 416 -20.05 47.69 27.13
N GLY F 417 -20.94 47.42 28.07
CA GLY F 417 -21.69 48.48 28.69
C GLY F 417 -20.90 49.18 29.78
N LEU F 418 -19.83 49.87 29.40
CA LEU F 418 -18.93 50.53 30.36
C LEU F 418 -18.92 52.02 30.02
N GLY F 419 -19.93 52.74 30.51
CA GLY F 419 -19.95 54.18 30.43
C GLY F 419 -19.45 54.78 31.71
N ASP F 420 -18.18 55.15 31.73
CA ASP F 420 -17.54 55.72 32.91
C ASP F 420 -17.27 57.21 32.79
N LEU F 421 -17.19 57.72 31.57
CA LEU F 421 -16.90 59.12 31.36
C LEU F 421 -18.19 59.93 31.49
N LEU F 422 -18.16 60.95 32.37
CA LEU F 422 -19.18 61.97 32.64
C LEU F 422 -20.37 61.40 33.41
N ALA F 423 -20.44 60.09 33.58
CA ALA F 423 -21.50 59.47 34.37
C ALA F 423 -20.98 58.97 35.71
N GLN F 424 -19.84 58.29 35.70
CA GLN F 424 -19.26 57.70 36.90
C GLN F 424 -18.18 58.61 37.45
N ASN F 425 -18.60 59.86 37.69
CA ASN F 425 -17.73 60.99 38.06
C ASN F 425 -16.60 61.20 37.06
N GLY F 426 -16.84 60.84 35.81
CA GLY F 426 -15.83 60.92 34.76
C GLY F 426 -14.65 60.02 35.05
N ASN F 427 -13.47 60.62 35.10
CA ASN F 427 -12.27 59.98 35.62
C ASN F 427 -11.89 60.73 36.90
N GLU F 428 -12.53 60.35 38.01
CA GLU F 428 -12.15 60.75 39.36
C GLU F 428 -12.94 59.91 40.34
N LEU F 429 -12.24 59.37 41.33
CA LEU F 429 -12.82 58.73 42.50
C LEU F 429 -12.43 59.54 43.73
N PRO F 430 -13.16 59.42 44.83
CA PRO F 430 -12.71 60.09 46.05
C PRO F 430 -11.44 59.49 46.63
N GLU F 431 -11.11 58.25 46.27
CA GLU F 431 -10.08 57.51 46.95
C GLU F 431 -8.72 57.58 46.27
N TRP F 432 -8.49 58.45 45.29
CA TRP F 432 -7.16 58.47 44.70
C TRP F 432 -6.18 59.23 45.56
N ASP F 433 -6.40 60.54 45.70
CA ASP F 433 -5.47 61.44 46.35
C ASP F 433 -5.88 61.76 47.77
N LEU F 434 -7.18 61.72 48.05
CA LEU F 434 -7.70 62.03 49.38
C LEU F 434 -7.84 60.79 50.25
N GLU F 435 -7.17 59.70 49.87
CA GLU F 435 -7.13 58.48 50.65
C GLU F 435 -5.69 57.98 50.82
N GLN F 436 -4.77 58.47 50.00
CA GLN F 436 -3.36 58.14 50.13
C GLN F 436 -2.63 59.03 51.13
N ARG F 437 -3.36 59.59 52.10
CA ARG F 437 -2.74 60.32 53.20
C ARG F 437 -1.87 59.41 54.05
N SER F 438 -2.24 58.12 54.15
CA SER F 438 -1.51 57.18 55.00
C SER F 438 -0.12 56.89 54.46
N ALA F 439 0.10 57.03 53.16
CA ALA F 439 1.45 57.00 52.62
C ALA F 439 2.15 58.33 52.84
N GLU F 440 1.40 59.43 52.85
CA GLU F 440 1.96 60.76 53.11
C GLU F 440 2.07 61.04 54.61
N ALA F 441 1.46 60.22 55.46
CA ALA F 441 1.56 60.35 56.90
C ALA F 441 2.82 59.75 57.48
N SER F 442 3.18 58.53 57.07
CA SER F 442 4.32 57.84 57.64
C SER F 442 5.64 58.37 57.14
N THR F 443 5.65 59.04 55.98
CA THR F 443 6.85 59.77 55.58
C THR F 443 7.03 61.05 56.37
N LYS F 444 5.95 61.61 56.93
CA LYS F 444 6.08 62.71 57.85
C LYS F 444 6.55 62.23 59.23
N THR F 445 6.40 60.93 59.50
CA THR F 445 6.84 60.30 60.73
C THR F 445 8.13 59.52 60.49
N ALA F 446 8.71 59.65 59.30
CA ALA F 446 9.82 58.79 58.91
C ALA F 446 11.11 59.18 59.61
N GLU F 447 11.60 60.40 59.38
CA GLU F 447 12.80 60.87 60.06
C GLU F 447 12.51 61.85 61.18
N ALA F 448 11.28 62.35 61.28
CA ALA F 448 10.95 63.26 62.37
C ALA F 448 10.92 62.54 63.71
N ALA F 449 10.32 61.35 63.73
CA ALA F 449 10.18 60.55 64.94
C ALA F 449 11.22 59.44 65.03
N ALA F 450 12.30 59.55 64.26
CA ALA F 450 13.37 58.56 64.32
C ALA F 450 14.63 59.07 65.01
N LEU F 451 14.90 60.37 64.97
CA LEU F 451 16.01 60.94 65.70
C LEU F 451 15.50 62.05 66.61
N SER G 10 -2.63 35.17 -22.94
CA SER G 10 -2.87 33.86 -23.52
C SER G 10 -1.67 33.41 -24.32
N LEU G 11 -1.49 32.11 -24.45
CA LEU G 11 -0.41 31.54 -25.23
C LEU G 11 -0.88 31.25 -26.64
N ARG G 12 0.07 31.26 -27.57
CA ARG G 12 -0.20 30.87 -28.96
C ARG G 12 1.13 30.53 -29.61
N SER G 13 1.25 29.32 -30.13
CA SER G 13 2.48 28.87 -30.77
C SER G 13 2.26 28.83 -32.28
N MET G 14 3.32 29.14 -33.04
CA MET G 14 3.18 29.16 -34.48
C MET G 14 3.14 27.77 -35.09
N ILE G 15 3.91 26.83 -34.56
CA ILE G 15 3.73 25.42 -34.88
C ILE G 15 2.92 24.80 -33.76
N SER G 16 2.31 23.65 -34.06
CA SER G 16 1.54 22.81 -33.13
C SER G 16 0.25 23.43 -32.61
N GLY G 17 -0.08 24.65 -33.01
CA GLY G 17 -1.37 25.29 -32.79
C GLY G 17 -1.89 25.35 -31.36
N LEU G 18 -1.09 25.88 -30.44
CA LEU G 18 -1.40 25.72 -29.03
C LEU G 18 -2.48 26.70 -28.57
N GLY G 19 -2.69 27.79 -29.29
CA GLY G 19 -3.69 28.74 -28.86
C GLY G 19 -4.60 29.20 -29.98
N ASP G 20 -4.67 28.40 -31.02
CA ASP G 20 -5.43 28.77 -32.21
C ASP G 20 -6.92 28.53 -31.98
N PRO G 21 -7.78 29.56 -32.09
CA PRO G 21 -9.21 29.35 -31.86
C PRO G 21 -9.94 28.63 -32.98
N LEU G 22 -9.25 28.12 -33.98
CA LEU G 22 -9.85 27.26 -34.99
C LEU G 22 -9.46 25.80 -34.83
N ARG G 23 -8.20 25.53 -34.48
CA ARG G 23 -7.73 24.17 -34.37
C ARG G 23 -7.81 23.64 -32.94
N ASP G 24 -7.15 24.31 -32.00
CA ASP G 24 -7.21 23.91 -30.60
C ASP G 24 -8.53 24.37 -30.01
N LYS G 25 -9.08 23.56 -29.12
CA LYS G 25 -10.34 23.90 -28.47
C LYS G 25 -10.22 23.88 -26.94
N ASN G 26 -9.01 24.06 -26.41
CA ASN G 26 -8.78 23.98 -24.97
C ASN G 26 -9.53 25.07 -24.22
N ALA G 27 -9.14 26.30 -24.43
CA ALA G 27 -9.87 27.44 -23.93
C ALA G 27 -9.97 28.48 -25.02
N SER G 28 -9.34 28.22 -26.17
CA SER G 28 -9.34 29.13 -27.29
C SER G 28 -10.69 29.26 -27.95
N THR G 29 -11.59 28.30 -27.75
CA THR G 29 -12.90 28.37 -28.41
C THR G 29 -14.01 28.53 -27.39
N PHE G 30 -13.85 29.37 -26.38
CA PHE G 30 -14.85 29.42 -25.33
C PHE G 30 -15.25 30.84 -24.97
N HIS G 31 -16.50 30.94 -24.56
CA HIS G 31 -17.12 32.19 -24.17
C HIS G 31 -18.23 31.85 -23.17
N TRP G 32 -19.07 32.83 -22.89
CA TRP G 32 -20.20 32.64 -21.98
C TRP G 32 -21.40 33.30 -22.60
N ASP G 33 -22.54 32.61 -22.54
CA ASP G 33 -23.81 33.23 -22.88
C ASP G 33 -24.62 33.36 -21.60
N ARG G 34 -25.40 34.43 -21.51
CA ARG G 34 -26.23 34.69 -20.34
C ARG G 34 -27.31 33.63 -20.26
N GLN G 35 -27.82 33.40 -19.05
CA GLN G 35 -28.87 32.41 -18.92
C GLN G 35 -29.96 32.96 -18.02
N LEU G 36 -31.20 32.57 -18.32
CA LEU G 36 -32.36 33.16 -17.66
C LEU G 36 -33.33 32.05 -17.27
N ASP G 37 -34.12 32.31 -16.24
CA ASP G 37 -35.00 31.32 -15.64
C ASP G 37 -36.02 32.01 -14.75
N ASP G 38 -37.30 31.68 -14.93
CA ASP G 38 -38.37 32.35 -14.19
C ASP G 38 -39.31 31.35 -13.51
N ARG G 39 -39.57 30.21 -14.17
CA ARG G 39 -40.46 29.19 -13.64
C ARG G 39 -39.73 28.03 -12.98
N GLN G 40 -38.63 27.58 -13.56
CA GLN G 40 -37.87 26.46 -13.02
C GLN G 40 -37.12 26.82 -11.75
N LEU G 41 -37.11 28.09 -11.32
CA LEU G 41 -36.68 28.41 -9.97
C LEU G 41 -37.62 27.77 -8.95
N LEU G 42 -38.90 27.68 -9.28
CA LEU G 42 -39.84 27.01 -8.37
C LEU G 42 -39.66 25.50 -8.44
N TYR G 43 -39.41 24.96 -9.64
CA TYR G 43 -39.27 23.51 -9.77
C TYR G 43 -37.99 23.00 -9.11
N ALA G 44 -36.91 23.77 -9.19
CA ALA G 44 -35.64 23.30 -8.67
C ALA G 44 -35.60 23.44 -7.15
N TYR G 45 -36.20 24.49 -6.60
CA TYR G 45 -36.22 24.67 -5.17
C TYR G 45 -37.09 23.62 -4.50
N ARG G 46 -38.15 23.21 -5.15
CA ARG G 46 -39.11 22.31 -4.53
C ARG G 46 -38.74 20.84 -4.70
N ASN G 47 -38.01 20.49 -5.76
CA ASN G 47 -37.79 19.09 -6.11
C ASN G 47 -36.33 18.67 -6.08
N SER G 48 -35.44 19.47 -5.50
CA SER G 48 -34.04 19.13 -5.45
C SER G 48 -33.48 19.55 -4.10
N TRP G 49 -32.86 18.61 -3.39
CA TRP G 49 -32.31 18.95 -2.08
C TRP G 49 -31.04 19.78 -2.21
N VAL G 50 -30.39 19.75 -3.37
CA VAL G 50 -29.21 20.55 -3.60
C VAL G 50 -29.57 22.02 -3.67
N ALA G 51 -30.66 22.33 -4.36
CA ALA G 51 -31.03 23.73 -4.58
C ALA G 51 -31.70 24.32 -3.36
N ARG G 52 -32.44 23.50 -2.60
CA ARG G 52 -33.13 24.02 -1.43
C ARG G 52 -32.16 24.27 -0.29
N LYS G 53 -31.08 23.50 -0.21
CA LYS G 53 -30.12 23.66 0.86
C LYS G 53 -29.25 24.89 0.64
N ALA G 54 -28.96 25.23 -0.62
CA ALA G 54 -28.15 26.40 -0.91
C ALA G 54 -28.92 27.70 -0.71
N VAL G 55 -30.24 27.63 -0.64
CA VAL G 55 -31.05 28.83 -0.42
C VAL G 55 -31.28 29.06 1.07
N THR G 56 -31.71 28.02 1.78
CA THR G 56 -32.22 28.20 3.13
C THR G 56 -31.12 28.33 4.16
N ILE G 57 -30.13 27.42 4.13
CA ILE G 57 -29.22 27.29 5.29
C ILE G 57 -28.27 28.45 5.50
N PRO G 58 -27.61 29.04 4.48
CA PRO G 58 -26.82 30.25 4.77
C PRO G 58 -27.64 31.48 5.12
N ALA G 59 -28.96 31.44 4.99
CA ALA G 59 -29.82 32.49 5.49
C ALA G 59 -30.50 32.10 6.79
N LEU G 60 -30.48 30.82 7.16
CA LEU G 60 -31.14 30.39 8.38
C LEU G 60 -30.20 30.48 9.57
N ASP G 61 -28.89 30.37 9.32
CA ASP G 61 -27.91 30.43 10.39
C ASP G 61 -27.53 31.85 10.77
N ALA G 62 -28.15 32.85 10.15
CA ALA G 62 -27.86 34.24 10.48
C ALA G 62 -28.83 34.81 11.48
N VAL G 63 -29.92 34.12 11.78
CA VAL G 63 -30.91 34.60 12.72
C VAL G 63 -31.22 33.55 13.77
N ARG G 64 -30.29 32.62 13.98
CA ARG G 64 -30.49 31.61 15.03
C ARG G 64 -30.35 32.24 16.41
N LYS G 65 -29.23 32.89 16.67
CA LYS G 65 -29.00 33.66 17.89
C LYS G 65 -28.64 35.07 17.49
N TRP G 66 -29.16 36.06 18.22
CA TRP G 66 -29.24 37.39 17.65
C TRP G 66 -29.58 38.42 18.71
N ARG G 67 -28.85 39.54 18.68
CA ARG G 67 -29.26 40.84 19.20
C ARG G 67 -29.56 40.80 20.71
N ASP G 68 -28.50 40.69 21.49
CA ASP G 68 -28.57 41.01 22.91
C ASP G 68 -28.34 42.51 23.11
N TRP G 69 -29.30 43.19 23.71
CA TRP G 69 -29.21 44.63 23.88
C TRP G 69 -28.28 44.99 25.03
N GLN G 70 -28.19 46.28 25.33
CA GLN G 70 -27.16 46.76 26.25
C GLN G 70 -27.71 47.36 27.54
N ALA G 71 -28.55 48.38 27.45
CA ALA G 71 -28.95 49.09 28.67
C ALA G 71 -30.02 48.31 29.41
N ASP G 72 -29.92 48.30 30.74
CA ASP G 72 -30.98 47.72 31.56
C ASP G 72 -31.42 48.76 32.59
N GLN G 73 -32.57 49.37 32.33
CA GLN G 73 -33.34 50.14 33.29
C GLN G 73 -34.75 49.56 33.31
N LYS G 74 -34.78 48.23 33.47
CA LYS G 74 -35.95 47.35 33.31
C LYS G 74 -36.50 47.41 31.87
N ASP G 75 -35.67 47.86 30.93
CA ASP G 75 -36.11 48.19 29.58
C ASP G 75 -35.65 47.21 28.52
N ILE G 76 -34.70 46.34 28.84
CA ILE G 76 -34.34 45.26 27.94
C ILE G 76 -35.42 44.19 27.90
N SER G 77 -36.36 44.22 28.85
CA SER G 77 -37.45 43.26 28.87
C SER G 77 -38.60 43.65 27.96
N ARG G 78 -39.00 44.92 27.93
CA ARG G 78 -40.09 45.32 27.06
C ARG G 78 -39.62 45.85 25.72
N ILE G 79 -38.31 45.92 25.49
CA ILE G 79 -37.83 46.18 24.14
C ILE G 79 -37.78 44.87 23.37
N GLU G 80 -37.85 43.74 24.08
CA GLU G 80 -37.99 42.45 23.42
C GLU G 80 -39.44 42.02 23.31
N ALA G 81 -40.31 42.59 24.15
CA ALA G 81 -41.72 42.24 24.10
C ALA G 81 -42.37 42.77 22.84
N THR G 82 -41.85 43.88 22.30
CA THR G 82 -42.37 44.37 21.04
C THR G 82 -41.85 43.56 19.87
N GLU G 83 -40.68 42.92 20.03
CA GLU G 83 -40.17 42.05 18.99
C GLU G 83 -40.91 40.72 18.98
N LYS G 84 -41.18 40.16 20.16
CA LYS G 84 -41.85 38.86 20.24
C LYS G 84 -43.33 38.97 19.87
N ARG G 85 -43.92 40.15 20.04
CA ARG G 85 -45.31 40.36 19.64
C ARG G 85 -45.44 40.39 18.12
N LEU G 86 -44.58 41.15 17.46
CA LEU G 86 -44.65 41.29 16.02
C LEU G 86 -44.09 40.08 15.27
N GLY G 87 -43.30 39.25 15.93
CA GLY G 87 -42.66 38.13 15.25
C GLY G 87 -41.54 38.58 14.33
N LEU G 88 -40.66 39.45 14.81
CA LEU G 88 -39.62 40.02 13.96
C LEU G 88 -38.50 39.03 13.70
N GLN G 89 -38.36 38.00 14.54
CA GLN G 89 -37.35 36.98 14.30
C GLN G 89 -37.69 36.11 13.11
N GLN G 90 -38.92 35.60 13.06
CA GLN G 90 -39.35 34.76 11.95
C GLN G 90 -39.52 35.53 10.65
N LYS G 91 -40.06 36.74 10.73
CA LYS G 91 -40.32 37.52 9.51
C LYS G 91 -39.06 38.09 8.89
N LEU G 92 -37.92 38.05 9.57
CA LEU G 92 -36.68 38.42 8.91
C LEU G 92 -36.06 37.19 8.27
N LEU G 93 -36.34 36.01 8.81
CA LEU G 93 -35.92 34.76 8.19
C LEU G 93 -36.72 34.48 6.93
N GLN G 94 -38.02 34.73 6.98
CA GLN G 94 -38.88 34.42 5.84
C GLN G 94 -38.69 35.45 4.73
N CYS G 95 -38.17 36.63 5.08
CA CYS G 95 -37.87 37.64 4.08
C CYS G 95 -36.55 37.35 3.37
N LYS G 96 -35.54 36.92 4.11
CA LYS G 96 -34.21 36.73 3.54
C LYS G 96 -34.18 35.52 2.60
N THR G 97 -35.00 34.52 2.88
CA THR G 97 -35.04 33.34 2.03
C THR G 97 -35.69 33.65 0.69
N LEU G 98 -36.76 34.47 0.69
CA LEU G 98 -37.40 34.84 -0.57
C LEU G 98 -36.49 35.76 -1.37
N ALA G 99 -35.71 36.59 -0.70
CA ALA G 99 -34.70 37.36 -1.40
C ALA G 99 -33.58 36.47 -1.90
N ARG G 100 -33.37 35.34 -1.23
CA ARG G 100 -32.33 34.42 -1.66
C ARG G 100 -32.78 33.61 -2.87
N LEU G 101 -34.04 33.16 -2.88
CA LEU G 101 -34.55 32.37 -3.99
C LEU G 101 -34.84 33.25 -5.19
N TRP G 102 -35.76 34.20 -5.03
CA TRP G 102 -36.10 35.10 -6.11
C TRP G 102 -35.07 36.24 -6.18
N GLY G 103 -35.37 37.24 -6.99
CA GLY G 103 -34.43 38.35 -7.13
C GLY G 103 -34.33 39.22 -5.90
N GLY G 104 -35.37 39.24 -5.09
CA GLY G 104 -35.37 40.07 -3.90
C GLY G 104 -36.73 40.02 -3.23
N ALA G 105 -36.78 40.54 -2.02
CA ALA G 105 -38.01 40.59 -1.25
C ALA G 105 -37.97 41.80 -0.34
N ALA G 106 -39.08 42.07 0.33
CA ALA G 106 -39.20 43.28 1.12
C ALA G 106 -40.29 43.13 2.17
N ILE G 107 -40.01 43.63 3.37
CA ILE G 107 -40.98 43.73 4.44
C ILE G 107 -41.28 45.20 4.66
N VAL G 108 -42.55 45.53 4.88
CA VAL G 108 -43.01 46.91 4.95
C VAL G 108 -43.54 47.21 6.35
N ILE G 109 -43.15 48.36 6.90
CA ILE G 109 -43.45 48.73 8.28
C ILE G 109 -44.79 49.44 8.30
N GLY G 110 -45.58 49.19 9.35
CA GLY G 110 -46.78 49.98 9.54
C GLY G 110 -46.88 50.64 10.89
N VAL G 111 -46.74 51.92 10.93
CA VAL G 111 -46.95 52.70 12.14
C VAL G 111 -48.39 53.20 12.09
N LYS G 112 -49.05 53.23 13.25
CA LYS G 112 -50.45 53.66 13.30
C LYS G 112 -50.61 55.12 12.91
N ASP G 113 -51.63 55.38 12.09
CA ASP G 113 -52.01 56.70 11.59
C ASP G 113 -50.88 57.33 10.77
N GLN G 114 -50.49 56.61 9.72
CA GLN G 114 -49.53 57.07 8.73
C GLN G 114 -50.14 56.91 7.35
N ASP G 115 -50.04 57.96 6.54
CA ASP G 115 -50.96 58.13 5.42
C ASP G 115 -50.56 57.37 4.16
N MET G 116 -49.42 57.71 3.56
CA MET G 116 -49.17 57.38 2.16
C MET G 116 -47.66 57.39 1.94
N ALA G 117 -47.24 57.31 0.67
CA ALA G 117 -45.83 57.44 0.32
C ALA G 117 -45.37 58.89 0.44
N THR G 118 -45.28 59.38 1.66
CA THR G 118 -44.73 60.69 1.94
C THR G 118 -43.20 60.58 1.94
N PRO G 119 -42.47 61.68 2.07
CA PRO G 119 -41.10 61.53 2.56
C PRO G 119 -41.21 61.08 4.01
N PHE G 120 -41.02 59.79 4.20
CA PHE G 120 -41.68 59.05 5.27
C PHE G 120 -40.65 58.58 6.28
N GLU G 121 -40.48 59.34 7.33
CA GLU G 121 -39.67 58.89 8.44
C GLU G 121 -40.57 58.38 9.57
N PRO G 122 -40.56 57.09 9.85
CA PRO G 122 -41.14 56.62 11.12
C PRO G 122 -40.16 56.71 12.27
N GLU G 123 -39.47 57.83 12.41
CA GLU G 123 -38.52 58.06 13.48
C GLU G 123 -38.96 59.13 14.46
N THR G 124 -39.79 60.07 14.03
CA THR G 124 -40.21 61.18 14.88
C THR G 124 -41.40 60.82 15.75
N VAL G 125 -42.16 59.80 15.37
CA VAL G 125 -43.38 59.45 16.10
C VAL G 125 -43.00 58.81 17.44
N ASN G 126 -43.37 59.48 18.53
CA ASN G 126 -42.99 59.07 19.88
C ASN G 126 -44.24 58.59 20.62
N LYS G 127 -44.60 57.33 20.38
CA LYS G 127 -45.79 56.72 20.92
C LYS G 127 -45.49 55.24 21.13
N ASP G 128 -46.54 54.44 21.28
CA ASP G 128 -46.41 52.99 21.35
C ASP G 128 -47.22 52.33 20.26
N ASP G 129 -47.08 52.83 19.04
CA ASP G 129 -47.96 52.51 17.93
C ASP G 129 -47.20 51.78 16.82
N LEU G 130 -47.31 50.46 16.80
CA LEU G 130 -46.68 49.69 15.74
C LEU G 130 -47.44 48.38 15.59
N VAL G 131 -48.03 48.16 14.42
CA VAL G 131 -48.90 47.01 14.23
C VAL G 131 -48.50 46.12 13.06
N TYR G 132 -48.17 46.70 11.91
CA TYR G 132 -48.03 45.94 10.67
C TYR G 132 -46.58 45.50 10.48
N LEU G 133 -46.38 44.21 10.20
CA LEU G 133 -45.18 43.70 9.53
C LEU G 133 -45.62 42.62 8.55
N THR G 134 -45.87 43.03 7.31
CA THR G 134 -46.17 42.09 6.24
C THR G 134 -44.99 42.04 5.29
N VAL G 135 -44.67 40.82 4.84
CA VAL G 135 -43.46 40.54 4.08
C VAL G 135 -43.86 39.95 2.73
N MET G 136 -43.37 40.57 1.66
CA MET G 136 -43.74 40.19 0.31
C MET G 136 -42.50 40.10 -0.56
N SER G 137 -42.56 39.20 -1.54
CA SER G 137 -41.44 39.03 -2.45
C SER G 137 -41.48 40.08 -3.55
N ARG G 138 -40.61 39.91 -4.53
CA ARG G 138 -40.64 40.79 -5.70
C ARG G 138 -41.79 40.43 -6.62
N ARG G 139 -42.47 39.30 -6.38
CA ARG G 139 -43.68 38.97 -7.12
C ARG G 139 -44.79 39.98 -6.84
N GLU G 140 -44.84 40.51 -5.62
CA GLU G 140 -45.98 41.31 -5.17
C GLU G 140 -45.60 42.76 -4.91
N LEU G 141 -44.50 43.22 -5.47
CA LEU G 141 -44.10 44.63 -5.43
C LEU G 141 -43.92 45.12 -6.86
N SER G 142 -43.53 46.39 -7.01
CA SER G 142 -43.30 46.96 -8.33
C SER G 142 -42.30 48.11 -8.27
N PRO G 143 -41.14 47.95 -8.88
CA PRO G 143 -40.08 48.96 -8.78
C PRO G 143 -40.11 50.02 -9.86
N GLU G 144 -41.26 50.70 -10.01
CA GLU G 144 -41.58 51.34 -11.28
C GLU G 144 -41.11 52.80 -11.39
N GLU G 145 -39.86 53.03 -11.00
CA GLU G 145 -39.04 54.21 -11.32
C GLU G 145 -37.59 53.81 -11.08
N LEU G 146 -36.67 54.69 -11.45
CA LEU G 146 -35.29 54.57 -10.97
C LEU G 146 -34.74 55.84 -10.34
N GLU G 147 -35.01 57.01 -10.96
CA GLU G 147 -34.62 58.33 -10.45
C GLU G 147 -33.10 58.45 -10.26
N GLN G 148 -32.44 58.55 -11.40
CA GLN G 148 -30.99 58.53 -11.57
C GLN G 148 -30.30 59.82 -11.11
N ASP G 149 -30.97 60.68 -10.34
CA ASP G 149 -30.38 61.92 -9.85
C ASP G 149 -29.27 61.64 -8.85
N PRO G 150 -28.02 62.01 -9.12
CA PRO G 150 -26.91 61.58 -8.25
C PRO G 150 -26.75 62.40 -6.98
N LEU G 151 -27.86 62.70 -6.31
CA LEU G 151 -27.84 63.43 -5.05
C LEU G 151 -28.84 62.91 -4.05
N ASP G 152 -29.76 62.05 -4.44
CA ASP G 152 -30.85 61.64 -3.58
C ASP G 152 -30.44 60.46 -2.72
N GLU G 153 -31.03 60.41 -1.52
CA GLU G 153 -31.05 59.18 -0.74
C GLU G 153 -31.79 58.11 -1.55
N PHE G 154 -31.37 56.86 -1.33
CA PHE G 154 -31.69 55.68 -2.16
C PHE G 154 -31.59 56.00 -3.65
N TYR G 155 -30.39 56.42 -4.05
CA TYR G 155 -30.02 56.55 -5.45
C TYR G 155 -30.07 55.21 -6.16
N ALA G 156 -30.52 55.25 -7.43
CA ALA G 156 -30.74 54.08 -8.29
C ALA G 156 -31.68 53.06 -7.64
N ARG G 157 -32.64 53.53 -6.86
CA ARG G 157 -33.58 52.73 -6.11
C ARG G 157 -34.98 53.30 -6.32
N PRO G 158 -36.02 52.45 -6.35
CA PRO G 158 -37.18 52.74 -7.20
C PRO G 158 -38.11 53.88 -6.80
N LYS G 159 -38.03 54.43 -5.60
CA LYS G 159 -38.75 55.63 -5.10
C LYS G 159 -40.26 55.40 -4.91
N ARG G 160 -40.83 54.32 -5.43
CA ARG G 160 -42.27 54.13 -5.37
C ARG G 160 -42.62 52.68 -5.65
N TYR G 161 -43.51 52.11 -4.85
CA TYR G 161 -43.84 50.70 -4.95
C TYR G 161 -45.35 50.52 -5.08
N GLN G 162 -45.79 50.14 -6.27
CA GLN G 162 -47.18 49.75 -6.52
C GLN G 162 -47.42 48.42 -5.83
N VAL G 163 -48.04 48.43 -4.66
CA VAL G 163 -48.25 47.20 -3.92
C VAL G 163 -49.61 47.24 -3.21
N SER G 164 -50.49 46.32 -3.57
CA SER G 164 -51.78 45.98 -2.96
C SER G 164 -52.35 44.81 -3.73
N ASN G 165 -53.41 44.22 -3.18
CA ASN G 165 -54.18 43.22 -3.90
C ASN G 165 -55.66 43.50 -3.68
N GLY G 166 -56.38 43.66 -4.78
CA GLY G 166 -57.82 43.88 -4.68
C GLY G 166 -58.23 45.33 -4.69
N ARG G 167 -58.40 45.88 -3.48
CA ARG G 167 -59.08 47.14 -3.24
C ARG G 167 -58.43 48.36 -3.89
N ASN G 168 -57.20 48.70 -3.49
CA ASN G 168 -56.63 49.98 -3.89
C ASN G 168 -55.27 49.84 -4.56
N LEU G 169 -54.58 50.97 -4.75
CA LEU G 169 -53.31 51.02 -5.47
C LEU G 169 -52.11 51.11 -4.53
N SER G 170 -52.14 52.06 -3.59
CA SER G 170 -51.22 52.14 -2.45
C SER G 170 -49.76 52.31 -2.88
N PHE G 171 -49.46 53.50 -3.40
CA PHE G 171 -48.07 53.93 -3.53
C PHE G 171 -47.40 53.92 -2.16
N VAL G 172 -46.24 53.26 -2.08
CA VAL G 172 -45.50 53.11 -0.84
C VAL G 172 -44.07 53.61 -1.06
N HIS G 173 -43.57 54.41 -0.11
CA HIS G 173 -42.27 55.04 -0.15
C HIS G 173 -41.20 54.07 0.38
N PRO G 174 -39.97 54.10 -0.17
CA PRO G 174 -38.97 53.10 0.21
C PRO G 174 -38.51 53.17 1.65
N SER G 175 -38.66 54.31 2.31
CA SER G 175 -38.27 54.40 3.72
C SER G 175 -39.29 53.74 4.64
N ARG G 176 -40.41 53.27 4.11
CA ARG G 176 -41.35 52.40 4.79
C ARG G 176 -40.99 50.92 4.57
N ILE G 177 -39.92 50.65 3.82
CA ILE G 177 -39.63 49.30 3.32
C ILE G 177 -38.19 48.93 3.62
N VAL G 178 -38.01 47.73 4.17
CA VAL G 178 -36.71 47.08 4.26
C VAL G 178 -36.43 46.39 2.92
N HIS G 179 -35.28 46.70 2.32
CA HIS G 179 -34.96 46.27 0.96
C HIS G 179 -33.91 45.17 1.02
N GLN G 180 -34.30 43.97 0.61
CA GLN G 180 -33.43 42.80 0.66
C GLN G 180 -33.22 42.23 -0.72
N VAL G 181 -31.97 41.95 -1.07
CA VAL G 181 -31.62 41.35 -2.36
C VAL G 181 -30.82 40.08 -2.11
N GLY G 182 -30.77 39.22 -3.12
CA GLY G 182 -29.95 38.04 -3.07
C GLY G 182 -28.49 38.31 -3.32
N GLU G 183 -28.16 38.73 -4.54
CA GLU G 183 -26.81 39.13 -4.91
C GLU G 183 -26.89 40.48 -5.60
N THR G 184 -26.02 41.39 -5.19
CA THR G 184 -26.03 42.72 -5.76
C THR G 184 -25.51 42.70 -7.19
N HIS G 185 -26.33 43.20 -8.10
CA HIS G 185 -25.95 43.30 -9.50
C HIS G 185 -24.85 44.37 -9.66
N PRO G 186 -23.89 44.14 -10.54
CA PRO G 186 -22.78 45.10 -10.63
C PRO G 186 -23.13 46.40 -11.32
N ASP G 187 -23.94 46.36 -12.38
CA ASP G 187 -24.33 47.56 -13.10
C ASP G 187 -25.85 47.66 -13.01
N PRO G 188 -26.37 48.32 -11.96
CA PRO G 188 -27.83 48.26 -11.71
C PRO G 188 -28.66 49.08 -12.68
N MET G 189 -28.05 50.02 -13.41
CA MET G 189 -28.83 50.82 -14.35
C MET G 189 -29.01 50.09 -15.67
N LEU G 190 -28.04 49.27 -16.05
CA LEU G 190 -28.09 48.51 -17.29
C LEU G 190 -28.82 47.19 -17.12
N ALA G 191 -29.27 46.88 -15.90
CA ALA G 191 -29.89 45.60 -15.60
C ALA G 191 -31.26 45.48 -16.26
N THR G 192 -31.66 44.24 -16.52
CA THR G 192 -32.87 43.93 -17.28
C THR G 192 -33.58 42.77 -16.60
N GLY G 193 -34.55 42.19 -17.28
CA GLY G 193 -35.30 41.09 -16.74
C GLY G 193 -36.40 41.57 -15.82
N VAL G 194 -36.92 40.64 -15.03
CA VAL G 194 -38.00 40.97 -14.11
C VAL G 194 -37.47 41.80 -12.94
N ASN G 195 -36.37 41.36 -12.34
CA ASN G 195 -35.72 42.11 -11.26
C ASN G 195 -35.01 43.32 -11.85
N VAL G 196 -35.65 44.47 -11.77
CA VAL G 196 -35.09 45.69 -12.30
C VAL G 196 -34.46 46.48 -11.17
N GLY G 197 -35.26 46.84 -10.18
CA GLY G 197 -34.73 47.49 -8.99
C GLY G 197 -34.32 46.55 -7.90
N TRP G 198 -34.29 45.25 -8.17
CA TRP G 198 -33.94 44.25 -7.19
C TRP G 198 -32.58 43.66 -7.51
N GLY G 199 -32.19 42.64 -6.75
CA GLY G 199 -30.95 41.95 -6.98
C GLY G 199 -31.14 40.72 -7.85
N ASP G 200 -30.11 39.88 -7.87
CA ASP G 200 -30.12 38.69 -8.69
C ASP G 200 -30.16 37.45 -7.80
N SER G 201 -30.72 36.37 -8.33
CA SER G 201 -30.91 35.16 -7.56
C SER G 201 -29.59 34.42 -7.38
N THR G 202 -29.55 33.54 -6.39
CA THR G 202 -28.35 32.77 -6.14
C THR G 202 -28.39 31.37 -6.72
N LEU G 203 -29.45 31.03 -7.45
CA LEU G 203 -29.35 29.88 -8.34
C LEU G 203 -28.81 30.27 -9.70
N GLN G 204 -28.44 31.54 -9.87
CA GLN G 204 -27.85 31.99 -11.12
C GLN G 204 -26.44 31.45 -11.29
N ALA G 205 -25.59 31.68 -10.28
CA ALA G 205 -24.17 31.37 -10.42
C ALA G 205 -23.91 29.88 -10.27
N LEU G 206 -24.60 29.21 -9.35
CA LEU G 206 -24.36 27.80 -9.09
C LEU G 206 -25.31 26.89 -9.88
N TYR G 207 -25.81 27.35 -11.02
CA TYR G 207 -26.68 26.51 -11.83
C TYR G 207 -25.87 25.44 -12.56
N ASP G 208 -24.70 25.80 -13.07
CA ASP G 208 -23.87 24.84 -13.80
C ASP G 208 -23.26 23.82 -12.86
N ALA G 209 -22.85 24.25 -11.67
CA ALA G 209 -22.27 23.34 -10.69
C ALA G 209 -23.31 22.37 -10.15
N MET G 210 -24.57 22.80 -10.07
CA MET G 210 -25.62 21.92 -9.57
C MET G 210 -25.98 20.84 -10.58
N MET G 211 -26.07 21.21 -11.86
CA MET G 211 -26.56 20.26 -12.85
C MET G 211 -25.50 19.26 -13.25
N ASN G 212 -24.22 19.56 -12.99
CA ASN G 212 -23.19 18.55 -13.20
C ASN G 212 -23.31 17.43 -12.17
N SER G 213 -23.62 17.78 -10.93
CA SER G 213 -23.68 16.76 -9.88
C SER G 213 -24.95 15.94 -9.99
N ASP G 214 -26.08 16.55 -10.32
CA ASP G 214 -27.33 15.82 -10.33
C ASP G 214 -27.48 14.94 -11.56
N ASN G 215 -26.74 15.23 -12.63
CA ASN G 215 -26.78 14.34 -13.79
C ASN G 215 -25.98 13.08 -13.54
N THR G 216 -24.80 13.22 -12.92
CA THR G 216 -23.96 12.06 -12.67
C THR G 216 -24.49 11.18 -11.55
N GLN G 217 -25.40 11.69 -10.72
CA GLN G 217 -26.07 10.80 -9.77
C GLN G 217 -27.07 9.90 -10.48
N ALA G 218 -27.76 10.42 -11.48
CA ALA G 218 -28.79 9.63 -12.13
C ALA G 218 -28.22 8.73 -13.20
N ASN G 219 -26.96 8.94 -13.57
CA ASN G 219 -26.33 8.06 -14.56
C ASN G 219 -25.68 6.86 -13.89
N ILE G 220 -24.97 7.09 -12.78
CA ILE G 220 -24.24 6.01 -12.12
C ILE G 220 -25.22 5.09 -11.40
N ALA G 221 -26.36 5.62 -10.98
CA ALA G 221 -27.39 4.75 -10.42
C ALA G 221 -28.20 4.05 -11.50
N SER G 222 -27.98 4.39 -12.78
CA SER G 222 -28.61 3.65 -13.86
C SER G 222 -27.77 2.45 -14.27
N LEU G 223 -26.46 2.52 -14.08
CA LEU G 223 -25.58 1.42 -14.45
C LEU G 223 -25.71 0.24 -13.50
N VAL G 224 -26.30 0.43 -12.32
CA VAL G 224 -26.36 -0.66 -11.36
C VAL G 224 -27.40 -1.67 -11.78
N PHE G 225 -28.43 -1.22 -12.52
CA PHE G 225 -29.39 -2.16 -13.10
C PHE G 225 -28.74 -3.01 -14.18
N GLU G 226 -27.93 -2.40 -15.03
CA GLU G 226 -27.14 -3.15 -15.99
C GLU G 226 -25.77 -3.49 -15.43
N ALA G 227 -25.74 -4.13 -14.26
CA ALA G 227 -24.45 -4.47 -13.66
C ALA G 227 -23.80 -5.62 -14.41
N ASN G 228 -24.60 -6.59 -14.86
CA ASN G 228 -24.11 -7.62 -15.77
C ASN G 228 -25.29 -8.16 -16.56
N VAL G 229 -25.35 -7.82 -17.84
CA VAL G 229 -26.33 -8.35 -18.76
C VAL G 229 -25.70 -9.49 -19.53
N ASP G 230 -26.48 -10.52 -19.82
CA ASP G 230 -26.02 -11.68 -20.55
C ASP G 230 -26.93 -12.01 -21.72
N VAL G 231 -26.33 -12.53 -22.78
CA VAL G 231 -27.05 -12.85 -24.00
C VAL G 231 -26.97 -14.35 -24.24
N ILE G 232 -27.89 -14.85 -25.06
CA ILE G 232 -27.96 -16.26 -25.43
C ILE G 232 -28.22 -16.31 -26.93
N GLY G 233 -27.29 -16.87 -27.69
CA GLY G 233 -27.45 -16.90 -29.12
C GLY G 233 -27.92 -18.23 -29.68
N LEU G 234 -29.18 -18.31 -30.12
CA LEU G 234 -29.68 -19.51 -30.77
C LEU G 234 -29.28 -19.51 -32.24
N PRO G 235 -29.02 -20.69 -32.83
CA PRO G 235 -28.56 -20.74 -34.23
C PRO G 235 -29.56 -20.24 -35.27
N ASP G 236 -30.77 -20.79 -35.31
CA ASP G 236 -31.81 -20.29 -36.19
C ASP G 236 -32.92 -19.72 -35.32
N PHE G 237 -32.73 -18.45 -34.95
CA PHE G 237 -33.68 -17.72 -34.13
C PHE G 237 -34.57 -16.83 -34.98
N MET G 238 -34.24 -16.67 -36.25
CA MET G 238 -35.05 -15.90 -37.17
C MET G 238 -36.38 -16.58 -37.45
N GLU G 239 -36.45 -17.90 -37.28
CA GLU G 239 -37.56 -18.71 -37.76
C GLU G 239 -38.48 -19.18 -36.64
N ASN G 240 -37.96 -19.35 -35.41
CA ASN G 240 -38.83 -19.60 -34.27
C ASN G 240 -39.70 -18.39 -33.96
N MET G 241 -39.16 -17.19 -34.12
CA MET G 241 -39.87 -15.95 -33.83
C MET G 241 -40.62 -15.44 -35.06
N SER G 242 -41.38 -16.31 -35.71
CA SER G 242 -42.04 -15.95 -36.96
C SER G 242 -43.56 -16.08 -36.87
N SER G 243 -44.08 -16.59 -35.77
CA SER G 243 -45.51 -16.62 -35.54
C SER G 243 -45.75 -16.42 -34.05
N GLU G 244 -47.01 -16.46 -33.64
CA GLU G 244 -47.36 -16.29 -32.25
C GLU G 244 -47.34 -17.59 -31.46
N VAL G 245 -47.79 -18.70 -32.06
CA VAL G 245 -47.90 -19.95 -31.34
C VAL G 245 -46.53 -20.60 -31.18
N TYR G 246 -45.65 -20.39 -32.16
CA TYR G 246 -44.30 -20.94 -32.07
C TYR G 246 -43.46 -20.20 -31.05
N ARG G 247 -43.57 -18.87 -30.98
CA ARG G 247 -42.64 -18.11 -30.15
C ARG G 247 -43.03 -18.17 -28.69
N GLN G 248 -44.30 -18.46 -28.40
CA GLN G 248 -44.67 -18.62 -26.99
C GLN G 248 -44.32 -20.00 -26.49
N LYS G 249 -44.11 -20.96 -27.40
CA LYS G 249 -43.56 -22.25 -27.02
C LYS G 249 -42.11 -22.10 -26.57
N LEU G 250 -41.41 -21.12 -27.14
CA LEU G 250 -40.00 -20.88 -26.82
C LEU G 250 -39.86 -20.04 -25.55
N LEU G 251 -40.59 -18.93 -25.48
CA LEU G 251 -40.37 -17.96 -24.41
C LEU G 251 -41.00 -18.38 -23.09
N ASP G 252 -41.97 -19.31 -23.14
CA ASP G 252 -42.48 -19.83 -21.89
C ASP G 252 -41.50 -20.80 -21.26
N ARG G 253 -40.70 -21.48 -22.07
CA ARG G 253 -39.75 -22.44 -21.51
C ARG G 253 -38.49 -21.74 -21.04
N PHE G 254 -38.06 -20.69 -21.74
CA PHE G 254 -36.91 -19.91 -21.28
C PHE G 254 -37.22 -19.08 -20.05
N THR G 255 -38.49 -18.81 -19.75
CA THR G 255 -38.81 -18.17 -18.48
C THR G 255 -38.49 -19.10 -17.32
N LEU G 256 -38.98 -20.34 -17.41
CA LEU G 256 -38.79 -21.28 -16.32
C LEU G 256 -37.38 -21.84 -16.29
N ALA G 257 -36.60 -21.61 -17.33
CA ALA G 257 -35.23 -22.08 -17.37
C ALA G 257 -34.22 -21.00 -17.04
N ALA G 258 -34.57 -19.72 -17.16
CA ALA G 258 -33.67 -18.64 -16.80
C ALA G 258 -34.14 -17.88 -15.57
N ALA G 259 -35.15 -18.39 -14.88
CA ALA G 259 -35.55 -17.79 -13.62
C ALA G 259 -34.64 -18.20 -12.49
N GLY G 260 -34.35 -19.49 -12.38
CA GLY G 260 -33.66 -20.02 -11.23
C GLY G 260 -32.18 -20.32 -11.42
N LYS G 261 -31.54 -19.79 -12.45
CA LYS G 261 -30.11 -20.05 -12.63
C LYS G 261 -29.31 -19.31 -11.57
N GLY G 262 -28.15 -19.84 -11.25
CA GLY G 262 -27.38 -19.29 -10.16
C GLY G 262 -26.52 -20.36 -9.50
N ILE G 263 -26.43 -20.27 -8.18
CA ILE G 263 -25.52 -21.12 -7.44
C ILE G 263 -26.04 -22.54 -7.36
N ASN G 264 -27.34 -22.71 -7.12
CA ASN G 264 -27.92 -24.00 -6.83
C ASN G 264 -28.62 -24.65 -8.02
N LYS G 265 -28.60 -24.03 -9.19
CA LYS G 265 -29.11 -24.65 -10.40
C LYS G 265 -28.12 -24.40 -11.52
N THR G 266 -28.00 -25.36 -12.44
CA THR G 266 -27.10 -25.28 -13.57
C THR G 266 -27.90 -25.29 -14.86
N LEU G 267 -27.59 -24.39 -15.77
CA LEU G 267 -28.24 -24.36 -17.07
C LEU G 267 -27.86 -25.56 -17.91
N MET G 268 -28.79 -26.02 -18.72
CA MET G 268 -28.50 -27.00 -19.75
C MET G 268 -28.76 -26.36 -21.11
N LEU G 269 -27.74 -26.32 -21.95
CA LEU G 269 -27.88 -25.75 -23.28
C LEU G 269 -27.39 -26.76 -24.30
N ASP G 270 -27.74 -26.51 -25.55
CA ASP G 270 -27.16 -27.24 -26.66
C ASP G 270 -25.72 -26.81 -26.85
N ALA G 271 -24.94 -27.62 -27.57
CA ALA G 271 -23.54 -27.27 -27.79
C ALA G 271 -23.35 -26.14 -28.79
N GLU G 272 -24.39 -25.73 -29.51
CA GLU G 272 -24.34 -24.60 -30.42
C GLU G 272 -24.63 -23.28 -29.72
N GLU G 273 -25.48 -23.32 -28.70
CA GLU G 273 -25.93 -22.11 -28.02
C GLU G 273 -24.81 -21.55 -27.15
N VAL G 274 -24.72 -20.22 -27.10
CA VAL G 274 -23.45 -19.58 -26.76
C VAL G 274 -23.35 -19.18 -25.29
N PHE G 275 -24.22 -18.27 -24.84
CA PHE G 275 -24.28 -17.76 -23.46
C PHE G 275 -22.96 -17.10 -23.03
N THR G 276 -22.72 -15.93 -23.59
CA THR G 276 -21.69 -15.04 -23.04
C THR G 276 -22.31 -14.08 -22.03
N ALA G 277 -21.44 -13.43 -21.25
CA ALA G 277 -21.87 -12.55 -20.17
C ALA G 277 -21.01 -11.31 -20.15
N HIS G 278 -21.65 -10.14 -20.19
CA HIS G 278 -20.97 -8.86 -20.34
C HIS G 278 -21.04 -8.05 -19.06
N SER G 279 -19.91 -7.93 -18.38
CA SER G 279 -19.86 -7.27 -17.08
C SER G 279 -19.33 -5.85 -17.26
N ARG G 280 -20.07 -4.86 -16.75
CA ARG G 280 -19.63 -3.49 -16.89
C ARG G 280 -18.60 -3.16 -15.83
N SER G 281 -18.04 -1.96 -15.90
CA SER G 281 -16.93 -1.57 -15.04
C SER G 281 -17.32 -0.38 -14.17
N PHE G 282 -17.07 -0.51 -12.87
CA PHE G 282 -17.35 0.55 -11.91
C PHE G 282 -16.06 1.05 -11.25
N ALA G 283 -14.99 1.15 -12.03
CA ALA G 283 -13.71 1.61 -11.52
C ALA G 283 -13.70 3.13 -11.45
N ASN G 284 -13.27 3.66 -10.30
CA ASN G 284 -13.09 5.09 -10.02
C ASN G 284 -14.34 5.94 -10.12
N LEU G 285 -15.51 5.33 -10.24
CA LEU G 285 -16.78 6.07 -10.29
C LEU G 285 -17.28 6.47 -8.96
N ASP G 286 -16.48 6.44 -7.91
CA ASP G 286 -16.88 6.91 -6.60
C ASP G 286 -16.02 8.04 -6.11
N LYS G 287 -14.84 8.22 -6.66
CA LYS G 287 -14.10 9.44 -6.46
C LYS G 287 -14.58 10.53 -7.41
N ILE G 288 -15.29 10.16 -8.47
CA ILE G 288 -15.91 11.17 -9.33
C ILE G 288 -17.14 11.76 -8.65
N MET G 289 -17.92 10.92 -7.97
CA MET G 289 -19.14 11.37 -7.31
C MET G 289 -18.87 12.34 -6.18
N GLU G 290 -17.69 12.26 -5.57
CA GLU G 290 -17.39 13.12 -4.44
C GLU G 290 -16.66 14.38 -4.86
N GLN G 291 -16.06 14.40 -6.05
CA GLN G 291 -15.45 15.63 -6.52
C GLN G 291 -16.46 16.60 -7.11
N PHE G 292 -17.68 16.16 -7.41
CA PHE G 292 -18.69 17.09 -7.87
C PHE G 292 -19.47 17.74 -6.74
N ILE G 293 -19.58 17.10 -5.58
CA ILE G 293 -20.24 17.77 -4.47
C ILE G 293 -19.28 18.72 -3.74
N LEU G 294 -17.97 18.60 -3.97
CA LEU G 294 -17.05 19.66 -3.60
C LEU G 294 -17.40 20.96 -4.31
N PHE G 295 -17.62 20.87 -5.61
CA PHE G 295 -17.77 22.07 -6.42
C PHE G 295 -19.15 22.69 -6.24
N VAL G 296 -20.12 21.93 -5.73
CA VAL G 296 -21.39 22.51 -5.32
C VAL G 296 -21.24 23.22 -3.99
N ALA G 297 -20.57 22.57 -3.04
CA ALA G 297 -20.38 23.14 -1.72
C ALA G 297 -19.46 24.35 -1.77
N GLY G 298 -18.51 24.36 -2.70
CA GLY G 298 -17.72 25.56 -2.90
C GLY G 298 -18.51 26.68 -3.55
N ALA G 299 -19.45 26.32 -4.43
CA ALA G 299 -20.28 27.33 -5.09
C ALA G 299 -21.26 27.94 -4.11
N ALA G 300 -21.82 27.14 -3.20
CA ALA G 300 -22.70 27.67 -2.17
C ALA G 300 -21.94 28.34 -1.05
N ASP G 301 -20.61 28.22 -1.03
CA ASP G 301 -19.71 28.71 0.02
C ASP G 301 -20.12 28.15 1.39
N ILE G 302 -20.36 26.85 1.43
CA ILE G 302 -20.61 26.13 2.66
C ILE G 302 -19.62 24.96 2.70
N PRO G 303 -18.90 24.75 3.80
CA PRO G 303 -18.01 23.59 3.87
C PRO G 303 -18.81 22.30 3.97
N LEU G 304 -18.16 21.18 3.63
CA LEU G 304 -18.85 19.90 3.69
C LEU G 304 -19.02 19.35 5.10
N THR G 305 -18.65 20.09 6.14
CA THR G 305 -19.03 19.69 7.48
C THR G 305 -20.37 20.29 7.89
N ARG G 306 -20.95 21.16 7.06
CA ARG G 306 -22.32 21.65 7.25
C ARG G 306 -23.21 21.26 6.08
N PHE G 307 -22.79 21.55 4.86
CA PHE G 307 -23.37 20.93 3.68
C PHE G 307 -23.08 19.45 3.73
N LEU G 308 -24.05 18.63 3.32
CA LEU G 308 -23.96 17.15 3.34
C LEU G 308 -23.73 16.62 4.76
N GLY G 309 -24.21 17.35 5.76
CA GLY G 309 -24.05 17.04 7.17
C GLY G 309 -22.60 16.96 7.57
N GLN G 310 -22.32 16.13 8.57
CA GLN G 310 -20.94 15.76 8.90
C GLN G 310 -20.58 14.58 8.02
N SER G 311 -19.92 14.87 6.91
CA SER G 311 -19.59 13.84 5.94
C SER G 311 -18.28 13.17 6.33
N PRO G 312 -18.17 11.85 6.16
CA PRO G 312 -16.88 11.19 6.45
C PRO G 312 -15.77 11.57 5.50
N ALA G 313 -16.10 12.11 4.32
CA ALA G 313 -15.09 12.58 3.39
C ALA G 313 -14.74 14.04 3.64
N GLY G 314 -14.44 14.37 4.89
CA GLY G 314 -13.85 15.63 5.25
C GLY G 314 -12.55 15.39 6.00
N MET G 315 -11.42 15.74 5.39
CA MET G 315 -10.12 15.47 6.00
C MET G 315 -9.28 16.74 6.03
N SER G 316 -9.92 17.88 6.32
CA SER G 316 -9.19 19.09 6.68
C SER G 316 -9.91 19.85 7.79
N SER G 317 -10.76 19.18 8.56
CA SER G 317 -11.39 19.77 9.73
C SER G 317 -10.55 19.43 10.96
N THR G 318 -9.45 20.16 11.10
CA THR G 318 -8.60 19.99 12.28
C THR G 318 -9.29 20.58 13.50
N GLY G 319 -9.07 19.95 14.66
CA GLY G 319 -9.93 20.09 15.82
C GLY G 319 -9.99 21.41 16.56
N GLN G 320 -9.46 22.49 15.96
CA GLN G 320 -9.56 23.82 16.54
C GLN G 320 -10.16 24.84 15.56
N HIS G 321 -10.02 24.59 14.26
CA HIS G 321 -10.43 25.52 13.21
C HIS G 321 -11.37 24.84 12.23
N ASP G 322 -12.38 24.15 12.77
CA ASP G 322 -13.32 23.38 11.94
C ASP G 322 -14.13 24.28 11.02
N MET G 323 -14.95 25.15 11.60
CA MET G 323 -15.90 25.96 10.84
C MET G 323 -15.73 27.43 11.16
N LYS G 324 -14.49 27.86 11.40
CA LYS G 324 -14.28 29.27 11.70
C LYS G 324 -14.39 30.15 10.47
N ASN G 325 -14.31 29.57 9.27
CA ASN G 325 -14.55 30.35 8.07
C ASN G 325 -16.03 30.52 7.81
N TYR G 326 -16.85 29.58 8.27
CA TYR G 326 -18.28 29.65 8.00
C TYR G 326 -18.96 30.66 8.91
N HIS G 327 -18.42 30.87 10.11
CA HIS G 327 -18.97 31.91 10.97
C HIS G 327 -18.40 33.27 10.62
N ASP G 328 -17.33 33.32 9.83
CA ASP G 328 -16.85 34.60 9.31
C ASP G 328 -17.67 35.06 8.12
N ARG G 329 -18.40 34.14 7.50
CA ARG G 329 -19.26 34.50 6.39
C ARG G 329 -20.62 34.98 6.87
N ILE G 330 -21.10 34.43 7.99
CA ILE G 330 -22.41 34.81 8.51
C ILE G 330 -22.33 36.18 9.18
N GLN G 331 -21.23 36.47 9.87
CA GLN G 331 -21.05 37.79 10.44
C GLN G 331 -20.83 38.87 9.38
N SER G 332 -20.56 38.49 8.13
CA SER G 332 -20.56 39.42 7.02
C SER G 332 -21.93 39.56 6.38
N ILE G 333 -22.92 38.81 6.83
CA ILE G 333 -24.31 39.09 6.47
C ILE G 333 -24.99 39.90 7.55
N GLN G 334 -24.68 39.60 8.81
CA GLN G 334 -25.29 40.30 9.93
C GLN G 334 -24.85 41.75 10.04
N THR G 335 -23.72 42.12 9.44
CA THR G 335 -23.25 43.49 9.51
C THR G 335 -23.15 44.17 8.16
N LEU G 336 -23.58 43.51 7.09
CA LEU G 336 -23.54 44.14 5.77
C LEU G 336 -24.82 43.99 4.96
N ASP G 337 -25.74 43.11 5.34
CA ASP G 337 -27.02 42.97 4.65
C ASP G 337 -28.22 43.13 5.57
N LEU G 338 -28.07 42.87 6.86
CA LEU G 338 -29.17 43.00 7.81
C LEU G 338 -29.01 44.21 8.71
N GLN G 339 -27.78 44.66 8.91
CA GLN G 339 -27.55 45.85 9.72
C GLN G 339 -27.89 47.16 9.01
N PRO G 340 -27.50 47.42 7.75
CA PRO G 340 -27.87 48.73 7.17
C PRO G 340 -29.33 48.83 6.80
N SER G 341 -29.94 47.77 6.26
CA SER G 341 -31.30 47.87 5.74
C SER G 341 -32.34 48.00 6.84
N MET G 342 -31.98 47.70 8.08
CA MET G 342 -32.86 47.88 9.24
C MET G 342 -32.56 49.18 9.95
N TYR G 343 -32.29 50.26 9.21
CA TYR G 343 -31.99 51.55 9.82
C TYR G 343 -33.26 52.37 10.07
N ARG G 344 -34.33 52.13 9.33
CA ARG G 344 -35.59 52.79 9.67
C ARG G 344 -36.35 51.98 10.71
N LEU G 345 -36.11 50.67 10.76
CA LEU G 345 -36.31 49.93 11.99
C LEU G 345 -35.15 50.20 12.93
N ASP G 346 -35.23 49.61 14.14
CA ASP G 346 -34.14 49.54 15.12
C ASP G 346 -33.75 50.89 15.72
N GLU G 347 -34.28 51.97 15.18
CA GLU G 347 -34.40 53.26 15.83
C GLU G 347 -35.85 53.65 16.01
N ALA G 348 -36.76 52.97 15.33
CA ALA G 348 -38.19 53.11 15.55
C ALA G 348 -38.72 52.17 16.62
N ILE G 349 -38.07 51.02 16.82
CA ILE G 349 -38.52 50.07 17.81
C ILE G 349 -37.93 50.39 19.19
N ILE G 350 -36.78 51.07 19.23
CA ILE G 350 -36.30 51.60 20.50
C ILE G 350 -36.97 52.93 20.78
N ARG G 351 -37.60 53.52 19.76
CA ARG G 351 -38.48 54.65 19.95
C ARG G 351 -39.80 54.23 20.60
N SER G 352 -40.22 52.99 20.40
CA SER G 352 -41.47 52.48 20.96
C SER G 352 -41.33 51.99 22.40
N SER G 353 -40.30 52.44 23.12
CA SER G 353 -40.23 52.25 24.56
C SER G 353 -40.85 53.47 25.26
N LEU G 354 -42.17 53.59 25.05
CA LEU G 354 -43.01 54.69 25.56
C LEU G 354 -42.52 56.05 25.06
N GLY G 355 -42.10 56.11 23.80
CA GLY G 355 -41.75 57.36 23.16
C GLY G 355 -40.35 57.85 23.38
N ALA G 356 -39.67 57.40 24.43
CA ALA G 356 -38.37 57.93 24.82
C ALA G 356 -37.28 57.07 24.21
N ARG G 357 -36.29 57.73 23.59
CA ARG G 357 -35.17 57.03 22.98
C ARG G 357 -33.85 57.57 23.50
N PRO G 358 -33.05 56.74 24.15
CA PRO G 358 -31.72 57.20 24.58
C PRO G 358 -30.75 57.33 23.41
N GLU G 359 -29.52 57.76 23.69
CA GLU G 359 -28.49 57.83 22.66
C GLU G 359 -27.48 56.70 22.79
N GLU G 360 -27.03 56.38 23.99
CA GLU G 360 -26.05 55.30 24.19
C GLU G 360 -26.73 53.95 24.40
N LEU G 361 -27.65 53.62 23.50
CA LEU G 361 -28.37 52.36 23.48
C LEU G 361 -28.08 51.70 22.15
N PHE G 362 -27.53 50.49 22.19
CA PHE G 362 -27.13 49.78 20.98
C PHE G 362 -27.24 48.29 21.25
N TYR G 363 -26.73 47.49 20.33
CA TYR G 363 -26.72 46.05 20.48
C TYR G 363 -25.52 45.48 19.74
N ILE G 364 -25.19 44.24 20.08
CA ILE G 364 -24.25 43.43 19.32
C ILE G 364 -24.98 42.16 18.89
N TRP G 365 -24.39 41.46 17.95
CA TRP G 365 -24.94 40.20 17.49
C TRP G 365 -24.42 39.07 18.36
N SER G 366 -25.26 38.08 18.60
CA SER G 366 -24.91 36.98 19.49
C SER G 366 -23.83 36.11 18.86
N PRO G 367 -22.96 35.50 19.67
CA PRO G 367 -21.97 34.58 19.11
C PRO G 367 -22.61 33.32 18.55
N LEU G 368 -21.97 32.75 17.55
CA LEU G 368 -22.55 31.69 16.73
C LEU G 368 -22.12 30.30 17.13
N GLU G 369 -20.95 30.14 17.74
CA GLU G 369 -20.48 28.81 18.11
C GLU G 369 -21.26 28.29 19.30
N GLN G 370 -21.88 27.12 19.12
CA GLN G 370 -22.47 26.41 20.25
C GLN G 370 -21.36 25.96 21.18
N MET G 371 -21.58 26.12 22.49
CA MET G 371 -20.62 25.70 23.48
C MET G 371 -21.18 24.54 24.27
N SER G 372 -20.29 23.66 24.73
CA SER G 372 -20.72 22.51 25.50
C SER G 372 -21.15 22.93 26.90
N GLU G 373 -21.80 22.01 27.62
CA GLU G 373 -22.28 22.34 28.95
C GLU G 373 -21.13 22.39 29.96
N LYS G 374 -20.11 21.57 29.77
CA LYS G 374 -18.93 21.66 30.63
C LYS G 374 -18.09 22.86 30.27
N GLU G 375 -18.11 23.28 29.01
CA GLU G 375 -17.35 24.45 28.62
C GLU G 375 -18.00 25.73 29.12
N ARG G 376 -19.33 25.74 29.26
CA ARG G 376 -19.98 26.93 29.80
C ARG G 376 -19.79 27.03 31.30
N ALA G 377 -19.49 25.91 31.97
CA ALA G 377 -19.10 25.98 33.37
C ALA G 377 -17.68 26.51 33.51
N GLU G 378 -16.82 26.18 32.56
CA GLU G 378 -15.43 26.63 32.64
C GLU G 378 -15.28 28.07 32.19
N ILE G 379 -16.21 28.56 31.37
CA ILE G 379 -16.21 29.97 31.00
C ILE G 379 -16.66 30.81 32.20
N GLY G 380 -17.69 30.37 32.89
CA GLY G 380 -18.21 31.13 34.02
C GLY G 380 -17.28 31.12 35.22
N LYS G 381 -16.39 30.13 35.29
CA LYS G 381 -15.41 30.10 36.36
C LYS G 381 -14.31 31.12 36.13
N LEU G 382 -14.09 31.51 34.87
CA LEU G 382 -13.05 32.49 34.58
C LEU G 382 -13.58 33.91 34.67
N HIS G 383 -14.86 34.14 34.37
CA HIS G 383 -15.40 35.49 34.46
C HIS G 383 -15.50 35.94 35.91
N ALA G 384 -15.72 35.01 36.83
CA ALA G 384 -15.68 35.36 38.24
C ALA G 384 -14.27 35.67 38.70
N GLU G 385 -13.24 35.23 37.98
CA GLU G 385 -11.87 35.43 38.41
C GLU G 385 -11.18 36.61 37.74
N THR G 386 -11.76 37.17 36.68
CA THR G 386 -11.27 38.47 36.21
C THR G 386 -11.77 39.57 37.12
N VAL G 387 -12.95 39.39 37.70
CA VAL G 387 -13.52 40.38 38.61
C VAL G 387 -12.72 40.44 39.90
N ASN G 388 -12.27 39.27 40.39
CA ASN G 388 -11.52 39.20 41.63
C ASN G 388 -10.16 39.90 41.49
N VAL G 389 -9.63 39.97 40.27
CA VAL G 389 -8.36 40.65 40.08
C VAL G 389 -8.58 42.13 39.81
N ILE G 390 -9.66 42.48 39.10
CA ILE G 390 -9.95 43.89 38.84
C ILE G 390 -10.44 44.59 40.10
N ALA G 391 -11.30 43.94 40.88
CA ALA G 391 -11.78 44.58 42.11
C ALA G 391 -10.71 44.61 43.18
N GLY G 392 -9.69 43.76 43.08
CA GLY G 392 -8.63 43.76 44.07
C GLY G 392 -7.72 44.97 43.96
N THR G 393 -7.56 45.50 42.76
CA THR G 393 -6.83 46.74 42.55
C THR G 393 -7.83 47.89 42.56
N GLY G 394 -7.44 49.02 43.12
CA GLY G 394 -8.38 50.11 43.17
C GLY G 394 -8.34 50.90 41.88
N LEU G 395 -9.23 50.58 40.96
CA LEU G 395 -9.37 51.36 39.74
C LEU G 395 -10.81 51.61 39.34
N PHE G 396 -11.78 50.91 39.92
CA PHE G 396 -13.19 51.11 39.62
C PHE G 396 -13.98 51.12 40.91
N MET G 397 -15.14 51.77 40.87
CA MET G 397 -16.04 51.75 42.01
C MET G 397 -16.60 50.35 42.20
N GLN G 398 -16.76 49.94 43.46
CA GLN G 398 -17.46 48.69 43.72
C GLN G 398 -18.96 48.86 43.60
N GLU G 399 -19.44 50.10 43.65
CA GLU G 399 -20.80 50.40 43.20
C GLU G 399 -20.93 50.17 41.70
N GLU G 400 -19.85 50.37 40.96
CA GLU G 400 -19.92 50.31 39.51
C GLU G 400 -19.88 48.87 39.00
N LEU G 401 -19.07 48.01 39.63
CA LEU G 401 -18.87 46.65 39.13
C LEU G 401 -20.10 45.79 39.32
N ARG G 402 -21.04 46.23 40.15
CA ARG G 402 -22.28 45.49 40.32
C ARG G 402 -23.13 45.55 39.06
N GLU G 403 -23.08 46.67 38.34
CA GLU G 403 -23.80 46.79 37.07
C GLU G 403 -23.14 46.04 35.93
N VAL G 404 -21.83 46.20 35.75
CA VAL G 404 -21.14 45.66 34.58
C VAL G 404 -21.03 44.14 34.67
N PHE G 405 -20.56 43.62 35.80
CA PHE G 405 -20.49 42.17 35.95
C PHE G 405 -21.87 41.58 36.15
N GLY G 406 -22.82 42.38 36.64
CA GLY G 406 -24.19 41.92 36.69
C GLY G 406 -24.82 41.81 35.32
N ASN G 407 -24.34 42.59 34.36
CA ASN G 407 -24.96 42.61 33.03
C ASN G 407 -24.33 41.55 32.13
N GLN G 408 -23.03 41.32 32.28
CA GLN G 408 -22.31 40.34 31.47
C GLN G 408 -22.67 38.91 31.88
N LEU G 409 -23.11 38.72 33.12
CA LEU G 409 -23.39 37.41 33.66
C LEU G 409 -24.84 36.98 33.44
N VAL G 410 -25.68 37.85 32.90
CA VAL G 410 -27.04 37.50 32.51
C VAL G 410 -27.10 37.06 31.05
N GLU G 411 -26.41 37.78 30.15
CA GLU G 411 -26.42 37.40 28.75
C GLU G 411 -25.57 36.18 28.45
N THR G 412 -24.71 35.78 29.39
CA THR G 412 -24.04 34.48 29.29
C THR G 412 -25.03 33.34 29.50
N GLY G 413 -26.09 33.56 30.25
CA GLY G 413 -27.04 32.50 30.52
C GLY G 413 -26.65 31.62 31.68
N LEU G 414 -25.67 32.03 32.47
CA LEU G 414 -25.23 31.22 33.60
C LEU G 414 -26.21 31.35 34.76
N TYR G 415 -26.53 32.57 35.16
CA TYR G 415 -27.47 32.87 36.24
C TYR G 415 -28.62 33.67 35.65
N PRO G 416 -29.57 33.02 34.95
CA PRO G 416 -30.55 33.79 34.17
C PRO G 416 -31.60 34.47 35.00
N GLY G 417 -32.04 33.86 36.10
CA GLY G 417 -33.00 34.50 36.96
C GLY G 417 -32.36 35.50 37.90
N LEU G 418 -31.81 36.59 37.35
CA LEU G 418 -31.10 37.59 38.13
C LEU G 418 -31.83 38.92 37.92
N GLY G 419 -32.89 39.13 38.69
CA GLY G 419 -33.56 40.40 38.74
C GLY G 419 -33.08 41.21 39.93
N ASP G 420 -32.13 42.10 39.69
CA ASP G 420 -31.54 42.93 40.73
C ASP G 420 -31.98 44.37 40.68
N LEU G 421 -32.43 44.83 39.52
CA LEU G 421 -32.86 46.22 39.38
C LEU G 421 -34.29 46.37 39.87
N LEU G 422 -34.48 47.31 40.80
CA LEU G 422 -35.75 47.79 41.38
C LEU G 422 -36.35 46.77 42.36
N ALA G 423 -35.80 45.56 42.42
CA ALA G 423 -36.25 44.56 43.37
C ALA G 423 -35.26 44.37 44.51
N GLN G 424 -33.99 44.27 44.18
CA GLN G 424 -32.93 44.03 45.17
C GLN G 424 -32.26 45.35 45.54
N ASN G 425 -33.10 46.29 45.97
CA ASN G 425 -32.76 47.68 46.22
C ASN G 425 -32.11 48.35 45.01
N GLY G 426 -32.47 47.89 43.82
CA GLY G 426 -31.88 48.39 42.58
C GLY G 426 -30.40 48.11 42.53
N ASN G 427 -29.63 49.18 42.35
CA ASN G 427 -28.18 49.15 42.54
C ASN G 427 -27.87 50.01 43.75
N GLU G 428 -27.99 49.42 44.94
CA GLU G 428 -27.51 49.98 46.19
C GLU G 428 -27.58 48.89 47.26
N LEU G 429 -26.50 48.76 48.01
CA LEU G 429 -26.44 47.95 49.21
C LEU G 429 -26.16 48.89 50.39
N PRO G 430 -26.48 48.47 51.62
CA PRO G 430 -26.07 49.31 52.77
C PRO G 430 -24.58 49.35 52.98
N GLU G 431 -23.85 48.37 52.45
CA GLU G 431 -22.46 48.19 52.81
C GLU G 431 -21.46 48.83 51.85
N TRP G 432 -21.89 49.69 50.92
CA TRP G 432 -20.89 50.28 50.04
C TRP G 432 -20.16 51.43 50.73
N ASP G 433 -20.89 52.50 51.02
CA ASP G 433 -20.32 53.74 51.52
C ASP G 433 -20.47 53.88 53.02
N LEU G 434 -21.51 53.27 53.59
CA LEU G 434 -21.77 53.36 55.02
C LEU G 434 -21.15 52.19 55.78
N GLU G 435 -20.19 51.51 55.16
CA GLU G 435 -19.43 50.46 55.81
C GLU G 435 -17.93 50.65 55.60
N GLN G 436 -17.54 51.48 54.64
CA GLN G 436 -16.13 51.82 54.41
C GLN G 436 -15.65 52.96 55.30
N ARG G 437 -16.30 53.17 56.46
CA ARG G 437 -15.81 54.12 57.44
C ARG G 437 -14.45 53.71 57.98
N SER G 438 -14.18 52.39 58.06
CA SER G 438 -12.94 51.90 58.64
C SER G 438 -11.73 52.24 57.77
N ALA G 439 -11.93 52.43 56.48
CA ALA G 439 -10.87 52.98 55.64
C ALA G 439 -10.79 54.50 55.81
N GLU G 440 -11.91 55.15 56.07
CA GLU G 440 -11.95 56.59 56.33
C GLU G 440 -11.61 56.93 57.77
N ALA G 441 -11.58 55.94 58.66
CA ALA G 441 -11.20 56.15 60.06
C ALA G 441 -9.70 56.19 60.27
N SER G 442 -8.97 55.24 59.68
CA SER G 442 -7.54 55.13 59.93
C SER G 442 -6.75 56.19 59.19
N THR G 443 -7.30 56.77 58.11
CA THR G 443 -6.69 57.93 57.52
C THR G 443 -6.89 59.19 58.36
N LYS G 444 -7.93 59.22 59.19
CA LYS G 444 -8.08 60.29 60.16
C LYS G 444 -7.13 60.10 61.33
N THR G 445 -6.64 58.88 61.53
CA THR G 445 -5.68 58.55 62.57
C THR G 445 -4.28 58.41 61.98
N ALA G 446 -4.11 58.76 60.70
CA ALA G 446 -2.87 58.46 59.98
C ALA G 446 -1.75 59.40 60.42
N GLU G 447 -1.92 60.71 60.18
CA GLU G 447 -0.92 61.68 60.61
C GLU G 447 -1.33 62.46 61.84
N ALA G 448 -2.59 62.36 62.27
CA ALA G 448 -3.02 63.06 63.47
C ALA G 448 -2.40 62.43 64.71
N ALA G 449 -2.39 61.09 64.77
CA ALA G 449 -1.86 60.36 65.91
C ALA G 449 -0.46 59.83 65.66
N ALA G 450 0.25 60.38 64.68
CA ALA G 450 1.62 59.97 64.40
C ALA G 450 2.65 61.01 64.83
N LEU G 451 2.29 62.28 64.84
CA LEU G 451 3.20 63.31 65.35
C LEU G 451 2.48 64.09 66.44
N SER H 10 -23.17 29.75 -18.61
CA SER H 10 -22.94 28.46 -19.24
C SER H 10 -21.90 28.58 -20.33
N LEU H 11 -21.21 27.48 -20.61
CA LEU H 11 -20.21 27.43 -21.66
C LEU H 11 -20.84 26.92 -22.95
N ARG H 12 -20.25 27.34 -24.06
CA ARG H 12 -20.64 26.83 -25.38
C ARG H 12 -19.50 27.10 -26.34
N SER H 13 -18.99 26.06 -26.98
CA SER H 13 -17.90 26.19 -27.92
C SER H 13 -18.42 26.02 -29.34
N MET H 14 -17.83 26.73 -30.28
CA MET H 14 -18.31 26.66 -31.66
C MET H 14 -17.88 25.39 -32.35
N ILE H 15 -16.68 24.90 -32.10
CA ILE H 15 -16.29 23.56 -32.49
C ILE H 15 -16.46 22.66 -31.27
N SER H 16 -16.56 21.35 -31.52
CA SER H 16 -16.63 20.28 -30.52
C SER H 16 -17.89 20.27 -29.67
N GLY H 17 -18.81 21.22 -29.88
CA GLY H 17 -20.15 21.22 -29.31
C GLY H 17 -20.28 21.08 -27.81
N LEU H 18 -19.59 21.93 -27.05
CA LEU H 18 -19.46 21.68 -25.62
C LEU H 18 -20.71 22.10 -24.85
N GLY H 19 -21.53 22.97 -25.40
CA GLY H 19 -22.71 23.38 -24.67
C GLY H 19 -23.97 23.36 -25.50
N ASP H 20 -23.95 22.58 -26.58
CA ASP H 20 -25.05 22.55 -27.53
C ASP H 20 -26.17 21.68 -26.98
N PRO H 21 -27.39 22.22 -26.80
CA PRO H 21 -28.49 21.40 -26.27
C PRO H 21 -29.08 20.40 -27.24
N LEU H 22 -28.50 20.23 -28.43
CA LEU H 22 -28.89 19.16 -29.34
C LEU H 22 -27.88 18.04 -29.40
N ARG H 23 -26.59 18.36 -29.37
CA ARG H 23 -25.56 17.35 -29.50
C ARG H 23 -25.06 16.88 -28.14
N ASP H 24 -24.54 17.79 -27.32
CA ASP H 24 -24.08 17.45 -25.97
C ASP H 24 -25.28 17.29 -25.06
N LYS H 25 -25.18 16.33 -24.14
CA LYS H 25 -26.26 16.09 -23.19
C LYS H 25 -25.80 16.16 -21.75
N ASN H 26 -24.69 16.88 -21.48
CA ASN H 26 -24.10 16.95 -20.15
C ASN H 26 -25.05 17.61 -19.15
N ALA H 27 -25.29 18.88 -19.34
CA ALA H 27 -26.31 19.59 -18.60
C ALA H 27 -27.11 20.45 -19.54
N SER H 28 -26.73 20.48 -20.82
CA SER H 28 -27.39 21.26 -21.83
C SER H 28 -28.79 20.75 -22.16
N THR H 29 -29.10 19.49 -21.84
CA THR H 29 -30.41 18.97 -22.16
C THR H 29 -31.20 18.63 -20.91
N PHE H 30 -31.19 19.49 -19.89
CA PHE H 30 -31.83 19.13 -18.66
C PHE H 30 -32.70 20.22 -18.08
N HIS H 31 -33.74 19.76 -17.39
CA HIS H 31 -34.72 20.61 -16.76
C HIS H 31 -35.29 19.85 -15.57
N TRP H 32 -36.38 20.35 -15.01
CA TRP H 32 -37.05 19.72 -13.90
C TRP H 32 -38.54 19.75 -14.17
N ASP H 33 -39.20 18.64 -13.91
CA ASP H 33 -40.65 18.60 -13.89
C ASP H 33 -41.11 18.40 -12.46
N ARG H 34 -42.23 19.01 -12.10
CA ARG H 34 -42.78 18.91 -10.76
C ARG H 34 -43.23 17.49 -10.52
N GLN H 35 -43.28 17.08 -9.26
CA GLN H 35 -43.72 15.73 -8.97
C GLN H 35 -44.69 15.76 -7.79
N LEU H 36 -45.67 14.86 -7.85
CA LEU H 36 -46.77 14.87 -6.89
C LEU H 36 -47.03 13.46 -6.39
N ASP H 37 -47.59 13.38 -5.18
CA ASP H 37 -47.76 12.11 -4.48
C ASP H 37 -48.74 12.30 -3.33
N ASP H 38 -49.74 11.43 -3.25
CA ASP H 38 -50.78 11.57 -2.23
C ASP H 38 -51.00 10.28 -1.45
N ARG H 39 -50.88 9.14 -2.12
CA ARG H 39 -51.09 7.83 -1.49
C ARG H 39 -49.79 7.13 -1.11
N GLN H 40 -48.78 7.21 -1.97
CA GLN H 40 -47.51 6.55 -1.71
C GLN H 40 -46.69 7.23 -0.61
N LEU H 41 -47.14 8.38 -0.10
CA LEU H 41 -46.58 8.89 1.14
C LEU H 41 -46.86 7.94 2.28
N LEU H 42 -48.01 7.28 2.26
CA LEU H 42 -48.31 6.28 3.28
C LEU H 42 -47.51 5.01 3.05
N TYR H 43 -47.35 4.60 1.79
CA TYR H 43 -46.63 3.36 1.49
C TYR H 43 -45.15 3.49 1.80
N ALA H 44 -44.57 4.66 1.54
CA ALA H 44 -43.13 4.82 1.73
C ALA H 44 -42.78 4.99 3.19
N TYR H 45 -43.64 5.69 3.95
CA TYR H 45 -43.38 5.87 5.37
C TYR H 45 -43.50 4.56 6.13
N ARG H 46 -44.41 3.70 5.70
CA ARG H 46 -44.71 2.49 6.44
C ARG H 46 -43.78 1.34 6.06
N ASN H 47 -43.25 1.31 4.84
CA ASN H 47 -42.55 0.15 4.34
C ASN H 47 -41.08 0.42 4.00
N SER H 48 -40.53 1.56 4.41
CA SER H 48 -39.14 1.87 4.11
C SER H 48 -38.52 2.53 5.33
N TRP H 49 -37.39 1.98 5.80
CA TRP H 49 -36.74 2.56 6.98
C TRP H 49 -36.05 3.87 6.64
N VAL H 50 -35.75 4.09 5.36
CA VAL H 50 -35.12 5.34 4.94
C VAL H 50 -36.09 6.49 5.09
N ALA H 51 -37.35 6.27 4.68
CA ALA H 51 -38.33 7.34 4.68
C ALA H 51 -38.88 7.60 6.06
N ARG H 52 -38.97 6.57 6.89
CA ARG H 52 -39.52 6.75 8.23
C ARG H 52 -38.50 7.45 9.14
N LYS H 53 -37.22 7.22 8.90
CA LYS H 53 -36.19 7.83 9.74
C LYS H 53 -36.03 9.31 9.44
N ALA H 54 -36.24 9.70 8.18
CA ALA H 54 -36.11 11.11 7.80
C ALA H 54 -37.29 11.93 8.29
N VAL H 55 -38.39 11.30 8.66
CA VAL H 55 -39.56 12.01 9.15
C VAL H 55 -39.49 12.16 10.67
N THR H 56 -39.26 11.05 11.37
CA THR H 56 -39.45 11.00 12.82
C THR H 56 -38.29 11.64 13.58
N ILE H 57 -37.05 11.27 13.24
CA ILE H 57 -35.92 11.57 14.14
C ILE H 57 -35.55 13.05 14.22
N PRO H 58 -35.48 13.84 13.15
CA PRO H 58 -35.25 15.28 13.34
C PRO H 58 -36.42 16.03 13.99
N ALA H 59 -37.58 15.41 14.14
CA ALA H 59 -38.66 15.97 14.93
C ALA H 59 -38.77 15.36 16.31
N LEU H 60 -38.10 14.23 16.54
CA LEU H 60 -38.18 13.58 17.84
C LEU H 60 -37.12 14.12 18.78
N ASP H 61 -36.01 14.59 18.24
CA ASP H 61 -34.92 15.09 19.06
C ASP H 61 -35.12 16.55 19.47
N ALA H 62 -36.24 17.16 19.08
CA ALA H 62 -36.51 18.53 19.46
C ALA H 62 -37.37 18.64 20.71
N VAL H 63 -37.94 17.54 21.18
CA VAL H 63 -38.78 17.57 22.37
C VAL H 63 -38.33 16.51 23.36
N ARG H 64 -37.07 16.09 23.28
CA ARG H 64 -36.54 15.14 24.24
C ARG H 64 -36.37 15.78 25.61
N LYS H 65 -35.61 16.88 25.66
CA LYS H 65 -35.46 17.68 26.86
C LYS H 65 -35.85 19.11 26.51
N TRP H 66 -36.56 19.78 27.42
CA TRP H 66 -37.34 20.93 27.00
C TRP H 66 -37.83 21.73 28.21
N ARG H 67 -37.69 23.06 28.10
CA ARG H 67 -38.50 24.05 28.82
C ARG H 67 -38.37 23.90 30.34
N ASP H 68 -37.21 24.30 30.84
CA ASP H 68 -37.06 24.59 32.27
C ASP H 68 -37.47 26.05 32.53
N TRP H 69 -38.45 26.24 33.41
CA TRP H 69 -38.97 27.58 33.67
C TRP H 69 -38.03 28.34 34.61
N GLN H 70 -38.45 29.55 34.98
CA GLN H 70 -37.54 30.45 35.68
C GLN H 70 -37.97 30.78 37.10
N ALA H 71 -39.17 31.32 37.31
CA ALA H 71 -39.52 31.80 38.63
C ALA H 71 -39.93 30.65 39.53
N ASP H 72 -39.53 30.71 40.79
CA ASP H 72 -39.98 29.74 41.79
C ASP H 72 -40.57 30.50 42.97
N GLN H 73 -41.89 30.54 43.04
CA GLN H 73 -42.67 30.91 44.21
C GLN H 73 -43.63 29.77 44.50
N LYS H 74 -43.04 28.56 44.54
CA LYS H 74 -43.71 27.25 44.57
C LYS H 74 -44.56 27.03 43.32
N ASP H 75 -44.26 27.78 42.25
CA ASP H 75 -45.12 27.85 41.08
C ASP H 75 -44.55 27.15 39.86
N ILE H 76 -43.27 26.79 39.88
CA ILE H 76 -42.71 25.96 38.83
C ILE H 76 -43.18 24.52 38.94
N SER H 77 -43.78 24.15 40.08
CA SER H 77 -44.30 22.81 40.27
C SER H 77 -45.69 22.63 39.69
N ARG H 78 -46.59 23.60 39.85
CA ARG H 78 -47.93 23.44 39.30
C ARG H 78 -48.08 24.10 37.93
N ILE H 79 -47.03 24.73 37.42
CA ILE H 79 -47.05 25.15 36.02
C ILE H 79 -46.61 23.97 35.15
N GLU H 80 -46.02 22.94 35.75
CA GLU H 80 -45.74 21.72 35.03
C GLU H 80 -46.83 20.69 35.22
N ALA H 81 -47.63 20.82 36.28
CA ALA H 81 -48.71 19.88 36.53
C ALA H 81 -49.82 20.05 35.49
N THR H 82 -49.98 21.25 34.94
CA THR H 82 -50.95 21.44 33.88
C THR H 82 -50.42 20.90 32.56
N GLU H 83 -49.09 20.86 32.41
CA GLU H 83 -48.51 20.27 31.20
C GLU H 83 -48.59 18.76 31.25
N LYS H 84 -48.29 18.17 32.40
CA LYS H 84 -48.29 16.71 32.52
C LYS H 84 -49.70 16.15 32.50
N ARG H 85 -50.69 16.94 32.91
CA ARG H 85 -52.08 16.50 32.86
C ARG H 85 -52.58 16.42 31.42
N LEU H 86 -52.33 17.48 30.65
CA LEU H 86 -52.79 17.54 29.27
C LEU H 86 -51.96 16.69 28.32
N GLY H 87 -50.75 16.30 28.71
CA GLY H 87 -49.89 15.58 27.80
C GLY H 87 -49.34 16.44 26.69
N LEU H 88 -48.83 17.63 27.03
CA LEU H 88 -48.39 18.58 26.01
C LEU H 88 -47.04 18.18 25.42
N GLN H 89 -46.27 17.34 26.12
CA GLN H 89 -45.00 16.88 25.58
C GLN H 89 -45.21 15.91 24.43
N GLN H 90 -46.07 14.92 24.61
CA GLN H 90 -46.33 13.94 23.56
C GLN H 90 -47.13 14.53 22.41
N LYS H 91 -48.12 15.38 22.70
CA LYS H 91 -48.98 15.92 21.66
C LYS H 91 -48.30 16.98 20.81
N LEU H 92 -47.12 17.47 21.21
CA LEU H 92 -46.36 18.33 20.32
C LEU H 92 -45.44 17.49 19.45
N LEU H 93 -45.05 16.31 19.94
CA LEU H 93 -44.28 15.37 19.12
C LEU H 93 -45.16 14.73 18.06
N GLN H 94 -46.38 14.38 18.42
CA GLN H 94 -47.27 13.69 17.49
C GLN H 94 -47.82 14.68 16.47
N CYS H 95 -47.80 15.98 16.78
CA CYS H 95 -48.23 16.99 15.83
C CYS H 95 -47.14 17.30 14.82
N LYS H 96 -45.88 17.37 15.27
CA LYS H 96 -44.79 17.78 14.39
C LYS H 96 -44.46 16.69 13.38
N THR H 97 -44.66 15.44 13.75
CA THR H 97 -44.40 14.33 12.82
C THR H 97 -45.43 14.29 11.70
N LEU H 98 -46.70 14.55 12.03
CA LEU H 98 -47.72 14.58 10.98
C LEU H 98 -47.54 15.78 10.07
N ALA H 99 -47.05 16.89 10.62
CA ALA H 99 -46.69 18.01 9.78
C ALA H 99 -45.45 17.69 8.96
N ARG H 100 -44.61 16.79 9.46
CA ARG H 100 -43.41 16.41 8.73
C ARG H 100 -43.74 15.45 7.59
N LEU H 101 -44.65 14.51 7.83
CA LEU H 101 -45.01 13.54 6.81
C LEU H 101 -45.94 14.17 5.77
N TRP H 102 -47.10 14.62 6.22
CA TRP H 102 -48.06 15.25 5.32
C TRP H 102 -47.67 16.71 5.13
N GLY H 103 -48.56 17.47 4.49
CA GLY H 103 -48.28 18.87 4.23
C GLY H 103 -48.27 19.72 5.48
N GLY H 104 -48.99 19.31 6.51
CA GLY H 104 -49.05 20.07 7.75
C GLY H 104 -50.04 19.44 8.69
N ALA H 105 -50.02 19.93 9.92
CA ALA H 105 -50.93 19.44 10.96
C ALA H 105 -51.20 20.56 11.93
N ALA H 106 -52.11 20.32 12.86
CA ALA H 106 -52.57 21.37 13.75
C ALA H 106 -53.18 20.77 15.01
N ILE H 107 -52.86 21.38 16.15
CA ILE H 107 -53.49 21.06 17.42
C ILE H 107 -54.34 22.26 17.82
N VAL H 108 -55.53 22.00 18.36
CA VAL H 108 -56.51 23.03 18.66
C VAL H 108 -56.75 23.09 20.16
N ILE H 109 -56.79 24.31 20.69
CA ILE H 109 -56.87 24.54 22.13
C ILE H 109 -58.34 24.58 22.53
N GLY H 110 -58.67 24.04 23.70
CA GLY H 110 -60.00 24.22 24.22
C GLY H 110 -60.04 24.79 25.62
N VAL H 111 -60.48 26.01 25.74
CA VAL H 111 -60.71 26.64 27.03
C VAL H 111 -62.18 26.45 27.35
N LYS H 112 -62.49 26.21 28.62
CA LYS H 112 -63.88 25.96 29.03
C LYS H 112 -64.74 27.20 28.81
N ASP H 113 -65.95 26.96 28.28
CA ASP H 113 -66.97 27.96 27.99
C ASP H 113 -66.46 29.01 26.99
N GLN H 114 -66.07 28.51 25.82
CA GLN H 114 -65.67 29.32 24.69
C GLN H 114 -66.47 28.87 23.47
N ASP H 115 -67.03 29.85 22.75
CA ASP H 115 -68.17 29.56 21.89
C ASP H 115 -67.80 29.03 20.51
N MET H 116 -67.10 29.82 19.70
CA MET H 116 -67.09 29.60 18.26
C MET H 116 -65.85 30.27 17.70
N ALA H 117 -65.75 30.36 16.37
CA ALA H 117 -64.68 31.09 15.71
C ALA H 117 -64.87 32.59 15.85
N THR H 118 -64.72 33.11 17.06
CA THR H 118 -64.74 34.54 17.31
C THR H 118 -63.38 35.10 16.95
N PRO H 119 -63.18 36.43 17.01
CA PRO H 119 -61.81 36.90 17.16
C PRO H 119 -61.37 36.50 18.55
N PHE H 120 -60.59 35.43 18.59
CA PHE H 120 -60.58 34.50 19.70
C PHE H 120 -59.24 34.56 20.40
N GLU H 121 -59.17 35.34 21.46
CA GLU H 121 -57.99 35.32 22.31
C GLU H 121 -58.27 34.50 23.56
N PRO H 122 -57.63 33.36 23.73
CA PRO H 122 -57.63 32.70 25.04
C PRO H 122 -56.53 33.25 25.95
N GLU H 123 -56.39 34.57 26.02
CA GLU H 123 -55.41 35.22 26.87
C GLU H 123 -56.02 36.01 28.01
N THR H 124 -57.26 36.47 27.85
CA THR H 124 -57.90 37.29 28.87
C THR H 124 -58.56 36.46 29.96
N VAL H 125 -58.87 35.20 29.68
CA VAL H 125 -59.60 34.36 30.63
C VAL H 125 -58.66 34.00 31.79
N ASN H 126 -59.01 34.46 32.99
CA ASN H 126 -58.17 34.29 34.18
C ASN H 126 -58.86 33.33 35.14
N LYS H 127 -58.68 32.04 34.87
CA LYS H 127 -59.32 30.96 35.63
C LYS H 127 -58.37 29.78 35.63
N ASP H 128 -58.90 28.60 35.95
CA ASP H 128 -58.13 27.37 35.86
C ASP H 128 -58.82 26.39 34.93
N ASP H 129 -59.19 26.87 33.75
CA ASP H 129 -60.09 26.17 32.85
C ASP H 129 -59.39 25.82 31.54
N LEU H 130 -58.92 24.59 31.43
CA LEU H 130 -58.27 24.15 30.19
C LEU H 130 -58.41 22.64 30.11
N VAL H 131 -59.11 22.15 29.09
CA VAL H 131 -59.41 20.72 29.01
C VAL H 131 -58.95 20.08 27.69
N TYR H 132 -59.20 20.73 26.56
CA TYR H 132 -59.04 20.07 25.26
C TYR H 132 -57.65 20.31 24.71
N LEU H 133 -56.99 19.23 24.28
CA LEU H 133 -55.88 19.30 23.31
C LEU H 133 -56.03 18.12 22.37
N THR H 134 -56.72 18.34 21.25
CA THR H 134 -56.84 17.34 20.21
C THR H 134 -56.02 17.79 19.01
N VAL H 135 -55.32 16.84 18.40
CA VAL H 135 -54.33 17.10 17.36
C VAL H 135 -54.75 16.37 16.09
N MET H 136 -54.85 17.11 15.00
CA MET H 136 -55.33 16.57 13.74
C MET H 136 -54.43 17.01 12.60
N SER H 137 -54.33 16.16 11.59
CA SER H 137 -53.51 16.49 10.44
C SER H 137 -54.27 17.38 9.47
N ARG H 138 -53.67 17.59 8.30
CA ARG H 138 -54.37 18.33 7.26
C ARG H 138 -55.44 17.48 6.59
N ARG H 139 -55.47 16.18 6.88
CA ARG H 139 -56.56 15.33 6.41
C ARG H 139 -57.89 15.75 7.02
N GLU H 140 -57.87 16.22 8.27
CA GLU H 140 -59.09 16.44 9.03
C GLU H 140 -59.34 17.92 9.33
N LEU H 141 -58.72 18.81 8.57
CA LEU H 141 -58.97 20.24 8.64
C LEU H 141 -59.39 20.73 7.25
N SER H 142 -59.64 22.03 7.13
CA SER H 142 -60.01 22.62 5.85
C SER H 142 -59.63 24.09 5.78
N PRO H 143 -58.70 24.45 4.91
CA PRO H 143 -58.18 25.83 4.85
C PRO H 143 -58.95 26.74 3.90
N GLU H 144 -60.27 26.84 4.08
CA GLU H 144 -61.14 27.23 2.96
C GLU H 144 -61.40 28.73 2.88
N GLU H 145 -60.32 29.52 3.00
CA GLU H 145 -60.20 30.93 2.59
C GLU H 145 -58.71 31.22 2.47
N LEU H 146 -58.39 32.41 1.97
CA LEU H 146 -57.03 32.92 2.11
C LEU H 146 -56.96 34.33 2.71
N GLU H 147 -57.84 35.23 2.27
CA GLU H 147 -57.95 36.60 2.79
C GLU H 147 -56.65 37.39 2.64
N GLN H 148 -56.39 37.74 1.39
CA GLN H 148 -55.17 38.37 0.90
C GLN H 148 -55.02 39.84 1.30
N ASP H 149 -55.79 40.33 2.27
CA ASP H 149 -55.70 41.72 2.71
C ASP H 149 -54.37 41.98 3.41
N PRO H 150 -53.51 42.86 2.89
CA PRO H 150 -52.16 43.00 3.45
C PRO H 150 -52.07 43.82 4.72
N LEU H 151 -53.00 43.63 5.64
CA LEU H 151 -53.00 44.32 6.93
C LEU H 151 -53.39 43.42 8.08
N ASP H 152 -53.91 42.23 7.83
CA ASP H 152 -54.47 41.41 8.88
C ASP H 152 -53.39 40.56 9.53
N GLU H 153 -53.59 40.28 10.81
CA GLU H 153 -52.89 39.18 11.47
C GLU H 153 -53.24 37.87 10.76
N PHE H 154 -52.28 36.94 10.78
CA PHE H 154 -52.25 35.73 9.93
C PHE H 154 -52.66 36.03 8.49
N TYR H 155 -51.90 36.93 7.87
CA TYR H 155 -51.97 37.18 6.44
C TYR H 155 -51.61 35.94 5.64
N ALA H 156 -52.33 35.74 4.52
CA ALA H 156 -52.22 34.56 3.64
C ALA H 156 -52.44 33.25 4.39
N ARG H 157 -53.28 33.27 5.41
CA ARG H 157 -53.57 32.15 6.28
C ARG H 157 -55.08 32.05 6.45
N PRO H 158 -55.60 30.82 6.58
CA PRO H 158 -56.95 30.53 6.05
C PRO H 158 -58.16 31.15 6.75
N LYS H 159 -58.03 31.72 7.95
CA LYS H 159 -59.05 32.48 8.68
C LYS H 159 -60.22 31.61 9.20
N ARG H 160 -60.37 30.38 8.72
CA ARG H 160 -61.52 29.57 9.10
C ARG H 160 -61.26 28.11 8.78
N TYR H 161 -61.59 27.22 9.71
CA TYR H 161 -61.29 25.81 9.57
C TYR H 161 -62.55 24.98 9.77
N GLN H 162 -63.05 24.40 8.68
CA GLN H 162 -64.14 23.44 8.72
C GLN H 162 -63.59 22.15 9.32
N VAL H 163 -63.87 21.92 10.61
CA VAL H 163 -63.33 20.74 11.28
C VAL H 163 -64.34 20.18 12.28
N SER H 164 -64.81 18.96 12.04
CA SER H 164 -65.63 18.11 12.89
C SER H 164 -65.80 16.78 12.18
N ASN H 165 -66.33 15.80 12.91
CA ASN H 165 -66.72 14.54 12.30
C ASN H 165 -68.08 14.14 12.87
N GLY H 166 -69.05 13.93 11.98
CA GLY H 166 -70.35 13.49 12.42
C GLY H 166 -71.35 14.61 12.63
N ARG H 167 -71.44 15.07 13.89
CA ARG H 167 -72.52 15.90 14.39
C ARG H 167 -72.65 17.26 13.72
N ASN H 168 -71.64 18.12 13.86
CA ASN H 168 -71.80 19.51 13.45
C ASN H 168 -70.72 19.97 12.48
N LEU H 169 -70.66 21.28 12.23
CA LEU H 169 -69.75 21.88 11.25
C LEU H 169 -68.53 22.52 11.88
N SER H 170 -68.74 23.37 12.90
CA SER H 170 -67.70 23.88 13.80
C SER H 170 -66.62 24.68 13.06
N PHE H 171 -67.00 25.87 12.59
CA PHE H 171 -66.01 26.85 12.19
C PHE H 171 -65.09 27.18 13.35
N VAL H 172 -63.79 27.10 13.11
CA VAL H 172 -62.77 27.33 14.14
C VAL H 172 -61.82 28.40 13.64
N HIS H 173 -61.50 29.37 14.52
CA HIS H 173 -60.64 30.51 14.25
C HIS H 173 -59.17 30.13 14.42
N PRO H 174 -58.27 30.69 13.61
CA PRO H 174 -56.86 30.25 13.68
C PRO H 174 -56.14 30.55 14.97
N SER H 175 -56.61 31.53 15.75
CA SER H 175 -55.98 31.81 17.02
C SER H 175 -56.34 30.79 18.09
N ARG H 176 -57.24 29.86 17.80
CA ARG H 176 -57.50 28.68 18.59
C ARG H 176 -56.60 27.51 18.16
N ILE H 177 -55.74 27.72 17.16
CA ILE H 177 -55.02 26.63 16.50
C ILE H 177 -53.54 26.94 16.44
N VAL H 178 -52.72 25.96 16.82
CA VAL H 178 -51.29 25.96 16.55
C VAL H 178 -51.08 25.43 15.15
N HIS H 179 -50.36 26.20 14.32
CA HIS H 179 -50.23 25.93 12.90
C HIS H 179 -48.83 25.41 12.61
N GLN H 180 -48.73 24.15 12.20
CA GLN H 180 -47.45 23.49 11.95
C GLN H 180 -47.36 23.03 10.51
N VAL H 181 -46.23 23.34 9.86
CA VAL H 181 -45.99 22.92 8.48
C VAL H 181 -44.68 22.15 8.43
N GLY H 182 -44.52 21.37 7.37
CA GLY H 182 -43.27 20.67 7.13
C GLY H 182 -42.18 21.57 6.58
N GLU H 183 -42.38 22.05 5.36
CA GLU H 183 -41.48 23.00 4.73
C GLU H 183 -42.29 24.16 4.19
N THR H 184 -41.84 25.38 4.46
CA THR H 184 -42.58 26.55 4.03
C THR H 184 -42.46 26.73 2.52
N HIS H 185 -43.61 26.79 1.87
CA HIS H 185 -43.67 27.02 0.43
C HIS H 185 -43.21 28.45 0.12
N PRO H 186 -42.49 28.65 -0.98
CA PRO H 186 -41.96 30.00 -1.23
C PRO H 186 -43.00 30.99 -1.70
N ASP H 187 -43.94 30.57 -2.55
CA ASP H 187 -44.99 31.47 -3.05
C ASP H 187 -46.32 30.88 -2.61
N PRO H 188 -46.81 31.26 -1.42
CA PRO H 188 -47.98 30.56 -0.85
C PRO H 188 -49.30 30.91 -1.53
N MET H 189 -49.37 32.00 -2.29
CA MET H 189 -50.61 32.35 -2.96
C MET H 189 -50.77 31.59 -4.27
N LEU H 190 -49.66 31.28 -4.93
CA LEU H 190 -49.68 30.54 -6.18
C LEU H 190 -49.69 29.03 -5.97
N ALA H 191 -49.65 28.59 -4.71
CA ALA H 191 -49.56 27.17 -4.38
C ALA H 191 -50.85 26.44 -4.73
N THR H 192 -50.71 25.15 -4.99
CA THR H 192 -51.81 24.32 -5.47
C THR H 192 -51.76 22.98 -4.76
N GLY H 193 -52.51 22.00 -5.25
CA GLY H 193 -52.56 20.70 -4.64
C GLY H 193 -53.49 20.67 -3.46
N VAL H 194 -53.35 19.61 -2.65
CA VAL H 194 -54.20 19.47 -1.48
C VAL H 194 -53.82 20.47 -0.41
N ASN H 195 -52.53 20.58 -0.10
CA ASN H 195 -52.04 21.56 0.85
C ASN H 195 -52.09 22.95 0.22
N VAL H 196 -53.13 23.70 0.55
CA VAL H 196 -53.30 25.04 0.01
C VAL H 196 -52.82 26.05 1.04
N GLY H 197 -53.43 26.04 2.21
CA GLY H 197 -52.98 26.87 3.29
C GLY H 197 -51.94 26.25 4.18
N TRP H 198 -51.41 25.10 3.80
CA TRP H 198 -50.44 24.37 4.58
C TRP H 198 -49.08 24.44 3.91
N GLY H 199 -48.12 23.72 4.46
CA GLY H 199 -46.79 23.64 3.91
C GLY H 199 -46.63 22.43 3.00
N ASP H 200 -45.38 22.14 2.67
CA ASP H 200 -45.06 21.05 1.78
C ASP H 200 -44.34 19.95 2.54
N SER H 201 -44.49 18.72 2.06
CA SER H 201 -43.93 17.57 2.75
C SER H 201 -42.43 17.50 2.56
N THR H 202 -41.77 16.75 3.43
CA THR H 202 -40.33 16.60 3.34
C THR H 202 -39.90 15.31 2.67
N LEU H 203 -40.84 14.51 2.16
CA LEU H 203 -40.47 13.51 1.19
C LEU H 203 -40.50 14.07 -0.23
N GLN H 204 -40.77 15.36 -0.38
CA GLN H 204 -40.76 16.00 -1.68
C GLN H 204 -39.35 16.14 -2.21
N ALA H 205 -38.47 16.75 -1.41
CA ALA H 205 -37.14 17.09 -1.89
C ALA H 205 -36.22 15.88 -1.94
N LEU H 206 -36.31 14.98 -0.94
CA LEU H 206 -35.43 13.83 -0.87
C LEU H 206 -36.04 12.58 -1.50
N TYR H 207 -36.95 12.75 -2.45
CA TYR H 207 -37.53 11.59 -3.11
C TYR H 207 -36.54 10.98 -4.09
N ASP H 208 -35.81 11.81 -4.83
CA ASP H 208 -34.85 11.29 -5.80
C ASP H 208 -33.64 10.67 -5.12
N ALA H 209 -33.20 11.28 -4.01
CA ALA H 209 -32.06 10.73 -3.29
C ALA H 209 -32.40 9.42 -2.60
N MET H 210 -33.66 9.25 -2.20
CA MET H 210 -34.06 8.01 -1.56
C MET H 210 -34.14 6.86 -2.55
N MET H 211 -34.71 7.11 -3.74
CA MET H 211 -34.96 6.02 -4.66
C MET H 211 -33.69 5.59 -5.38
N ASN H 212 -32.65 6.43 -5.39
CA ASN H 212 -31.37 5.98 -5.92
C ASN H 212 -30.74 4.94 -4.99
N SER H 213 -30.86 5.16 -3.69
CA SER H 213 -30.21 4.25 -2.75
C SER H 213 -30.98 2.93 -2.63
N ASP H 214 -32.30 2.98 -2.63
CA ASP H 214 -33.07 1.76 -2.42
C ASP H 214 -33.12 0.88 -3.67
N ASN H 215 -32.86 1.44 -4.85
CA ASN H 215 -32.78 0.61 -6.04
C ASN H 215 -31.48 -0.17 -6.09
N THR H 216 -30.37 0.49 -5.74
CA THR H 216 -29.07 -0.17 -5.79
C THR H 216 -28.87 -1.15 -4.65
N GLN H 217 -29.70 -1.09 -3.61
CA GLN H 217 -29.66 -2.15 -2.61
C GLN H 217 -30.29 -3.43 -3.15
N ALA H 218 -31.36 -3.30 -3.91
CA ALA H 218 -32.08 -4.47 -4.38
C ALA H 218 -31.45 -5.05 -5.63
N ASN H 219 -30.53 -4.31 -6.26
CA ASN H 219 -29.84 -4.84 -7.43
C ASN H 219 -28.60 -5.61 -7.03
N ILE H 220 -27.82 -5.07 -6.10
CA ILE H 220 -26.55 -5.69 -5.71
C ILE H 220 -26.82 -6.94 -4.88
N ALA H 221 -27.94 -6.96 -4.16
CA ALA H 221 -28.32 -8.17 -3.45
C ALA H 221 -28.97 -9.19 -4.39
N SER H 222 -29.25 -8.81 -5.64
CA SER H 222 -29.73 -9.79 -6.61
C SER H 222 -28.58 -10.51 -7.30
N LEU H 223 -27.42 -9.84 -7.41
CA LEU H 223 -26.27 -10.46 -8.07
C LEU H 223 -25.64 -11.56 -7.22
N VAL H 224 -25.95 -11.62 -5.93
CA VAL H 224 -25.28 -12.59 -5.08
C VAL H 224 -25.86 -13.98 -5.33
N PHE H 225 -27.12 -14.05 -5.78
CA PHE H 225 -27.68 -15.32 -6.20
C PHE H 225 -27.02 -15.83 -7.47
N GLU H 226 -26.78 -14.94 -8.42
CA GLU H 226 -26.00 -15.28 -9.60
C GLU H 226 -24.53 -14.97 -9.39
N ALA H 227 -23.95 -15.50 -8.33
CA ALA H 227 -22.54 -15.22 -8.07
C ALA H 227 -21.66 -15.98 -9.05
N ASN H 228 -22.02 -17.21 -9.39
CA ASN H 228 -21.38 -17.94 -10.46
C ASN H 228 -22.36 -18.96 -11.00
N VAL H 229 -22.86 -18.72 -12.20
CA VAL H 229 -23.71 -19.65 -12.92
C VAL H 229 -22.85 -20.41 -13.91
N ASP H 230 -23.16 -21.69 -14.11
CA ASP H 230 -22.41 -22.54 -15.02
C ASP H 230 -23.35 -23.26 -15.98
N VAL H 231 -22.86 -23.49 -17.18
CA VAL H 231 -23.64 -24.13 -18.23
C VAL H 231 -22.98 -25.45 -18.60
N ILE H 232 -23.75 -26.32 -19.24
CA ILE H 232 -23.29 -27.63 -19.71
C ILE H 232 -23.85 -27.82 -21.10
N GLY H 233 -22.99 -27.93 -22.10
CA GLY H 233 -23.47 -28.06 -23.46
C GLY H 233 -23.42 -29.48 -23.99
N LEU H 234 -24.59 -30.11 -24.15
CA LEU H 234 -24.65 -31.42 -24.76
C LEU H 234 -24.67 -31.28 -26.29
N PRO H 235 -24.07 -32.24 -27.02
CA PRO H 235 -23.99 -32.12 -28.49
C PRO H 235 -25.32 -32.14 -29.23
N ASP H 236 -26.14 -33.17 -29.03
CA ASP H 236 -27.49 -33.21 -29.61
C ASP H 236 -28.47 -33.16 -28.47
N PHE H 237 -28.78 -31.94 -28.04
CA PHE H 237 -29.71 -31.68 -26.97
C PHE H 237 -31.08 -31.30 -27.49
N MET H 238 -31.17 -31.05 -28.80
CA MET H 238 -32.44 -30.74 -29.44
C MET H 238 -33.36 -31.95 -29.48
N GLU H 239 -32.80 -33.15 -29.39
CA GLU H 239 -33.53 -34.39 -29.67
C GLU H 239 -33.84 -35.19 -28.42
N ASN H 240 -33.03 -35.07 -27.37
CA ASN H 240 -33.40 -35.65 -26.09
C ASN H 240 -34.60 -34.94 -25.48
N MET H 241 -34.69 -33.63 -25.66
CA MET H 241 -35.78 -32.84 -25.10
C MET H 241 -36.96 -32.75 -26.08
N SER H 242 -37.38 -33.88 -26.63
CA SER H 242 -38.42 -33.89 -27.64
C SER H 242 -39.65 -34.66 -27.23
N SER H 243 -39.62 -35.33 -26.08
CA SER H 243 -40.80 -35.98 -25.54
C SER H 243 -40.72 -35.86 -24.03
N GLU H 244 -41.70 -36.45 -23.34
CA GLU H 244 -41.74 -36.43 -21.89
C GLU H 244 -40.97 -37.57 -21.25
N VAL H 245 -41.02 -38.77 -21.82
CA VAL H 245 -40.39 -39.93 -21.21
C VAL H 245 -38.88 -39.90 -21.41
N TYR H 246 -38.45 -39.34 -22.54
CA TYR H 246 -37.02 -39.23 -22.82
C TYR H 246 -36.36 -38.16 -21.96
N ARG H 247 -37.03 -37.02 -21.75
CA ARG H 247 -36.34 -35.91 -21.10
C ARG H 247 -36.31 -36.11 -19.59
N GLN H 248 -37.20 -36.93 -19.04
CA GLN H 248 -37.11 -37.19 -17.61
C GLN H 248 -36.08 -38.27 -17.32
N LYS H 249 -35.71 -39.04 -18.33
CA LYS H 249 -34.58 -39.95 -18.20
C LYS H 249 -33.28 -39.17 -18.09
N LEU H 250 -33.23 -37.99 -18.72
CA LEU H 250 -32.04 -37.15 -18.70
C LEU H 250 -31.98 -36.29 -17.43
N LEU H 251 -33.07 -35.62 -17.10
CA LEU H 251 -33.05 -34.62 -16.03
C LEU H 251 -33.11 -35.26 -14.64
N ASP H 252 -33.53 -36.51 -14.56
CA ASP H 252 -33.46 -37.18 -13.26
C ASP H 252 -32.03 -37.60 -12.96
N ARG H 253 -31.23 -37.87 -13.99
CA ARG H 253 -29.86 -38.29 -13.74
C ARG H 253 -28.96 -37.09 -13.52
N PHE H 254 -29.22 -35.98 -14.20
CA PHE H 254 -28.45 -34.77 -13.95
C PHE H 254 -28.78 -34.12 -12.61
N THR H 255 -29.91 -34.44 -12.01
CA THR H 255 -30.17 -33.97 -10.65
C THR H 255 -29.21 -34.65 -9.69
N LEU H 256 -29.12 -35.97 -9.76
CA LEU H 256 -28.28 -36.71 -8.83
C LEU H 256 -26.80 -36.58 -9.17
N ALA H 257 -26.48 -36.05 -10.34
CA ALA H 257 -25.09 -35.86 -10.73
C ALA H 257 -24.61 -34.44 -10.55
N ALA H 258 -25.50 -33.45 -10.47
CA ALA H 258 -25.10 -32.07 -10.24
C ALA H 258 -25.54 -31.58 -8.87
N ALA H 259 -26.03 -32.47 -8.01
CA ALA H 259 -26.34 -32.07 -6.66
C ALA H 259 -25.10 -32.01 -5.79
N GLY H 260 -24.25 -33.02 -5.87
CA GLY H 260 -23.14 -33.17 -4.96
C GLY H 260 -21.78 -32.80 -5.50
N LYS H 261 -21.69 -32.05 -6.60
CA LYS H 261 -20.40 -31.65 -7.13
C LYS H 261 -19.77 -30.61 -6.22
N GLY H 262 -18.44 -30.57 -6.22
CA GLY H 262 -17.76 -29.70 -5.28
C GLY H 262 -16.39 -30.27 -4.94
N ILE H 263 -16.03 -30.11 -3.66
CA ILE H 263 -14.68 -30.45 -3.23
C ILE H 263 -14.50 -31.96 -3.16
N ASN H 264 -15.50 -32.67 -2.64
CA ASN H 264 -15.36 -34.08 -2.34
C ASN H 264 -15.97 -35.00 -3.38
N LYS H 265 -16.52 -34.46 -4.47
CA LYS H 265 -16.97 -35.28 -5.58
C LYS H 265 -16.50 -34.65 -6.88
N THR H 266 -16.20 -35.48 -7.87
CA THR H 266 -15.72 -35.02 -9.17
C THR H 266 -16.73 -35.43 -10.25
N LEU H 267 -17.07 -34.49 -11.12
CA LEU H 267 -17.98 -34.79 -12.22
C LEU H 267 -17.32 -35.72 -13.23
N MET H 268 -18.13 -36.57 -13.85
CA MET H 268 -17.70 -37.33 -15.01
C MET H 268 -18.52 -36.91 -16.20
N LEU H 269 -17.87 -36.45 -17.25
CA LEU H 269 -18.55 -36.04 -18.45
C LEU H 269 -17.95 -36.75 -19.64
N ASP H 270 -18.66 -36.70 -20.75
CA ASP H 270 -18.10 -37.14 -22.02
C ASP H 270 -17.09 -36.10 -22.50
N ALA H 271 -16.24 -36.50 -23.45
CA ALA H 271 -15.23 -35.58 -23.96
C ALA H 271 -15.80 -34.50 -24.87
N GLU H 272 -17.06 -34.63 -25.29
CA GLU H 272 -17.73 -33.61 -26.09
C GLU H 272 -18.39 -32.54 -25.23
N GLU H 273 -18.85 -32.92 -24.05
CA GLU H 273 -19.61 -32.03 -23.18
C GLU H 273 -18.67 -31.01 -22.54
N VAL H 274 -19.16 -29.77 -22.41
CA VAL H 274 -18.26 -28.63 -22.31
C VAL H 274 -17.98 -28.18 -20.87
N PHE H 275 -19.03 -27.74 -20.16
CA PHE H 275 -18.97 -27.28 -18.77
C PHE H 275 -18.00 -26.09 -18.59
N THR H 276 -18.44 -24.94 -19.08
CA THR H 276 -17.81 -23.68 -18.71
C THR H 276 -18.52 -23.07 -17.50
N ALA H 277 -17.86 -22.09 -16.89
CA ALA H 277 -18.35 -21.46 -15.67
C ALA H 277 -18.14 -19.97 -15.74
N HIS H 278 -19.22 -19.21 -15.53
CA HIS H 278 -19.23 -17.76 -15.72
C HIS H 278 -19.33 -17.04 -14.39
N SER H 279 -18.23 -16.41 -13.98
CA SER H 279 -18.17 -15.77 -12.67
C SER H 279 -18.36 -14.27 -12.84
N ARG H 280 -19.30 -13.70 -12.10
CA ARG H 280 -19.56 -12.27 -12.22
C ARG H 280 -18.55 -11.49 -11.39
N SER H 281 -18.61 -10.17 -11.48
CA SER H 281 -17.61 -9.32 -10.87
C SER H 281 -18.26 -8.40 -9.84
N PHE H 282 -17.67 -8.36 -8.65
CA PHE H 282 -18.14 -7.52 -7.55
C PHE H 282 -17.09 -6.49 -7.18
N ALA H 283 -16.39 -5.94 -8.16
CA ALA H 283 -15.36 -4.94 -7.91
C ALA H 283 -16.00 -3.59 -7.72
N ASN H 284 -15.57 -2.88 -6.66
CA ASN H 284 -15.97 -1.52 -6.30
C ASN H 284 -17.46 -1.32 -6.04
N LEU H 285 -18.23 -2.39 -5.94
CA LEU H 285 -19.67 -2.28 -5.64
C LEU H 285 -19.96 -2.11 -4.20
N ASP H 286 -18.99 -1.76 -3.37
CA ASP H 286 -19.22 -1.49 -1.97
C ASP H 286 -18.85 -0.09 -1.58
N LYS H 287 -18.04 0.59 -2.37
CA LYS H 287 -17.89 2.02 -2.24
C LYS H 287 -19.00 2.77 -2.96
N ILE H 288 -19.72 2.09 -3.86
CA ILE H 288 -20.90 2.69 -4.46
C ILE H 288 -22.06 2.70 -3.48
N MET H 289 -22.21 1.61 -2.71
CA MET H 289 -23.30 1.49 -1.76
C MET H 289 -23.21 2.50 -0.63
N GLU H 290 -22.00 2.97 -0.32
CA GLU H 290 -21.85 3.90 0.79
C GLU H 290 -21.87 5.35 0.32
N GLN H 291 -21.65 5.60 -0.97
CA GLN H 291 -21.76 6.97 -1.46
C GLN H 291 -23.21 7.37 -1.71
N PHE H 292 -24.15 6.42 -1.76
CA PHE H 292 -25.54 6.79 -1.91
C PHE H 292 -26.23 7.06 -0.57
N ILE H 293 -25.77 6.46 0.52
CA ILE H 293 -26.36 6.81 1.81
C ILE H 293 -25.77 8.09 2.38
N LEU H 294 -24.63 8.56 1.85
CA LEU H 294 -24.20 9.93 2.09
C LEU H 294 -25.24 10.92 1.59
N PHE H 295 -25.72 10.71 0.37
CA PHE H 295 -26.56 11.69 -0.27
C PHE H 295 -27.99 11.64 0.26
N VAL H 296 -28.37 10.55 0.92
CA VAL H 296 -29.63 10.52 1.65
C VAL H 296 -29.48 11.25 2.97
N ALA H 297 -28.39 10.98 3.69
CA ALA H 297 -28.15 11.62 4.98
C ALA H 297 -27.90 13.12 4.82
N GLY H 298 -27.31 13.52 3.70
CA GLY H 298 -27.18 14.94 3.42
C GLY H 298 -28.52 15.57 3.07
N ALA H 299 -29.39 14.81 2.41
CA ALA H 299 -30.70 15.33 2.05
C ALA H 299 -31.59 15.47 3.27
N ALA H 300 -31.50 14.53 4.21
CA ALA H 300 -32.24 14.63 5.46
C ALA H 300 -31.60 15.61 6.43
N ASP H 301 -30.39 16.09 6.12
CA ASP H 301 -29.57 16.95 6.98
C ASP H 301 -29.36 16.31 8.35
N ILE H 302 -28.98 15.03 8.34
CA ILE H 302 -28.59 14.30 9.53
C ILE H 302 -27.22 13.70 9.24
N PRO H 303 -26.23 13.85 10.13
CA PRO H 303 -24.94 13.21 9.89
C PRO H 303 -25.03 11.70 10.05
N LEU H 304 -24.07 10.98 9.49
CA LEU H 304 -24.10 9.53 9.59
C LEU H 304 -23.66 8.99 10.95
N THR H 305 -23.41 9.85 11.93
CA THR H 305 -23.25 9.36 13.28
C THR H 305 -24.57 9.30 14.04
N ARG H 306 -25.65 9.81 13.45
CA ARG H 306 -27.00 9.64 13.99
C ARG H 306 -27.89 8.87 13.02
N PHE H 307 -27.95 9.29 11.76
CA PHE H 307 -28.47 8.45 10.69
C PHE H 307 -27.55 7.25 10.55
N LEU H 308 -28.14 6.07 10.30
CA LEU H 308 -27.42 4.79 10.17
C LEU H 308 -26.64 4.44 11.45
N GLY H 309 -27.13 4.91 12.60
CA GLY H 309 -26.51 4.74 13.90
C GLY H 309 -25.11 5.33 13.96
N GLN H 310 -24.27 4.74 14.80
CA GLN H 310 -22.84 5.02 14.76
C GLN H 310 -22.22 4.11 13.72
N SER H 311 -22.05 4.62 12.52
CA SER H 311 -21.55 3.83 11.41
C SER H 311 -20.03 3.81 11.44
N PRO H 312 -19.39 2.68 11.13
CA PRO H 312 -17.92 2.66 11.06
C PRO H 312 -17.36 3.48 9.92
N ALA H 313 -18.16 3.78 8.90
CA ALA H 313 -17.72 4.64 7.80
C ALA H 313 -17.99 6.11 8.09
N GLY H 314 -17.58 6.56 9.26
CA GLY H 314 -17.52 7.97 9.59
C GLY H 314 -16.12 8.34 10.00
N MET H 315 -15.43 9.14 9.19
CA MET H 315 -14.03 9.49 9.45
C MET H 315 -13.86 11.01 9.41
N SER H 316 -14.84 11.74 9.93
CA SER H 316 -14.65 13.16 10.22
C SER H 316 -15.33 13.56 11.52
N SER H 317 -15.58 12.60 12.41
CA SER H 317 -16.11 12.86 13.73
C SER H 317 -14.94 12.97 14.69
N THR H 318 -14.27 14.12 14.66
CA THR H 318 -13.18 14.37 15.59
C THR H 318 -13.74 14.62 16.99
N GLY H 319 -12.98 14.18 18.00
CA GLY H 319 -13.51 13.95 19.34
C GLY H 319 -13.96 15.14 20.18
N GLN H 320 -14.12 16.31 19.58
CA GLN H 320 -14.65 17.48 20.26
C GLN H 320 -15.84 18.09 19.54
N HIS H 321 -15.93 17.90 18.23
CA HIS H 321 -16.95 18.53 17.39
C HIS H 321 -17.70 17.49 16.59
N ASP H 322 -18.14 16.43 17.29
CA ASP H 322 -18.82 15.30 16.63
C ASP H 322 -20.14 15.72 16.00
N MET H 323 -21.10 16.16 16.81
CA MET H 323 -22.45 16.44 16.37
C MET H 323 -22.87 17.84 16.78
N LYS H 324 -21.93 18.78 16.77
CA LYS H 324 -22.28 20.14 17.13
C LYS H 324 -23.06 20.86 16.03
N ASN H 325 -23.03 20.34 14.81
CA ASN H 325 -23.87 20.90 13.75
C ASN H 325 -25.29 20.40 13.86
N TYR H 326 -25.48 19.20 14.41
CA TYR H 326 -26.81 18.62 14.48
C TYR H 326 -27.62 19.25 15.60
N HIS H 327 -26.95 19.71 16.66
CA HIS H 327 -27.67 20.41 17.71
C HIS H 327 -27.86 21.87 17.36
N ASP H 328 -27.14 22.37 16.35
CA ASP H 328 -27.41 23.72 15.86
C ASP H 328 -28.61 23.74 14.93
N ARG H 329 -29.00 22.57 14.41
CA ARG H 329 -30.18 22.49 13.55
C ARG H 329 -31.45 22.33 14.38
N ILE H 330 -31.34 21.64 15.53
CA ILE H 330 -32.51 21.42 16.37
C ILE H 330 -32.88 22.70 17.12
N GLN H 331 -31.89 23.46 17.55
CA GLN H 331 -32.17 24.75 18.18
C GLN H 331 -32.71 25.78 17.20
N SER H 332 -32.61 25.53 15.89
CA SER H 332 -33.29 26.34 14.89
C SER H 332 -34.69 25.84 14.59
N ILE H 333 -35.12 24.73 15.20
CA ILE H 333 -36.52 24.36 15.18
C ILE H 333 -37.21 24.82 16.46
N GLN H 334 -36.51 24.71 17.58
CA GLN H 334 -37.06 25.09 18.87
C GLN H 334 -37.29 26.59 19.00
N THR H 335 -36.62 27.41 18.19
CA THR H 335 -36.79 28.85 18.28
C THR H 335 -37.32 29.46 17.00
N LEU H 336 -37.67 28.66 16.00
CA LEU H 336 -38.23 29.21 14.77
C LEU H 336 -39.47 28.49 14.27
N ASP H 337 -39.80 27.30 14.76
CA ASP H 337 -41.01 26.59 14.38
C ASP H 337 -41.90 26.22 15.56
N LEU H 338 -41.34 26.07 16.75
CA LEU H 338 -42.13 25.74 17.93
C LEU H 338 -42.29 26.91 18.87
N GLN H 339 -41.37 27.87 18.82
CA GLN H 339 -41.49 29.06 19.67
C GLN H 339 -42.53 30.06 19.17
N PRO H 340 -42.61 30.44 17.87
CA PRO H 340 -43.65 31.43 17.52
C PRO H 340 -45.05 30.87 17.49
N SER H 341 -45.24 29.63 17.03
CA SER H 341 -46.58 29.10 16.84
C SER H 341 -47.29 28.78 18.15
N MET H 342 -46.54 28.71 19.25
CA MET H 342 -47.10 28.51 20.57
C MET H 342 -47.23 29.83 21.32
N TYR H 343 -47.64 30.89 20.62
CA TYR H 343 -47.81 32.20 21.27
C TYR H 343 -49.20 32.37 21.87
N ARG H 344 -50.21 31.66 21.37
CA ARG H 344 -51.51 31.70 22.04
C ARG H 344 -51.56 30.67 23.17
N LEU H 345 -50.77 29.60 23.04
CA LEU H 345 -50.32 28.88 24.22
C LEU H 345 -49.20 29.65 24.88
N ASP H 346 -48.72 29.13 26.01
CA ASP H 346 -47.50 29.56 26.72
C ASP H 346 -47.61 30.96 27.34
N GLU H 347 -48.67 31.69 27.02
CA GLU H 347 -49.18 32.80 27.79
C GLU H 347 -50.56 32.51 28.33
N ALA H 348 -51.22 31.48 27.82
CA ALA H 348 -52.47 30.98 28.37
C ALA H 348 -52.25 29.93 29.45
N ILE H 349 -51.15 29.19 29.39
CA ILE H 349 -50.88 28.17 30.38
C ILE H 349 -50.18 28.74 31.60
N ILE H 350 -49.47 29.87 31.44
CA ILE H 350 -48.97 30.59 32.60
C ILE H 350 -50.06 31.48 33.14
N ARG H 351 -51.11 31.71 32.36
CA ARG H 351 -52.32 32.34 32.84
C ARG H 351 -53.12 31.40 33.72
N SER H 352 -53.00 30.09 33.53
CA SER H 352 -53.72 29.10 34.31
C SER H 352 -53.04 28.76 35.63
N SER H 353 -52.17 29.63 36.13
CA SER H 353 -51.67 29.53 37.50
C SER H 353 -52.57 30.36 38.42
N LEU H 354 -53.82 29.88 38.54
CA LEU H 354 -54.90 30.50 39.30
C LEU H 354 -55.20 31.92 38.84
N GLY H 355 -55.16 32.13 37.52
CA GLY H 355 -55.56 33.40 36.93
C GLY H 355 -54.49 34.46 36.86
N ALA H 356 -53.47 34.38 37.69
CA ALA H 356 -52.47 35.45 37.82
C ALA H 356 -51.30 35.15 36.91
N ARG H 357 -50.89 36.15 36.14
CA ARG H 357 -49.76 36.01 35.22
C ARG H 357 -48.73 37.09 35.48
N PRO H 358 -47.51 36.72 35.86
CA PRO H 358 -46.45 37.74 36.00
C PRO H 358 -45.96 38.25 34.66
N GLU H 359 -45.01 39.19 34.69
CA GLU H 359 -44.39 39.68 33.47
C GLU H 359 -42.99 39.13 33.25
N GLU H 360 -42.16 39.06 34.29
CA GLU H 360 -40.81 38.54 34.17
C GLU H 360 -40.76 37.04 34.41
N LEU H 361 -41.64 36.32 33.71
CA LEU H 361 -41.71 34.86 33.76
C LEU H 361 -41.48 34.36 32.34
N PHE H 362 -40.47 33.53 32.16
CA PHE H 362 -40.12 33.03 30.83
C PHE H 362 -39.49 31.65 30.99
N TYR H 363 -38.93 31.15 29.90
CA TYR H 363 -38.25 29.86 29.93
C TYR H 363 -37.13 29.88 28.89
N ILE H 364 -36.24 28.91 29.03
CA ILE H 364 -35.25 28.58 28.01
C ILE H 364 -35.44 27.12 27.66
N TRP H 365 -34.85 26.73 26.54
CA TRP H 365 -34.88 25.34 26.11
C TRP H 365 -33.72 24.59 26.75
N SER H 366 -33.96 23.34 27.09
CA SER H 366 -32.98 22.53 27.77
C SER H 366 -31.81 22.21 26.83
N PRO H 367 -30.59 22.06 27.37
CA PRO H 367 -29.47 21.67 26.52
C PRO H 367 -29.61 20.24 26.02
N LEU H 368 -29.04 19.99 24.84
CA LEU H 368 -29.28 18.78 24.09
C LEU H 368 -28.20 17.72 24.26
N GLU H 369 -26.97 18.11 24.58
CA GLU H 369 -25.89 17.15 24.71
C GLU H 369 -26.06 16.35 26.00
N GLN H 370 -26.13 15.03 25.87
CA GLN H 370 -26.05 14.16 27.03
C GLN H 370 -24.67 14.27 27.66
N MET H 371 -24.62 14.34 28.98
CA MET H 371 -23.36 14.43 29.68
C MET H 371 -23.15 13.15 30.48
N SER H 372 -21.89 12.77 30.65
CA SER H 372 -21.56 11.57 31.39
C SER H 372 -21.78 11.79 32.89
N GLU H 373 -21.77 10.70 33.64
CA GLU H 373 -22.00 10.82 35.08
C GLU H 373 -20.79 11.40 35.79
N LYS H 374 -19.59 11.11 35.30
CA LYS H 374 -18.40 11.73 35.89
C LYS H 374 -18.28 13.17 35.45
N GLU H 375 -18.78 13.50 34.26
CA GLU H 375 -18.73 14.89 33.82
C GLU H 375 -19.74 15.75 34.56
N ARG H 376 -20.86 15.17 34.99
CA ARG H 376 -21.81 15.97 35.77
C ARG H 376 -21.32 16.18 37.19
N ALA H 377 -20.42 15.32 37.68
CA ALA H 377 -19.77 15.59 38.95
C ALA H 377 -18.74 16.70 38.81
N GLU H 378 -18.08 16.77 37.67
CA GLU H 378 -17.05 17.79 37.46
C GLU H 378 -17.65 19.14 37.12
N ILE H 379 -18.87 19.14 36.57
CA ILE H 379 -19.58 20.39 36.34
C ILE H 379 -20.05 20.98 37.67
N GLY H 380 -20.58 20.13 38.55
CA GLY H 380 -21.08 20.62 39.83
C GLY H 380 -19.98 21.05 40.78
N LYS H 381 -18.76 20.56 40.56
CA LYS H 381 -17.64 20.99 41.37
C LYS H 381 -17.19 22.38 40.97
N LEU H 382 -17.48 22.80 39.75
CA LEU H 382 -17.07 24.13 39.31
C LEU H 382 -18.13 25.18 39.65
N HIS H 383 -19.41 24.81 39.66
CA HIS H 383 -20.45 25.78 39.99
C HIS H 383 -20.37 26.18 41.45
N ALA H 384 -19.93 25.27 42.32
CA ALA H 384 -19.71 25.63 43.71
C ALA H 384 -18.52 26.56 43.87
N GLU H 385 -17.61 26.59 42.89
CA GLU H 385 -16.40 27.38 43.00
C GLU H 385 -16.48 28.74 42.31
N THR H 386 -17.48 28.96 41.46
CA THR H 386 -17.74 30.32 41.00
C THR H 386 -18.43 31.12 42.10
N VAL H 387 -19.24 30.45 42.91
CA VAL H 387 -19.94 31.10 44.01
C VAL H 387 -18.96 31.53 45.08
N ASN H 388 -17.96 30.70 45.35
CA ASN H 388 -16.96 31.01 46.38
C ASN H 388 -16.12 32.22 46.00
N VAL H 389 -15.99 32.49 44.70
CA VAL H 389 -15.23 33.66 44.28
C VAL H 389 -16.14 34.89 44.20
N ILE H 390 -17.39 34.70 43.79
CA ILE H 390 -18.32 35.82 43.71
C ILE H 390 -18.75 36.27 45.10
N ALA H 391 -19.03 35.33 46.01
CA ALA H 391 -19.42 35.72 47.36
C ALA H 391 -18.25 36.24 48.16
N GLY H 392 -17.01 35.94 47.75
CA GLY H 392 -15.86 36.43 48.48
C GLY H 392 -15.62 37.92 48.28
N THR H 393 -16.01 38.43 47.11
CA THR H 393 -15.97 39.86 46.85
C THR H 393 -17.33 40.45 47.19
N GLY H 394 -17.34 41.65 47.75
CA GLY H 394 -18.63 42.20 48.10
C GLY H 394 -19.25 42.91 46.91
N LEU H 395 -20.10 42.19 46.18
CA LEU H 395 -20.87 42.80 45.10
C LEU H 395 -22.32 42.37 45.07
N PHE H 396 -22.71 41.32 45.79
CA PHE H 396 -24.09 40.89 45.83
C PHE H 396 -24.47 40.57 47.27
N MET H 397 -25.76 40.63 47.55
CA MET H 397 -26.26 40.23 48.87
C MET H 397 -26.09 38.74 49.05
N GLN H 398 -25.74 38.34 50.28
CA GLN H 398 -25.74 36.91 50.58
C GLN H 398 -27.14 36.40 50.82
N GLU H 399 -28.10 37.29 51.09
CA GLU H 399 -29.51 36.96 50.98
C GLU H 399 -29.89 36.65 49.54
N GLU H 400 -29.21 37.29 48.60
CA GLU H 400 -29.60 37.17 47.20
C GLU H 400 -29.06 35.89 46.57
N LEU H 401 -27.84 35.49 46.92
CA LEU H 401 -27.19 34.36 46.27
C LEU H 401 -27.83 33.04 46.67
N ARG H 402 -28.64 33.04 47.72
CA ARG H 402 -29.34 31.82 48.11
C ARG H 402 -30.42 31.47 47.08
N GLU H 403 -31.04 32.48 46.46
CA GLU H 403 -32.02 32.23 45.41
C GLU H 403 -31.40 31.83 44.10
N VAL H 404 -30.38 32.55 43.63
CA VAL H 404 -29.83 32.34 42.30
C VAL H 404 -29.05 31.03 42.22
N PHE H 405 -28.14 30.80 43.17
CA PHE H 405 -27.41 29.54 43.17
C PHE H 405 -28.29 28.40 43.63
N GLY H 406 -29.35 28.70 44.40
CA GLY H 406 -30.32 27.69 44.71
C GLY H 406 -31.16 27.28 43.51
N ASN H 407 -31.32 28.17 42.54
CA ASN H 407 -32.18 27.87 41.40
C ASN H 407 -31.40 27.19 40.28
N GLN H 408 -30.12 27.56 40.13
CA GLN H 408 -29.27 26.98 39.10
C GLN H 408 -28.85 25.56 39.44
N LEU H 409 -28.86 25.22 40.72
CA LEU H 409 -28.40 23.92 41.20
C LEU H 409 -29.53 22.89 41.29
N VAL H 410 -30.77 23.30 41.02
CA VAL H 410 -31.88 22.36 40.92
C VAL H 410 -32.10 21.91 39.49
N GLU H 411 -32.03 22.83 38.52
CA GLU H 411 -32.22 22.46 37.12
C GLU H 411 -31.01 21.74 36.55
N THR H 412 -29.86 21.78 37.21
CA THR H 412 -28.75 20.91 36.86
C THR H 412 -29.05 19.46 37.18
N GLY H 413 -29.90 19.20 38.17
CA GLY H 413 -30.19 17.83 38.57
C GLY H 413 -29.19 17.25 39.53
N LEU H 414 -28.31 18.08 40.10
CA LEU H 414 -27.31 17.56 41.02
C LEU H 414 -27.93 17.28 42.39
N TYR H 415 -28.64 18.25 42.95
CA TYR H 415 -29.33 18.11 44.24
C TYR H 415 -30.83 18.31 43.99
N PRO H 416 -31.53 17.30 43.49
CA PRO H 416 -32.90 17.53 43.00
C PRO H 416 -33.92 17.68 44.12
N GLY H 417 -33.75 16.98 45.23
CA GLY H 417 -34.66 17.14 46.35
C GLY H 417 -34.31 18.34 47.19
N LEU H 418 -34.45 19.54 46.63
CA LEU H 418 -34.08 20.77 47.31
C LEU H 418 -35.34 21.64 47.38
N GLY H 419 -36.16 21.38 48.40
CA GLY H 419 -37.30 22.23 48.71
C GLY H 419 -36.94 23.19 49.82
N ASP H 420 -36.56 24.40 49.45
CA ASP H 420 -36.16 25.43 50.40
C ASP H 420 -37.18 26.53 50.56
N LEU H 421 -38.05 26.72 49.59
CA LEU H 421 -39.06 27.76 49.66
C LEU H 421 -40.25 27.27 50.47
N LEU H 422 -40.60 28.05 51.50
CA LEU H 422 -41.76 27.92 52.40
C LEU H 422 -41.61 26.78 53.40
N ALA H 423 -40.58 25.94 53.23
CA ALA H 423 -40.31 24.86 54.17
C ALA H 423 -39.09 25.16 55.03
N GLN H 424 -38.02 25.63 54.41
CA GLN H 424 -36.77 25.90 55.10
C GLN H 424 -36.66 27.40 55.42
N ASN H 425 -37.71 27.87 56.12
CA ASN H 425 -37.95 29.29 56.41
C ASN H 425 -37.99 30.15 55.15
N GLY H 426 -38.38 29.53 54.03
CA GLY H 426 -38.39 30.21 52.75
C GLY H 426 -37.00 30.63 52.33
N ASN H 427 -36.83 31.92 52.08
CA ASN H 427 -35.52 32.54 51.91
C ASN H 427 -35.33 33.48 53.09
N GLU H 428 -34.89 32.93 54.22
CA GLU H 428 -34.41 33.67 55.38
C GLU H 428 -33.74 32.69 56.33
N LEU H 429 -32.56 33.07 56.81
CA LEU H 429 -31.87 32.40 57.90
C LEU H 429 -31.75 33.38 59.05
N PRO H 430 -31.54 32.91 60.28
CA PRO H 430 -31.28 33.86 61.37
C PRO H 430 -29.95 34.57 61.24
N GLU H 431 -29.02 34.01 60.47
CA GLU H 431 -27.65 34.47 60.49
C GLU H 431 -27.30 35.46 59.39
N TRP H 432 -28.27 36.02 58.66
CA TRP H 432 -27.86 36.97 57.63
C TRP H 432 -27.58 38.34 58.23
N ASP H 433 -28.61 38.98 58.77
CA ASP H 433 -28.53 40.36 59.23
C ASP H 433 -28.36 40.45 60.74
N LEU H 434 -28.86 39.46 61.47
CA LEU H 434 -28.78 39.46 62.92
C LEU H 434 -27.54 38.71 63.42
N GLU H 435 -26.56 38.51 62.54
CA GLU H 435 -25.29 37.92 62.90
C GLU H 435 -24.13 38.75 62.38
N GLN H 436 -24.37 39.65 61.43
CA GLN H 436 -23.36 40.56 60.91
C GLN H 436 -23.24 41.83 61.76
N ARG H 437 -23.60 41.75 63.06
CA ARG H 437 -23.35 42.84 63.98
C ARG H 437 -21.86 43.09 64.16
N SER H 438 -21.05 42.03 64.05
CA SER H 438 -19.61 42.16 64.29
C SER H 438 -18.91 42.98 63.21
N ALA H 439 -19.49 43.03 62.01
CA ALA H 439 -19.02 43.98 61.01
C ALA H 439 -19.57 45.38 61.28
N GLU H 440 -20.76 45.47 61.86
CA GLU H 440 -21.35 46.75 62.24
C GLU H 440 -20.86 47.24 63.59
N ALA H 441 -20.18 46.39 64.36
CA ALA H 441 -19.61 46.78 65.65
C ALA H 441 -18.27 47.47 65.51
N SER H 442 -17.37 46.94 64.70
CA SER H 442 -16.02 47.49 64.59
C SER H 442 -15.97 48.77 63.78
N THR H 443 -16.97 49.01 62.93
CA THR H 443 -17.09 50.33 62.30
C THR H 443 -17.61 51.37 63.28
N LYS H 444 -18.32 50.95 64.33
CA LYS H 444 -18.68 51.88 65.39
C LYS H 444 -17.49 52.15 66.29
N THR H 445 -16.49 51.28 66.26
CA THR H 445 -15.26 51.44 67.02
C THR H 445 -14.13 51.92 66.12
N ALA H 446 -14.45 52.27 64.87
CA ALA H 446 -13.42 52.54 63.88
C ALA H 446 -12.76 53.89 64.11
N GLU H 447 -13.52 54.98 64.04
CA GLU H 447 -12.98 56.30 64.30
C GLU H 447 -13.37 56.84 65.67
N ALA H 448 -14.32 56.22 66.36
CA ALA H 448 -14.70 56.68 67.69
C ALA H 448 -13.59 56.42 68.69
N ALA H 449 -12.99 55.23 68.62
CA ALA H 449 -11.93 54.83 69.55
C ALA H 449 -10.55 54.97 68.94
N ALA H 450 -10.41 55.76 67.88
CA ALA H 450 -9.11 56.00 67.26
C ALA H 450 -8.57 57.39 67.54
N LEU H 451 -9.42 58.39 67.73
CA LEU H 451 -8.96 59.71 68.11
C LEU H 451 -9.66 60.13 69.40
N SER I 10 -37.59 15.91 -10.18
CA SER I 10 -36.98 14.84 -10.96
C SER I 10 -36.39 15.38 -12.24
N LEU I 11 -35.38 14.70 -12.76
CA LEU I 11 -34.76 15.07 -14.01
C LEU I 11 -35.39 14.31 -15.16
N ARG I 12 -35.33 14.91 -16.34
CA ARG I 12 -35.76 14.26 -17.57
C ARG I 12 -35.13 14.98 -18.75
N SER I 13 -34.39 14.26 -19.57
CA SER I 13 -33.72 14.84 -20.72
C SER I 13 -34.45 14.42 -21.99
N MET I 14 -34.48 15.31 -22.99
CA MET I 14 -35.20 14.99 -24.21
C MET I 14 -34.44 14.02 -25.10
N ILE I 15 -33.12 14.12 -25.16
CA ILE I 15 -32.29 13.08 -25.75
C ILE I 15 -31.75 12.24 -24.60
N SER I 16 -31.32 11.03 -24.94
CA SER I 16 -30.67 10.05 -24.05
C SER I 16 -31.56 9.50 -22.93
N GLY I 17 -32.82 9.93 -22.85
CA GLY I 17 -33.85 9.36 -21.99
C GLY I 17 -33.54 9.21 -20.51
N LEU I 18 -33.12 10.29 -19.86
CA LEU I 18 -32.55 10.16 -18.52
C LEU I 18 -33.62 10.00 -17.45
N GLY I 19 -34.86 10.40 -17.73
CA GLY I 19 -35.88 10.27 -16.72
C GLY I 19 -37.16 9.66 -17.25
N ASP I 20 -37.07 8.96 -18.36
CA ASP I 20 -38.24 8.42 -19.03
C ASP I 20 -38.70 7.15 -18.32
N PRO I 21 -39.94 7.09 -17.83
CA PRO I 21 -40.42 5.89 -17.13
C PRO I 21 -40.72 4.70 -18.03
N LEU I 22 -40.44 4.78 -19.32
CA LEU I 22 -40.53 3.63 -20.21
C LEU I 22 -39.18 3.07 -20.59
N ARG I 23 -38.20 3.94 -20.83
CA ARG I 23 -36.89 3.49 -21.27
C ARG I 23 -35.92 3.32 -20.11
N ASP I 24 -35.67 4.38 -19.35
CA ASP I 24 -34.79 4.31 -18.19
C ASP I 24 -35.54 3.66 -17.04
N LYS I 25 -34.83 2.86 -16.26
CA LYS I 25 -35.42 2.20 -15.11
C LYS I 25 -34.69 2.51 -13.81
N ASN I 26 -33.99 3.64 -13.75
CA ASN I 26 -33.19 3.99 -12.57
C ASN I 26 -34.05 4.19 -11.34
N ALA I 27 -34.86 5.21 -11.35
CA ALA I 27 -35.88 5.42 -10.34
C ALA I 27 -37.17 5.81 -11.00
N SER I 28 -37.16 5.96 -12.32
CA SER I 28 -38.33 6.35 -13.08
C SER I 28 -39.40 5.27 -13.13
N THR I 29 -39.04 4.01 -12.85
CA THR I 29 -40.03 2.96 -12.92
C THR I 29 -40.26 2.34 -11.55
N PHE I 30 -40.38 3.13 -10.50
CA PHE I 30 -40.46 2.55 -9.17
C PHE I 30 -41.56 3.15 -8.33
N HIS I 31 -42.09 2.30 -7.46
CA HIS I 31 -43.16 2.64 -6.56
C HIS I 31 -43.03 1.73 -5.34
N TRP I 32 -44.07 1.71 -4.51
CA TRP I 32 -44.09 0.87 -3.33
C TRP I 32 -45.47 0.24 -3.25
N ASP I 33 -45.49 -1.05 -2.94
CA ASP I 33 -46.74 -1.72 -2.60
C ASP I 33 -46.68 -2.08 -1.12
N ARG I 34 -47.84 -2.01 -0.47
CA ARG I 34 -47.95 -2.32 0.95
C ARG I 34 -47.67 -3.80 1.16
N GLN I 35 -47.21 -4.15 2.36
CA GLN I 35 -46.94 -5.54 2.62
C GLN I 35 -47.51 -5.93 3.98
N LEU I 36 -47.98 -7.17 4.09
CA LEU I 36 -48.71 -7.61 5.26
C LEU I 36 -48.20 -8.98 5.68
N ASP I 37 -48.35 -9.28 6.97
CA ASP I 37 -47.79 -10.47 7.58
C ASP I 37 -48.43 -10.70 8.94
N ASP I 38 -48.90 -11.93 9.17
CA ASP I 38 -49.60 -12.24 10.41
C ASP I 38 -49.05 -13.48 11.11
N ARG I 39 -48.61 -14.47 10.34
CA ARG I 39 -48.06 -15.71 10.87
C ARG I 39 -46.55 -15.75 10.87
N GLN I 40 -45.91 -15.24 9.82
CA GLN I 40 -44.46 -15.27 9.73
C GLN I 40 -43.78 -14.27 10.66
N LEU I 41 -44.55 -13.43 11.37
CA LEU I 41 -43.98 -12.69 12.49
C LEU I 41 -43.53 -13.65 13.58
N LEU I 42 -44.25 -14.76 13.76
CA LEU I 42 -43.83 -15.75 14.73
C LEU I 42 -42.64 -16.55 14.22
N TYR I 43 -42.62 -16.86 12.92
CA TYR I 43 -41.54 -17.66 12.37
C TYR I 43 -40.23 -16.88 12.34
N ALA I 44 -40.29 -15.58 12.05
CA ALA I 44 -39.08 -14.79 11.91
C ALA I 44 -38.50 -14.44 13.28
N TYR I 45 -39.36 -14.19 14.27
CA TYR I 45 -38.87 -13.88 15.60
C TYR I 45 -38.22 -15.09 16.25
N ARG I 46 -38.74 -16.27 15.97
CA ARG I 46 -38.28 -17.46 16.64
C ARG I 46 -37.07 -18.10 15.97
N ASN I 47 -36.90 -17.91 14.66
CA ASN I 47 -35.90 -18.65 13.91
C ASN I 47 -34.83 -17.77 13.27
N SER I 48 -34.75 -16.50 13.65
CA SER I 48 -33.75 -15.60 13.07
C SER I 48 -33.20 -14.71 14.17
N TRP I 49 -31.88 -14.69 14.32
CA TRP I 49 -31.28 -13.86 15.36
C TRP I 49 -31.33 -12.38 14.99
N VAL I 50 -31.49 -12.08 13.70
CA VAL I 50 -31.59 -10.69 13.25
C VAL I 50 -32.89 -10.09 13.72
N ALA I 51 -33.98 -10.86 13.60
CA ALA I 51 -35.30 -10.32 13.91
C ALA I 51 -35.56 -10.30 15.40
N ARG I 52 -34.99 -11.26 16.14
CA ARG I 52 -35.22 -11.30 17.58
C ARG I 52 -34.41 -10.21 18.29
N LYS I 53 -33.26 -9.84 17.74
CA LYS I 53 -32.43 -8.82 18.37
C LYS I 53 -33.02 -7.43 18.16
N ALA I 54 -33.68 -7.20 17.03
CA ALA I 54 -34.27 -5.90 16.77
C ALA I 54 -35.54 -5.67 17.57
N VAL I 55 -36.13 -6.72 18.12
CA VAL I 55 -37.32 -6.59 18.94
C VAL I 55 -36.96 -6.40 20.40
N THR I 56 -36.10 -7.26 20.93
CA THR I 56 -35.90 -7.35 22.37
C THR I 56 -35.00 -6.25 22.90
N ILE I 57 -33.83 -6.03 22.26
CA ILE I 57 -32.77 -5.24 22.91
C ILE I 57 -33.08 -3.75 23.03
N PRO I 58 -33.62 -3.04 22.03
CA PRO I 58 -34.01 -1.65 22.30
C PRO I 58 -35.18 -1.47 23.25
N ALA I 59 -35.87 -2.55 23.62
CA ALA I 59 -36.87 -2.50 24.68
C ALA I 59 -36.37 -3.06 25.98
N LEU I 60 -35.24 -3.77 25.97
CA LEU I 60 -34.71 -4.36 27.18
C LEU I 60 -33.79 -3.39 27.91
N ASP I 61 -33.16 -2.48 27.16
CA ASP I 61 -32.25 -1.52 27.75
C ASP I 61 -32.95 -0.30 28.31
N ALA I 62 -34.29 -0.26 28.26
CA ALA I 62 -35.03 0.85 28.81
C ALA I 62 -35.52 0.61 30.21
N VAL I 63 -35.42 -0.63 30.72
CA VAL I 63 -35.86 -0.95 32.05
C VAL I 63 -34.78 -1.67 32.83
N ARG I 64 -33.52 -1.49 32.41
CA ARG I 64 -32.42 -2.09 33.16
C ARG I 64 -32.22 -1.39 34.50
N LYS I 65 -32.02 -0.08 34.46
CA LYS I 65 -31.95 0.75 35.67
C LYS I 65 -33.00 1.84 35.54
N TRP I 66 -33.68 2.14 36.65
CA TRP I 66 -34.97 2.81 36.51
C TRP I 66 -35.44 3.33 37.86
N ARG I 67 -35.93 4.59 37.84
CA ARG I 67 -36.88 5.14 38.80
C ARG I 67 -36.34 5.11 40.25
N ASP I 68 -35.40 5.99 40.50
CA ASP I 68 -35.05 6.34 41.88
C ASP I 68 -35.97 7.47 42.36
N TRP I 69 -36.70 7.23 43.43
CA TRP I 69 -37.67 8.20 43.92
C TRP I 69 -36.96 9.32 44.68
N GLN I 70 -37.75 10.23 45.25
CA GLN I 70 -37.19 11.46 45.81
C GLN I 70 -37.36 11.60 47.31
N ALA I 71 -38.58 11.56 47.82
CA ALA I 71 -38.79 11.86 49.24
C ALA I 71 -38.42 10.66 50.10
N ASP I 72 -37.78 10.94 51.24
CA ASP I 72 -37.52 9.90 52.22
C ASP I 72 -38.07 10.34 53.57
N GLN I 73 -39.22 9.79 53.93
CA GLN I 73 -39.77 9.80 55.28
C GLN I 73 -40.03 8.35 55.69
N LYS I 74 -38.98 7.53 55.49
CA LYS I 74 -38.98 6.07 55.56
C LYS I 74 -39.93 5.47 54.51
N ASP I 75 -40.26 6.23 53.47
CA ASP I 75 -41.31 5.89 52.54
C ASP I 75 -40.81 5.49 51.16
N ILE I 76 -39.54 5.74 50.86
CA ILE I 76 -38.95 5.23 49.64
C ILE I 76 -38.70 3.73 49.74
N SER I 77 -38.78 3.16 50.94
CA SER I 77 -38.60 1.72 51.13
C SER I 77 -39.86 0.93 50.86
N ARG I 78 -41.02 1.41 51.31
CA ARG I 78 -42.25 0.66 51.06
C ARG I 78 -43.00 1.14 49.83
N ILE I 79 -42.49 2.16 49.15
CA ILE I 79 -43.03 2.48 47.83
C ILE I 79 -42.35 1.62 46.78
N GLU I 80 -41.25 0.97 47.15
CA GLU I 80 -40.63 -0.01 46.28
C GLU I 80 -41.09 -1.42 46.62
N ALA I 81 -41.59 -1.63 47.85
CA ALA I 81 -42.05 -2.94 48.24
C ALA I 81 -43.34 -3.32 47.51
N THR I 82 -44.13 -2.32 47.12
CA THR I 82 -45.31 -2.61 46.33
C THR I 82 -44.94 -2.88 44.88
N GLU I 83 -43.81 -2.34 44.42
CA GLU I 83 -43.34 -2.64 43.07
C GLU I 83 -42.74 -4.03 43.00
N LYS I 84 -41.93 -4.40 44.00
CA LYS I 84 -41.27 -5.69 43.99
C LYS I 84 -42.26 -6.83 44.24
N ARG I 85 -43.36 -6.55 44.93
CA ARG I 85 -44.38 -7.57 45.16
C ARG I 85 -45.13 -7.89 43.88
N LEU I 86 -45.57 -6.85 43.16
CA LEU I 86 -46.32 -7.03 41.94
C LEU I 86 -45.47 -7.45 40.75
N GLY I 87 -44.16 -7.25 40.82
CA GLY I 87 -43.31 -7.54 39.68
C GLY I 87 -43.48 -6.54 38.55
N LEU I 88 -43.47 -5.25 38.87
CA LEU I 88 -43.75 -4.22 37.87
C LEU I 88 -42.55 -3.99 36.95
N GLN I 89 -41.35 -4.39 37.38
CA GLN I 89 -40.18 -4.25 36.52
C GLN I 89 -40.22 -5.24 35.37
N GLN I 90 -40.49 -6.51 35.66
CA GLN I 90 -40.53 -7.53 34.61
C GLN I 90 -41.77 -7.39 33.73
N LYS I 91 -42.92 -7.05 34.31
CA LYS I 91 -44.15 -6.97 33.54
C LYS I 91 -44.23 -5.74 32.66
N LEU I 92 -43.33 -4.77 32.82
CA LEU I 92 -43.26 -3.69 31.86
C LEU I 92 -42.31 -4.05 30.72
N LEU I 93 -41.34 -4.91 31.01
CA LEU I 93 -40.46 -5.43 29.97
C LEU I 93 -41.20 -6.42 29.08
N GLN I 94 -42.03 -7.28 29.69
CA GLN I 94 -42.71 -8.30 28.92
C GLN I 94 -43.87 -7.70 28.14
N CYS I 95 -44.34 -6.51 28.56
CA CYS I 95 -45.38 -5.82 27.81
C CYS I 95 -44.82 -5.08 26.61
N LYS I 96 -43.66 -4.44 26.77
CA LYS I 96 -43.10 -3.62 25.71
C LYS I 96 -42.59 -4.48 24.55
N THR I 97 -42.12 -5.69 24.85
CA THR I 97 -41.64 -6.57 23.80
C THR I 97 -42.79 -7.09 22.94
N LEU I 98 -43.92 -7.41 23.56
CA LEU I 98 -45.07 -7.87 22.78
C LEU I 98 -45.66 -6.74 21.97
N ALA I 99 -45.59 -5.51 22.49
CA ALA I 99 -45.97 -4.37 21.68
C ALA I 99 -44.95 -4.13 20.58
N ARG I 100 -43.71 -4.54 20.80
CA ARG I 100 -42.68 -4.37 19.78
C ARG I 100 -42.82 -5.40 18.67
N LEU I 101 -43.14 -6.64 19.01
CA LEU I 101 -43.29 -7.70 18.02
C LEU I 101 -44.61 -7.57 17.30
N TRP I 102 -45.71 -7.68 18.03
CA TRP I 102 -47.03 -7.55 17.43
C TRP I 102 -47.38 -6.08 17.29
N GLY I 103 -48.64 -5.82 16.94
CA GLY I 103 -49.06 -4.44 16.74
C GLY I 103 -49.13 -3.63 18.02
N GLY I 104 -49.31 -4.31 19.15
CA GLY I 104 -49.40 -3.62 20.42
C GLY I 104 -49.76 -4.60 21.52
N ALA I 105 -49.65 -4.13 22.75
CA ALA I 105 -49.97 -4.95 23.91
C ALA I 105 -50.47 -4.04 25.01
N ALA I 106 -50.92 -4.64 26.11
CA ALA I 106 -51.56 -3.87 27.17
C ALA I 106 -51.52 -4.65 28.47
N ILE I 107 -51.24 -3.94 29.56
CA ILE I 107 -51.34 -4.48 30.91
C ILE I 107 -52.50 -3.77 31.60
N VAL I 108 -53.28 -4.52 32.37
CA VAL I 108 -54.52 -4.03 32.96
C VAL I 108 -54.40 -4.04 34.48
N ILE I 109 -54.82 -2.94 35.12
CA ILE I 109 -54.65 -2.74 36.55
C ILE I 109 -55.84 -3.35 37.28
N GLY I 110 -55.60 -3.95 38.43
CA GLY I 110 -56.71 -4.37 39.26
C GLY I 110 -56.66 -3.85 40.67
N VAL I 111 -57.53 -2.94 40.99
CA VAL I 111 -57.70 -2.46 42.35
C VAL I 111 -58.82 -3.27 42.98
N LYS I 112 -58.67 -3.59 44.27
CA LYS I 112 -59.67 -4.41 44.96
C LYS I 112 -61.01 -3.70 45.04
N ASP I 113 -62.07 -4.47 44.78
CA ASP I 113 -63.47 -4.02 44.82
C ASP I 113 -63.73 -2.89 43.84
N GLN I 114 -63.45 -3.19 42.57
CA GLN I 114 -63.74 -2.31 41.44
C GLN I 114 -64.53 -3.10 40.42
N ASP I 115 -65.62 -2.50 39.93
CA ASP I 115 -66.69 -3.27 39.32
C ASP I 115 -66.47 -3.62 37.85
N MET I 116 -66.41 -2.62 36.98
CA MET I 116 -66.65 -2.85 35.55
C MET I 116 -66.00 -1.71 34.78
N ALA I 117 -66.27 -1.62 33.48
CA ALA I 117 -65.81 -0.50 32.67
C ALA I 117 -66.61 0.76 32.97
N THR I 118 -66.42 1.31 34.15
CA THR I 118 -66.99 2.60 34.53
C THR I 118 -66.14 3.70 33.93
N PRO I 119 -66.55 4.97 34.05
CA PRO I 119 -65.53 6.02 33.93
C PRO I 119 -64.63 5.87 35.15
N PHE I 120 -63.47 5.26 34.90
CA PHE I 120 -62.78 4.46 35.90
C PHE I 120 -61.48 5.14 36.28
N GLU I 121 -61.51 5.89 37.36
CA GLU I 121 -60.28 6.42 37.91
C GLU I 121 -59.86 5.59 39.12
N PRO I 122 -58.76 4.84 39.03
CA PRO I 122 -58.16 4.31 40.25
C PRO I 122 -57.23 5.29 40.93
N GLU I 123 -57.67 6.54 41.08
CA GLU I 123 -56.89 7.58 41.73
C GLU I 123 -57.49 8.04 43.05
N THR I 124 -58.80 7.91 43.22
CA THR I 124 -59.46 8.38 44.43
C THR I 124 -59.42 7.37 45.56
N VAL I 125 -59.20 6.09 45.25
CA VAL I 125 -59.23 5.05 46.27
C VAL I 125 -57.98 5.15 47.15
N ASN I 126 -58.19 5.45 48.42
CA ASN I 126 -57.12 5.69 49.37
C ASN I 126 -57.05 4.55 50.38
N LYS I 127 -56.40 3.47 49.97
CA LYS I 127 -56.30 2.25 50.75
C LYS I 127 -54.96 1.60 50.43
N ASP I 128 -54.82 0.33 50.76
CA ASP I 128 -53.64 -0.45 50.40
C ASP I 128 -54.03 -1.65 49.56
N ASP I 129 -54.87 -1.42 48.55
CA ASP I 129 -55.54 -2.47 47.82
C ASP I 129 -55.10 -2.49 46.36
N LEU I 130 -54.18 -3.39 46.03
CA LEU I 130 -53.74 -3.53 44.65
C LEU I 130 -53.22 -4.94 44.47
N VAL I 131 -53.85 -5.72 43.59
CA VAL I 131 -53.51 -7.12 43.47
C VAL I 131 -53.15 -7.53 42.04
N TYR I 132 -53.93 -7.09 41.04
CA TYR I 132 -53.81 -7.64 39.69
C TYR I 132 -52.85 -6.82 38.85
N LEU I 133 -51.91 -7.49 38.19
CA LEU I 133 -51.21 -6.98 37.02
C LEU I 133 -51.06 -8.12 36.03
N THR I 134 -52.02 -8.26 35.12
CA THR I 134 -51.94 -9.23 34.05
C THR I 134 -51.72 -8.49 32.74
N VAL I 135 -50.84 -9.04 31.90
CA VAL I 135 -50.36 -8.40 30.70
C VAL I 135 -50.70 -9.27 29.49
N MET I 136 -51.38 -8.68 28.52
CA MET I 136 -51.87 -9.41 27.37
C MET I 136 -51.55 -8.63 26.10
N SER I 137 -51.34 -9.38 25.02
CA SER I 137 -51.05 -8.75 23.74
C SER I 137 -52.33 -8.31 23.05
N ARG I 138 -52.19 -7.89 21.81
CA ARG I 138 -53.36 -7.56 21.01
C ARG I 138 -54.08 -8.81 20.53
N ARG I 139 -53.48 -9.98 20.72
CA ARG I 139 -54.16 -11.23 20.43
C ARG I 139 -55.34 -11.45 21.36
N GLU I 140 -55.25 -10.98 22.61
CA GLU I 140 -56.21 -11.30 23.64
C GLU I 140 -57.00 -10.08 24.11
N LEU I 141 -57.04 -9.02 23.31
CA LEU I 141 -57.86 -7.86 23.56
C LEU I 141 -58.77 -7.64 22.36
N SER I 142 -59.58 -6.58 22.41
CA SER I 142 -60.47 -6.26 21.29
C SER I 142 -60.80 -4.77 21.27
N PRO I 143 -60.37 -4.05 20.25
CA PRO I 143 -60.54 -2.60 20.19
C PRO I 143 -61.83 -2.14 19.52
N GLU I 144 -62.96 -2.64 20.00
CA GLU I 144 -64.16 -2.70 19.16
C GLU I 144 -65.06 -1.46 19.27
N GLU I 145 -64.44 -0.28 19.20
CA GLU I 145 -65.05 1.02 18.91
C GLU I 145 -63.92 1.94 18.48
N LEU I 146 -64.29 3.14 18.02
CA LEU I 146 -63.30 4.21 17.89
C LEU I 146 -63.69 5.51 18.58
N GLU I 147 -64.96 5.92 18.44
CA GLU I 147 -65.54 7.11 19.08
C GLU I 147 -64.78 8.39 18.71
N GLN I 148 -65.01 8.79 17.46
CA GLN I 148 -64.35 9.88 16.77
C GLN I 148 -64.77 11.28 17.24
N ASP I 149 -65.41 11.39 18.41
CA ASP I 149 -65.83 12.69 18.94
C ASP I 149 -64.62 13.52 19.34
N PRO I 150 -64.39 14.69 18.71
CA PRO I 150 -63.15 15.42 18.96
C PRO I 150 -63.13 16.24 20.24
N LEU I 151 -63.62 15.67 21.32
CA LEU I 151 -63.60 16.32 22.64
C LEU I 151 -63.27 15.37 23.77
N ASP I 152 -63.27 14.07 23.54
CA ASP I 152 -63.14 13.11 24.61
C ASP I 152 -61.68 12.84 24.91
N GLU I 153 -61.41 12.53 26.19
CA GLU I 153 -60.17 11.89 26.57
C GLU I 153 -60.08 10.53 25.85
N PHE I 154 -58.84 10.12 25.57
CA PHE I 154 -58.48 9.04 24.64
C PHE I 154 -59.32 9.08 23.36
N TYR I 155 -59.20 10.21 22.66
CA TYR I 155 -59.72 10.36 21.31
C TYR I 155 -59.05 9.40 20.34
N ALA I 156 -59.86 8.88 19.40
CA ALA I 156 -59.47 7.85 18.43
C ALA I 156 -58.90 6.60 19.09
N ARG I 157 -59.40 6.27 20.27
CA ARG I 157 -58.94 5.16 21.08
C ARG I 157 -60.16 4.39 21.57
N PRO I 158 -60.06 3.06 21.72
CA PRO I 158 -61.23 2.20 21.49
C PRO I 158 -62.38 2.22 22.49
N LYS I 159 -62.22 2.82 23.67
CA LYS I 159 -63.26 3.07 24.69
C LYS I 159 -63.76 1.78 25.38
N ARG I 160 -63.47 0.61 24.85
CA ARG I 160 -64.04 -0.63 25.40
C ARG I 160 -63.24 -1.82 24.90
N TYR I 161 -62.92 -2.74 25.80
CA TYR I 161 -62.07 -3.87 25.47
C TYR I 161 -62.75 -5.18 25.89
N GLN I 162 -63.20 -5.94 24.89
CA GLN I 162 -63.71 -7.29 25.11
C GLN I 162 -62.54 -8.18 25.45
N VAL I 163 -62.35 -8.47 26.73
CA VAL I 163 -61.21 -9.29 27.15
C VAL I 163 -61.61 -10.20 28.32
N SER I 164 -61.53 -11.51 28.08
CA SER I 164 -61.66 -12.62 29.02
C SER I 164 -61.41 -13.90 28.26
N ASN I 165 -61.27 -15.00 28.99
CA ASN I 165 -61.19 -16.32 28.39
C ASN I 165 -62.06 -17.26 29.21
N GLY I 166 -63.02 -17.90 28.55
CA GLY I 166 -63.86 -18.86 29.24
C GLY I 166 -65.16 -18.30 29.77
N ARG I 167 -65.14 -17.91 31.05
CA ARG I 167 -66.31 -17.63 31.85
C ARG I 167 -67.18 -16.47 31.35
N ASN I 168 -66.65 -15.25 31.34
CA ASN I 168 -67.49 -14.09 31.08
C ASN I 168 -66.99 -13.23 29.94
N LEU I 169 -67.57 -12.03 29.80
CA LEU I 169 -67.28 -11.12 28.70
C LEU I 169 -66.35 -9.98 29.09
N SER I 170 -66.65 -9.29 30.19
CA SER I 170 -65.76 -8.34 30.88
C SER I 170 -65.35 -7.17 29.98
N PHE I 171 -66.31 -6.29 29.72
CA PHE I 171 -65.99 -4.98 29.19
C PHE I 171 -65.05 -4.24 30.14
N VAL I 172 -63.94 -3.74 29.60
CA VAL I 172 -62.91 -3.07 30.38
C VAL I 172 -62.68 -1.69 29.78
N HIS I 173 -62.60 -0.66 30.64
CA HIS I 173 -62.43 0.73 30.27
C HIS I 173 -60.95 1.04 30.08
N PRO I 174 -60.60 1.93 29.14
CA PRO I 174 -59.17 2.17 28.84
C PRO I 174 -58.37 2.79 29.96
N SER I 175 -59.02 3.47 30.90
CA SER I 175 -58.28 4.04 32.02
C SER I 175 -57.89 2.99 33.05
N ARG I 176 -58.33 1.75 32.88
CA ARG I 176 -57.85 0.59 33.61
C ARG I 176 -56.66 -0.06 32.89
N ILE I 177 -56.26 0.49 31.75
CA ILE I 177 -55.32 -0.20 30.86
C ILE I 177 -54.18 0.74 30.48
N VAL I 178 -52.95 0.24 30.58
CA VAL I 178 -51.78 0.87 29.99
C VAL I 178 -51.71 0.46 28.53
N HIS I 179 -51.63 1.44 27.63
CA HIS I 179 -51.74 1.23 26.20
C HIS I 179 -50.36 1.37 25.57
N GLN I 180 -49.82 0.28 25.04
CA GLN I 180 -48.49 0.26 24.44
C GLN I 180 -48.57 -0.14 22.98
N VAL I 181 -47.87 0.60 22.12
CA VAL I 181 -47.81 0.31 20.70
C VAL I 181 -46.35 0.21 20.28
N GLY I 182 -46.14 -0.45 19.14
CA GLY I 182 -44.80 -0.53 18.57
C GLY I 182 -44.39 0.75 17.86
N GLU I 183 -45.06 1.06 16.77
CA GLU I 183 -44.85 2.30 16.03
C GLU I 183 -46.20 2.96 15.80
N THR I 184 -46.26 4.25 16.06
CA THR I 184 -47.52 4.98 15.91
C THR I 184 -47.87 5.14 14.44
N HIS I 185 -49.05 4.68 14.07
CA HIS I 185 -49.54 4.81 12.71
C HIS I 185 -49.85 6.29 12.44
N PRO I 186 -49.58 6.77 11.23
CA PRO I 186 -49.77 8.21 10.98
C PRO I 186 -51.22 8.62 10.84
N ASP I 187 -52.06 7.81 10.19
CA ASP I 187 -53.47 8.13 10.02
C ASP I 187 -54.26 7.02 10.70
N PRO I 188 -54.57 7.17 12.00
CA PRO I 188 -55.14 6.05 12.76
C PRO I 188 -56.60 5.75 12.43
N MET I 189 -57.32 6.68 11.80
CA MET I 189 -58.71 6.42 11.47
C MET I 189 -58.84 5.64 10.17
N LEU I 190 -57.89 5.83 9.25
CA LEU I 190 -57.89 5.14 7.97
C LEU I 190 -57.19 3.79 8.05
N ALA I 191 -56.66 3.43 9.23
CA ALA I 191 -55.88 2.22 9.40
C ALA I 191 -56.76 0.99 9.29
N THR I 192 -56.14 -0.12 8.90
CA THR I 192 -56.85 -1.36 8.60
C THR I 192 -56.05 -2.53 9.18
N GLY I 193 -56.40 -3.73 8.78
CA GLY I 193 -55.71 -4.92 9.27
C GLY I 193 -56.23 -5.33 10.62
N VAL I 194 -55.45 -6.19 11.28
CA VAL I 194 -55.84 -6.68 12.60
C VAL I 194 -55.69 -5.58 13.64
N ASN I 195 -54.54 -4.91 13.65
CA ASN I 195 -54.31 -3.78 14.55
C ASN I 195 -55.11 -2.58 14.08
N VAL I 196 -56.27 -2.36 14.69
CA VAL I 196 -57.13 -1.26 14.32
C VAL I 196 -56.91 -0.10 15.29
N GLY I 197 -57.14 -0.36 16.57
CA GLY I 197 -56.85 0.62 17.59
C GLY I 197 -55.47 0.55 18.16
N TRP I 198 -54.60 -0.27 17.57
CA TRP I 198 -53.25 -0.48 18.05
C TRP I 198 -52.27 0.19 17.09
N GLY I 199 -50.98 -0.02 17.35
CA GLY I 199 -49.93 0.48 16.50
C GLY I 199 -49.49 -0.54 15.48
N ASP I 200 -48.35 -0.25 14.85
CA ASP I 200 -47.82 -1.12 13.82
C ASP I 200 -46.53 -1.77 14.30
N SER I 201 -46.24 -2.94 13.76
CA SER I 201 -45.09 -3.71 14.20
C SER I 201 -43.80 -3.10 13.66
N THR I 202 -42.69 -3.47 14.30
CA THR I 202 -41.40 -2.97 13.86
C THR I 202 -40.63 -3.95 13.00
N LEU I 203 -41.21 -5.08 12.66
CA LEU I 203 -40.70 -5.84 11.53
C LEU I 203 -41.30 -5.40 10.22
N GLN I 204 -42.15 -4.36 10.26
CA GLN I 204 -42.73 -3.82 9.05
C GLN I 204 -41.69 -3.06 8.22
N ALA I 205 -41.00 -2.12 8.85
CA ALA I 205 -40.12 -1.23 8.11
C ALA I 205 -38.80 -1.91 7.75
N LEU I 206 -38.26 -2.72 8.66
CA LEU I 206 -36.97 -3.36 8.43
C LEU I 206 -37.10 -4.77 7.85
N TYR I 207 -38.19 -5.04 7.15
CA TYR I 207 -38.35 -6.36 6.54
C TYR I 207 -37.47 -6.50 5.31
N ASP I 208 -37.37 -5.44 4.50
CA ASP I 208 -36.56 -5.50 3.30
C ASP I 208 -35.07 -5.50 3.63
N ALA I 209 -34.67 -4.74 4.65
CA ALA I 209 -33.28 -4.70 5.05
C ALA I 209 -32.83 -6.01 5.67
N MET I 210 -33.75 -6.72 6.34
CA MET I 210 -33.40 -7.99 6.95
C MET I 210 -33.22 -9.08 5.91
N MET I 211 -34.10 -9.13 4.91
CA MET I 211 -34.06 -10.25 3.96
C MET I 211 -32.95 -10.08 2.94
N ASN I 212 -32.43 -8.87 2.77
CA ASN I 212 -31.24 -8.72 1.93
C ASN I 212 -30.03 -9.34 2.59
N SER I 213 -29.90 -9.17 3.90
CA SER I 213 -28.71 -9.68 4.59
C SER I 213 -28.77 -11.19 4.76
N ASP I 214 -29.96 -11.73 5.06
CA ASP I 214 -30.04 -13.16 5.34
C ASP I 214 -29.98 -14.00 4.07
N ASN I 215 -30.30 -13.42 2.91
CA ASN I 215 -30.15 -14.16 1.66
C ASN I 215 -28.70 -14.28 1.26
N THR I 216 -27.94 -13.18 1.40
CA THR I 216 -26.54 -13.19 1.00
C THR I 216 -25.67 -13.97 1.96
N GLN I 217 -26.14 -14.24 3.18
CA GLN I 217 -25.41 -15.16 4.04
C GLN I 217 -25.54 -16.59 3.56
N ALA I 218 -26.71 -16.96 3.07
CA ALA I 218 -26.92 -18.35 2.68
C ALA I 218 -26.43 -18.62 1.27
N ASN I 219 -26.11 -17.57 0.52
CA ASN I 219 -25.56 -17.76 -0.82
C ASN I 219 -24.05 -17.89 -0.79
N ILE I 220 -23.39 -17.04 -0.01
CA ILE I 220 -21.93 -17.03 0.02
C ILE I 220 -21.41 -18.24 0.78
N ALA I 221 -22.20 -18.73 1.73
CA ALA I 221 -21.83 -19.98 2.39
C ALA I 221 -22.18 -21.20 1.56
N SER I 222 -22.88 -21.01 0.43
CA SER I 222 -23.11 -22.13 -0.48
C SER I 222 -21.97 -22.27 -1.48
N LEU I 223 -21.28 -21.17 -1.79
CA LEU I 223 -20.17 -21.23 -2.74
C LEU I 223 -18.94 -21.90 -2.16
N VAL I 224 -18.88 -22.06 -0.84
CA VAL I 224 -17.66 -22.62 -0.25
C VAL I 224 -17.61 -24.12 -0.49
N PHE I 225 -18.78 -24.76 -0.63
CA PHE I 225 -18.82 -26.15 -1.03
C PHE I 225 -18.33 -26.34 -2.45
N GLU I 226 -18.75 -25.46 -3.36
CA GLU I 226 -18.21 -25.45 -4.71
C GLU I 226 -17.02 -24.52 -4.82
N ALA I 227 -16.02 -24.70 -3.96
CA ALA I 227 -14.86 -23.82 -4.01
C ALA I 227 -14.00 -24.14 -5.22
N ASN I 228 -13.86 -25.42 -5.57
CA ASN I 228 -13.25 -25.80 -6.83
C ASN I 228 -13.79 -27.17 -7.22
N VAL I 229 -14.61 -27.20 -8.24
CA VAL I 229 -15.12 -28.43 -8.83
C VAL I 229 -14.28 -28.75 -10.05
N ASP I 230 -14.03 -30.04 -10.28
CA ASP I 230 -13.25 -30.49 -11.41
C ASP I 230 -13.97 -31.58 -12.19
N VAL I 231 -13.74 -31.60 -13.49
CA VAL I 231 -14.39 -32.54 -14.38
C VAL I 231 -13.33 -33.44 -15.01
N ILE I 232 -13.78 -34.58 -15.52
CA ILE I 232 -12.91 -35.55 -16.20
C ILE I 232 -13.66 -36.01 -17.44
N GLY I 233 -13.10 -35.75 -18.61
CA GLY I 233 -13.79 -36.11 -19.83
C GLY I 233 -13.27 -37.37 -20.49
N LEU I 234 -14.04 -38.46 -20.42
CA LEU I 234 -13.67 -39.68 -21.13
C LEU I 234 -14.11 -39.59 -22.59
N PRO I 235 -13.35 -40.20 -23.52
CA PRO I 235 -13.70 -40.09 -24.95
C PRO I 235 -15.02 -40.72 -25.36
N ASP I 236 -15.23 -42.01 -25.08
CA ASP I 236 -16.52 -42.65 -25.34
C ASP I 236 -17.13 -43.02 -23.99
N PHE I 237 -17.82 -42.05 -23.41
CA PHE I 237 -18.47 -42.21 -22.13
C PHE I 237 -19.95 -42.49 -22.31
N MET I 238 -20.46 -42.34 -23.52
CA MET I 238 -21.85 -42.64 -23.82
C MET I 238 -22.13 -44.13 -23.75
N GLU I 239 -21.09 -44.96 -23.92
CA GLU I 239 -21.25 -46.38 -24.12
C GLU I 239 -20.88 -47.22 -22.91
N ASN I 240 -19.97 -46.73 -22.07
CA ASN I 240 -19.72 -47.38 -20.78
C ASN I 240 -20.93 -47.27 -19.87
N MET I 241 -21.62 -46.14 -19.90
CA MET I 241 -22.78 -45.90 -19.05
C MET I 241 -24.07 -46.36 -19.71
N SER I 242 -24.08 -47.58 -20.24
CA SER I 242 -25.22 -48.06 -21.00
C SER I 242 -25.85 -49.31 -20.38
N SER I 243 -25.26 -49.85 -19.34
CA SER I 243 -25.86 -50.95 -18.60
C SER I 243 -25.47 -50.78 -17.14
N GLU I 244 -25.90 -51.72 -16.30
CA GLU I 244 -25.59 -51.69 -14.88
C GLU I 244 -24.28 -52.35 -14.53
N VAL I 245 -23.94 -53.46 -15.18
CA VAL I 245 -22.73 -54.20 -14.83
C VAL I 245 -21.49 -53.50 -15.38
N TYR I 246 -21.64 -52.85 -16.52
CA TYR I 246 -20.51 -52.12 -17.11
C TYR I 246 -20.19 -50.85 -16.32
N ARG I 247 -21.22 -50.12 -15.87
CA ARG I 247 -20.95 -48.81 -15.30
C ARG I 247 -20.47 -48.92 -13.86
N GLN I 248 -20.76 -50.04 -13.20
CA GLN I 248 -20.21 -50.21 -11.85
C GLN I 248 -18.78 -50.70 -11.90
N LYS I 249 -18.37 -51.26 -13.03
CA LYS I 249 -16.95 -51.57 -13.24
C LYS I 249 -16.15 -50.28 -13.36
N LEU I 250 -16.77 -49.22 -13.87
CA LEU I 250 -16.11 -47.95 -14.05
C LEU I 250 -16.12 -47.12 -12.77
N LEU I 251 -17.28 -46.99 -12.14
CA LEU I 251 -17.43 -46.07 -11.02
C LEU I 251 -16.87 -46.62 -9.72
N ASP I 252 -16.67 -47.93 -9.64
CA ASP I 252 -16.00 -48.48 -8.47
C ASP I 252 -14.50 -48.20 -8.54
N ARG I 253 -13.95 -48.12 -9.74
CA ARG I 253 -12.52 -47.88 -9.85
C ARG I 253 -12.20 -46.40 -9.73
N PHE I 254 -13.08 -45.53 -10.24
CA PHE I 254 -12.88 -44.09 -10.06
C PHE I 254 -13.12 -43.63 -8.64
N THR I 255 -13.82 -44.42 -7.82
CA THR I 255 -13.92 -44.08 -6.40
C THR I 255 -12.56 -44.22 -5.75
N LEU I 256 -11.91 -45.37 -5.96
CA LEU I 256 -10.65 -45.64 -5.30
C LEU I 256 -9.50 -44.88 -5.96
N ALA I 257 -9.75 -44.29 -7.12
CA ALA I 257 -8.72 -43.51 -7.79
C ALA I 257 -8.87 -42.02 -7.61
N ALA I 258 -10.05 -41.53 -7.24
CA ALA I 258 -10.25 -40.11 -6.99
C ALA I 258 -10.52 -39.82 -5.52
N ALA I 259 -10.35 -40.83 -4.66
CA ALA I 259 -10.46 -40.58 -3.23
C ALA I 259 -9.20 -39.95 -2.67
N GLY I 260 -8.04 -40.48 -3.03
CA GLY I 260 -6.79 -40.08 -2.42
C GLY I 260 -5.91 -39.16 -3.21
N LYS I 261 -6.43 -38.49 -4.24
CA LYS I 261 -5.60 -37.57 -5.00
C LYS I 261 -5.29 -36.33 -4.18
N GLY I 262 -4.17 -35.70 -4.48
CA GLY I 262 -3.73 -34.60 -3.65
C GLY I 262 -2.21 -34.49 -3.67
N ILE I 263 -1.66 -34.17 -2.51
CA ILE I 263 -0.24 -33.86 -2.42
C ILE I 263 0.60 -35.13 -2.52
N ASN I 264 0.16 -36.19 -1.86
CA ASN I 264 0.97 -37.39 -1.72
C ASN I 264 0.60 -38.51 -2.68
N LYS I 265 -0.37 -38.30 -3.55
CA LYS I 265 -0.68 -39.26 -4.61
C LYS I 265 -0.87 -38.51 -5.92
N THR I 266 -0.48 -39.15 -7.02
CA THR I 266 -0.59 -38.56 -8.35
C THR I 266 -1.54 -39.39 -9.19
N LEU I 267 -2.46 -38.74 -9.88
CA LEU I 267 -3.37 -39.43 -10.78
C LEU I 267 -2.65 -40.00 -11.98
N MET I 268 -3.13 -41.12 -12.47
CA MET I 268 -2.69 -41.65 -13.75
C MET I 268 -3.89 -41.67 -14.69
N LEU I 269 -3.78 -40.98 -15.82
CA LEU I 269 -4.84 -40.96 -16.79
C LEU I 269 -4.29 -41.34 -18.14
N ASP I 270 -5.21 -41.65 -19.06
CA ASP I 270 -4.84 -41.82 -20.45
C ASP I 270 -4.53 -40.46 -21.07
N ALA I 271 -3.84 -40.45 -22.20
CA ALA I 271 -3.49 -39.19 -22.85
C ALA I 271 -4.68 -38.51 -23.50
N GLU I 272 -5.82 -39.19 -23.64
CA GLU I 272 -7.04 -38.59 -24.18
C GLU I 272 -7.87 -37.90 -23.10
N GLU I 273 -7.82 -38.43 -21.88
CA GLU I 273 -8.65 -37.93 -20.79
C GLU I 273 -8.13 -36.59 -20.30
N VAL I 274 -9.06 -35.70 -19.94
CA VAL I 274 -8.76 -34.27 -19.96
C VAL I 274 -8.36 -33.72 -18.58
N PHE I 275 -9.29 -33.77 -17.62
CA PHE I 275 -9.10 -33.30 -16.24
C PHE I 275 -8.74 -31.81 -16.18
N THR I 276 -9.74 -30.98 -16.46
CA THR I 276 -9.65 -29.56 -16.14
C THR I 276 -10.23 -29.30 -14.76
N ALA I 277 -9.95 -28.10 -14.23
CA ALA I 277 -10.35 -27.75 -12.87
C ALA I 277 -10.84 -26.31 -12.86
N HIS I 278 -12.05 -26.10 -12.34
CA HIS I 278 -12.73 -24.82 -12.40
C HIS I 278 -12.83 -24.18 -11.03
N SER I 279 -12.05 -23.13 -10.82
CA SER I 279 -11.95 -22.48 -9.51
C SER I 279 -12.81 -21.23 -9.50
N ARG I 280 -13.70 -21.12 -8.52
CA ARG I 280 -14.58 -19.97 -8.45
C ARG I 280 -13.84 -18.80 -7.81
N SER I 281 -14.50 -17.65 -7.78
CA SER I 281 -13.85 -16.42 -7.33
C SER I 281 -14.55 -15.87 -6.10
N PHE I 282 -13.77 -15.54 -5.08
CA PHE I 282 -14.29 -14.97 -3.84
C PHE I 282 -13.73 -13.56 -3.62
N ALA I 283 -13.61 -12.79 -4.69
CA ALA I 283 -13.09 -11.43 -4.60
C ALA I 283 -14.19 -10.49 -4.15
N ASN I 284 -13.87 -9.66 -3.15
CA ASN I 284 -14.72 -8.60 -2.60
C ASN I 284 -16.03 -9.07 -1.99
N LEU I 285 -16.22 -10.37 -1.81
CA LEU I 285 -17.43 -10.92 -1.19
C LEU I 285 -17.41 -10.85 0.30
N ASP I 286 -16.52 -10.08 0.91
CA ASP I 286 -16.50 -9.91 2.35
C ASP I 286 -16.71 -8.47 2.76
N LYS I 287 -16.49 -7.53 1.86
CA LYS I 287 -16.94 -6.19 2.09
C LYS I 287 -18.40 -6.03 1.71
N ILE I 288 -18.95 -6.97 0.93
CA ILE I 288 -20.39 -6.97 0.67
C ILE I 288 -21.15 -7.46 1.89
N MET I 289 -20.62 -8.48 2.58
CA MET I 289 -21.29 -9.05 3.74
C MET I 289 -21.37 -8.07 4.89
N GLU I 290 -20.46 -7.11 4.96
CA GLU I 290 -20.46 -6.18 6.08
C GLU I 290 -21.22 -4.91 5.76
N GLN I 291 -21.45 -4.61 4.48
CA GLN I 291 -22.28 -3.45 4.15
C GLN I 291 -23.76 -3.74 4.27
N PHE I 292 -24.18 -5.00 4.35
CA PHE I 292 -25.58 -5.30 4.56
C PHE I 292 -25.97 -5.33 6.04
N ILE I 293 -25.04 -5.63 6.94
CA ILE I 293 -25.39 -5.56 8.36
C ILE I 293 -25.30 -4.13 8.88
N LEU I 294 -24.65 -3.22 8.15
CA LEU I 294 -24.83 -1.80 8.41
C LEU I 294 -26.27 -1.39 8.25
N PHE I 295 -26.89 -1.81 7.15
CA PHE I 295 -28.21 -1.33 6.81
C PHE I 295 -29.29 -1.98 7.65
N VAL I 296 -28.98 -3.12 8.27
CA VAL I 296 -29.88 -3.69 9.27
C VAL I 296 -29.75 -2.94 10.58
N ALA I 297 -28.52 -2.67 11.00
CA ALA I 297 -28.28 -1.97 12.24
C ALA I 297 -28.75 -0.53 12.17
N GLY I 298 -28.68 0.08 10.99
CA GLY I 298 -29.27 1.39 10.82
C GLY I 298 -30.78 1.36 10.82
N ALA I 299 -31.37 0.28 10.32
CA ALA I 299 -32.81 0.14 10.31
C ALA I 299 -33.35 -0.09 11.71
N ALA I 300 -32.64 -0.87 12.52
CA ALA I 300 -33.02 -1.08 13.91
C ALA I 300 -32.66 0.09 14.79
N ASP I 301 -31.89 1.06 14.27
CA ASP I 301 -31.35 2.21 14.99
C ASP I 301 -30.55 1.77 16.21
N ILE I 302 -29.67 0.79 16.00
CA ILE I 302 -28.72 0.34 17.01
C ILE I 302 -27.34 0.41 16.36
N PRO I 303 -26.34 1.01 17.00
CA PRO I 303 -25.00 1.00 16.42
C PRO I 303 -24.39 -0.39 16.47
N LEU I 304 -23.37 -0.62 15.64
CA LEU I 304 -22.74 -1.94 15.62
C LEU I 304 -21.80 -2.18 16.79
N THR I 305 -21.71 -1.29 17.77
CA THR I 305 -21.03 -1.62 18.99
C THR I 305 -21.96 -2.23 20.02
N ARG I 306 -23.26 -2.29 19.74
CA ARG I 306 -24.23 -3.02 20.56
C ARG I 306 -24.90 -4.12 19.75
N PHE I 307 -25.45 -3.80 18.59
CA PHE I 307 -25.79 -4.81 17.60
C PHE I 307 -24.50 -5.49 17.15
N LEU I 308 -24.56 -6.80 16.94
CA LEU I 308 -23.40 -7.64 16.54
C LEU I 308 -22.27 -7.57 17.57
N GLY I 309 -22.62 -7.34 18.83
CA GLY I 309 -21.69 -7.19 19.94
C GLY I 309 -20.72 -6.04 19.72
N GLN I 310 -19.54 -6.18 20.29
CA GLN I 310 -18.42 -5.28 19.96
C GLN I 310 -17.75 -5.85 18.73
N SER I 311 -18.11 -5.34 17.57
CA SER I 311 -17.60 -5.86 16.32
C SER I 311 -16.27 -5.20 15.99
N PRO I 312 -15.30 -5.94 15.46
CA PRO I 312 -14.03 -5.30 15.05
C PRO I 312 -14.17 -4.35 13.88
N ALA I 313 -15.25 -4.45 13.10
CA ALA I 313 -15.50 -3.52 12.01
C ALA I 313 -16.32 -2.32 12.48
N GLY I 314 -15.87 -1.69 13.57
CA GLY I 314 -16.35 -0.41 13.99
C GLY I 314 -15.20 0.56 14.10
N MET I 315 -15.15 1.57 13.22
CA MET I 315 -14.03 2.50 13.19
C MET I 315 -14.55 3.94 13.24
N SER I 316 -15.60 4.18 14.04
CA SER I 316 -15.99 5.53 14.40
C SER I 316 -16.43 5.62 15.85
N SER I 317 -16.01 4.66 16.68
CA SER I 317 -16.27 4.71 18.11
C SER I 317 -15.06 5.34 18.79
N THR I 318 -14.99 6.67 18.70
CA THR I 318 -13.94 7.40 19.38
C THR I 318 -14.18 7.41 20.88
N GLY I 319 -13.09 7.37 21.65
CA GLY I 319 -13.13 6.98 23.05
C GLY I 319 -13.83 7.85 24.07
N GLN I 320 -14.63 8.82 23.62
CA GLN I 320 -15.43 9.65 24.52
C GLN I 320 -16.91 9.66 24.14
N HIS I 321 -17.22 9.40 22.87
CA HIS I 321 -18.58 9.50 22.34
C HIS I 321 -18.96 8.20 21.65
N ASP I 322 -18.72 7.08 22.33
CA ASP I 322 -18.98 5.76 21.75
C ASP I 322 -20.45 5.53 21.48
N MET I 323 -21.28 5.51 22.53
CA MET I 323 -22.69 5.15 22.43
C MET I 323 -23.56 6.23 23.04
N LYS I 324 -23.16 7.49 22.89
CA LYS I 324 -23.97 8.57 23.44
C LYS I 324 -25.22 8.83 22.62
N ASN I 325 -25.26 8.36 21.37
CA ASN I 325 -26.49 8.46 20.60
C ASN I 325 -27.48 7.37 20.98
N TYR I 326 -26.98 6.22 21.45
CA TYR I 326 -27.87 5.12 21.78
C TYR I 326 -28.56 5.35 23.10
N HIS I 327 -27.93 6.08 24.01
CA HIS I 327 -28.61 6.42 25.26
C HIS I 327 -29.50 7.64 25.09
N ASP I 328 -29.34 8.38 23.99
CA ASP I 328 -30.28 9.45 23.69
C ASP I 328 -31.56 8.92 23.06
N ARG I 329 -31.50 7.70 22.54
CA ARG I 329 -32.70 7.07 21.98
C ARG I 329 -33.52 6.39 23.05
N ILE I 330 -32.86 5.84 24.08
CA ILE I 330 -33.58 5.14 25.14
C ILE I 330 -34.27 6.14 26.07
N GLN I 331 -33.63 7.28 26.32
CA GLN I 331 -34.29 8.32 27.11
C GLN I 331 -35.44 8.98 26.37
N SER I 332 -35.56 8.77 25.06
CA SER I 332 -36.75 9.17 24.32
C SER I 332 -37.82 8.09 24.30
N ILE I 333 -37.56 6.93 24.89
CA ILE I 333 -38.62 5.97 25.16
C ILE I 333 -39.10 6.10 26.60
N GLN I 334 -38.18 6.34 27.52
CA GLN I 334 -38.51 6.48 28.92
C GLN I 334 -39.34 7.71 29.23
N THR I 335 -39.30 8.73 28.37
CA THR I 335 -40.06 9.95 28.61
C THR I 335 -41.10 10.23 27.55
N LEU I 336 -41.29 9.33 26.59
CA LEU I 336 -42.32 9.53 25.57
C LEU I 336 -43.20 8.33 25.30
N ASP I 337 -42.84 7.13 25.76
CA ASP I 337 -43.68 5.95 25.60
C ASP I 337 -44.00 5.26 26.91
N LEU I 338 -43.16 5.41 27.93
CA LEU I 338 -43.41 4.79 29.22
C LEU I 338 -43.83 5.78 30.27
N GLN I 339 -43.48 7.05 30.10
CA GLN I 339 -43.89 8.07 31.04
C GLN I 339 -45.35 8.50 30.88
N PRO I 340 -45.90 8.77 29.69
CA PRO I 340 -47.31 9.18 29.66
C PRO I 340 -48.29 8.06 29.91
N SER I 341 -48.03 6.85 29.38
CA SER I 341 -49.01 5.78 29.46
C SER I 341 -49.15 5.22 30.87
N MET I 342 -48.21 5.51 31.75
CA MET I 342 -48.29 5.11 33.16
C MET I 342 -48.80 6.25 34.02
N TYR I 343 -49.78 7.00 33.54
CA TYR I 343 -50.34 8.11 34.30
C TYR I 343 -51.47 7.67 35.22
N ARG I 344 -52.17 6.57 34.92
CA ARG I 344 -53.14 6.04 35.87
C ARG I 344 -52.47 5.13 36.87
N LEU I 345 -51.35 4.52 36.48
CA LEU I 345 -50.36 4.10 37.45
C LEU I 345 -49.56 5.31 37.91
N ASP I 346 -48.64 5.08 38.86
CA ASP I 346 -47.60 6.03 39.30
C ASP I 346 -48.16 7.25 40.04
N GLU I 347 -49.47 7.41 40.04
CA GLU I 347 -50.21 8.20 41.00
C GLU I 347 -51.15 7.34 41.81
N ALA I 348 -51.40 6.12 41.39
CA ALA I 348 -52.13 5.13 42.16
C ALA I 348 -51.22 4.31 43.05
N ILE I 349 -49.95 4.14 42.69
CA ILE I 349 -49.03 3.36 43.50
C ILE I 349 -48.38 4.22 44.58
N ILE I 350 -48.30 5.54 44.36
CA ILE I 350 -47.91 6.43 45.43
C ILE I 350 -49.11 6.77 46.28
N ARG I 351 -50.31 6.48 45.77
CA ARG I 351 -51.51 6.52 46.58
C ARG I 351 -51.58 5.34 47.54
N SER I 352 -50.95 4.22 47.20
CA SER I 352 -50.96 3.03 48.03
C SER I 352 -49.89 3.06 49.12
N SER I 353 -49.40 4.23 49.50
CA SER I 353 -48.59 4.40 50.71
C SER I 353 -49.51 4.77 51.87
N LEU I 354 -50.35 3.79 52.22
CA LEU I 354 -51.38 3.88 53.28
C LEU I 354 -52.36 5.01 53.01
N GLY I 355 -52.75 5.18 51.75
CA GLY I 355 -53.79 6.12 51.37
C GLY I 355 -53.35 7.55 51.15
N ALA I 356 -52.21 7.95 51.72
CA ALA I 356 -51.79 9.35 51.70
C ALA I 356 -50.87 9.59 50.53
N ARG I 357 -51.13 10.65 49.77
CA ARG I 357 -50.33 11.00 48.63
C ARG I 357 -49.83 12.44 48.72
N PRO I 358 -48.52 12.65 48.79
CA PRO I 358 -48.01 14.03 48.78
C PRO I 358 -48.13 14.68 47.40
N GLU I 359 -47.72 15.94 47.31
CA GLU I 359 -47.69 16.63 46.01
C GLU I 359 -46.29 16.76 45.44
N GLU I 360 -45.29 17.09 46.26
CA GLU I 360 -43.92 17.23 45.78
C GLU I 360 -43.16 15.90 45.88
N LEU I 361 -43.77 14.85 45.34
CA LEU I 361 -43.19 13.52 45.27
C LEU I 361 -43.13 13.13 43.80
N PHE I 362 -41.93 12.83 43.32
CA PHE I 362 -41.73 12.52 41.91
C PHE I 362 -40.54 11.56 41.80
N TYR I 363 -40.09 11.33 40.57
CA TYR I 363 -38.94 10.48 40.33
C TYR I 363 -38.24 10.96 39.07
N ILE I 364 -37.00 10.50 38.91
CA ILE I 364 -36.25 10.63 37.68
C ILE I 364 -35.86 9.22 37.25
N TRP I 365 -35.45 9.11 36.00
CA TRP I 365 -34.98 7.84 35.48
C TRP I 365 -33.50 7.69 35.76
N SER I 366 -33.07 6.47 36.03
CA SER I 366 -31.70 6.21 36.40
C SER I 366 -30.77 6.42 35.20
N PRO I 367 -29.53 6.84 35.43
CA PRO I 367 -28.58 6.96 34.32
C PRO I 367 -28.21 5.61 33.74
N LEU I 368 -27.89 5.61 32.45
CA LEU I 368 -27.75 4.39 31.67
C LEU I 368 -26.31 3.93 31.50
N GLU I 369 -25.34 4.84 31.56
CA GLU I 369 -23.95 4.45 31.36
C GLU I 369 -23.44 3.70 32.58
N GLN I 370 -22.96 2.49 32.35
CA GLN I 370 -22.23 1.77 33.39
C GLN I 370 -20.92 2.50 33.68
N MET I 371 -20.59 2.62 34.97
CA MET I 371 -19.36 3.27 35.37
C MET I 371 -18.43 2.24 35.98
N SER I 372 -17.13 2.47 35.82
CA SER I 372 -16.15 1.55 36.37
C SER I 372 -16.07 1.68 37.88
N GLU I 373 -15.39 0.73 38.53
CA GLU I 373 -15.30 0.76 39.98
C GLU I 373 -14.34 1.84 40.45
N LYS I 374 -13.28 2.10 39.68
CA LYS I 374 -12.39 3.20 40.03
C LYS I 374 -13.01 4.54 39.70
N GLU I 375 -13.88 4.59 38.69
CA GLU I 375 -14.55 5.83 38.37
C GLU I 375 -15.62 6.17 39.38
N ARG I 376 -16.24 5.17 40.02
CA ARG I 376 -17.22 5.48 41.06
C ARG I 376 -16.54 5.92 42.34
N ALA I 377 -15.26 5.57 42.53
CA ALA I 377 -14.51 6.13 43.65
C ALA I 377 -14.14 7.57 43.37
N GLU I 378 -13.88 7.91 42.10
CA GLU I 378 -13.47 9.27 41.77
C GLU I 378 -14.67 10.20 41.69
N ILE I 379 -15.86 9.64 41.44
CA ILE I 379 -17.08 10.44 41.49
C ILE I 379 -17.42 10.80 42.94
N GLY I 380 -17.30 9.83 43.83
CA GLY I 380 -17.64 10.08 45.22
C GLY I 380 -16.64 10.97 45.94
N LYS I 381 -15.42 11.07 45.40
CA LYS I 381 -14.45 11.97 45.97
C LYS I 381 -14.76 13.41 45.60
N LEU I 382 -15.48 13.63 44.51
CA LEU I 382 -15.82 14.99 44.12
C LEU I 382 -17.11 15.46 44.78
N HIS I 383 -18.05 14.56 45.05
CA HIS I 383 -19.29 14.97 45.69
C HIS I 383 -19.05 15.40 47.13
N ALA I 384 -18.07 14.81 47.78
CA ALA I 384 -17.69 15.26 49.11
C ALA I 384 -17.02 16.62 49.07
N GLU I 385 -16.48 17.03 47.92
CA GLU I 385 -15.76 18.29 47.84
C GLU I 385 -16.60 19.44 47.29
N THR I 386 -17.76 19.18 46.71
CA THR I 386 -18.69 20.27 46.46
C THR I 386 -19.36 20.70 47.74
N VAL I 387 -19.58 19.75 48.65
CA VAL I 387 -20.21 20.06 49.93
C VAL I 387 -19.29 20.92 50.78
N ASN I 388 -17.98 20.62 50.75
CA ASN I 388 -17.01 21.36 51.54
C ASN I 388 -16.90 22.82 51.09
N VAL I 389 -17.22 23.08 49.82
CA VAL I 389 -17.17 24.46 49.35
C VAL I 389 -18.52 25.15 49.58
N ILE I 390 -19.62 24.42 49.45
CA ILE I 390 -20.94 25.01 49.69
C ILE I 390 -21.17 25.25 51.18
N ALA I 391 -20.77 24.31 52.03
CA ALA I 391 -20.96 24.51 53.46
C ALA I 391 -19.97 25.53 54.03
N GLY I 392 -18.87 25.78 53.32
CA GLY I 392 -17.90 26.76 53.80
C GLY I 392 -18.41 28.19 53.68
N THR I 393 -19.24 28.45 52.68
CA THR I 393 -19.90 29.74 52.55
C THR I 393 -21.25 29.67 53.23
N GLY I 394 -21.65 30.75 53.88
CA GLY I 394 -22.93 30.69 54.57
C GLY I 394 -24.05 31.01 53.61
N LEU I 395 -24.67 29.98 53.05
CA LEU I 395 -25.85 30.16 52.22
C LEU I 395 -26.93 29.13 52.48
N PHE I 396 -26.64 28.04 53.18
CA PHE I 396 -27.63 27.03 53.50
C PHE I 396 -27.47 26.61 54.94
N MET I 397 -28.55 26.10 55.52
CA MET I 397 -28.49 25.56 56.87
C MET I 397 -27.64 24.30 56.88
N GLN I 398 -26.88 24.11 57.96
CA GLN I 398 -26.18 22.86 58.13
C GLN I 398 -27.11 21.77 58.64
N GLU I 399 -28.26 22.15 59.20
CA GLU I 399 -29.36 21.22 59.39
C GLU I 399 -29.91 20.74 58.05
N GLU I 400 -29.83 21.60 57.03
CA GLU I 400 -30.44 21.29 55.75
C GLU I 400 -29.58 20.37 54.91
N LEU I 401 -28.25 20.56 54.93
CA LEU I 401 -27.36 19.81 54.06
C LEU I 401 -27.24 18.35 54.48
N ARG I 402 -27.68 18.02 55.68
CA ARG I 402 -27.68 16.63 56.11
C ARG I 402 -28.70 15.81 55.33
N GLU I 403 -29.83 16.42 54.96
CA GLU I 403 -30.83 15.74 54.15
C GLU I 403 -30.43 15.63 52.68
N VAL I 404 -29.97 16.71 52.07
CA VAL I 404 -29.73 16.75 50.63
C VAL I 404 -28.50 15.92 50.26
N PHE I 405 -27.38 16.14 50.95
CA PHE I 405 -26.20 15.33 50.69
C PHE I 405 -26.36 13.92 51.24
N GLY I 406 -27.22 13.75 52.24
CA GLY I 406 -27.54 12.41 52.68
C GLY I 406 -28.37 11.64 51.68
N ASN I 407 -29.13 12.34 50.84
CA ASN I 407 -30.04 11.67 49.90
C ASN I 407 -29.33 11.38 48.59
N GLN I 408 -28.43 12.28 48.17
CA GLN I 408 -27.69 12.11 46.93
C GLN I 408 -26.62 11.03 47.05
N LEU I 409 -26.16 10.76 48.27
CA LEU I 409 -25.09 9.81 48.51
C LEU I 409 -25.59 8.39 48.75
N VAL I 410 -26.90 8.19 48.82
CA VAL I 410 -27.47 6.86 48.90
C VAL I 410 -27.83 6.33 47.51
N GLU I 411 -28.41 7.16 46.64
CA GLU I 411 -28.74 6.71 45.30
C GLU I 411 -27.52 6.58 44.39
N THR I 412 -26.38 7.14 44.79
CA THR I 412 -25.13 6.85 44.12
C THR I 412 -24.67 5.43 44.37
N GLY I 413 -25.05 4.84 45.51
CA GLY I 413 -24.62 3.50 45.83
C GLY I 413 -23.26 3.44 46.48
N LEU I 414 -22.73 4.58 46.91
CA LEU I 414 -21.41 4.59 47.54
C LEU I 414 -21.49 4.09 48.97
N TYR I 415 -22.39 4.66 49.78
CA TYR I 415 -22.62 4.26 51.17
C TYR I 415 -24.06 3.78 51.29
N PRO I 416 -24.35 2.54 50.86
CA PRO I 416 -25.75 2.13 50.73
C PRO I 416 -26.43 1.84 52.06
N GLY I 417 -25.72 1.31 53.03
CA GLY I 417 -26.29 1.07 54.33
C GLY I 417 -26.32 2.34 55.18
N LEU I 418 -27.09 3.33 54.78
CA LEU I 418 -27.16 4.62 55.46
C LEU I 418 -28.60 4.83 55.89
N GLY I 419 -28.95 4.25 57.04
CA GLY I 419 -30.23 4.52 57.68
C GLY I 419 -30.07 5.57 58.75
N ASP I 420 -30.36 6.81 58.41
CA ASP I 420 -30.23 7.93 59.32
C ASP I 420 -31.56 8.47 59.82
N LEU I 421 -32.63 8.22 59.09
CA LEU I 421 -33.94 8.72 59.48
C LEU I 421 -34.56 7.77 60.50
N LEU I 422 -34.97 8.34 61.64
CA LEU I 422 -35.69 7.73 62.77
C LEU I 422 -34.81 6.78 63.60
N ALA I 423 -33.60 6.49 63.12
CA ALA I 423 -32.67 5.67 63.88
C ALA I 423 -31.54 6.50 64.47
N GLN I 424 -30.96 7.38 63.66
CA GLN I 424 -29.83 8.20 64.08
C GLN I 424 -30.31 9.59 64.49
N ASN I 425 -31.26 9.57 65.45
CA ASN I 425 -32.02 10.74 65.91
C ASN I 425 -32.72 11.46 64.76
N GLY I 426 -33.07 10.71 63.71
CA GLY I 426 -33.68 11.28 62.52
C GLY I 426 -32.76 12.26 61.83
N ASN I 427 -33.24 13.49 61.67
CA ASN I 427 -32.42 14.63 61.27
C ASN I 427 -32.37 15.58 62.45
N GLU I 428 -31.48 15.30 63.40
CA GLU I 428 -31.11 16.21 64.48
C GLU I 428 -29.87 15.66 65.16
N LEU I 429 -28.90 16.53 65.39
CA LEU I 429 -27.74 16.27 66.22
C LEU I 429 -27.79 17.23 67.40
N PRO I 430 -27.11 16.92 68.51
CA PRO I 430 -27.04 17.91 69.60
C PRO I 430 -26.22 19.14 69.22
N GLU I 431 -25.35 19.03 68.22
CA GLU I 431 -24.36 20.06 67.97
C GLU I 431 -24.76 21.07 66.90
N TRP I 432 -26.02 21.11 66.47
CA TRP I 432 -26.34 22.12 65.46
C TRP I 432 -26.53 23.50 66.09
N ASP I 433 -27.58 23.63 66.90
CA ASP I 433 -28.00 24.90 67.46
C ASP I 433 -27.53 25.10 68.88
N LEU I 434 -27.35 24.01 69.63
CA LEU I 434 -26.93 24.08 71.01
C LEU I 434 -25.41 23.96 71.15
N GLU I 435 -24.68 24.21 70.06
CA GLU I 435 -23.24 24.25 70.07
C GLU I 435 -22.71 25.50 69.36
N GLN I 436 -23.56 26.17 68.58
CA GLN I 436 -23.21 27.43 67.93
C GLN I 436 -23.43 28.63 68.83
N ARG I 437 -23.41 28.44 70.16
CA ARG I 437 -23.45 29.55 71.10
C ARG I 437 -22.22 30.44 70.95
N SER I 438 -21.08 29.85 70.57
CA SER I 438 -19.83 30.60 70.49
C SER I 438 -19.85 31.62 69.36
N ALA I 439 -20.65 31.38 68.33
CA ALA I 439 -20.91 32.42 67.33
C ALA I 439 -21.93 33.43 67.84
N GLU I 440 -22.86 33.00 68.68
CA GLU I 440 -23.84 33.89 69.29
C GLU I 440 -23.30 34.58 70.53
N ALA I 441 -22.16 34.14 71.05
CA ALA I 441 -21.51 34.77 72.20
C ALA I 441 -20.69 35.99 71.83
N SER I 442 -19.88 35.89 70.78
CA SER I 442 -18.98 36.98 70.43
C SER I 442 -19.69 38.13 69.74
N THR I 443 -20.86 37.88 69.16
CA THR I 443 -21.69 38.99 68.69
C THR I 443 -22.36 39.72 69.85
N LYS I 444 -22.55 39.05 70.99
CA LYS I 444 -23.00 39.74 72.19
C LYS I 444 -21.87 40.54 72.81
N THR I 445 -20.63 40.21 72.48
CA THR I 445 -19.45 40.91 72.96
C THR I 445 -18.89 41.83 71.86
N ALA I 446 -19.63 41.97 70.76
CA ALA I 446 -19.09 42.64 69.58
C ALA I 446 -19.05 44.15 69.78
N GLU I 447 -20.21 44.78 69.98
CA GLU I 447 -20.26 46.22 70.23
C GLU I 447 -20.50 46.57 71.68
N ALA I 448 -20.88 45.59 72.51
CA ALA I 448 -21.09 45.87 73.92
C ALA I 448 -19.77 46.15 74.62
N ALA I 449 -18.75 45.36 74.33
CA ALA I 449 -17.44 45.49 74.95
C ALA I 449 -16.44 46.21 74.05
N ALA I 450 -16.92 46.96 73.06
CA ALA I 450 -16.05 47.73 72.19
C ALA I 450 -16.13 49.23 72.45
N LEU I 451 -17.26 49.74 72.92
CA LEU I 451 -17.34 51.14 73.30
C LEU I 451 -17.82 51.23 74.74
N SER J 10 -41.98 -2.68 0.04
CA SER J 10 -41.17 -3.40 -0.94
C SER J 10 -41.20 -2.68 -2.26
N LEU J 11 -40.16 -2.86 -3.06
CA LEU J 11 -40.08 -2.27 -4.39
C LEU J 11 -40.58 -3.27 -5.42
N ARG J 12 -41.07 -2.73 -6.54
CA ARG J 12 -41.47 -3.54 -7.68
C ARG J 12 -41.51 -2.63 -8.90
N SER J 13 -40.76 -2.98 -9.93
CA SER J 13 -40.71 -2.18 -11.15
C SER J 13 -41.46 -2.92 -12.25
N MET J 14 -42.12 -2.16 -13.13
CA MET J 14 -42.90 -2.79 -14.18
C MET J 14 -42.03 -3.35 -15.31
N ILE J 15 -40.95 -2.67 -15.65
CA ILE J 15 -39.92 -3.25 -16.50
C ILE J 15 -38.80 -3.74 -15.59
N SER J 16 -37.99 -4.65 -16.11
CA SER J 16 -36.79 -5.21 -15.49
C SER J 16 -37.05 -6.07 -14.25
N GLY J 17 -38.31 -6.24 -13.84
CA GLY J 17 -38.73 -7.19 -12.82
C GLY J 17 -38.04 -7.15 -11.48
N LEU J 18 -38.00 -5.98 -10.84
CA LEU J 18 -37.12 -5.80 -9.69
C LEU J 18 -37.73 -6.40 -8.41
N GLY J 19 -39.03 -6.60 -8.37
CA GLY J 19 -39.61 -7.15 -7.17
C GLY J 19 -40.59 -8.27 -7.44
N ASP J 20 -40.47 -8.88 -8.60
CA ASP J 20 -41.41 -9.91 -9.03
C ASP J 20 -41.09 -11.24 -8.35
N PRO J 21 -42.02 -11.82 -7.59
CA PRO J 21 -41.73 -13.10 -6.91
C PRO J 21 -41.70 -14.31 -7.82
N LEU J 22 -41.81 -14.16 -9.13
CA LEU J 22 -41.60 -15.24 -10.07
C LEU J 22 -40.27 -15.15 -10.80
N ARG J 23 -39.85 -13.94 -11.18
CA ARG J 23 -38.63 -13.78 -11.94
C ARG J 23 -37.43 -13.46 -11.05
N ASP J 24 -37.51 -12.39 -10.28
CA ASP J 24 -36.43 -12.04 -9.36
C ASP J 24 -36.52 -12.92 -8.13
N LYS J 25 -35.36 -13.30 -7.60
CA LYS J 25 -35.31 -14.14 -6.41
C LYS J 25 -34.50 -13.50 -5.30
N ASN J 26 -34.37 -12.17 -5.29
CA ASN J 26 -33.54 -11.47 -4.30
C ASN J 26 -34.08 -11.65 -2.90
N ALA J 27 -35.23 -11.09 -2.64
CA ALA J 27 -35.95 -11.33 -1.40
C ALA J 27 -37.40 -11.57 -1.71
N SER J 28 -37.78 -11.46 -2.98
CA SER J 28 -39.15 -11.66 -3.43
C SER J 28 -39.61 -13.09 -3.32
N THR J 29 -38.69 -14.05 -3.24
CA THR J 29 -39.10 -15.45 -3.17
C THR J 29 -38.71 -16.07 -1.85
N PHE J 30 -38.89 -15.39 -0.73
CA PHE J 30 -38.39 -15.92 0.53
C PHE J 30 -39.41 -15.84 1.65
N HIS J 31 -39.28 -16.81 2.53
CA HIS J 31 -40.14 -16.96 3.69
C HIS J 31 -39.33 -17.69 4.76
N TRP J 32 -40.01 -18.14 5.79
CA TRP J 32 -39.39 -18.89 6.88
C TRP J 32 -40.28 -20.06 7.21
N ASP J 33 -39.66 -21.22 7.40
CA ASP J 33 -40.37 -22.36 7.96
C ASP J 33 -39.82 -22.62 9.35
N ARG J 34 -40.68 -23.06 10.25
CA ARG J 34 -40.30 -23.35 11.63
C ARG J 34 -39.36 -24.54 11.64
N GLN J 35 -38.53 -24.62 12.67
CA GLN J 35 -37.61 -25.74 12.74
C GLN J 35 -37.61 -26.30 14.16
N LEU J 36 -37.45 -27.62 14.25
CA LEU J 36 -37.61 -28.32 15.52
C LEU J 36 -36.46 -29.31 15.70
N ASP J 37 -36.15 -29.61 16.95
CA ASP J 37 -34.99 -30.42 17.31
C ASP J 37 -35.11 -30.87 18.75
N ASP J 38 -34.94 -32.18 18.99
CA ASP J 38 -35.11 -32.74 20.32
C ASP J 38 -33.92 -33.58 20.76
N ARG J 39 -33.30 -34.29 19.83
CA ARG J 39 -32.15 -35.16 20.12
C ARG J 39 -30.82 -34.51 19.77
N GLN J 40 -30.74 -33.81 18.65
CA GLN J 40 -29.50 -33.18 18.24
C GLN J 40 -29.13 -31.97 19.07
N LEU J 41 -29.99 -31.53 19.99
CA LEU J 41 -29.54 -30.60 21.02
C LEU J 41 -28.47 -31.23 21.90
N LEU J 42 -28.57 -32.53 22.13
CA LEU J 42 -27.53 -33.22 22.90
C LEU J 42 -26.28 -33.41 22.05
N TYR J 43 -26.44 -33.72 20.76
CA TYR J 43 -25.28 -33.96 19.91
C TYR J 43 -24.50 -32.68 19.65
N ALA J 44 -25.20 -31.56 19.50
CA ALA J 44 -24.52 -30.32 19.16
C ALA J 44 -23.83 -29.71 20.38
N TYR J 45 -24.44 -29.84 21.56
CA TYR J 45 -23.84 -29.31 22.77
C TYR J 45 -22.59 -30.10 23.14
N ARG J 46 -22.59 -31.39 22.88
CA ARG J 46 -21.52 -32.24 23.34
C ARG J 46 -20.35 -32.29 22.35
N ASN J 47 -20.61 -32.07 21.06
CA ASN J 47 -19.59 -32.31 20.04
C ASN J 47 -19.21 -31.06 19.25
N SER J 48 -19.59 -29.87 19.71
CA SER J 48 -19.27 -28.65 19.00
C SER J 48 -18.92 -27.58 20.02
N TRP J 49 -17.74 -26.97 19.87
CA TRP J 49 -17.33 -25.93 20.81
C TRP J 49 -18.11 -24.64 20.59
N VAL J 50 -18.69 -24.47 19.40
CA VAL J 50 -19.48 -23.29 19.11
C VAL J 50 -20.77 -23.31 19.91
N ALA J 51 -21.41 -24.48 19.97
CA ALA J 51 -22.70 -24.59 20.62
C ALA J 51 -22.57 -24.64 22.13
N ARG J 52 -21.49 -25.23 22.64
CA ARG J 52 -21.32 -25.33 24.08
C ARG J 52 -20.93 -23.99 24.67
N LYS J 53 -20.22 -23.15 23.92
CA LYS J 53 -19.79 -21.86 24.42
C LYS J 53 -20.96 -20.89 24.48
N ALA J 54 -21.91 -20.99 23.55
CA ALA J 54 -23.05 -20.10 23.54
C ALA J 54 -24.05 -20.43 24.63
N VAL J 55 -23.96 -21.63 25.21
CA VAL J 55 -24.87 -22.02 26.28
C VAL J 55 -24.28 -21.65 27.64
N THR J 56 -23.04 -22.03 27.88
CA THR J 56 -22.47 -21.98 29.22
C THR J 56 -22.04 -20.58 29.62
N ILE J 57 -21.27 -19.89 28.76
CA ILE J 57 -20.55 -18.69 29.20
C ILE J 57 -21.43 -17.49 29.53
N PRO J 58 -22.46 -17.12 28.75
CA PRO J 58 -23.33 -16.03 29.21
C PRO J 58 -24.20 -16.38 30.42
N ALA J 59 -24.24 -17.64 30.84
CA ALA J 59 -24.87 -18.02 32.09
C ALA J 59 -23.87 -18.26 33.20
N LEU J 60 -22.58 -18.39 32.86
CA LEU J 60 -21.57 -18.66 33.88
C LEU J 60 -21.03 -17.36 34.45
N ASP J 61 -21.05 -16.29 33.67
CA ASP J 61 -20.54 -15.01 34.12
C ASP J 61 -21.55 -14.21 34.92
N ALA J 62 -22.74 -14.77 35.18
CA ALA J 62 -23.73 -14.08 35.97
C ALA J 62 -23.70 -14.49 37.43
N VAL J 63 -22.96 -15.53 37.78
CA VAL J 63 -22.89 -15.99 39.17
C VAL J 63 -21.43 -16.14 39.60
N ARG J 64 -20.53 -15.43 38.93
CA ARG J 64 -19.13 -15.46 39.34
C ARG J 64 -18.93 -14.71 40.66
N LYS J 65 -19.35 -13.46 40.70
CA LYS J 65 -19.36 -12.65 41.92
C LYS J 65 -20.77 -12.14 42.13
N TRP J 66 -21.23 -12.14 43.38
CA TRP J 66 -22.67 -12.12 43.61
C TRP J 66 -22.98 -11.83 45.06
N ARG J 67 -23.95 -10.92 45.26
CA ARG J 67 -24.78 -10.83 46.46
C ARG J 67 -23.95 -10.58 47.74
N ASP J 68 -23.45 -9.37 47.85
CA ASP J 68 -22.98 -8.86 49.13
C ASP J 68 -24.15 -8.24 49.90
N TRP J 69 -24.41 -8.77 51.09
CA TRP J 69 -25.55 -8.31 51.87
C TRP J 69 -25.25 -6.97 52.54
N GLN J 70 -26.19 -6.49 53.36
CA GLN J 70 -26.11 -5.14 53.88
C GLN J 70 -25.96 -5.05 55.39
N ALA J 71 -26.87 -5.62 56.15
CA ALA J 71 -26.83 -5.39 57.60
C ALA J 71 -25.78 -6.28 58.24
N ASP J 72 -25.08 -5.73 59.23
CA ASP J 72 -24.16 -6.53 60.03
C ASP J 72 -24.50 -6.34 61.50
N GLN J 73 -25.17 -7.33 62.07
CA GLN J 73 -25.32 -7.54 63.51
C GLN J 73 -24.82 -8.94 63.83
N LYS J 74 -23.60 -9.21 63.33
CA LYS J 74 -22.95 -10.52 63.27
C LYS J 74 -23.76 -11.51 62.43
N ASP J 75 -24.63 -10.99 61.55
CA ASP J 75 -25.62 -11.78 60.85
C ASP J 75 -25.35 -11.95 59.38
N ILE J 76 -24.42 -11.17 58.82
CA ILE J 76 -23.98 -11.40 57.46
C ILE J 76 -23.09 -12.64 57.36
N SER J 77 -22.62 -13.15 58.50
CA SER J 77 -21.80 -14.35 58.51
C SER J 77 -22.61 -15.63 58.47
N ARG J 78 -23.71 -15.71 59.21
CA ARG J 78 -24.50 -16.93 59.18
C ARG J 78 -25.66 -16.86 58.20
N ILE J 79 -25.83 -15.73 57.52
CA ILE J 79 -26.77 -15.72 56.39
C ILE J 79 -26.06 -16.23 55.15
N GLU J 80 -24.73 -16.29 55.19
CA GLU J 80 -23.98 -16.93 54.13
C GLU J 80 -23.67 -18.38 54.44
N ALA J 81 -23.71 -18.76 55.72
CA ALA J 81 -23.45 -20.14 56.10
C ALA J 81 -24.57 -21.05 55.64
N THR J 82 -25.79 -20.52 55.54
CA THR J 82 -26.88 -21.33 55.01
C THR J 82 -26.79 -21.44 53.50
N GLU J 83 -26.16 -20.47 52.84
CA GLU J 83 -25.96 -20.56 51.41
C GLU J 83 -24.84 -21.54 51.07
N LYS J 84 -23.74 -21.49 51.83
CA LYS J 84 -22.60 -22.36 51.56
C LYS J 84 -22.90 -23.80 51.93
N ARG J 85 -23.81 -24.02 52.87
CA ARG J 85 -24.20 -25.39 53.24
C ARG J 85 -25.03 -26.04 52.13
N LEU J 86 -26.03 -25.32 51.63
CA LEU J 86 -26.89 -25.85 50.60
C LEU J 86 -26.25 -25.87 49.22
N GLY J 87 -25.20 -25.11 49.00
CA GLY J 87 -24.61 -25.01 47.67
C GLY J 87 -25.47 -24.23 46.71
N LEU J 88 -25.95 -23.05 47.13
CA LEU J 88 -26.88 -22.29 46.31
C LEU J 88 -26.17 -21.57 45.17
N GLN J 89 -24.85 -21.38 45.27
CA GLN J 89 -24.10 -20.76 44.19
C GLN J 89 -23.98 -21.69 42.99
N GLN J 90 -23.59 -22.94 43.22
CA GLN J 90 -23.45 -23.90 42.14
C GLN J 90 -24.79 -24.35 41.57
N LYS J 91 -25.80 -24.54 42.43
CA LYS J 91 -27.08 -25.03 41.96
C LYS J 91 -27.90 -23.99 41.24
N LEU J 92 -27.49 -22.71 41.28
CA LEU J 92 -28.15 -21.74 40.42
C LEU J 92 -27.44 -21.67 39.07
N LEU J 93 -26.15 -21.99 39.05
CA LEU J 93 -25.42 -22.10 37.80
C LEU J 93 -25.84 -23.34 37.02
N GLN J 94 -26.03 -24.45 37.72
CA GLN J 94 -26.37 -25.70 37.05
C GLN J 94 -27.83 -25.69 36.60
N CYS J 95 -28.65 -24.83 37.22
CA CYS J 95 -30.04 -24.69 36.80
C CYS J 95 -30.16 -23.80 35.56
N LYS J 96 -29.39 -22.72 35.51
CA LYS J 96 -29.53 -21.75 34.42
C LYS J 96 -28.99 -22.32 33.12
N THR J 97 -27.99 -23.19 33.19
CA THR J 97 -27.44 -23.80 31.98
C THR J 97 -28.42 -24.79 31.37
N LEU J 98 -29.10 -25.57 32.20
CA LEU J 98 -30.09 -26.50 31.67
C LEU J 98 -31.29 -25.77 31.11
N ALA J 99 -31.64 -24.63 31.70
CA ALA J 99 -32.66 -23.79 31.11
C ALA J 99 -32.16 -23.15 29.83
N ARG J 100 -30.85 -22.97 29.71
CA ARG J 100 -30.28 -22.39 28.51
C ARG J 100 -30.22 -23.39 27.37
N LEU J 101 -29.86 -24.65 27.68
CA LEU J 101 -29.77 -25.68 26.65
C LEU J 101 -31.15 -26.16 26.26
N TRP J 102 -31.88 -26.74 27.22
CA TRP J 102 -33.22 -27.23 26.95
C TRP J 102 -34.20 -26.06 27.01
N GLY J 103 -35.50 -26.40 26.99
CA GLY J 103 -36.51 -25.36 27.02
C GLY J 103 -36.60 -24.63 28.34
N GLY J 104 -36.20 -25.29 29.42
CA GLY J 104 -36.28 -24.68 30.74
C GLY J 104 -35.89 -25.69 31.79
N ALA J 105 -35.70 -25.20 33.01
CA ALA J 105 -35.34 -26.04 34.13
C ALA J 105 -35.90 -25.42 35.40
N ALA J 106 -35.77 -26.13 36.51
CA ALA J 106 -36.40 -25.70 37.74
C ALA J 106 -35.71 -26.35 38.94
N ILE J 107 -35.51 -25.56 39.98
CA ILE J 107 -35.03 -26.05 41.26
C ILE J 107 -36.18 -25.92 42.26
N VAL J 108 -36.34 -26.92 43.12
CA VAL J 108 -37.49 -27.02 44.02
C VAL J 108 -37.00 -26.93 45.47
N ILE J 109 -37.70 -26.12 46.27
CA ILE J 109 -37.29 -25.83 47.64
C ILE J 109 -37.88 -26.89 48.57
N GLY J 110 -37.13 -27.29 49.58
CA GLY J 110 -37.70 -28.15 50.60
C GLY J 110 -37.55 -27.61 52.01
N VAL J 111 -38.63 -27.18 52.59
CA VAL J 111 -38.65 -26.78 53.99
C VAL J 111 -39.10 -28.00 54.79
N LYS J 112 -38.53 -28.19 55.97
CA LYS J 112 -38.86 -29.35 56.79
C LYS J 112 -40.31 -29.30 57.25
N ASP J 113 -40.97 -30.47 57.17
CA ASP J 113 -42.36 -30.70 57.57
C ASP J 113 -43.33 -29.82 56.76
N GLN J 114 -43.26 -29.99 55.44
CA GLN J 114 -44.17 -29.37 54.50
C GLN J 114 -44.76 -30.44 53.61
N ASP J 115 -46.08 -30.40 53.44
CA ASP J 115 -46.82 -31.58 53.02
C ASP J 115 -46.83 -31.83 51.52
N MET J 116 -47.43 -30.94 50.75
CA MET J 116 -47.88 -31.28 49.41
C MET J 116 -48.01 -29.99 48.61
N ALA J 117 -48.60 -30.07 47.42
CA ALA J 117 -48.89 -28.88 46.62
C ALA J 117 -50.05 -28.10 47.20
N THR J 118 -49.83 -27.48 48.35
CA THR J 118 -50.80 -26.57 48.96
C THR J 118 -50.70 -25.23 48.27
N PRO J 119 -51.56 -24.26 48.60
CA PRO J 119 -51.17 -22.88 48.34
C PRO J 119 -50.03 -22.57 49.29
N PHE J 120 -48.83 -22.61 48.75
CA PHE J 120 -47.64 -23.01 49.49
C PHE J 120 -46.72 -21.81 49.62
N GLU J 121 -46.80 -21.13 50.73
CA GLU J 121 -45.82 -20.09 51.03
C GLU J 121 -44.81 -20.62 52.04
N PRO J 122 -43.57 -20.80 51.65
CA PRO J 122 -42.51 -21.00 52.64
C PRO J 122 -41.96 -19.67 53.18
N GLU J 123 -42.85 -18.75 53.53
CA GLU J 123 -42.48 -17.46 54.08
C GLU J 123 -42.87 -17.28 55.53
N THR J 124 -43.92 -17.97 55.98
CA THR J 124 -44.41 -17.82 57.34
C THR J 124 -43.65 -18.67 58.34
N VAL J 125 -42.98 -19.72 57.88
CA VAL J 125 -42.30 -20.65 58.78
C VAL J 125 -41.05 -19.98 59.37
N ASN J 126 -41.05 -19.78 60.68
CA ASN J 126 -40.00 -19.05 61.38
C ASN J 126 -39.20 -20.03 62.23
N LYS J 127 -38.27 -20.72 61.59
CA LYS J 127 -37.45 -21.74 62.23
C LYS J 127 -36.08 -21.73 61.56
N ASP J 128 -35.34 -22.82 61.73
CA ASP J 128 -34.06 -22.99 61.05
C ASP J 128 -34.08 -24.26 60.22
N ASP J 129 -35.14 -24.45 59.45
CA ASP J 129 -35.45 -25.71 58.81
C ASP J 129 -35.41 -25.58 57.28
N LEU J 130 -34.30 -25.98 56.68
CA LEU J 130 -34.19 -25.93 55.22
C LEU J 130 -33.16 -26.97 54.81
N VAL J 131 -33.60 -27.97 54.03
CA VAL J 131 -32.71 -29.08 53.71
C VAL J 131 -32.57 -29.32 52.21
N TYR J 132 -33.67 -29.30 51.46
CA TYR J 132 -33.67 -29.77 50.08
C TYR J 132 -33.40 -28.62 49.11
N LEU J 133 -32.45 -28.84 48.20
CA LEU J 133 -32.35 -28.08 46.94
C LEU J 133 -31.95 -29.07 45.85
N THR J 134 -32.95 -29.64 45.18
CA THR J 134 -32.72 -30.50 44.03
C THR J 134 -33.17 -29.77 42.78
N VAL J 135 -32.36 -29.90 41.73
CA VAL J 135 -32.51 -29.14 40.50
C VAL J 135 -32.73 -30.10 39.34
N MET J 136 -33.82 -29.89 38.60
CA MET J 136 -34.20 -30.80 37.53
C MET J 136 -34.57 -29.99 36.29
N SER J 137 -34.32 -30.58 35.14
CA SER J 137 -34.65 -29.92 33.88
C SER J 137 -36.12 -30.12 33.55
N ARG J 138 -36.49 -29.71 32.34
CA ARG J 138 -37.85 -29.95 31.86
C ARG J 138 -38.04 -31.41 31.46
N ARG J 139 -36.95 -32.18 31.39
CA ARG J 139 -37.07 -33.62 31.17
C ARG J 139 -37.78 -34.31 32.32
N GLU J 140 -37.60 -33.81 33.54
CA GLU J 140 -38.04 -34.50 34.75
C GLU J 140 -39.14 -33.76 35.48
N LEU J 141 -39.83 -32.85 34.82
CA LEU J 141 -40.99 -32.15 35.35
C LEU J 141 -42.17 -32.39 34.40
N SER J 142 -43.31 -31.80 34.72
CA SER J 142 -44.50 -31.93 33.87
C SER J 142 -45.43 -30.75 34.06
N PRO J 143 -45.63 -29.94 33.03
CA PRO J 143 -46.42 -28.71 33.14
C PRO J 143 -47.90 -28.89 32.82
N GLU J 144 -48.55 -29.83 33.50
CA GLU J 144 -49.77 -30.44 32.95
C GLU J 144 -51.06 -29.73 33.38
N GLU J 145 -51.06 -28.40 33.27
CA GLU J 145 -52.22 -27.51 33.23
C GLU J 145 -51.75 -26.19 32.63
N LEU J 146 -52.70 -25.29 32.38
CA LEU J 146 -52.33 -23.89 32.12
C LEU J 146 -53.08 -22.90 32.99
N GLU J 147 -54.39 -23.09 33.18
CA GLU J 147 -55.26 -22.26 34.04
C GLU J 147 -55.25 -20.79 33.61
N GLN J 148 -55.94 -20.57 32.49
CA GLN J 148 -56.00 -19.32 31.75
C GLN J 148 -56.85 -18.24 32.44
N ASP J 149 -57.18 -18.40 33.72
CA ASP J 149 -57.98 -17.41 34.44
C ASP J 149 -57.21 -16.11 34.64
N PRO J 150 -57.66 -14.99 34.07
CA PRO J 150 -56.83 -13.76 34.09
C PRO J 150 -56.87 -12.99 35.40
N LEU J 151 -56.78 -13.70 36.52
CA LEU J 151 -56.73 -13.08 37.83
C LEU J 151 -55.76 -13.74 38.78
N ASP J 152 -55.25 -14.92 38.44
CA ASP J 152 -54.45 -15.70 39.37
C ASP J 152 -52.99 -15.28 39.31
N GLU J 153 -52.33 -15.41 40.45
CA GLU J 153 -50.87 -15.43 40.48
C GLU J 153 -50.38 -16.62 39.65
N PHE J 154 -49.20 -16.43 39.06
CA PHE J 154 -48.64 -17.27 37.98
C PHE J 154 -49.69 -17.64 36.93
N TYR J 155 -50.25 -16.60 36.33
CA TYR J 155 -51.11 -16.71 35.15
C TYR J 155 -50.33 -17.32 33.98
N ALA J 156 -51.03 -18.15 33.21
CA ALA J 156 -50.49 -18.92 32.08
C ALA J 156 -49.28 -19.77 32.48
N ARG J 157 -49.29 -20.27 33.71
CA ARG J 157 -48.21 -21.04 34.31
C ARG J 157 -48.81 -22.26 35.00
N PRO J 158 -48.10 -23.39 35.00
CA PRO J 158 -48.80 -24.69 34.96
C PRO J 158 -49.57 -25.15 36.20
N LYS J 159 -49.40 -24.53 37.36
CA LYS J 159 -50.17 -24.74 38.60
C LYS J 159 -49.87 -26.10 39.28
N ARG J 160 -49.22 -27.04 38.60
CA ARG J 160 -49.05 -28.38 39.16
C ARG J 160 -47.96 -29.10 38.39
N TYR J 161 -47.06 -29.76 39.11
CA TYR J 161 -45.92 -30.41 38.50
C TYR J 161 -45.84 -31.87 38.94
N GLN J 162 -46.14 -32.77 38.02
CA GLN J 162 -45.94 -34.21 38.21
C GLN J 162 -44.44 -34.48 38.20
N VAL J 163 -43.85 -34.63 39.39
CA VAL J 163 -42.41 -34.84 39.47
C VAL J 163 -42.07 -35.81 40.60
N SER J 164 -41.49 -36.95 40.24
CA SER J 164 -40.88 -37.97 41.09
C SER J 164 -40.29 -39.03 40.17
N ASN J 165 -39.51 -39.93 40.76
CA ASN J 165 -39.02 -41.09 40.05
C ASN J 165 -39.16 -42.31 40.96
N GLY J 166 -39.88 -43.32 40.48
CA GLY J 166 -40.02 -44.54 41.25
C GLY J 166 -41.26 -44.60 42.12
N ARG J 167 -41.10 -44.20 43.39
CA ARG J 167 -42.04 -44.46 44.47
C ARG J 167 -43.41 -43.83 44.27
N ASN J 168 -43.50 -42.50 44.24
CA ASN J 168 -44.79 -41.83 44.29
C ASN J 168 -45.02 -40.86 43.14
N LEU J 169 -46.07 -40.05 43.24
CA LEU J 169 -46.49 -39.14 42.18
C LEU J 169 -46.07 -37.69 42.44
N SER J 170 -46.38 -37.18 43.65
CA SER J 170 -45.85 -35.92 44.19
C SER J 170 -46.23 -34.71 43.33
N PHE J 171 -47.51 -34.36 43.37
CA PHE J 171 -47.92 -33.05 42.89
C PHE J 171 -47.20 -31.95 43.66
N VAL J 172 -46.59 -31.02 42.93
CA VAL J 172 -45.81 -29.94 43.52
C VAL J 172 -46.35 -28.61 42.99
N HIS J 173 -46.52 -27.64 43.90
CA HIS J 173 -47.08 -26.33 43.64
C HIS J 173 -45.97 -25.39 43.14
N PRO J 174 -46.28 -24.46 42.21
CA PRO J 174 -45.22 -23.63 41.62
C PRO J 174 -44.52 -22.69 42.58
N SER J 175 -45.15 -22.34 43.70
CA SER J 175 -44.49 -21.48 44.66
C SER J 175 -43.44 -22.23 45.48
N ARG J 176 -43.33 -23.53 45.32
CA ARG J 176 -42.23 -24.34 45.81
C ARG J 176 -41.09 -24.42 44.78
N ILE J 177 -41.25 -23.77 43.63
CA ILE J 177 -40.36 -23.99 42.49
C ILE J 177 -39.88 -22.65 41.95
N VAL J 178 -38.57 -22.55 41.72
CA VAL J 178 -37.97 -21.49 40.94
C VAL J 178 -38.08 -21.85 39.48
N HIS J 179 -38.65 -20.95 38.67
CA HIS J 179 -39.01 -21.23 37.29
C HIS J 179 -38.04 -20.51 36.37
N GLN J 180 -37.22 -21.26 35.64
CA GLN J 180 -36.20 -20.71 34.76
C GLN J 180 -36.44 -21.14 33.32
N VAL J 181 -36.38 -20.18 32.40
CA VAL J 181 -36.54 -20.45 30.98
C VAL J 181 -35.33 -19.91 30.23
N GLY J 182 -35.14 -20.42 29.02
CA GLY J 182 -34.09 -19.91 28.15
C GLY J 182 -34.46 -18.61 27.48
N GLU J 183 -35.44 -18.65 26.60
CA GLU J 183 -35.97 -17.47 25.95
C GLU J 183 -37.48 -17.48 26.08
N THR J 184 -38.04 -16.35 26.47
CA THR J 184 -39.48 -16.26 26.68
C THR J 184 -40.21 -16.30 25.34
N HIS J 185 -41.12 -17.26 25.21
CA HIS J 185 -41.94 -17.38 24.01
C HIS J 185 -42.91 -16.20 23.94
N PRO J 186 -43.18 -15.68 22.75
CA PRO J 186 -44.04 -14.48 22.67
C PRO J 186 -45.51 -14.77 22.91
N ASP J 187 -46.03 -15.88 22.40
CA ASP J 187 -47.44 -16.22 22.58
C ASP J 187 -47.48 -17.55 23.34
N PRO J 188 -47.50 -17.52 24.67
CA PRO J 188 -47.32 -18.77 25.44
C PRO J 188 -48.53 -19.68 25.42
N MET J 189 -49.72 -19.18 25.06
CA MET J 189 -50.89 -20.04 25.03
C MET J 189 -50.97 -20.83 23.73
N LEU J 190 -50.47 -20.25 22.65
CA LEU J 190 -50.47 -20.90 21.34
C LEU J 190 -49.25 -21.81 21.15
N ALA J 191 -48.35 -21.85 22.13
CA ALA J 191 -47.11 -22.60 22.02
C ALA J 191 -47.36 -24.10 22.01
N THR J 192 -46.44 -24.83 21.39
CA THR J 192 -46.57 -26.26 21.17
C THR J 192 -45.23 -26.92 21.44
N GLY J 193 -45.11 -28.18 21.02
CA GLY J 193 -43.88 -28.91 21.24
C GLY J 193 -43.82 -29.49 22.64
N VAL J 194 -42.61 -29.89 23.02
CA VAL J 194 -42.41 -30.47 24.35
C VAL J 194 -42.51 -29.39 25.42
N ASN J 195 -41.81 -28.28 25.23
CA ASN J 195 -41.88 -27.15 26.14
C ASN J 195 -43.21 -26.43 25.96
N VAL J 196 -44.16 -26.74 26.84
CA VAL J 196 -45.48 -26.14 26.78
C VAL J 196 -45.55 -24.98 27.77
N GLY J 197 -45.33 -25.29 29.04
CA GLY J 197 -45.27 -24.26 30.05
C GLY J 197 -43.89 -23.70 30.29
N TRP J 198 -42.93 -24.05 29.44
CA TRP J 198 -41.56 -23.62 29.58
C TRP J 198 -41.22 -22.62 28.48
N GLY J 199 -39.95 -22.24 28.42
CA GLY J 199 -39.47 -21.33 27.40
C GLY J 199 -38.89 -22.09 26.22
N ASP J 200 -38.18 -21.34 25.37
CA ASP J 200 -37.60 -21.90 24.18
C ASP J 200 -36.07 -21.90 24.30
N SER J 201 -35.45 -22.83 23.60
CA SER J 201 -34.01 -23.00 23.71
C SER J 201 -33.28 -21.90 22.94
N THR J 202 -32.01 -21.71 23.28
CA THR J 202 -31.22 -20.70 22.60
C THR J 202 -30.33 -21.25 21.51
N LEU J 203 -30.42 -22.54 21.21
CA LEU J 203 -29.91 -23.03 19.93
C LEU J 203 -30.96 -22.93 18.84
N GLN J 204 -32.13 -22.37 19.16
CA GLN J 204 -33.16 -22.17 18.16
C GLN J 204 -32.78 -21.06 17.19
N ALA J 205 -32.45 -19.89 17.72
CA ALA J 205 -32.25 -18.72 16.88
C ALA J 205 -30.91 -18.75 16.18
N LEU J 206 -29.86 -19.21 16.86
CA LEU J 206 -28.52 -19.22 16.29
C LEU J 206 -28.16 -20.56 15.64
N TYR J 207 -29.16 -21.31 15.18
CA TYR J 207 -28.86 -22.57 14.51
C TYR J 207 -28.34 -22.33 13.10
N ASP J 208 -28.91 -21.36 12.40
CA ASP J 208 -28.47 -21.08 11.03
C ASP J 208 -27.11 -20.42 11.02
N ALA J 209 -26.85 -19.53 11.98
CA ALA J 209 -25.55 -18.86 12.05
C ALA J 209 -24.45 -19.83 12.44
N MET J 210 -24.77 -20.85 13.24
CA MET J 210 -23.77 -21.82 13.64
C MET J 210 -23.39 -22.74 12.50
N MET J 211 -24.37 -23.20 11.72
CA MET J 211 -24.08 -24.21 10.70
C MET J 211 -23.44 -23.59 9.48
N ASN J 212 -23.55 -22.27 9.29
CA ASN J 212 -22.80 -21.64 8.22
C ASN J 212 -21.30 -21.63 8.53
N SER J 213 -20.96 -21.40 9.79
CA SER J 213 -19.54 -21.31 10.14
C SER J 213 -18.89 -22.68 10.19
N ASP J 214 -19.60 -23.69 10.70
CA ASP J 214 -18.98 -25.00 10.86
C ASP J 214 -18.88 -25.76 9.55
N ASN J 215 -19.69 -25.40 8.55
CA ASN J 215 -19.54 -26.04 7.25
C ASN J 215 -18.33 -25.50 6.51
N THR J 216 -18.12 -24.18 6.57
CA THR J 216 -17.00 -23.58 5.86
C THR J 216 -15.67 -23.87 6.53
N GLN J 217 -15.67 -24.30 7.78
CA GLN J 217 -14.42 -24.76 8.37
C GLN J 217 -14.02 -26.12 7.82
N ALA J 218 -15.00 -26.99 7.57
CA ALA J 218 -14.67 -28.33 7.12
C ALA J 218 -14.46 -28.39 5.62
N ASN J 219 -14.83 -27.33 4.91
CA ASN J 219 -14.60 -27.28 3.47
C ASN J 219 -13.22 -26.73 3.15
N ILE J 220 -12.83 -25.64 3.81
CA ILE J 220 -11.57 -24.99 3.52
C ILE J 220 -10.41 -25.83 4.05
N ALA J 221 -10.64 -26.60 5.10
CA ALA J 221 -9.61 -27.53 5.55
C ALA J 221 -9.59 -28.80 4.70
N SER J 222 -10.54 -28.97 3.79
CA SER J 222 -10.48 -30.09 2.87
C SER J 222 -9.67 -29.74 1.62
N LEU J 223 -9.63 -28.46 1.26
CA LEU J 223 -8.88 -28.04 0.08
C LEU J 223 -7.38 -28.10 0.31
N VAL J 224 -6.93 -28.17 1.56
CA VAL J 224 -5.49 -28.12 1.81
C VAL J 224 -4.86 -29.44 1.43
N PHE J 225 -5.63 -30.54 1.50
CA PHE J 225 -5.14 -31.82 1.00
C PHE J 225 -4.98 -31.80 -0.51
N GLU J 226 -5.94 -31.23 -1.21
CA GLU J 226 -5.81 -31.01 -2.64
C GLU J 226 -5.22 -29.64 -2.93
N ALA J 227 -4.06 -29.34 -2.34
CA ALA J 227 -3.45 -28.04 -2.59
C ALA J 227 -2.86 -27.97 -3.99
N ASN J 228 -2.28 -29.06 -4.46
CA ASN J 228 -1.88 -29.17 -5.86
C ASN J 228 -1.83 -30.64 -6.22
N VAL J 229 -2.79 -31.06 -7.04
CA VAL J 229 -2.84 -32.40 -7.59
C VAL J 229 -2.26 -32.35 -9.01
N ASP J 230 -1.55 -33.40 -9.39
CA ASP J 230 -0.94 -33.48 -10.71
C ASP J 230 -1.28 -34.79 -11.39
N VAL J 231 -1.38 -34.75 -12.71
CA VAL J 231 -1.76 -35.89 -13.51
C VAL J 231 -0.60 -36.24 -14.43
N ILE J 232 -0.61 -37.48 -14.93
CA ILE J 232 0.39 -37.97 -15.87
C ILE J 232 -0.36 -38.75 -16.93
N GLY J 233 -0.27 -38.30 -18.18
CA GLY J 233 -1.00 -38.96 -19.24
C GLY J 233 -0.16 -39.88 -20.10
N LEU J 234 -0.33 -41.19 -19.96
CA LEU J 234 0.35 -42.13 -20.82
C LEU J 234 -0.43 -42.29 -22.14
N PRO J 235 0.27 -42.52 -23.26
CA PRO J 235 -0.42 -42.62 -24.56
C PRO J 235 -1.40 -43.77 -24.72
N ASP J 236 -0.95 -45.01 -24.51
CA ASP J 236 -1.84 -46.17 -24.52
C ASP J 236 -1.88 -46.73 -23.11
N PHE J 237 -2.76 -46.15 -22.30
CA PHE J 237 -2.95 -46.56 -20.93
C PHE J 237 -4.15 -47.48 -20.78
N MET J 238 -4.96 -47.60 -21.83
CA MET J 238 -6.10 -48.48 -21.84
C MET J 238 -5.68 -49.94 -21.84
N GLU J 239 -4.47 -50.23 -22.29
CA GLU J 239 -4.03 -51.59 -22.58
C GLU J 239 -3.04 -52.13 -21.56
N ASN J 240 -2.27 -51.27 -20.90
CA ASN J 240 -1.45 -51.71 -19.78
C ASN J 240 -2.32 -52.13 -18.60
N MET J 241 -3.42 -51.42 -18.39
CA MET J 241 -4.33 -51.70 -17.27
C MET J 241 -5.41 -52.70 -17.67
N SER J 242 -5.02 -53.81 -18.28
CA SER J 242 -5.98 -54.78 -18.80
C SER J 242 -5.83 -56.15 -18.16
N SER J 243 -4.82 -56.35 -17.33
CA SER J 243 -4.69 -57.58 -16.58
C SER J 243 -4.08 -57.23 -15.23
N GLU J 244 -3.83 -58.24 -14.40
CA GLU J 244 -3.24 -58.03 -13.09
C GLU J 244 -1.72 -58.03 -13.12
N VAL J 245 -1.09 -58.89 -13.91
CA VAL J 245 0.35 -59.01 -13.91
C VAL J 245 0.99 -57.84 -14.66
N TYR J 246 0.30 -57.34 -15.68
CA TYR J 246 0.82 -56.21 -16.44
C TYR J 246 0.73 -54.92 -15.65
N ARG J 247 -0.36 -54.71 -14.91
CA ARG J 247 -0.57 -53.40 -14.30
C ARG J 247 0.25 -53.25 -13.03
N GLN J 248 0.65 -54.36 -12.42
CA GLN J 248 1.51 -54.24 -11.24
C GLN J 248 2.96 -54.05 -11.67
N LYS J 249 3.29 -54.40 -12.91
CA LYS J 249 4.59 -54.05 -13.46
C LYS J 249 4.71 -52.54 -13.65
N LEU J 250 3.59 -51.89 -13.91
CA LEU J 250 3.55 -50.44 -14.12
C LEU J 250 3.50 -49.68 -12.81
N LEU J 251 2.59 -50.07 -11.91
CA LEU J 251 2.32 -49.28 -10.72
C LEU J 251 3.37 -49.49 -9.64
N ASP J 252 4.13 -50.58 -9.71
CA ASP J 252 5.23 -50.73 -8.77
C ASP J 252 6.40 -49.83 -9.17
N ARG J 253 6.54 -49.53 -10.45
CA ARG J 253 7.66 -48.68 -10.85
C ARG J 253 7.32 -47.21 -10.68
N PHE J 254 6.05 -46.84 -10.91
CA PHE J 254 5.63 -45.47 -10.66
C PHE J 254 5.58 -45.12 -9.18
N THR J 255 5.51 -46.12 -8.29
CA THR J 255 5.62 -45.82 -6.87
C THR J 255 7.02 -45.34 -6.55
N LEU J 256 8.02 -46.08 -7.00
CA LEU J 256 9.41 -45.74 -6.68
C LEU J 256 9.90 -44.58 -7.52
N ALA J 257 9.16 -44.18 -8.54
CA ALA J 257 9.55 -43.04 -9.36
C ALA J 257 8.80 -41.77 -9.02
N ALA J 258 7.66 -41.84 -8.35
CA ALA J 258 6.93 -40.66 -7.93
C ALA J 258 6.93 -40.49 -6.42
N ALA J 259 7.72 -41.28 -5.71
CA ALA J 259 7.86 -41.07 -4.28
C ALA J 259 8.81 -39.93 -3.97
N GLY J 260 9.96 -39.91 -4.63
CA GLY J 260 11.02 -38.99 -4.28
C GLY J 260 11.19 -37.78 -5.18
N LYS J 261 10.20 -37.44 -5.99
CA LYS J 261 10.32 -36.27 -6.84
C LYS J 261 10.26 -35.01 -6.01
N GLY J 262 10.88 -33.95 -6.50
CA GLY J 262 10.99 -32.74 -5.71
C GLY J 262 12.25 -31.97 -6.06
N ILE J 263 12.87 -31.41 -5.02
CA ILE J 263 13.98 -30.50 -5.25
C ILE J 263 15.24 -31.27 -5.64
N ASN J 264 15.48 -32.40 -4.99
CA ASN J 264 16.75 -33.11 -5.14
C ASN J 264 16.67 -34.30 -6.08
N LYS J 265 15.53 -34.57 -6.70
CA LYS J 265 15.42 -35.59 -7.73
C LYS J 265 14.62 -35.03 -8.89
N THR J 266 14.97 -35.46 -10.10
CA THR J 266 14.29 -35.01 -11.32
C THR J 266 13.63 -36.20 -11.99
N LEU J 267 12.37 -36.03 -12.39
CA LEU J 267 11.67 -37.09 -13.10
C LEU J 267 12.26 -37.29 -14.49
N MET J 268 12.22 -38.53 -14.96
CA MET J 268 12.50 -38.85 -16.35
C MET J 268 11.25 -39.42 -16.99
N LEU J 269 10.78 -38.78 -18.05
CA LEU J 269 9.60 -39.25 -18.74
C LEU J 269 9.92 -39.38 -20.22
N ASP J 270 9.04 -40.09 -20.92
CA ASP J 270 9.10 -40.11 -22.37
C ASP J 270 8.63 -38.76 -22.91
N ALA J 271 8.94 -38.49 -24.18
CA ALA J 271 8.54 -37.22 -24.77
C ALA J 271 7.05 -37.15 -25.08
N GLU J 272 6.33 -38.27 -25.01
CA GLU J 272 4.88 -38.29 -25.20
C GLU J 272 4.12 -38.01 -23.91
N GLU J 273 4.69 -38.43 -22.78
CA GLU J 273 4.02 -38.34 -21.49
C GLU J 273 4.00 -36.89 -21.02
N VAL J 274 2.89 -36.50 -20.39
CA VAL J 274 2.53 -35.08 -20.34
C VAL J 274 2.96 -34.38 -19.06
N PHE J 275 2.42 -34.81 -17.91
CA PHE J 275 2.71 -34.27 -16.58
C PHE J 275 2.38 -32.77 -16.48
N THR J 276 1.09 -32.49 -16.45
CA THR J 276 0.63 -31.16 -16.03
C THR J 276 0.34 -31.15 -14.53
N ALA J 277 0.19 -29.95 -13.98
CA ALA J 277 0.02 -29.77 -12.54
C ALA J 277 -1.03 -28.70 -12.29
N HIS J 278 -2.04 -29.04 -11.50
CA HIS J 278 -3.20 -28.19 -11.29
C HIS J 278 -3.23 -27.63 -9.88
N SER J 279 -2.97 -26.33 -9.77
CA SER J 279 -2.85 -25.69 -8.46
C SER J 279 -4.14 -24.95 -8.15
N ARG J 280 -4.72 -25.22 -6.99
CA ARG J 280 -5.96 -24.57 -6.62
C ARG J 280 -5.68 -23.19 -6.07
N SER J 281 -6.74 -22.44 -5.78
CA SER J 281 -6.61 -21.04 -5.40
C SER J 281 -7.17 -20.83 -3.99
N PHE J 282 -6.38 -20.17 -3.15
CA PHE J 282 -6.78 -19.85 -1.79
C PHE J 282 -6.85 -18.34 -1.58
N ALA J 283 -7.34 -17.62 -2.57
CA ALA J 283 -7.46 -16.17 -2.49
C ALA J 283 -8.72 -15.80 -1.71
N ASN J 284 -8.57 -14.89 -0.75
CA ASN J 284 -9.62 -14.30 0.07
C ASN J 284 -10.41 -15.29 0.92
N LEU J 285 -9.95 -16.55 1.03
CA LEU J 285 -10.62 -17.54 1.85
C LEU J 285 -10.27 -17.45 3.29
N ASP J 286 -9.69 -16.35 3.75
CA ASP J 286 -9.40 -16.15 5.16
C ASP J 286 -10.10 -14.95 5.73
N LYS J 287 -10.54 -14.03 4.89
CA LYS J 287 -11.48 -13.01 5.33
C LYS J 287 -12.90 -13.54 5.31
N ILE J 288 -13.15 -14.64 4.60
CA ILE J 288 -14.45 -15.28 4.67
C ILE J 288 -14.61 -16.03 5.99
N MET J 289 -13.53 -16.69 6.44
CA MET J 289 -13.58 -17.48 7.67
C MET J 289 -13.80 -16.60 8.90
N GLU J 290 -13.41 -15.34 8.84
CA GLU J 290 -13.55 -14.48 10.01
C GLU J 290 -14.85 -13.68 9.98
N GLN J 291 -15.48 -13.55 8.82
CA GLN J 291 -16.78 -12.89 8.79
C GLN J 291 -17.91 -13.80 9.22
N PHE J 292 -17.70 -15.12 9.27
CA PHE J 292 -18.74 -16.00 9.78
C PHE J 292 -18.71 -16.16 11.28
N ILE J 293 -17.55 -16.00 11.93
CA ILE J 293 -17.54 -16.05 13.39
C ILE J 293 -17.96 -14.73 14.00
N LEU J 294 -17.98 -13.64 13.22
CA LEU J 294 -18.68 -12.43 13.64
C LEU J 294 -20.15 -12.70 13.85
N PHE J 295 -20.77 -13.39 12.89
CA PHE J 295 -22.21 -13.54 12.90
C PHE J 295 -22.65 -14.60 13.90
N VAL J 296 -21.73 -15.47 14.33
CA VAL J 296 -22.03 -16.36 15.45
C VAL J 296 -21.92 -15.59 16.76
N ALA J 297 -20.86 -14.80 16.91
CA ALA J 297 -20.67 -14.02 18.13
C ALA J 297 -21.72 -12.94 18.29
N GLY J 298 -22.22 -12.41 17.17
CA GLY J 298 -23.34 -11.49 17.26
C GLY J 298 -24.63 -12.19 17.61
N ALA J 299 -24.79 -13.43 17.16
CA ALA J 299 -25.99 -14.19 17.47
C ALA J 299 -26.01 -14.61 18.94
N ALA J 300 -24.86 -14.97 19.49
CA ALA J 300 -24.76 -15.29 20.90
C ALA J 300 -24.74 -14.05 21.77
N ASP J 301 -24.63 -12.86 21.17
CA ASP J 301 -24.49 -11.57 21.85
C ASP J 301 -23.30 -11.59 22.81
N ILE J 302 -22.16 -12.08 22.33
CA ILE J 302 -20.91 -12.04 23.04
C ILE J 302 -19.89 -11.37 22.11
N PRO J 303 -19.13 -10.38 22.56
CA PRO J 303 -18.11 -9.81 21.69
C PRO J 303 -16.95 -10.78 21.49
N LEU J 304 -16.17 -10.55 20.42
CA LEU J 304 -15.06 -11.45 20.14
C LEU J 304 -13.86 -11.23 21.05
N THR J 305 -13.93 -10.37 22.04
CA THR J 305 -12.90 -10.33 23.06
C THR J 305 -13.19 -11.27 24.21
N ARG J 306 -14.37 -11.89 24.23
CA ARG J 306 -14.69 -12.96 25.18
C ARG J 306 -14.98 -14.27 24.46
N PHE J 307 -15.87 -14.26 23.47
CA PHE J 307 -15.97 -15.33 22.51
C PHE J 307 -14.67 -15.38 21.71
N LEU J 308 -14.20 -16.59 21.42
CA LEU J 308 -12.93 -16.84 20.69
C LEU J 308 -11.73 -16.24 21.44
N GLY J 309 -11.83 -16.16 22.77
CA GLY J 309 -10.81 -15.59 23.64
C GLY J 309 -10.53 -14.14 23.31
N GLN J 310 -9.30 -13.71 23.58
CA GLN J 310 -8.81 -12.43 23.09
C GLN J 310 -8.27 -12.68 21.68
N SER J 311 -9.09 -12.41 20.69
CA SER J 311 -8.73 -12.67 19.30
C SER J 311 -7.95 -11.49 18.74
N PRO J 312 -6.90 -11.74 17.94
CA PRO J 312 -6.19 -10.62 17.31
C PRO J 312 -7.01 -9.85 16.30
N ALA J 313 -8.08 -10.44 15.78
CA ALA J 313 -8.97 -9.75 14.85
C ALA J 313 -10.09 -9.02 15.61
N GLY J 314 -9.71 -8.24 16.61
CA GLY J 314 -10.60 -7.29 17.25
C GLY J 314 -10.00 -5.91 17.17
N MET J 315 -10.60 -5.00 16.40
CA MET J 315 -10.04 -3.67 16.19
C MET J 315 -11.11 -2.62 16.49
N SER J 316 -11.93 -2.85 17.51
CA SER J 316 -12.77 -1.80 18.06
C SER J 316 -12.83 -1.88 19.59
N SER J 317 -11.85 -2.53 20.21
CA SER J 317 -11.75 -2.57 21.67
C SER J 317 -10.81 -1.45 22.10
N THR J 318 -11.35 -0.23 22.11
CA THR J 318 -10.59 0.92 22.58
C THR J 318 -10.46 0.85 24.11
N GLY J 319 -9.31 1.31 24.60
CA GLY J 319 -8.82 0.97 25.93
C GLY J 319 -9.56 1.47 27.15
N GLN J 320 -10.78 1.98 26.98
CA GLN J 320 -11.63 2.38 28.11
C GLN J 320 -13.00 1.72 28.08
N HIS J 321 -13.47 1.33 26.90
CA HIS J 321 -14.81 0.80 26.70
C HIS J 321 -14.75 -0.55 26.00
N ASP J 322 -13.89 -1.44 26.52
CA ASP J 322 -13.66 -2.74 25.90
C ASP J 322 -14.92 -3.61 25.95
N MET J 323 -15.36 -3.97 27.15
CA MET J 323 -16.45 -4.91 27.35
C MET J 323 -17.54 -4.32 28.22
N LYS J 324 -17.78 -3.02 28.10
CA LYS J 324 -18.81 -2.40 28.92
C LYS J 324 -20.20 -2.74 28.43
N ASN J 325 -20.34 -3.22 27.18
CA ASN J 325 -21.64 -3.69 26.72
C ASN J 325 -21.94 -5.09 27.22
N TYR J 326 -20.89 -5.88 27.46
CA TYR J 326 -21.09 -7.26 27.89
C TYR J 326 -21.48 -7.33 29.36
N HIS J 327 -21.03 -6.37 30.17
CA HIS J 327 -21.46 -6.34 31.54
C HIS J 327 -22.80 -5.65 31.70
N ASP J 328 -23.26 -4.94 30.66
CA ASP J 328 -24.61 -4.40 30.67
C ASP J 328 -25.63 -5.46 30.30
N ARG J 329 -25.18 -6.55 29.69
CA ARG J 329 -26.08 -7.66 29.36
C ARG J 329 -26.23 -8.61 30.53
N ILE J 330 -25.18 -8.77 31.32
CA ILE J 330 -25.23 -9.69 32.46
C ILE J 330 -26.05 -9.09 33.59
N GLN J 331 -25.93 -7.78 33.81
CA GLN J 331 -26.76 -7.11 34.80
C GLN J 331 -28.23 -7.05 34.41
N SER J 332 -28.56 -7.33 33.15
CA SER J 332 -29.93 -7.52 32.73
C SER J 332 -30.39 -8.96 32.87
N ILE J 333 -29.52 -9.87 33.28
CA ILE J 333 -29.96 -11.19 33.70
C ILE J 333 -30.08 -11.26 35.21
N GLN J 334 -29.16 -10.60 35.92
CA GLN J 334 -29.17 -10.60 37.37
C GLN J 334 -30.35 -9.85 37.96
N THR J 335 -30.98 -8.95 37.21
CA THR J 335 -32.10 -8.19 37.72
C THR J 335 -33.39 -8.42 36.95
N LEU J 336 -33.39 -9.34 35.98
CA LEU J 336 -34.62 -9.63 35.25
C LEU J 336 -34.92 -11.11 35.08
N ASP J 337 -33.98 -12.01 35.34
CA ASP J 337 -34.22 -13.44 35.27
C ASP J 337 -33.88 -14.18 36.56
N LEU J 338 -32.98 -13.65 37.37
CA LEU J 338 -32.60 -14.28 38.62
C LEU J 338 -33.16 -13.55 39.83
N GLN J 339 -33.44 -12.26 39.68
CA GLN J 339 -34.02 -11.50 40.79
C GLN J 339 -35.51 -11.77 41.01
N PRO J 340 -36.39 -11.79 39.98
CA PRO J 340 -37.81 -12.06 40.33
C PRO J 340 -38.10 -13.50 40.68
N SER J 341 -37.47 -14.47 40.02
CA SER J 341 -37.83 -15.86 40.22
C SER J 341 -37.38 -16.40 41.57
N MET J 342 -36.47 -15.70 42.25
CA MET J 342 -36.02 -16.06 43.59
C MET J 342 -36.75 -15.24 44.64
N TYR J 343 -38.06 -15.02 44.46
CA TYR J 343 -38.83 -14.25 45.43
C TYR J 343 -39.40 -15.13 46.54
N ARG J 344 -39.59 -16.43 46.29
CA ARG J 344 -39.98 -17.31 47.39
C ARG J 344 -38.75 -17.81 48.13
N LEU J 345 -37.61 -17.86 47.45
CA LEU J 345 -36.33 -17.77 48.14
C LEU J 345 -36.07 -16.32 48.50
N ASP J 346 -34.94 -16.10 49.19
CA ASP J 346 -34.35 -14.78 49.46
C ASP J 346 -35.17 -13.91 50.42
N GLU J 347 -36.38 -14.35 50.73
CA GLU J 347 -37.15 -13.95 51.90
C GLU J 347 -37.38 -15.11 52.83
N ALA J 348 -37.17 -16.34 52.36
CA ALA J 348 -37.18 -17.53 53.19
C ALA J 348 -35.81 -17.84 53.78
N ILE J 349 -34.73 -17.44 53.12
CA ILE J 349 -33.40 -17.70 53.64
C ILE J 349 -32.95 -16.62 54.60
N ILE J 350 -33.51 -15.40 54.48
CA ILE J 350 -33.29 -14.41 55.52
C ILE J 350 -34.27 -14.62 56.64
N ARG J 351 -35.31 -15.43 56.40
CA ARG J 351 -36.18 -15.90 57.46
C ARG J 351 -35.49 -16.96 58.30
N SER J 352 -34.53 -17.70 57.72
CA SER J 352 -33.82 -18.74 58.44
C SER J 352 -32.65 -18.22 59.25
N SER J 353 -32.64 -16.94 59.60
CA SER J 353 -31.73 -16.40 60.61
C SER J 353 -32.40 -16.45 61.99
N LEU J 354 -32.61 -17.69 62.44
CA LEU J 354 -33.28 -18.04 63.69
C LEU J 354 -34.70 -17.47 63.76
N GLY J 355 -35.42 -17.52 62.63
CA GLY J 355 -36.81 -17.15 62.59
C GLY J 355 -37.11 -15.68 62.40
N ALA J 356 -36.17 -14.80 62.72
CA ALA J 356 -36.40 -13.36 62.74
C ALA J 356 -35.99 -12.77 61.41
N ARG J 357 -36.87 -11.95 60.83
CA ARG J 357 -36.60 -11.30 59.56
C ARG J 357 -36.78 -9.80 59.67
N PRO J 358 -35.73 -9.02 59.45
CA PRO J 358 -35.89 -7.56 59.44
C PRO J 358 -36.61 -7.06 58.19
N GLU J 359 -36.83 -5.76 58.11
CA GLU J 359 -37.41 -5.15 56.91
C GLU J 359 -36.39 -4.43 56.04
N GLU J 360 -35.48 -3.68 56.64
CA GLU J 360 -34.46 -2.96 55.88
C GLU J 360 -33.20 -3.81 55.69
N LEU J 361 -33.40 -5.04 55.21
CA LEU J 361 -32.34 -5.97 54.90
C LEU J 361 -32.46 -6.32 53.42
N PHE J 362 -31.41 -6.06 52.66
CA PHE J 362 -31.45 -6.30 51.22
C PHE J 362 -30.03 -6.62 50.76
N TYR J 363 -29.84 -6.67 49.45
CA TYR J 363 -28.53 -6.92 48.88
C TYR J 363 -28.44 -6.20 47.53
N ILE J 364 -27.20 -6.08 47.07
CA ILE J 364 -26.90 -5.66 45.70
C ILE J 364 -26.06 -6.76 45.07
N TRP J 365 -25.95 -6.70 43.76
CA TRP J 365 -25.12 -7.65 43.04
C TRP J 365 -23.70 -7.11 42.96
N SER J 366 -22.73 -8.01 43.02
CA SER J 366 -21.34 -7.62 43.04
C SER J 366 -20.91 -7.06 41.69
N PRO J 367 -19.97 -6.12 41.67
CA PRO J 367 -19.47 -5.61 40.38
C PRO J 367 -18.70 -6.68 39.62
N LEU J 368 -18.74 -6.56 38.29
CA LEU J 368 -18.27 -7.62 37.41
C LEU J 368 -16.87 -7.40 36.87
N GLU J 369 -16.41 -6.14 36.78
CA GLU J 369 -15.09 -5.89 36.23
C GLU J 369 -14.02 -6.30 37.23
N GLN J 370 -13.12 -7.18 36.81
CA GLN J 370 -11.93 -7.47 37.58
C GLN J 370 -11.05 -6.24 37.63
N MET J 371 -10.50 -5.95 38.81
CA MET J 371 -9.62 -4.80 38.98
C MET J 371 -8.20 -5.31 39.26
N SER J 372 -7.22 -4.53 38.84
CA SER J 372 -5.84 -4.90 39.07
C SER J 372 -5.46 -4.71 40.53
N GLU J 373 -4.31 -5.25 40.91
CA GLU J 373 -3.89 -5.14 42.31
C GLU J 373 -3.40 -3.73 42.64
N LYS J 374 -2.80 -3.05 41.68
CA LYS J 374 -2.42 -1.66 41.90
C LYS J 374 -3.62 -0.75 41.83
N GLU J 375 -4.63 -1.12 41.06
CA GLU J 375 -5.84 -0.31 41.01
C GLU J 375 -6.67 -0.45 42.27
N ARG J 376 -6.61 -1.60 42.94
CA ARG J 376 -7.34 -1.74 44.20
C ARG J 376 -6.63 -1.01 45.33
N ALA J 377 -5.34 -0.76 45.19
CA ALA J 377 -4.66 0.11 46.14
C ALA J 377 -5.03 1.57 45.92
N GLU J 378 -5.25 1.94 44.67
CA GLU J 378 -5.57 3.34 44.37
C GLU J 378 -7.04 3.63 44.64
N ILE J 379 -7.88 2.61 44.62
CA ILE J 379 -9.28 2.79 45.01
C ILE J 379 -9.38 2.98 46.52
N GLY J 380 -8.63 2.20 47.28
CA GLY J 380 -8.70 2.28 48.74
C GLY J 380 -8.05 3.55 49.27
N LYS J 381 -7.17 4.16 48.48
CA LYS J 381 -6.58 5.43 48.90
C LYS J 381 -7.56 6.57 48.73
N LEU J 382 -8.56 6.41 47.86
CA LEU J 382 -9.54 7.47 47.67
C LEU J 382 -10.70 7.34 48.64
N HIS J 383 -11.06 6.12 49.04
CA HIS J 383 -12.16 5.96 49.99
C HIS J 383 -11.79 6.48 51.37
N ALA J 384 -10.51 6.40 51.73
CA ALA J 384 -10.07 7.00 52.96
C ALA J 384 -10.09 8.53 52.89
N GLU J 385 -10.09 9.11 51.69
CA GLU J 385 -10.02 10.55 51.54
C GLU J 385 -11.38 11.19 51.30
N THR J 386 -12.42 10.42 50.99
CA THR J 386 -13.77 10.98 51.04
C THR J 386 -14.22 11.11 52.48
N VAL J 387 -13.77 10.19 53.34
CA VAL J 387 -14.15 10.21 54.75
C VAL J 387 -13.51 11.40 55.43
N ASN J 388 -12.27 11.72 55.07
CA ASN J 388 -11.54 12.83 55.69
C ASN J 388 -12.20 14.17 55.35
N VAL J 389 -12.90 14.25 54.22
CA VAL J 389 -13.57 15.48 53.87
C VAL J 389 -14.98 15.51 54.46
N ILE J 390 -15.65 14.36 54.53
CA ILE J 390 -16.99 14.31 55.10
C ILE J 390 -16.94 14.47 56.62
N ALA J 391 -15.97 13.82 57.27
CA ALA J 391 -15.87 13.95 58.73
C ALA J 391 -15.33 15.31 59.13
N GLY J 392 -14.65 16.02 58.22
CA GLY J 392 -14.13 17.33 58.56
C GLY J 392 -15.21 18.39 58.67
N THR J 393 -16.30 18.21 57.92
CA THR J 393 -17.46 19.08 58.05
C THR J 393 -18.44 18.43 59.02
N GLY J 394 -19.10 19.24 59.83
CA GLY J 394 -20.01 18.64 60.77
C GLY J 394 -21.35 18.40 60.13
N LEU J 395 -21.57 17.19 59.64
CA LEU J 395 -22.87 16.80 59.12
C LEU J 395 -23.31 15.41 59.53
N PHE J 396 -22.40 14.58 60.04
CA PHE J 396 -22.74 13.24 60.50
C PHE J 396 -22.07 12.97 61.83
N MET J 397 -22.65 12.05 62.59
CA MET J 397 -22.03 11.63 63.84
C MET J 397 -20.75 10.87 63.55
N GLN J 398 -19.74 11.08 64.40
CA GLN J 398 -18.55 10.26 64.30
C GLN J 398 -18.76 8.89 64.91
N GLU J 399 -19.78 8.75 65.75
CA GLU J 399 -20.29 7.42 66.11
C GLU J 399 -20.88 6.71 64.89
N GLU J 400 -21.43 7.49 63.95
CA GLU J 400 -22.14 6.91 62.83
C GLU J 400 -21.19 6.45 61.73
N LEU J 401 -20.12 7.21 61.48
CA LEU J 401 -19.23 6.91 60.36
C LEU J 401 -18.40 5.67 60.61
N ARG J 402 -18.33 5.21 61.85
CA ARG J 402 -17.62 3.98 62.14
C ARG J 402 -18.34 2.77 61.55
N GLU J 403 -19.67 2.81 61.50
CA GLU J 403 -20.44 1.74 60.88
C GLU J 403 -20.40 1.76 59.36
N VAL J 404 -20.62 2.93 58.76
CA VAL J 404 -20.77 3.03 57.31
C VAL J 404 -19.44 2.83 56.60
N PHE J 405 -18.40 3.54 57.04
CA PHE J 405 -17.09 3.33 56.44
C PHE J 405 -16.48 2.02 56.88
N GLY J 406 -16.90 1.51 58.04
CA GLY J 406 -16.49 0.17 58.42
C GLY J 406 -17.12 -0.91 57.57
N ASN J 407 -18.30 -0.64 57.00
CA ASN J 407 -19.00 -1.67 56.23
C ASN J 407 -18.59 -1.64 54.77
N GLN J 408 -18.29 -0.46 54.24
CA GLN J 408 -17.88 -0.30 52.85
C GLN J 408 -16.45 -0.80 52.64
N LEU J 409 -15.65 -0.80 53.68
CA LEU J 409 -14.24 -1.16 53.60
C LEU J 409 -14.00 -2.66 53.82
N VAL J 410 -15.04 -3.42 54.17
CA VAL J 410 -14.94 -4.87 54.25
C VAL J 410 -15.35 -5.54 52.94
N GLU J 411 -16.42 -5.06 52.31
CA GLU J 411 -16.83 -5.66 51.04
C GLU J 411 -15.95 -5.26 49.88
N THR J 412 -15.11 -4.23 50.06
CA THR J 412 -14.06 -3.94 49.09
C THR J 412 -12.98 -5.02 49.11
N GLY J 413 -12.77 -5.68 50.24
CA GLY J 413 -11.73 -6.68 50.34
C GLY J 413 -10.38 -6.11 50.66
N LEU J 414 -10.30 -4.84 51.06
CA LEU J 414 -9.02 -4.23 51.37
C LEU J 414 -8.52 -4.68 52.73
N TYR J 415 -9.36 -4.55 53.75
CA TYR J 415 -9.05 -4.98 55.12
C TYR J 415 -10.05 -6.05 55.54
N PRO J 416 -9.86 -7.30 55.07
CA PRO J 416 -10.93 -8.29 55.23
C PRO J 416 -11.08 -8.82 56.65
N GLY J 417 -9.99 -8.95 57.39
CA GLY J 417 -10.07 -9.39 58.76
C GLY J 417 -10.43 -8.26 59.69
N LEU J 418 -11.65 -7.72 59.56
CA LEU J 418 -12.09 -6.57 60.35
C LEU J 418 -13.33 -7.01 61.13
N GLY J 419 -13.10 -7.65 62.26
CA GLY J 419 -14.17 -7.97 63.19
C GLY J 419 -14.24 -6.94 64.29
N ASP J 420 -15.11 -5.95 64.13
CA ASP J 420 -15.26 -4.88 65.09
C ASP J 420 -16.52 -4.97 65.92
N LEU J 421 -17.53 -5.69 65.43
CA LEU J 421 -18.78 -5.82 66.15
C LEU J 421 -18.66 -6.92 67.19
N LEU J 422 -18.98 -6.56 68.45
CA LEU J 422 -19.07 -7.40 69.66
C LEU J 422 -17.70 -7.83 70.18
N ALA J 423 -16.63 -7.57 69.42
CA ALA J 423 -15.28 -7.87 69.87
C ALA J 423 -14.53 -6.62 70.25
N GLN J 424 -14.61 -5.58 69.42
CA GLN J 424 -13.88 -4.34 69.63
C GLN J 424 -14.80 -3.30 70.27
N ASN J 425 -15.38 -3.72 71.40
CA ASN J 425 -16.45 -3.00 72.12
C ASN J 425 -17.64 -2.69 71.23
N GLY J 426 -17.87 -3.54 70.23
CA GLY J 426 -18.95 -3.33 69.27
C GLY J 426 -18.73 -2.06 68.48
N ASN J 427 -19.72 -1.18 68.53
CA ASN J 427 -19.60 0.20 68.06
C ASN J 427 -19.70 1.11 69.27
N GLU J 428 -18.58 1.28 69.97
CA GLU J 428 -18.39 2.28 71.01
C GLU J 428 -16.91 2.34 71.35
N LEU J 429 -16.38 3.56 71.41
CA LEU J 429 -15.07 3.86 71.94
C LEU J 429 -15.24 4.74 73.18
N PRO J 430 -14.25 4.79 74.07
CA PRO J 430 -14.35 5.74 75.18
C PRO J 430 -14.27 7.19 74.74
N GLU J 431 -13.73 7.45 73.56
CA GLU J 431 -13.36 8.80 73.18
C GLU J 431 -14.42 9.50 72.33
N TRP J 432 -15.63 8.99 72.20
CA TRP J 432 -16.59 9.72 71.38
C TRP J 432 -17.21 10.87 72.15
N ASP J 433 -17.97 10.55 73.19
CA ASP J 433 -18.76 11.51 73.93
C ASP J 433 -18.09 11.93 75.22
N LEU J 434 -17.28 11.05 75.81
CA LEU J 434 -16.60 11.34 77.06
C LEU J 434 -15.21 11.92 76.85
N GLU J 435 -14.95 12.42 75.65
CA GLU J 435 -13.71 13.11 75.33
C GLU J 435 -13.98 14.45 74.64
N GLN J 436 -15.19 14.65 74.13
CA GLN J 436 -15.59 15.92 73.52
C GLN J 436 -16.09 16.92 74.56
N ARG J 437 -15.66 16.79 75.81
CA ARG J 437 -15.95 17.79 76.83
C ARG J 437 -15.32 19.13 76.49
N SER J 438 -14.15 19.10 75.81
CA SER J 438 -13.43 20.33 75.51
C SER J 438 -14.16 21.21 74.51
N ALA J 439 -15.01 20.60 73.66
CA ALA J 439 -15.92 21.39 72.85
C ALA J 439 -17.11 21.86 73.66
N GLU J 440 -17.54 21.08 74.65
CA GLU J 440 -18.62 21.47 75.55
C GLU J 440 -18.16 22.35 76.69
N ALA J 441 -16.85 22.47 76.90
CA ALA J 441 -16.29 23.35 77.91
C ALA J 441 -16.20 24.80 77.47
N SER J 442 -15.71 25.05 76.27
CA SER J 442 -15.48 26.41 75.81
C SER J 442 -16.78 27.11 75.40
N THR J 443 -17.83 26.35 75.09
CA THR J 443 -19.13 26.96 74.92
C THR J 443 -19.75 27.35 76.26
N LYS J 444 -19.35 26.70 77.35
CA LYS J 444 -19.75 27.15 78.67
C LYS J 444 -18.97 28.38 79.09
N THR J 445 -17.83 28.62 78.45
CA THR J 445 -17.00 29.78 78.70
C THR J 445 -17.18 30.82 77.60
N ALA J 446 -18.15 30.60 76.70
CA ALA J 446 -18.26 31.42 75.50
C ALA J 446 -18.84 32.79 75.82
N GLU J 447 -20.07 32.84 76.32
CA GLU J 447 -20.68 34.12 76.69
C GLU J 447 -20.68 34.36 78.19
N ALA J 448 -20.39 33.33 79.01
CA ALA J 448 -20.35 33.53 80.45
C ALA J 448 -19.15 34.38 80.85
N ALA J 449 -17.99 34.11 80.26
CA ALA J 449 -16.77 34.83 80.57
C ALA J 449 -16.43 35.90 79.54
N ALA J 450 -17.43 36.32 78.75
CA ALA J 450 -17.22 37.38 77.78
C ALA J 450 -17.87 38.70 78.17
N LEU J 451 -18.96 38.67 78.94
CA LEU J 451 -19.56 39.89 79.44
C LEU J 451 -19.65 39.80 80.96
N SER K 10 -35.20 -21.04 9.38
CA SER K 10 -34.42 -21.35 8.18
C SER K 10 -35.09 -20.76 6.96
N LEU K 11 -34.30 -20.47 5.94
CA LEU K 11 -34.80 -19.95 4.69
C LEU K 11 -35.06 -21.08 3.71
N ARG K 12 -35.99 -20.84 2.78
CA ARG K 12 -36.25 -21.78 1.70
C ARG K 12 -36.98 -21.01 0.61
N SER K 13 -36.42 -21.01 -0.60
CA SER K 13 -37.03 -20.31 -1.72
C SER K 13 -37.62 -21.33 -2.68
N MET K 14 -38.73 -20.96 -3.32
CA MET K 14 -39.40 -21.90 -4.23
C MET K 14 -38.67 -22.04 -5.55
N ILE K 15 -38.11 -20.96 -6.08
CA ILE K 15 -37.17 -21.04 -7.18
C ILE K 15 -35.77 -20.96 -6.60
N SER K 16 -34.80 -21.43 -7.37
CA SER K 16 -33.36 -21.38 -7.07
C SER K 16 -32.91 -22.23 -5.90
N GLY K 17 -33.83 -22.94 -5.23
CA GLY K 17 -33.54 -23.96 -4.23
C GLY K 17 -32.63 -23.57 -3.08
N LEU K 18 -32.95 -22.49 -2.37
CA LEU K 18 -31.99 -21.92 -1.43
C LEU K 18 -31.93 -22.69 -0.12
N GLY K 19 -32.97 -23.45 0.21
CA GLY K 19 -32.94 -24.17 1.46
C GLY K 19 -33.37 -25.61 1.32
N ASP K 20 -33.28 -26.14 0.11
CA ASP K 20 -33.75 -27.49 -0.18
C ASP K 20 -32.72 -28.51 0.30
N PRO K 21 -33.10 -29.44 1.19
CA PRO K 21 -32.12 -30.43 1.68
C PRO K 21 -31.79 -31.53 0.68
N LEU K 22 -32.27 -31.46 -0.55
CA LEU K 22 -31.84 -32.37 -1.60
C LEU K 22 -30.91 -31.72 -2.60
N ARG K 23 -31.16 -30.46 -2.96
CA ARG K 23 -30.35 -29.79 -3.97
C ARG K 23 -29.24 -28.95 -3.35
N ASP K 24 -29.59 -28.00 -2.49
CA ASP K 24 -28.59 -27.19 -1.81
C ASP K 24 -27.98 -27.99 -0.68
N LYS K 25 -26.68 -27.80 -0.46
CA LYS K 25 -25.98 -28.50 0.61
C LYS K 25 -25.28 -27.54 1.57
N ASN K 26 -25.75 -26.29 1.65
CA ASN K 26 -25.10 -25.27 2.48
C ASN K 26 -25.15 -25.64 3.95
N ALA K 27 -26.33 -25.64 4.52
CA ALA K 27 -26.55 -26.14 5.86
C ALA K 27 -27.78 -27.02 5.86
N SER K 28 -28.46 -27.12 4.73
CA SER K 28 -29.67 -27.91 4.59
C SER K 28 -29.42 -29.40 4.67
N THR K 29 -28.18 -29.84 4.46
CA THR K 29 -27.91 -31.27 4.50
C THR K 29 -26.97 -31.63 5.63
N PHE K 30 -27.16 -31.07 6.82
CA PHE K 30 -26.20 -31.30 7.88
C PHE K 30 -26.83 -31.65 9.21
N HIS K 31 -26.09 -32.45 9.96
CA HIS K 31 -26.49 -32.93 11.26
C HIS K 31 -25.21 -33.20 12.05
N TRP K 32 -25.36 -33.88 13.17
CA TRP K 32 -24.23 -34.24 14.02
C TRP K 32 -24.40 -35.68 14.43
N ASP K 33 -23.32 -36.45 14.39
CA ASP K 33 -23.30 -37.76 14.99
C ASP K 33 -22.37 -37.72 16.18
N ARG K 34 -22.71 -38.47 17.22
CA ARG K 34 -21.92 -38.53 18.45
C ARG K 34 -20.58 -39.18 18.14
N GLN K 35 -19.58 -38.86 18.93
CA GLN K 35 -18.28 -39.46 18.71
C GLN K 35 -17.68 -39.93 20.03
N LEU K 36 -16.95 -41.03 19.96
CA LEU K 36 -16.47 -41.68 21.18
C LEU K 36 -15.01 -42.07 20.99
N ASP K 37 -14.30 -42.16 22.12
CA ASP K 37 -12.86 -42.37 22.14
C ASP K 37 -12.41 -42.80 23.53
N ASP K 38 -11.64 -43.88 23.60
CA ASP K 38 -11.22 -44.43 24.88
C ASP K 38 -9.72 -44.64 24.97
N ARG K 39 -9.09 -45.02 23.85
CA ARG K 39 -7.66 -45.27 23.80
C ARG K 39 -6.86 -44.12 23.22
N GLN K 40 -7.37 -43.48 22.17
CA GLN K 40 -6.67 -42.38 21.54
C GLN K 40 -6.67 -41.11 22.37
N LEU K 41 -7.38 -41.07 23.50
CA LEU K 41 -7.16 -40.01 24.47
C LEU K 41 -5.75 -40.08 25.03
N LEU K 42 -5.20 -41.29 25.17
CA LEU K 42 -3.82 -41.42 25.62
C LEU K 42 -2.85 -41.06 24.49
N TYR K 43 -3.17 -41.44 23.25
CA TYR K 43 -2.27 -41.16 22.14
C TYR K 43 -2.21 -39.68 21.82
N ALA K 44 -3.35 -38.98 21.94
CA ALA K 44 -3.38 -37.57 21.57
C ALA K 44 -2.75 -36.70 22.64
N TYR K 45 -2.94 -37.05 23.90
CA TYR K 45 -2.35 -36.29 24.99
C TYR K 45 -0.84 -36.43 25.00
N ARG K 46 -0.34 -37.58 24.64
CA ARG K 46 1.08 -37.86 24.76
C ARG K 46 1.86 -37.42 23.53
N ASN K 47 1.25 -37.37 22.36
CA ASN K 47 1.98 -37.14 21.12
C ASN K 47 1.56 -35.88 20.38
N SER K 48 0.83 -34.98 21.01
CA SER K 48 0.40 -33.75 20.35
C SER K 48 0.48 -32.61 21.35
N TRP K 49 1.21 -31.55 20.99
CA TRP K 49 1.33 -30.42 21.90
C TRP K 49 0.04 -29.61 21.97
N VAL K 50 -0.82 -29.74 20.97
CA VAL K 50 -2.10 -29.04 20.97
C VAL K 50 -3.00 -29.63 22.03
N ALA K 51 -3.03 -30.95 22.14
CA ALA K 51 -3.95 -31.60 23.05
C ALA K 51 -3.45 -31.57 24.49
N ARG K 52 -2.14 -31.59 24.68
CA ARG K 52 -1.59 -31.57 26.03
C ARG K 52 -1.70 -30.18 26.64
N LYS K 53 -1.63 -29.14 25.81
CA LYS K 53 -1.70 -27.77 26.32
C LYS K 53 -3.12 -27.41 26.73
N ALA K 54 -4.12 -27.95 26.02
CA ALA K 54 -5.51 -27.67 26.35
C ALA K 54 -5.96 -28.38 27.61
N VAL K 55 -5.23 -29.39 28.05
CA VAL K 55 -5.58 -30.12 29.26
C VAL K 55 -4.91 -29.50 30.47
N THR K 56 -3.59 -29.29 30.39
CA THR K 56 -2.80 -28.96 31.57
C THR K 56 -2.94 -27.50 31.98
N ILE K 57 -2.80 -26.57 31.03
CA ILE K 57 -2.58 -25.16 31.41
C ILE K 57 -3.80 -24.47 32.02
N PRO K 58 -5.02 -24.61 31.54
CA PRO K 58 -6.15 -24.01 32.27
C PRO K 58 -6.46 -24.68 33.61
N ALA K 59 -5.85 -25.82 33.92
CA ALA K 59 -5.92 -26.40 35.25
C ALA K 59 -4.67 -26.15 36.07
N LEU K 60 -3.59 -25.71 35.44
CA LEU K 60 -2.35 -25.47 36.17
C LEU K 60 -2.31 -24.06 36.72
N ASP K 61 -2.99 -23.13 36.05
CA ASP K 61 -2.99 -21.74 36.48
C ASP K 61 -4.02 -21.46 37.56
N ALA K 62 -4.74 -22.47 38.03
CA ALA K 62 -5.71 -22.29 39.09
C ALA K 62 -5.16 -22.61 40.46
N VAL K 63 -3.97 -23.20 40.55
CA VAL K 63 -3.37 -23.54 41.83
C VAL K 63 -1.95 -23.02 41.91
N ARG K 64 -1.63 -21.99 41.12
CA ARG K 64 -0.31 -21.39 41.20
C ARG K 64 -0.14 -20.60 42.49
N LYS K 65 -1.04 -19.66 42.74
CA LYS K 65 -1.10 -18.91 43.98
C LYS K 65 -2.50 -19.08 44.55
N TRP K 66 -2.59 -19.25 45.87
CA TRP K 66 -3.79 -19.87 46.42
C TRP K 66 -3.84 -19.71 47.94
N ARG K 67 -5.03 -19.33 48.42
CA ARG K 67 -5.50 -19.59 49.79
C ARG K 67 -4.58 -18.97 50.86
N ASP K 68 -4.66 -17.65 50.95
CA ASP K 68 -4.15 -16.96 52.14
C ASP K 68 -5.25 -16.90 53.20
N TRP K 69 -4.96 -17.46 54.37
CA TRP K 69 -5.96 -17.54 55.43
C TRP K 69 -6.12 -16.19 56.13
N GLN K 70 -6.95 -16.16 57.17
CA GLN K 70 -7.34 -14.89 57.77
C GLN K 70 -6.88 -14.71 59.21
N ALA K 71 -7.24 -15.61 60.11
CA ALA K 71 -6.95 -15.36 61.52
C ALA K 71 -5.50 -15.67 61.84
N ASP K 72 -4.89 -14.84 62.68
CA ASP K 72 -3.55 -15.13 63.18
C ASP K 72 -3.57 -15.07 64.70
N GLN K 73 -3.58 -16.24 65.31
CA GLN K 73 -3.28 -16.46 66.72
C GLN K 73 -2.15 -17.49 66.81
N LYS K 74 -1.11 -17.20 66.02
CA LYS K 74 0.02 -18.08 65.70
C LYS K 74 -0.45 -19.35 64.98
N ASP K 75 -1.64 -19.29 64.37
CA ASP K 75 -2.33 -20.46 63.85
C ASP K 75 -2.37 -20.53 62.34
N ILE K 76 -2.04 -19.44 61.66
CA ILE K 76 -1.90 -19.47 60.21
C ILE K 76 -0.61 -20.19 59.82
N SER K 77 0.30 -20.41 60.77
CA SER K 77 1.54 -21.12 60.49
C SER K 77 1.39 -22.63 60.52
N ARG K 78 0.65 -23.17 61.49
CA ARG K 78 0.48 -24.62 61.53
C ARG K 78 -0.80 -25.09 60.85
N ILE K 79 -1.60 -24.18 60.32
CA ILE K 79 -2.69 -24.60 59.44
C ILE K 79 -2.14 -24.77 58.03
N GLU K 80 -0.96 -24.24 57.77
CA GLU K 80 -0.28 -24.50 56.51
C GLU K 80 0.69 -25.66 56.61
N ALA K 81 1.13 -25.99 57.84
CA ALA K 81 2.05 -27.10 58.02
C ALA K 81 1.37 -28.43 57.76
N THR K 82 0.06 -28.50 57.98
CA THR K 82 -0.67 -29.72 57.65
C THR K 82 -0.91 -29.81 56.15
N GLU K 83 -0.95 -28.68 55.45
CA GLU K 83 -1.08 -28.70 54.00
C GLU K 83 0.24 -29.10 53.35
N LYS K 84 1.35 -28.54 53.83
CA LYS K 84 2.65 -28.82 53.23
C LYS K 84 3.11 -30.23 53.53
N ARG K 85 2.65 -30.82 54.64
CA ARG K 85 3.00 -32.20 54.97
C ARG K 85 2.30 -33.17 54.02
N LEU K 86 1.00 -32.98 53.82
CA LEU K 86 0.22 -33.88 52.98
C LEU K 86 0.45 -33.64 51.50
N GLY K 87 0.98 -32.49 51.11
CA GLY K 87 1.13 -32.18 49.69
C GLY K 87 -0.19 -31.88 49.02
N LEU K 88 -1.02 -31.03 49.64
CA LEU K 88 -2.35 -30.78 49.13
C LEU K 88 -2.33 -29.84 47.92
N GLN K 89 -1.25 -29.09 47.74
CA GLN K 89 -1.12 -28.23 46.57
C GLN K 89 -0.90 -29.04 45.30
N GLN K 90 0.04 -29.98 45.32
CA GLN K 90 0.31 -30.80 44.15
C GLN K 90 -0.79 -31.81 43.87
N LYS K 91 -1.37 -32.40 44.91
CA LYS K 91 -2.39 -33.44 44.72
C LYS K 91 -3.73 -32.88 44.29
N LEU K 92 -3.92 -31.57 44.34
CA LEU K 92 -5.12 -31.00 43.74
C LEU K 92 -4.87 -30.65 42.28
N LEU K 93 -3.60 -30.37 41.94
CA LEU K 93 -3.23 -30.17 40.55
C LEU K 93 -3.25 -31.48 39.78
N GLN K 94 -2.75 -32.55 40.41
CA GLN K 94 -2.67 -33.83 39.72
C GLN K 94 -4.05 -34.48 39.62
N CYS K 95 -4.98 -34.06 40.49
CA CYS K 95 -6.35 -34.57 40.40
C CYS K 95 -7.14 -33.86 39.32
N LYS K 96 -6.96 -32.54 39.18
CA LYS K 96 -7.76 -31.77 38.24
C LYS K 96 -7.36 -32.07 36.80
N THR K 97 -6.10 -32.40 36.57
CA THR K 97 -5.65 -32.72 35.22
C THR K 97 -6.21 -34.06 34.76
N LEU K 98 -6.26 -35.05 35.66
CA LEU K 98 -6.84 -36.35 35.28
C LEU K 98 -8.34 -36.23 35.08
N ALA K 99 -8.99 -35.35 35.83
CA ALA K 99 -10.39 -35.06 35.56
C ALA K 99 -10.54 -34.30 34.26
N ARG K 100 -9.51 -33.55 33.87
CA ARG K 100 -9.57 -32.81 32.62
C ARG K 100 -9.35 -33.71 31.42
N LEU K 101 -8.43 -34.66 31.52
CA LEU K 101 -8.13 -35.58 30.42
C LEU K 101 -9.22 -36.64 30.32
N TRP K 102 -9.37 -37.44 31.36
CA TRP K 102 -10.39 -38.49 31.36
C TRP K 102 -11.73 -37.89 31.74
N GLY K 103 -12.71 -38.75 31.99
CA GLY K 103 -14.04 -38.28 32.33
C GLY K 103 -14.10 -37.64 33.70
N GLY K 104 -13.22 -38.03 34.60
CA GLY K 104 -13.22 -37.47 35.94
C GLY K 104 -12.19 -38.18 36.79
N ALA K 105 -11.96 -37.63 37.97
CA ALA K 105 -11.00 -38.20 38.91
C ALA K 105 -11.45 -37.85 40.31
N ALA K 106 -10.75 -38.41 41.30
CA ALA K 106 -11.19 -38.27 42.68
C ALA K 106 -10.02 -38.52 43.62
N ILE K 107 -9.94 -37.70 44.66
CA ILE K 107 -9.00 -37.90 45.76
C ILE K 107 -9.81 -38.25 47.00
N VAL K 108 -9.31 -39.22 47.78
CA VAL K 108 -10.03 -39.78 48.91
C VAL K 108 -9.31 -39.45 50.20
N ILE K 109 -10.06 -39.02 51.21
CA ILE K 109 -9.50 -38.55 52.47
C ILE K 109 -9.34 -39.74 53.41
N GLY K 110 -8.26 -39.74 54.19
CA GLY K 110 -8.14 -40.73 55.24
C GLY K 110 -7.89 -40.16 56.61
N VAL K 111 -8.88 -40.24 57.46
CA VAL K 111 -8.73 -39.85 58.86
C VAL K 111 -8.41 -41.12 59.63
N LYS K 112 -7.54 -41.02 60.63
CA LYS K 112 -7.12 -42.18 61.41
C LYS K 112 -8.29 -42.77 62.18
N ASP K 113 -8.36 -44.11 62.15
CA ASP K 113 -9.38 -44.92 62.84
C ASP K 113 -10.79 -44.58 62.34
N GLN K 114 -10.97 -44.74 61.04
CA GLN K 114 -12.26 -44.60 60.38
C GLN K 114 -12.52 -45.85 59.56
N ASP K 115 -13.73 -46.40 59.70
CA ASP K 115 -13.95 -47.80 59.36
C ASP K 115 -14.22 -48.07 57.89
N MET K 116 -15.31 -47.55 57.34
CA MET K 116 -15.88 -48.10 56.12
C MET K 116 -16.74 -47.00 55.49
N ALA K 117 -17.52 -47.36 54.46
CA ALA K 117 -18.48 -46.46 53.85
C ALA K 117 -19.68 -46.26 54.75
N THR K 118 -19.49 -45.58 55.87
CA THR K 118 -20.57 -45.18 56.76
C THR K 118 -21.24 -43.95 56.19
N PRO K 119 -22.33 -43.46 56.78
CA PRO K 119 -22.65 -42.05 56.56
C PRO K 119 -21.57 -41.25 57.25
N PHE K 120 -20.64 -40.77 56.45
CA PHE K 120 -19.26 -40.58 56.87
C PHE K 120 -18.95 -39.09 56.88
N GLU K 121 -19.06 -38.48 58.05
CA GLU K 121 -18.59 -37.12 58.20
C GLU K 121 -17.23 -37.12 58.91
N PRO K 122 -16.17 -36.73 58.22
CA PRO K 122 -14.93 -36.41 58.92
C PRO K 122 -14.90 -34.97 59.44
N GLU K 123 -16.00 -34.53 60.07
CA GLU K 123 -16.10 -33.19 60.62
C GLU K 123 -16.17 -33.17 62.13
N THR K 124 -16.66 -34.25 62.75
CA THR K 124 -16.82 -34.30 64.20
C THR K 124 -15.54 -34.70 64.92
N VAL K 125 -14.62 -35.36 64.23
CA VAL K 125 -13.41 -35.86 64.87
C VAL K 125 -12.48 -34.70 65.21
N ASN K 126 -12.25 -34.49 66.50
CA ASN K 126 -11.49 -33.35 67.00
C ASN K 126 -10.15 -33.85 67.57
N LYS K 127 -9.20 -34.06 66.67
CA LYS K 127 -7.90 -34.61 67.01
C LYS K 127 -6.89 -34.00 66.04
N ASP K 128 -5.72 -34.63 65.96
CA ASP K 128 -4.70 -34.24 64.98
C ASP K 128 -4.36 -35.42 64.08
N ASP K 129 -5.40 -36.07 63.55
CA ASP K 129 -5.27 -37.35 62.89
C ASP K 129 -5.66 -37.25 61.42
N LEU K 130 -4.66 -37.13 60.55
CA LEU K 130 -4.95 -37.08 59.12
C LEU K 130 -3.70 -37.56 58.39
N VAL K 131 -3.82 -38.66 57.65
CA VAL K 131 -2.65 -39.28 57.05
C VAL K 131 -2.79 -39.47 55.53
N TYR K 132 -3.94 -39.95 55.05
CA TYR K 132 -4.06 -40.41 53.67
C TYR K 132 -4.55 -39.28 52.77
N LEU K 133 -3.86 -39.07 51.66
CA LEU K 133 -4.41 -38.39 50.48
C LEU K 133 -3.91 -39.13 49.25
N THR K 134 -4.68 -40.09 48.77
CA THR K 134 -4.38 -40.79 47.53
C THR K 134 -5.39 -40.36 46.48
N VAL K 135 -4.90 -40.14 45.26
CA VAL K 135 -5.66 -39.56 44.17
C VAL K 135 -5.71 -40.54 43.01
N MET K 136 -6.91 -40.87 42.56
CA MET K 136 -7.11 -41.87 41.53
C MET K 136 -8.08 -41.34 40.49
N SER K 137 -7.89 -41.79 39.25
CA SER K 137 -8.77 -41.38 38.18
C SER K 137 -10.04 -42.21 38.16
N ARG K 138 -10.83 -42.03 37.12
CA ARG K 138 -12.01 -42.87 36.94
C ARG K 138 -11.63 -44.26 36.47
N ARG K 139 -10.38 -44.48 36.09
CA ARG K 139 -9.91 -45.82 35.77
C ARG K 139 -9.94 -46.72 36.99
N GLU K 140 -9.70 -46.18 38.18
CA GLU K 140 -9.49 -46.96 39.38
C GLU K 140 -10.59 -46.76 40.42
N LEU K 141 -11.75 -46.27 40.00
CA LEU K 141 -12.93 -46.15 40.84
C LEU K 141 -14.08 -46.91 40.16
N SER K 142 -15.25 -46.89 40.79
CA SER K 142 -16.42 -47.55 40.23
C SER K 142 -17.72 -46.90 40.72
N PRO K 143 -18.48 -46.29 39.84
CA PRO K 143 -19.67 -45.53 40.23
C PRO K 143 -20.95 -46.36 40.24
N GLU K 144 -20.95 -47.48 40.98
CA GLU K 144 -21.86 -48.57 40.67
C GLU K 144 -23.19 -48.50 41.43
N GLU K 145 -23.79 -47.31 41.44
CA GLU K 145 -25.21 -47.04 41.74
C GLU K 145 -25.52 -45.65 41.16
N LEU K 146 -26.79 -45.27 41.22
CA LEU K 146 -27.14 -43.88 41.01
C LEU K 146 -28.03 -43.29 42.10
N GLU K 147 -29.03 -44.04 42.57
CA GLU K 147 -29.93 -43.66 43.67
C GLU K 147 -30.67 -42.35 43.39
N GLN K 148 -31.63 -42.49 42.47
CA GLN K 148 -32.41 -41.41 41.88
C GLN K 148 -33.45 -40.80 42.84
N ASP K 149 -33.36 -41.06 44.14
CA ASP K 149 -34.31 -40.51 45.11
C ASP K 149 -34.16 -39.00 45.23
N PRO K 150 -35.18 -38.21 44.88
CA PRO K 150 -35.00 -36.74 44.82
C PRO K 150 -35.04 -36.04 46.16
N LEU K 151 -34.39 -36.61 47.17
CA LEU K 151 -34.30 -36.00 48.49
C LEU K 151 -32.94 -36.15 49.13
N ASP K 152 -32.05 -36.97 48.58
CA ASP K 152 -30.80 -37.30 49.23
C ASP K 152 -29.74 -36.27 48.88
N GLU K 153 -28.83 -36.07 49.82
CA GLU K 153 -27.55 -35.44 49.52
C GLU K 153 -26.80 -36.29 48.50
N PHE K 154 -26.00 -35.62 47.67
CA PHE K 154 -25.41 -36.15 46.43
C PHE K 154 -26.42 -36.97 45.61
N TYR K 155 -27.51 -36.30 45.24
CA TYR K 155 -28.48 -36.81 44.29
C TYR K 155 -27.84 -37.04 42.93
N ALA K 156 -28.26 -38.13 42.27
CA ALA K 156 -27.72 -38.60 40.99
C ALA K 156 -26.21 -38.82 41.03
N ARG K 157 -25.70 -39.23 42.17
CA ARG K 157 -24.29 -39.43 42.43
C ARG K 157 -24.11 -40.77 43.14
N PRO K 158 -23.01 -41.47 42.88
CA PRO K 158 -23.06 -42.95 42.89
C PRO K 158 -23.22 -43.67 44.22
N LYS K 159 -23.06 -43.01 45.37
CA LYS K 159 -23.32 -43.51 46.73
C LYS K 159 -22.32 -44.58 47.20
N ARG K 160 -21.51 -45.15 46.32
CA ARG K 160 -20.64 -46.25 46.69
C ARG K 160 -19.56 -46.44 45.64
N TYR K 161 -18.32 -46.61 46.08
CA TYR K 161 -17.19 -46.70 45.17
C TYR K 161 -16.39 -47.96 45.46
N GLN K 162 -16.47 -48.93 44.54
CA GLN K 162 -15.63 -50.12 44.57
C GLN K 162 -14.22 -49.69 44.20
N VAL K 163 -13.35 -49.54 45.20
CA VAL K 163 -11.99 -49.08 44.92
C VAL K 163 -11.00 -49.77 45.86
N SER K 164 -10.08 -50.55 45.29
CA SER K 164 -8.91 -51.18 45.88
C SER K 164 -8.16 -51.88 44.76
N ASN K 165 -6.94 -52.32 45.08
CA ASN K 165 -6.18 -53.17 44.18
C ASN K 165 -5.56 -54.29 44.99
N GLY K 166 -5.85 -55.54 44.61
CA GLY K 166 -5.25 -56.66 45.28
C GLY K 166 -6.09 -57.25 46.39
N ARG K 167 -5.82 -56.79 47.62
CA ARG K 167 -6.27 -57.41 48.86
C ARG K 167 -7.78 -57.46 49.03
N ASN K 168 -8.43 -56.31 49.13
CA ASN K 168 -9.84 -56.29 49.54
C ASN K 168 -10.74 -55.54 48.56
N LEU K 169 -11.98 -55.29 48.96
CA LEU K 169 -12.99 -54.68 48.12
C LEU K 169 -13.20 -53.20 48.41
N SER K 170 -13.40 -52.85 49.68
CA SER K 170 -13.36 -51.47 50.19
C SER K 170 -14.42 -50.58 49.55
N PHE K 171 -15.68 -50.83 49.91
CA PHE K 171 -16.72 -49.85 49.65
C PHE K 171 -16.39 -48.52 50.34
N VAL K 172 -16.44 -47.44 49.58
CA VAL K 172 -16.09 -46.10 50.05
C VAL K 172 -17.26 -45.18 49.79
N HIS K 173 -17.63 -44.36 50.79
CA HIS K 173 -18.74 -43.43 50.76
C HIS K 173 -18.31 -42.12 50.12
N PRO K 174 -19.21 -41.45 49.37
CA PRO K 174 -18.80 -40.24 48.63
C PRO K 174 -18.37 -39.07 49.48
N SER K 175 -18.80 -39.01 50.74
CA SER K 175 -18.37 -37.92 51.60
C SER K 175 -16.94 -38.10 52.09
N ARG K 176 -16.31 -39.23 51.79
CA ARG K 176 -14.89 -39.45 51.96
C ARG K 176 -14.11 -39.03 50.69
N ILE K 177 -14.81 -38.56 49.66
CA ILE K 177 -14.22 -38.38 48.34
C ILE K 177 -14.52 -36.98 47.81
N VAL K 178 -13.48 -36.32 47.31
CA VAL K 178 -13.62 -35.11 46.51
C VAL K 178 -13.91 -35.54 45.07
N HIS K 179 -14.98 -35.00 44.50
CA HIS K 179 -15.51 -35.44 43.22
C HIS K 179 -15.21 -34.38 42.17
N GLN K 180 -14.35 -34.71 41.21
CA GLN K 180 -13.91 -33.79 40.18
C GLN K 180 -14.28 -34.31 38.80
N VAL K 181 -14.88 -33.45 37.98
CA VAL K 181 -15.25 -33.80 36.61
C VAL K 181 -14.61 -32.79 35.65
N GLY K 182 -14.50 -33.19 34.39
CA GLY K 182 -14.03 -32.30 33.36
C GLY K 182 -15.08 -31.31 32.90
N GLU K 183 -16.13 -31.81 32.27
CA GLU K 183 -17.27 -30.99 31.85
C GLU K 183 -18.54 -31.67 32.33
N THR K 184 -19.43 -30.90 32.94
CA THR K 184 -20.66 -31.46 33.47
C THR K 184 -21.60 -31.84 32.33
N HIS K 185 -22.01 -33.11 32.33
CA HIS K 185 -22.95 -33.61 31.35
C HIS K 185 -24.33 -32.99 31.60
N PRO K 186 -25.07 -32.67 30.55
CA PRO K 186 -26.35 -31.98 30.78
C PRO K 186 -27.45 -32.89 31.30
N ASP K 187 -27.54 -34.13 30.85
CA ASP K 187 -28.57 -35.06 31.31
C ASP K 187 -27.84 -36.25 31.93
N PRO K 188 -27.54 -36.19 33.23
CA PRO K 188 -26.66 -37.21 33.83
C PRO K 188 -27.32 -38.57 34.01
N MET K 189 -28.64 -38.66 33.98
CA MET K 189 -29.29 -39.95 34.14
C MET K 189 -29.33 -40.72 32.82
N LEU K 190 -29.41 -40.01 31.71
CA LEU K 190 -29.45 -40.62 30.40
C LEU K 190 -28.04 -40.89 29.85
N ALA K 191 -27.00 -40.51 30.60
CA ALA K 191 -25.63 -40.63 30.14
C ALA K 191 -25.19 -42.09 30.05
N THR K 192 -24.23 -42.34 29.18
CA THR K 192 -23.78 -43.70 28.87
C THR K 192 -22.26 -43.69 28.77
N GLY K 193 -21.70 -44.77 28.22
CA GLY K 193 -20.27 -44.87 28.09
C GLY K 193 -19.62 -45.33 29.39
N VAL K 194 -18.30 -45.14 29.46
CA VAL K 194 -17.57 -45.54 30.64
C VAL K 194 -17.85 -44.59 31.80
N ASN K 195 -17.79 -43.29 31.54
CA ASN K 195 -18.12 -42.28 32.54
C ASN K 195 -19.63 -42.25 32.74
N VAL K 196 -20.10 -42.91 33.79
CA VAL K 196 -21.52 -42.96 34.07
C VAL K 196 -21.85 -41.94 35.15
N GLY K 197 -21.22 -42.09 36.31
CA GLY K 197 -21.36 -41.11 37.37
C GLY K 197 -20.36 -39.99 37.32
N TRP K 198 -19.58 -39.90 36.26
CA TRP K 198 -18.54 -38.91 36.11
C TRP K 198 -18.95 -37.88 35.06
N GLY K 199 -18.04 -36.97 34.75
CA GLY K 199 -18.26 -35.98 33.73
C GLY K 199 -17.71 -36.42 32.39
N ASP K 200 -17.63 -35.45 31.47
CA ASP K 200 -17.17 -35.73 30.12
C ASP K 200 -15.83 -35.05 29.90
N SER K 201 -15.04 -35.62 29.00
CA SER K 201 -13.69 -35.12 28.75
C SER K 201 -13.73 -33.84 27.95
N THR K 202 -12.62 -33.10 28.00
CA THR K 202 -12.55 -31.86 27.25
C THR K 202 -11.80 -31.98 25.94
N LEU K 203 -11.39 -33.19 25.56
CA LEU K 203 -11.04 -33.43 24.17
C LEU K 203 -12.26 -33.82 23.35
N GLN K 204 -13.45 -33.83 23.97
CA GLN K 204 -14.67 -34.15 23.25
C GLN K 204 -15.06 -33.02 22.33
N ALA K 205 -15.14 -31.80 22.87
CA ALA K 205 -15.70 -30.68 22.11
C ALA K 205 -14.68 -30.13 21.12
N LEU K 206 -13.41 -30.06 21.50
CA LEU K 206 -12.38 -29.48 20.64
C LEU K 206 -11.65 -30.53 19.81
N TYR K 207 -12.29 -31.67 19.53
CA TYR K 207 -11.65 -32.68 18.71
C TYR K 207 -11.64 -32.27 17.24
N ASP K 208 -12.74 -31.67 16.77
CA ASP K 208 -12.80 -31.26 15.37
C ASP K 208 -11.91 -30.06 15.10
N ALA K 209 -11.85 -29.13 16.05
CA ALA K 209 -11.00 -27.95 15.90
C ALA K 209 -9.53 -28.31 15.93
N MET K 210 -9.17 -29.35 16.69
CA MET K 210 -7.77 -29.77 16.77
C MET K 210 -7.32 -30.45 15.49
N MET K 211 -8.16 -31.31 14.92
CA MET K 211 -7.72 -32.11 13.79
C MET K 211 -7.72 -31.31 12.50
N ASN K 212 -8.44 -30.19 12.46
CA ASN K 212 -8.33 -29.30 11.30
C ASN K 212 -6.96 -28.63 11.26
N SER K 213 -6.44 -28.23 12.42
CA SER K 213 -5.18 -27.52 12.45
C SER K 213 -4.01 -28.46 12.23
N ASP K 214 -4.05 -29.66 12.81
CA ASP K 214 -2.91 -30.55 12.71
C ASP K 214 -2.82 -31.22 11.34
N ASN K 215 -3.91 -31.28 10.59
CA ASN K 215 -3.82 -31.82 9.23
C ASN K 215 -3.18 -30.82 8.29
N THR K 216 -3.56 -29.54 8.41
CA THR K 216 -3.02 -28.53 7.52
C THR K 216 -1.58 -28.17 7.85
N GLN K 217 -1.09 -28.53 9.03
CA GLN K 217 0.33 -28.38 9.28
C GLN K 217 1.14 -29.43 8.53
N ALA K 218 0.62 -30.64 8.44
CA ALA K 218 1.37 -31.72 7.82
C ALA K 218 1.22 -31.70 6.31
N ASN K 219 0.27 -30.93 5.79
CA ASN K 219 0.09 -30.83 4.34
C ASN K 219 0.97 -29.73 3.76
N ILE K 220 0.99 -28.58 4.43
CA ILE K 220 1.74 -27.43 3.91
C ILE K 220 3.23 -27.65 4.07
N ALA K 221 3.62 -28.42 5.08
CA ALA K 221 5.03 -28.79 5.21
C ALA K 221 5.40 -29.94 4.27
N SER K 222 4.42 -30.53 3.59
CA SER K 222 4.74 -31.54 2.57
C SER K 222 4.99 -30.89 1.22
N LEU K 223 4.38 -29.73 0.98
CA LEU K 223 4.56 -29.05 -0.31
C LEU K 223 5.94 -28.43 -0.43
N VAL K 224 6.66 -28.26 0.68
CA VAL K 224 7.94 -27.57 0.58
C VAL K 224 8.99 -28.49 -0.03
N PHE K 225 8.81 -29.81 0.11
CA PHE K 225 9.66 -30.75 -0.59
C PHE K 225 9.43 -30.70 -2.09
N GLU K 226 8.19 -30.63 -2.51
CA GLU K 226 7.85 -30.41 -3.90
C GLU K 226 7.71 -28.93 -4.20
N ALA K 227 8.71 -28.14 -3.87
CA ALA K 227 8.62 -26.71 -4.13
C ALA K 227 8.76 -26.42 -5.61
N ASN K 228 9.63 -27.14 -6.31
CA ASN K 228 9.69 -27.10 -7.76
C ASN K 228 10.27 -28.40 -8.25
N VAL K 229 9.43 -29.22 -8.87
CA VAL K 229 9.84 -30.46 -9.51
C VAL K 229 9.97 -30.19 -11.00
N ASP K 230 10.96 -30.82 -11.63
CA ASP K 230 11.20 -30.65 -13.05
C ASP K 230 11.32 -32.00 -13.75
N VAL K 231 10.89 -32.03 -15.00
CA VAL K 231 10.86 -33.25 -15.79
C VAL K 231 11.80 -33.06 -16.98
N ILE K 232 12.20 -34.19 -17.56
CA ILE K 232 13.07 -34.22 -18.73
C ILE K 232 12.50 -35.27 -19.68
N GLY K 233 12.08 -34.86 -20.86
CA GLY K 233 11.48 -35.80 -21.79
C GLY K 233 12.39 -36.26 -22.89
N LEU K 234 12.85 -37.52 -22.83
CA LEU K 234 13.65 -38.08 -23.90
C LEU K 234 12.72 -38.60 -25.01
N PRO K 235 13.15 -38.52 -26.29
CA PRO K 235 12.28 -38.94 -27.40
C PRO K 235 11.91 -40.42 -27.43
N ASP K 236 12.88 -41.32 -27.42
CA ASP K 236 12.61 -42.75 -27.34
C ASP K 236 13.16 -43.25 -26.02
N PHE K 237 12.35 -43.10 -24.98
CA PHE K 237 12.69 -43.52 -23.63
C PHE K 237 12.09 -44.86 -23.30
N MET K 238 11.18 -45.35 -24.15
CA MET K 238 10.58 -46.65 -23.97
C MET K 238 11.59 -47.77 -24.19
N GLU K 239 12.65 -47.50 -24.94
CA GLU K 239 13.55 -48.52 -25.44
C GLU K 239 14.89 -48.56 -24.71
N ASN K 240 15.35 -47.42 -24.18
CA ASN K 240 16.52 -47.43 -23.31
C ASN K 240 16.23 -48.16 -22.02
N MET K 241 15.01 -48.01 -21.49
CA MET K 241 14.62 -48.65 -20.23
C MET K 241 14.03 -50.02 -20.45
N SER K 242 14.71 -50.86 -21.23
CA SER K 242 14.17 -52.16 -21.60
C SER K 242 15.05 -53.31 -21.14
N SER K 243 16.21 -53.02 -20.57
CA SER K 243 17.06 -54.04 -19.98
C SER K 243 17.75 -53.42 -18.78
N GLU K 244 18.61 -54.20 -18.12
CA GLU K 244 19.35 -53.72 -16.97
C GLU K 244 20.66 -53.05 -17.33
N VAL K 245 21.38 -53.55 -18.32
CA VAL K 245 22.69 -53.02 -18.66
C VAL K 245 22.55 -51.71 -19.43
N TYR K 246 21.49 -51.60 -20.23
CA TYR K 246 21.26 -50.37 -20.98
C TYR K 246 20.81 -49.23 -20.08
N ARG K 247 19.95 -49.51 -19.10
CA ARG K 247 19.35 -48.41 -18.34
C ARG K 247 20.29 -47.89 -17.28
N GLN K 248 21.28 -48.70 -16.88
CA GLN K 248 22.26 -48.18 -15.93
C GLN K 248 23.33 -47.38 -16.65
N LYS K 249 23.46 -47.56 -17.96
CA LYS K 249 24.30 -46.69 -18.76
C LYS K 249 23.70 -45.30 -18.84
N LEU K 250 22.38 -45.21 -18.78
CA LEU K 250 21.67 -43.94 -18.85
C LEU K 250 21.61 -43.25 -17.50
N LEU K 251 21.20 -43.97 -16.46
CA LEU K 251 20.91 -43.36 -15.17
C LEU K 251 22.18 -43.05 -14.39
N ASP K 252 23.30 -43.69 -14.73
CA ASP K 252 24.55 -43.31 -14.07
C ASP K 252 25.07 -42.00 -14.63
N ARG K 253 24.76 -41.70 -15.89
CA ARG K 253 25.26 -40.46 -16.47
C ARG K 253 24.36 -39.29 -16.09
N PHE K 254 23.05 -39.52 -15.99
CA PHE K 254 22.14 -38.47 -15.54
C PHE K 254 22.30 -38.15 -14.06
N THR K 255 22.88 -39.05 -13.27
CA THR K 255 23.20 -38.70 -11.89
C THR K 255 24.28 -37.64 -11.86
N LEU K 256 25.37 -37.87 -12.59
CA LEU K 256 26.49 -36.94 -12.56
C LEU K 256 26.21 -35.69 -13.39
N ALA K 257 25.14 -35.70 -14.16
CA ALA K 257 24.79 -34.52 -14.96
C ALA K 257 23.67 -33.70 -14.34
N ALA K 258 22.87 -34.27 -13.43
CA ALA K 258 21.82 -33.52 -12.77
C ALA K 258 22.11 -33.33 -11.29
N ALA K 259 23.33 -33.67 -10.84
CA ALA K 259 23.70 -33.39 -9.48
C ALA K 259 24.10 -31.94 -9.29
N GLY K 260 24.93 -31.42 -10.18
CA GLY K 260 25.52 -30.12 -10.01
C GLY K 260 24.93 -29.00 -10.82
N LYS K 261 23.72 -29.14 -11.35
CA LYS K 261 23.12 -28.05 -12.10
C LYS K 261 22.71 -26.93 -11.16
N GLY K 262 22.67 -25.72 -11.70
CA GLY K 262 22.42 -24.58 -10.84
C GLY K 262 23.09 -23.34 -11.40
N ILE K 263 23.64 -22.53 -10.50
CA ILE K 263 24.15 -21.23 -10.89
C ILE K 263 25.48 -21.36 -11.62
N ASN K 264 26.35 -22.26 -11.14
CA ASN K 264 27.71 -22.33 -11.64
C ASN K 264 27.95 -23.45 -12.64
N LYS K 265 26.92 -24.21 -13.00
CA LYS K 265 27.02 -25.20 -14.06
C LYS K 265 25.80 -25.09 -14.96
N THR K 266 25.99 -25.35 -16.25
CA THR K 266 24.92 -25.27 -17.24
C THR K 266 24.70 -26.65 -17.85
N LEU K 267 23.44 -27.07 -17.93
CA LEU K 267 23.13 -28.34 -18.56
C LEU K 267 23.39 -28.30 -20.05
N MET K 268 23.77 -29.44 -20.60
CA MET K 268 23.83 -29.62 -22.05
C MET K 268 22.84 -30.70 -22.42
N LEU K 269 21.90 -30.37 -23.29
CA LEU K 269 20.91 -31.33 -23.73
C LEU K 269 20.89 -31.35 -25.26
N ASP K 270 20.26 -32.38 -25.80
CA ASP K 270 19.97 -32.42 -27.21
C ASP K 270 18.84 -31.44 -27.52
N ALA K 271 18.69 -31.08 -28.80
CA ALA K 271 17.64 -30.14 -29.17
C ALA K 271 16.24 -30.74 -29.12
N GLU K 272 16.12 -32.05 -28.99
CA GLU K 272 14.83 -32.72 -28.86
C GLU K 272 14.37 -32.78 -27.40
N GLU K 273 15.32 -32.88 -26.48
CA GLU K 273 15.00 -33.06 -25.06
C GLU K 273 14.47 -31.77 -24.47
N VAL K 274 13.50 -31.88 -23.58
CA VAL K 274 12.58 -30.78 -23.33
C VAL K 274 12.96 -29.93 -22.12
N PHE K 275 12.94 -30.53 -20.92
CA PHE K 275 13.28 -29.89 -19.64
C PHE K 275 12.37 -28.69 -19.34
N THR K 276 11.14 -29.00 -18.99
CA THR K 276 10.26 -28.01 -18.37
C THR K 276 10.37 -28.09 -16.85
N ALA K 277 9.85 -27.07 -16.18
CA ALA K 277 9.97 -26.94 -14.73
C ALA K 277 8.65 -26.45 -14.15
N HIS K 278 8.12 -27.19 -13.18
CA HIS K 278 6.79 -26.94 -12.64
C HIS K 278 6.86 -26.42 -11.23
N SER K 279 6.55 -25.13 -11.06
CA SER K 279 6.69 -24.47 -9.76
C SER K 279 5.32 -24.38 -9.11
N ARG K 280 5.22 -24.86 -7.87
CA ARG K 280 3.95 -24.82 -7.17
C ARG K 280 3.72 -23.43 -6.58
N SER K 281 2.55 -23.22 -5.99
CA SER K 281 2.14 -21.91 -5.53
C SER K 281 1.91 -21.93 -4.03
N PHE K 282 2.50 -20.97 -3.33
CA PHE K 282 2.35 -20.83 -1.89
C PHE K 282 1.68 -19.50 -1.54
N ALA K 283 0.70 -19.10 -2.33
CA ALA K 283 -0.02 -17.85 -2.09
C ALA K 283 -1.07 -18.07 -1.03
N ASN K 284 -1.11 -17.15 -0.05
CA ASN K 284 -2.09 -17.08 1.05
C ASN K 284 -2.13 -18.30 1.95
N LEU K 285 -1.16 -19.21 1.85
CA LEU K 285 -1.10 -20.38 2.72
C LEU K 285 -0.50 -20.11 4.04
N ASP K 286 -0.35 -18.85 4.45
CA ASP K 286 0.15 -18.51 5.77
C ASP K 286 -0.84 -17.73 6.59
N LYS K 287 -1.83 -17.12 5.95
CA LYS K 287 -2.98 -16.62 6.68
C LYS K 287 -3.99 -17.72 6.93
N ILE K 288 -3.89 -18.83 6.21
CA ILE K 288 -4.73 -19.99 6.52
C ILE K 288 -4.22 -20.70 7.77
N MET K 289 -2.89 -20.80 7.91
CA MET K 289 -2.29 -21.50 9.04
C MET K 289 -2.56 -20.79 10.37
N GLU K 290 -2.80 -19.48 10.32
CA GLU K 290 -3.00 -18.75 11.56
C GLU K 290 -4.48 -18.61 11.89
N GLN K 291 -5.37 -18.81 10.93
CA GLN K 291 -6.79 -18.78 11.24
C GLN K 291 -7.27 -20.10 11.84
N PHE K 292 -6.50 -21.17 11.73
CA PHE K 292 -6.89 -22.41 12.39
C PHE K 292 -6.43 -22.51 13.83
N ILE K 293 -5.34 -21.83 14.20
CA ILE K 293 -4.96 -21.84 15.61
C ILE K 293 -5.75 -20.82 16.41
N LEU K 294 -6.42 -19.88 15.75
CA LEU K 294 -7.46 -19.10 16.42
C LEU K 294 -8.57 -20.00 16.93
N PHE K 295 -9.03 -20.90 16.08
CA PHE K 295 -10.21 -21.69 16.41
C PHE K 295 -9.89 -22.80 17.40
N VAL K 296 -8.61 -23.16 17.54
CA VAL K 296 -8.22 -24.06 18.61
C VAL K 296 -8.14 -23.29 19.92
N ALA K 297 -7.53 -22.11 19.90
CA ALA K 297 -7.40 -21.30 21.10
C ALA K 297 -8.75 -20.80 21.59
N GLY K 298 -9.68 -20.56 20.66
CA GLY K 298 -11.04 -20.24 21.07
C GLY K 298 -11.76 -21.43 21.66
N ALA K 299 -11.46 -22.63 21.14
CA ALA K 299 -12.10 -23.84 21.65
C ALA K 299 -11.58 -24.18 23.04
N ALA K 300 -10.29 -23.98 23.28
CA ALA K 300 -9.72 -24.18 24.60
C ALA K 300 -10.04 -23.05 25.55
N ASP K 301 -10.61 -21.95 25.05
CA ASP K 301 -10.88 -20.71 25.78
C ASP K 301 -9.62 -20.18 26.45
N ILE K 302 -8.54 -20.12 25.68
CA ILE K 302 -7.29 -19.51 26.09
C ILE K 302 -6.93 -18.49 25.01
N PRO K 303 -6.59 -17.25 25.35
CA PRO K 303 -6.16 -16.30 24.33
C PRO K 303 -4.79 -16.66 23.79
N LEU K 304 -4.47 -16.14 22.59
CA LEU K 304 -3.18 -16.45 22.00
C LEU K 304 -2.02 -15.70 22.62
N THR K 305 -2.22 -14.94 23.68
CA THR K 305 -1.09 -14.42 24.42
C THR K 305 -0.66 -15.37 25.53
N ARG K 306 -1.40 -16.45 25.76
CA ARG K 306 -0.98 -17.52 26.66
C ARG K 306 -0.84 -18.84 25.93
N PHE K 307 -1.85 -19.25 25.17
CA PHE K 307 -1.70 -20.28 24.15
C PHE K 307 -0.75 -19.76 23.09
N LEU K 308 0.12 -20.65 22.58
CA LEU K 308 1.14 -20.31 21.57
C LEU K 308 2.12 -19.24 22.08
N GLY K 309 2.32 -19.17 23.39
CA GLY K 309 3.16 -18.19 24.06
C GLY K 309 2.68 -16.77 23.81
N GLN K 310 3.63 -15.84 23.82
CA GLN K 310 3.38 -14.48 23.35
C GLN K 310 3.61 -14.49 21.83
N SER K 311 2.54 -14.65 21.08
CA SER K 311 2.64 -14.75 19.63
C SER K 311 2.66 -13.37 19.02
N PRO K 312 3.48 -13.14 17.98
CA PRO K 312 3.47 -11.84 17.30
C PRO K 312 2.16 -11.54 16.57
N ALA K 313 1.37 -12.56 16.27
CA ALA K 313 0.07 -12.36 15.63
C ALA K 313 -1.03 -12.18 16.67
N GLY K 314 -0.80 -11.29 17.63
CA GLY K 314 -1.83 -10.82 18.53
C GLY K 314 -1.93 -9.31 18.44
N MET K 315 -3.03 -8.80 17.90
CA MET K 315 -3.18 -7.35 17.70
C MET K 315 -4.50 -6.88 18.31
N SER K 316 -4.85 -7.42 19.48
CA SER K 316 -5.91 -6.84 20.29
C SER K 316 -5.56 -6.91 21.77
N SER K 317 -4.28 -7.04 22.10
CA SER K 317 -3.81 -6.99 23.49
C SER K 317 -3.40 -5.56 23.80
N THR K 318 -4.39 -4.72 24.03
CA THR K 318 -4.11 -3.34 24.42
C THR K 318 -3.59 -3.30 25.85
N GLY K 319 -2.69 -2.36 26.12
CA GLY K 319 -1.79 -2.42 27.26
C GLY K 319 -2.35 -2.27 28.66
N GLN K 320 -3.68 -2.37 28.83
CA GLN K 320 -4.31 -2.35 30.14
C GLN K 320 -5.21 -3.55 30.37
N HIS K 321 -5.75 -4.14 29.30
CA HIS K 321 -6.72 -5.22 29.36
C HIS K 321 -6.25 -6.42 28.56
N ASP K 322 -4.99 -6.82 28.78
CA ASP K 322 -4.38 -7.89 28.02
C ASP K 322 -5.07 -9.23 28.27
N MET K 323 -5.02 -9.72 29.52
CA MET K 323 -5.50 -11.05 29.86
C MET K 323 -6.48 -10.98 31.02
N LYS K 324 -7.28 -9.92 31.06
CA LYS K 324 -8.25 -9.81 32.14
C LYS K 324 -9.44 -10.74 31.95
N ASN K 325 -9.64 -11.26 30.74
CA ASN K 325 -10.67 -12.26 30.55
C ASN K 325 -10.19 -13.64 30.98
N TYR K 326 -8.89 -13.88 30.91
CA TYR K 326 -8.36 -15.19 31.24
C TYR K 326 -8.31 -15.39 32.75
N HIS K 327 -8.14 -14.32 33.51
CA HIS K 327 -8.19 -14.45 34.96
C HIS K 327 -9.62 -14.42 35.46
N ASP K 328 -10.58 -14.02 34.62
CA ASP K 328 -11.99 -14.13 34.99
C ASP K 328 -12.49 -15.55 34.78
N ARG K 329 -11.77 -16.34 33.98
CA ARG K 329 -12.15 -17.72 33.77
C ARG K 329 -11.59 -18.63 34.86
N ILE K 330 -10.41 -18.28 35.38
CA ILE K 330 -9.78 -19.10 36.40
C ILE K 330 -10.47 -18.89 37.75
N GLN K 331 -10.90 -17.66 38.03
CA GLN K 331 -11.66 -17.42 39.25
C GLN K 331 -13.05 -18.02 39.21
N SER K 332 -13.52 -18.45 38.04
CA SER K 332 -14.74 -19.23 37.93
C SER K 332 -14.48 -20.73 38.04
N ILE K 333 -13.22 -21.15 38.16
CA ILE K 333 -12.92 -22.51 38.55
C ILE K 333 -12.64 -22.59 40.05
N GLN K 334 -11.96 -21.58 40.57
CA GLN K 334 -11.61 -21.54 41.98
C GLN K 334 -12.81 -21.38 42.89
N THR K 335 -13.93 -20.87 42.38
CA THR K 335 -15.12 -20.67 43.20
C THR K 335 -16.32 -21.48 42.72
N LEU K 336 -16.15 -22.33 41.72
CA LEU K 336 -17.27 -23.14 41.25
C LEU K 336 -16.92 -24.62 41.04
N ASP K 337 -15.65 -24.99 40.99
CA ASP K 337 -15.25 -26.38 40.85
C ASP K 337 -14.32 -26.86 41.96
N LEU K 338 -13.58 -25.97 42.59
CA LEU K 338 -12.68 -26.34 43.67
C LEU K 338 -13.18 -25.90 45.02
N GLN K 339 -14.01 -24.87 45.05
CA GLN K 339 -14.59 -24.43 46.32
C GLN K 339 -15.70 -25.32 46.85
N PRO K 340 -16.71 -25.77 46.07
CA PRO K 340 -17.74 -26.62 46.68
C PRO K 340 -17.28 -28.02 46.98
N SER K 341 -16.47 -28.63 46.10
CA SER K 341 -16.12 -30.04 46.26
C SER K 341 -15.17 -30.29 47.43
N MET K 342 -14.52 -29.24 47.92
CA MET K 342 -13.66 -29.33 49.09
C MET K 342 -14.39 -28.90 50.36
N TYR K 343 -15.66 -29.28 50.49
CA TYR K 343 -16.43 -28.92 51.68
C TYR K 343 -16.27 -29.93 52.81
N ARG K 344 -15.93 -31.19 52.50
CA ARG K 344 -15.62 -32.11 53.59
C ARG K 344 -14.15 -32.00 53.98
N LEU K 345 -13.31 -31.57 53.05
CA LEU K 345 -12.07 -30.89 53.43
C LEU K 345 -12.38 -29.46 53.85
N ASP K 346 -11.34 -28.74 54.28
CA ASP K 346 -11.33 -27.30 54.52
C ASP K 346 -12.20 -26.88 55.72
N GLU K 347 -12.98 -27.79 56.26
CA GLU K 347 -13.54 -27.74 57.60
C GLU K 347 -13.01 -28.87 58.46
N ALA K 348 -12.40 -29.87 57.85
CA ALA K 348 -11.69 -30.93 58.55
C ALA K 348 -10.23 -30.58 58.79
N ILE K 349 -9.63 -29.76 57.94
CA ILE K 349 -8.23 -29.40 58.10
C ILE K 349 -8.09 -28.20 59.04
N ILE K 350 -9.12 -27.37 59.15
CA ILE K 350 -9.12 -26.34 60.19
C ILE K 350 -9.60 -26.95 61.49
N ARG K 351 -10.22 -28.13 61.42
CA ARG K 351 -10.50 -28.92 62.60
C ARG K 351 -9.24 -29.55 63.17
N SER K 352 -8.22 -29.79 62.34
CA SER K 352 -6.97 -30.40 62.77
C SER K 352 -5.99 -29.39 63.35
N SER K 353 -6.46 -28.23 63.79
CA SER K 353 -5.66 -27.32 64.60
C SER K 353 -5.88 -27.63 66.09
N LEU K 354 -5.42 -28.83 66.46
CA LEU K 354 -5.55 -29.40 67.81
C LEU K 354 -7.01 -29.52 68.24
N GLY K 355 -7.88 -29.91 67.31
CA GLY K 355 -9.27 -30.20 67.61
C GLY K 355 -10.21 -29.02 67.63
N ALA K 356 -9.69 -27.81 67.81
CA ALA K 356 -10.53 -26.62 68.00
C ALA K 356 -10.75 -25.94 66.66
N ARG K 357 -12.01 -25.61 66.37
CA ARG K 357 -12.36 -24.94 65.14
C ARG K 357 -13.14 -23.67 65.41
N PRO K 358 -12.63 -22.52 65.03
CA PRO K 358 -13.41 -21.28 65.18
C PRO K 358 -14.55 -21.18 64.18
N GLU K 359 -15.34 -20.11 64.26
CA GLU K 359 -16.39 -19.86 63.29
C GLU K 359 -16.03 -18.78 62.28
N GLU K 360 -15.43 -17.69 62.72
CA GLU K 360 -15.04 -16.61 61.81
C GLU K 360 -13.63 -16.81 61.26
N LEU K 361 -13.38 -18.01 60.74
CA LEU K 361 -12.13 -18.38 60.11
C LEU K 361 -12.44 -18.79 58.68
N PHE K 362 -11.82 -18.11 57.72
CA PHE K 362 -12.11 -18.37 56.31
C PHE K 362 -10.85 -18.05 55.51
N TYR K 363 -10.98 -18.03 54.19
CA TYR K 363 -9.87 -17.68 53.32
C TYR K 363 -10.42 -17.04 52.06
N ILE K 364 -9.52 -16.38 51.33
CA ILE K 364 -9.77 -15.91 49.98
C ILE K 364 -8.72 -16.54 49.08
N TRP K 365 -8.96 -16.47 47.79
CA TRP K 365 -8.01 -16.97 46.82
C TRP K 365 -7.04 -15.86 46.46
N SER K 366 -5.78 -16.24 46.22
CA SER K 366 -4.74 -15.27 45.96
C SER K 366 -4.95 -14.60 44.60
N PRO K 367 -4.55 -13.35 44.45
CA PRO K 367 -4.65 -12.70 43.13
C PRO K 367 -3.70 -13.34 42.12
N LEU K 368 -4.10 -13.27 40.86
CA LEU K 368 -3.45 -14.03 39.81
C LEU K 368 -2.47 -13.23 38.98
N GLU K 369 -2.63 -11.90 38.89
CA GLU K 369 -1.73 -11.09 38.09
C GLU K 369 -0.39 -10.96 38.78
N GLN K 370 0.67 -11.36 38.08
CA GLN K 370 2.02 -11.09 38.54
C GLN K 370 2.26 -9.58 38.50
N MET K 371 2.89 -9.05 39.54
CA MET K 371 3.20 -7.64 39.60
C MET K 371 4.71 -7.45 39.52
N SER K 372 5.12 -6.32 38.95
CA SER K 372 6.54 -6.04 38.82
C SER K 372 7.13 -5.66 40.18
N GLU K 373 8.47 -5.62 40.23
CA GLU K 373 9.11 -5.30 41.50
C GLU K 373 9.00 -3.83 41.83
N LYS K 374 9.00 -2.96 40.82
CA LYS K 374 8.78 -1.55 41.07
C LYS K 374 7.32 -1.27 41.36
N GLU K 375 6.41 -2.06 40.81
CA GLU K 375 5.00 -1.87 41.10
C GLU K 375 4.65 -2.34 42.51
N ARG K 376 5.37 -3.33 43.04
CA ARG K 376 5.10 -3.75 44.41
C ARG K 376 5.67 -2.76 45.41
N ALA K 377 6.65 -1.96 45.00
CA ALA K 377 7.09 -0.85 45.85
C ALA K 377 6.07 0.27 45.84
N GLU K 378 5.41 0.50 44.71
CA GLU K 378 4.45 1.58 44.61
C GLU K 378 3.11 1.21 45.23
N ILE K 379 2.83 -0.09 45.33
CA ILE K 379 1.64 -0.54 46.04
C ILE K 379 1.83 -0.37 47.54
N GLY K 380 3.01 -0.72 48.04
CA GLY K 380 3.26 -0.64 49.47
C GLY K 380 3.40 0.79 49.95
N LYS K 381 3.70 1.72 49.04
CA LYS K 381 3.77 3.12 49.41
C LYS K 381 2.37 3.71 49.58
N LEU K 382 1.37 3.10 48.95
CA LEU K 382 0.02 3.60 49.08
C LEU K 382 -0.70 3.00 50.28
N HIS K 383 -0.38 1.76 50.64
CA HIS K 383 -1.03 1.14 51.79
C HIS K 383 -0.62 1.81 53.08
N ALA K 384 0.61 2.31 53.14
CA ALA K 384 1.04 3.09 54.29
C ALA K 384 0.34 4.43 54.36
N GLU K 385 -0.20 4.92 53.24
CA GLU K 385 -0.81 6.23 53.22
C GLU K 385 -2.33 6.21 53.35
N THR K 386 -2.97 5.05 53.21
CA THR K 386 -4.37 4.96 53.62
C THR K 386 -4.47 4.89 55.12
N VAL K 387 -3.47 4.29 55.77
CA VAL K 387 -3.46 4.18 57.23
C VAL K 387 -3.26 5.55 57.86
N ASN K 388 -2.41 6.39 57.25
CA ASN K 388 -2.12 7.71 57.78
C ASN K 388 -3.36 8.61 57.72
N VAL K 389 -4.27 8.34 56.79
CA VAL K 389 -5.48 9.14 56.70
C VAL K 389 -6.57 8.56 57.60
N ILE K 390 -6.63 7.23 57.71
CA ILE K 390 -7.63 6.60 58.58
C ILE K 390 -7.28 6.81 60.05
N ALA K 391 -6.00 6.66 60.41
CA ALA K 391 -5.62 6.86 61.81
C ALA K 391 -5.65 8.33 62.20
N GLY K 392 -5.60 9.24 61.22
CA GLY K 392 -5.63 10.66 61.53
C GLY K 392 -7.00 11.12 61.99
N THR K 393 -8.05 10.48 61.49
CA THR K 393 -9.41 10.74 61.95
C THR K 393 -9.74 9.75 63.06
N GLY K 394 -10.46 10.20 64.06
CA GLY K 394 -10.76 9.27 65.14
C GLY K 394 -11.98 8.45 64.81
N LEU K 395 -11.76 7.25 64.27
CA LEU K 395 -12.84 6.32 64.03
C LEU K 395 -12.51 4.89 64.41
N PHE K 396 -11.24 4.56 64.63
CA PHE K 396 -10.84 3.22 65.02
C PHE K 396 -9.82 3.31 66.14
N MET K 397 -9.74 2.24 66.93
CA MET K 397 -8.71 2.17 67.96
C MET K 397 -7.34 2.06 67.32
N GLN K 398 -6.35 2.72 67.94
CA GLN K 398 -4.98 2.51 67.50
C GLN K 398 -4.43 1.20 68.02
N GLU K 399 -5.04 0.63 69.05
CA GLU K 399 -4.82 -0.77 69.39
C GLU K 399 -5.32 -1.69 68.29
N GLU K 400 -6.36 -1.27 67.58
CA GLU K 400 -6.98 -2.14 66.60
C GLU K 400 -6.23 -2.15 65.28
N LEU K 401 -5.69 -1.00 64.85
CA LEU K 401 -5.07 -0.89 63.54
C LEU K 401 -3.74 -1.62 63.48
N ARG K 402 -3.19 -1.99 64.64
CA ARG K 402 -1.96 -2.77 64.65
C ARG K 402 -2.20 -4.18 64.14
N GLU K 403 -3.38 -4.73 64.39
CA GLU K 403 -3.73 -6.05 63.87
C GLU K 403 -4.08 -6.05 62.39
N VAL K 404 -4.93 -5.12 61.96
CA VAL K 404 -5.45 -5.13 60.59
C VAL K 404 -4.38 -4.74 59.59
N PHE K 405 -3.68 -3.63 59.83
CA PHE K 405 -2.60 -3.24 58.93
C PHE K 405 -1.39 -4.14 59.12
N GLY K 406 -1.26 -4.76 60.29
CA GLY K 406 -0.22 -5.76 60.45
C GLY K 406 -0.50 -7.03 59.68
N ASN K 407 -1.77 -7.32 59.41
CA ASN K 407 -2.13 -8.58 58.74
C ASN K 407 -2.13 -8.40 57.23
N GLN K 408 -2.53 -7.23 56.76
CA GLN K 408 -2.57 -6.93 55.33
C GLN K 408 -1.17 -6.75 54.75
N LEU K 409 -0.21 -6.37 55.58
CA LEU K 409 1.14 -6.08 55.15
C LEU K 409 2.05 -7.30 55.19
N VAL K 410 1.58 -8.43 55.69
CA VAL K 410 2.32 -9.69 55.63
C VAL K 410 1.94 -10.49 54.39
N GLU K 411 0.65 -10.56 54.05
CA GLU K 411 0.24 -11.31 52.87
C GLU K 411 0.55 -10.58 51.58
N THR K 412 0.87 -9.28 51.64
CA THR K 412 1.42 -8.59 50.49
C THR K 412 2.84 -9.07 50.17
N GLY K 413 3.57 -9.54 51.17
CA GLY K 413 4.93 -9.97 50.94
C GLY K 413 5.95 -8.86 51.00
N LEU K 414 5.54 -7.68 51.47
CA LEU K 414 6.46 -6.56 51.53
C LEU K 414 7.43 -6.70 52.71
N TYR K 415 6.89 -6.94 53.90
CA TYR K 415 7.68 -7.15 55.12
C TYR K 415 7.38 -8.54 55.65
N PRO K 416 7.97 -9.58 55.05
CA PRO K 416 7.52 -10.95 55.37
C PRO K 416 7.96 -11.44 56.72
N GLY K 417 9.15 -11.07 57.18
CA GLY K 417 9.59 -11.46 58.50
C GLY K 417 9.01 -10.58 59.58
N LEU K 418 7.70 -10.64 59.78
CA LEU K 418 7.00 -9.80 60.74
C LEU K 418 6.31 -10.72 61.73
N GLY K 419 7.06 -11.17 62.73
CA GLY K 419 6.50 -11.90 63.85
C GLY K 419 6.26 -10.98 65.02
N ASP K 420 5.03 -10.50 65.15
CA ASP K 420 4.66 -9.57 66.21
C ASP K 420 3.81 -10.20 67.29
N LEU K 421 3.14 -11.30 66.98
CA LEU K 421 2.28 -11.96 67.96
C LEU K 421 3.12 -12.86 68.85
N LEU K 422 2.99 -12.65 70.17
CA LEU K 422 3.57 -13.41 71.28
C LEU K 422 5.07 -13.18 71.44
N ALA K 423 5.69 -12.50 70.48
CA ALA K 423 7.10 -12.15 70.59
C ALA K 423 7.30 -10.67 70.89
N GLN K 424 6.59 -9.82 70.19
CA GLN K 424 6.72 -8.37 70.34
C GLN K 424 5.62 -7.84 71.26
N ASN K 425 5.58 -8.43 72.46
CA ASN K 425 4.52 -8.25 73.46
C ASN K 425 3.13 -8.52 72.89
N GLY K 426 3.06 -9.41 71.90
CA GLY K 426 1.81 -9.72 71.23
C GLY K 426 1.24 -8.51 70.53
N ASN K 427 0.01 -8.16 70.88
CA ASN K 427 -0.59 -6.88 70.51
C ASN K 427 -0.78 -6.09 71.79
N GLU K 428 0.28 -5.42 72.22
CA GLU K 428 0.27 -4.41 73.27
C GLU K 428 1.60 -3.68 73.27
N LEU K 429 1.54 -2.36 73.32
CA LEU K 429 2.68 -1.49 73.57
C LEU K 429 2.44 -0.76 74.87
N PRO K 430 3.49 -0.25 75.51
CA PRO K 430 3.25 0.58 76.71
C PRO K 430 2.59 1.91 76.39
N GLU K 431 2.67 2.36 75.14
CA GLU K 431 2.29 3.72 74.81
C GLU K 431 0.87 3.86 74.28
N TRP K 432 0.01 2.85 74.39
CA TRP K 432 -1.33 3.06 73.87
C TRP K 432 -2.19 3.84 74.87
N ASP K 433 -2.46 3.23 76.02
CA ASP K 433 -3.38 3.77 77.00
C ASP K 433 -2.67 4.47 78.14
N LEU K 434 -1.45 4.06 78.45
CA LEU K 434 -0.68 4.65 79.53
C LEU K 434 0.22 5.78 79.06
N GLU K 435 -0.06 6.32 77.87
CA GLU K 435 0.63 7.48 77.34
C GLU K 435 -0.35 8.53 76.84
N GLN K 436 -1.61 8.16 76.64
CA GLN K 436 -2.66 9.11 76.26
C GLN K 436 -3.28 9.81 77.47
N ARG K 437 -2.54 9.91 78.58
CA ARG K 437 -2.99 10.69 79.71
C ARG K 437 -3.10 12.18 79.36
N SER K 438 -2.25 12.65 78.44
CA SER K 438 -2.22 14.07 78.08
C SER K 438 -3.49 14.49 77.35
N ALA K 439 -4.17 13.57 76.68
CA ALA K 439 -5.49 13.84 76.16
C ALA K 439 -6.54 13.76 77.26
N GLU K 440 -6.32 12.89 78.25
CA GLU K 440 -7.21 12.76 79.40
C GLU K 440 -6.93 13.80 80.47
N ALA K 441 -5.79 14.49 80.38
CA ALA K 441 -5.45 15.56 81.32
C ALA K 441 -6.10 16.88 81.00
N SER K 442 -6.08 17.30 79.73
CA SER K 442 -6.58 18.61 79.37
C SER K 442 -8.10 18.65 79.33
N THR K 443 -8.76 17.49 79.18
CA THR K 443 -10.20 17.46 79.38
C THR K 443 -10.58 17.56 80.85
N LYS K 444 -9.69 17.18 81.76
CA LYS K 444 -9.92 17.43 83.17
C LYS K 444 -9.67 18.90 83.51
N THR K 445 -8.94 19.61 82.66
CA THR K 445 -8.67 21.03 82.81
C THR K 445 -9.55 21.84 81.87
N ALA K 446 -10.51 21.20 81.20
CA ALA K 446 -11.26 21.84 80.13
C ALA K 446 -12.27 22.83 80.68
N GLU K 447 -13.25 22.34 81.47
CA GLU K 447 -14.23 23.22 82.08
C GLU K 447 -13.98 23.47 83.55
N ALA K 448 -13.09 22.70 84.18
CA ALA K 448 -12.79 22.93 85.59
C ALA K 448 -12.03 24.23 85.78
N ALA K 449 -11.04 24.50 84.92
CA ALA K 449 -10.22 25.69 85.01
C ALA K 449 -10.65 26.77 84.02
N ALA K 450 -11.88 26.70 83.52
CA ALA K 450 -12.40 27.71 82.62
C ALA K 450 -13.45 28.61 83.27
N LEU K 451 -14.19 28.12 84.24
CA LEU K 451 -15.12 28.96 84.98
C LEU K 451 -14.80 28.87 86.46
N SER L 10 -19.03 -34.26 15.29
CA SER L 10 -18.52 -34.21 13.94
C SER L 10 -19.66 -34.01 12.95
N LEU L 11 -19.35 -33.42 11.80
CA LEU L 11 -20.31 -33.22 10.75
C LEU L 11 -20.28 -34.36 9.75
N ARG L 12 -21.41 -34.59 9.10
CA ARG L 12 -21.49 -35.57 8.02
C ARG L 12 -22.73 -35.24 7.19
N SER L 13 -22.54 -35.01 5.90
CA SER L 13 -23.64 -34.68 5.01
C SER L 13 -23.95 -35.88 4.12
N MET L 14 -25.23 -36.06 3.79
CA MET L 14 -25.60 -37.22 2.99
C MET L 14 -25.24 -37.05 1.52
N ILE L 15 -25.36 -35.86 0.97
CA ILE L 15 -24.77 -35.53 -0.32
C ILE L 15 -23.45 -34.83 -0.06
N SER L 16 -22.59 -34.83 -1.08
CA SER L 16 -21.29 -34.14 -1.12
C SER L 16 -20.24 -34.68 -0.14
N GLY L 17 -20.57 -35.70 0.65
CA GLY L 17 -19.64 -36.45 1.47
C GLY L 17 -18.74 -35.68 2.41
N LEU L 18 -19.32 -34.84 3.26
CA LEU L 18 -18.50 -33.88 4.00
C LEU L 18 -17.81 -34.52 5.20
N GLY L 19 -18.29 -35.65 5.68
CA GLY L 19 -17.65 -36.25 6.83
C GLY L 19 -17.42 -37.74 6.67
N ASP L 20 -17.41 -38.19 5.43
CA ASP L 20 -17.30 -39.62 5.14
C ASP L 20 -15.85 -40.07 5.28
N PRO L 21 -15.55 -41.04 6.15
CA PRO L 21 -14.15 -41.49 6.31
C PRO L 21 -13.62 -42.34 5.17
N LEU L 22 -14.36 -42.52 4.10
CA LEU L 22 -13.85 -43.17 2.90
C LEU L 22 -13.57 -42.20 1.77
N ARG L 23 -14.43 -41.20 1.59
CA ARG L 23 -14.26 -40.26 0.49
C ARG L 23 -13.52 -39.01 0.91
N ASP L 24 -14.02 -38.28 1.90
CA ASP L 24 -13.35 -37.09 2.40
C ASP L 24 -12.19 -37.51 3.29
N LYS L 25 -11.10 -36.76 3.23
CA LYS L 25 -9.93 -37.06 4.05
C LYS L 25 -9.51 -35.86 4.90
N ASN L 26 -10.44 -34.95 5.19
CA ASN L 26 -10.12 -33.73 5.94
C ASN L 26 -9.65 -34.03 7.34
N ALA L 27 -10.53 -34.55 8.16
CA ALA L 27 -10.18 -35.07 9.47
C ALA L 27 -10.86 -36.40 9.68
N SER L 28 -11.68 -36.82 8.72
CA SER L 28 -12.42 -38.06 8.80
C SER L 28 -11.53 -39.28 8.70
N THR L 29 -10.31 -39.14 8.16
CA THR L 29 -9.45 -40.30 8.02
C THR L 29 -8.20 -40.17 8.88
N PHE L 30 -8.33 -39.73 10.12
CA PHE L 30 -7.14 -39.47 10.91
C PHE L 30 -7.21 -40.04 12.31
N HIS L 31 -6.03 -40.39 12.80
CA HIS L 31 -5.85 -40.99 14.10
C HIS L 31 -4.44 -40.64 14.56
N TRP L 32 -3.99 -41.29 15.62
CA TRP L 32 -2.66 -41.09 16.15
C TRP L 32 -2.07 -42.44 16.48
N ASP L 33 -0.82 -42.65 16.11
CA ASP L 33 -0.07 -43.80 16.58
C ASP L 33 1.00 -43.32 17.53
N ARG L 34 1.28 -44.13 18.55
CA ARG L 34 2.28 -43.80 19.55
C ARG L 34 3.66 -43.79 18.89
N GLN L 35 4.59 -43.03 19.47
CA GLN L 35 5.92 -43.00 18.89
C GLN L 35 6.95 -43.12 20.00
N LEU L 36 8.06 -43.79 19.68
CA LEU L 36 9.05 -44.14 20.68
C LEU L 36 10.44 -43.83 20.15
N ASP L 37 11.37 -43.58 21.06
CA ASP L 37 12.71 -43.11 20.74
C ASP L 37 13.62 -43.27 21.94
N ASP L 38 14.78 -43.90 21.74
CA ASP L 38 15.69 -44.17 22.84
C ASP L 38 17.11 -43.69 22.57
N ARG L 39 17.56 -43.78 21.31
CA ARG L 39 18.90 -43.37 20.91
C ARG L 39 18.93 -42.00 20.27
N GLN L 40 17.95 -41.67 19.42
CA GLN L 40 17.94 -40.39 18.75
C GLN L 40 17.57 -39.23 19.66
N LEU L 41 17.22 -39.49 20.92
CA LEU L 41 17.20 -38.43 21.91
C LEU L 41 18.58 -37.84 22.11
N LEU L 42 19.61 -38.68 22.02
CA LEU L 42 20.97 -38.16 22.13
C LEU L 42 21.39 -37.44 20.85
N TYR L 43 20.98 -37.96 19.69
CA TYR L 43 21.36 -37.33 18.43
C TYR L 43 20.68 -35.99 18.24
N ALA L 44 19.42 -35.86 18.67
CA ALA L 44 18.70 -34.63 18.43
C ALA L 44 19.11 -33.55 19.41
N TYR L 45 19.41 -33.92 20.65
CA TYR L 45 19.86 -32.94 21.63
C TYR L 45 21.23 -32.39 21.28
N ARG L 46 22.08 -33.22 20.72
CA ARG L 46 23.45 -32.83 20.49
C ARG L 46 23.65 -32.10 19.17
N ASN L 47 22.80 -32.37 18.17
CA ASN L 47 23.03 -31.88 16.82
C ASN L 47 21.96 -30.94 16.30
N SER L 48 21.08 -30.45 17.16
CA SER L 48 20.01 -29.56 16.73
C SER L 48 19.83 -28.48 17.77
N TRP L 49 19.90 -27.21 17.35
CA TRP L 49 19.74 -26.12 18.30
C TRP L 49 18.28 -25.97 18.73
N VAL L 50 17.35 -26.49 17.95
CA VAL L 50 15.94 -26.43 18.31
C VAL L 50 15.67 -27.33 19.49
N ALA L 51 16.25 -28.53 19.49
CA ALA L 51 15.95 -29.50 20.52
C ALA L 51 16.72 -29.20 21.80
N ARG L 52 17.92 -28.63 21.68
CA ARG L 52 18.71 -28.35 22.87
C ARG L 52 18.16 -27.13 23.61
N LYS L 53 17.56 -26.20 22.88
CA LYS L 53 17.03 -24.99 23.51
C LYS L 53 15.73 -25.28 24.26
N ALA L 54 14.94 -26.24 23.76
CA ALA L 54 13.69 -26.58 24.42
C ALA L 54 13.91 -27.40 25.68
N VAL L 55 15.10 -27.97 25.86
CA VAL L 55 15.41 -28.75 27.04
C VAL L 55 16.02 -27.86 28.13
N THR L 56 17.03 -27.08 27.77
CA THR L 56 17.86 -26.41 28.76
C THR L 56 17.20 -25.16 29.32
N ILE L 57 16.69 -24.28 28.44
CA ILE L 57 16.36 -22.91 28.87
C ILE L 57 15.16 -22.81 29.80
N PRO L 58 14.02 -23.50 29.60
CA PRO L 58 12.97 -23.45 30.63
C PRO L 58 13.33 -24.16 31.93
N ALA L 59 14.42 -24.89 32.00
CA ALA L 59 14.94 -25.42 33.25
C ALA L 59 16.11 -24.62 33.79
N LEU L 60 16.71 -23.76 32.96
CA LEU L 60 17.84 -22.98 33.41
C LEU L 60 17.40 -21.67 34.05
N ASP L 61 16.24 -21.16 33.65
CA ASP L 61 15.74 -19.91 34.18
C ASP L 61 14.99 -20.08 35.50
N ALA L 62 14.92 -21.31 36.02
CA ALA L 62 14.26 -21.55 37.28
C ALA L 62 15.21 -21.54 38.47
N VAL L 63 16.52 -21.55 38.22
CA VAL L 63 17.50 -21.56 39.30
C VAL L 63 18.52 -20.46 39.10
N ARG L 64 18.15 -19.41 38.35
CA ARG L 64 19.06 -18.29 38.17
C ARG L 64 19.16 -17.48 39.46
N LYS L 65 18.03 -17.02 39.99
CA LYS L 65 17.96 -16.36 41.27
C LYS L 65 16.96 -17.11 42.13
N TRP L 66 17.27 -17.28 43.42
CA TRP L 66 16.64 -18.35 44.17
C TRP L 66 16.89 -18.19 45.66
N ARG L 67 15.82 -18.36 46.44
CA ARG L 67 15.86 -18.76 47.85
C ARG L 67 16.63 -17.78 48.72
N ASP L 68 16.02 -16.63 48.95
CA ASP L 68 16.45 -15.75 50.04
C ASP L 68 15.73 -16.17 51.32
N TRP L 69 16.50 -16.51 52.36
CA TRP L 69 15.93 -17.00 53.61
C TRP L 69 15.37 -15.84 54.42
N GLN L 70 14.90 -16.16 55.63
CA GLN L 70 14.14 -15.19 56.41
C GLN L 70 14.81 -14.79 57.72
N ALA L 71 15.11 -15.72 58.60
CA ALA L 71 15.59 -15.34 59.92
C ALA L 71 17.07 -14.96 59.87
N ASP L 72 17.44 -13.93 60.62
CA ASP L 72 18.84 -13.58 60.77
C ASP L 72 19.16 -13.51 62.26
N GLN L 73 19.82 -14.55 62.75
CA GLN L 73 20.52 -14.57 64.03
C GLN L 73 21.96 -14.99 63.77
N LYS L 74 22.56 -14.28 62.79
CA LYS L 74 23.84 -14.57 62.14
C LYS L 74 23.80 -15.94 61.45
N ASP L 75 22.60 -16.44 61.14
CA ASP L 75 22.40 -17.80 60.69
C ASP L 75 22.02 -17.91 59.23
N ILE L 76 21.66 -16.81 58.59
CA ILE L 76 21.45 -16.81 57.15
C ILE L 76 22.78 -16.89 56.40
N SER L 77 23.89 -16.66 57.10
CA SER L 77 25.22 -16.75 56.49
C SER L 77 25.75 -18.17 56.42
N ARG L 78 25.58 -18.96 57.48
CA ARG L 78 26.08 -20.33 57.45
C ARG L 78 25.02 -21.34 57.03
N ILE L 79 23.78 -20.89 56.78
CA ILE L 79 22.82 -21.77 56.13
C ILE L 79 23.02 -21.72 54.62
N GLU L 80 23.76 -20.72 54.14
CA GLU L 80 24.15 -20.69 52.75
C GLU L 80 25.52 -21.30 52.53
N ALA L 81 26.34 -21.36 53.59
CA ALA L 81 27.66 -21.94 53.46
C ALA L 81 27.59 -23.44 53.25
N THR L 82 26.54 -24.08 53.75
CA THR L 82 26.36 -25.50 53.49
C THR L 82 25.83 -25.73 52.08
N GLU L 83 25.14 -24.74 51.52
CA GLU L 83 24.68 -24.86 50.14
C GLU L 83 25.84 -24.65 49.16
N LYS L 84 26.68 -23.64 49.44
CA LYS L 84 27.78 -23.33 48.53
C LYS L 84 28.87 -24.39 48.59
N ARG L 85 28.99 -25.09 49.72
CA ARG L 85 29.97 -26.16 49.84
C ARG L 85 29.57 -27.37 49.00
N LEU L 86 28.31 -27.79 49.12
CA LEU L 86 27.81 -28.94 48.40
C LEU L 86 27.55 -28.67 46.93
N GLY L 87 27.42 -27.42 46.53
CA GLY L 87 27.07 -27.11 45.15
C GLY L 87 25.63 -27.44 44.83
N LEU L 88 24.70 -27.03 45.69
CA LEU L 88 23.30 -27.42 45.52
C LEU L 88 22.62 -26.59 44.42
N GLN L 89 23.19 -25.43 44.07
CA GLN L 89 22.63 -24.64 42.98
C GLN L 89 22.87 -25.31 41.63
N GLN L 90 24.10 -25.73 41.35
CA GLN L 90 24.41 -26.37 40.08
C GLN L 90 23.83 -27.77 39.99
N LYS L 91 23.84 -28.53 41.08
CA LYS L 91 23.37 -29.90 41.02
C LYS L 91 21.85 -30.02 40.95
N LEU L 92 21.12 -28.92 41.17
CA LEU L 92 19.69 -28.96 40.91
C LEU L 92 19.41 -28.58 39.46
N LEU L 93 20.29 -27.78 38.87
CA LEU L 93 20.20 -27.47 37.45
C LEU L 93 20.58 -28.67 36.60
N GLN L 94 21.62 -29.40 37.00
CA GLN L 94 22.08 -30.52 36.21
C GLN L 94 21.15 -31.72 36.37
N CYS L 95 20.36 -31.73 37.45
CA CYS L 95 19.38 -32.78 37.64
C CYS L 95 18.12 -32.53 36.82
N LYS L 96 17.66 -31.28 36.77
CA LYS L 96 16.41 -30.97 36.11
C LYS L 96 16.53 -31.09 34.60
N THR L 97 17.72 -30.84 34.05
CA THR L 97 17.92 -30.96 32.61
C THR L 97 17.91 -32.42 32.18
N LEU L 98 18.51 -33.31 32.97
CA LEU L 98 18.49 -34.72 32.64
C LEU L 98 17.09 -35.30 32.78
N ALA L 99 16.32 -34.78 33.74
CA ALA L 99 14.92 -35.15 33.83
C ALA L 99 14.14 -34.57 32.66
N ARG L 100 14.61 -33.45 32.11
CA ARG L 100 13.94 -32.84 30.98
C ARG L 100 14.23 -33.58 29.68
N LEU L 101 15.47 -34.02 29.50
CA LEU L 101 15.85 -34.73 28.29
C LEU L 101 15.35 -36.17 28.33
N TRP L 102 15.83 -36.94 29.31
CA TRP L 102 15.40 -38.32 29.45
C TRP L 102 14.07 -38.36 30.18
N GLY L 103 13.66 -39.58 30.56
CA GLY L 103 12.38 -39.73 31.24
C GLY L 103 12.36 -39.15 32.64
N GLY L 104 13.53 -39.07 33.28
CA GLY L 104 13.61 -38.56 34.62
C GLY L 104 15.02 -38.71 35.15
N ALA L 105 15.27 -38.08 36.29
CA ALA L 105 16.57 -38.14 36.93
C ALA L 105 16.37 -38.00 38.44
N ALA L 106 17.45 -38.17 39.19
CA ALA L 106 17.35 -38.20 40.63
C ALA L 106 18.70 -37.89 41.26
N ILE L 107 18.67 -37.08 42.32
CA ILE L 107 19.84 -36.82 43.15
C ILE L 107 19.59 -37.47 44.50
N VAL L 108 20.63 -38.08 45.06
CA VAL L 108 20.52 -38.89 46.27
C VAL L 108 21.33 -38.24 47.40
N ILE L 109 20.72 -38.17 48.59
CA ILE L 109 21.30 -37.46 49.72
C ILE L 109 22.20 -38.42 50.49
N GLY L 110 23.32 -37.93 51.00
CA GLY L 110 24.11 -38.74 51.90
C GLY L 110 24.41 -38.08 53.23
N VAL L 111 23.80 -38.57 54.27
CA VAL L 111 24.10 -38.13 55.62
C VAL L 111 25.12 -39.11 56.19
N LYS L 112 26.06 -38.60 56.98
CA LYS L 112 27.12 -39.44 57.53
C LYS L 112 26.56 -40.47 58.49
N ASP L 113 27.06 -41.70 58.37
CA ASP L 113 26.71 -42.86 59.19
C ASP L 113 25.22 -43.19 59.07
N GLN L 114 24.81 -43.45 57.83
CA GLN L 114 23.47 -43.92 57.51
C GLN L 114 23.60 -45.17 56.65
N ASP L 115 22.83 -46.20 57.02
CA ASP L 115 23.17 -47.56 56.62
C ASP L 115 22.69 -47.96 55.22
N MET L 116 21.38 -47.98 55.00
CA MET L 116 20.83 -48.76 53.88
C MET L 116 19.46 -48.18 53.57
N ALA L 117 18.70 -48.86 52.71
CA ALA L 117 17.32 -48.49 52.42
C ALA L 117 16.40 -48.83 53.59
N THR L 118 16.55 -48.12 54.69
CA THR L 118 15.65 -48.22 55.82
C THR L 118 14.40 -47.42 55.53
N PRO L 119 13.38 -47.46 56.41
CA PRO L 119 12.43 -46.35 56.38
C PRO L 119 13.20 -45.13 56.88
N PHE L 120 13.59 -44.30 55.93
CA PHE L 120 14.80 -43.51 56.04
C PHE L 120 14.43 -42.03 56.10
N GLU L 121 14.35 -41.51 57.31
CA GLU L 121 14.20 -40.08 57.47
C GLU L 121 15.55 -39.46 57.84
N PRO L 122 16.13 -38.66 56.98
CA PRO L 122 17.24 -37.80 57.40
C PRO L 122 16.76 -36.49 58.01
N GLU L 123 15.77 -36.56 58.92
CA GLU L 123 15.23 -35.39 59.59
C GLU L 123 15.53 -35.38 61.07
N THR L 124 15.73 -36.54 61.69
CA THR L 124 15.95 -36.61 63.12
C THR L 124 17.41 -36.40 63.51
N VAL L 125 18.33 -36.59 62.57
CA VAL L 125 19.76 -36.49 62.87
C VAL L 125 20.13 -35.02 63.08
N ASN L 126 20.55 -34.70 64.31
CA ASN L 126 20.85 -33.33 64.71
C ASN L 126 22.35 -33.18 64.91
N LYS L 127 23.06 -32.97 63.81
CA LYS L 127 24.51 -32.86 63.80
C LYS L 127 24.89 -31.90 62.69
N ASP L 128 26.15 -31.95 62.27
CA ASP L 128 26.63 -31.17 61.13
C ASP L 128 27.20 -32.09 60.07
N ASP L 129 26.48 -33.14 59.75
CA ASP L 129 26.98 -34.25 58.96
C ASP L 129 26.24 -34.37 57.63
N LEU L 130 26.84 -33.84 56.57
CA LEU L 130 26.23 -33.96 55.25
C LEU L 130 27.34 -33.86 54.23
N VAL L 131 27.54 -34.92 53.44
CA VAL L 131 28.67 -34.96 52.53
C VAL L 131 28.26 -35.23 51.08
N TYR L 132 27.37 -36.19 50.83
CA TYR L 132 27.13 -36.68 49.49
C TYR L 132 25.99 -35.92 48.82
N LEU L 133 26.22 -35.44 47.60
CA LEU L 133 25.16 -35.11 46.64
C LEU L 133 25.62 -35.57 45.26
N THR L 134 25.27 -36.79 44.90
CA THR L 134 25.53 -37.31 43.57
C THR L 134 24.21 -37.41 42.81
N VAL L 135 24.24 -37.02 41.55
CA VAL L 135 23.07 -36.87 40.71
C VAL L 135 23.17 -37.80 39.51
N MET L 136 22.16 -38.63 39.32
CA MET L 136 22.17 -39.64 38.28
C MET L 136 20.85 -39.62 37.53
N SER L 137 20.91 -39.97 36.26
CA SER L 137 19.72 -40.02 35.44
C SER L 137 18.97 -41.33 35.66
N ARG L 138 17.95 -41.56 34.83
CA ARG L 138 17.25 -42.82 34.85
C ARG L 138 18.07 -43.92 34.19
N ARG L 139 19.17 -43.56 33.52
CA ARG L 139 20.07 -44.56 32.99
C ARG L 139 20.73 -45.37 34.10
N GLU L 140 21.00 -44.73 35.24
CA GLU L 140 21.81 -45.31 36.30
C GLU L 140 21.02 -45.60 37.56
N LEU L 141 19.71 -45.67 37.47
CA LEU L 141 18.83 -46.08 38.57
C LEU L 141 18.01 -47.28 38.11
N SER L 142 17.13 -47.77 38.99
CA SER L 142 16.27 -48.89 38.65
C SER L 142 14.99 -48.88 39.47
N PRO L 143 13.85 -48.69 38.84
CA PRO L 143 12.57 -48.54 39.56
C PRO L 143 11.83 -49.85 39.79
N GLU L 144 12.50 -50.82 40.40
CA GLU L 144 12.11 -52.22 40.22
C GLU L 144 11.11 -52.73 41.26
N GLU L 145 10.07 -51.93 41.51
CA GLU L 145 8.80 -52.30 42.16
C GLU L 145 7.79 -51.22 41.79
N LEU L 146 6.53 -51.45 42.16
CA LEU L 146 5.57 -50.35 42.16
C LEU L 146 4.82 -50.18 43.47
N GLU L 147 4.39 -51.29 44.10
CA GLU L 147 3.71 -51.34 45.40
C GLU L 147 2.43 -50.50 45.40
N GLN L 148 1.43 -51.05 44.72
CA GLN L 148 0.14 -50.46 44.43
C GLN L 148 -0.80 -50.36 45.64
N ASP L 149 -0.29 -50.51 46.86
CA ASP L 149 -1.11 -50.42 48.06
C ASP L 149 -1.62 -49.00 48.27
N PRO L 150 -2.93 -48.75 48.24
CA PRO L 150 -3.42 -47.37 48.26
C PRO L 150 -3.44 -46.71 49.64
N LEU L 151 -2.39 -46.90 50.42
CA LEU L 151 -2.26 -46.29 51.73
C LEU L 151 -0.86 -45.80 52.03
N ASP L 152 0.14 -46.17 51.22
CA ASP L 152 1.52 -45.88 51.54
C ASP L 152 1.91 -44.50 51.05
N GLU L 153 2.84 -43.89 51.77
CA GLU L 153 3.59 -42.77 51.24
C GLU L 153 4.37 -43.23 50.01
N PHE L 154 4.58 -42.29 49.08
CA PHE L 154 5.01 -42.54 47.69
C PHE L 154 4.30 -43.74 47.07
N TYR L 155 2.97 -43.63 47.01
CA TYR L 155 2.13 -44.54 46.26
C TYR L 155 2.46 -44.49 44.77
N ALA L 156 2.39 -45.66 44.13
CA ALA L 156 2.76 -45.88 42.72
C ALA L 156 4.18 -45.41 42.40
N ARG L 157 5.07 -45.52 43.36
CA ARG L 157 6.44 -45.07 43.27
C ARG L 157 7.35 -46.16 43.81
N PRO L 158 8.56 -46.31 43.24
CA PRO L 158 9.17 -47.66 43.13
C PRO L 158 9.66 -48.34 44.41
N LYS L 159 9.78 -47.65 45.54
CA LYS L 159 10.10 -48.19 46.87
C LYS L 159 11.55 -48.68 47.00
N ARG L 160 12.28 -48.86 45.91
CA ARG L 160 13.62 -49.45 45.99
C ARG L 160 14.38 -49.17 44.71
N TYR L 161 15.63 -48.77 44.83
CA TYR L 161 16.43 -48.36 43.68
C TYR L 161 17.74 -49.13 43.67
N GLN L 162 17.87 -50.05 42.73
CA GLN L 162 19.13 -50.73 42.45
C GLN L 162 20.08 -49.74 41.81
N VAL L 163 21.01 -49.20 42.59
CA VAL L 163 21.93 -48.19 42.05
C VAL L 163 23.30 -48.34 42.68
N SER L 164 24.30 -48.64 41.84
CA SER L 164 25.73 -48.67 42.11
C SER L 164 26.42 -49.00 40.79
N ASN L 165 27.75 -48.85 40.78
CA ASN L 165 28.56 -49.28 39.66
C ASN L 165 29.78 -50.00 40.20
N GLY L 166 29.98 -51.24 39.79
CA GLY L 166 31.16 -51.98 40.21
C GLY L 166 30.95 -52.84 41.43
N ARG L 167 31.29 -52.29 42.59
CA ARG L 167 31.47 -53.01 43.85
C ARG L 167 30.22 -53.73 44.35
N ASN L 168 29.17 -52.98 44.71
CA ASN L 168 28.05 -53.57 45.43
C ASN L 168 26.71 -53.33 44.74
N LEU L 169 25.62 -53.64 45.44
CA LEU L 169 24.26 -53.57 44.90
C LEU L 169 23.51 -52.33 45.35
N SER L 170 23.49 -52.06 46.67
CA SER L 170 23.06 -50.81 47.28
C SER L 170 21.59 -50.49 46.97
N PHE L 171 20.70 -51.26 47.58
CA PHE L 171 19.30 -50.86 47.66
C PHE L 171 19.18 -49.52 48.36
N VAL L 172 18.47 -48.58 47.72
CA VAL L 172 18.32 -47.22 48.22
C VAL L 172 16.82 -46.92 48.31
N HIS L 173 16.40 -46.31 49.44
CA HIS L 173 15.02 -45.98 49.74
C HIS L 173 14.66 -44.63 49.13
N PRO L 174 13.41 -44.45 48.68
CA PRO L 174 13.06 -43.20 47.97
C PRO L 174 13.13 -41.94 48.80
N SER L 175 13.03 -42.05 50.13
CA SER L 175 13.15 -40.86 50.95
C SER L 175 14.58 -40.37 51.09
N ARG L 176 15.54 -41.11 50.55
CA ARG L 176 16.91 -40.67 50.36
C ARG L 176 17.10 -39.99 49.00
N ILE L 177 16.03 -39.90 48.21
CA ILE L 177 16.15 -39.51 46.80
C ILE L 177 15.15 -38.40 46.48
N VAL L 178 15.64 -37.36 45.81
CA VAL L 178 14.80 -36.36 45.17
C VAL L 178 14.39 -36.90 43.81
N HIS L 179 13.08 -36.92 43.55
CA HIS L 179 12.50 -37.57 42.39
C HIS L 179 12.06 -36.52 41.39
N GLN L 180 12.71 -36.46 40.23
CA GLN L 180 12.42 -35.45 39.22
C GLN L 180 12.00 -36.13 37.92
N VAL L 181 10.91 -35.63 37.32
CA VAL L 181 10.42 -36.15 36.05
C VAL L 181 10.29 -34.99 35.07
N GLY L 182 10.25 -35.34 33.79
CA GLY L 182 10.02 -34.34 32.75
C GLY L 182 8.57 -33.93 32.64
N GLU L 183 7.73 -34.86 32.21
CA GLU L 183 6.29 -34.65 32.15
C GLU L 183 5.60 -35.81 32.84
N THR L 184 4.63 -35.49 33.69
CA THR L 184 3.93 -36.53 34.44
C THR L 184 3.02 -37.33 33.52
N HIS L 185 3.21 -38.63 33.50
CA HIS L 185 2.38 -39.53 32.72
C HIS L 185 0.98 -39.58 33.34
N PRO L 186 -0.06 -39.65 32.52
CA PRO L 186 -1.42 -39.60 33.09
C PRO L 186 -1.85 -40.88 33.78
N ASP L 187 -1.50 -42.04 33.24
CA ASP L 187 -1.86 -43.32 33.84
C ASP L 187 -0.56 -44.05 34.18
N PRO L 188 -0.02 -43.83 35.38
CA PRO L 188 1.34 -44.34 35.67
C PRO L 188 1.41 -45.84 35.88
N MET L 189 0.29 -46.51 36.13
CA MET L 189 0.33 -47.95 36.33
C MET L 189 0.31 -48.70 35.00
N LEU L 190 -0.34 -48.12 33.99
CA LEU L 190 -0.42 -48.72 32.67
C LEU L 190 0.78 -48.35 31.80
N ALA L 191 1.70 -47.53 32.32
CA ALA L 191 2.83 -47.04 31.55
C ALA L 191 3.82 -48.16 31.25
N THR L 192 4.56 -47.97 30.16
CA THR L 192 5.46 -48.99 29.64
C THR L 192 6.75 -48.31 29.19
N GLY L 193 7.57 -49.04 28.45
CA GLY L 193 8.83 -48.51 27.99
C GLY L 193 9.89 -48.60 29.05
N VAL L 194 10.97 -47.84 28.83
CA VAL L 194 12.08 -47.84 29.78
C VAL L 194 11.69 -47.09 31.05
N ASN L 195 11.13 -45.90 30.89
CA ASN L 195 10.64 -45.12 32.03
C ASN L 195 9.37 -45.75 32.57
N VAL L 196 9.50 -46.54 33.63
CA VAL L 196 8.37 -47.20 34.24
C VAL L 196 7.90 -46.41 35.44
N GLY L 197 8.78 -46.23 36.40
CA GLY L 197 8.49 -45.39 37.54
C GLY L 197 8.85 -43.95 37.37
N TRP L 198 9.24 -43.55 36.18
CA TRP L 198 9.67 -42.19 35.89
C TRP L 198 8.61 -41.49 35.04
N GLY L 199 8.92 -40.27 34.61
CA GLY L 199 8.05 -39.50 33.76
C GLY L 199 8.39 -39.70 32.29
N ASP L 200 7.82 -38.82 31.47
CA ASP L 200 8.02 -38.89 30.04
C ASP L 200 8.83 -37.68 29.57
N SER L 201 9.55 -37.87 28.47
CA SER L 201 10.43 -36.84 27.97
C SER L 201 9.65 -35.72 27.31
N THR L 202 10.29 -34.57 27.16
CA THR L 202 9.64 -33.44 26.53
C THR L 202 10.03 -33.25 25.08
N LEU L 203 10.81 -34.16 24.51
CA LEU L 203 10.88 -34.26 23.07
C LEU L 203 9.80 -35.16 22.52
N GLN L 204 8.93 -35.69 23.38
CA GLN L 204 7.84 -36.53 22.94
C GLN L 204 6.76 -35.71 22.23
N ALA L 205 6.29 -34.65 22.89
CA ALA L 205 5.15 -33.91 22.36
C ALA L 205 5.55 -32.99 21.22
N LEU L 206 6.72 -32.36 21.30
CA LEU L 206 7.15 -31.40 20.29
C LEU L 206 8.04 -32.03 19.23
N TYR L 207 7.90 -33.34 19.01
CA TYR L 207 8.70 -33.99 17.97
C TYR L 207 8.17 -33.65 16.59
N ASP L 208 6.85 -33.61 16.42
CA ASP L 208 6.28 -33.31 15.12
C ASP L 208 6.45 -31.84 14.76
N ALA L 209 6.33 -30.95 15.76
CA ALA L 209 6.52 -29.53 15.51
C ALA L 209 7.96 -29.20 15.18
N MET L 210 8.91 -29.95 15.73
CA MET L 210 10.32 -29.72 15.46
C MET L 210 10.70 -30.15 14.05
N MET L 211 10.22 -31.31 13.62
CA MET L 211 10.67 -31.85 12.35
C MET L 211 10.00 -31.17 11.17
N ASN L 212 8.88 -30.48 11.39
CA ASN L 212 8.31 -29.66 10.33
C ASN L 212 9.19 -28.47 10.03
N SER L 213 9.74 -27.85 11.08
CA SER L 213 10.54 -26.64 10.87
C SER L 213 11.91 -26.97 10.32
N ASP L 214 12.53 -28.06 10.79
CA ASP L 214 13.89 -28.35 10.35
C ASP L 214 13.93 -28.94 8.94
N ASN L 215 12.83 -29.50 8.45
CA ASN L 215 12.81 -29.98 7.08
C ASN L 215 12.70 -28.82 6.10
N THR L 216 11.85 -27.84 6.41
CA THR L 216 11.65 -26.71 5.51
C THR L 216 12.82 -25.74 5.54
N GLN L 217 13.69 -25.82 6.54
CA GLN L 217 14.93 -25.04 6.47
C GLN L 217 15.89 -25.64 5.47
N ALA L 218 15.95 -26.96 5.39
CA ALA L 218 16.93 -27.60 4.52
C ALA L 218 16.42 -27.70 3.10
N ASN L 219 15.13 -27.45 2.88
CA ASN L 219 14.59 -27.47 1.52
C ASN L 219 14.72 -26.11 0.86
N ILE L 220 14.40 -25.04 1.59
CA ILE L 220 14.42 -23.70 1.02
C ILE L 220 15.85 -23.23 0.82
N ALA L 221 16.77 -23.73 1.64
CA ALA L 221 18.18 -23.43 1.42
C ALA L 221 18.78 -24.31 0.32
N SER L 222 18.02 -25.30 -0.16
CA SER L 222 18.50 -26.08 -1.31
C SER L 222 18.09 -25.42 -2.62
N LEU L 223 17.00 -24.66 -2.62
CA LEU L 223 16.55 -24.00 -3.85
C LEU L 223 17.45 -22.84 -4.23
N VAL L 224 18.26 -22.34 -3.31
CA VAL L 224 19.05 -21.15 -3.63
C VAL L 224 20.21 -21.52 -4.55
N PHE L 225 20.67 -22.78 -4.48
CA PHE L 225 21.65 -23.27 -5.43
C PHE L 225 21.07 -23.36 -6.83
N GLU L 226 19.84 -23.86 -6.94
CA GLU L 226 19.12 -23.85 -8.21
C GLU L 226 18.28 -22.60 -8.33
N ALA L 227 18.89 -21.43 -8.17
CA ALA L 227 18.12 -20.19 -8.28
C ALA L 227 17.75 -19.90 -9.73
N ASN L 228 18.66 -20.19 -10.66
CA ASN L 228 18.33 -20.15 -12.08
C ASN L 228 19.29 -21.08 -12.80
N VAL L 229 18.77 -22.20 -13.27
CA VAL L 229 19.51 -23.15 -14.09
C VAL L 229 19.15 -22.88 -15.55
N ASP L 230 20.12 -23.02 -16.44
CA ASP L 230 19.91 -22.80 -17.86
C ASP L 230 20.44 -23.98 -18.68
N VAL L 231 19.77 -24.22 -19.79
CA VAL L 231 20.10 -25.34 -20.67
C VAL L 231 20.53 -24.79 -22.01
N ILE L 232 21.24 -25.63 -22.77
CA ILE L 232 21.71 -25.30 -24.12
C ILE L 232 21.44 -26.51 -24.98
N GLY L 233 20.61 -26.36 -26.00
CA GLY L 233 20.28 -27.50 -26.84
C GLY L 233 21.01 -27.53 -28.17
N LEU L 234 21.96 -28.45 -28.31
CA LEU L 234 22.64 -28.63 -29.59
C LEU L 234 21.80 -29.53 -30.50
N PRO L 235 21.83 -29.30 -31.82
CA PRO L 235 20.98 -30.09 -32.74
C PRO L 235 21.31 -31.58 -32.81
N ASP L 236 22.54 -31.96 -33.11
CA ASP L 236 22.95 -33.36 -33.09
C ASP L 236 23.97 -33.52 -31.97
N PHE L 237 23.44 -33.73 -30.76
CA PHE L 237 24.25 -33.91 -29.58
C PHE L 237 24.39 -35.39 -29.23
N MET L 238 23.61 -36.24 -29.89
CA MET L 238 23.71 -37.67 -29.69
C MET L 238 25.01 -38.23 -30.23
N GLU L 239 25.64 -37.53 -31.18
CA GLU L 239 26.75 -38.07 -31.95
C GLU L 239 28.10 -37.49 -31.56
N ASN L 240 28.12 -36.25 -31.05
CA ASN L 240 29.35 -35.72 -30.48
C ASN L 240 29.73 -36.48 -29.21
N MET L 241 28.75 -36.86 -28.41
CA MET L 241 28.99 -37.56 -27.16
C MET L 241 29.02 -39.07 -27.35
N SER L 242 29.79 -39.54 -28.34
CA SER L 242 29.80 -40.96 -28.68
C SER L 242 31.18 -41.58 -28.54
N SER L 243 32.19 -40.79 -28.23
CA SER L 243 33.52 -41.31 -27.94
C SER L 243 34.14 -40.43 -26.88
N GLU L 244 35.37 -40.73 -26.50
CA GLU L 244 36.09 -39.93 -25.51
C GLU L 244 36.84 -38.77 -26.10
N VAL L 245 37.45 -38.92 -27.27
CA VAL L 245 38.26 -37.86 -27.86
C VAL L 245 37.40 -36.78 -28.46
N TYR L 246 36.23 -37.17 -28.98
CA TYR L 246 35.30 -36.18 -29.54
C TYR L 246 34.64 -35.34 -28.47
N ARG L 247 34.25 -35.96 -27.35
CA ARG L 247 33.44 -35.22 -26.39
C ARG L 247 34.30 -34.30 -25.52
N GLN L 248 35.59 -34.58 -25.42
CA GLN L 248 36.45 -33.66 -24.69
C GLN L 248 36.84 -32.47 -25.56
N LYS L 249 36.72 -32.62 -26.88
CA LYS L 249 36.89 -31.48 -27.77
C LYS L 249 35.73 -30.50 -27.59
N LEU L 250 34.55 -31.01 -27.22
CA LEU L 250 33.38 -30.19 -27.02
C LEU L 250 33.35 -29.56 -25.64
N LEU L 251 33.57 -30.37 -24.60
CA LEU L 251 33.36 -29.91 -23.23
C LEU L 251 34.52 -29.07 -22.73
N ASP L 252 35.68 -29.15 -23.36
CA ASP L 252 36.76 -28.23 -22.99
C ASP L 252 36.50 -26.85 -23.54
N ARG L 253 35.79 -26.74 -24.66
CA ARG L 253 35.54 -25.43 -25.23
C ARG L 253 34.34 -24.76 -24.56
N PHE L 254 33.33 -25.55 -24.18
CA PHE L 254 32.20 -25.00 -23.44
C PHE L 254 32.56 -24.61 -22.01
N THR L 255 33.66 -25.14 -21.46
CA THR L 255 34.11 -24.65 -20.17
C THR L 255 34.59 -23.22 -20.29
N LEU L 256 35.45 -22.96 -21.27
CA LEU L 256 36.03 -21.63 -21.41
C LEU L 256 35.04 -20.66 -22.04
N ALA L 257 33.92 -21.15 -22.56
CA ALA L 257 32.91 -20.28 -23.13
C ALA L 257 31.74 -20.03 -22.22
N ALA L 258 31.51 -20.87 -21.21
CA ALA L 258 30.44 -20.64 -20.26
C ALA L 258 30.96 -20.31 -18.87
N ALA L 259 32.27 -20.07 -18.75
CA ALA L 259 32.81 -19.61 -17.47
C ALA L 259 32.57 -18.13 -17.26
N GLY L 260 32.84 -17.32 -18.28
CA GLY L 260 32.83 -15.89 -18.13
C GLY L 260 31.63 -15.16 -18.68
N LYS L 261 30.52 -15.84 -18.93
CA LYS L 261 29.33 -15.16 -19.44
C LYS L 261 28.71 -14.31 -18.34
N GLY L 262 28.02 -13.26 -18.73
CA GLY L 262 27.52 -12.32 -17.75
C GLY L 262 27.42 -10.93 -18.35
N ILE L 263 27.77 -9.94 -17.52
CA ILE L 263 27.55 -8.55 -17.90
C ILE L 263 28.58 -8.10 -18.93
N ASN L 264 29.83 -8.50 -18.73
CA ASN L 264 30.93 -7.98 -19.53
C ASN L 264 31.38 -8.90 -20.65
N LYS L 265 30.73 -10.05 -20.83
CA LYS L 265 31.00 -10.91 -21.97
C LYS L 265 29.67 -11.38 -22.56
N THR L 266 29.64 -11.56 -23.88
CA THR L 266 28.44 -12.00 -24.58
C THR L 266 28.70 -13.34 -25.24
N LEU L 267 27.78 -14.27 -25.07
CA LEU L 267 27.89 -15.57 -25.72
C LEU L 267 27.75 -15.45 -27.22
N MET L 268 28.44 -16.32 -27.94
CA MET L 268 28.23 -16.49 -29.37
C MET L 268 27.75 -17.91 -29.61
N LEU L 269 26.57 -18.05 -30.20
CA LEU L 269 26.03 -19.36 -30.50
C LEU L 269 25.65 -19.42 -31.96
N ASP L 270 25.43 -20.64 -32.43
CA ASP L 270 24.84 -20.83 -33.75
C ASP L 270 23.36 -20.46 -33.70
N ALA L 271 22.77 -20.24 -34.88
CA ALA L 271 21.37 -19.87 -34.92
C ALA L 271 20.43 -21.03 -34.61
N GLU L 272 20.93 -22.26 -34.56
CA GLU L 272 20.14 -23.43 -34.19
C GLU L 272 20.11 -23.65 -32.68
N GLU L 273 21.20 -23.30 -32.01
CA GLU L 273 21.34 -23.56 -30.58
C GLU L 273 20.47 -22.62 -29.77
N VAL L 274 19.89 -23.14 -28.69
CA VAL L 274 18.67 -22.56 -28.15
C VAL L 274 18.92 -21.59 -26.99
N PHE L 275 19.46 -22.11 -25.88
CA PHE L 275 19.79 -21.34 -24.66
C PHE L 275 18.55 -20.67 -24.06
N THR L 276 17.70 -21.49 -23.47
CA THR L 276 16.66 -20.99 -22.57
C THR L 276 17.15 -20.97 -21.13
N ALA L 277 16.42 -20.26 -20.28
CA ALA L 277 16.83 -20.07 -18.89
C ALA L 277 15.60 -20.20 -17.98
N HIS L 278 15.70 -21.07 -16.99
CA HIS L 278 14.57 -21.42 -16.14
C HIS L 278 14.74 -20.89 -14.73
N SER L 279 13.96 -19.88 -14.39
CA SER L 279 14.10 -19.19 -13.11
C SER L 279 13.04 -19.69 -12.15
N ARG L 280 13.46 -20.14 -10.97
CA ARG L 280 12.50 -20.65 -10.00
C ARG L 280 11.85 -19.49 -9.25
N SER L 281 10.89 -19.82 -8.40
CA SER L 281 10.07 -18.80 -7.75
C SER L 281 10.25 -18.89 -6.24
N PHE L 282 10.52 -17.76 -5.61
CA PHE L 282 10.67 -17.65 -4.17
C PHE L 282 9.59 -16.76 -3.56
N ALA L 283 8.37 -16.85 -4.07
CA ALA L 283 7.26 -16.05 -3.57
C ALA L 283 6.70 -16.68 -2.32
N ASN L 284 6.51 -15.86 -1.28
CA ASN L 284 5.90 -16.20 0.01
C ASN L 284 6.62 -17.29 0.79
N LEU L 285 7.82 -17.68 0.40
CA LEU L 285 8.60 -18.68 1.12
C LEU L 285 9.33 -18.13 2.29
N ASP L 286 9.00 -16.94 2.77
CA ASP L 286 9.60 -16.37 3.96
C ASP L 286 8.60 -16.09 5.05
N LYS L 287 7.32 -16.00 4.71
CA LYS L 287 6.30 -16.05 5.71
C LYS L 287 5.96 -17.48 6.10
N ILE L 288 6.35 -18.45 5.28
CA ILE L 288 6.21 -19.85 5.67
C ILE L 288 7.26 -20.22 6.70
N MET L 289 8.49 -19.72 6.53
CA MET L 289 9.59 -20.05 7.43
C MET L 289 9.36 -19.50 8.84
N GLU L 290 8.58 -18.44 8.96
CA GLU L 290 8.38 -17.84 10.27
C GLU L 290 7.12 -18.36 10.94
N GLN L 291 6.20 -18.96 10.19
CA GLN L 291 5.03 -19.57 10.83
C GLN L 291 5.33 -20.94 11.40
N PHE L 292 6.45 -21.57 11.03
CA PHE L 292 6.81 -22.83 11.65
C PHE L 292 7.60 -22.68 12.93
N ILE L 293 8.34 -21.58 13.10
CA ILE L 293 9.02 -21.38 14.37
C ILE L 293 8.08 -20.81 15.43
N LEU L 294 6.92 -20.27 15.02
CA LEU L 294 5.85 -20.03 15.98
C LEU L 294 5.41 -21.30 16.64
N PHE L 295 5.19 -22.34 15.85
CA PHE L 295 4.59 -23.56 16.36
C PHE L 295 5.59 -24.39 17.15
N VAL L 296 6.89 -24.14 16.96
CA VAL L 296 7.89 -24.75 17.84
C VAL L 296 7.94 -23.99 19.16
N ALA L 297 7.95 -22.66 19.10
CA ALA L 297 8.00 -21.85 20.30
C ALA L 297 6.73 -21.98 21.13
N GLY L 298 5.60 -22.22 20.47
CA GLY L 298 4.38 -22.51 21.20
C GLY L 298 4.41 -23.88 21.83
N ALA L 299 5.06 -24.84 21.16
CA ALA L 299 5.16 -26.19 21.69
C ALA L 299 6.10 -26.24 22.89
N ALA L 300 7.19 -25.48 22.85
CA ALA L 300 8.09 -25.39 23.98
C ALA L 300 7.56 -24.48 25.08
N ASP L 301 6.46 -23.76 24.81
CA ASP L 301 5.86 -22.76 25.69
C ASP L 301 6.88 -21.69 26.09
N ILE L 302 7.61 -21.19 25.10
CA ILE L 302 8.53 -20.07 25.27
C ILE L 302 8.13 -19.02 24.23
N PRO L 303 7.96 -17.76 24.60
CA PRO L 303 7.67 -16.74 23.59
C PRO L 303 8.88 -16.47 22.72
N LEU L 304 8.65 -15.90 21.54
CA LEU L 304 9.76 -15.61 20.63
C LEU L 304 10.59 -14.41 21.03
N THR L 305 10.34 -13.79 22.17
CA THR L 305 11.27 -12.80 22.69
C THR L 305 12.33 -13.43 23.58
N ARG L 306 12.21 -14.72 23.88
CA ARG L 306 13.26 -15.48 24.56
C ARG L 306 13.78 -16.61 23.70
N PHE L 307 12.89 -17.45 23.17
CA PHE L 307 13.23 -18.33 22.06
C PHE L 307 13.57 -17.47 20.86
N LEU L 308 14.59 -17.88 20.09
CA LEU L 308 15.08 -17.16 18.91
C LEU L 308 15.58 -15.75 19.26
N GLY L 309 16.04 -15.58 20.50
CA GLY L 309 16.50 -14.30 21.04
C GLY L 309 15.41 -13.24 21.03
N GLN L 310 15.83 -11.99 20.91
CA GLN L 310 14.91 -10.91 20.62
C GLN L 310 14.75 -10.85 19.10
N SER L 311 13.70 -11.48 18.60
CA SER L 311 13.49 -11.57 17.17
C SER L 311 12.76 -10.33 16.68
N PRO L 312 13.11 -9.79 15.51
CA PRO L 312 12.35 -8.64 14.97
C PRO L 312 10.93 -8.97 14.58
N ALA L 313 10.61 -10.25 14.37
CA ALA L 313 9.24 -10.66 14.07
C ALA L 313 8.46 -10.97 15.35
N GLY L 314 8.51 -10.04 16.30
CA GLY L 314 7.63 -10.04 17.45
C GLY L 314 6.87 -8.75 17.51
N MET L 315 5.55 -8.79 17.29
CA MET L 315 4.74 -7.57 17.25
C MET L 315 3.54 -7.71 18.18
N SER L 316 3.75 -8.33 19.35
CA SER L 316 2.79 -8.26 20.44
C SER L 316 3.47 -8.13 21.78
N SER L 317 4.72 -7.66 21.80
CA SER L 317 5.44 -7.39 23.04
C SER L 317 5.25 -5.91 23.37
N THR L 318 4.08 -5.59 23.89
CA THR L 318 3.82 -4.23 24.33
C THR L 318 4.60 -3.92 25.60
N GLY L 319 5.04 -2.66 25.73
CA GLY L 319 6.11 -2.29 26.64
C GLY L 319 5.90 -2.38 28.14
N GLN L 320 4.84 -3.05 28.59
CA GLN L 320 4.60 -3.28 30.01
C GLN L 320 4.39 -4.75 30.33
N HIS L 321 3.93 -5.55 29.37
CA HIS L 321 3.57 -6.95 29.55
C HIS L 321 4.31 -7.82 28.56
N ASP L 322 5.62 -7.61 28.46
CA ASP L 322 6.44 -8.34 27.49
C ASP L 322 6.49 -9.83 27.77
N MET L 323 7.05 -10.21 28.93
CA MET L 323 7.30 -11.61 29.27
C MET L 323 6.70 -11.95 30.61
N LYS L 324 5.55 -11.36 30.93
CA LYS L 324 4.92 -11.66 32.20
C LYS L 324 4.26 -13.04 32.21
N ASN L 325 4.01 -13.62 31.04
CA ASN L 325 3.51 -14.98 31.00
C ASN L 325 4.63 -15.99 31.18
N TYR L 326 5.85 -15.63 30.80
CA TYR L 326 6.96 -16.56 30.89
C TYR L 326 7.46 -16.68 32.33
N HIS L 327 7.32 -15.62 33.11
CA HIS L 327 7.68 -15.72 34.52
C HIS L 327 6.55 -16.32 35.34
N ASP L 328 5.34 -16.40 34.77
CA ASP L 328 4.27 -17.13 35.44
C ASP L 328 4.39 -18.62 35.23
N ARG L 329 5.16 -19.03 34.22
CA ARG L 329 5.39 -20.45 33.99
C ARG L 329 6.53 -20.98 34.83
N ILE L 330 7.54 -20.13 35.09
CA ILE L 330 8.69 -20.56 35.89
C ILE L 330 8.32 -20.65 37.36
N GLN L 331 7.49 -19.72 37.85
CA GLN L 331 7.02 -19.82 39.22
C GLN L 331 6.06 -20.98 39.44
N SER L 332 5.55 -21.59 38.38
CA SER L 332 4.82 -22.85 38.48
C SER L 332 5.72 -24.07 38.39
N ILE L 333 7.02 -23.89 38.19
CA ILE L 333 7.98 -24.97 38.38
C ILE L 333 8.62 -24.87 39.76
N GLN L 334 8.90 -23.65 40.21
CA GLN L 334 9.52 -23.43 41.50
C GLN L 334 8.63 -23.80 42.67
N THR L 335 7.31 -23.85 42.47
CA THR L 335 6.40 -24.17 43.56
C THR L 335 5.59 -25.44 43.29
N LEU L 336 5.86 -26.15 42.20
CA LEU L 336 5.14 -27.39 41.94
C LEU L 336 6.03 -28.56 41.52
N ASP L 337 7.28 -28.34 41.15
CA ASP L 337 8.20 -29.41 40.81
C ASP L 337 9.48 -29.40 41.63
N LEU L 338 9.89 -28.24 42.15
CA LEU L 338 11.09 -28.15 42.96
C LEU L 338 10.80 -27.95 44.42
N GLN L 339 9.64 -27.40 44.74
CA GLN L 339 9.25 -27.22 46.13
C GLN L 339 8.80 -28.51 46.82
N PRO L 340 7.94 -29.37 46.25
CA PRO L 340 7.57 -30.58 47.02
C PRO L 340 8.65 -31.63 47.07
N SER L 341 9.40 -31.84 45.99
CA SER L 341 10.36 -32.94 45.95
C SER L 341 11.57 -32.70 46.83
N MET L 342 11.79 -31.47 47.27
CA MET L 342 12.86 -31.13 48.19
C MET L 342 12.35 -31.05 49.62
N TYR L 343 11.45 -31.94 50.01
CA TYR L 343 10.91 -31.93 51.37
C TYR L 343 11.76 -32.74 52.34
N ARG L 344 12.53 -33.73 51.86
CA ARG L 344 13.48 -34.39 52.75
C ARG L 344 14.78 -33.63 52.81
N LEU L 345 15.10 -32.88 51.76
CA LEU L 345 15.97 -31.73 51.90
C LEU L 345 15.19 -30.57 52.50
N ASP L 346 15.88 -29.45 52.74
CA ASP L 346 15.31 -28.15 53.10
C ASP L 346 14.66 -28.12 54.50
N GLU L 347 14.51 -29.28 55.12
CA GLU L 347 14.34 -29.44 56.54
C GLU L 347 15.50 -30.20 57.16
N ALA L 348 16.31 -30.85 56.34
CA ALA L 348 17.56 -31.46 56.77
C ALA L 348 18.73 -30.50 56.70
N ILE L 349 18.69 -29.51 55.81
CA ILE L 349 19.78 -28.56 55.68
C ILE L 349 19.62 -27.40 56.66
N ILE L 350 18.38 -27.11 57.08
CA ILE L 350 18.19 -26.18 58.18
C ILE L 350 18.34 -26.90 59.49
N ARG L 351 18.31 -28.23 59.46
CA ARG L 351 18.70 -29.03 60.61
C ARG L 351 20.21 -29.02 60.81
N SER L 352 20.98 -28.82 59.75
CA SER L 352 22.43 -28.79 59.84
C SER L 352 22.99 -27.43 60.25
N SER L 353 22.18 -26.60 60.90
CA SER L 353 22.68 -25.39 61.59
C SER L 353 22.97 -25.74 63.04
N LEU L 354 23.99 -26.60 63.20
CA LEU L 354 24.46 -27.14 64.48
C LEU L 354 23.35 -27.88 65.23
N GLY L 355 22.55 -28.64 64.49
CA GLY L 355 21.54 -29.51 65.08
C GLY L 355 20.22 -28.86 65.41
N ALA L 356 20.17 -27.55 65.56
CA ALA L 356 18.98 -26.86 66.04
C ALA L 356 18.17 -26.38 64.86
N ARG L 357 16.86 -26.65 64.89
CA ARG L 357 15.96 -26.25 63.83
C ARG L 357 14.79 -25.44 64.40
N PRO L 358 14.65 -24.19 64.00
CA PRO L 358 13.47 -23.41 64.43
C PRO L 358 12.20 -23.86 63.72
N GLU L 359 11.07 -23.25 64.08
CA GLU L 359 9.81 -23.52 63.39
C GLU L 359 9.41 -22.42 62.42
N GLU L 360 9.56 -21.16 62.81
CA GLU L 360 9.20 -20.04 61.93
C GLU L 360 10.38 -19.62 61.06
N LEU L 361 10.99 -20.59 60.39
CA LEU L 361 12.08 -20.38 59.46
C LEU L 361 11.64 -20.92 58.12
N PHE L 362 11.65 -20.07 57.10
CA PHE L 362 11.18 -20.45 55.78
C PHE L 362 11.94 -19.62 54.74
N TYR L 363 11.50 -19.70 53.50
CA TYR L 363 12.09 -18.93 52.43
C TYR L 363 11.03 -18.62 51.40
N ILE L 364 11.34 -17.65 50.54
CA ILE L 364 10.59 -17.38 49.32
C ILE L 364 11.57 -17.48 48.16
N TRP L 365 11.01 -17.57 46.97
CA TRP L 365 11.81 -17.61 45.76
C TRP L 365 12.09 -16.19 45.30
N SER L 366 13.28 -15.98 44.75
CA SER L 366 13.70 -14.66 44.33
C SER L 366 12.90 -14.20 43.12
N PRO L 367 12.66 -12.89 42.99
CA PRO L 367 11.98 -12.39 41.79
C PRO L 367 12.83 -12.55 40.55
N LEU L 368 12.15 -12.71 39.41
CA LEU L 368 12.78 -13.13 38.18
C LEU L 368 13.08 -11.99 37.22
N GLU L 369 12.34 -10.88 37.29
CA GLU L 369 12.58 -9.78 36.38
C GLU L 369 13.86 -9.04 36.75
N GLN L 370 14.77 -8.95 35.80
CA GLN L 370 15.93 -8.09 35.96
C GLN L 370 15.47 -6.63 35.99
N MET L 371 16.04 -5.86 36.90
CA MET L 371 15.71 -4.45 37.02
C MET L 371 16.91 -3.61 36.61
N SER L 372 16.64 -2.44 36.06
CA SER L 372 17.71 -1.55 35.64
C SER L 372 18.39 -0.92 36.85
N GLU L 373 19.54 -0.30 36.61
CA GLU L 373 20.27 0.31 37.72
C GLU L 373 19.61 1.59 38.18
N LYS L 374 18.99 2.34 37.27
CA LYS L 374 18.24 3.51 37.70
C LYS L 374 16.92 3.13 38.34
N GLU L 375 16.35 1.99 37.94
CA GLU L 375 15.12 1.55 38.56
C GLU L 375 15.36 1.01 39.96
N ARG L 376 16.54 0.45 40.24
CA ARG L 376 16.82 -0.01 41.59
C ARG L 376 17.12 1.16 42.51
N ALA L 377 17.52 2.31 41.96
CA ALA L 377 17.63 3.50 42.78
C ALA L 377 16.26 4.06 43.10
N GLU L 378 15.31 3.94 42.18
CA GLU L 378 13.98 4.48 42.39
C GLU L 378 13.14 3.57 43.26
N ILE L 379 13.48 2.29 43.31
CA ILE L 379 12.82 1.37 44.23
C ILE L 379 13.27 1.64 45.66
N GLY L 380 14.57 1.86 45.85
CA GLY L 380 15.09 2.09 47.18
C GLY L 380 14.71 3.44 47.74
N LYS L 381 14.35 4.38 46.87
CA LYS L 381 13.88 5.67 47.34
C LYS L 381 12.46 5.58 47.87
N LEU L 382 11.70 4.59 47.42
CA LEU L 382 10.34 4.43 47.91
C LEU L 382 10.28 3.60 49.18
N HIS L 383 11.18 2.64 49.35
CA HIS L 383 11.16 1.83 50.56
C HIS L 383 11.55 2.65 51.77
N ALA L 384 12.41 3.64 51.59
CA ALA L 384 12.72 4.55 52.69
C ALA L 384 11.54 5.46 53.02
N GLU L 385 10.58 5.62 52.11
CA GLU L 385 9.48 6.53 52.33
C GLU L 385 8.21 5.83 52.81
N THR L 386 8.12 4.51 52.71
CA THR L 386 7.06 3.81 53.42
C THR L 386 7.35 3.74 54.90
N VAL L 387 8.65 3.67 55.25
CA VAL L 387 9.05 3.61 56.65
C VAL L 387 8.77 4.93 57.34
N ASN L 388 9.01 6.05 56.62
CA ASN L 388 8.80 7.37 57.19
C ASN L 388 7.33 7.63 57.48
N VAL L 389 6.43 6.96 56.77
CA VAL L 389 5.01 7.14 57.03
C VAL L 389 4.54 6.15 58.10
N ILE L 390 5.09 4.94 58.10
CA ILE L 390 4.71 3.96 59.12
C ILE L 390 5.28 4.33 60.48
N ALA L 391 6.54 4.77 60.53
CA ALA L 391 7.12 5.16 61.82
C ALA L 391 6.55 6.48 62.33
N GLY L 392 5.97 7.29 61.45
CA GLY L 392 5.38 8.54 61.88
C GLY L 392 4.11 8.36 62.67
N THR L 393 3.36 7.31 62.38
CA THR L 393 2.19 6.95 63.16
C THR L 393 2.60 5.95 64.22
N GLY L 394 2.02 6.05 65.40
CA GLY L 394 2.42 5.12 66.43
C GLY L 394 1.65 3.83 66.31
N LEU L 395 2.23 2.84 65.64
CA LEU L 395 1.63 1.52 65.57
C LEU L 395 2.64 0.40 65.73
N PHE L 396 3.94 0.67 65.63
CA PHE L 396 4.96 -0.35 65.81
C PHE L 396 6.08 0.22 66.67
N MET L 397 6.81 -0.67 67.33
CA MET L 397 7.99 -0.27 68.08
C MET L 397 9.06 0.23 67.14
N GLN L 398 9.79 1.27 67.57
CA GLN L 398 10.95 1.68 66.81
C GLN L 398 12.13 0.78 67.08
N GLU L 399 12.10 0.00 68.17
CA GLU L 399 12.99 -1.13 68.33
C GLU L 399 12.70 -2.21 67.29
N GLU L 400 11.43 -2.31 66.88
CA GLU L 400 11.02 -3.38 65.99
C GLU L 400 11.37 -3.09 64.54
N LEU L 401 11.22 -1.84 64.11
CA LEU L 401 11.40 -1.50 62.70
C LEU L 401 12.86 -1.56 62.28
N ARG L 402 13.78 -1.61 63.24
CA ARG L 402 15.18 -1.77 62.90
C ARG L 402 15.46 -3.16 62.34
N GLU L 403 14.75 -4.17 62.81
CA GLU L 403 14.90 -5.52 62.28
C GLU L 403 14.23 -5.70 60.92
N VAL L 404 12.98 -5.27 60.77
CA VAL L 404 12.20 -5.54 59.56
C VAL L 404 12.72 -4.73 58.38
N PHE L 405 12.90 -3.41 58.56
CA PHE L 405 13.45 -2.62 57.47
C PHE L 405 14.94 -2.88 57.29
N GLY L 406 15.61 -3.35 58.34
CA GLY L 406 16.98 -3.78 58.18
C GLY L 406 17.10 -5.06 57.38
N ASN L 407 16.06 -5.90 57.39
CA ASN L 407 16.14 -7.19 56.71
C ASN L 407 15.71 -7.07 55.26
N GLN L 408 14.72 -6.20 55.00
CA GLN L 408 14.22 -6.00 53.65
C GLN L 408 15.20 -5.23 52.78
N LEU L 409 16.07 -4.45 53.40
CA LEU L 409 17.01 -3.59 52.70
C LEU L 409 18.35 -4.27 52.42
N VAL L 410 18.55 -5.49 52.92
CA VAL L 410 19.72 -6.28 52.58
C VAL L 410 19.45 -7.20 51.40
N GLU L 411 18.28 -7.85 51.36
CA GLU L 411 17.95 -8.73 50.24
C GLU L 411 17.59 -7.97 48.98
N THR L 412 17.33 -6.66 49.08
CA THR L 412 17.23 -5.82 47.90
C THR L 412 18.57 -5.64 47.23
N GLY L 413 19.67 -5.71 47.98
CA GLY L 413 20.98 -5.50 47.42
C GLY L 413 21.37 -4.05 47.33
N LEU L 414 20.63 -3.16 47.99
CA LEU L 414 20.95 -1.74 47.93
C LEU L 414 22.14 -1.42 48.85
N TYR L 415 22.07 -1.83 50.11
CA TYR L 415 23.13 -1.64 51.09
C TYR L 415 23.61 -3.01 51.55
N PRO L 416 24.44 -3.70 50.75
CA PRO L 416 24.72 -5.11 51.03
C PRO L 416 25.65 -5.33 52.21
N GLY L 417 26.62 -4.46 52.41
CA GLY L 417 27.50 -4.57 53.56
C GLY L 417 26.87 -4.02 54.82
N LEU L 418 25.80 -4.65 55.30
CA LEU L 418 25.07 -4.18 56.46
C LEU L 418 25.11 -5.29 57.51
N GLY L 419 26.19 -5.34 58.26
CA GLY L 419 26.30 -6.21 59.41
C GLY L 419 25.98 -5.46 60.68
N ASP L 420 24.74 -5.57 61.13
CA ASP L 420 24.27 -4.88 62.32
C ASP L 420 24.07 -5.80 63.51
N LEU L 421 23.88 -7.09 63.28
CA LEU L 421 23.66 -8.03 64.35
C LEU L 421 25.00 -8.45 64.95
N LEU L 422 25.12 -8.29 66.27
CA LEU L 422 26.23 -8.68 67.15
C LEU L 422 27.47 -7.81 66.99
N ALA L 423 27.48 -6.93 65.98
CA ALA L 423 28.57 -6.00 65.78
C ALA L 423 28.18 -4.58 66.17
N GLN L 424 27.01 -4.15 65.72
CA GLN L 424 26.53 -2.79 65.96
C GLN L 424 25.56 -2.78 67.15
N ASN L 425 26.08 -3.30 68.27
CA ASN L 425 25.33 -3.58 69.50
C ASN L 425 24.11 -4.46 69.24
N GLY L 426 24.19 -5.30 68.22
CA GLY L 426 23.08 -6.16 67.84
C GLY L 426 21.89 -5.34 67.38
N ASN L 427 20.76 -5.56 68.03
CA ASN L 427 19.58 -4.71 67.92
C ASN L 427 19.39 -4.04 69.27
N GLU L 428 20.13 -2.96 69.50
CA GLU L 428 19.92 -2.04 70.62
C GLU L 428 20.75 -0.80 70.37
N LEU L 429 20.14 0.36 70.56
CA LEU L 429 20.80 1.65 70.61
C LEU L 429 20.60 2.23 71.99
N PRO L 430 21.44 3.17 72.42
CA PRO L 430 21.17 3.85 73.70
C PRO L 430 19.94 4.72 73.66
N GLU L 431 19.50 5.14 72.47
CA GLU L 431 18.50 6.18 72.35
C GLU L 431 17.08 5.66 72.17
N TRP L 432 16.80 4.37 72.39
CA TRP L 432 15.42 3.95 72.22
C TRP L 432 14.58 4.30 73.44
N ASP L 433 14.90 3.66 74.56
CA ASP L 433 14.10 3.75 75.77
C ASP L 433 14.68 4.73 76.78
N LEU L 434 16.00 4.92 76.76
CA LEU L 434 16.67 5.80 77.69
C LEU L 434 16.85 7.21 77.12
N GLU L 435 16.07 7.54 76.08
CA GLU L 435 16.04 8.86 75.51
C GLU L 435 14.60 9.36 75.34
N GLN L 436 13.63 8.47 75.40
CA GLN L 436 12.22 8.84 75.35
C GLN L 436 11.66 9.22 76.73
N ARG L 437 12.53 9.67 77.65
CA ARG L 437 12.07 10.20 78.92
C ARG L 437 11.24 11.47 78.73
N SER L 438 11.55 12.25 77.68
CA SER L 438 10.86 13.52 77.45
C SER L 438 9.41 13.32 77.06
N ALA L 439 9.07 12.18 76.48
CA ALA L 439 7.66 11.83 76.31
C ALA L 439 7.07 11.30 77.61
N GLU L 440 7.87 10.65 78.44
CA GLU L 440 7.43 10.17 79.75
C GLU L 440 7.49 11.25 80.81
N ALA L 441 8.15 12.38 80.54
CA ALA L 441 8.21 13.51 81.45
C ALA L 441 6.98 14.39 81.41
N SER L 442 6.52 14.74 80.21
CA SER L 442 5.41 15.68 80.08
C SER L 442 4.07 15.04 80.39
N THR L 443 3.97 13.71 80.30
CA THR L 443 2.78 13.04 80.81
C THR L 443 2.76 13.00 82.34
N LYS L 444 3.93 13.08 82.98
CA LYS L 444 3.97 13.24 84.43
C LYS L 444 3.62 14.67 84.83
N THR L 445 3.73 15.61 83.90
CA THR L 445 3.40 17.01 84.11
C THR L 445 2.04 17.33 83.46
N ALA L 446 1.34 16.30 82.98
CA ALA L 446 0.14 16.52 82.16
C ALA L 446 -1.04 16.96 83.02
N GLU L 447 -1.48 16.12 83.96
CA GLU L 447 -2.56 16.48 84.85
C GLU L 447 -2.10 16.85 86.25
N ALA L 448 -0.83 16.58 86.58
CA ALA L 448 -0.33 16.95 87.90
C ALA L 448 -0.19 18.46 88.04
N ALA L 449 0.33 19.10 87.00
CA ALA L 449 0.55 20.55 86.99
C ALA L 449 -0.54 21.31 86.23
N ALA L 450 -1.69 20.68 86.02
CA ALA L 450 -2.80 21.33 85.35
C ALA L 450 -3.94 21.69 86.29
N LEU L 451 -4.14 20.94 87.37
CA LEU L 451 -5.13 21.30 88.37
C LEU L 451 -4.45 21.39 89.72
N ASN M 2 48.86 -26.91 -40.69
CA ASN M 2 48.81 -27.83 -41.81
C ASN M 2 50.19 -27.92 -42.45
N PRO M 3 51.06 -28.77 -41.89
CA PRO M 3 52.44 -28.83 -42.38
C PRO M 3 52.57 -29.48 -43.75
N ILE M 4 51.60 -30.29 -44.14
CA ILE M 4 51.66 -31.00 -45.42
C ILE M 4 50.38 -30.78 -46.21
N PRO M 5 50.43 -30.01 -47.30
CA PRO M 5 49.24 -29.88 -48.15
C PRO M 5 48.92 -31.19 -48.85
N ALA M 6 47.66 -31.59 -48.74
CA ALA M 6 47.17 -32.84 -49.30
C ALA M 6 47.08 -32.68 -50.80
N ALA M 7 48.11 -33.11 -51.52
CA ALA M 7 48.17 -32.96 -52.97
C ALA M 7 48.31 -34.33 -53.62
N SER M 8 47.62 -34.49 -54.75
CA SER M 8 47.72 -35.60 -55.70
C SER M 8 47.41 -36.97 -55.10
N ASP M 9 46.76 -37.02 -53.95
CA ASP M 9 46.36 -38.29 -53.37
C ASP M 9 44.91 -38.60 -53.66
N LEU M 10 44.14 -37.62 -54.12
CA LEU M 10 42.73 -37.89 -54.41
C LEU M 10 42.56 -38.73 -55.66
N LYS M 11 43.58 -38.77 -56.53
CA LYS M 11 43.54 -39.70 -57.64
C LYS M 11 43.61 -41.15 -57.16
N THR M 12 44.31 -41.39 -56.06
CA THR M 12 44.35 -42.73 -55.48
C THR M 12 43.19 -42.96 -54.51
N ARG M 13 42.83 -41.93 -53.75
CA ARG M 13 41.80 -42.09 -52.74
C ARG M 13 40.41 -42.10 -53.37
N TYR M 14 40.15 -41.19 -54.30
CA TYR M 14 38.85 -41.06 -54.96
C TYR M 14 39.03 -41.44 -56.42
N PRO M 15 38.80 -42.72 -56.76
CA PRO M 15 39.40 -43.28 -57.99
C PRO M 15 38.85 -42.74 -59.29
N GLU M 16 37.69 -42.06 -59.27
CA GLU M 16 37.13 -41.53 -60.52
C GLU M 16 37.97 -40.39 -61.07
N PHE M 17 38.56 -39.58 -60.21
CA PHE M 17 39.33 -38.43 -60.66
C PHE M 17 40.70 -38.91 -61.10
N THR M 18 40.89 -38.99 -62.41
CA THR M 18 42.22 -39.27 -62.97
C THR M 18 42.46 -38.46 -64.24
N GLY M 19 41.77 -37.34 -64.42
CA GLY M 19 41.87 -36.57 -65.64
C GLY M 19 43.11 -35.72 -65.76
N VAL M 20 43.28 -34.76 -64.84
CA VAL M 20 44.38 -33.81 -64.90
C VAL M 20 44.92 -33.60 -63.49
N SER M 21 46.20 -33.22 -63.39
CA SER M 21 46.82 -32.88 -62.13
C SER M 21 47.16 -31.40 -62.01
N ASP M 22 46.81 -30.59 -63.00
CA ASP M 22 47.08 -29.15 -62.96
C ASP M 22 45.89 -28.36 -62.45
N ALA M 23 44.70 -28.72 -62.90
CA ALA M 23 43.48 -28.06 -62.46
C ALA M 23 42.94 -28.61 -61.16
N VAL M 24 43.73 -29.40 -60.44
CA VAL M 24 43.34 -29.95 -59.14
C VAL M 24 44.22 -29.40 -58.03
N VAL M 25 45.53 -29.64 -58.11
CA VAL M 25 46.42 -29.31 -57.01
C VAL M 25 46.62 -27.80 -56.92
N ASN M 26 46.99 -27.18 -58.04
CA ASN M 26 47.27 -25.76 -58.02
C ASN M 26 45.98 -24.95 -58.01
N ALA M 27 44.87 -25.57 -58.40
CA ALA M 27 43.65 -24.80 -58.64
C ALA M 27 42.64 -24.91 -57.51
N ILE M 28 42.55 -26.04 -56.82
CA ILE M 28 41.50 -26.25 -55.83
C ILE M 28 42.05 -26.56 -54.45
N ILE M 29 43.12 -27.37 -54.37
CA ILE M 29 43.78 -27.66 -53.09
C ILE M 29 44.27 -26.39 -52.42
N ALA M 30 44.70 -25.40 -53.22
CA ALA M 30 45.09 -24.12 -52.65
C ALA M 30 43.89 -23.33 -52.12
N GLU M 31 42.69 -23.59 -52.66
CA GLU M 31 41.50 -22.87 -52.21
C GLU M 31 40.92 -23.46 -50.93
N VAL M 32 41.08 -24.77 -50.73
CA VAL M 32 40.31 -25.51 -49.75
C VAL M 32 41.01 -25.56 -48.39
N ASN M 33 42.32 -25.80 -48.37
CA ASN M 33 43.05 -26.16 -47.16
C ASN M 33 43.12 -25.10 -46.06
N GLY M 34 42.53 -23.93 -46.29
CA GLY M 34 42.36 -22.98 -45.20
C GLY M 34 41.29 -23.39 -44.20
N MET M 35 40.42 -24.33 -44.57
CA MET M 35 39.37 -24.77 -43.66
C MET M 35 39.91 -25.70 -42.59
N VAL M 36 40.99 -26.41 -42.88
CA VAL M 36 41.56 -27.32 -41.89
C VAL M 36 42.55 -26.54 -41.03
N ASP M 37 42.95 -27.11 -39.90
CA ASP M 37 43.74 -26.39 -38.92
C ASP M 37 44.55 -27.43 -38.15
N ASP M 38 45.49 -26.95 -37.34
CA ASP M 38 46.17 -27.84 -36.41
C ASP M 38 45.27 -28.25 -35.25
N GLY M 39 44.16 -27.53 -35.04
CA GLY M 39 43.25 -27.83 -33.95
C GLY M 39 42.38 -29.05 -34.17
N TRP M 40 42.47 -29.70 -35.33
CA TRP M 40 41.66 -30.89 -35.54
C TRP M 40 42.45 -32.11 -35.12
N GLU M 41 41.86 -33.29 -35.30
CA GLU M 41 42.57 -34.52 -35.02
C GLU M 41 43.56 -34.83 -36.13
N VAL M 42 44.47 -35.77 -35.84
CA VAL M 42 45.48 -36.13 -36.82
C VAL M 42 44.86 -37.02 -37.91
N SER M 43 43.82 -37.75 -37.57
CA SER M 43 43.16 -38.65 -38.51
C SER M 43 42.17 -37.94 -39.40
N ASP M 44 42.07 -36.62 -39.32
CA ASP M 44 41.09 -35.88 -40.08
C ASP M 44 41.68 -34.77 -40.94
N GLN M 45 42.93 -34.37 -40.72
CA GLN M 45 43.51 -33.29 -41.50
C GLN M 45 43.81 -33.71 -42.93
N LYS M 46 44.06 -34.99 -43.16
CA LYS M 46 44.21 -35.50 -44.51
C LYS M 46 42.90 -35.80 -45.23
N PRO M 47 41.90 -36.51 -44.67
CA PRO M 47 40.74 -36.85 -45.51
C PRO M 47 39.75 -35.71 -45.71
N ALA M 48 39.68 -34.76 -44.79
CA ALA M 48 38.66 -33.72 -44.91
C ALA M 48 39.01 -32.73 -46.01
N VAL M 49 40.29 -32.39 -46.13
CA VAL M 49 40.73 -31.55 -47.24
C VAL M 49 40.61 -32.31 -48.55
N LEU M 50 40.86 -33.62 -48.49
CA LEU M 50 40.84 -34.43 -49.69
C LEU M 50 39.40 -34.70 -50.14
N ALA M 51 38.42 -34.43 -49.28
CA ALA M 51 37.01 -34.60 -49.62
C ALA M 51 36.35 -33.29 -49.99
N LEU M 52 36.70 -32.20 -49.33
CA LEU M 52 36.11 -30.91 -49.68
C LEU M 52 36.63 -30.42 -51.01
N ALA M 53 37.86 -30.76 -51.36
CA ALA M 53 38.39 -30.41 -52.67
C ALA M 53 37.71 -31.19 -53.77
N ALA M 54 37.32 -32.42 -53.48
CA ALA M 54 36.59 -33.21 -54.47
C ALA M 54 35.16 -32.71 -54.63
N HIS M 55 34.64 -32.04 -53.60
CA HIS M 55 33.35 -31.39 -53.73
C HIS M 55 33.40 -30.23 -54.71
N MET M 56 34.49 -29.46 -54.68
CA MET M 56 34.64 -28.34 -55.61
C MET M 56 34.95 -28.84 -57.01
N LEU M 57 35.58 -30.01 -57.12
CA LEU M 57 35.78 -30.63 -58.43
C LEU M 57 34.45 -31.07 -59.02
N SER M 58 33.65 -31.82 -58.24
CA SER M 58 32.40 -32.35 -58.72
C SER M 58 31.28 -31.32 -58.75
N ARG M 59 31.48 -30.15 -58.13
CA ARG M 59 30.53 -29.06 -58.33
C ARG M 59 30.61 -28.54 -59.76
N GLU M 60 31.82 -28.49 -60.31
CA GLU M 60 32.01 -28.34 -61.75
C GLU M 60 31.88 -29.72 -62.40
N GLY M 61 32.27 -29.85 -63.66
CA GLY M 61 32.03 -31.11 -64.36
C GLY M 61 32.94 -32.23 -63.89
N TYR M 62 34.21 -32.15 -64.25
CA TYR M 62 35.24 -33.17 -64.08
C TYR M 62 36.56 -32.41 -64.18
N PRO M 63 37.65 -32.86 -63.51
CA PRO M 63 38.53 -31.94 -62.75
C PRO M 63 38.77 -30.53 -63.30
N GLY M 64 39.13 -30.44 -64.58
CA GLY M 64 39.21 -29.15 -65.22
C GLY M 64 37.91 -28.74 -65.88
N ARG M 65 36.81 -28.87 -65.13
CA ARG M 65 35.43 -28.46 -65.46
C ARG M 65 34.78 -29.36 -66.51
N ALA M 66 35.54 -30.26 -67.14
CA ALA M 66 34.95 -31.06 -68.19
C ALA M 66 35.70 -32.37 -68.32
N THR M 67 34.96 -33.39 -68.72
CA THR M 67 35.51 -34.62 -69.25
C THR M 67 35.79 -34.42 -70.74
N ASN M 68 35.99 -35.53 -71.44
CA ASN M 68 36.32 -35.45 -72.87
C ASN M 68 35.15 -34.94 -73.73
N PRO M 69 33.87 -35.28 -73.46
CA PRO M 69 32.80 -34.44 -74.03
C PRO M 69 32.63 -33.16 -73.23
N ASN M 70 32.51 -32.04 -73.96
CA ASN M 70 32.42 -30.72 -73.34
C ASN M 70 30.94 -30.30 -73.25
N SER M 71 30.24 -30.95 -72.33
CA SER M 71 28.83 -30.64 -72.05
C SER M 71 28.72 -30.33 -70.56
N PHE M 72 28.97 -29.08 -70.21
CA PHE M 72 28.89 -28.59 -68.84
C PHE M 72 27.98 -27.37 -68.79
N ASP M 73 27.10 -27.34 -67.80
CA ASP M 73 26.22 -26.21 -67.61
C ASP M 73 26.66 -25.45 -66.37
N PRO M 74 26.75 -24.12 -66.41
CA PRO M 74 27.29 -23.38 -65.26
C PRO M 74 26.36 -23.37 -64.06
N THR M 75 25.08 -23.53 -64.29
CA THR M 75 24.13 -23.82 -63.23
C THR M 75 23.94 -25.32 -63.17
N ASN M 76 24.28 -25.94 -62.05
CA ASN M 76 24.12 -27.38 -61.96
C ASN M 76 22.65 -27.74 -61.85
N ARG M 77 21.96 -27.74 -62.98
CA ARG M 77 20.52 -27.92 -63.02
C ARG M 77 20.19 -29.40 -62.96
N PRO M 78 19.44 -29.85 -61.96
CA PRO M 78 19.20 -31.29 -61.82
C PRO M 78 18.23 -31.80 -62.88
N ILE M 79 18.40 -33.08 -63.22
CA ILE M 79 17.64 -33.73 -64.27
C ILE M 79 16.53 -34.53 -63.63
N LEU M 80 15.30 -34.34 -64.09
CA LEU M 80 14.17 -35.07 -63.54
C LEU M 80 13.87 -36.34 -64.29
N SER M 81 13.78 -36.29 -65.62
CA SER M 81 13.36 -37.45 -66.38
C SER M 81 13.89 -37.33 -67.80
N ARG M 82 14.45 -38.42 -68.30
CA ARG M 82 14.87 -38.51 -69.69
C ARG M 82 14.06 -39.61 -70.39
N LYS M 83 14.21 -39.67 -71.70
CA LYS M 83 13.53 -40.66 -72.54
C LYS M 83 14.26 -40.72 -73.86
N VAL M 84 14.60 -41.94 -74.28
CA VAL M 84 15.39 -42.11 -75.50
C VAL M 84 14.64 -42.82 -76.61
N GLY M 85 13.37 -43.19 -76.42
CA GLY M 85 12.59 -43.63 -77.56
C GLY M 85 12.32 -42.49 -78.53
N ASP M 86 11.70 -41.43 -78.04
CA ASP M 86 11.78 -40.11 -78.66
C ASP M 86 12.52 -39.24 -77.67
N VAL M 87 13.44 -38.41 -78.15
CA VAL M 87 14.36 -37.71 -77.26
C VAL M 87 13.61 -36.62 -76.52
N SER M 88 13.49 -36.78 -75.20
CA SER M 88 12.75 -35.85 -74.37
C SER M 88 13.37 -35.81 -72.99
N THR M 89 13.62 -34.61 -72.49
CA THR M 89 14.11 -34.43 -71.13
C THR M 89 13.26 -33.41 -70.41
N THR M 90 13.22 -33.52 -69.09
CA THR M 90 12.69 -32.50 -68.21
C THR M 90 13.74 -32.16 -67.17
N PHE M 91 13.89 -30.88 -66.88
CA PHE M 91 14.96 -30.40 -66.02
C PHE M 91 14.39 -29.92 -64.69
N GLY M 92 15.29 -29.40 -63.85
CA GLY M 92 14.92 -28.86 -62.56
C GLY M 92 14.93 -27.34 -62.58
N ARG M 93 14.47 -26.74 -61.50
CA ARG M 93 14.35 -25.30 -61.40
C ARG M 93 15.24 -24.80 -60.27
N THR M 94 16.22 -23.96 -60.62
CA THR M 94 17.25 -23.52 -59.67
C THR M 94 17.52 -22.05 -59.92
N ASP M 95 16.97 -21.17 -59.10
CA ASP M 95 17.11 -19.73 -59.32
C ASP M 95 17.71 -19.00 -58.14
N GLY M 96 17.18 -19.18 -56.93
CA GLY M 96 17.88 -18.74 -55.74
C GLY M 96 18.22 -19.93 -54.89
N GLY M 97 17.33 -20.92 -54.95
CA GLY M 97 17.52 -22.19 -54.29
C GLY M 97 16.51 -23.16 -54.84
N ALA M 98 16.87 -24.44 -54.85
CA ALA M 98 16.22 -25.40 -55.73
C ALA M 98 15.34 -26.40 -54.98
N ALA M 99 15.90 -27.16 -54.05
CA ALA M 99 15.11 -28.12 -53.29
C ALA M 99 15.76 -28.28 -51.92
N GLU M 100 15.15 -27.63 -50.92
CA GLU M 100 15.64 -27.54 -49.53
C GLU M 100 17.07 -26.98 -49.47
N GLY M 101 17.43 -26.13 -50.43
CA GLY M 101 18.72 -25.47 -50.44
C GLY M 101 18.54 -23.96 -50.47
N GLY M 102 19.28 -23.25 -49.63
CA GLY M 102 19.04 -21.84 -49.41
C GLY M 102 19.54 -20.96 -50.55
N ALA M 103 19.68 -19.68 -50.23
CA ALA M 103 20.10 -18.68 -51.20
C ALA M 103 21.13 -17.71 -50.64
N ASN M 104 21.59 -17.88 -49.41
CA ASN M 104 22.54 -16.95 -48.81
C ASN M 104 23.72 -17.68 -48.17
N SER M 105 23.73 -18.99 -48.22
CA SER M 105 24.79 -19.79 -47.61
C SER M 105 25.49 -20.60 -48.69
N TYR M 106 26.36 -21.50 -48.26
CA TYR M 106 26.94 -22.48 -49.16
C TYR M 106 26.36 -23.85 -48.81
N ASN M 107 25.92 -24.56 -49.83
CA ASN M 107 25.27 -25.86 -49.64
C ASN M 107 26.32 -26.95 -49.70
N TYR M 108 26.62 -27.55 -48.55
CA TYR M 108 27.54 -28.67 -48.49
C TYR M 108 26.87 -30.02 -48.64
N SER M 109 25.53 -30.05 -48.67
CA SER M 109 24.79 -31.30 -48.61
C SER M 109 24.25 -31.73 -49.95
N SER M 110 24.92 -31.37 -51.04
CA SER M 110 24.45 -31.75 -52.36
C SER M 110 25.11 -33.02 -52.89
N THR M 111 26.42 -33.16 -52.69
CA THR M 111 27.14 -34.34 -53.13
C THR M 111 27.66 -35.12 -51.94
N VAL M 112 28.10 -36.35 -52.21
CA VAL M 112 28.64 -37.21 -51.15
C VAL M 112 29.97 -36.64 -50.65
N TYR M 113 30.69 -35.96 -51.52
CA TYR M 113 32.04 -35.48 -51.21
C TYR M 113 32.03 -34.37 -50.18
N GLY M 114 30.91 -33.66 -50.04
CA GLY M 114 30.79 -32.62 -49.04
C GLY M 114 30.10 -33.13 -47.79
N GLN M 115 29.24 -34.13 -47.95
CA GLN M 115 28.55 -34.69 -46.79
C GLN M 115 29.52 -35.48 -45.92
N THR M 116 30.54 -36.08 -46.52
CA THR M 116 31.60 -36.69 -45.71
C THR M 116 32.48 -35.64 -45.07
N PHE M 117 32.55 -34.44 -45.66
CA PHE M 117 33.20 -33.34 -44.99
C PHE M 117 32.33 -32.78 -43.87
N LEU M 118 31.02 -32.79 -44.06
CA LEU M 118 30.15 -32.06 -43.16
C LEU M 118 30.00 -32.78 -41.82
N ARG M 119 30.11 -34.11 -41.82
CA ARG M 119 30.14 -34.81 -40.54
C ARG M 119 31.50 -34.79 -39.90
N LEU M 120 32.56 -34.45 -40.63
CA LEU M 120 33.86 -34.24 -40.01
C LEU M 120 34.01 -32.80 -39.55
N LEU M 121 33.25 -31.89 -40.14
CA LEU M 121 33.32 -30.50 -39.73
C LEU M 121 32.58 -30.29 -38.42
N ARG M 122 31.53 -31.08 -38.17
CA ARG M 122 30.76 -30.91 -36.96
C ARG M 122 31.48 -31.46 -35.75
N LEU M 123 32.22 -32.56 -35.92
CA LEU M 123 32.84 -33.21 -34.77
C LEU M 123 34.06 -32.44 -34.28
N ASN M 124 34.74 -31.75 -35.19
CA ASN M 124 36.05 -31.17 -34.89
C ASN M 124 36.00 -29.67 -34.66
N ALA M 125 34.88 -29.03 -34.96
CA ALA M 125 34.73 -27.59 -34.79
C ALA M 125 33.45 -27.33 -34.00
N PRO M 126 33.53 -27.37 -32.67
CA PRO M 126 32.36 -27.01 -31.86
C PRO M 126 32.08 -25.52 -31.95
N ALA M 127 30.80 -25.18 -32.07
CA ALA M 127 30.38 -23.82 -32.44
C ALA M 127 29.96 -23.05 -31.19
N VAL M 128 30.88 -22.24 -30.67
CA VAL M 128 30.61 -21.35 -29.54
C VAL M 128 31.69 -20.29 -29.53
N GLY M 129 31.38 -19.14 -28.93
CA GLY M 129 32.37 -18.13 -28.64
C GLY M 129 31.93 -17.28 -27.46
N LEU M 130 32.89 -16.64 -26.82
CA LEU M 130 32.60 -15.82 -25.66
C LEU M 130 32.84 -14.34 -25.94
N VAL M 131 33.33 -13.98 -27.10
CA VAL M 131 33.50 -12.57 -27.42
C VAL M 131 32.16 -11.92 -27.75
N ASN N 2 39.66 -48.99 -28.27
CA ASN N 2 39.47 -49.89 -29.40
C ASN N 2 40.77 -50.64 -29.69
N PRO N 3 41.01 -51.72 -28.95
CA PRO N 3 42.30 -52.43 -29.11
C PRO N 3 42.43 -53.18 -30.41
N ILE N 4 41.31 -53.51 -31.05
CA ILE N 4 41.35 -54.28 -32.29
C ILE N 4 40.50 -53.60 -33.37
N PRO N 5 41.14 -53.02 -34.39
CA PRO N 5 40.36 -52.46 -35.50
C PRO N 5 39.66 -53.54 -36.28
N ALA N 6 38.36 -53.34 -36.49
CA ALA N 6 37.51 -54.30 -37.19
C ALA N 6 37.85 -54.24 -38.67
N ALA N 7 38.71 -55.14 -39.12
CA ALA N 7 39.16 -55.16 -40.50
C ALA N 7 38.82 -56.50 -41.15
N SER N 8 38.40 -56.43 -42.42
CA SER N 8 38.21 -57.56 -43.32
C SER N 8 37.19 -58.59 -42.87
N ASP N 9 36.34 -58.24 -41.91
CA ASP N 9 35.31 -59.17 -41.46
C ASP N 9 33.97 -58.84 -42.11
N LEU N 10 33.85 -57.65 -42.72
CA LEU N 10 32.58 -57.30 -43.34
C LEU N 10 32.34 -58.09 -44.61
N LYS N 11 33.40 -58.64 -45.22
CA LYS N 11 33.20 -59.56 -46.33
C LYS N 11 32.51 -60.84 -45.88
N THR N 12 32.75 -61.27 -44.65
CA THR N 12 32.06 -62.44 -44.11
C THR N 12 30.75 -62.06 -43.46
N ARG N 13 30.71 -60.92 -42.79
CA ARG N 13 29.51 -60.52 -42.06
C ARG N 13 28.45 -59.97 -43.00
N TYR N 14 28.84 -59.12 -43.94
CA TYR N 14 27.92 -58.48 -44.90
C TYR N 14 28.25 -59.04 -46.27
N PRO N 15 27.56 -60.11 -46.70
CA PRO N 15 28.10 -60.98 -47.76
C PRO N 15 28.16 -60.35 -49.14
N GLU N 16 27.46 -59.25 -49.39
CA GLU N 16 27.49 -58.64 -50.71
C GLU N 16 28.85 -58.02 -51.03
N PHE N 17 29.52 -57.48 -50.02
CA PHE N 17 30.81 -56.83 -50.25
C PHE N 17 31.88 -57.89 -50.35
N THR N 18 32.31 -58.16 -51.58
CA THR N 18 33.46 -59.04 -51.81
C THR N 18 34.31 -58.54 -52.96
N GLY N 19 34.26 -57.25 -53.28
CA GLY N 19 34.97 -56.71 -54.42
C GLY N 19 36.45 -56.49 -54.21
N VAL N 20 36.81 -55.64 -53.26
CA VAL N 20 38.20 -55.26 -53.02
C VAL N 20 38.44 -55.19 -51.52
N SER N 21 39.70 -55.41 -51.11
CA SER N 21 40.10 -55.27 -49.72
C SER N 21 41.03 -54.10 -49.48
N ASP N 22 41.31 -53.30 -50.51
CA ASP N 22 42.18 -52.13 -50.37
C ASP N 22 41.38 -50.85 -50.15
N ALA N 23 40.28 -50.68 -50.88
CA ALA N 23 39.43 -49.51 -50.73
C ALA N 23 38.42 -49.68 -49.60
N VAL N 24 38.59 -50.67 -48.73
CA VAL N 24 37.71 -50.87 -47.59
C VAL N 24 38.47 -50.67 -46.28
N VAL N 25 39.52 -51.47 -46.06
CA VAL N 25 40.19 -51.47 -44.75
C VAL N 25 41.01 -50.20 -44.59
N ASN N 26 41.86 -49.90 -45.57
CA ASN N 26 42.73 -48.75 -45.45
C ASN N 26 41.98 -47.46 -45.72
N ALA N 27 40.82 -47.56 -46.40
CA ALA N 27 40.16 -46.36 -46.90
C ALA N 27 38.99 -45.91 -46.04
N ILE N 28 38.26 -46.83 -45.42
CA ILE N 28 37.02 -46.47 -44.73
C ILE N 28 37.05 -46.87 -43.26
N ILE N 29 37.59 -48.05 -42.95
CA ILE N 29 37.74 -48.50 -41.55
C ILE N 29 38.58 -47.51 -40.75
N ALA N 30 39.59 -46.89 -41.39
CA ALA N 30 40.36 -45.86 -40.72
C ALA N 30 39.55 -44.59 -40.48
N GLU N 31 38.52 -44.34 -41.29
CA GLU N 31 37.71 -43.14 -41.12
C GLU N 31 36.65 -43.30 -40.04
N VAL N 32 36.16 -44.52 -39.84
CA VAL N 32 34.94 -44.77 -39.10
C VAL N 32 35.22 -45.01 -37.62
N ASN N 33 36.24 -45.79 -37.28
CA ASN N 33 36.44 -46.33 -35.94
C ASN N 33 36.71 -45.32 -34.83
N GLY N 34 36.78 -44.03 -35.16
CA GLY N 34 36.81 -43.02 -34.12
C GLY N 34 35.49 -42.83 -33.42
N MET N 35 34.39 -43.32 -34.01
CA MET N 35 33.07 -43.17 -33.39
C MET N 35 32.89 -44.15 -32.25
N VAL N 36 33.57 -45.29 -32.28
CA VAL N 36 33.44 -46.27 -31.22
C VAL N 36 34.45 -45.92 -30.12
N ASP N 37 34.28 -46.52 -28.95
CA ASP N 37 35.06 -46.14 -27.79
C ASP N 37 35.12 -47.35 -26.88
N ASP N 38 35.97 -47.27 -25.84
CA ASP N 38 35.95 -48.28 -24.80
C ASP N 38 34.73 -48.15 -23.90
N GLY N 39 34.04 -47.01 -23.95
CA GLY N 39 32.87 -46.79 -23.12
C GLY N 39 31.62 -47.52 -23.57
N TRP N 40 31.67 -48.23 -24.70
CA TRP N 40 30.49 -48.95 -25.12
C TRP N 40 30.54 -50.37 -24.55
N GLU N 41 29.54 -51.18 -24.90
CA GLU N 41 29.54 -52.56 -24.49
C GLU N 41 30.51 -53.37 -25.34
N VAL N 42 30.82 -54.58 -24.86
CA VAL N 42 31.75 -55.43 -25.58
C VAL N 42 31.07 -56.05 -26.79
N SER N 43 29.75 -56.22 -26.75
CA SER N 43 29.00 -56.82 -27.84
C SER N 43 28.67 -55.82 -28.93
N ASP N 44 29.15 -54.60 -28.83
CA ASP N 44 28.80 -53.55 -29.78
C ASP N 44 30.01 -52.90 -30.44
N GLN N 45 31.21 -53.08 -29.92
CA GLN N 45 32.38 -52.43 -30.51
C GLN N 45 32.77 -53.06 -31.84
N LYS N 46 32.47 -54.33 -32.03
CA LYS N 46 32.68 -54.98 -33.32
C LYS N 46 31.57 -54.72 -34.35
N PRO N 47 30.26 -54.87 -34.06
CA PRO N 47 29.29 -54.75 -35.16
C PRO N 47 29.00 -53.31 -35.56
N ALA N 48 29.14 -52.34 -34.67
CA ALA N 48 28.75 -50.98 -35.01
C ALA N 48 29.75 -50.34 -35.96
N VAL N 49 31.04 -50.60 -35.76
CA VAL N 49 32.04 -50.15 -36.72
C VAL N 49 31.90 -50.89 -38.03
N LEU N 50 31.53 -52.16 -37.95
CA LEU N 50 31.41 -52.98 -39.13
C LEU N 50 30.15 -52.63 -39.92
N ALA N 51 29.22 -51.88 -39.32
CA ALA N 51 28.01 -51.45 -40.00
C ALA N 51 28.09 -50.02 -40.49
N LEU N 52 28.74 -49.14 -39.72
CA LEU N 52 28.88 -47.76 -40.17
C LEU N 52 29.85 -47.65 -41.33
N ALA N 53 30.85 -48.54 -41.37
CA ALA N 53 31.77 -48.55 -42.51
C ALA N 53 31.07 -49.05 -43.76
N ALA N 54 30.11 -49.96 -43.62
CA ALA N 54 29.35 -50.44 -44.76
C ALA N 54 28.38 -49.37 -45.24
N HIS N 55 27.99 -48.45 -44.36
CA HIS N 55 27.19 -47.31 -44.78
C HIS N 55 27.99 -46.40 -45.69
N MET N 56 29.26 -46.17 -45.37
CA MET N 56 30.10 -45.32 -46.21
C MET N 56 30.46 -46.01 -47.52
N LEU N 57 30.51 -47.35 -47.50
CA LEU N 57 30.70 -48.11 -48.74
C LEU N 57 29.49 -47.96 -49.64
N SER N 58 28.29 -48.21 -49.09
CA SER N 58 27.07 -48.19 -49.88
C SER N 58 26.58 -46.78 -50.15
N ARG N 59 27.13 -45.76 -49.47
CA ARG N 59 26.84 -44.40 -49.87
C ARG N 59 27.47 -44.09 -51.21
N GLU N 60 28.66 -44.63 -51.46
CA GLU N 60 29.21 -44.69 -52.81
C GLU N 60 28.63 -45.93 -53.50
N GLY N 61 29.19 -46.31 -54.64
CA GLY N 61 28.58 -47.40 -55.39
C GLY N 61 28.77 -48.76 -54.76
N TYR N 62 29.99 -49.27 -54.80
CA TYR N 62 30.38 -50.62 -54.42
C TYR N 62 31.89 -50.52 -54.18
N PRO N 63 32.49 -51.36 -53.26
CA PRO N 63 33.49 -50.84 -52.30
C PRO N 63 34.45 -49.75 -52.74
N GLY N 64 35.08 -49.93 -53.89
CA GLY N 64 35.88 -48.86 -54.46
C GLY N 64 35.09 -47.99 -55.40
N ARG N 65 33.90 -47.55 -54.95
CA ARG N 65 32.96 -46.62 -55.58
C ARG N 65 32.24 -47.23 -56.78
N ALA N 66 32.64 -48.41 -57.23
CA ALA N 66 32.01 -48.96 -58.41
C ALA N 66 32.10 -50.47 -58.40
N THR N 67 31.10 -51.09 -58.99
CA THR N 67 31.15 -52.48 -59.40
C THR N 67 31.81 -52.56 -60.77
N ASN N 68 31.66 -53.70 -61.44
CA ASN N 68 32.30 -53.89 -62.75
C ASN N 68 31.71 -53.00 -63.83
N PRO N 69 30.39 -52.72 -63.91
CA PRO N 69 29.96 -51.54 -64.68
C PRO N 69 30.21 -50.25 -63.93
N ASN N 70 30.77 -49.27 -64.62
CA ASN N 70 31.13 -47.99 -64.02
C ASN N 70 30.03 -46.96 -64.27
N SER N 71 28.92 -47.14 -63.56
CA SER N 71 27.77 -46.24 -63.62
C SER N 71 27.48 -45.78 -62.20
N PHE N 72 28.17 -44.73 -61.78
CA PHE N 72 28.01 -44.15 -60.45
C PHE N 72 27.76 -42.67 -60.59
N ASP N 73 26.78 -42.16 -59.84
CA ASP N 73 26.48 -40.74 -59.83
C ASP N 73 26.92 -40.16 -58.51
N PRO N 74 27.60 -39.00 -58.49
CA PRO N 74 28.14 -38.49 -57.23
C PRO N 74 27.07 -37.96 -56.28
N THR N 75 25.93 -37.57 -56.82
CA THR N 75 24.74 -37.31 -56.02
C THR N 75 23.89 -38.57 -56.06
N ASN N 76 23.65 -39.18 -54.90
CA ASN N 76 22.85 -40.39 -54.89
C ASN N 76 21.39 -40.06 -55.14
N ARG N 77 21.05 -39.85 -56.41
CA ARG N 77 19.75 -39.39 -56.81
C ARG N 77 18.79 -40.56 -56.85
N PRO N 78 17.70 -40.55 -56.08
CA PRO N 78 16.82 -41.72 -56.04
C PRO N 78 15.99 -41.85 -57.31
N ILE N 79 15.65 -43.09 -57.63
CA ILE N 79 14.94 -43.43 -58.86
C ILE N 79 13.47 -43.61 -58.51
N LEU N 80 12.60 -42.94 -59.26
CA LEU N 80 11.17 -43.04 -59.01
C LEU N 80 10.51 -44.12 -59.85
N SER N 81 10.77 -44.14 -61.16
CA SER N 81 10.06 -45.06 -62.04
C SER N 81 10.89 -45.31 -63.28
N ARG N 82 11.01 -46.57 -63.66
CA ARG N 82 11.64 -46.96 -64.90
C ARG N 82 10.61 -47.65 -65.79
N LYS N 83 11.00 -47.87 -67.04
CA LYS N 83 10.17 -48.53 -68.04
C LYS N 83 11.07 -49.02 -69.16
N VAL N 84 10.92 -50.30 -69.51
CA VAL N 84 11.80 -50.90 -70.50
C VAL N 84 11.10 -51.31 -71.78
N GLY N 85 9.79 -51.06 -71.91
CA GLY N 85 9.17 -51.20 -73.22
C GLY N 85 9.67 -50.15 -74.19
N ASP N 86 9.50 -48.89 -73.84
CA ASP N 86 10.28 -47.80 -74.38
C ASP N 86 11.09 -47.26 -73.23
N VAL N 87 12.38 -46.97 -73.46
CA VAL N 87 13.27 -46.66 -72.35
C VAL N 87 12.93 -45.29 -71.78
N SER N 88 12.47 -45.27 -70.54
CA SER N 88 12.04 -44.04 -69.89
C SER N 88 12.30 -44.17 -68.40
N THR N 89 12.94 -43.16 -67.82
CA THR N 89 13.13 -43.09 -66.38
C THR N 89 12.68 -41.74 -65.86
N THR N 90 12.30 -41.72 -64.59
CA THR N 90 12.09 -40.49 -63.84
C THR N 90 12.93 -40.56 -62.57
N PHE N 91 13.56 -39.46 -62.22
CA PHE N 91 14.50 -39.43 -61.11
C PHE N 91 13.92 -38.64 -59.94
N GLY N 92 14.74 -38.48 -58.90
CA GLY N 92 14.37 -37.73 -57.73
C GLY N 92 15.06 -36.38 -57.71
N ARG N 93 14.68 -35.55 -56.75
CA ARG N 93 15.20 -34.19 -56.65
C ARG N 93 15.94 -34.05 -55.33
N THR N 94 17.24 -33.76 -55.40
CA THR N 94 18.10 -33.72 -54.22
C THR N 94 19.07 -32.55 -54.37
N ASP N 95 18.78 -31.45 -53.68
CA ASP N 95 19.60 -30.25 -53.82
C ASP N 95 20.18 -29.76 -52.51
N GLY N 96 19.37 -29.58 -51.48
CA GLY N 96 19.90 -29.39 -50.14
C GLY N 96 19.47 -30.54 -49.26
N GLY N 97 18.27 -31.03 -49.56
CA GLY N 97 17.71 -32.19 -48.90
C GLY N 97 16.53 -32.67 -49.71
N ALA N 98 16.28 -33.97 -49.67
CA ALA N 98 15.49 -34.62 -50.69
C ALA N 98 14.11 -35.06 -50.21
N ALA N 99 14.04 -35.91 -49.20
CA ALA N 99 12.76 -36.37 -48.66
C ALA N 99 12.94 -36.67 -47.18
N GLU N 100 12.47 -35.74 -46.34
CA GLU N 100 12.63 -35.76 -44.89
C GLU N 100 14.10 -35.87 -44.45
N GLY N 101 15.01 -35.35 -45.28
CA GLY N 101 16.42 -35.33 -44.97
C GLY N 101 16.93 -33.91 -45.00
N GLY N 102 17.71 -33.52 -43.99
CA GLY N 102 18.08 -32.14 -43.80
C GLY N 102 19.16 -31.67 -44.76
N ALA N 103 19.78 -30.54 -44.39
CA ALA N 103 20.81 -29.92 -45.20
C ALA N 103 22.02 -29.45 -44.39
N ASN N 104 22.06 -29.70 -43.09
CA ASN N 104 23.15 -29.24 -42.24
C ASN N 104 23.71 -30.35 -41.37
N SER N 105 23.15 -31.55 -41.44
CA SER N 105 23.56 -32.66 -40.61
C SER N 105 24.05 -33.79 -41.51
N TYR N 106 24.32 -34.94 -40.90
CA TYR N 106 24.58 -36.15 -41.66
C TYR N 106 23.40 -37.08 -41.50
N ASN N 107 22.92 -37.62 -42.61
CA ASN N 107 21.73 -38.48 -42.62
C ASN N 107 22.17 -39.92 -42.45
N TYR N 108 21.90 -40.49 -41.28
CA TYR N 108 22.19 -41.89 -41.03
C TYR N 108 21.03 -42.81 -41.38
N SER N 109 19.88 -42.26 -41.73
CA SER N 109 18.66 -43.04 -41.87
C SER N 109 18.30 -43.31 -43.33
N SER N 110 19.30 -43.38 -44.21
CA SER N 110 19.01 -43.63 -45.61
C SER N 110 19.15 -45.09 -46.00
N THR N 111 20.16 -45.78 -45.49
CA THR N 111 20.38 -47.19 -45.78
C THR N 111 20.20 -48.01 -44.52
N VAL N 112 20.09 -49.32 -44.69
CA VAL N 112 19.94 -50.24 -43.56
C VAL N 112 21.23 -50.27 -42.74
N TYR N 113 22.36 -50.05 -43.40
CA TYR N 113 23.67 -50.19 -42.77
C TYR N 113 23.92 -49.10 -41.73
N GLY N 114 23.23 -47.97 -41.84
CA GLY N 114 23.37 -46.90 -40.88
C GLY N 114 22.26 -46.94 -39.85
N GLN N 115 21.10 -47.46 -40.24
CA GLN N 115 20.00 -47.58 -39.29
C GLN N 115 20.28 -48.63 -38.24
N THR N 116 21.04 -49.66 -38.58
CA THR N 116 21.50 -50.61 -37.56
C THR N 116 22.58 -49.99 -36.70
N PHE N 117 23.31 -49.01 -37.23
CA PHE N 117 24.22 -48.24 -36.38
C PHE N 117 23.47 -47.28 -35.49
N LEU N 118 22.35 -46.73 -35.99
CA LEU N 118 21.72 -45.62 -35.31
C LEU N 118 20.97 -46.08 -34.07
N ARG N 119 20.48 -47.32 -34.08
CA ARG N 119 19.89 -47.85 -32.86
C ARG N 119 20.94 -48.37 -31.89
N LEU N 120 22.18 -48.59 -32.34
CA LEU N 120 23.25 -48.92 -31.42
C LEU N 120 23.93 -47.67 -30.90
N LEU N 121 23.80 -46.57 -31.63
CA LEU N 121 24.39 -45.31 -31.18
C LEU N 121 23.54 -44.68 -30.09
N ARG N 122 22.23 -44.92 -30.13
CA ARG N 122 21.35 -44.32 -29.12
C ARG N 122 21.48 -45.03 -27.78
N LEU N 123 21.64 -46.35 -27.81
CA LEU N 123 21.64 -47.11 -26.56
C LEU N 123 22.92 -46.91 -25.77
N ASN N 124 24.04 -46.67 -26.46
CA ASN N 124 25.35 -46.70 -25.84
C ASN N 124 25.93 -45.31 -25.60
N ALA N 125 25.32 -44.27 -26.14
CA ALA N 125 25.79 -42.90 -25.98
C ALA N 125 24.62 -42.05 -25.51
N PRO N 126 24.36 -42.00 -24.21
CA PRO N 126 23.33 -41.10 -23.70
C PRO N 126 23.77 -39.65 -23.81
N ALA N 127 22.84 -38.79 -24.22
CA ALA N 127 23.17 -37.43 -24.65
C ALA N 127 22.87 -36.44 -23.53
N VAL N 128 23.91 -36.09 -22.77
CA VAL N 128 23.81 -35.07 -21.73
C VAL N 128 25.23 -34.59 -21.42
N GLY N 129 25.32 -33.37 -20.88
CA GLY N 129 26.56 -32.88 -20.33
C GLY N 129 26.29 -31.83 -19.27
N LEU N 130 27.27 -31.63 -18.41
CA LEU N 130 27.13 -30.66 -17.34
C LEU N 130 28.05 -29.47 -17.50
N VAL N 131 28.90 -29.46 -18.51
CA VAL N 131 29.74 -28.31 -18.74
C VAL N 131 28.96 -27.15 -19.37
N ASN O 2 19.09 -63.55 -19.00
CA ASN O 2 18.78 -64.37 -20.16
C ASN O 2 19.65 -65.63 -20.13
N PRO O 3 19.21 -66.64 -19.39
CA PRO O 3 20.05 -67.84 -19.24
C PRO O 3 20.13 -68.69 -20.49
N ILE O 4 19.16 -68.56 -21.40
CA ILE O 4 19.13 -69.38 -22.60
C ILE O 4 18.95 -68.49 -23.83
N PRO O 5 19.99 -68.34 -24.66
CA PRO O 5 19.82 -67.60 -25.91
C PRO O 5 18.91 -68.34 -26.87
N ALA O 6 17.92 -67.61 -27.38
CA ALA O 6 16.92 -68.17 -28.27
C ALA O 6 17.56 -68.39 -29.63
N ALA O 7 18.03 -69.61 -29.89
CA ALA O 7 18.72 -69.94 -31.11
C ALA O 7 17.98 -71.05 -31.85
N SER O 8 17.94 -70.92 -33.18
CA SER O 8 17.49 -71.94 -34.14
C SER O 8 16.04 -72.38 -33.96
N ASP O 9 15.23 -71.62 -33.23
CA ASP O 9 13.83 -71.96 -33.07
C ASP O 9 12.96 -71.15 -34.01
N LEU O 10 13.51 -70.09 -34.61
CA LEU O 10 12.71 -69.28 -35.50
C LEU O 10 12.45 -69.99 -36.82
N LYS O 11 13.25 -71.00 -37.17
CA LYS O 11 12.94 -71.83 -38.31
C LYS O 11 11.67 -72.64 -38.08
N THR O 12 11.41 -73.03 -36.82
CA THR O 12 10.18 -73.73 -36.51
C THR O 12 9.05 -72.76 -36.18
N ARG O 13 9.37 -71.66 -35.51
CA ARG O 13 8.34 -70.72 -35.08
C ARG O 13 7.87 -69.85 -36.24
N TYR O 14 8.80 -69.34 -37.04
CA TYR O 14 8.50 -68.47 -38.17
C TYR O 14 8.85 -69.22 -39.46
N PRO O 15 7.88 -69.92 -40.06
CA PRO O 15 8.20 -71.02 -40.97
C PRO O 15 8.84 -70.62 -42.28
N GLU O 16 8.78 -69.35 -42.66
CA GLU O 16 9.38 -68.93 -43.93
C GLU O 16 10.90 -68.99 -43.89
N PHE O 17 11.50 -68.71 -42.74
CA PHE O 17 12.95 -68.69 -42.63
C PHE O 17 13.44 -70.12 -42.49
N THR O 18 13.97 -70.67 -43.59
CA THR O 18 14.64 -71.97 -43.54
C THR O 18 15.87 -71.99 -44.45
N GLY O 19 16.45 -70.84 -44.74
CA GLY O 19 17.56 -70.76 -45.66
C GLY O 19 18.90 -71.18 -45.09
N VAL O 20 19.37 -70.49 -44.05
CA VAL O 20 20.70 -70.73 -43.49
C VAL O 20 20.59 -70.64 -41.97
N SER O 21 21.49 -71.34 -41.27
CA SER O 21 21.59 -71.27 -39.82
C SER O 21 22.87 -70.59 -39.34
N ASP O 22 23.69 -70.09 -40.25
CA ASP O 22 24.92 -69.40 -39.88
C ASP O 22 24.75 -67.89 -39.83
N ALA O 23 24.04 -67.33 -40.80
CA ALA O 23 23.77 -65.91 -40.83
C ALA O 23 22.57 -65.51 -40.00
N VAL O 24 22.08 -66.40 -39.13
CA VAL O 24 20.97 -66.11 -38.23
C VAL O 24 21.42 -66.13 -36.79
N VAL O 25 21.92 -67.28 -36.32
CA VAL O 25 22.22 -67.46 -34.91
C VAL O 25 23.45 -66.66 -34.51
N ASN O 26 24.54 -66.85 -35.25
CA ASN O 26 25.77 -66.18 -34.89
C ASN O 26 25.74 -64.72 -35.33
N ALA O 27 24.86 -64.36 -36.25
CA ALA O 27 24.93 -63.05 -36.88
C ALA O 27 23.91 -62.06 -36.32
N ILE O 28 22.73 -62.51 -35.92
CA ILE O 28 21.65 -61.60 -35.54
C ILE O 28 21.17 -61.84 -34.11
N ILE O 29 21.05 -63.11 -33.71
CA ILE O 29 20.66 -63.45 -32.33
C ILE O 29 21.65 -62.86 -31.33
N ALA O 30 22.93 -62.78 -31.69
CA ALA O 30 23.90 -62.14 -30.82
C ALA O 30 23.71 -60.63 -30.76
N GLU O 31 23.11 -60.03 -31.79
CA GLU O 31 22.89 -58.58 -31.80
C GLU O 31 21.66 -58.18 -31.01
N VAL O 32 20.65 -59.04 -30.97
CA VAL O 32 19.31 -58.68 -30.54
C VAL O 32 19.11 -58.87 -29.05
N ASN O 33 19.58 -59.99 -28.50
CA ASN O 33 19.20 -60.44 -27.16
C ASN O 33 19.64 -59.56 -25.99
N GLY O 34 20.34 -58.46 -26.26
CA GLY O 34 20.58 -57.47 -25.23
C GLY O 34 19.35 -56.66 -24.87
N MET O 35 18.31 -56.69 -25.72
CA MET O 35 17.10 -55.93 -25.44
C MET O 35 16.24 -56.63 -24.39
N VAL O 36 16.34 -57.95 -24.28
CA VAL O 36 15.55 -58.67 -23.30
C VAL O 36 16.32 -58.70 -21.99
N ASP O 37 15.66 -59.06 -20.91
CA ASP O 37 16.24 -58.95 -19.58
C ASP O 37 15.55 -59.99 -18.71
N ASP O 38 16.08 -60.19 -17.50
CA ASP O 38 15.39 -61.00 -16.52
C ASP O 38 14.18 -60.27 -15.94
N GLY O 39 14.10 -58.96 -16.13
CA GLY O 39 12.99 -58.18 -15.60
C GLY O 39 11.68 -58.34 -16.36
N TRP O 40 11.67 -59.09 -17.45
CA TRP O 40 10.42 -59.26 -18.17
C TRP O 40 9.71 -60.52 -17.64
N GLU O 41 8.57 -60.83 -18.23
CA GLU O 41 7.86 -62.04 -17.87
C GLU O 41 8.54 -63.26 -18.47
N VAL O 42 8.17 -64.44 -17.96
CA VAL O 42 8.76 -65.67 -18.45
C VAL O 42 8.17 -66.04 -19.81
N SER O 43 6.94 -65.62 -20.08
CA SER O 43 6.28 -65.93 -21.33
C SER O 43 6.67 -64.98 -22.46
N ASP O 44 7.62 -64.08 -22.21
CA ASP O 44 7.99 -63.08 -23.20
C ASP O 44 9.47 -63.07 -23.54
N GLN O 45 10.32 -63.71 -22.74
CA GLN O 45 11.76 -63.68 -23.02
C GLN O 45 12.13 -64.53 -24.22
N LYS O 46 11.35 -65.56 -24.50
CA LYS O 46 11.54 -66.34 -25.72
C LYS O 46 10.92 -65.72 -26.99
N PRO O 47 9.64 -65.27 -27.02
CA PRO O 47 9.12 -64.83 -28.32
C PRO O 47 9.58 -63.46 -28.76
N ALA O 48 9.93 -62.57 -27.83
CA ALA O 48 10.28 -61.21 -28.23
C ALA O 48 11.64 -61.15 -28.90
N VAL O 49 12.59 -61.93 -28.40
CA VAL O 49 13.89 -62.03 -29.06
C VAL O 49 13.73 -62.75 -30.38
N LEU O 50 12.83 -63.72 -30.42
CA LEU O 50 12.64 -64.52 -31.62
C LEU O 50 11.88 -63.73 -32.68
N ALA O 51 11.27 -62.60 -32.31
CA ALA O 51 10.56 -61.75 -33.25
C ALA O 51 11.37 -60.55 -33.68
N LEU O 52 12.15 -59.97 -32.76
CA LEU O 52 12.98 -58.83 -33.13
C LEU O 52 14.14 -59.26 -34.02
N ALA O 53 14.61 -60.49 -33.84
CA ALA O 53 15.66 -61.00 -34.72
C ALA O 53 15.13 -61.26 -36.11
N ALA O 54 13.86 -61.65 -36.22
CA ALA O 54 13.25 -61.84 -37.53
C ALA O 54 12.99 -60.51 -38.21
N HIS O 55 12.86 -59.45 -37.43
CA HIS O 55 12.76 -58.11 -38.01
C HIS O 55 14.06 -57.71 -38.67
N MET O 56 15.19 -58.04 -38.05
CA MET O 56 16.49 -57.70 -38.64
C MET O 56 16.79 -58.60 -39.83
N LEU O 57 16.24 -59.82 -39.83
CA LEU O 57 16.35 -60.69 -41.00
C LEU O 57 15.57 -60.11 -42.17
N SER O 58 14.31 -59.77 -41.93
CA SER O 58 13.43 -59.29 -42.99
C SER O 58 13.69 -57.84 -43.35
N ARG O 59 14.45 -57.11 -42.53
CA ARG O 59 14.90 -55.78 -42.95
C ARG O 59 15.89 -55.90 -44.10
N GLU O 60 16.74 -56.92 -44.07
CA GLU O 60 17.49 -57.34 -45.24
C GLU O 60 16.61 -58.26 -46.08
N GLY O 61 17.19 -58.96 -47.06
CA GLY O 61 16.35 -59.72 -47.96
C GLY O 61 15.77 -60.97 -47.33
N TYR O 62 16.61 -61.97 -47.08
CA TYR O 62 16.27 -63.31 -46.64
C TYR O 62 17.57 -63.85 -46.04
N PRO O 63 17.52 -64.77 -45.03
CA PRO O 63 18.38 -64.66 -43.84
C PRO O 63 19.80 -64.14 -44.01
N GLY O 64 20.54 -64.67 -44.97
CA GLY O 64 21.83 -64.11 -45.31
C GLY O 64 21.73 -63.07 -46.40
N ARG O 65 20.79 -62.12 -46.24
CA ARG O 65 20.54 -60.93 -47.06
C ARG O 65 19.91 -61.27 -48.41
N ALA O 66 19.84 -62.55 -48.77
CA ALA O 66 19.33 -62.88 -50.09
C ALA O 66 18.73 -64.28 -50.07
N THR O 67 17.72 -64.45 -50.91
CA THR O 67 17.25 -65.75 -51.33
C THR O 67 18.10 -66.23 -52.49
N ASN O 68 17.61 -67.24 -53.20
CA ASN O 68 18.39 -67.81 -54.32
C ASN O 68 18.52 -66.85 -55.51
N PRO O 69 17.51 -66.03 -55.89
CA PRO O 69 17.83 -64.87 -56.72
C PRO O 69 18.45 -63.75 -55.89
N ASN O 70 19.53 -63.16 -56.42
CA ASN O 70 20.26 -62.12 -55.71
C ASN O 70 19.82 -60.75 -56.20
N SER O 71 18.61 -60.36 -55.79
CA SER O 71 18.04 -59.06 -56.11
C SER O 71 17.65 -58.40 -54.79
N PHE O 72 18.63 -57.72 -54.18
CA PHE O 72 18.43 -57.01 -52.92
C PHE O 72 18.91 -55.58 -53.09
N ASP O 73 18.10 -54.65 -52.59
CA ASP O 73 18.46 -53.23 -52.63
C ASP O 73 18.81 -52.79 -51.21
N PRO O 74 19.90 -52.04 -51.02
CA PRO O 74 20.31 -51.70 -49.64
C PRO O 74 19.39 -50.68 -48.98
N THR O 75 18.70 -49.88 -49.77
CA THR O 75 17.60 -49.07 -49.28
C THR O 75 16.32 -49.85 -49.55
N ASN O 76 15.58 -50.18 -48.50
CA ASN O 76 14.35 -50.92 -48.71
C ASN O 76 13.28 -50.01 -49.30
N ARG O 77 13.37 -49.79 -50.60
CA ARG O 77 12.52 -48.84 -51.30
C ARG O 77 11.18 -49.49 -51.61
N PRO O 78 10.07 -48.95 -51.11
CA PRO O 78 8.78 -49.60 -51.32
C PRO O 78 8.30 -49.47 -52.77
N ILE O 79 7.53 -50.46 -53.18
CA ILE O 79 7.04 -50.58 -54.55
C ILE O 79 5.61 -50.07 -54.58
N LEU O 80 5.32 -49.15 -55.50
CA LEU O 80 3.98 -48.60 -55.61
C LEU O 80 3.12 -49.37 -56.61
N SER O 81 3.63 -49.61 -57.81
CA SER O 81 2.81 -50.21 -58.86
C SER O 81 3.71 -50.90 -59.87
N ARG O 82 3.34 -52.12 -60.22
CA ARG O 82 3.99 -52.85 -61.30
C ARG O 82 3.00 -53.10 -62.42
N LYS O 83 3.53 -53.58 -63.54
CA LYS O 83 2.74 -53.90 -64.73
C LYS O 83 3.56 -54.83 -65.60
N VAL O 84 2.95 -55.94 -66.00
CA VAL O 84 3.68 -56.95 -66.77
C VAL O 84 3.18 -57.12 -68.19
N GLY O 85 2.18 -56.35 -68.63
CA GLY O 85 1.87 -56.33 -70.05
C GLY O 85 2.99 -55.68 -70.85
N ASP O 86 3.32 -54.44 -70.52
CA ASP O 86 4.61 -53.86 -70.84
C ASP O 86 5.29 -53.62 -69.50
N VAL O 87 6.58 -53.92 -69.40
CA VAL O 87 7.24 -53.95 -68.11
C VAL O 87 7.42 -52.52 -67.61
N SER O 88 6.75 -52.19 -66.51
CA SER O 88 6.77 -50.85 -65.97
C SER O 88 6.60 -50.93 -64.46
N THR O 89 7.46 -50.25 -63.73
CA THR O 89 7.33 -50.15 -62.28
C THR O 89 7.42 -48.70 -61.86
N THR O 90 6.81 -48.41 -60.71
CA THR O 90 6.99 -47.15 -60.01
C THR O 90 7.40 -47.46 -58.58
N PHE O 91 8.36 -46.71 -58.06
CA PHE O 91 8.93 -47.00 -56.75
C PHE O 91 8.52 -45.93 -55.75
N GLY O 92 9.06 -46.05 -54.54
CA GLY O 92 8.80 -45.11 -53.47
C GLY O 92 9.99 -44.20 -53.26
N ARG O 93 9.81 -43.21 -52.40
CA ARG O 93 10.83 -42.20 -52.15
C ARG O 93 11.24 -42.27 -50.68
N THR O 94 12.50 -42.59 -50.43
CA THR O 94 13.01 -42.83 -49.08
C THR O 94 14.39 -42.20 -48.97
N ASP O 95 14.47 -41.03 -48.34
CA ASP O 95 15.75 -40.32 -48.25
C ASP O 95 16.17 -40.00 -46.82
N GLY O 96 15.30 -39.42 -46.01
CA GLY O 96 15.55 -39.35 -44.59
C GLY O 96 14.46 -40.12 -43.86
N GLY O 97 13.28 -40.07 -44.45
CA GLY O 97 12.13 -40.81 -43.97
C GLY O 97 11.08 -40.79 -45.06
N ALA O 98 10.27 -41.85 -45.10
CA ALA O 98 9.54 -42.19 -46.31
C ALA O 98 8.03 -41.94 -46.19
N ALA O 99 7.37 -42.59 -45.23
CA ALA O 99 5.94 -42.39 -45.04
C ALA O 99 5.62 -42.61 -43.57
N GLU O 100 5.44 -41.50 -42.85
CA GLU O 100 5.23 -41.45 -41.39
C GLU O 100 6.36 -42.15 -40.63
N GLY O 101 7.57 -42.15 -41.19
CA GLY O 101 8.73 -42.71 -40.55
C GLY O 101 9.82 -41.67 -40.42
N GLY O 102 10.42 -41.56 -39.24
CA GLY O 102 11.32 -40.47 -38.94
C GLY O 102 12.67 -40.59 -39.61
N ALA O 103 13.62 -39.82 -39.06
CA ALA O 103 14.98 -39.79 -39.58
C ALA O 103 16.04 -39.81 -38.49
N ASN O 104 15.68 -39.94 -37.23
CA ASN O 104 16.64 -39.92 -36.14
C ASN O 104 16.43 -41.08 -35.17
N SER O 105 15.44 -41.92 -35.40
CA SER O 105 15.12 -43.03 -34.53
C SER O 105 15.25 -44.33 -35.30
N TYR O 106 14.83 -45.43 -34.68
CA TYR O 106 14.70 -46.69 -35.37
C TYR O 106 13.22 -47.00 -35.53
N ASN O 107 12.82 -47.37 -36.74
CA ASN O 107 11.43 -47.63 -37.04
C ASN O 107 11.13 -49.11 -36.80
N TYR O 108 10.39 -49.40 -35.74
CA TYR O 108 9.96 -50.76 -35.47
C TYR O 108 8.61 -51.11 -36.10
N SER O 109 7.94 -50.15 -36.70
CA SER O 109 6.57 -50.34 -37.17
C SER O 109 6.48 -50.55 -38.67
N SER O 110 7.50 -51.12 -39.28
CA SER O 110 7.48 -51.34 -40.71
C SER O 110 7.03 -52.75 -41.09
N THR O 111 7.49 -53.76 -40.36
CA THR O 111 7.13 -55.15 -40.62
C THR O 111 6.32 -55.69 -39.46
N VAL O 112 5.68 -56.84 -39.69
CA VAL O 112 4.90 -57.50 -38.64
C VAL O 112 5.81 -58.01 -37.54
N TYR O 113 7.04 -58.36 -37.90
CA TYR O 113 7.97 -58.99 -36.97
C TYR O 113 8.44 -58.03 -35.88
N GLY O 114 8.36 -56.73 -36.14
CA GLY O 114 8.73 -55.75 -35.14
C GLY O 114 7.52 -55.21 -34.42
N GLN O 115 6.37 -55.21 -35.08
CA GLN O 115 5.15 -54.76 -34.43
C GLN O 115 4.69 -55.72 -33.36
N THR O 116 4.97 -57.02 -33.54
CA THR O 116 4.72 -57.97 -32.46
C THR O 116 5.74 -57.81 -31.35
N PHE O 117 6.92 -57.29 -31.66
CA PHE O 117 7.86 -56.92 -30.61
C PHE O 117 7.42 -55.64 -29.91
N LEU O 118 6.81 -54.72 -30.65
CA LEU O 118 6.60 -53.38 -30.11
C LEU O 118 5.47 -53.36 -29.11
N ARG O 119 4.49 -54.27 -29.26
CA ARG O 119 3.48 -54.38 -28.22
C ARG O 119 3.93 -55.23 -27.05
N LEU O 120 5.01 -55.98 -27.19
CA LEU O 120 5.59 -56.66 -26.04
C LEU O 120 6.61 -55.78 -25.34
N LEU O 121 7.14 -54.81 -26.06
CA LEU O 121 8.11 -53.90 -25.46
C LEU O 121 7.41 -52.88 -24.59
N ARG O 122 6.17 -52.51 -24.95
CA ARG O 122 5.44 -51.51 -24.17
C ARG O 122 4.93 -52.08 -22.86
N LEU O 123 4.50 -53.35 -22.87
CA LEU O 123 3.88 -53.92 -21.68
C LEU O 123 4.90 -54.23 -20.60
N ASN O 124 6.13 -54.55 -20.99
CA ASN O 124 7.12 -55.09 -20.07
C ASN O 124 8.17 -54.07 -19.67
N ALA O 125 8.22 -52.92 -20.32
CA ALA O 125 9.19 -51.88 -20.01
C ALA O 125 8.46 -50.58 -19.83
N PRO O 126 7.95 -50.30 -18.62
CA PRO O 126 7.34 -49.00 -18.36
C PRO O 126 8.39 -47.90 -18.34
N ALA O 127 8.06 -46.76 -18.94
CA ALA O 127 9.04 -45.73 -19.24
C ALA O 127 8.94 -44.61 -18.21
N VAL O 128 9.84 -44.67 -17.22
CA VAL O 128 9.97 -43.62 -16.21
C VAL O 128 11.34 -43.78 -15.55
N GLY O 129 11.83 -42.68 -14.98
CA GLY O 129 13.01 -42.73 -14.14
C GLY O 129 12.99 -41.56 -13.16
N LEU O 130 13.73 -41.74 -12.07
CA LEU O 130 13.78 -40.71 -11.05
C LEU O 130 15.15 -40.05 -10.96
N VAL O 131 16.12 -40.50 -11.72
CA VAL O 131 17.42 -39.85 -11.72
C VAL O 131 17.39 -38.54 -12.49
N ASN P 2 -7.37 -66.89 -15.35
CA ASN P 2 -7.75 -67.59 -16.57
C ASN P 2 -7.56 -69.09 -16.37
N PRO P 3 -8.56 -69.75 -15.78
CA PRO P 3 -8.40 -71.18 -15.46
C PRO P 3 -8.43 -72.08 -16.68
N ILE P 4 -9.01 -71.62 -17.78
CA ILE P 4 -9.12 -72.44 -18.98
C ILE P 4 -8.60 -71.67 -20.19
N PRO P 5 -7.45 -72.06 -20.74
CA PRO P 5 -6.98 -71.44 -21.98
C PRO P 5 -7.88 -71.77 -23.15
N ALA P 6 -8.30 -70.73 -23.86
CA ALA P 6 -9.21 -70.88 -24.99
C ALA P 6 -8.44 -71.48 -26.16
N ALA P 7 -8.52 -72.79 -26.31
CA ALA P 7 -7.79 -73.50 -27.35
C ALA P 7 -8.76 -74.24 -28.27
N SER P 8 -8.43 -74.22 -29.57
CA SER P 8 -9.06 -75.01 -30.62
C SER P 8 -10.55 -74.75 -30.83
N ASP P 9 -11.07 -73.65 -30.28
CA ASP P 9 -12.48 -73.33 -30.48
C ASP P 9 -12.65 -72.30 -31.59
N LEU P 10 -11.57 -71.65 -32.00
CA LEU P 10 -11.69 -70.65 -33.06
C LEU P 10 -11.94 -71.30 -34.41
N LYS P 11 -11.62 -72.58 -34.57
CA LYS P 11 -12.00 -73.28 -35.78
C LYS P 11 -13.51 -73.44 -35.87
N THR P 12 -14.19 -73.55 -34.74
CA THR P 12 -15.64 -73.62 -34.74
C THR P 12 -16.27 -72.23 -34.68
N ARG P 13 -15.65 -71.32 -33.92
CA ARG P 13 -16.22 -69.99 -33.74
C ARG P 13 -15.98 -69.11 -34.95
N TYR P 14 -14.76 -69.13 -35.49
CA TYR P 14 -14.37 -68.31 -36.64
C TYR P 14 -14.12 -69.25 -37.80
N PRO P 15 -15.13 -69.50 -38.64
CA PRO P 15 -15.14 -70.72 -39.48
C PRO P 15 -14.10 -70.75 -40.60
N GLU P 16 -13.50 -69.62 -40.95
CA GLU P 16 -12.51 -69.61 -42.02
C GLU P 16 -11.23 -70.33 -41.61
N PHE P 17 -10.84 -70.24 -40.35
CA PHE P 17 -9.60 -70.85 -39.88
C PHE P 17 -9.86 -72.32 -39.67
N THR P 18 -9.38 -73.14 -40.62
CA THR P 18 -9.40 -74.59 -40.45
C THR P 18 -8.13 -75.24 -41.03
N GLY P 19 -7.05 -74.48 -41.15
CA GLY P 19 -5.84 -74.97 -41.76
C GLY P 19 -5.00 -75.89 -40.90
N VAL P 20 -4.52 -75.39 -39.76
CA VAL P 20 -3.61 -76.14 -38.90
C VAL P 20 -4.01 -75.88 -37.44
N SER P 21 -3.69 -76.84 -36.57
CA SER P 21 -3.91 -76.69 -35.13
C SER P 21 -2.62 -76.60 -34.35
N ASP P 22 -1.46 -76.59 -35.02
CA ASP P 22 -0.18 -76.49 -34.33
C ASP P 22 0.33 -75.05 -34.30
N ALA P 23 0.18 -74.32 -35.39
CA ALA P 23 0.59 -72.93 -35.46
C ALA P 23 -0.46 -71.98 -34.93
N VAL P 24 -1.47 -72.48 -34.22
CA VAL P 24 -2.50 -71.66 -33.62
C VAL P 24 -2.47 -71.76 -32.11
N VAL P 25 -2.64 -72.97 -31.56
CA VAL P 25 -2.79 -73.13 -30.12
C VAL P 25 -1.45 -72.92 -29.43
N ASN P 26 -0.44 -73.63 -29.88
CA ASN P 26 0.86 -73.54 -29.22
C ASN P 26 1.58 -72.25 -29.61
N ALA P 27 1.18 -71.63 -30.71
CA ALA P 27 1.97 -70.54 -31.26
C ALA P 27 1.40 -69.17 -30.95
N ILE P 28 0.07 -69.02 -30.86
CA ILE P 28 -0.52 -67.70 -30.73
C ILE P 28 -1.37 -67.57 -29.47
N ILE P 29 -2.14 -68.63 -29.14
CA ILE P 29 -2.94 -68.64 -27.90
C ILE P 29 -2.05 -68.45 -26.67
N ALA P 30 -0.83 -68.98 -26.71
CA ALA P 30 0.11 -68.76 -25.61
C ALA P 30 0.60 -67.31 -25.57
N GLU P 31 0.59 -66.61 -26.70
CA GLU P 31 1.04 -65.22 -26.73
C GLU P 31 -0.03 -64.25 -26.25
N VAL P 32 -1.29 -64.58 -26.47
CA VAL P 32 -2.39 -63.62 -26.37
C VAL P 32 -2.99 -63.58 -24.98
N ASN P 33 -3.20 -64.74 -24.36
CA ASN P 33 -4.04 -64.87 -23.16
C ASN P 33 -3.54 -64.16 -21.90
N GLY P 34 -2.38 -63.51 -21.97
CA GLY P 34 -1.97 -62.64 -20.88
C GLY P 34 -2.75 -61.35 -20.81
N MET P 35 -3.47 -61.00 -21.88
CA MET P 35 -4.25 -59.76 -21.88
C MET P 35 -5.54 -59.92 -21.10
N VAL P 36 -6.07 -61.13 -21.00
CA VAL P 36 -7.30 -61.35 -20.26
C VAL P 36 -6.93 -61.61 -18.80
N ASP P 37 -7.92 -61.54 -17.92
CA ASP P 37 -7.67 -61.59 -16.49
C ASP P 37 -8.92 -62.13 -15.84
N ASP P 38 -8.82 -62.44 -14.54
CA ASP P 38 -10.02 -62.78 -13.78
C ASP P 38 -10.87 -61.54 -13.49
N GLY P 39 -10.32 -60.35 -13.66
CA GLY P 39 -11.05 -59.13 -13.40
C GLY P 39 -12.07 -58.76 -14.46
N TRP P 40 -12.17 -59.52 -15.54
CA TRP P 40 -13.17 -59.20 -16.53
C TRP P 40 -14.46 -59.95 -16.22
N GLU P 41 -15.46 -59.79 -17.09
CA GLU P 41 -16.68 -60.54 -16.94
C GLU P 41 -16.50 -61.98 -17.38
N VAL P 42 -17.47 -62.82 -17.01
CA VAL P 42 -17.39 -64.23 -17.37
C VAL P 42 -17.75 -64.42 -18.84
N SER P 43 -18.56 -63.52 -19.39
CA SER P 43 -18.99 -63.62 -20.78
C SER P 43 -17.98 -63.05 -21.75
N ASP P 44 -16.82 -62.62 -21.26
CA ASP P 44 -15.82 -61.98 -22.11
C ASP P 44 -14.47 -62.65 -22.08
N GLN P 45 -14.19 -63.53 -21.10
CA GLN P 45 -12.87 -64.15 -21.02
C GLN P 45 -12.65 -65.17 -22.13
N LYS P 46 -13.72 -65.78 -22.62
CA LYS P 46 -13.63 -66.67 -23.77
C LYS P 46 -13.60 -65.96 -25.13
N PRO P 47 -14.49 -65.00 -25.46
CA PRO P 47 -14.46 -64.49 -26.84
C PRO P 47 -13.35 -63.50 -27.12
N ALA P 48 -12.86 -62.77 -26.11
CA ALA P 48 -11.87 -61.73 -26.37
C ALA P 48 -10.51 -62.33 -26.69
N VAL P 49 -10.15 -63.41 -26.01
CA VAL P 49 -8.92 -64.13 -26.33
C VAL P 49 -9.07 -64.82 -27.67
N LEU P 50 -10.28 -65.30 -27.95
CA LEU P 50 -10.53 -66.02 -29.19
C LEU P 50 -10.58 -65.08 -30.38
N ALA P 51 -10.70 -63.77 -30.14
CA ALA P 51 -10.73 -62.78 -31.20
C ALA P 51 -9.38 -62.10 -31.38
N LEU P 52 -8.66 -61.84 -30.29
CA LEU P 52 -7.34 -61.21 -30.42
C LEU P 52 -6.34 -62.18 -31.01
N ALA P 53 -6.50 -63.48 -30.75
CA ALA P 53 -5.63 -64.47 -31.36
C ALA P 53 -5.90 -64.59 -32.85
N ALA P 54 -7.14 -64.39 -33.27
CA ALA P 54 -7.45 -64.41 -34.69
C ALA P 54 -6.93 -63.16 -35.38
N HIS P 55 -6.75 -62.08 -34.64
CA HIS P 55 -6.11 -60.89 -35.18
C HIS P 55 -4.66 -61.16 -35.51
N MET P 56 -3.96 -61.90 -34.63
CA MET P 56 -2.56 -62.22 -34.88
C MET P 56 -2.43 -63.26 -35.99
N LEU P 57 -3.44 -64.10 -36.15
CA LEU P 57 -3.47 -65.02 -37.28
C LEU P 57 -3.62 -64.28 -38.59
N SER P 58 -4.62 -63.40 -38.66
CA SER P 58 -4.92 -62.68 -39.89
C SER P 58 -3.97 -61.51 -40.13
N ARG P 59 -3.17 -61.13 -39.14
CA ARG P 59 -2.10 -60.18 -39.41
C ARG P 59 -1.02 -60.81 -40.28
N GLU P 60 -0.76 -62.10 -40.07
CA GLU P 60 -0.03 -62.90 -41.03
C GLU P 60 -1.00 -63.41 -42.09
N GLY P 61 -0.59 -64.36 -42.91
CA GLY P 61 -1.46 -64.77 -44.01
C GLY P 61 -2.66 -65.58 -43.57
N TYR P 62 -2.43 -66.81 -43.15
CA TYR P 62 -3.42 -67.83 -42.84
C TYR P 62 -2.68 -68.84 -41.96
N PRO P 63 -3.36 -69.54 -41.01
CA PRO P 63 -2.83 -69.72 -39.65
C PRO P 63 -1.33 -69.89 -39.46
N GLY P 64 -0.72 -70.77 -40.22
CA GLY P 64 0.74 -70.86 -40.22
C GLY P 64 1.37 -69.97 -41.27
N ARG P 65 0.93 -68.71 -41.32
CA ARG P 65 1.43 -67.60 -42.15
C ARG P 65 1.04 -67.76 -43.63
N ALA P 66 0.50 -68.90 -44.02
CA ALA P 66 0.20 -69.08 -45.43
C ALA P 66 -0.94 -70.07 -45.60
N THR P 67 -1.70 -69.85 -46.65
CA THR P 67 -2.60 -70.84 -47.21
C THR P 67 -1.80 -71.75 -48.16
N ASN P 68 -2.52 -72.50 -48.98
CA ASN P 68 -1.84 -73.43 -49.89
C ASN P 68 -1.03 -72.74 -50.98
N PRO P 69 -1.45 -71.61 -51.57
CA PRO P 69 -0.46 -70.78 -52.28
C PRO P 69 0.38 -69.97 -51.30
N ASN P 70 1.69 -69.97 -51.53
CA ASN P 70 2.63 -69.29 -50.64
C ASN P 70 2.97 -67.91 -51.19
N SER P 71 2.01 -67.00 -51.07
CA SER P 71 2.15 -65.61 -51.49
C SER P 71 1.82 -64.73 -50.29
N PHE P 72 2.82 -64.50 -49.44
CA PHE P 72 2.69 -63.67 -48.25
C PHE P 72 3.76 -62.61 -48.27
N ASP P 73 3.38 -61.39 -47.95
CA ASP P 73 4.33 -60.28 -47.87
C ASP P 73 4.50 -59.91 -46.40
N PRO P 74 5.74 -59.71 -45.93
CA PRO P 74 5.92 -59.45 -44.49
C PRO P 74 5.44 -58.09 -44.04
N THR P 75 5.38 -57.14 -44.96
CA THR P 75 4.67 -55.90 -44.73
C THR P 75 3.28 -56.04 -45.31
N ASN P 76 2.25 -55.93 -44.48
CA ASN P 76 0.90 -56.07 -45.00
C ASN P 76 0.52 -54.85 -45.81
N ARG P 77 0.99 -54.80 -47.05
CA ARG P 77 0.84 -53.64 -47.91
C ARG P 77 -0.54 -53.65 -48.54
N PRO P 78 -1.37 -52.64 -48.32
CA PRO P 78 -2.73 -52.69 -48.85
C PRO P 78 -2.77 -52.48 -50.35
N ILE P 79 -3.79 -53.07 -50.98
CA ILE P 79 -3.94 -53.07 -52.42
C ILE P 79 -4.95 -51.99 -52.79
N LEU P 80 -4.58 -51.13 -53.73
CA LEU P 80 -5.48 -50.06 -54.15
C LEU P 80 -6.34 -50.45 -55.34
N SER P 81 -5.72 -51.00 -56.39
CA SER P 81 -6.46 -51.26 -57.61
C SER P 81 -5.77 -52.36 -58.39
N ARG P 82 -6.55 -53.32 -58.87
CA ARG P 82 -6.06 -54.35 -59.77
C ARG P 82 -6.77 -54.23 -61.11
N LYS P 83 -6.27 -55.01 -62.08
CA LYS P 83 -6.83 -55.05 -63.42
C LYS P 83 -6.33 -56.31 -64.10
N VAL P 84 -7.27 -57.08 -64.66
CA VAL P 84 -6.91 -58.36 -65.25
C VAL P 84 -7.11 -58.41 -66.76
N GLY P 85 -7.52 -57.32 -67.40
CA GLY P 85 -7.45 -57.30 -68.85
C GLY P 85 -6.01 -57.28 -69.34
N ASP P 86 -5.25 -56.28 -68.91
CA ASP P 86 -3.80 -56.35 -68.89
C ASP P 86 -3.41 -56.31 -67.42
N VAL P 87 -2.45 -57.15 -67.03
CA VAL P 87 -2.18 -57.34 -65.62
C VAL P 87 -1.50 -56.11 -65.06
N SER P 88 -2.19 -55.42 -64.15
CA SER P 88 -1.70 -54.18 -63.57
C SER P 88 -2.24 -54.06 -62.16
N THR P 89 -1.35 -53.75 -61.21
CA THR P 89 -1.74 -53.49 -59.85
C THR P 89 -1.12 -52.19 -59.37
N THR P 90 -1.78 -51.57 -58.41
CA THR P 90 -1.21 -50.46 -57.64
C THR P 90 -1.33 -50.78 -56.18
N PHE P 91 -0.28 -50.49 -55.41
CA PHE P 91 -0.21 -50.88 -54.02
C PHE P 91 -0.32 -49.66 -53.11
N GLY P 92 -0.18 -49.91 -51.82
CA GLY P 92 -0.23 -48.86 -50.82
C GLY P 92 1.16 -48.54 -50.30
N ARG P 93 1.24 -47.50 -49.49
CA ARG P 93 2.51 -47.03 -48.97
C ARG P 93 2.51 -47.14 -47.44
N THR P 94 3.41 -47.96 -46.91
CA THR P 94 3.43 -48.27 -45.48
C THR P 94 4.88 -48.31 -45.02
N ASP P 95 5.33 -47.25 -44.36
CA ASP P 95 6.72 -47.16 -43.95
C ASP P 95 6.91 -46.94 -42.45
N GLY P 96 6.24 -45.96 -41.86
CA GLY P 96 6.16 -45.89 -40.42
C GLY P 96 4.71 -46.04 -40.00
N GLY P 97 3.84 -45.52 -40.86
CA GLY P 97 2.41 -45.65 -40.69
C GLY P 97 1.75 -45.27 -42.00
N ALA P 98 0.59 -45.87 -42.26
CA ALA P 98 0.07 -45.94 -43.62
C ALA P 98 -1.15 -45.06 -43.87
N ALA P 99 -2.23 -45.26 -43.11
CA ALA P 99 -3.42 -44.45 -43.27
C ALA P 99 -4.12 -44.38 -41.92
N GLU P 100 -3.96 -43.24 -41.24
CA GLU P 100 -4.44 -42.99 -39.88
C GLU P 100 -3.95 -44.03 -38.88
N GLY P 101 -2.78 -44.61 -39.13
CA GLY P 101 -2.16 -45.57 -38.24
C GLY P 101 -0.79 -45.09 -37.82
N GLY P 102 -0.48 -45.16 -36.53
CA GLY P 102 0.70 -44.55 -36.00
C GLY P 102 1.98 -45.32 -36.31
N ALA P 103 3.01 -45.00 -35.54
CA ALA P 103 4.33 -45.60 -35.71
C ALA P 103 4.99 -46.00 -34.41
N ASN P 104 4.33 -45.84 -33.26
CA ASN P 104 4.93 -46.15 -31.98
C ASN P 104 4.01 -47.01 -31.11
N SER P 105 2.82 -47.34 -31.60
CA SER P 105 1.86 -48.13 -30.85
C SER P 105 1.57 -49.41 -31.61
N TYR P 106 0.58 -50.16 -31.14
CA TYR P 106 0.05 -51.29 -31.88
C TYR P 106 -1.34 -50.94 -32.39
N ASN P 107 -1.56 -51.20 -33.67
CA ASN P 107 -2.81 -50.84 -34.31
C ASN P 107 -3.79 -52.02 -34.19
N TYR P 108 -4.81 -51.86 -33.35
CA TYR P 108 -5.84 -52.87 -33.21
C TYR P 108 -7.02 -52.65 -34.16
N SER P 109 -7.03 -51.54 -34.89
CA SER P 109 -8.20 -51.15 -35.68
C SER P 109 -8.04 -51.43 -37.16
N SER P 110 -7.26 -52.45 -37.51
CA SER P 110 -7.06 -52.75 -38.92
C SER P 110 -7.98 -53.86 -39.43
N THR P 111 -8.19 -54.90 -38.64
CA THR P 111 -9.07 -55.99 -39.01
C THR P 111 -10.28 -56.04 -38.09
N VAL P 112 -11.29 -56.81 -38.50
CA VAL P 112 -12.51 -56.96 -37.70
C VAL P 112 -12.19 -57.72 -36.42
N TYR P 113 -11.20 -58.60 -36.47
CA TYR P 113 -10.89 -59.49 -35.36
C TYR P 113 -10.30 -58.75 -34.17
N GLY P 114 -9.73 -57.57 -34.40
CA GLY P 114 -9.20 -56.77 -33.32
C GLY P 114 -10.17 -55.69 -32.90
N GLN P 115 -11.02 -55.26 -33.82
CA GLN P 115 -12.03 -54.25 -33.48
C GLN P 115 -13.10 -54.83 -32.57
N THR P 116 -13.39 -56.12 -32.71
CA THR P 116 -14.28 -56.77 -31.75
C THR P 116 -13.57 -56.98 -30.42
N PHE P 117 -12.25 -57.05 -30.42
CA PHE P 117 -11.51 -57.04 -29.16
C PHE P 117 -11.48 -55.65 -28.55
N LEU P 118 -11.43 -54.62 -29.40
CA LEU P 118 -11.14 -53.29 -28.91
C LEU P 118 -12.34 -52.68 -28.21
N ARG P 119 -13.55 -53.08 -28.61
CA ARG P 119 -14.72 -52.65 -27.85
C ARG P 119 -14.97 -53.50 -26.63
N LEU P 120 -14.34 -54.67 -26.51
CA LEU P 120 -14.40 -55.44 -25.28
C LEU P 120 -13.29 -55.03 -24.33
N LEU P 121 -12.22 -54.46 -24.87
CA LEU P 121 -11.12 -54.01 -24.04
C LEU P 121 -11.47 -52.70 -23.34
N ARG P 122 -12.30 -51.88 -23.97
CA ARG P 122 -12.66 -50.59 -23.38
C ARG P 122 -13.66 -50.77 -22.24
N LEU P 123 -14.58 -51.72 -22.38
CA LEU P 123 -15.66 -51.85 -21.40
C LEU P 123 -15.15 -52.48 -20.11
N ASN P 124 -14.15 -53.34 -20.20
CA ASN P 124 -13.73 -54.18 -19.09
C ASN P 124 -12.46 -53.69 -18.41
N ALA P 125 -11.76 -52.74 -19.00
CA ALA P 125 -10.52 -52.21 -18.44
C ALA P 125 -10.63 -50.70 -18.40
N PRO P 126 -11.21 -50.14 -17.35
CA PRO P 126 -11.22 -48.67 -17.22
C PRO P 126 -9.83 -48.15 -16.91
N ALA P 127 -9.48 -47.04 -17.54
CA ALA P 127 -8.10 -46.56 -17.57
C ALA P 127 -7.91 -45.43 -16.57
N VAL P 128 -7.39 -45.79 -15.39
CA VAL P 128 -7.04 -44.83 -14.35
C VAL P 128 -6.07 -45.51 -13.40
N GLY P 129 -5.29 -44.70 -12.69
CA GLY P 129 -4.48 -45.18 -11.58
C GLY P 129 -4.20 -44.05 -10.61
N LEU P 130 -3.88 -44.43 -9.39
CA LEU P 130 -3.62 -43.45 -8.35
C LEU P 130 -2.16 -43.44 -7.92
N VAL P 131 -1.34 -44.34 -8.44
CA VAL P 131 0.06 -44.32 -8.10
C VAL P 131 0.80 -43.20 -8.83
N ASN Q 2 -32.61 -58.05 -18.32
CA ASN Q 2 -32.97 -58.62 -19.62
C ASN Q 2 -33.52 -60.03 -19.41
N PRO Q 3 -34.81 -60.13 -19.10
CA PRO Q 3 -35.38 -61.45 -18.79
C PRO Q 3 -35.53 -62.35 -20.00
N ILE Q 4 -35.57 -61.78 -21.19
CA ILE Q 4 -35.76 -62.57 -22.40
C ILE Q 4 -34.70 -62.21 -23.43
N PRO Q 5 -33.75 -63.12 -23.70
CA PRO Q 5 -32.78 -62.86 -24.77
C PRO Q 5 -33.44 -62.87 -26.12
N ALA Q 6 -33.19 -61.82 -26.90
CA ALA Q 6 -33.78 -61.65 -28.22
C ALA Q 6 -33.11 -62.62 -29.18
N ALA Q 7 -33.73 -63.78 -29.38
CA ALA Q 7 -33.18 -64.82 -30.23
C ALA Q 7 -34.14 -65.13 -31.36
N SER Q 8 -33.55 -65.37 -32.55
CA SER Q 8 -34.20 -65.89 -33.75
C SER Q 8 -35.34 -65.04 -34.30
N ASP Q 9 -35.43 -63.78 -33.87
CA ASP Q 9 -36.46 -62.89 -34.40
C ASP Q 9 -35.90 -61.99 -35.49
N LEU Q 10 -34.57 -61.91 -35.60
CA LEU Q 10 -34.00 -61.06 -36.63
C LEU Q 10 -34.19 -61.64 -38.02
N LYS Q 11 -34.44 -62.94 -38.13
CA LYS Q 11 -34.81 -63.51 -39.42
C LYS Q 11 -36.16 -62.99 -39.88
N THR Q 12 -37.07 -62.70 -38.94
CA THR Q 12 -38.36 -62.12 -39.30
C THR Q 12 -38.29 -60.59 -39.36
N ARG Q 13 -37.52 -59.99 -38.45
CA ARG Q 13 -37.47 -58.54 -38.37
C ARG Q 13 -36.59 -57.96 -39.47
N TYR Q 14 -35.42 -58.56 -39.70
CA TYR Q 14 -34.46 -58.09 -40.70
C TYR Q 14 -34.39 -59.15 -41.79
N PRO Q 15 -35.19 -59.00 -42.86
CA PRO Q 15 -35.54 -60.16 -43.70
C PRO Q 15 -34.41 -60.74 -44.53
N GLU Q 16 -33.30 -60.01 -44.70
CA GLU Q 16 -32.19 -60.54 -45.49
C GLU Q 16 -31.51 -61.70 -44.81
N PHE Q 17 -31.42 -61.67 -43.49
CA PHE Q 17 -30.72 -62.72 -42.75
C PHE Q 17 -31.64 -63.93 -42.65
N THR Q 18 -31.38 -64.94 -43.46
CA THR Q 18 -32.07 -66.22 -43.34
C THR Q 18 -31.14 -67.39 -43.61
N GLY Q 19 -29.83 -67.21 -43.44
CA GLY Q 19 -28.87 -68.23 -43.77
C GLY Q 19 -28.75 -69.35 -42.75
N VAL Q 20 -28.36 -69.01 -41.52
CA VAL Q 20 -28.11 -70.00 -40.48
C VAL Q 20 -28.67 -69.47 -39.16
N SER Q 21 -29.03 -70.39 -38.26
CA SER Q 21 -29.46 -70.04 -36.92
C SER Q 21 -28.48 -70.46 -35.84
N ASP Q 22 -27.33 -71.01 -36.20
CA ASP Q 22 -26.33 -71.43 -35.23
C ASP Q 22 -25.26 -70.36 -35.04
N ALA Q 23 -24.81 -69.73 -36.12
CA ALA Q 23 -23.82 -68.68 -36.04
C ALA Q 23 -24.43 -67.31 -35.76
N VAL Q 24 -25.68 -67.27 -35.34
CA VAL Q 24 -26.36 -66.03 -34.98
C VAL Q 24 -26.71 -65.99 -33.51
N VAL Q 25 -27.53 -66.95 -33.05
CA VAL Q 25 -28.05 -66.91 -31.70
C VAL Q 25 -26.96 -67.25 -30.70
N ASN Q 26 -26.30 -68.37 -30.90
CA ASN Q 26 -25.28 -68.80 -29.94
C ASN Q 26 -24.00 -67.99 -30.11
N ALA Q 27 -23.82 -67.36 -31.27
CA ALA Q 27 -22.53 -66.77 -31.58
C ALA Q 27 -22.47 -65.27 -31.38
N ILE Q 28 -23.57 -64.55 -31.60
CA ILE Q 28 -23.54 -63.09 -31.60
C ILE Q 28 -24.50 -62.50 -30.58
N ILE Q 29 -25.70 -63.08 -30.47
CA ILE Q 29 -26.69 -62.65 -29.46
C ILE Q 29 -26.11 -62.76 -28.05
N ALA Q 30 -25.29 -63.77 -27.81
CA ALA Q 30 -24.62 -63.88 -26.52
C ALA Q 30 -23.56 -62.80 -26.32
N GLU Q 31 -23.00 -62.25 -27.40
CA GLU Q 31 -21.98 -61.21 -27.27
C GLU Q 31 -22.59 -59.83 -27.05
N VAL Q 32 -23.79 -59.59 -27.58
CA VAL Q 32 -24.33 -58.26 -27.72
C VAL Q 32 -25.16 -57.84 -26.51
N ASN Q 33 -25.99 -58.73 -25.99
CA ASN Q 33 -27.05 -58.37 -25.04
C ASN Q 33 -26.58 -57.85 -23.68
N GLY Q 34 -25.27 -57.79 -23.44
CA GLY Q 34 -24.78 -57.09 -22.27
C GLY Q 34 -24.90 -55.58 -22.36
N MET Q 35 -25.11 -55.05 -23.57
CA MET Q 35 -25.24 -53.60 -23.72
C MET Q 35 -26.61 -53.11 -23.28
N VAL Q 36 -27.62 -53.96 -23.34
CA VAL Q 36 -28.95 -53.55 -22.92
C VAL Q 36 -29.09 -53.82 -21.43
N ASP Q 37 -30.11 -53.24 -20.81
CA ASP Q 37 -30.24 -53.28 -19.36
C ASP Q 37 -31.73 -53.16 -19.05
N ASP Q 38 -32.07 -53.37 -17.78
CA ASP Q 38 -33.43 -53.08 -17.34
C ASP Q 38 -33.68 -51.59 -17.23
N GLY Q 39 -32.63 -50.76 -17.22
CA GLY Q 39 -32.78 -49.33 -17.13
C GLY Q 39 -33.27 -48.65 -18.39
N TRP Q 40 -33.45 -49.38 -19.48
CA TRP Q 40 -33.94 -48.73 -20.68
C TRP Q 40 -35.46 -48.82 -20.71
N GLU Q 41 -36.05 -48.31 -21.79
CA GLU Q 41 -37.49 -48.42 -21.95
C GLU Q 41 -37.87 -49.83 -22.38
N VAL Q 42 -39.16 -50.14 -22.26
CA VAL Q 42 -39.64 -51.46 -22.64
C VAL Q 42 -39.70 -51.60 -24.16
N SER Q 43 -39.89 -50.49 -24.86
CA SER Q 43 -39.98 -50.51 -26.31
C SER Q 43 -38.63 -50.52 -26.99
N ASP Q 44 -37.54 -50.62 -26.23
CA ASP Q 44 -36.20 -50.55 -26.80
C ASP Q 44 -35.33 -51.73 -26.45
N GLN Q 45 -35.70 -52.56 -25.47
CA GLN Q 45 -34.86 -53.68 -25.08
C GLN Q 45 -34.88 -54.79 -26.13
N LYS Q 46 -35.97 -54.91 -26.88
CA LYS Q 46 -36.02 -55.85 -27.99
C LYS Q 46 -35.37 -55.33 -29.29
N PRO Q 47 -35.63 -54.12 -29.80
CA PRO Q 47 -35.07 -53.79 -31.12
C PRO Q 47 -33.60 -53.41 -31.10
N ALA Q 48 -33.08 -52.89 -29.98
CA ALA Q 48 -31.70 -52.41 -29.97
C ALA Q 48 -30.72 -53.58 -29.97
N VAL Q 49 -31.04 -54.64 -29.23
CA VAL Q 49 -30.22 -55.85 -29.27
C VAL Q 49 -30.35 -56.51 -30.63
N LEU Q 50 -31.55 -56.44 -31.20
CA LEU Q 50 -31.81 -57.09 -32.47
C LEU Q 50 -31.17 -56.32 -33.63
N ALA Q 51 -30.74 -55.08 -33.39
CA ALA Q 51 -30.08 -54.27 -34.40
C ALA Q 51 -28.57 -54.26 -34.24
N LEU Q 52 -28.07 -54.25 -33.00
CA LEU Q 52 -26.64 -54.28 -32.78
C LEU Q 52 -26.05 -55.63 -33.15
N ALA Q 53 -26.84 -56.70 -32.97
CA ALA Q 53 -26.39 -58.02 -33.36
C ALA Q 53 -26.32 -58.14 -34.88
N ALA Q 54 -27.22 -57.45 -35.58
CA ALA Q 54 -27.17 -57.45 -37.04
C ALA Q 54 -26.01 -56.63 -37.56
N HIS Q 55 -25.55 -55.68 -36.75
CA HIS Q 55 -24.34 -54.94 -37.10
C HIS Q 55 -23.12 -55.84 -37.07
N MET Q 56 -23.05 -56.73 -36.08
CA MET Q 56 -21.92 -57.65 -35.98
C MET Q 56 -22.01 -58.74 -37.04
N LEU Q 57 -23.23 -59.07 -37.47
CA LEU Q 57 -23.41 -59.99 -38.60
C LEU Q 57 -22.91 -59.35 -39.89
N SER Q 58 -23.37 -58.13 -40.18
CA SER Q 58 -23.03 -57.46 -41.42
C SER Q 58 -21.63 -56.86 -41.40
N ARG Q 59 -20.99 -56.78 -40.24
CA ARG Q 59 -19.58 -56.41 -40.21
C ARG Q 59 -18.74 -57.53 -40.82
N GLU Q 60 -19.12 -58.77 -40.58
CA GLU Q 60 -18.62 -59.90 -41.35
C GLU Q 60 -19.46 -60.02 -42.63
N GLY Q 61 -19.34 -61.12 -43.35
CA GLY Q 61 -20.01 -61.21 -44.63
C GLY Q 61 -21.52 -61.36 -44.52
N TYR Q 62 -21.96 -62.53 -44.09
CA TYR Q 62 -23.35 -62.99 -44.05
C TYR Q 62 -23.35 -64.13 -43.04
N PRO Q 63 -24.48 -64.38 -42.30
CA PRO Q 63 -24.41 -64.66 -40.85
C PRO Q 63 -23.22 -65.45 -40.32
N GLY Q 64 -22.91 -66.57 -40.93
CA GLY Q 64 -21.70 -67.29 -40.58
C GLY Q 64 -20.52 -66.87 -41.43
N ARG Q 65 -20.32 -65.54 -41.55
CA ARG Q 65 -19.20 -64.84 -42.19
C ARG Q 65 -19.28 -64.94 -43.73
N ALA Q 66 -20.16 -65.75 -44.28
CA ALA Q 66 -20.18 -65.90 -45.72
C ALA Q 66 -21.56 -66.31 -46.18
N THR Q 67 -21.89 -65.88 -47.38
CA THR Q 67 -22.98 -66.42 -48.16
C THR Q 67 -22.48 -67.66 -48.91
N ASN Q 68 -23.24 -68.10 -49.91
CA ASN Q 68 -22.87 -69.30 -50.64
C ASN Q 68 -21.61 -69.12 -51.49
N PRO Q 69 -21.34 -67.98 -52.14
CA PRO Q 69 -19.95 -67.73 -52.56
C PRO Q 69 -19.08 -67.29 -51.39
N ASN Q 70 -17.90 -67.88 -51.29
CA ASN Q 70 -16.98 -67.62 -50.18
C ASN Q 70 -15.95 -66.57 -50.60
N SER Q 71 -16.41 -65.32 -50.70
CA SER Q 71 -15.56 -64.19 -51.04
C SER Q 71 -15.74 -63.15 -49.93
N PHE Q 72 -14.95 -63.30 -48.86
CA PHE Q 72 -14.98 -62.40 -47.72
C PHE Q 72 -13.57 -61.92 -47.44
N ASP Q 73 -13.43 -60.63 -47.20
CA ASP Q 73 -12.14 -60.05 -46.86
C ASP Q 73 -12.15 -59.66 -45.39
N PRO Q 74 -11.10 -59.98 -44.62
CA PRO Q 74 -11.15 -59.72 -43.17
C PRO Q 74 -11.07 -58.25 -42.82
N THR Q 75 -10.49 -57.45 -43.70
CA THR Q 75 -10.60 -56.01 -43.62
C THR Q 75 -11.74 -55.58 -44.53
N ASN Q 76 -12.77 -54.96 -43.97
CA ASN Q 76 -13.88 -54.53 -44.81
C ASN Q 76 -13.48 -53.34 -45.65
N ARG Q 77 -12.77 -53.61 -46.74
CA ARG Q 77 -12.19 -52.59 -47.58
C ARG Q 77 -13.25 -52.05 -48.53
N PRO Q 78 -13.57 -50.77 -48.50
CA PRO Q 78 -14.65 -50.25 -49.33
C PRO Q 78 -14.24 -50.18 -50.80
N ILE Q 79 -15.25 -50.31 -51.66
CA ILE Q 79 -15.05 -50.36 -53.10
C ILE Q 79 -15.36 -48.99 -53.68
N LEU Q 80 -14.45 -48.46 -54.48
CA LEU Q 80 -14.65 -47.15 -55.07
C LEU Q 80 -15.30 -47.23 -56.45
N SER Q 81 -14.77 -48.08 -57.33
CA SER Q 81 -15.25 -48.09 -58.71
C SER Q 81 -14.97 -49.45 -59.32
N ARG Q 82 -15.96 -50.01 -59.99
CA ARG Q 82 -15.78 -51.23 -60.77
C ARG Q 82 -16.05 -50.93 -62.24
N LYS Q 83 -15.73 -51.90 -63.08
CA LYS Q 83 -15.93 -51.82 -64.52
C LYS Q 83 -15.92 -53.23 -65.09
N VAL Q 84 -16.93 -53.56 -65.87
CA VAL Q 84 -17.06 -54.92 -66.39
C VAL Q 84 -16.91 -55.00 -67.90
N GLY Q 85 -16.63 -53.90 -68.61
CA GLY Q 85 -16.23 -54.03 -70.00
C GLY Q 85 -14.87 -54.68 -70.12
N ASP Q 86 -13.86 -54.08 -69.50
CA ASP Q 86 -12.64 -54.78 -69.12
C ASP Q 86 -12.62 -54.80 -67.61
N VAL Q 87 -12.26 -55.92 -67.02
CA VAL Q 87 -12.43 -56.10 -65.58
C VAL Q 87 -11.42 -55.24 -64.84
N SER Q 88 -11.91 -54.25 -64.11
CA SER Q 88 -11.07 -53.30 -63.40
C SER Q 88 -11.80 -52.83 -62.16
N THR Q 89 -11.10 -52.87 -61.03
CA THR Q 89 -11.65 -52.34 -59.79
C THR Q 89 -10.63 -51.41 -59.14
N THR Q 90 -11.14 -50.47 -58.34
CA THR Q 90 -10.34 -49.66 -57.44
C THR Q 90 -10.92 -49.79 -56.04
N PHE Q 91 -10.05 -49.91 -55.05
CA PHE Q 91 -10.48 -50.18 -53.69
C PHE Q 91 -10.24 -48.96 -52.81
N GLY Q 92 -10.53 -49.13 -51.53
CA GLY Q 92 -10.33 -48.09 -50.54
C GLY Q 92 -9.10 -48.36 -49.70
N ARG Q 93 -8.75 -47.40 -48.86
CA ARG Q 93 -7.56 -47.48 -48.04
C ARG Q 93 -7.97 -47.46 -46.57
N THR Q 94 -7.66 -48.53 -45.85
CA THR Q 94 -8.12 -48.70 -44.47
C THR Q 94 -6.98 -49.33 -43.66
N ASP Q 95 -6.26 -48.51 -42.89
CA ASP Q 95 -5.11 -49.01 -42.15
C ASP Q 95 -5.19 -48.77 -40.66
N GLY Q 96 -5.48 -47.55 -40.22
CA GLY Q 96 -5.84 -47.33 -38.84
C GLY Q 96 -7.25 -46.79 -38.79
N GLY Q 97 -7.58 -46.02 -39.82
CA GLY Q 97 -8.92 -45.50 -40.01
C GLY Q 97 -9.03 -44.97 -41.41
N ALA Q 98 -10.24 -45.03 -41.97
CA ALA Q 98 -10.41 -44.99 -43.42
C ALA Q 98 -11.01 -43.69 -43.92
N ALA Q 99 -12.21 -43.33 -43.46
CA ALA Q 99 -12.85 -42.09 -43.88
C ALA Q 99 -13.74 -41.61 -42.74
N GLU Q 100 -13.24 -40.60 -42.01
CA GLU Q 100 -13.85 -40.04 -40.80
C GLU Q 100 -14.13 -41.11 -39.74
N GLY Q 101 -13.30 -42.16 -39.72
CA GLY Q 101 -13.40 -43.21 -38.73
C GLY Q 101 -12.09 -43.34 -37.98
N GLY Q 102 -12.16 -43.44 -36.65
CA GLY Q 102 -10.97 -43.36 -35.83
C GLY Q 102 -10.14 -44.63 -35.85
N ALA Q 103 -9.28 -44.73 -34.84
CA ALA Q 103 -8.37 -45.86 -34.71
C ALA Q 103 -8.27 -46.39 -33.28
N ASN Q 104 -9.04 -45.87 -32.34
CA ASN Q 104 -8.95 -46.29 -30.95
C ASN Q 104 -10.32 -46.59 -30.36
N SER Q 105 -11.38 -46.42 -31.13
CA SER Q 105 -12.74 -46.63 -30.66
C SER Q 105 -13.39 -47.72 -31.50
N TYR Q 106 -14.69 -47.91 -31.29
CA TYR Q 106 -15.48 -48.76 -32.16
C TYR Q 106 -16.40 -47.88 -32.98
N ASN Q 107 -16.43 -48.11 -34.29
CA ASN Q 107 -17.21 -47.31 -35.22
C ASN Q 107 -18.60 -47.92 -35.35
N TYR Q 108 -19.60 -47.27 -34.78
CA TYR Q 108 -20.99 -47.70 -34.92
C TYR Q 108 -21.68 -47.08 -36.13
N SER Q 109 -21.04 -46.14 -36.81
CA SER Q 109 -21.70 -45.35 -37.84
C SER Q 109 -21.34 -45.80 -39.24
N SER Q 110 -21.05 -47.08 -39.43
CA SER Q 110 -20.69 -47.57 -40.75
C SER Q 110 -21.86 -48.19 -41.49
N THR Q 111 -22.69 -48.96 -40.81
CA THR Q 111 -23.85 -49.59 -41.41
C THR Q 111 -25.12 -49.02 -40.81
N VAL Q 112 -26.25 -49.30 -41.47
CA VAL Q 112 -27.55 -48.84 -40.99
C VAL Q 112 -27.91 -49.55 -39.68
N TYR Q 113 -27.43 -50.78 -39.52
CA TYR Q 113 -27.81 -51.62 -38.39
C TYR Q 113 -27.25 -51.10 -37.08
N GLY Q 114 -26.17 -50.32 -37.13
CA GLY Q 114 -25.60 -49.74 -35.94
C GLY Q 114 -26.06 -48.31 -35.74
N GLN Q 115 -26.39 -47.63 -36.83
CA GLN Q 115 -26.88 -46.26 -36.72
C GLN Q 115 -28.28 -46.23 -36.11
N THR Q 116 -29.08 -47.27 -36.34
CA THR Q 116 -30.35 -47.39 -35.64
C THR Q 116 -30.15 -47.76 -34.18
N PHE Q 117 -29.03 -48.41 -33.87
CA PHE Q 117 -28.66 -48.62 -32.47
C PHE Q 117 -28.16 -47.33 -31.84
N LEU Q 118 -27.47 -46.52 -32.62
CA LEU Q 118 -26.73 -45.39 -32.03
C LEU Q 118 -27.67 -44.27 -31.64
N ARG Q 119 -28.80 -44.13 -32.32
CA ARG Q 119 -29.79 -43.17 -31.87
C ARG Q 119 -30.67 -43.72 -30.75
N LEU Q 120 -30.66 -45.03 -30.53
CA LEU Q 120 -31.34 -45.58 -29.36
C LEU Q 120 -30.41 -45.62 -28.17
N LEU Q 121 -29.11 -45.62 -28.42
CA LEU Q 121 -28.15 -45.63 -27.32
C LEU Q 121 -28.03 -44.25 -26.70
N ARG Q 122 -28.24 -43.20 -27.50
CA ARG Q 122 -28.11 -41.85 -26.97
C ARG Q 122 -29.32 -41.47 -26.12
N LEU Q 123 -30.51 -41.91 -26.51
CA LEU Q 123 -31.71 -41.49 -25.82
C LEU Q 123 -31.84 -42.16 -24.45
N ASN Q 124 -31.34 -43.38 -24.32
CA ASN Q 124 -31.61 -44.21 -23.16
C ASN Q 124 -30.45 -44.28 -22.18
N ALA Q 125 -29.29 -43.78 -22.56
CA ALA Q 125 -28.10 -43.80 -21.71
C ALA Q 125 -27.52 -42.40 -21.66
N PRO Q 126 -28.03 -41.55 -20.78
CA PRO Q 126 -27.41 -40.22 -20.61
C PRO Q 126 -26.04 -40.34 -19.96
N ALA Q 127 -25.10 -39.55 -20.46
CA ALA Q 127 -23.68 -39.73 -20.15
C ALA Q 127 -23.26 -38.72 -19.09
N VAL Q 128 -23.22 -39.16 -17.83
CA VAL Q 128 -22.74 -38.36 -16.72
C VAL Q 128 -22.42 -39.31 -15.57
N GLY Q 129 -21.53 -38.87 -14.68
CA GLY Q 129 -21.29 -39.56 -13.42
C GLY Q 129 -20.78 -38.58 -12.39
N LEU Q 130 -20.96 -38.96 -11.13
CA LEU Q 130 -20.51 -38.11 -10.03
C LEU Q 130 -19.35 -38.71 -9.26
N VAL Q 131 -18.92 -39.91 -9.58
CA VAL Q 131 -17.77 -40.48 -8.93
C VAL Q 131 -16.47 -39.87 -9.43
N ASN R 2 -49.90 -39.37 -27.10
CA ASN R 2 -50.16 -39.83 -28.45
C ASN R 2 -51.31 -40.83 -28.43
N PRO R 3 -52.54 -40.33 -28.44
CA PRO R 3 -53.70 -41.24 -28.32
C PRO R 3 -53.94 -42.08 -29.54
N ILE R 4 -53.45 -41.65 -30.70
CA ILE R 4 -53.69 -42.37 -31.95
C ILE R 4 -52.38 -42.62 -32.68
N PRO R 5 -51.89 -43.85 -32.73
CA PRO R 5 -50.70 -44.15 -33.52
C PRO R 5 -50.97 -43.98 -35.01
N ALA R 6 -50.09 -43.22 -35.66
CA ALA R 6 -50.22 -42.92 -37.08
C ALA R 6 -49.86 -44.17 -37.87
N ALA R 7 -50.87 -44.93 -38.25
CA ALA R 7 -50.65 -46.18 -38.96
C ALA R 7 -51.36 -46.15 -40.31
N SER R 8 -50.69 -46.72 -41.32
CA SER R 8 -51.21 -47.00 -42.66
C SER R 8 -51.69 -45.78 -43.44
N ASP R 9 -51.31 -44.58 -43.01
CA ASP R 9 -51.67 -43.38 -43.75
C ASP R 9 -50.55 -42.91 -44.65
N LEU R 10 -49.33 -43.43 -44.44
CA LEU R 10 -48.22 -43.00 -45.27
C LEU R 10 -48.32 -43.55 -46.68
N LYS R 11 -49.09 -44.63 -46.88
CA LYS R 11 -49.37 -45.08 -48.23
C LYS R 11 -50.21 -44.06 -49.00
N THR R 12 -51.07 -43.33 -48.30
CA THR R 12 -51.85 -42.27 -48.94
C THR R 12 -51.10 -40.95 -48.94
N ARG R 13 -50.38 -40.66 -47.86
CA ARG R 13 -49.71 -39.38 -47.74
C ARG R 13 -48.43 -39.34 -48.57
N TYR R 14 -47.63 -40.41 -48.53
CA TYR R 14 -46.37 -40.49 -49.25
C TYR R 14 -46.52 -41.56 -50.32
N PRO R 15 -46.90 -41.16 -51.54
CA PRO R 15 -47.53 -42.12 -52.47
C PRO R 15 -46.61 -43.21 -53.01
N GLU R 16 -45.29 -43.05 -52.89
CA GLU R 16 -44.39 -44.08 -53.41
C GLU R 16 -44.46 -45.36 -52.61
N PHE R 17 -44.68 -45.26 -51.30
CA PHE R 17 -44.71 -46.45 -50.45
C PHE R 17 -46.08 -47.11 -50.60
N THR R 18 -46.11 -48.21 -51.37
CA THR R 18 -47.30 -49.04 -51.46
C THR R 18 -46.95 -50.51 -51.52
N GLY R 19 -45.78 -50.91 -51.03
CA GLY R 19 -45.32 -52.27 -51.14
C GLY R 19 -45.95 -53.24 -50.15
N VAL R 20 -45.76 -53.00 -48.86
CA VAL R 20 -46.21 -53.91 -47.82
C VAL R 20 -46.77 -53.09 -46.65
N SER R 21 -47.69 -53.67 -45.90
CA SER R 21 -48.23 -53.05 -44.69
C SER R 21 -47.81 -53.77 -43.41
N ASP R 22 -46.97 -54.80 -43.51
CA ASP R 22 -46.51 -55.52 -42.32
C ASP R 22 -45.16 -55.02 -41.85
N ALA R 23 -44.25 -54.74 -42.77
CA ALA R 23 -42.93 -54.23 -42.42
C ALA R 23 -42.92 -52.72 -42.27
N VAL R 24 -44.08 -52.09 -42.16
CA VAL R 24 -44.20 -50.65 -41.95
C VAL R 24 -44.83 -50.35 -40.60
N VAL R 25 -46.06 -50.81 -40.39
CA VAL R 25 -46.81 -50.43 -39.20
C VAL R 25 -46.25 -51.12 -37.97
N ASN R 26 -46.12 -52.43 -38.04
CA ASN R 26 -45.66 -53.18 -36.88
C ASN R 26 -44.15 -53.04 -36.71
N ALA R 27 -43.44 -52.65 -37.76
CA ALA R 27 -41.99 -52.71 -37.74
C ALA R 27 -41.32 -51.37 -37.49
N ILE R 28 -41.91 -50.27 -37.96
CA ILE R 28 -41.22 -48.97 -37.90
C ILE R 28 -42.04 -47.93 -37.13
N ILE R 29 -43.37 -47.91 -37.33
CA ILE R 29 -44.25 -47.01 -36.59
C ILE R 29 -44.13 -47.24 -35.08
N ALA R 30 -43.91 -48.50 -34.67
CA ALA R 30 -43.68 -48.77 -33.26
C ALA R 30 -42.33 -48.24 -32.77
N GLU R 31 -41.36 -48.10 -33.67
CA GLU R 31 -40.04 -47.61 -33.27
C GLU R 31 -40.01 -46.09 -33.17
N VAL R 32 -40.81 -45.40 -33.97
CA VAL R 32 -40.65 -43.97 -34.21
C VAL R 32 -41.46 -43.13 -33.23
N ASN R 33 -42.70 -43.52 -32.94
CA ASN R 33 -43.67 -42.66 -32.26
C ASN R 33 -43.35 -42.28 -30.82
N GLY R 34 -42.24 -42.77 -30.27
CA GLY R 34 -41.77 -42.26 -29.00
C GLY R 34 -41.19 -40.87 -29.07
N MET R 35 -40.85 -40.40 -30.27
CA MET R 35 -40.29 -39.07 -30.42
C MET R 35 -41.35 -37.98 -30.31
N VAL R 36 -42.60 -38.31 -30.64
CA VAL R 36 -43.67 -37.33 -30.54
C VAL R 36 -44.25 -37.37 -29.14
N ASP R 37 -45.02 -36.37 -28.77
CA ASP R 37 -45.48 -36.22 -27.41
C ASP R 37 -46.78 -35.43 -27.45
N ASP R 38 -47.47 -35.37 -26.31
CA ASP R 38 -48.62 -34.48 -26.21
C ASP R 38 -48.19 -33.02 -26.12
N GLY R 39 -46.92 -32.74 -25.84
CA GLY R 39 -46.43 -31.39 -25.74
C GLY R 39 -46.25 -30.67 -27.07
N TRP R 40 -46.49 -31.33 -28.18
CA TRP R 40 -46.36 -30.65 -29.46
C TRP R 40 -47.70 -30.05 -29.86
N GLU R 41 -47.74 -29.44 -31.03
CA GLU R 41 -49.00 -28.93 -31.54
C GLU R 41 -49.85 -30.05 -32.09
N VAL R 42 -51.13 -29.75 -32.30
CA VAL R 42 -52.06 -30.76 -32.81
C VAL R 42 -51.83 -30.98 -34.31
N SER R 43 -51.33 -29.97 -35.01
CA SER R 43 -51.08 -30.07 -36.44
C SER R 43 -49.75 -30.73 -36.77
N ASP R 44 -49.04 -31.22 -35.76
CA ASP R 44 -47.72 -31.79 -35.99
C ASP R 44 -47.57 -33.21 -35.47
N GLN R 45 -48.49 -33.70 -34.64
CA GLN R 45 -48.34 -35.04 -34.08
C GLN R 45 -48.61 -36.11 -35.13
N LYS R 46 -49.43 -35.81 -36.13
CA LYS R 46 -49.63 -36.73 -37.25
C LYS R 46 -48.54 -36.66 -38.33
N PRO R 47 -48.12 -35.49 -38.86
CA PRO R 47 -47.18 -35.56 -39.98
C PRO R 47 -45.74 -35.86 -39.60
N ALA R 48 -45.32 -35.53 -38.37
CA ALA R 48 -43.92 -35.71 -38.01
C ALA R 48 -43.59 -37.18 -37.81
N VAL R 49 -44.51 -37.93 -37.21
CA VAL R 49 -44.32 -39.37 -37.07
C VAL R 49 -44.43 -40.02 -38.43
N LEU R 50 -45.29 -39.48 -39.28
CA LEU R 50 -45.51 -40.06 -40.60
C LEU R 50 -44.35 -39.75 -41.54
N ALA R 51 -43.49 -38.80 -41.17
CA ALA R 51 -42.32 -38.45 -41.96
C ALA R 51 -41.05 -39.09 -41.44
N LEU R 52 -40.90 -39.20 -40.12
CA LEU R 52 -39.71 -39.83 -39.56
C LEU R 52 -39.74 -41.33 -39.81
N ALA R 53 -40.93 -41.92 -39.85
CA ALA R 53 -41.03 -43.34 -40.16
C ALA R 53 -40.68 -43.61 -41.62
N ALA R 54 -40.99 -42.66 -42.50
CA ALA R 54 -40.62 -42.80 -43.91
C ALA R 54 -39.12 -42.61 -44.09
N HIS R 55 -38.48 -41.90 -43.18
CA HIS R 55 -37.02 -41.79 -43.20
C HIS R 55 -36.38 -43.14 -42.90
N MET R 56 -36.94 -43.88 -41.94
CA MET R 56 -36.39 -45.18 -41.61
C MET R 56 -36.71 -46.21 -42.70
N LEU R 57 -37.82 -46.00 -43.41
CA LEU R 57 -38.12 -46.84 -44.56
C LEU R 57 -37.12 -46.60 -45.68
N SER R 58 -36.90 -45.33 -46.03
CA SER R 58 -36.02 -44.99 -47.14
C SER R 58 -34.56 -45.06 -46.77
N ARG R 59 -34.23 -45.17 -45.48
CA ARG R 59 -32.85 -45.46 -45.10
C ARG R 59 -32.47 -46.88 -45.51
N GLU R 60 -33.42 -47.80 -45.40
CA GLU R 60 -33.31 -49.09 -46.07
C GLU R 60 -33.79 -48.94 -47.51
N GLY R 61 -34.01 -50.05 -48.22
CA GLY R 61 -34.34 -49.93 -49.63
C GLY R 61 -35.74 -49.41 -49.88
N TYR R 62 -36.75 -50.22 -49.61
CA TYR R 62 -38.16 -50.02 -49.92
C TYR R 62 -38.90 -50.95 -48.97
N PRO R 63 -40.16 -50.63 -48.54
CA PRO R 63 -40.55 -50.78 -47.13
C PRO R 63 -40.00 -51.96 -46.33
N GLY R 64 -40.08 -53.16 -46.89
CA GLY R 64 -39.44 -54.30 -46.27
C GLY R 64 -38.03 -54.51 -46.79
N ARG R 65 -37.24 -53.42 -46.83
CA ARG R 65 -35.81 -53.34 -47.16
C ARG R 65 -35.57 -53.52 -48.66
N ALA R 66 -36.57 -53.91 -49.44
CA ALA R 66 -36.32 -54.16 -50.85
C ALA R 66 -37.60 -53.96 -51.65
N THR R 67 -37.41 -53.53 -52.88
CA THR R 67 -38.41 -53.61 -53.91
C THR R 67 -38.36 -54.99 -54.55
N ASN R 68 -39.00 -55.13 -55.70
CA ASN R 68 -39.03 -56.44 -56.37
C ASN R 68 -37.67 -56.91 -56.88
N PRO R 69 -36.77 -56.05 -57.40
CA PRO R 69 -35.37 -56.47 -57.47
C PRO R 69 -34.69 -56.36 -56.11
N ASN R 70 -33.94 -57.40 -55.75
CA ASN R 70 -33.29 -57.46 -54.44
C ASN R 70 -31.83 -57.02 -54.57
N SER R 71 -31.66 -55.71 -54.74
CA SER R 71 -30.34 -55.09 -54.83
C SER R 71 -30.29 -53.99 -53.77
N PHE R 72 -29.93 -54.38 -52.55
CA PHE R 72 -29.80 -53.47 -51.42
C PHE R 72 -28.43 -53.64 -50.80
N ASP R 73 -27.79 -52.52 -50.50
CA ASP R 73 -26.50 -52.54 -49.84
C ASP R 73 -26.68 -52.06 -48.40
N PRO R 74 -26.08 -52.74 -47.41
CA PRO R 74 -26.34 -52.35 -46.02
C PRO R 74 -25.70 -51.05 -45.61
N THR R 75 -24.64 -50.65 -46.31
CA THR R 75 -24.11 -49.31 -46.21
C THR R 75 -24.70 -48.51 -47.36
N ASN R 76 -25.44 -47.45 -47.05
CA ASN R 76 -26.02 -46.67 -48.12
C ASN R 76 -24.95 -45.83 -48.81
N ARG R 77 -24.21 -46.47 -49.69
CA ARG R 77 -23.06 -45.89 -50.34
C ARG R 77 -23.52 -45.03 -51.51
N PRO R 78 -23.23 -43.73 -51.51
CA PRO R 78 -23.74 -42.86 -52.58
C PRO R 78 -23.02 -43.11 -53.89
N ILE R 79 -23.74 -42.87 -54.98
CA ILE R 79 -23.28 -43.12 -56.34
C ILE R 79 -22.81 -41.81 -56.92
N LEU R 80 -21.59 -41.79 -57.47
CA LEU R 80 -21.04 -40.58 -58.06
C LEU R 80 -21.32 -40.49 -59.55
N SER R 81 -21.04 -41.55 -60.30
CA SER R 81 -21.15 -41.48 -61.75
C SER R 81 -21.36 -42.87 -62.32
N ARG R 82 -22.31 -42.98 -63.22
CA ARG R 82 -22.53 -44.22 -63.97
C ARG R 82 -22.29 -43.96 -65.45
N LYS R 83 -22.26 -45.04 -66.21
CA LYS R 83 -22.06 -45.00 -67.66
C LYS R 83 -22.54 -46.32 -68.24
N VAL R 84 -23.38 -46.24 -69.27
CA VAL R 84 -23.98 -47.44 -69.83
C VAL R 84 -23.54 -47.72 -71.26
N GLY R 85 -22.66 -46.91 -71.84
CA GLY R 85 -22.04 -47.31 -73.09
C GLY R 85 -21.12 -48.50 -72.91
N ASP R 86 -20.14 -48.36 -72.04
CA ASP R 86 -19.47 -49.49 -71.40
C ASP R 86 -19.80 -49.37 -69.92
N VAL R 87 -20.13 -50.50 -69.29
CA VAL R 87 -20.69 -50.45 -67.95
C VAL R 87 -19.60 -50.06 -66.96
N SER R 88 -19.75 -48.90 -66.34
CA SER R 88 -18.77 -48.37 -65.42
C SER R 88 -19.47 -47.52 -64.38
N THR R 89 -19.16 -47.77 -63.12
CA THR R 89 -19.68 -46.94 -62.03
C THR R 89 -18.52 -46.50 -61.13
N THR R 90 -18.74 -45.38 -60.47
CA THR R 90 -17.89 -44.92 -59.37
C THR R 90 -18.77 -44.66 -58.17
N PHE R 91 -18.29 -45.07 -57.00
CA PHE R 91 -19.11 -45.00 -55.78
C PHE R 91 -18.55 -43.94 -54.84
N GLY R 92 -19.18 -43.85 -53.66
CA GLY R 92 -18.77 -42.92 -52.63
C GLY R 92 -18.02 -43.64 -51.53
N ARG R 93 -17.48 -42.86 -50.60
CA ARG R 93 -16.67 -43.39 -49.51
C ARG R 93 -17.34 -43.05 -48.19
N THR R 94 -17.73 -44.10 -47.45
CA THR R 94 -18.51 -43.93 -46.22
C THR R 94 -18.00 -44.92 -45.19
N ASP R 95 -17.19 -44.45 -44.24
CA ASP R 95 -16.59 -45.33 -43.26
C ASP R 95 -16.90 -44.95 -41.82
N GLY R 96 -16.69 -43.69 -41.43
CA GLY R 96 -17.23 -43.22 -40.18
C GLY R 96 -18.23 -42.11 -40.45
N GLY R 97 -17.94 -41.36 -41.52
CA GLY R 97 -18.81 -40.33 -42.01
C GLY R 97 -18.35 -39.93 -43.39
N ALA R 98 -19.29 -39.50 -44.22
CA ALA R 98 -19.09 -39.52 -45.66
C ALA R 98 -18.92 -38.13 -46.27
N ALA R 99 -19.91 -37.24 -46.10
CA ALA R 99 -19.81 -35.89 -46.63
C ALA R 99 -20.62 -34.98 -45.73
N GLU R 100 -19.92 -34.23 -44.87
CA GLU R 100 -20.48 -33.36 -43.84
C GLU R 100 -21.43 -34.11 -42.90
N GLY R 101 -21.19 -35.40 -42.71
CA GLY R 101 -21.97 -36.22 -41.80
C GLY R 101 -21.08 -36.85 -40.77
N GLY R 102 -21.47 -36.79 -39.50
CA GLY R 102 -20.60 -37.17 -38.40
C GLY R 102 -20.44 -38.67 -38.26
N ALA R 103 -19.97 -39.05 -37.07
CA ALA R 103 -19.72 -40.45 -36.75
C ALA R 103 -20.20 -40.84 -35.36
N ASN R 104 -20.84 -39.97 -34.61
CA ASN R 104 -21.27 -40.26 -33.26
C ASN R 104 -22.73 -39.89 -33.03
N SER R 105 -23.40 -39.32 -34.02
CA SER R 105 -24.77 -38.87 -33.90
C SER R 105 -25.63 -39.64 -34.91
N TYR R 106 -26.88 -39.23 -35.03
CA TYR R 106 -27.74 -39.72 -36.09
C TYR R 106 -27.96 -38.60 -37.09
N ASN R 107 -27.79 -38.91 -38.36
CA ASN R 107 -27.90 -37.92 -39.43
C ASN R 107 -29.34 -37.88 -39.92
N TYR R 108 -30.04 -36.80 -39.59
CA TYR R 108 -31.40 -36.60 -40.08
C TYR R 108 -31.46 -35.83 -41.39
N SER R 109 -30.33 -35.33 -41.89
CA SER R 109 -30.31 -34.43 -43.02
C SER R 109 -29.88 -35.10 -44.30
N SER R 110 -30.14 -36.40 -44.44
CA SER R 110 -29.75 -37.10 -45.65
C SER R 110 -30.87 -37.20 -46.68
N THR R 111 -32.09 -37.48 -46.24
CA THR R 111 -33.24 -37.59 -47.12
C THR R 111 -34.23 -36.46 -46.82
N VAL R 112 -35.17 -36.28 -47.75
CA VAL R 112 -36.20 -35.26 -47.59
C VAL R 112 -37.13 -35.63 -46.43
N TYR R 113 -37.30 -36.92 -46.19
CA TYR R 113 -38.26 -37.41 -45.22
C TYR R 113 -37.84 -37.09 -43.78
N GLY R 114 -36.55 -36.86 -43.55
CA GLY R 114 -36.08 -36.48 -42.24
C GLY R 114 -35.88 -34.99 -42.12
N GLN R 115 -35.62 -34.32 -43.25
CA GLN R 115 -35.46 -32.87 -43.21
C GLN R 115 -36.80 -32.20 -42.97
N THR R 116 -37.90 -32.79 -43.41
CA THR R 116 -39.21 -32.27 -43.05
C THR R 116 -39.53 -32.58 -41.60
N PHE R 117 -38.93 -33.62 -41.03
CA PHE R 117 -39.03 -33.85 -39.60
C PHE R 117 -38.16 -32.86 -38.84
N LEU R 118 -37.01 -32.50 -39.40
CA LEU R 118 -36.02 -31.77 -38.62
C LEU R 118 -36.42 -30.32 -38.43
N ARG R 119 -37.18 -29.76 -39.37
CA ARG R 119 -37.71 -28.42 -39.14
C ARG R 119 -38.98 -28.44 -38.29
N LEU R 120 -39.61 -29.59 -38.11
CA LEU R 120 -40.71 -29.69 -37.16
C LEU R 120 -40.20 -30.03 -35.77
N LEU R 121 -39.00 -30.62 -35.70
CA LEU R 121 -38.43 -30.96 -34.40
C LEU R 121 -37.86 -29.72 -33.73
N ARG R 122 -37.39 -28.76 -34.53
CA ARG R 122 -36.81 -27.56 -33.95
C ARG R 122 -37.87 -26.63 -33.41
N LEU R 123 -39.02 -26.53 -34.08
CA LEU R 123 -40.02 -25.57 -33.70
C LEU R 123 -40.75 -25.99 -32.43
N ASN R 124 -40.89 -27.29 -32.21
CA ASN R 124 -41.76 -27.83 -31.18
C ASN R 124 -41.01 -28.32 -29.94
N ALA R 125 -39.69 -28.40 -30.01
CA ALA R 125 -38.87 -28.87 -28.90
C ALA R 125 -37.75 -27.87 -28.68
N PRO R 126 -38.01 -26.81 -27.91
CA PRO R 126 -36.94 -25.87 -27.56
C PRO R 126 -35.95 -26.52 -26.60
N ALA R 127 -34.66 -26.28 -26.84
CA ALA R 127 -33.59 -27.02 -26.19
C ALA R 127 -33.02 -26.22 -25.04
N VAL R 128 -33.48 -26.52 -23.83
CA VAL R 128 -32.96 -25.92 -22.60
C VAL R 128 -33.36 -26.81 -21.44
N GLY R 129 -32.61 -26.74 -20.34
CA GLY R 129 -33.00 -27.35 -19.09
C GLY R 129 -32.35 -26.62 -17.94
N LEU R 130 -32.96 -26.77 -16.76
CA LEU R 130 -32.46 -26.10 -15.58
C LEU R 130 -31.90 -27.08 -14.56
N VAL R 131 -31.99 -28.38 -14.81
CA VAL R 131 -31.40 -29.33 -13.90
C VAL R 131 -29.87 -29.39 -14.05
N ASN S 2 -54.57 -15.88 -39.30
CA ASN S 2 -54.68 -16.29 -40.69
C ASN S 2 -56.13 -16.70 -40.96
N PRO S 3 -56.99 -15.70 -41.26
CA PRO S 3 -58.41 -16.01 -41.44
C PRO S 3 -58.73 -16.76 -42.71
N ILE S 4 -57.85 -16.69 -43.71
CA ILE S 4 -58.10 -17.35 -44.98
C ILE S 4 -56.89 -18.20 -45.39
N PRO S 5 -57.00 -19.52 -45.35
CA PRO S 5 -55.92 -20.36 -45.83
C PRO S 5 -55.74 -20.22 -47.34
N ALA S 6 -54.50 -19.97 -47.75
CA ALA S 6 -54.16 -19.76 -49.15
C ALA S 6 -54.21 -21.11 -49.86
N ALA S 7 -55.34 -21.40 -50.49
CA ALA S 7 -55.55 -22.68 -51.17
C ALA S 7 -55.84 -22.45 -52.64
N SER S 8 -55.28 -23.33 -53.47
CA SER S 8 -55.56 -23.48 -54.89
C SER S 8 -55.25 -22.24 -55.74
N ASP S 9 -54.49 -21.29 -55.21
CA ASP S 9 -54.12 -20.12 -55.98
C ASP S 9 -52.72 -20.27 -56.57
N LEU S 10 -51.95 -21.24 -56.09
CA LEU S 10 -50.60 -21.41 -56.62
C LEU S 10 -50.61 -21.98 -58.02
N LYS S 11 -51.72 -22.62 -58.43
CA LYS S 11 -51.85 -23.02 -59.82
C LYS S 11 -51.96 -21.81 -60.74
N THR S 12 -52.54 -20.72 -60.26
CA THR S 12 -52.61 -19.50 -61.04
C THR S 12 -51.37 -18.63 -60.83
N ARG S 13 -50.87 -18.60 -59.60
CA ARG S 13 -49.74 -17.73 -59.28
C ARG S 13 -48.44 -18.31 -59.78
N TYR S 14 -48.21 -19.61 -59.58
CA TYR S 14 -46.99 -20.30 -59.97
C TYR S 14 -47.36 -21.28 -61.08
N PRO S 15 -47.24 -20.87 -62.34
CA PRO S 15 -47.99 -21.54 -63.42
C PRO S 15 -47.55 -22.95 -63.75
N GLU S 16 -46.37 -23.37 -63.31
CA GLU S 16 -45.91 -24.72 -63.63
C GLU S 16 -46.72 -25.78 -62.90
N PHE S 17 -47.17 -25.49 -61.68
CA PHE S 17 -47.91 -26.46 -60.89
C PHE S 17 -49.35 -26.48 -61.39
N THR S 18 -49.69 -27.51 -62.15
CA THR S 18 -51.08 -27.74 -62.55
C THR S 18 -51.41 -29.23 -62.56
N GLY S 19 -50.68 -30.05 -61.82
CA GLY S 19 -50.85 -31.49 -61.85
C GLY S 19 -52.05 -31.99 -61.06
N VAL S 20 -52.06 -31.75 -59.74
CA VAL S 20 -53.09 -32.28 -58.87
C VAL S 20 -53.47 -31.19 -57.85
N SER S 21 -54.71 -31.26 -57.35
CA SER S 21 -55.18 -30.37 -56.30
C SER S 21 -55.41 -31.09 -54.98
N ASP S 22 -55.13 -32.38 -54.89
CA ASP S 22 -55.30 -33.13 -53.66
C ASP S 22 -54.01 -33.23 -52.86
N ALA S 23 -52.89 -33.46 -53.53
CA ALA S 23 -51.60 -33.53 -52.86
C ALA S 23 -50.96 -32.17 -52.67
N VAL S 24 -51.72 -31.09 -52.83
CA VAL S 24 -51.23 -29.74 -52.61
C VAL S 24 -51.95 -29.08 -51.45
N VAL S 25 -53.27 -28.94 -51.55
CA VAL S 25 -54.03 -28.16 -50.56
C VAL S 25 -54.12 -28.93 -49.25
N ASN S 26 -54.57 -30.17 -49.33
CA ASN S 26 -54.76 -30.94 -48.11
C ASN S 26 -53.43 -31.46 -47.57
N ALA S 27 -52.40 -31.49 -48.41
CA ALA S 27 -51.17 -32.18 -48.05
C ALA S 27 -50.06 -31.25 -47.61
N ILE S 28 -49.97 -30.04 -48.18
CA ILE S 28 -48.83 -29.18 -47.93
C ILE S 28 -49.25 -27.83 -47.35
N ILE S 29 -50.35 -27.25 -47.87
CA ILE S 29 -50.88 -25.99 -47.33
C ILE S 29 -51.22 -26.12 -45.85
N ALA S 30 -51.67 -27.30 -45.43
CA ALA S 30 -51.93 -27.53 -44.00
C ALA S 30 -50.63 -27.60 -43.21
N GLU S 31 -49.51 -27.96 -43.84
CA GLU S 31 -48.24 -28.06 -43.13
C GLU S 31 -47.57 -26.71 -42.98
N VAL S 32 -47.78 -25.81 -43.92
CA VAL S 32 -46.95 -24.62 -44.08
C VAL S 32 -47.50 -23.43 -43.30
N ASN S 33 -48.82 -23.22 -43.35
CA ASN S 33 -49.44 -21.97 -42.90
C ASN S 33 -49.33 -21.65 -41.41
N GLY S 34 -48.69 -22.52 -40.62
CA GLY S 34 -48.35 -22.16 -39.26
C GLY S 34 -47.21 -21.17 -39.16
N MET S 35 -46.45 -20.99 -40.24
CA MET S 35 -45.33 -20.06 -40.22
C MET S 35 -45.81 -18.62 -40.33
N VAL S 36 -46.95 -18.39 -40.97
CA VAL S 36 -47.48 -17.04 -41.11
C VAL S 36 -48.32 -16.71 -39.87
N ASP S 37 -48.62 -15.44 -39.69
CA ASP S 37 -49.27 -14.99 -38.46
C ASP S 37 -50.04 -13.73 -38.81
N ASP S 38 -50.86 -13.28 -37.86
CA ASP S 38 -51.49 -11.97 -38.01
C ASP S 38 -50.50 -10.83 -37.79
N GLY S 39 -49.34 -11.12 -37.21
CA GLY S 39 -48.33 -10.10 -36.96
C GLY S 39 -47.57 -9.64 -38.19
N TRP S 40 -47.81 -10.24 -39.35
CA TRP S 40 -47.10 -9.79 -40.53
C TRP S 40 -47.93 -8.71 -41.23
N GLU S 41 -47.42 -8.24 -42.36
CA GLU S 41 -48.18 -7.27 -43.15
C GLU S 41 -49.29 -7.96 -43.92
N VAL S 42 -50.22 -7.15 -44.42
CA VAL S 42 -51.35 -7.71 -45.16
C VAL S 42 -50.91 -8.14 -46.56
N SER S 43 -49.88 -7.50 -47.10
CA SER S 43 -49.38 -7.82 -48.43
C SER S 43 -48.44 -9.01 -48.44
N ASP S 44 -48.26 -9.67 -47.31
CA ASP S 44 -47.32 -10.78 -47.22
C ASP S 44 -47.93 -12.08 -46.72
N GLN S 45 -49.14 -12.05 -46.13
CA GLN S 45 -49.72 -13.26 -45.60
C GLN S 45 -50.19 -14.20 -46.70
N LYS S 46 -50.55 -13.66 -47.86
CA LYS S 46 -50.88 -14.48 -49.02
C LYS S 46 -49.66 -14.99 -49.81
N PRO S 47 -48.65 -14.18 -50.20
CA PRO S 47 -47.61 -14.73 -51.06
C PRO S 47 -46.59 -15.59 -50.35
N ALA S 48 -46.35 -15.37 -49.05
CA ALA S 48 -45.29 -16.12 -48.38
C ALA S 48 -45.70 -17.56 -48.12
N VAL S 49 -46.96 -17.78 -47.78
CA VAL S 49 -47.47 -19.14 -47.64
C VAL S 49 -47.54 -19.80 -49.01
N LEU S 50 -47.86 -19.01 -50.02
CA LEU S 50 -48.01 -19.55 -51.36
C LEU S 50 -46.66 -19.85 -52.00
N ALA S 51 -45.57 -19.34 -51.41
CA ALA S 51 -44.21 -19.60 -51.88
C ALA S 51 -43.51 -20.69 -51.08
N LEU S 52 -43.73 -20.73 -49.77
CA LEU S 52 -43.10 -21.76 -48.97
C LEU S 52 -43.73 -23.12 -49.24
N ALA S 53 -45.01 -23.15 -49.58
CA ALA S 53 -45.66 -24.39 -49.95
C ALA S 53 -45.14 -24.90 -51.28
N ALA S 54 -44.79 -23.99 -52.19
CA ALA S 54 -44.22 -24.41 -53.46
C ALA S 54 -42.79 -24.90 -53.29
N HIS S 55 -42.13 -24.46 -52.22
CA HIS S 55 -40.81 -25.00 -51.90
C HIS S 55 -40.92 -26.46 -51.49
N MET S 56 -41.94 -26.80 -50.70
CA MET S 56 -42.13 -28.18 -50.28
C MET S 56 -42.60 -29.05 -51.44
N LEU S 57 -43.32 -28.45 -52.39
CA LEU S 57 -43.69 -29.17 -53.61
C LEU S 57 -42.45 -29.49 -54.44
N SER S 58 -41.64 -28.47 -54.70
CA SER S 58 -40.47 -28.64 -55.56
C SER S 58 -39.30 -29.31 -54.84
N ARG S 59 -39.36 -29.44 -53.52
CA ARG S 59 -38.38 -30.26 -52.83
C ARG S 59 -38.58 -31.73 -53.17
N GLU S 60 -39.84 -32.14 -53.31
CA GLU S 60 -40.16 -33.40 -53.96
C GLU S 60 -40.19 -33.17 -55.47
N GLY S 61 -40.71 -34.14 -56.24
CA GLY S 61 -40.62 -34.02 -57.69
C GLY S 61 -41.55 -32.95 -58.26
N TYR S 62 -42.84 -33.23 -58.24
CA TYR S 62 -43.90 -32.46 -58.89
C TYR S 62 -45.18 -32.90 -58.17
N PRO S 63 -46.22 -32.03 -58.05
CA PRO S 63 -46.95 -31.87 -56.77
C PRO S 63 -47.17 -33.09 -55.90
N GLY S 64 -47.65 -34.19 -56.48
CA GLY S 64 -47.73 -35.44 -55.75
C GLY S 64 -46.49 -36.28 -55.93
N ARG S 65 -45.31 -35.64 -55.75
CA ARG S 65 -43.96 -36.22 -55.73
C ARG S 65 -43.48 -36.62 -57.13
N ALA S 66 -44.35 -36.59 -58.14
CA ALA S 66 -43.93 -37.05 -59.44
C ALA S 66 -44.77 -36.39 -60.52
N THR S 67 -44.13 -36.19 -61.66
CA THR S 67 -44.81 -35.90 -62.91
C THR S 67 -45.24 -37.22 -63.54
N ASN S 68 -45.58 -37.18 -64.82
CA ASN S 68 -46.04 -38.39 -65.51
C ASN S 68 -44.95 -39.44 -65.69
N PRO S 69 -43.67 -39.11 -65.96
CA PRO S 69 -42.61 -40.10 -65.70
C PRO S 69 -42.29 -40.18 -64.22
N ASN S 70 -42.19 -41.40 -63.71
CA ASN S 70 -41.94 -41.64 -62.28
C ASN S 70 -40.45 -41.88 -62.05
N SER S 71 -39.68 -40.79 -62.14
CA SER S 71 -38.24 -40.81 -61.90
C SER S 71 -37.95 -39.76 -60.83
N PHE S 72 -38.09 -40.16 -59.57
CA PHE S 72 -37.84 -39.30 -58.42
C PHE S 72 -36.86 -39.99 -57.49
N ASP S 73 -35.87 -39.25 -57.01
CA ASP S 73 -34.91 -39.77 -56.06
C ASP S 73 -35.18 -39.14 -54.71
N PRO S 74 -35.19 -39.92 -53.62
CA PRO S 74 -35.55 -39.34 -52.31
C PRO S 74 -34.51 -38.42 -51.75
N THR S 75 -33.26 -38.58 -52.15
CA THR S 75 -32.23 -37.59 -51.89
C THR S 75 -32.12 -36.73 -53.14
N ASN S 76 -32.37 -35.43 -52.98
CA ASN S 76 -32.30 -34.55 -54.15
C ASN S 76 -30.84 -34.33 -54.54
N ARG S 77 -30.29 -35.31 -55.24
CA ARG S 77 -28.87 -35.33 -55.57
C ARG S 77 -28.63 -34.46 -56.80
N PRO S 78 -27.81 -33.42 -56.69
CA PRO S 78 -27.63 -32.51 -57.84
C PRO S 78 -26.82 -33.16 -58.95
N ILE S 79 -27.10 -32.71 -60.17
CA ILE S 79 -26.49 -33.26 -61.37
C ILE S 79 -25.37 -32.33 -61.81
N LEU S 80 -24.19 -32.90 -62.03
CA LEU S 80 -23.05 -32.10 -62.45
C LEU S 80 -22.91 -32.02 -63.97
N SER S 81 -22.96 -33.16 -64.65
CA SER S 81 -22.70 -33.17 -66.07
C SER S 81 -23.36 -34.37 -66.71
N ARG S 82 -24.04 -34.15 -67.83
CA ARG S 82 -24.60 -35.22 -68.62
C ARG S 82 -23.95 -35.22 -70.00
N LYS S 83 -24.22 -36.27 -70.76
CA LYS S 83 -23.71 -36.44 -72.11
C LYS S 83 -24.57 -37.47 -72.82
N VAL S 84 -25.04 -37.11 -74.02
CA VAL S 84 -25.95 -37.98 -74.74
C VAL S 84 -25.38 -38.54 -76.03
N GLY S 85 -24.11 -38.25 -76.37
CA GLY S 85 -23.48 -38.99 -77.45
C GLY S 85 -23.26 -40.44 -77.07
N ASP S 86 -22.52 -40.66 -75.98
CA ASP S 86 -22.59 -41.91 -75.23
C ASP S 86 -23.17 -41.53 -73.89
N VAL S 87 -24.08 -42.35 -73.37
CA VAL S 87 -24.85 -41.95 -72.20
C VAL S 87 -23.96 -41.98 -70.96
N SER S 88 -23.72 -40.82 -70.39
CA SER S 88 -22.83 -40.70 -69.24
C SER S 88 -23.30 -39.55 -68.38
N THR S 89 -23.42 -39.79 -67.07
CA THR S 89 -23.76 -38.74 -66.13
C THR S 89 -22.77 -38.76 -64.98
N THR S 90 -22.61 -37.61 -64.34
CA THR S 90 -21.92 -37.48 -63.07
C THR S 90 -22.84 -36.75 -62.10
N PHE S 91 -22.88 -37.22 -60.86
CA PHE S 91 -23.82 -36.72 -59.88
C PHE S 91 -23.09 -35.91 -58.81
N GLY S 92 -23.85 -35.47 -57.82
CA GLY S 92 -23.32 -34.73 -56.70
C GLY S 92 -23.24 -35.60 -55.45
N ARG S 93 -22.64 -35.06 -54.41
CA ARG S 93 -22.41 -35.78 -53.18
C ARG S 93 -23.15 -35.09 -52.04
N THR S 94 -24.11 -35.79 -51.44
CA THR S 94 -25.00 -35.19 -50.44
C THR S 94 -25.22 -36.22 -49.33
N ASP S 95 -24.52 -36.05 -48.21
CA ASP S 95 -24.61 -37.04 -47.13
C ASP S 95 -25.03 -36.43 -45.80
N GLY S 96 -24.38 -35.36 -45.35
CA GLY S 96 -24.93 -34.59 -44.24
C GLY S 96 -25.24 -33.20 -44.73
N GLY S 97 -24.42 -32.75 -45.67
CA GLY S 97 -24.61 -31.47 -46.33
C GLY S 97 -23.73 -31.44 -47.56
N ALA S 98 -24.17 -30.71 -48.57
CA ALA S 98 -23.67 -30.94 -49.93
C ALA S 98 -22.78 -29.82 -50.44
N ALA S 99 -23.28 -28.59 -50.50
CA ALA S 99 -22.48 -27.46 -50.95
C ALA S 99 -22.99 -26.21 -50.25
N GLU S 100 -22.24 -25.78 -49.23
CA GLU S 100 -22.57 -24.66 -48.34
C GLU S 100 -23.94 -24.84 -47.67
N GLY S 101 -24.36 -26.09 -47.46
CA GLY S 101 -25.60 -26.40 -46.79
C GLY S 101 -25.33 -27.27 -45.58
N GLY S 102 -25.93 -26.93 -44.45
CA GLY S 102 -25.59 -27.56 -43.19
C GLY S 102 -26.15 -28.96 -43.04
N ALA S 103 -26.17 -29.42 -41.78
CA ALA S 103 -26.64 -30.75 -41.44
C ALA S 103 -27.55 -30.78 -40.22
N ASN S 104 -27.89 -29.63 -39.63
CA ASN S 104 -28.70 -29.61 -38.43
C ASN S 104 -29.85 -28.61 -38.55
N SER S 105 -29.95 -27.91 -39.66
CA SER S 105 -30.98 -26.91 -39.87
C SER S 105 -31.84 -27.30 -41.06
N TYR S 106 -32.72 -26.40 -41.47
CA TYR S 106 -33.45 -26.56 -42.72
C TYR S 106 -32.91 -25.54 -43.71
N ASN S 107 -32.62 -26.00 -44.92
CA ASN S 107 -32.03 -25.16 -45.95
C ASN S 107 -33.16 -24.54 -46.77
N TYR S 108 -33.36 -23.24 -46.60
CA TYR S 108 -34.35 -22.51 -47.39
C TYR S 108 -33.76 -21.92 -48.66
N SER S 109 -32.44 -22.00 -48.86
CA SER S 109 -31.78 -21.28 -49.93
C SER S 109 -31.41 -22.19 -51.09
N SER S 110 -32.18 -23.24 -51.32
CA SER S 110 -31.87 -24.15 -52.42
C SER S 110 -32.66 -23.85 -53.68
N THR S 111 -33.94 -23.53 -53.55
CA THR S 111 -34.78 -23.20 -54.69
C THR S 111 -35.21 -21.74 -54.62
N VAL S 112 -35.75 -21.24 -55.73
CA VAL S 112 -36.23 -19.86 -55.80
C VAL S 112 -37.46 -19.70 -54.91
N TYR S 113 -38.23 -20.76 -54.76
CA TYR S 113 -39.50 -20.70 -54.04
C TYR S 113 -39.31 -20.47 -52.55
N GLY S 114 -38.15 -20.81 -52.01
CA GLY S 114 -37.86 -20.57 -50.61
C GLY S 114 -37.06 -19.30 -50.42
N GLN S 115 -36.29 -18.91 -51.42
CA GLN S 115 -35.52 -17.68 -51.32
C GLN S 115 -36.43 -16.46 -51.39
N THR S 116 -37.55 -16.57 -52.10
CA THR S 116 -38.55 -15.50 -52.04
C THR S 116 -39.29 -15.51 -50.72
N PHE S 117 -39.36 -16.66 -50.06
CA PHE S 117 -39.86 -16.69 -48.70
C PHE S 117 -38.85 -16.12 -47.71
N LEU S 118 -37.57 -16.35 -47.97
CA LEU S 118 -36.56 -16.05 -46.97
C LEU S 118 -36.31 -14.56 -46.84
N ARG S 119 -36.51 -13.81 -47.92
CA ARG S 119 -36.44 -12.37 -47.80
C ARG S 119 -37.73 -11.76 -47.27
N LEU S 120 -38.83 -12.51 -47.28
CA LEU S 120 -40.04 -12.04 -46.62
C LEU S 120 -40.06 -12.44 -45.16
N LEU S 121 -39.31 -13.49 -44.82
CA LEU S 121 -39.25 -13.92 -43.44
C LEU S 121 -38.36 -13.01 -42.62
N ARG S 122 -37.34 -12.41 -43.25
CA ARG S 122 -36.43 -11.54 -42.52
C ARG S 122 -37.07 -10.19 -42.23
N LEU S 123 -37.87 -9.68 -43.16
CA LEU S 123 -38.41 -8.34 -43.00
C LEU S 123 -39.52 -8.29 -41.96
N ASN S 124 -40.26 -9.39 -41.81
CA ASN S 124 -41.49 -9.39 -41.02
C ASN S 124 -41.32 -10.05 -39.66
N ALA S 125 -40.20 -10.72 -39.42
CA ALA S 125 -39.95 -11.39 -38.15
C ALA S 125 -38.59 -10.95 -37.64
N PRO S 126 -38.52 -9.82 -36.93
CA PRO S 126 -37.25 -9.43 -36.32
C PRO S 126 -36.90 -10.36 -35.17
N ALA S 127 -35.62 -10.71 -35.08
CA ALA S 127 -35.17 -11.80 -34.21
C ALA S 127 -34.57 -11.22 -32.94
N VAL S 128 -35.38 -11.19 -31.88
CA VAL S 128 -34.93 -10.78 -30.55
C VAL S 128 -35.95 -11.30 -29.54
N GLY S 129 -35.50 -11.46 -28.29
CA GLY S 129 -36.38 -11.73 -27.19
C GLY S 129 -35.77 -11.26 -25.88
N LEU S 130 -36.63 -11.04 -24.90
CA LEU S 130 -36.17 -10.56 -23.62
C LEU S 130 -36.34 -11.59 -22.52
N VAL S 131 -36.94 -12.74 -22.81
CA VAL S 131 -37.05 -13.77 -21.81
C VAL S 131 -35.72 -14.49 -21.59
N ASN T 2 -45.31 6.23 -51.71
CA ASN T 2 -45.29 5.79 -53.10
C ASN T 2 -46.66 6.04 -53.71
N PRO T 3 -46.89 7.26 -54.18
CA PRO T 3 -48.22 7.61 -54.70
C PRO T 3 -48.54 6.96 -56.04
N ILE T 4 -47.52 6.55 -56.79
CA ILE T 4 -47.75 5.96 -58.11
C ILE T 4 -46.99 4.64 -58.23
N PRO T 5 -47.69 3.51 -58.24
CA PRO T 5 -47.02 2.23 -58.47
C PRO T 5 -46.46 2.15 -59.89
N ALA T 6 -45.19 1.79 -59.98
CA ALA T 6 -44.48 1.71 -61.26
C ALA T 6 -44.97 0.46 -61.99
N ALA T 7 -45.94 0.65 -62.88
CA ALA T 7 -46.53 -0.46 -63.61
C ALA T 7 -46.35 -0.26 -65.10
N SER T 8 -46.07 -1.37 -65.80
CA SER T 8 -46.06 -1.50 -67.26
C SER T 8 -45.06 -0.60 -67.97
N ASP T 9 -44.09 -0.05 -67.25
CA ASP T 9 -43.07 0.77 -67.88
C ASP T 9 -41.80 -0.02 -68.12
N LEU T 10 -41.66 -1.20 -67.49
CA LEU T 10 -40.45 -1.98 -67.68
C LEU T 10 -40.41 -2.61 -69.06
N LYS T 11 -41.56 -2.73 -69.73
CA LYS T 11 -41.53 -3.16 -71.13
C LYS T 11 -40.88 -2.11 -72.02
N THR T 12 -41.01 -0.83 -71.66
CA THR T 12 -40.35 0.23 -72.41
C THR T 12 -38.94 0.48 -71.88
N ARG T 13 -38.76 0.39 -70.56
CA ARG T 13 -37.47 0.70 -69.98
C ARG T 13 -36.49 -0.44 -70.16
N TYR T 14 -36.92 -1.68 -69.94
CA TYR T 14 -36.07 -2.87 -70.04
C TYR T 14 -36.58 -3.68 -71.23
N PRO T 15 -36.01 -3.48 -72.42
CA PRO T 15 -36.72 -3.83 -73.67
C PRO T 15 -36.90 -5.32 -73.90
N GLU T 16 -36.16 -6.18 -73.21
CA GLU T 16 -36.30 -7.62 -73.43
C GLU T 16 -37.65 -8.14 -72.94
N PHE T 17 -38.17 -7.57 -71.86
CA PHE T 17 -39.43 -8.05 -71.30
C PHE T 17 -40.56 -7.48 -72.12
N THR T 18 -41.15 -8.31 -72.97
CA THR T 18 -42.37 -7.96 -73.69
C THR T 18 -43.32 -9.14 -73.82
N GLY T 19 -43.21 -10.12 -72.94
CA GLY T 19 -44.00 -11.33 -73.05
C GLY T 19 -45.44 -11.20 -72.58
N VAL T 20 -45.64 -10.86 -71.31
CA VAL T 20 -46.98 -10.80 -70.71
C VAL T 20 -47.05 -9.58 -69.80
N SER T 21 -48.25 -9.06 -69.61
CA SER T 21 -48.49 -7.96 -68.68
C SER T 21 -49.32 -8.37 -67.47
N ASP T 22 -49.66 -9.65 -67.34
CA ASP T 22 -50.44 -10.13 -66.21
C ASP T 22 -49.54 -10.71 -65.12
N ALA T 23 -48.52 -11.47 -65.51
CA ALA T 23 -47.59 -12.05 -64.56
C ALA T 23 -46.47 -11.09 -64.18
N VAL T 24 -46.61 -9.81 -64.49
CA VAL T 24 -45.63 -8.80 -64.14
C VAL T 24 -46.21 -7.79 -63.16
N VAL T 25 -47.27 -7.09 -63.58
CA VAL T 25 -47.80 -5.99 -62.78
C VAL T 25 -48.52 -6.51 -61.56
N ASN T 26 -49.45 -7.43 -61.76
CA ASN T 26 -50.24 -7.92 -60.64
C ASN T 26 -49.43 -8.93 -59.82
N ALA T 27 -48.37 -9.49 -60.39
CA ALA T 27 -47.70 -10.61 -59.76
C ALA T 27 -46.41 -10.22 -59.04
N ILE T 28 -45.67 -9.24 -59.54
CA ILE T 28 -44.35 -8.94 -59.00
C ILE T 28 -44.24 -7.50 -58.51
N ILE T 29 -44.81 -6.55 -59.26
CA ILE T 29 -44.84 -5.14 -58.85
C ILE T 29 -45.52 -4.98 -57.49
N ALA T 30 -46.54 -5.80 -57.21
CA ALA T 30 -47.18 -5.77 -55.90
C ALA T 30 -46.27 -6.33 -54.82
N GLU T 31 -45.32 -7.20 -55.18
CA GLU T 31 -44.42 -7.78 -54.18
C GLU T 31 -43.27 -6.86 -53.84
N VAL T 32 -42.83 -6.04 -54.79
CA VAL T 32 -41.56 -5.35 -54.72
C VAL T 32 -41.68 -3.98 -54.07
N ASN T 33 -42.72 -3.22 -54.41
CA ASN T 33 -42.79 -1.78 -54.10
C ASN T 33 -42.88 -1.42 -52.62
N GLY T 34 -42.90 -2.41 -51.73
CA GLY T 34 -42.76 -2.12 -50.32
C GLY T 34 -41.36 -1.72 -49.92
N MET T 35 -40.36 -1.99 -50.78
CA MET T 35 -38.98 -1.64 -50.46
C MET T 35 -38.73 -0.15 -50.66
N VAL T 36 -39.48 0.49 -51.55
CA VAL T 36 -39.28 1.92 -51.77
C VAL T 36 -40.14 2.68 -50.78
N ASP T 37 -39.89 3.97 -50.63
CA ASP T 37 -40.52 4.77 -49.60
C ASP T 37 -40.55 6.21 -50.09
N ASP T 38 -41.27 7.06 -49.36
CA ASP T 38 -41.19 8.48 -49.62
C ASP T 38 -39.88 9.09 -49.15
N GLY T 39 -39.13 8.37 -48.30
CA GLY T 39 -37.86 8.86 -47.80
C GLY T 39 -36.72 8.83 -48.80
N TRP T 40 -36.94 8.30 -50.00
CA TRP T 40 -35.85 8.29 -50.96
C TRP T 40 -35.93 9.55 -51.81
N GLU T 41 -35.03 9.65 -52.78
CA GLU T 41 -35.07 10.78 -53.70
C GLU T 41 -36.17 10.59 -54.74
N VAL T 42 -36.50 11.67 -55.43
CA VAL T 42 -37.55 11.61 -56.43
C VAL T 42 -37.05 10.91 -57.69
N SER T 43 -35.75 10.97 -57.95
CA SER T 43 -35.16 10.36 -59.13
C SER T 43 -34.89 8.88 -58.95
N ASP T 44 -35.28 8.30 -57.82
CA ASP T 44 -34.99 6.91 -57.53
C ASP T 44 -36.20 6.06 -57.22
N GLN T 45 -37.36 6.67 -56.94
CA GLN T 45 -38.54 5.88 -56.59
C GLN T 45 -39.11 5.16 -57.80
N LYS T 46 -38.91 5.69 -58.99
CA LYS T 46 -39.30 5.00 -60.21
C LYS T 46 -38.30 3.95 -60.70
N PRO T 47 -36.98 4.20 -60.81
CA PRO T 47 -36.14 3.16 -61.42
C PRO T 47 -35.79 2.01 -60.50
N ALA T 48 -35.78 2.22 -59.18
CA ALA T 48 -35.35 1.15 -58.29
C ALA T 48 -36.40 0.06 -58.17
N VAL T 49 -37.68 0.45 -58.15
CA VAL T 49 -38.75 -0.55 -58.17
C VAL T 49 -38.80 -1.22 -59.53
N LEU T 50 -38.50 -0.47 -60.57
CA LEU T 50 -38.56 -1.00 -61.92
C LEU T 50 -37.39 -1.91 -62.21
N ALA T 51 -36.35 -1.89 -61.36
CA ALA T 51 -35.18 -2.75 -61.51
C ALA T 51 -35.25 -3.96 -60.60
N LEU T 52 -35.75 -3.79 -59.37
CA LEU T 52 -35.85 -4.92 -58.46
C LEU T 52 -36.93 -5.88 -58.91
N ALA T 53 -37.98 -5.36 -59.55
CA ALA T 53 -39.02 -6.24 -60.09
C ALA T 53 -38.50 -7.03 -61.27
N ALA T 54 -37.58 -6.45 -62.04
CA ALA T 54 -36.99 -7.19 -63.16
C ALA T 54 -36.00 -8.24 -62.65
N HIS T 55 -35.48 -8.05 -61.45
CA HIS T 55 -34.65 -9.07 -60.83
C HIS T 55 -35.48 -10.30 -60.49
N MET T 56 -36.71 -10.08 -59.98
CA MET T 56 -37.58 -11.20 -59.64
C MET T 56 -38.12 -11.87 -60.90
N LEU T 57 -38.25 -11.11 -61.98
CA LEU T 57 -38.61 -11.69 -63.27
C LEU T 57 -37.50 -12.59 -63.79
N SER T 58 -36.28 -12.06 -63.83
CA SER T 58 -35.15 -12.81 -64.38
C SER T 58 -34.61 -13.84 -63.42
N ARG T 59 -35.02 -13.82 -62.15
CA ARG T 59 -34.69 -14.93 -61.26
C ARG T 59 -35.44 -16.18 -61.68
N GLU T 60 -36.68 -16.02 -62.13
CA GLU T 60 -37.38 -17.06 -62.87
C GLU T 60 -36.96 -16.97 -64.34
N GLY T 61 -37.67 -17.67 -65.23
CA GLY T 61 -37.21 -17.72 -66.61
C GLY T 61 -37.41 -16.43 -67.36
N TYR T 62 -38.66 -16.10 -67.66
CA TYR T 62 -39.09 -15.00 -68.52
C TYR T 62 -40.55 -14.77 -68.14
N PRO T 63 -41.10 -13.52 -68.25
CA PRO T 63 -41.94 -12.95 -67.19
C PRO T 63 -42.88 -13.87 -66.42
N GLY T 64 -43.65 -14.69 -67.13
CA GLY T 64 -44.43 -15.71 -66.47
C GLY T 64 -43.70 -17.02 -66.36
N ARG T 65 -42.44 -16.96 -65.89
CA ARG T 65 -41.54 -18.06 -65.56
C ARG T 65 -40.98 -18.75 -66.82
N ALA T 66 -41.50 -18.43 -68.00
CA ALA T 66 -41.04 -19.14 -69.18
C ALA T 66 -41.23 -18.27 -70.41
N THR T 67 -40.34 -18.47 -71.36
CA THR T 67 -40.51 -18.04 -72.72
C THR T 67 -41.33 -19.09 -73.48
N ASN T 68 -41.32 -19.01 -74.80
CA ASN T 68 -42.10 -19.95 -75.60
C ASN T 68 -41.58 -21.38 -75.54
N PRO T 69 -40.28 -21.67 -75.49
CA PRO T 69 -39.86 -23.00 -75.00
C PRO T 69 -39.95 -23.08 -73.49
N ASN T 70 -40.51 -24.18 -73.00
CA ASN T 70 -40.72 -24.37 -71.56
C ASN T 70 -39.60 -25.22 -70.97
N SER T 71 -38.44 -24.59 -70.87
CA SER T 71 -37.25 -25.22 -70.28
C SER T 71 -36.76 -24.31 -69.15
N PHE T 72 -37.35 -24.51 -67.97
CA PHE T 72 -37.00 -23.75 -66.78
C PHE T 72 -36.67 -24.71 -65.65
N ASP T 73 -35.59 -24.43 -64.93
CA ASP T 73 -35.21 -25.24 -63.79
C ASP T 73 -35.47 -24.44 -62.52
N PRO T 74 -36.06 -25.04 -61.48
CA PRO T 74 -36.43 -24.25 -60.30
C PRO T 74 -35.23 -23.83 -59.47
N THR T 75 -34.13 -24.55 -59.56
CA THR T 75 -32.85 -24.11 -59.05
C THR T 75 -32.10 -23.48 -60.21
N ASN T 76 -31.77 -22.20 -60.10
CA ASN T 76 -31.04 -21.55 -61.19
C ASN T 76 -29.59 -22.03 -61.21
N ARG T 77 -29.40 -23.21 -61.77
CA ARG T 77 -28.11 -23.87 -61.76
C ARG T 77 -27.23 -23.31 -62.86
N PRO T 78 -26.07 -22.74 -62.56
CA PRO T 78 -25.27 -22.11 -63.60
C PRO T 78 -24.60 -23.13 -64.49
N ILE T 79 -24.36 -22.72 -65.73
CA ILE T 79 -23.81 -23.58 -66.77
C ILE T 79 -22.33 -23.28 -66.90
N LEU T 80 -21.51 -24.32 -66.85
CA LEU T 80 -20.07 -24.15 -66.96
C LEU T 80 -19.58 -24.27 -68.39
N SER T 81 -19.98 -25.33 -69.10
CA SER T 81 -19.42 -25.57 -70.41
C SER T 81 -20.40 -26.42 -71.21
N ARG T 82 -20.64 -26.01 -72.46
CA ARG T 82 -21.42 -26.79 -73.39
C ARG T 82 -20.54 -27.21 -74.57
N LYS T 83 -21.08 -28.09 -75.40
CA LYS T 83 -20.41 -28.59 -76.59
C LYS T 83 -21.46 -29.18 -77.51
N VAL T 84 -21.43 -28.77 -78.77
CA VAL T 84 -22.46 -29.21 -79.72
C VAL T 84 -21.90 -30.07 -80.84
N GLY T 85 -20.62 -30.40 -80.86
CA GLY T 85 -20.15 -31.43 -81.77
C GLY T 85 -20.69 -32.79 -81.38
N ASP T 86 -20.40 -33.22 -80.17
CA ASP T 86 -21.18 -34.24 -79.48
C ASP T 86 -21.82 -33.54 -78.29
N VAL T 87 -23.09 -33.82 -78.04
CA VAL T 87 -23.84 -33.02 -77.08
C VAL T 87 -23.37 -33.34 -75.67
N SER T 88 -22.77 -32.34 -75.01
CA SER T 88 -22.20 -32.53 -73.69
C SER T 88 -22.29 -31.20 -72.94
N THR T 89 -22.79 -31.26 -71.72
CA THR T 89 -22.83 -30.10 -70.85
C THR T 89 -22.25 -30.45 -69.50
N THR T 90 -21.73 -29.43 -68.82
CA THR T 90 -21.35 -29.51 -67.42
C THR T 90 -22.05 -28.38 -66.68
N PHE T 91 -22.57 -28.67 -65.50
CA PHE T 91 -23.38 -27.71 -64.76
C PHE T 91 -22.64 -27.23 -63.52
N GLY T 92 -23.32 -26.40 -62.73
CA GLY T 92 -22.78 -25.87 -61.50
C GLY T 92 -23.37 -26.58 -60.30
N ARG T 93 -22.85 -26.27 -59.13
CA ARG T 93 -23.26 -26.91 -57.89
C ARG T 93 -23.84 -25.86 -56.95
N THR T 94 -25.12 -26.01 -56.61
CA THR T 94 -25.85 -25.01 -55.84
C THR T 94 -26.75 -25.73 -54.85
N ASP T 95 -26.33 -25.79 -53.58
CA ASP T 95 -27.07 -26.53 -52.57
C ASP T 95 -27.47 -25.70 -51.38
N GLY T 96 -26.54 -24.98 -50.76
CA GLY T 96 -26.91 -23.96 -49.80
C GLY T 96 -26.46 -22.60 -50.31
N GLY T 97 -25.33 -22.65 -51.02
CA GLY T 97 -24.77 -21.49 -51.68
C GLY T 97 -23.72 -21.96 -52.65
N ALA T 98 -23.55 -21.20 -53.73
CA ALA T 98 -22.91 -21.74 -54.93
C ALA T 98 -21.53 -21.17 -55.18
N ALA T 99 -21.40 -19.85 -55.33
CA ALA T 99 -20.09 -19.23 -55.56
C ALA T 99 -20.13 -17.84 -54.97
N GLU T 100 -19.51 -17.69 -53.79
CA GLU T 100 -19.51 -16.46 -52.98
C GLU T 100 -20.93 -15.96 -52.67
N GLY T 101 -21.89 -16.88 -52.59
CA GLY T 101 -23.25 -16.56 -52.24
C GLY T 101 -23.69 -17.35 -51.03
N GLY T 102 -24.31 -16.68 -50.07
CA GLY T 102 -24.58 -17.28 -48.78
C GLY T 102 -25.73 -18.28 -48.80
N ALA T 103 -26.23 -18.55 -47.59
CA ALA T 103 -27.30 -19.52 -47.41
C ALA T 103 -28.38 -19.04 -46.44
N ASN T 104 -28.30 -17.82 -45.92
CA ASN T 104 -29.26 -17.33 -44.96
C ASN T 104 -29.78 -15.95 -45.33
N SER T 105 -29.31 -15.37 -46.41
CA SER T 105 -29.71 -14.04 -46.83
C SER T 105 -30.35 -14.12 -48.21
N TYR T 106 -30.62 -12.96 -48.79
CA TYR T 106 -31.04 -12.89 -50.18
C TYR T 106 -29.90 -12.31 -51.00
N ASN T 107 -29.57 -12.95 -52.11
CA ASN T 107 -28.45 -12.55 -52.95
C ASN T 107 -28.97 -11.57 -54.00
N TYR T 108 -28.61 -10.31 -53.86
CA TYR T 108 -28.95 -9.29 -54.84
C TYR T 108 -27.89 -9.12 -55.93
N SER T 109 -26.75 -9.80 -55.80
CA SER T 109 -25.61 -9.54 -56.66
C SER T 109 -25.43 -10.62 -57.72
N SER T 110 -26.52 -11.25 -58.15
CA SER T 110 -26.41 -12.29 -59.16
C SER T 110 -26.68 -11.78 -60.57
N THR T 111 -27.67 -10.91 -60.75
CA THR T 111 -28.00 -10.35 -62.05
C THR T 111 -27.73 -8.86 -62.04
N VAL T 112 -27.72 -8.28 -63.24
CA VAL T 112 -27.52 -6.83 -63.39
C VAL T 112 -28.70 -6.07 -62.82
N TYR T 113 -29.88 -6.67 -62.88
CA TYR T 113 -31.11 -6.00 -62.49
C TYR T 113 -31.18 -5.74 -61.00
N GLY T 114 -30.44 -6.50 -60.20
CA GLY T 114 -30.41 -6.30 -58.77
C GLY T 114 -29.20 -5.49 -58.36
N GLN T 115 -28.12 -5.57 -59.14
CA GLN T 115 -26.93 -4.80 -58.83
C GLN T 115 -27.16 -3.32 -59.08
N THR T 116 -28.02 -2.98 -60.05
CA THR T 116 -28.42 -1.59 -60.21
C THR T 116 -29.36 -1.15 -59.10
N PHE T 117 -30.08 -2.10 -58.50
CA PHE T 117 -30.83 -1.78 -57.30
C PHE T 117 -29.93 -1.63 -56.09
N LEU T 118 -28.85 -2.42 -56.05
CA LEU T 118 -28.08 -2.51 -54.81
C LEU T 118 -27.23 -1.27 -54.60
N ARG T 119 -26.82 -0.60 -55.68
CA ARG T 119 -26.13 0.67 -55.51
C ARG T 119 -27.10 1.82 -55.31
N LEU T 120 -28.38 1.63 -55.58
CA LEU T 120 -29.37 2.64 -55.22
C LEU T 120 -29.90 2.42 -53.83
N LEU T 121 -29.80 1.18 -53.33
CA LEU T 121 -30.25 0.88 -51.98
C LEU T 121 -29.25 1.38 -50.96
N ARG T 122 -27.97 1.42 -51.32
CA ARG T 122 -26.96 1.86 -50.36
C ARG T 122 -26.97 3.37 -50.20
N LEU T 123 -27.23 4.10 -51.29
CA LEU T 123 -27.13 5.55 -51.23
C LEU T 123 -28.30 6.16 -50.49
N ASN T 124 -29.46 5.53 -50.55
CA ASN T 124 -30.71 6.13 -50.08
C ASN T 124 -31.16 5.59 -48.73
N ALA T 125 -30.55 4.53 -48.24
CA ALA T 125 -30.91 3.91 -46.97
C ALA T 125 -29.65 3.76 -46.13
N PRO T 126 -29.25 4.80 -45.41
CA PRO T 126 -28.11 4.65 -44.49
C PRO T 126 -28.48 3.77 -43.32
N ALA T 127 -27.55 2.90 -42.93
CA ALA T 127 -27.84 1.81 -42.01
C ALA T 127 -27.35 2.16 -40.61
N VAL T 128 -28.27 2.65 -39.78
CA VAL T 128 -28.01 2.94 -38.37
C VAL T 128 -29.34 3.00 -37.65
N GLY T 129 -29.31 2.78 -36.34
CA GLY T 129 -30.45 3.01 -35.48
C GLY T 129 -30.00 3.28 -34.06
N LEU T 130 -30.87 3.94 -33.31
CA LEU T 130 -30.53 4.28 -31.93
C LEU T 130 -31.40 3.53 -30.93
N VAL T 131 -32.36 2.74 -31.38
CA VAL T 131 -33.14 1.95 -30.46
C VAL T 131 -32.37 0.75 -29.95
N ASN U 2 -24.74 20.86 -60.96
CA ASN U 2 -24.61 20.34 -62.31
C ASN U 2 -25.53 21.10 -63.25
N PRO U 3 -25.08 22.27 -63.73
CA PRO U 3 -25.97 23.11 -64.54
C PRO U 3 -26.23 22.55 -65.93
N ILE U 4 -25.36 21.68 -66.42
CA ILE U 4 -25.52 21.13 -67.76
C ILE U 4 -25.42 19.61 -67.73
N PRO U 5 -26.53 18.90 -67.94
CA PRO U 5 -26.45 17.44 -68.03
C PRO U 5 -25.70 17.01 -69.27
N ALA U 6 -24.73 16.13 -69.06
CA ALA U 6 -23.87 15.63 -70.13
C ALA U 6 -24.67 14.66 -70.99
N ALA U 7 -25.23 15.17 -72.09
CA ALA U 7 -26.07 14.38 -72.97
C ALA U 7 -25.49 14.35 -74.37
N SER U 8 -25.58 13.17 -75.00
CA SER U 8 -25.30 12.92 -76.41
C SER U 8 -23.87 13.23 -76.85
N ASP U 9 -22.95 13.36 -75.89
CA ASP U 9 -21.56 13.59 -76.25
C ASP U 9 -20.75 12.31 -76.19
N LEU U 10 -21.30 11.26 -75.57
CA LEU U 10 -20.55 10.02 -75.49
C LEU U 10 -20.48 9.31 -76.83
N LYS U 11 -21.38 9.63 -77.76
CA LYS U 11 -21.23 9.13 -79.13
C LYS U 11 -20.00 9.71 -79.81
N THR U 12 -19.63 10.94 -79.46
CA THR U 12 -18.41 11.53 -79.99
C THR U 12 -17.19 11.19 -79.15
N ARG U 13 -17.38 11.14 -77.83
CA ARG U 13 -16.26 10.92 -76.93
C ARG U 13 -15.87 9.45 -76.90
N TYR U 14 -16.84 8.55 -76.82
CA TYR U 14 -16.62 7.11 -76.75
C TYR U 14 -17.15 6.50 -78.03
N PRO U 15 -16.30 6.33 -79.05
CA PRO U 15 -16.79 6.21 -80.44
C PRO U 15 -17.55 4.93 -80.76
N GLU U 16 -17.45 3.90 -79.92
CA GLU U 16 -18.16 2.65 -80.20
C GLU U 16 -19.66 2.82 -80.06
N PHE U 17 -20.11 3.64 -79.13
CA PHE U 17 -21.54 3.81 -78.90
C PHE U 17 -22.09 4.75 -79.96
N THR U 18 -22.78 4.18 -80.94
CA THR U 18 -23.51 4.97 -81.93
C THR U 18 -24.83 4.31 -82.31
N GLY U 19 -25.37 3.46 -81.45
CA GLY U 19 -26.57 2.72 -81.77
C GLY U 19 -27.86 3.50 -81.66
N VAL U 20 -28.18 4.00 -80.46
CA VAL U 20 -29.44 4.69 -80.21
C VAL U 20 -29.16 5.89 -79.31
N SER U 21 -30.03 6.90 -79.41
CA SER U 21 -29.96 8.07 -78.54
C SER U 21 -31.13 8.17 -77.58
N ASP U 22 -32.02 7.18 -77.56
CA ASP U 22 -33.16 7.18 -76.65
C ASP U 22 -32.89 6.37 -75.40
N ALA U 23 -32.26 5.22 -75.55
CA ALA U 23 -31.92 4.37 -74.41
C ALA U 23 -30.61 4.77 -73.76
N VAL U 24 -30.09 5.96 -74.07
CA VAL U 24 -28.87 6.47 -73.46
C VAL U 24 -29.15 7.71 -72.63
N VAL U 25 -29.67 8.76 -73.28
CA VAL U 25 -29.81 10.05 -72.61
C VAL U 25 -30.95 10.00 -71.60
N ASN U 26 -32.12 9.57 -72.04
CA ASN U 26 -33.27 9.55 -71.15
C ASN U 26 -33.20 8.38 -70.18
N ALA U 27 -32.40 7.37 -70.49
CA ALA U 27 -32.46 6.13 -69.74
C ALA U 27 -31.34 5.97 -68.74
N ILE U 28 -30.14 6.49 -69.02
CA ILE U 28 -28.98 6.23 -68.17
C ILE U 28 -28.36 7.51 -67.64
N ILE U 29 -28.27 8.55 -68.47
CA ILE U 29 -27.75 9.86 -68.05
C ILE U 29 -28.58 10.42 -66.89
N ALA U 30 -29.90 10.15 -66.89
CA ALA U 30 -30.73 10.57 -65.78
C ALA U 30 -30.44 9.76 -64.51
N GLU U 31 -29.93 8.54 -64.65
CA GLU U 31 -29.62 7.71 -63.49
C GLU U 31 -28.29 8.06 -62.85
N VAL U 32 -27.33 8.53 -63.65
CA VAL U 32 -25.94 8.59 -63.25
C VAL U 32 -25.59 9.93 -62.63
N ASN U 33 -26.07 11.03 -63.19
CA ASN U 33 -25.56 12.38 -62.87
C ASN U 33 -25.81 12.88 -61.45
N GLY U 34 -26.47 12.08 -60.61
CA GLY U 34 -26.54 12.40 -59.20
C GLY U 34 -25.23 12.17 -58.47
N MET U 35 -24.31 11.42 -59.06
CA MET U 35 -23.02 11.16 -58.43
C MET U 35 -22.10 12.36 -58.52
N VAL U 36 -22.26 13.19 -59.54
CA VAL U 36 -21.42 14.37 -59.68
C VAL U 36 -22.04 15.52 -58.90
N ASP U 37 -21.28 16.57 -58.68
CA ASP U 37 -21.71 17.64 -57.80
C ASP U 37 -20.99 18.91 -58.25
N ASP U 38 -21.40 20.05 -57.70
CA ASP U 38 -20.64 21.27 -57.90
C ASP U 38 -19.34 21.27 -57.11
N GLY U 39 -19.20 20.38 -56.12
CA GLY U 39 -17.99 20.31 -55.32
C GLY U 39 -16.79 19.70 -56.01
N TRP U 40 -16.95 19.22 -57.24
CA TRP U 40 -15.80 18.65 -57.91
C TRP U 40 -15.10 19.74 -58.73
N GLU U 41 -14.06 19.36 -59.45
CA GLU U 41 -13.39 20.30 -60.33
C GLU U 41 -14.20 20.52 -61.59
N VAL U 42 -13.84 21.57 -62.33
CA VAL U 42 -14.56 21.89 -63.55
C VAL U 42 -14.14 20.94 -64.67
N SER U 43 -12.93 20.41 -64.61
CA SER U 43 -12.43 19.50 -65.62
C SER U 43 -12.88 18.06 -65.42
N ASP U 44 -13.74 17.82 -64.43
CA ASP U 44 -14.16 16.47 -64.11
C ASP U 44 -15.66 16.27 -64.13
N GLN U 45 -16.46 17.34 -64.12
CA GLN U 45 -17.91 17.17 -64.09
C GLN U 45 -18.46 16.67 -65.42
N LYS U 46 -17.78 16.97 -66.51
CA LYS U 46 -18.15 16.41 -67.80
C LYS U 46 -17.64 14.98 -68.06
N PRO U 47 -16.36 14.63 -67.84
CA PRO U 47 -15.94 13.27 -68.25
C PRO U 47 -16.37 12.17 -67.30
N ALA U 48 -16.56 12.47 -66.02
CA ALA U 48 -16.87 11.40 -65.06
C ALA U 48 -18.29 10.89 -65.24
N VAL U 49 -19.22 11.80 -65.51
CA VAL U 49 -20.59 11.38 -65.81
C VAL U 49 -20.63 10.68 -67.16
N LEU U 50 -19.79 11.13 -68.09
CA LEU U 50 -19.78 10.57 -69.42
C LEU U 50 -19.09 9.21 -69.44
N ALA U 51 -18.38 8.85 -68.37
CA ALA U 51 -17.73 7.56 -68.26
C ALA U 51 -18.52 6.58 -67.40
N LEU U 52 -19.15 7.06 -66.34
CA LEU U 52 -19.95 6.17 -65.50
C LEU U 52 -21.22 5.74 -66.22
N ALA U 53 -21.74 6.60 -67.09
CA ALA U 53 -22.91 6.23 -67.87
C ALA U 53 -22.55 5.18 -68.92
N ALA U 54 -21.33 5.24 -69.43
CA ALA U 54 -20.88 4.22 -70.39
C ALA U 54 -20.61 2.90 -69.69
N HIS U 55 -20.34 2.94 -68.39
CA HIS U 55 -20.22 1.72 -67.61
C HIS U 55 -21.57 1.02 -67.51
N MET U 56 -22.64 1.78 -67.31
CA MET U 56 -23.97 1.19 -67.22
C MET U 56 -24.45 0.72 -68.58
N LEU U 57 -23.99 1.37 -69.65
CA LEU U 57 -24.27 0.88 -71.00
C LEU U 57 -23.58 -0.44 -71.26
N SER U 58 -22.28 -0.52 -70.98
CA SER U 58 -21.50 -1.71 -71.27
C SER U 58 -21.71 -2.80 -70.23
N ARG U 59 -22.35 -2.49 -69.10
CA ARG U 59 -22.75 -3.55 -68.18
C ARG U 59 -23.87 -4.38 -68.80
N GLU U 60 -24.77 -3.73 -69.54
CA GLU U 60 -25.67 -4.42 -70.43
C GLU U 60 -24.94 -4.65 -71.76
N GLY U 61 -25.66 -5.04 -72.80
CA GLY U 61 -24.97 -5.41 -74.04
C GLY U 61 -24.39 -4.22 -74.78
N TYR U 62 -25.26 -3.41 -75.38
CA TYR U 62 -24.96 -2.32 -76.28
C TYR U 62 -26.21 -1.44 -76.26
N PRO U 63 -26.10 -0.10 -76.48
CA PRO U 63 -26.82 0.87 -75.63
C PRO U 63 -28.22 0.52 -75.14
N GLY U 64 -29.09 0.06 -76.02
CA GLY U 64 -30.38 -0.44 -75.61
C GLY U 64 -30.34 -1.94 -75.35
N ARG U 65 -29.33 -2.39 -74.59
CA ARG U 65 -29.11 -3.74 -74.08
C ARG U 65 -28.64 -4.71 -75.18
N ALA U 66 -28.69 -4.30 -76.44
CA ALA U 66 -28.34 -5.23 -77.49
C ALA U 66 -27.84 -4.48 -78.71
N THR U 67 -26.94 -5.14 -79.42
CA THR U 67 -26.59 -4.78 -80.78
C THR U 67 -27.59 -5.43 -81.73
N ASN U 68 -27.25 -5.48 -83.01
CA ASN U 68 -28.17 -6.05 -83.99
C ASN U 68 -28.36 -7.55 -83.85
N PRO U 69 -27.37 -8.38 -83.48
CA PRO U 69 -27.71 -9.70 -82.95
C PRO U 69 -28.16 -9.61 -81.50
N ASN U 70 -29.26 -10.30 -81.19
CA ASN U 70 -29.85 -10.26 -79.85
C ASN U 70 -29.38 -11.47 -79.04
N SER U 71 -28.11 -11.40 -78.63
CA SER U 71 -27.50 -12.43 -77.78
C SER U 71 -26.94 -11.73 -76.55
N PHE U 72 -27.79 -11.55 -75.55
CA PHE U 72 -27.43 -10.91 -74.29
C PHE U 72 -27.82 -11.82 -73.15
N ASP U 73 -26.93 -11.97 -72.18
CA ASP U 73 -27.20 -12.78 -71.01
C ASP U 73 -27.37 -11.84 -69.82
N PRO U 74 -28.38 -12.02 -68.97
CA PRO U 74 -28.60 -11.06 -67.88
C PRO U 74 -27.57 -11.12 -66.79
N THR U 75 -26.92 -12.27 -66.63
CA THR U 75 -25.73 -12.38 -65.82
C THR U 75 -24.54 -12.25 -66.74
N ASN U 76 -23.71 -11.23 -66.51
CA ASN U 76 -22.55 -11.06 -67.38
C ASN U 76 -21.50 -12.12 -67.07
N ARG U 77 -21.72 -13.32 -67.60
CA ARG U 77 -20.91 -14.47 -67.29
C ARG U 77 -19.65 -14.45 -68.14
N PRO U 78 -18.46 -14.41 -67.54
CA PRO U 78 -17.23 -14.28 -68.34
C PRO U 78 -16.92 -15.57 -69.07
N ILE U 79 -16.25 -15.42 -70.21
CA ILE U 79 -15.92 -16.51 -71.12
C ILE U 79 -14.47 -16.90 -70.86
N LEU U 80 -14.24 -18.19 -70.64
CA LEU U 80 -12.88 -18.68 -70.40
C LEU U 80 -12.18 -19.13 -71.68
N SER U 81 -12.84 -19.95 -72.49
CA SER U 81 -12.17 -20.53 -73.64
C SER U 81 -13.21 -20.93 -74.67
N ARG U 82 -12.95 -20.57 -75.92
CA ARG U 82 -13.78 -21.01 -77.04
C ARG U 82 -12.92 -21.87 -77.98
N LYS U 83 -13.61 -22.49 -78.93
CA LYS U 83 -12.97 -23.33 -79.94
C LYS U 83 -13.93 -23.49 -81.10
N VAL U 84 -13.44 -23.24 -82.31
CA VAL U 84 -14.31 -23.26 -83.48
C VAL U 84 -13.96 -24.37 -84.46
N GLY U 85 -12.98 -25.23 -84.17
CA GLY U 85 -12.83 -26.44 -84.97
C GLY U 85 -13.99 -27.39 -84.75
N ASP U 86 -14.21 -27.79 -83.51
CA ASP U 86 -15.48 -28.31 -83.06
C ASP U 86 -16.00 -27.30 -82.05
N VAL U 87 -17.29 -26.97 -82.11
CA VAL U 87 -17.80 -25.85 -81.34
C VAL U 87 -17.85 -26.22 -79.87
N SER U 88 -17.03 -25.54 -79.07
CA SER U 88 -16.92 -25.83 -77.64
C SER U 88 -16.58 -24.54 -76.91
N THR U 89 -17.32 -24.27 -75.85
CA THR U 89 -17.03 -23.13 -74.99
C THR U 89 -16.99 -23.58 -73.54
N THR U 90 -16.24 -22.84 -72.73
CA THR U 90 -16.27 -22.96 -71.28
C THR U 90 -16.53 -21.57 -70.71
N PHE U 91 -17.39 -21.50 -69.70
CA PHE U 91 -17.83 -20.23 -69.15
C PHE U 91 -17.25 -20.01 -67.76
N GLY U 92 -17.66 -18.91 -67.15
CA GLY U 92 -17.23 -18.57 -65.80
C GLY U 92 -18.33 -18.83 -64.80
N ARG U 93 -18.00 -18.69 -63.53
CA ARG U 93 -18.92 -18.98 -62.44
C ARG U 93 -19.17 -17.70 -61.64
N THR U 94 -20.43 -17.24 -61.63
CA THR U 94 -20.79 -15.96 -61.03
C THR U 94 -22.10 -16.13 -60.30
N ASP U 95 -22.05 -16.26 -58.97
CA ASP U 95 -23.27 -16.50 -58.20
C ASP U 95 -23.51 -15.48 -57.10
N GLY U 96 -22.53 -15.19 -56.27
CA GLY U 96 -22.61 -14.03 -55.41
C GLY U 96 -21.49 -13.07 -55.75
N GLY U 97 -20.38 -13.66 -56.17
CA GLY U 97 -19.24 -12.92 -56.65
C GLY U 97 -18.31 -13.88 -57.35
N ALA U 98 -17.58 -13.37 -58.34
CA ALA U 98 -17.00 -14.23 -59.37
C ALA U 98 -15.48 -14.36 -59.26
N ALA U 99 -14.75 -13.24 -59.34
CA ALA U 99 -13.30 -13.28 -59.23
C ALA U 99 -12.84 -11.96 -58.64
N GLU U 100 -12.51 -11.99 -57.34
CA GLU U 100 -12.15 -10.82 -56.52
C GLU U 100 -13.23 -9.74 -56.56
N GLY U 101 -14.48 -10.13 -56.73
CA GLY U 101 -15.60 -9.22 -56.71
C GLY U 101 -16.60 -9.62 -55.65
N GLY U 102 -17.07 -8.67 -54.85
CA GLY U 102 -17.85 -8.98 -53.68
C GLY U 102 -19.29 -9.38 -54.00
N ALA U 103 -20.11 -9.31 -52.97
CA ALA U 103 -21.53 -9.68 -53.07
C ALA U 103 -22.46 -8.71 -52.38
N ASN U 104 -21.96 -7.60 -51.83
CA ASN U 104 -22.80 -6.66 -51.11
C ASN U 104 -22.55 -5.22 -51.55
N SER U 105 -21.64 -5.01 -52.48
CA SER U 105 -21.30 -3.67 -52.95
C SER U 105 -21.59 -3.58 -54.45
N TYR U 106 -21.17 -2.48 -55.06
CA TYR U 106 -21.19 -2.36 -56.50
C TYR U 106 -19.75 -2.41 -57.00
N ASN U 107 -19.51 -3.22 -58.02
CA ASN U 107 -18.17 -3.42 -58.56
C ASN U 107 -17.95 -2.41 -59.68
N TYR U 108 -17.11 -1.41 -59.42
CA TYR U 108 -16.73 -0.45 -60.44
C TYR U 108 -15.49 -0.85 -61.22
N SER U 109 -14.83 -1.93 -60.84
CA SER U 109 -13.54 -2.29 -61.40
C SER U 109 -13.62 -3.42 -62.42
N SER U 110 -14.74 -3.54 -63.11
CA SER U 110 -14.88 -4.61 -64.09
C SER U 110 -14.57 -4.16 -65.50
N THR U 111 -15.00 -2.97 -65.90
CA THR U 111 -14.75 -2.43 -67.22
C THR U 111 -13.85 -1.20 -67.12
N VAL U 112 -13.31 -0.80 -68.27
CA VAL U 112 -12.45 0.39 -68.32
C VAL U 112 -13.27 1.64 -68.04
N TYR U 113 -14.56 1.61 -68.39
CA TYR U 113 -15.41 2.78 -68.30
C TYR U 113 -15.70 3.18 -66.86
N GLY U 114 -15.57 2.24 -65.93
CA GLY U 114 -15.77 2.54 -64.52
C GLY U 114 -14.46 2.76 -63.81
N GLN U 115 -13.39 2.15 -64.31
CA GLN U 115 -12.08 2.36 -63.71
C GLN U 115 -11.57 3.76 -63.97
N THR U 116 -11.94 4.35 -65.11
CA THR U 116 -11.63 5.76 -65.33
C THR U 116 -12.51 6.65 -64.47
N PHE U 117 -13.68 6.17 -64.09
CA PHE U 117 -14.48 6.89 -63.10
C PHE U 117 -13.89 6.73 -61.70
N LEU U 118 -13.31 5.57 -61.42
CA LEU U 118 -12.97 5.25 -60.04
C LEU U 118 -11.72 6.01 -59.60
N ARG U 119 -10.83 6.34 -60.53
CA ARG U 119 -9.72 7.20 -60.17
C ARG U 119 -10.09 8.66 -60.17
N LEU U 120 -11.23 9.04 -60.76
CA LEU U 120 -11.72 10.40 -60.62
C LEU U 120 -12.59 10.54 -59.40
N LEU U 121 -13.15 9.43 -58.93
CA LEU U 121 -13.98 9.49 -57.74
C LEU U 121 -13.13 9.59 -56.49
N ARG U 122 -11.92 9.02 -56.52
CA ARG U 122 -11.06 9.06 -55.34
C ARG U 122 -10.44 10.44 -55.16
N LEU U 123 -10.09 11.11 -56.25
CA LEU U 123 -9.37 12.37 -56.14
C LEU U 123 -10.29 13.50 -55.69
N ASN U 124 -11.57 13.43 -56.04
CA ASN U 124 -12.48 14.55 -55.87
C ASN U 124 -13.42 14.38 -54.69
N ALA U 125 -13.48 13.20 -54.09
CA ALA U 125 -14.35 12.93 -52.95
C ALA U 125 -13.51 12.30 -51.85
N PRO U 126 -12.87 13.13 -51.01
CA PRO U 126 -12.15 12.58 -49.87
C PRO U 126 -13.13 12.04 -48.83
N ALA U 127 -12.80 10.90 -48.25
CA ALA U 127 -13.74 10.12 -47.45
C ALA U 127 -13.48 10.35 -45.97
N VAL U 128 -14.25 11.25 -45.37
CA VAL U 128 -14.21 11.52 -43.94
C VAL U 128 -15.51 12.22 -43.55
N GLY U 129 -15.88 12.12 -42.28
CA GLY U 129 -16.95 12.90 -41.71
C GLY U 129 -16.75 13.07 -40.23
N LEU U 130 -17.38 14.11 -39.69
CA LEU U 130 -17.27 14.38 -38.27
C LEU U 130 -18.57 14.17 -37.53
N VAL U 131 -19.65 13.85 -38.21
CA VAL U 131 -20.89 13.56 -37.53
C VAL U 131 -20.86 12.18 -36.87
N ASN V 2 1.73 24.20 -64.64
CA ASN V 2 1.92 23.55 -65.93
C ASN V 2 1.67 24.56 -67.03
N PRO V 3 2.69 25.36 -67.36
CA PRO V 3 2.48 26.43 -68.35
C PRO V 3 2.32 25.93 -69.77
N ILE V 4 2.80 24.73 -70.06
CA ILE V 4 2.73 24.18 -71.41
C ILE V 4 2.13 22.78 -71.39
N PRO V 5 0.90 22.61 -71.89
CA PRO V 5 0.34 21.27 -71.99
C PRO V 5 1.09 20.44 -73.02
N ALA V 6 1.48 19.24 -72.60
CA ALA V 6 2.26 18.33 -73.43
C ALA V 6 1.33 17.75 -74.49
N ALA V 7 1.32 18.34 -75.68
CA ALA V 7 0.43 17.92 -76.75
C ALA V 7 1.25 17.52 -77.97
N SER V 8 0.79 16.45 -78.63
CA SER V 8 1.25 15.98 -79.94
C SER V 8 2.72 15.60 -80.00
N ASP V 9 3.36 15.39 -78.86
CA ASP V 9 4.75 14.96 -78.85
C ASP V 9 4.86 13.47 -78.63
N LEU V 10 3.79 12.82 -78.18
CA LEU V 10 3.85 11.38 -77.96
C LEU V 10 3.91 10.61 -79.26
N LYS V 11 3.50 11.21 -80.37
CA LYS V 11 3.70 10.58 -81.67
C LYS V 11 5.18 10.50 -82.01
N THR V 12 5.97 11.47 -81.56
CA THR V 12 7.41 11.41 -81.77
C THR V 12 8.12 10.65 -80.65
N ARG V 13 7.64 10.81 -79.42
CA ARG V 13 8.31 10.18 -78.29
C ARG V 13 7.99 8.70 -78.20
N TYR V 14 6.72 8.34 -78.38
CA TYR V 14 6.26 6.95 -78.28
C TYR V 14 5.82 6.53 -79.68
N PRO V 15 6.72 5.91 -80.46
CA PRO V 15 6.55 5.91 -81.93
C PRO V 15 5.40 5.06 -82.45
N GLU V 16 4.84 4.17 -81.64
CA GLU V 16 3.74 3.33 -82.11
C GLU V 16 2.48 4.15 -82.34
N PHE V 17 2.24 5.17 -81.53
CA PHE V 17 1.02 5.96 -81.64
C PHE V 17 1.20 6.95 -82.79
N THR V 18 0.58 6.65 -83.92
CA THR V 18 0.53 7.59 -85.03
C THR V 18 -0.82 7.55 -85.75
N GLY V 19 -1.87 7.10 -85.06
CA GLY V 19 -3.17 6.93 -85.69
C GLY V 19 -3.95 8.21 -85.88
N VAL V 20 -4.27 8.90 -84.78
CA VAL V 20 -5.13 10.08 -84.83
C VAL V 20 -4.56 11.13 -83.86
N SER V 21 -4.83 12.40 -84.13
CA SER V 21 -4.45 13.48 -83.25
C SER V 21 -5.65 14.17 -82.60
N ASP V 22 -6.86 13.68 -82.83
CA ASP V 22 -8.06 14.26 -82.23
C ASP V 22 -8.47 13.52 -80.96
N ALA V 23 -8.40 12.19 -80.99
CA ALA V 23 -8.74 11.39 -79.82
C ALA V 23 -7.58 11.23 -78.85
N VAL V 24 -6.53 12.03 -79.00
CA VAL V 24 -5.39 12.02 -78.10
C VAL V 24 -5.27 13.33 -77.34
N VAL V 25 -5.10 14.44 -78.06
CA VAL V 25 -4.81 15.71 -77.42
C VAL V 25 -6.05 16.25 -76.71
N ASN V 26 -7.15 16.34 -77.44
CA ASN V 26 -8.35 16.90 -76.86
C ASN V 26 -9.04 15.92 -75.93
N ALA V 27 -8.72 14.63 -76.06
CA ALA V 27 -9.50 13.61 -75.38
C ALA V 27 -8.82 13.06 -74.13
N ILE V 28 -7.50 12.99 -74.10
CA ILE V 28 -6.81 12.31 -73.01
C ILE V 28 -5.82 13.24 -72.30
N ILE V 29 -5.08 14.06 -73.07
CA ILE V 29 -4.16 15.04 -72.51
C ILE V 29 -4.89 16.01 -71.57
N ALA V 30 -6.14 16.34 -71.90
CA ALA V 30 -6.93 17.18 -71.01
C ALA V 30 -7.33 16.44 -69.73
N GLU V 31 -7.40 15.11 -69.77
CA GLU V 31 -7.77 14.34 -68.58
C GLU V 31 -6.61 14.13 -67.63
N VAL V 32 -5.39 14.05 -68.17
CA VAL V 32 -4.24 13.53 -67.45
C VAL V 32 -3.49 14.63 -66.71
N ASN V 33 -3.27 15.78 -67.35
CA ASN V 33 -2.32 16.79 -66.89
C ASN V 33 -2.64 17.48 -65.57
N GLY V 34 -3.76 17.12 -64.92
CA GLY V 34 -4.00 17.56 -63.56
C GLY V 34 -3.14 16.85 -62.54
N MET V 35 -2.52 15.73 -62.91
CA MET V 35 -1.68 14.99 -61.99
C MET V 35 -0.32 15.65 -61.82
N VAL V 36 0.14 16.37 -62.83
CA VAL V 36 1.43 17.04 -62.74
C VAL V 36 1.22 18.41 -62.11
N ASP V 37 2.30 19.04 -61.67
CA ASP V 37 2.20 20.27 -60.90
C ASP V 37 3.49 21.04 -61.13
N ASP V 38 3.51 22.29 -60.66
CA ASP V 38 4.77 23.04 -60.64
C ASP V 38 5.71 22.54 -59.57
N GLY V 39 5.21 21.77 -58.60
CA GLY V 39 6.03 21.26 -57.53
C GLY V 39 6.96 20.12 -57.92
N TRP V 40 6.89 19.64 -59.16
CA TRP V 40 7.79 18.58 -59.55
C TRP V 40 9.06 19.18 -60.15
N GLU V 41 9.97 18.31 -60.60
CA GLU V 41 11.16 18.79 -61.26
C GLU V 41 10.85 19.23 -62.68
N VAL V 42 11.80 19.96 -63.28
CA VAL V 42 11.59 20.45 -64.64
C VAL V 42 11.78 19.31 -65.64
N SER V 43 12.58 18.31 -65.29
CA SER V 43 12.85 17.19 -66.18
C SER V 43 11.77 16.13 -66.13
N ASP V 44 10.70 16.36 -65.39
CA ASP V 44 9.66 15.37 -65.21
C ASP V 44 8.27 15.85 -65.60
N GLN V 45 8.05 17.15 -65.76
CA GLN V 45 6.72 17.65 -66.08
C GLN V 45 6.32 17.32 -67.51
N LYS V 46 7.30 17.19 -68.41
CA LYS V 46 7.02 16.73 -69.77
C LYS V 46 6.89 15.21 -69.91
N PRO V 47 7.79 14.35 -69.40
CA PRO V 47 7.64 12.93 -69.74
C PRO V 47 6.57 12.21 -68.95
N ALA V 48 6.23 12.67 -67.74
CA ALA V 48 5.28 11.93 -66.92
C ALA V 48 3.87 12.08 -67.45
N VAL V 49 3.51 13.28 -67.91
CA VAL V 49 2.22 13.48 -68.55
C VAL V 49 2.18 12.74 -69.87
N LEU V 50 3.32 12.70 -70.56
CA LEU V 50 3.38 12.08 -71.87
C LEU V 50 3.37 10.55 -71.75
N ALA V 51 3.58 10.02 -70.55
CA ALA V 51 3.55 8.59 -70.31
C ALA V 51 2.24 8.14 -69.70
N LEU V 52 1.66 8.93 -68.81
CA LEU V 52 0.38 8.56 -68.22
C LEU V 52 -0.74 8.66 -69.24
N ALA V 53 -0.63 9.59 -70.18
CA ALA V 53 -1.62 9.70 -71.24
C ALA V 53 -1.53 8.52 -72.19
N ALA V 54 -0.33 7.98 -72.39
CA ALA V 54 -0.17 6.79 -73.22
C ALA V 54 -0.69 5.55 -72.52
N HIS V 55 -0.73 5.59 -71.19
CA HIS V 55 -1.35 4.50 -70.44
C HIS V 55 -2.85 4.48 -70.68
N MET V 56 -3.48 5.64 -70.73
CA MET V 56 -4.92 5.70 -70.99
C MET V 56 -5.23 5.37 -72.44
N LEU V 57 -4.30 5.65 -73.34
CA LEU V 57 -4.44 5.23 -74.73
C LEU V 57 -4.39 3.71 -74.85
N SER V 58 -3.36 3.11 -74.27
CA SER V 58 -3.16 1.68 -74.38
C SER V 58 -4.06 0.88 -73.45
N ARG V 59 -4.72 1.53 -72.49
CA ARG V 59 -5.75 0.84 -71.73
C ARG V 59 -6.94 0.53 -72.63
N GLU V 60 -7.27 1.45 -73.53
CA GLU V 60 -8.15 1.14 -74.65
C GLU V 60 -7.32 0.49 -75.76
N GLY V 61 -7.88 0.37 -76.96
CA GLY V 61 -7.17 -0.37 -78.00
C GLY V 61 -5.97 0.38 -78.55
N TYR V 62 -6.22 1.42 -79.32
CA TYR V 62 -5.27 2.20 -80.10
C TYR V 62 -5.96 3.53 -80.36
N PRO V 63 -5.22 4.67 -80.51
CA PRO V 63 -5.61 5.94 -79.84
C PRO V 63 -7.09 6.26 -79.71
N GLY V 64 -7.84 6.17 -80.80
CA GLY V 64 -9.28 6.30 -80.71
C GLY V 64 -9.97 4.98 -80.50
N ARG V 65 -9.46 4.20 -79.52
CA ARG V 65 -9.99 2.93 -79.01
C ARG V 65 -9.77 1.76 -79.98
N ALA V 66 -9.34 2.04 -81.20
CA ALA V 66 -9.21 0.96 -82.17
C ALA V 66 -8.16 1.31 -83.20
N THR V 67 -7.51 0.27 -83.69
CA THR V 67 -6.74 0.31 -84.92
C THR V 67 -7.68 0.09 -86.09
N ASN V 68 -7.11 -0.22 -87.25
CA ASN V 68 -7.93 -0.41 -88.44
C ASN V 68 -8.81 -1.66 -88.38
N PRO V 69 -8.40 -2.80 -87.82
CA PRO V 69 -9.41 -3.80 -87.41
C PRO V 69 -10.08 -3.39 -86.11
N ASN V 70 -11.41 -3.50 -86.09
CA ASN V 70 -12.21 -3.09 -84.94
C ASN V 70 -12.53 -4.30 -84.07
N SER V 71 -11.50 -4.76 -83.36
CA SER V 71 -11.62 -5.87 -82.42
C SER V 71 -11.10 -5.39 -81.06
N PHE V 72 -11.99 -4.76 -80.30
CA PHE V 72 -11.68 -4.24 -78.98
C PHE V 72 -12.69 -4.78 -77.98
N ASP V 73 -12.20 -5.23 -76.84
CA ASP V 73 -13.07 -5.72 -75.77
C ASP V 73 -13.06 -4.71 -74.65
N PRO V 74 -14.22 -4.36 -74.07
CA PRO V 74 -14.23 -3.29 -73.06
C PRO V 74 -13.62 -3.71 -71.74
N THR V 75 -13.61 -5.01 -71.46
CA THR V 75 -12.80 -5.55 -70.37
C THR V 75 -11.50 -6.04 -70.98
N ASN V 76 -10.38 -5.48 -70.54
CA ASN V 76 -9.10 -5.91 -71.09
C ASN V 76 -8.74 -7.28 -70.55
N ARG V 77 -9.34 -8.30 -71.15
CA ARG V 77 -9.22 -9.67 -70.68
C ARG V 77 -7.93 -10.27 -71.20
N PRO V 78 -7.01 -10.70 -70.33
CA PRO V 78 -5.72 -11.20 -70.80
C PRO V 78 -5.84 -12.55 -71.47
N ILE V 79 -4.94 -12.79 -72.40
CA ILE V 79 -4.93 -14.00 -73.22
C ILE V 79 -3.91 -14.97 -72.64
N LEU V 80 -4.33 -16.21 -72.40
CA LEU V 80 -3.42 -17.20 -71.84
C LEU V 80 -2.73 -18.02 -72.92
N SER V 81 -3.48 -18.55 -73.88
CA SER V 81 -2.90 -19.46 -74.86
C SER V 81 -3.73 -19.45 -76.12
N ARG V 82 -3.07 -19.35 -77.26
CA ARG V 82 -3.72 -19.49 -78.55
C ARG V 82 -3.15 -20.70 -79.27
N LYS V 83 -3.80 -21.05 -80.38
CA LYS V 83 -3.39 -22.17 -81.22
C LYS V 83 -4.03 -22.00 -82.59
N VAL V 84 -3.22 -22.09 -83.64
CA VAL V 84 -3.70 -21.84 -84.98
C VAL V 84 -3.68 -23.07 -85.88
N GLY V 85 -3.28 -24.24 -85.38
CA GLY V 85 -3.51 -25.45 -86.14
C GLY V 85 -4.98 -25.79 -86.25
N ASP V 86 -5.63 -25.94 -85.10
CA ASP V 86 -7.08 -25.79 -84.98
C ASP V 86 -7.30 -24.58 -84.10
N VAL V 87 -8.26 -23.73 -84.48
CA VAL V 87 -8.37 -22.43 -83.82
C VAL V 87 -8.92 -22.62 -82.41
N SER V 88 -8.10 -22.29 -81.43
CA SER V 88 -8.45 -22.48 -80.03
C SER V 88 -7.76 -21.41 -79.21
N THR V 89 -8.52 -20.75 -78.34
CA THR V 89 -7.96 -19.78 -77.41
C THR V 89 -8.45 -20.09 -76.01
N THR V 90 -7.66 -19.66 -75.03
CA THR V 90 -8.06 -19.63 -73.63
C THR V 90 -7.81 -18.23 -73.10
N PHE V 91 -8.74 -17.71 -72.32
CA PHE V 91 -8.69 -16.32 -71.88
C PHE V 91 -8.41 -16.26 -70.38
N GLY V 92 -8.41 -15.05 -69.85
CA GLY V 92 -8.20 -14.81 -68.45
C GLY V 92 -9.50 -14.48 -67.74
N ARG V 93 -9.43 -14.37 -66.42
CA ARG V 93 -10.61 -14.14 -65.60
C ARG V 93 -10.44 -12.81 -64.87
N THR V 94 -11.33 -11.86 -65.14
CA THR V 94 -11.20 -10.50 -64.62
C THR V 94 -12.60 -10.01 -64.24
N ASP V 95 -12.91 -10.03 -62.94
CA ASP V 95 -14.25 -9.66 -62.49
C ASP V 95 -14.25 -8.54 -61.47
N GLY V 96 -13.46 -8.64 -60.41
CA GLY V 96 -13.22 -7.49 -59.56
C GLY V 96 -11.75 -7.14 -59.60
N GLY V 97 -10.94 -8.19 -59.76
CA GLY V 97 -9.51 -8.07 -59.93
C GLY V 97 -8.98 -9.40 -60.40
N ALA V 98 -7.89 -9.35 -61.17
CA ALA V 98 -7.54 -10.46 -62.03
C ALA V 98 -6.31 -11.22 -61.58
N ALA V 99 -5.16 -10.56 -61.45
CA ALA V 99 -3.95 -11.21 -60.98
C ALA V 99 -3.10 -10.17 -60.27
N GLU V 100 -3.12 -10.23 -58.94
CA GLU V 100 -2.47 -9.28 -58.02
C GLU V 100 -2.91 -7.84 -58.29
N GLY V 101 -4.14 -7.66 -58.78
CA GLY V 101 -4.71 -6.35 -59.00
C GLY V 101 -6.00 -6.19 -58.23
N GLY V 102 -6.16 -5.07 -57.55
CA GLY V 102 -7.25 -4.89 -56.62
C GLY V 102 -8.59 -4.65 -57.28
N ALA V 103 -9.52 -4.13 -56.49
CA ALA V 103 -10.87 -3.86 -56.93
C ALA V 103 -11.40 -2.52 -56.46
N ASN V 104 -10.62 -1.70 -55.79
CA ASN V 104 -11.09 -0.43 -55.26
C ASN V 104 -10.13 0.71 -55.61
N SER V 105 -9.03 0.44 -56.28
CA SER V 105 -8.04 1.43 -56.63
C SER V 105 -7.91 1.50 -58.13
N TYR V 106 -6.92 2.25 -58.60
CA TYR V 106 -6.54 2.24 -60.00
C TYR V 106 -5.21 1.53 -60.14
N ASN V 107 -5.13 0.61 -61.09
CA ASN V 107 -3.94 -0.20 -61.29
C ASN V 107 -3.03 0.51 -62.30
N TYR V 108 -1.92 1.06 -61.81
CA TYR V 108 -0.93 1.67 -62.69
C TYR V 108 0.14 0.70 -63.15
N SER V 109 0.14 -0.53 -62.64
CA SER V 109 1.23 -1.46 -62.87
C SER V 109 0.90 -2.52 -63.91
N SER V 110 0.03 -2.21 -64.87
CA SER V 110 -0.35 -3.19 -65.87
C SER V 110 0.45 -3.04 -67.15
N THR V 111 0.69 -1.82 -67.61
CA THR V 111 1.45 -1.57 -68.82
C THR V 111 2.75 -0.86 -68.48
N VAL V 112 3.67 -0.82 -69.45
CA VAL V 112 4.95 -0.14 -69.27
C VAL V 112 4.73 1.36 -69.16
N TYR V 113 3.69 1.87 -69.82
CA TYR V 113 3.44 3.30 -69.91
C TYR V 113 3.04 3.90 -68.57
N GLY V 114 2.51 3.09 -67.66
CA GLY V 114 2.16 3.56 -66.33
C GLY V 114 3.23 3.26 -65.32
N GLN V 115 4.00 2.20 -65.57
CA GLN V 115 5.09 1.86 -64.66
C GLN V 115 6.23 2.87 -64.75
N THR V 116 6.42 3.46 -65.93
CA THR V 116 7.36 4.57 -66.04
C THR V 116 6.81 5.82 -65.39
N PHE V 117 5.48 5.94 -65.32
CA PHE V 117 4.89 7.02 -64.54
C PHE V 117 5.01 6.75 -63.05
N LEU V 118 4.92 5.49 -62.65
CA LEU V 118 4.77 5.17 -61.24
C LEU V 118 6.07 5.33 -60.49
N ARG V 119 7.21 5.15 -61.17
CA ARG V 119 8.47 5.47 -60.53
C ARG V 119 8.80 6.95 -60.58
N LEU V 120 8.13 7.72 -61.42
CA LEU V 120 8.28 9.17 -61.38
C LEU V 120 7.31 9.79 -60.40
N LEU V 121 6.21 9.08 -60.11
CA LEU V 121 5.24 9.60 -59.16
C LEU V 121 5.75 9.42 -57.73
N ARG V 122 6.55 8.39 -57.49
CA ARG V 122 7.04 8.14 -56.13
C ARG V 122 8.15 9.12 -55.77
N LEU V 123 8.99 9.48 -56.73
CA LEU V 123 10.16 10.31 -56.42
C LEU V 123 9.76 11.75 -56.17
N ASN V 124 8.70 12.22 -56.83
CA ASN V 124 8.36 13.63 -56.85
C ASN V 124 7.21 14.00 -55.94
N ALA V 125 6.50 13.02 -55.40
CA ALA V 125 5.37 13.26 -54.52
C ALA V 125 5.56 12.43 -53.26
N PRO V 126 6.29 12.96 -52.28
CA PRO V 126 6.40 12.25 -51.00
C PRO V 126 5.08 12.30 -50.24
N ALA V 127 4.73 11.18 -49.64
CA ALA V 127 3.39 10.96 -49.11
C ALA V 127 3.37 11.18 -47.60
N VAL V 128 2.98 12.38 -47.19
CA VAL V 128 2.79 12.72 -45.78
C VAL V 128 1.90 13.96 -45.71
N GLY V 129 1.24 14.13 -44.56
CA GLY V 129 0.53 15.36 -44.27
C GLY V 129 0.43 15.55 -42.77
N LEU V 130 0.23 16.80 -42.37
CA LEU V 130 0.14 17.12 -40.96
C LEU V 130 -1.26 17.56 -40.56
N VAL V 131 -2.19 17.69 -41.49
CA VAL V 131 -3.54 18.03 -41.14
C VAL V 131 -4.29 16.84 -40.53
N ASN W 2 26.96 15.33 -61.66
CA ASN W 2 27.14 14.56 -62.89
C ASN W 2 27.62 15.48 -64.00
N PRO W 3 28.93 15.73 -64.06
CA PRO W 3 29.45 16.69 -65.03
C PRO W 3 29.41 16.18 -66.46
N ILE W 4 29.36 14.88 -66.65
CA ILE W 4 29.37 14.31 -68.00
C ILE W 4 28.22 13.31 -68.15
N PRO W 5 27.19 13.65 -68.94
CA PRO W 5 26.13 12.69 -69.21
C PRO W 5 26.64 11.52 -70.04
N ALA W 6 26.36 10.32 -69.57
CA ALA W 6 26.82 9.09 -70.22
C ALA W 6 25.99 8.88 -71.48
N ALA W 7 26.53 9.32 -72.62
CA ALA W 7 25.82 9.24 -73.89
C ALA W 7 26.62 8.41 -74.88
N SER W 8 25.90 7.60 -75.66
CA SER W 8 26.38 6.87 -76.83
C SER W 8 27.50 5.87 -76.55
N ASP W 9 27.71 5.51 -75.28
CA ASP W 9 28.72 4.53 -74.95
C ASP W 9 28.11 3.15 -74.74
N LEU W 10 26.79 3.08 -74.60
CA LEU W 10 26.16 1.78 -74.39
C LEU W 10 26.16 0.94 -75.66
N LYS W 11 26.31 1.58 -76.83
CA LYS W 11 26.51 0.81 -78.05
C LYS W 11 27.84 0.06 -78.02
N THR W 12 28.85 0.62 -77.37
CA THR W 12 30.12 -0.08 -77.22
C THR W 12 30.14 -0.96 -75.99
N ARG W 13 29.52 -0.51 -74.91
CA ARG W 13 29.55 -1.26 -73.66
C ARG W 13 28.60 -2.44 -73.69
N TYR W 14 27.37 -2.23 -74.18
CA TYR W 14 26.35 -3.26 -74.24
C TYR W 14 26.09 -3.58 -75.71
N PRO W 15 26.78 -4.58 -76.26
CA PRO W 15 26.96 -4.65 -77.72
C PRO W 15 25.72 -4.95 -78.53
N GLU W 16 24.64 -5.43 -77.90
CA GLU W 16 23.42 -5.73 -78.65
C GLU W 16 22.74 -4.48 -79.16
N PHE W 17 22.81 -3.39 -78.40
CA PHE W 17 22.13 -2.15 -78.79
C PHE W 17 22.99 -1.45 -79.83
N THR W 18 22.58 -1.54 -81.09
CA THR W 18 23.20 -0.77 -82.16
C THR W 18 22.17 -0.28 -83.18
N GLY W 19 20.91 -0.17 -82.78
CA GLY W 19 19.85 0.19 -83.70
C GLY W 19 19.78 1.66 -84.04
N VAL W 20 19.56 2.51 -83.04
CA VAL W 20 19.36 3.94 -83.27
C VAL W 20 20.09 4.71 -82.16
N SER W 21 20.48 5.95 -82.46
CA SER W 21 21.09 6.83 -81.48
C SER W 21 20.21 8.02 -81.12
N ASP W 22 18.99 8.09 -81.66
CA ASP W 22 18.08 9.18 -81.35
C ASP W 22 17.10 8.81 -80.24
N ALA W 23 16.58 7.59 -80.27
CA ALA W 23 15.67 7.12 -79.25
C ALA W 23 16.38 6.56 -78.04
N VAL W 24 17.68 6.81 -77.90
CA VAL W 24 18.46 6.37 -76.75
C VAL W 24 18.96 7.55 -75.96
N VAL W 25 19.77 8.42 -76.59
CA VAL W 25 20.45 9.49 -75.86
C VAL W 25 19.45 10.57 -75.46
N ASN W 26 18.69 11.06 -76.44
CA ASN W 26 17.78 12.15 -76.16
C ASN W 26 16.53 11.64 -75.45
N ALA W 27 16.26 10.34 -75.53
CA ALA W 27 14.98 9.82 -75.08
C ALA W 27 15.04 9.15 -73.72
N ILE W 28 16.14 8.50 -73.37
CA ILE W 28 16.20 7.69 -72.16
C ILE W 28 17.31 8.15 -71.21
N ILE W 29 18.47 8.50 -71.76
CA ILE W 29 19.59 9.03 -70.95
C ILE W 29 19.17 10.29 -70.20
N ALA W 30 18.30 11.10 -70.81
CA ALA W 30 17.78 12.28 -70.11
C ALA W 30 16.82 11.90 -69.00
N GLU W 31 16.19 10.73 -69.08
CA GLU W 31 15.25 10.31 -68.04
C GLU W 31 15.95 9.69 -66.84
N VAL W 32 17.09 9.05 -67.07
CA VAL W 32 17.69 8.15 -66.11
C VAL W 32 18.67 8.86 -65.18
N ASN W 33 19.50 9.75 -65.72
CA ASN W 33 20.68 10.28 -65.01
C ASN W 33 20.40 11.14 -63.79
N GLY W 34 19.12 11.37 -63.46
CA GLY W 34 18.81 11.98 -62.18
C GLY W 34 19.01 11.06 -61.00
N MET W 35 19.12 9.75 -61.24
CA MET W 35 19.31 8.80 -60.15
C MET W 35 20.74 8.81 -59.65
N VAL W 36 21.70 9.17 -60.50
CA VAL W 36 23.09 9.22 -60.08
C VAL W 36 23.37 10.59 -59.48
N ASP W 37 24.49 10.73 -58.78
CA ASP W 37 24.78 11.94 -58.02
C ASP W 37 26.29 12.05 -57.92
N ASP W 38 26.75 13.19 -57.43
CA ASP W 38 28.16 13.32 -57.09
C ASP W 38 28.52 12.56 -55.83
N GLY W 39 27.52 12.17 -55.04
CA GLY W 39 27.77 11.43 -53.80
C GLY W 39 28.16 9.98 -53.99
N TRP W 40 28.17 9.48 -55.22
CA TRP W 40 28.56 8.10 -55.40
C TRP W 40 30.06 8.03 -55.66
N GLU W 41 30.57 6.83 -55.90
CA GLU W 41 31.97 6.67 -56.24
C GLU W 41 32.22 7.08 -57.68
N VAL W 42 33.49 7.27 -58.01
CA VAL W 42 33.84 7.68 -59.37
C VAL W 42 33.74 6.49 -60.33
N SER W 43 33.90 5.27 -59.81
CA SER W 43 33.84 4.08 -60.65
C SER W 43 32.42 3.61 -60.87
N ASP W 44 31.43 4.35 -60.42
CA ASP W 44 30.04 3.92 -60.52
C ASP W 44 29.14 4.92 -61.22
N GLN W 45 29.57 6.17 -61.41
CA GLN W 45 28.70 7.16 -62.02
C GLN W 45 28.55 6.92 -63.52
N LYS W 46 29.53 6.30 -64.14
CA LYS W 46 29.40 5.90 -65.54
C LYS W 46 28.65 4.58 -65.76
N PRO W 47 28.93 3.46 -65.07
CA PRO W 47 28.24 2.22 -65.46
C PRO W 47 26.81 2.11 -64.97
N ALA W 48 26.45 2.78 -63.87
CA ALA W 48 25.11 2.61 -63.32
C ALA W 48 24.07 3.30 -64.18
N VAL W 49 24.41 4.50 -64.69
CA VAL W 49 23.51 5.17 -65.61
C VAL W 49 23.46 4.43 -66.93
N LEU W 50 24.58 3.83 -67.31
CA LEU W 50 24.66 3.13 -68.58
C LEU W 50 23.95 1.79 -68.52
N ALA W 51 23.63 1.31 -67.31
CA ALA W 51 22.91 0.06 -67.11
C ALA W 51 21.43 0.29 -66.85
N LEU W 52 21.07 1.33 -66.11
CA LEU W 52 19.67 1.60 -65.85
C LEU W 52 18.97 2.10 -67.12
N ALA W 53 19.71 2.80 -67.98
CA ALA W 53 19.13 3.23 -69.24
C ALA W 53 18.90 2.05 -70.18
N ALA W 54 19.74 1.03 -70.09
CA ALA W 54 19.55 -0.17 -70.89
C ALA W 54 18.39 -0.99 -70.37
N HIS W 55 18.06 -0.83 -69.08
CA HIS W 55 16.87 -1.46 -68.53
C HIS W 55 15.62 -0.85 -69.13
N MET W 56 15.60 0.47 -69.30
CA MET W 56 14.43 1.12 -69.89
C MET W 56 14.34 0.83 -71.38
N LEU W 57 15.49 0.60 -72.03
CA LEU W 57 15.49 0.17 -73.43
C LEU W 57 14.89 -1.22 -73.56
N SER W 58 15.39 -2.16 -72.76
CA SER W 58 14.95 -3.54 -72.86
C SER W 58 13.60 -3.79 -72.19
N ARG W 59 13.10 -2.83 -71.42
CA ARG W 59 11.72 -2.93 -70.94
C ARG W 59 10.75 -2.77 -72.10
N GLU W 60 11.09 -1.89 -73.04
CA GLU W 60 10.44 -1.87 -74.34
C GLU W 60 11.13 -2.90 -75.24
N GLY W 61 10.87 -2.88 -76.54
CA GLY W 61 11.39 -3.94 -77.40
C GLY W 61 12.89 -3.85 -77.62
N TYR W 62 13.31 -2.86 -78.40
CA TYR W 62 14.66 -2.65 -78.91
C TYR W 62 14.70 -1.18 -79.30
N PRO W 63 15.89 -0.49 -79.23
CA PRO W 63 15.96 0.86 -78.64
C PRO W 63 14.80 1.82 -78.87
N GLY W 64 14.35 1.96 -80.11
CA GLY W 64 13.15 2.72 -80.37
C GLY W 64 11.91 1.84 -80.36
N ARG W 65 11.78 1.03 -79.31
CA ARG W 65 10.64 0.15 -78.97
C ARG W 65 10.54 -1.06 -79.90
N ALA W 66 11.31 -1.11 -80.97
CA ALA W 66 11.16 -2.22 -81.90
C ALA W 66 12.45 -2.45 -82.64
N THR W 67 12.68 -3.71 -82.98
CA THR W 67 13.64 -4.11 -83.98
C THR W 67 12.99 -4.01 -85.35
N ASN W 68 13.61 -4.64 -86.35
CA ASN W 68 13.09 -4.54 -87.71
C ASN W 68 11.76 -5.28 -87.90
N PRO W 69 11.49 -6.44 -87.27
CA PRO W 69 10.07 -6.84 -87.14
C PRO W 69 9.38 -6.07 -86.04
N ASN W 70 8.17 -5.59 -86.35
CA ASN W 70 7.39 -4.78 -85.41
C ASN W 70 6.38 -5.65 -84.67
N SER W 71 6.91 -6.45 -83.75
CA SER W 71 6.10 -7.31 -82.89
C SER W 71 6.46 -6.99 -81.45
N PHE W 72 5.79 -5.98 -80.90
CA PHE W 72 5.99 -5.53 -79.53
C PHE W 72 4.65 -5.49 -78.83
N ASP W 73 4.60 -6.00 -77.60
CA ASP W 73 3.40 -5.97 -76.80
C ASP W 73 3.59 -4.97 -75.67
N PRO W 74 2.62 -4.11 -75.39
CA PRO W 74 2.85 -3.05 -74.38
C PRO W 74 2.89 -3.58 -72.96
N THR W 75 2.27 -4.73 -72.72
CA THR W 75 2.47 -5.47 -71.50
C THR W 75 3.52 -6.53 -71.77
N ASN W 76 4.64 -6.47 -71.06
CA ASN W 76 5.68 -7.46 -71.30
C ASN W 76 5.27 -8.80 -70.73
N ARG W 77 4.43 -9.51 -71.47
CA ARG W 77 3.82 -10.74 -71.02
C ARG W 77 4.80 -11.89 -71.22
N PRO W 78 5.19 -12.60 -70.17
CA PRO W 78 6.20 -13.65 -70.32
C PRO W 78 5.64 -14.87 -71.03
N ILE W 79 6.53 -15.56 -71.73
CA ILE W 79 6.18 -16.72 -72.55
C ILE W 79 6.51 -17.97 -71.76
N LEU W 80 5.55 -18.88 -71.66
CA LEU W 80 5.76 -20.13 -70.93
C LEU W 80 6.25 -21.26 -71.83
N SER W 81 5.58 -21.49 -72.95
CA SER W 81 5.91 -22.63 -73.78
C SER W 81 5.47 -22.37 -75.20
N ARG W 82 6.35 -22.67 -76.15
CA ARG W 82 6.02 -22.62 -77.56
C ARG W 82 6.14 -24.02 -78.16
N LYS W 83 5.68 -24.14 -79.40
CA LYS W 83 5.72 -25.40 -80.14
C LYS W 83 5.56 -25.08 -81.61
N VAL W 84 6.46 -25.62 -82.43
CA VAL W 84 6.45 -25.28 -83.86
C VAL W 84 6.13 -26.47 -84.74
N GLY W 85 5.85 -27.65 -84.20
CA GLY W 85 5.29 -28.71 -85.02
C GLY W 85 3.88 -28.37 -85.48
N ASP W 86 2.99 -28.13 -84.53
CA ASP W 86 1.78 -27.36 -84.77
C ASP W 86 1.92 -26.11 -83.94
N VAL W 87 1.56 -24.96 -84.52
CA VAL W 87 1.88 -23.68 -83.88
C VAL W 87 1.00 -23.49 -82.65
N SER W 88 1.64 -23.47 -81.47
CA SER W 88 0.93 -23.36 -80.22
C SER W 88 1.82 -22.64 -79.22
N THR W 89 1.25 -21.64 -78.55
CA THR W 89 1.96 -20.94 -77.49
C THR W 89 1.08 -20.87 -76.26
N THR W 90 1.73 -20.76 -75.10
CA THR W 90 1.07 -20.43 -73.85
C THR W 90 1.80 -19.24 -73.24
N PHE W 91 1.03 -18.30 -72.70
CA PHE W 91 1.60 -17.05 -72.21
C PHE W 91 1.53 -16.98 -70.70
N GLY W 92 1.94 -15.84 -70.16
CA GLY W 92 1.91 -15.60 -68.73
C GLY W 92 0.77 -14.67 -68.36
N ARG W 93 0.57 -14.51 -67.06
CA ARG W 93 -0.53 -13.70 -66.55
C ARG W 93 0.03 -12.54 -65.76
N THR W 94 -0.25 -11.31 -66.22
CA THR W 94 0.34 -10.10 -65.65
C THR W 94 -0.73 -9.03 -65.60
N ASP W 95 -1.31 -8.80 -64.42
CA ASP W 95 -2.40 -7.84 -64.30
C ASP W 95 -2.14 -6.75 -63.28
N GLY W 96 -1.75 -7.09 -62.07
CA GLY W 96 -1.21 -6.09 -61.16
C GLY W 96 0.23 -6.42 -60.84
N GLY W 97 0.49 -7.72 -60.81
CA GLY W 97 1.82 -8.26 -60.62
C GLY W 97 1.80 -9.72 -60.98
N ALA W 98 2.93 -10.22 -61.46
CA ALA W 98 2.95 -11.45 -62.25
C ALA W 98 3.57 -12.62 -61.52
N ALA W 99 4.83 -12.51 -61.10
CA ALA W 99 5.50 -13.59 -60.38
C ALA W 99 6.53 -12.97 -59.45
N GLU W 100 6.18 -12.90 -58.16
CA GLU W 100 6.95 -12.25 -57.10
C GLU W 100 7.27 -10.79 -57.42
N GLY W 101 6.40 -10.13 -58.19
CA GLY W 101 6.54 -8.73 -58.53
C GLY W 101 5.32 -7.96 -58.09
N GLY W 102 5.52 -6.82 -57.43
CA GLY W 102 4.44 -6.11 -56.79
C GLY W 102 3.54 -5.37 -57.76
N ALA W 103 2.78 -4.43 -57.19
CA ALA W 103 1.83 -3.64 -57.94
C ALA W 103 1.86 -2.16 -57.59
N ASN W 104 2.75 -1.71 -56.71
CA ASN W 104 2.79 -0.32 -56.30
C ASN W 104 4.20 0.25 -56.36
N SER W 105 5.18 -0.54 -56.76
CA SER W 105 6.56 -0.11 -56.83
C SER W 105 7.06 -0.23 -58.26
N TYR W 106 8.35 -0.03 -58.45
CA TYR W 106 8.99 -0.32 -59.72
C TYR W 106 9.86 -1.55 -59.55
N ASN W 107 9.74 -2.49 -60.47
CA ASN W 107 10.46 -3.75 -60.39
C ASN W 107 11.78 -3.60 -61.13
N TYR W 108 12.88 -3.56 -60.38
CA TYR W 108 14.21 -3.52 -60.98
C TYR W 108 14.81 -4.89 -61.19
N SER W 109 14.15 -5.95 -60.73
CA SER W 109 14.75 -7.28 -60.72
C SER W 109 14.21 -8.17 -61.82
N SER W 110 13.82 -7.59 -62.95
CA SER W 110 13.29 -8.39 -64.04
C SER W 110 14.33 -8.72 -65.10
N THR W 111 15.19 -7.78 -65.45
CA THR W 111 16.24 -7.99 -66.43
C THR W 111 17.60 -7.88 -65.77
N VAL W 112 18.63 -8.33 -66.49
CA VAL W 112 20.00 -8.27 -65.98
C VAL W 112 20.46 -6.82 -65.89
N TYR W 113 19.92 -5.97 -66.77
CA TYR W 113 20.38 -4.59 -66.88
C TYR W 113 19.99 -3.75 -65.66
N GLY W 114 18.96 -4.17 -64.94
CA GLY W 114 18.56 -3.49 -63.73
C GLY W 114 19.13 -4.14 -62.49
N GLN W 115 19.37 -5.44 -62.56
CA GLN W 115 19.96 -6.14 -61.42
C GLN W 115 21.42 -5.74 -61.22
N THR W 116 22.12 -5.39 -62.29
CA THR W 116 23.45 -4.83 -62.15
C THR W 116 23.38 -3.40 -61.63
N PHE W 117 22.27 -2.71 -61.87
CA PHE W 117 22.05 -1.42 -61.23
C PHE W 117 21.70 -1.59 -59.76
N LEU W 118 20.97 -2.66 -59.44
CA LEU W 118 20.37 -2.74 -58.11
C LEU W 118 21.41 -3.10 -57.06
N ARG W 119 22.47 -3.81 -57.45
CA ARG W 119 23.55 -4.03 -56.51
C ARG W 119 24.52 -2.85 -56.45
N LEU W 120 24.46 -1.94 -57.41
CA LEU W 120 25.22 -0.70 -57.29
C LEU W 120 24.43 0.37 -56.57
N LEU W 121 23.11 0.24 -56.57
CA LEU W 121 22.27 1.20 -55.86
C LEU W 121 22.31 0.95 -54.36
N ARG W 122 22.49 -0.31 -53.96
CA ARG W 122 22.50 -0.62 -52.53
C ARG W 122 23.81 -0.20 -51.89
N LEU W 123 24.92 -0.33 -52.60
CA LEU W 123 26.22 -0.07 -52.00
C LEU W 123 26.47 1.42 -51.81
N ASN W 124 25.91 2.24 -52.70
CA ASN W 124 26.25 3.65 -52.77
C ASN W 124 25.21 4.56 -52.16
N ALA W 125 24.03 4.04 -51.84
CA ALA W 125 22.95 4.82 -51.25
C ALA W 125 22.46 4.11 -50.00
N PRO W 126 23.11 4.35 -48.86
CA PRO W 126 22.60 3.77 -47.61
C PRO W 126 21.30 4.46 -47.19
N ALA W 127 20.36 3.65 -46.71
CA ALA W 127 18.98 4.10 -46.53
C ALA W 127 18.73 4.43 -45.07
N VAL W 128 18.82 5.71 -44.74
CA VAL W 128 18.49 6.22 -43.41
C VAL W 128 18.25 7.72 -43.52
N GLY W 129 17.50 8.26 -42.57
CA GLY W 129 17.36 9.70 -42.43
C GLY W 129 17.01 10.05 -40.99
N LEU W 130 17.31 11.29 -40.62
CA LEU W 130 17.04 11.74 -39.27
C LEU W 130 15.93 12.78 -39.21
N VAL W 131 15.40 13.21 -40.34
CA VAL W 131 14.30 14.14 -40.32
C VAL W 131 12.99 13.45 -39.93
N ASN X 2 44.20 -3.36 -52.91
CA ASN X 2 44.29 -4.23 -54.06
C ASN X 2 45.36 -3.71 -55.01
N PRO X 3 46.63 -4.07 -54.74
CA PRO X 3 47.73 -3.52 -55.54
C PRO X 3 47.79 -4.08 -56.95
N ILE X 4 47.21 -5.25 -57.18
CA ILE X 4 47.27 -5.88 -58.49
C ILE X 4 45.87 -6.28 -58.94
N PRO X 5 45.31 -5.60 -59.95
CA PRO X 5 44.02 -6.02 -60.49
C PRO X 5 44.14 -7.36 -61.21
N ALA X 6 43.25 -8.28 -60.85
CA ALA X 6 43.25 -9.63 -61.39
C ALA X 6 42.73 -9.56 -62.82
N ALA X 7 43.64 -9.49 -63.79
CA ALA X 7 43.28 -9.37 -65.20
C ALA X 7 43.84 -10.54 -65.98
N SER X 8 43.03 -11.02 -66.93
CA SER X 8 43.39 -11.99 -67.97
C SER X 8 43.85 -13.35 -67.44
N ASP X 9 43.59 -13.66 -66.18
CA ASP X 9 43.95 -14.96 -65.63
C ASP X 9 42.76 -15.89 -65.62
N LEU X 10 41.55 -15.37 -65.80
CA LEU X 10 40.38 -16.24 -65.78
C LEU X 10 40.30 -17.10 -67.03
N LYS X 11 40.98 -16.70 -68.12
CA LYS X 11 41.09 -17.58 -69.27
C LYS X 11 41.89 -18.83 -68.94
N THR X 12 42.87 -18.71 -68.04
CA THR X 12 43.64 -19.88 -67.62
C THR X 12 42.97 -20.58 -66.44
N ARG X 13 42.40 -19.80 -65.53
CA ARG X 13 41.81 -20.39 -64.32
C ARG X 13 40.47 -21.03 -64.61
N TYR X 14 39.61 -20.35 -65.38
CA TYR X 14 38.27 -20.83 -65.71
C TYR X 14 38.25 -21.12 -67.20
N PRO X 15 38.52 -22.37 -67.60
CA PRO X 15 38.99 -22.64 -68.98
C PRO X 15 37.96 -22.43 -70.07
N GLU X 16 36.67 -22.34 -69.73
CA GLU X 16 35.65 -22.15 -70.76
C GLU X 16 35.74 -20.77 -71.39
N PHE X 17 36.09 -19.75 -70.61
CA PHE X 17 36.15 -18.40 -71.12
C PHE X 17 37.44 -18.22 -71.89
N THR X 18 37.33 -18.23 -73.22
CA THR X 18 38.45 -17.91 -74.09
C THR X 18 38.01 -17.10 -75.31
N GLY X 19 36.87 -16.42 -75.23
CA GLY X 19 36.33 -15.72 -76.37
C GLY X 19 36.99 -14.40 -76.69
N VAL X 20 36.95 -13.45 -75.75
CA VAL X 20 37.46 -12.11 -75.98
C VAL X 20 38.18 -11.65 -74.71
N SER X 21 39.14 -10.72 -74.88
CA SER X 21 39.84 -10.12 -73.76
C SER X 21 39.52 -8.64 -73.60
N ASP X 22 38.62 -8.09 -74.41
CA ASP X 22 38.25 -6.69 -74.30
C ASP X 22 36.99 -6.50 -73.47
N ALA X 23 35.99 -7.36 -73.66
CA ALA X 23 34.76 -7.30 -72.90
C ALA X 23 34.85 -8.02 -71.56
N VAL X 24 36.06 -8.34 -71.11
CA VAL X 24 36.28 -8.98 -69.82
C VAL X 24 37.07 -8.07 -68.89
N VAL X 25 38.28 -7.70 -69.29
CA VAL X 25 39.18 -6.98 -68.40
C VAL X 25 38.71 -5.54 -68.23
N ASN X 26 38.50 -4.86 -69.34
CA ASN X 26 38.12 -3.45 -69.25
C ASN X 26 36.64 -3.31 -68.89
N ALA X 27 35.86 -4.36 -69.06
CA ALA X 27 34.42 -4.23 -68.95
C ALA X 27 33.86 -4.74 -67.63
N ILE X 28 34.46 -5.77 -67.04
CA ILE X 28 33.86 -6.42 -65.87
C ILE X 28 34.81 -6.41 -64.67
N ILE X 29 36.11 -6.66 -64.91
CA ILE X 29 37.12 -6.59 -63.85
C ILE X 29 37.15 -5.22 -63.20
N ALA X 30 36.90 -4.16 -63.97
CA ALA X 30 36.81 -2.82 -63.40
C ALA X 30 35.55 -2.65 -62.55
N GLU X 31 34.50 -3.43 -62.82
CA GLU X 31 33.26 -3.31 -62.05
C GLU X 31 33.33 -4.06 -60.73
N VAL X 32 34.09 -5.15 -60.69
CA VAL X 32 33.99 -6.14 -59.63
C VAL X 32 34.94 -5.85 -58.48
N ASN X 33 36.18 -5.47 -58.78
CA ASN X 33 37.27 -5.45 -57.80
C ASN X 33 37.13 -4.43 -56.65
N GLY X 34 36.06 -3.65 -56.63
CA GLY X 34 35.76 -2.85 -55.46
C GLY X 34 35.26 -3.67 -54.29
N MET X 35 34.83 -4.91 -54.52
CA MET X 35 34.33 -5.75 -53.45
C MET X 35 35.46 -6.32 -52.61
N VAL X 36 36.64 -6.49 -53.20
CA VAL X 36 37.78 -7.02 -52.45
C VAL X 36 38.49 -5.86 -51.78
N ASP X 37 39.36 -6.16 -50.82
CA ASP X 37 39.97 -5.15 -49.99
C ASP X 37 41.31 -5.69 -49.52
N ASP X 38 42.12 -4.82 -48.90
CA ASP X 38 43.32 -5.30 -48.23
C ASP X 38 43.00 -6.03 -46.94
N GLY X 39 41.78 -5.88 -46.42
CA GLY X 39 41.39 -6.53 -45.18
C GLY X 39 41.12 -8.02 -45.31
N TRP X 40 41.18 -8.58 -46.50
CA TRP X 40 40.96 -10.01 -46.62
C TRP X 40 42.29 -10.74 -46.51
N GLU X 41 42.24 -12.06 -46.65
CA GLU X 41 43.46 -12.84 -46.65
C GLU X 41 44.19 -12.70 -47.98
N VAL X 42 45.45 -13.12 -47.99
CA VAL X 42 46.25 -13.02 -49.20
C VAL X 42 45.85 -14.12 -50.19
N SER X 43 45.34 -15.24 -49.69
CA SER X 43 44.94 -16.36 -50.53
C SER X 43 43.55 -16.19 -51.12
N ASP X 44 42.92 -15.04 -50.89
CA ASP X 44 41.55 -14.83 -51.34
C ASP X 44 41.37 -13.60 -52.21
N GLN X 45 42.34 -12.68 -52.24
CA GLN X 45 42.17 -11.47 -53.04
C GLN X 45 42.27 -11.75 -54.53
N LYS X 46 42.99 -12.78 -54.92
CA LYS X 46 43.02 -13.21 -56.31
C LYS X 46 41.83 -14.08 -56.74
N PRO X 47 41.41 -15.15 -56.03
CA PRO X 47 40.36 -16.00 -56.60
C PRO X 47 38.96 -15.43 -56.48
N ALA X 48 38.69 -14.58 -55.48
CA ALA X 48 37.33 -14.10 -55.28
C ALA X 48 36.93 -13.09 -56.33
N VAL X 49 37.86 -12.21 -56.72
CA VAL X 49 37.61 -11.30 -57.83
C VAL X 49 37.52 -12.06 -59.13
N LEU X 50 38.33 -13.11 -59.25
CA LEU X 50 38.36 -13.89 -60.47
C LEU X 50 37.14 -14.77 -60.61
N ALA X 51 36.38 -14.94 -59.53
CA ALA X 51 35.15 -15.74 -59.55
C ALA X 51 33.91 -14.88 -59.65
N LEU X 52 33.89 -13.72 -58.99
CA LEU X 52 32.74 -12.85 -59.08
C LEU X 52 32.65 -12.20 -60.45
N ALA X 53 33.78 -11.97 -61.09
CA ALA X 53 33.77 -11.44 -62.44
C ALA X 53 33.25 -12.47 -63.43
N ALA X 54 33.52 -13.75 -63.17
CA ALA X 54 33.00 -14.81 -64.03
C ALA X 54 31.50 -14.99 -63.82
N HIS X 55 31.00 -14.60 -62.65
CA HIS X 55 29.56 -14.60 -62.41
C HIS X 55 28.87 -13.56 -63.29
N MET X 56 29.49 -12.38 -63.43
CA MET X 56 28.91 -11.35 -64.26
C MET X 56 29.03 -11.68 -65.74
N LEU X 57 30.08 -12.45 -66.10
CA LEU X 57 30.20 -12.95 -67.46
C LEU X 57 29.11 -13.95 -67.77
N SER X 58 28.93 -14.95 -66.90
CA SER X 58 27.96 -16.00 -67.13
C SER X 58 26.53 -15.58 -66.81
N ARG X 59 26.34 -14.43 -66.16
CA ARG X 59 25.00 -13.88 -66.04
C ARG X 59 24.50 -13.40 -67.40
N GLU X 60 25.38 -12.85 -68.21
CA GLU X 60 25.13 -12.67 -69.62
C GLU X 60 25.46 -13.97 -70.34
N GLY X 61 25.55 -13.94 -71.68
CA GLY X 61 25.73 -15.20 -72.40
C GLY X 61 27.12 -15.77 -72.26
N TYR X 62 28.09 -15.14 -72.89
CA TYR X 62 29.48 -15.59 -73.05
C TYR X 62 30.25 -14.32 -73.38
N PRO X 63 31.57 -14.23 -73.01
CA PRO X 63 32.11 -12.99 -72.39
C PRO X 63 31.57 -11.64 -72.87
N GLY X 64 31.52 -11.42 -74.17
CA GLY X 64 30.87 -10.24 -74.70
C GLY X 64 29.42 -10.48 -75.02
N ARG X 65 28.70 -11.08 -74.05
CA ARG X 65 27.25 -11.33 -74.01
C ARG X 65 26.83 -12.45 -74.96
N ALA X 66 27.72 -12.93 -75.82
CA ALA X 66 27.31 -13.94 -76.78
C ALA X 66 28.50 -14.77 -77.19
N THR X 67 28.20 -16.03 -77.50
CA THR X 67 29.09 -16.88 -78.25
C THR X 67 28.89 -16.63 -79.74
N ASN X 68 29.38 -17.55 -80.57
CA ASN X 68 29.27 -17.36 -82.01
C ASN X 68 27.83 -17.45 -82.54
N PRO X 69 26.94 -18.31 -82.02
CA PRO X 69 25.52 -18.06 -82.25
C PRO X 69 24.99 -16.96 -81.33
N ASN X 70 24.23 -16.03 -81.91
CA ASN X 70 23.72 -14.88 -81.17
C ASN X 70 22.28 -15.16 -80.71
N SER X 71 22.16 -16.03 -79.71
CA SER X 71 20.89 -16.38 -79.09
C SER X 71 21.02 -16.12 -77.59
N PHE X 72 20.76 -14.88 -77.20
CA PHE X 72 20.82 -14.44 -75.81
C PHE X 72 19.52 -13.76 -75.45
N ASP X 73 18.98 -14.10 -74.29
CA ASP X 73 17.76 -13.47 -73.81
C ASP X 73 18.12 -12.57 -72.64
N PRO X 74 17.59 -11.34 -72.57
CA PRO X 74 18.02 -10.41 -71.52
C PRO X 74 17.50 -10.79 -70.15
N THR X 75 16.41 -11.51 -70.09
CA THR X 75 15.97 -12.16 -68.87
C THR X 75 16.48 -13.60 -68.91
N ASN X 76 17.32 -13.97 -67.95
CA ASN X 76 17.83 -15.33 -67.95
C ASN X 76 16.74 -16.31 -67.53
N ARG X 77 15.88 -16.64 -68.48
CA ARG X 77 14.70 -17.44 -68.22
C ARG X 77 15.08 -18.91 -68.20
N PRO X 78 14.87 -19.63 -67.11
CA PRO X 78 15.32 -21.02 -67.04
C PRO X 78 14.45 -21.93 -67.89
N ILE X 79 15.07 -23.00 -68.37
CA ILE X 79 14.44 -23.95 -69.28
C ILE X 79 13.99 -25.16 -68.46
N LEU X 80 12.73 -25.54 -68.63
CA LEU X 80 12.20 -26.67 -67.89
C LEU X 80 12.32 -27.98 -68.67
N SER X 81 11.90 -27.99 -69.93
CA SER X 81 11.86 -29.23 -70.68
C SER X 81 11.92 -28.93 -72.16
N ARG X 82 12.76 -29.66 -72.88
CA ARG X 82 12.82 -29.60 -74.32
C ARG X 82 12.44 -30.96 -74.90
N LYS X 83 12.27 -30.97 -76.22
CA LYS X 83 11.91 -32.18 -76.96
C LYS X 83 12.26 -31.95 -78.43
N VAL X 84 12.98 -32.89 -79.02
CA VAL X 84 13.44 -32.71 -80.38
C VAL X 84 12.84 -33.72 -81.36
N GLY X 85 11.95 -34.60 -80.92
CA GLY X 85 11.18 -35.38 -81.88
C GLY X 85 10.22 -34.50 -82.67
N ASP X 86 9.33 -33.81 -81.95
CA ASP X 86 8.68 -32.62 -82.45
C ASP X 86 9.18 -31.48 -81.58
N VAL X 87 9.49 -30.35 -82.20
CA VAL X 87 10.20 -29.29 -81.47
C VAL X 87 9.25 -28.63 -80.49
N SER X 88 9.53 -28.79 -79.20
CA SER X 88 8.68 -28.28 -78.15
C SER X 88 9.54 -27.93 -76.95
N THR X 89 9.35 -26.73 -76.41
CA THR X 89 10.03 -26.31 -75.19
C THR X 89 9.01 -25.76 -74.21
N THR X 90 9.36 -25.85 -72.92
CA THR X 90 8.66 -25.16 -71.86
C THR X 90 9.68 -24.35 -71.07
N PHE X 91 9.31 -23.13 -70.70
CA PHE X 91 10.25 -22.22 -70.06
C PHE X 91 9.86 -22.00 -68.61
N GLY X 92 10.61 -21.11 -67.95
CA GLY X 92 10.37 -20.76 -66.57
C GLY X 92 9.71 -19.40 -66.46
N ARG X 93 9.31 -19.05 -65.25
CA ARG X 93 8.60 -17.81 -65.00
C ARG X 93 9.43 -16.94 -64.07
N THR X 94 9.83 -15.77 -64.55
CA THR X 94 10.74 -14.89 -63.83
C THR X 94 10.28 -13.45 -64.01
N ASP X 95 9.62 -12.89 -63.00
CA ASP X 95 9.06 -11.55 -63.13
C ASP X 95 9.54 -10.59 -62.05
N GLY X 96 9.46 -10.97 -60.77
CA GLY X 96 10.16 -10.23 -59.74
C GLY X 96 11.18 -11.13 -59.09
N GLY X 97 10.83 -12.41 -59.03
CA GLY X 97 11.71 -13.45 -58.55
C GLY X 97 11.12 -14.78 -58.95
N ALA X 98 11.99 -15.76 -59.15
CA ALA X 98 11.64 -16.93 -59.93
C ALA X 98 11.49 -18.20 -59.11
N ALA X 99 12.53 -18.62 -58.39
CA ALA X 99 12.46 -19.80 -57.55
C ALA X 99 13.43 -19.62 -56.39
N GLU X 100 12.87 -19.30 -55.23
CA GLU X 100 13.58 -18.96 -53.99
C GLU X 100 14.58 -17.81 -54.20
N GLY X 101 14.29 -16.91 -55.14
CA GLY X 101 15.11 -15.75 -55.38
C GLY X 101 14.29 -14.49 -55.24
N GLY X 102 14.82 -13.50 -54.53
CA GLY X 102 14.05 -12.34 -54.14
C GLY X 102 13.82 -11.36 -55.28
N ALA X 103 13.46 -10.15 -54.88
CA ALA X 103 13.16 -9.08 -55.83
C ALA X 103 13.75 -7.74 -55.45
N ASN X 104 14.53 -7.66 -54.37
CA ASN X 104 15.08 -6.39 -53.93
C ASN X 104 16.57 -6.50 -53.63
N SER X 105 17.16 -7.66 -53.80
CA SER X 105 18.57 -7.89 -53.52
C SER X 105 19.28 -8.34 -54.80
N TYR X 106 20.53 -8.74 -54.66
CA TYR X 106 21.23 -9.38 -55.75
C TYR X 106 21.41 -10.86 -55.40
N ASN X 107 21.09 -11.72 -56.34
CA ASN X 107 21.14 -13.16 -56.12
C ASN X 107 22.53 -13.66 -56.52
N TYR X 108 23.32 -14.04 -55.53
CA TYR X 108 24.64 -14.63 -55.78
C TYR X 108 24.59 -16.15 -55.89
N SER X 109 23.44 -16.77 -55.62
CA SER X 109 23.36 -18.21 -55.49
C SER X 109 22.75 -18.88 -56.72
N SER X 110 22.93 -18.28 -57.90
CA SER X 110 22.37 -18.86 -59.11
C SER X 110 23.36 -19.71 -59.87
N THR X 111 24.61 -19.26 -60.00
CA THR X 111 25.64 -19.99 -60.70
C THR X 111 26.72 -20.43 -59.72
N VAL X 112 27.57 -21.35 -60.18
CA VAL X 112 28.68 -21.84 -59.36
C VAL X 112 29.70 -20.73 -59.12
N TYR X 113 29.81 -19.82 -60.08
CA TYR X 113 30.84 -18.78 -60.04
C TYR X 113 30.59 -17.77 -58.94
N GLY X 114 29.36 -17.63 -58.49
CA GLY X 114 29.04 -16.74 -57.40
C GLY X 114 28.96 -17.46 -56.07
N GLN X 115 28.61 -18.75 -56.12
CA GLN X 115 28.55 -19.53 -54.89
C GLN X 115 29.94 -19.78 -54.33
N THR X 116 30.95 -19.87 -55.20
CA THR X 116 32.32 -19.94 -54.72
C THR X 116 32.78 -18.58 -54.20
N PHE X 117 32.17 -17.50 -54.69
CA PHE X 117 32.42 -16.20 -54.08
C PHE X 117 31.70 -16.06 -52.75
N LEU X 118 30.52 -16.67 -52.63
CA LEU X 118 29.67 -16.38 -51.50
C LEU X 118 30.17 -17.06 -50.24
N ARG X 119 30.86 -18.19 -50.37
CA ARG X 119 31.50 -18.78 -49.21
C ARG X 119 32.83 -18.14 -48.88
N LEU X 120 33.40 -17.38 -49.81
CA LEU X 120 34.59 -16.60 -49.48
C LEU X 120 34.21 -15.23 -48.94
N LEU X 121 33.00 -14.78 -49.26
CA LEU X 121 32.55 -13.49 -48.76
C LEU X 121 32.13 -13.59 -47.31
N ARG X 122 31.63 -14.77 -46.90
CA ARG X 122 31.18 -14.93 -45.52
C ARG X 122 32.36 -15.07 -44.56
N LEU X 123 33.43 -15.74 -45.00
CA LEU X 123 34.54 -16.01 -44.09
C LEU X 123 35.36 -14.77 -43.81
N ASN X 124 35.44 -13.86 -44.79
CA ASN X 124 36.39 -12.75 -44.74
C ASN X 124 35.74 -11.43 -44.38
N ALA X 125 34.42 -11.37 -44.36
CA ALA X 125 33.69 -10.14 -44.03
C ALA X 125 32.67 -10.46 -42.96
N PRO X 126 33.08 -10.43 -41.68
CA PRO X 126 32.10 -10.61 -40.61
C PRO X 126 31.18 -9.40 -40.50
N ALA X 127 29.90 -9.67 -40.29
CA ALA X 127 28.86 -8.65 -40.44
C ALA X 127 28.45 -8.12 -39.07
N VAL X 128 29.03 -6.98 -38.70
CA VAL X 128 28.67 -6.28 -37.47
C VAL X 128 29.15 -4.83 -37.60
N GLY X 129 28.52 -3.93 -36.85
CA GLY X 129 29.00 -2.57 -36.70
C GLY X 129 28.53 -1.99 -35.39
N LEU X 130 29.26 -0.98 -34.93
CA LEU X 130 28.91 -0.34 -33.67
C LEU X 130 28.40 1.08 -33.85
N VAL X 131 28.40 1.60 -35.07
CA VAL X 131 27.84 2.91 -35.28
C VAL X 131 26.32 2.90 -35.25
#